data_2M0R
#
_entry.id   2M0R
#
_entity_poly.entity_id   1
_entity_poly.type   'polypeptide(L)'
_entity_poly.pdbx_seq_one_letter_code
;MGQCRSANAEDAQEFSDVERAIETLIKNFHQYSVEGGKETLTPSELRDLVTQQLPHLMPSNCGLEEKIANLGSCNDSKLE
FRSFWELIGEAAKSVKLERPVRGH
;
_entity_poly.pdbx_strand_id   A,B
#
# COMPACT_ATOMS: atom_id res chain seq x y z
N MET A 1 1.74 -10.82 -26.15
CA MET A 1 2.65 -10.85 -27.31
C MET A 1 4.09 -10.65 -26.84
N GLY A 2 4.97 -11.61 -27.13
CA GLY A 2 6.40 -11.57 -26.80
C GLY A 2 6.75 -11.75 -25.32
N GLN A 3 8.06 -11.72 -25.04
CA GLN A 3 8.65 -11.92 -23.71
C GLN A 3 9.55 -10.74 -23.28
N CYS A 4 9.21 -9.54 -23.72
CA CYS A 4 9.89 -8.29 -23.35
C CYS A 4 9.57 -7.92 -21.88
N ARG A 5 10.47 -7.20 -21.21
CA ARG A 5 10.35 -6.83 -19.78
C ARG A 5 10.32 -5.31 -19.53
N SER A 6 10.52 -4.50 -20.57
CA SER A 6 10.79 -3.06 -20.45
C SER A 6 9.62 -2.24 -19.88
N ALA A 7 9.95 -1.13 -19.19
CA ALA A 7 9.01 -0.24 -18.49
C ALA A 7 9.58 1.19 -18.35
N ASN A 8 9.02 2.00 -17.43
CA ASN A 8 9.45 3.36 -17.08
C ASN A 8 9.23 3.67 -15.58
N ALA A 9 9.92 4.69 -15.04
CA ALA A 9 10.13 4.91 -13.60
C ALA A 9 10.79 3.68 -12.92
N GLU A 10 11.67 2.97 -13.65
CA GLU A 10 12.30 1.75 -13.18
C GLU A 10 13.39 1.96 -12.12
N ASP A 11 13.92 3.17 -12.01
CA ASP A 11 14.87 3.60 -10.96
C ASP A 11 14.21 4.50 -9.91
N ALA A 12 13.28 5.37 -10.34
CA ALA A 12 12.44 6.27 -9.54
C ALA A 12 13.19 7.12 -8.47
N GLN A 13 13.43 8.40 -8.74
CA GLN A 13 14.26 9.27 -7.90
C GLN A 13 13.71 10.69 -7.66
N GLU A 14 12.79 11.16 -8.50
CA GLU A 14 12.17 12.50 -8.45
C GLU A 14 10.98 12.62 -7.49
N PHE A 15 10.34 11.49 -7.25
CA PHE A 15 9.13 11.34 -6.43
C PHE A 15 9.41 11.59 -4.94
N SER A 16 8.38 11.92 -4.15
CA SER A 16 8.52 11.90 -2.69
C SER A 16 8.83 10.48 -2.17
N ASP A 17 9.34 10.35 -0.95
CA ASP A 17 9.81 9.05 -0.44
C ASP A 17 8.67 8.03 -0.18
N VAL A 18 7.42 8.47 -0.02
CA VAL A 18 6.23 7.60 -0.10
C VAL A 18 5.75 7.38 -1.53
N GLU A 19 5.82 8.40 -2.39
CA GLU A 19 5.32 8.36 -3.76
C GLU A 19 6.16 7.41 -4.65
N ARG A 20 7.49 7.35 -4.47
CA ARG A 20 8.34 6.27 -5.04
C ARG A 20 8.00 4.88 -4.48
N ALA A 21 7.49 4.82 -3.25
CA ALA A 21 7.31 3.57 -2.52
C ALA A 21 6.02 2.83 -2.96
N ILE A 22 4.96 3.54 -3.39
CA ILE A 22 3.76 2.91 -3.96
C ILE A 22 4.12 2.17 -5.26
N GLU A 23 4.92 2.80 -6.12
CA GLU A 23 5.46 2.18 -7.34
C GLU A 23 6.36 0.98 -7.05
N THR A 24 7.20 1.12 -6.03
CA THR A 24 8.25 0.14 -5.71
C THR A 24 7.65 -1.13 -5.08
N LEU A 25 6.55 -0.98 -4.33
CA LEU A 25 5.79 -2.11 -3.84
C LEU A 25 4.94 -2.74 -4.96
N ILE A 26 4.22 -1.93 -5.75
CA ILE A 26 3.28 -2.45 -6.75
C ILE A 26 3.99 -3.10 -7.94
N LYS A 27 5.24 -2.69 -8.25
CA LYS A 27 6.18 -3.36 -9.18
C LYS A 27 6.16 -4.87 -8.99
N ASN A 28 6.12 -5.35 -7.74
CA ASN A 28 6.19 -6.77 -7.43
C ASN A 28 4.95 -7.57 -7.91
N PHE A 29 3.79 -6.95 -8.13
CA PHE A 29 2.67 -7.60 -8.85
C PHE A 29 3.02 -7.83 -10.33
N HIS A 30 3.47 -6.80 -11.04
CA HIS A 30 3.77 -6.87 -12.47
C HIS A 30 5.01 -7.74 -12.76
N GLN A 31 5.88 -7.92 -11.75
CA GLN A 31 6.98 -8.91 -11.78
C GLN A 31 6.45 -10.36 -11.71
N TYR A 32 5.61 -10.70 -10.72
CA TYR A 32 5.24 -12.08 -10.40
C TYR A 32 3.96 -12.61 -11.08
N SER A 33 3.17 -11.78 -11.78
CA SER A 33 1.97 -12.18 -12.54
C SER A 33 2.29 -12.90 -13.86
N VAL A 34 3.21 -13.88 -13.81
CA VAL A 34 3.81 -14.53 -14.99
C VAL A 34 2.85 -15.51 -15.69
N GLU A 35 2.08 -16.30 -14.95
CA GLU A 35 0.91 -17.01 -15.49
C GLU A 35 -0.33 -16.09 -15.52
N GLY A 36 -0.44 -15.18 -14.54
CA GLY A 36 -1.48 -14.18 -14.41
C GLY A 36 -1.61 -13.13 -15.52
N GLY A 37 -0.86 -13.20 -16.62
CA GLY A 37 -1.07 -12.35 -17.80
C GLY A 37 -0.85 -10.85 -17.57
N LYS A 38 0.04 -10.51 -16.62
CA LYS A 38 0.39 -9.14 -16.18
C LYS A 38 -0.78 -8.33 -15.56
N GLU A 39 -2.00 -8.88 -15.51
CA GLU A 39 -3.22 -8.21 -15.00
C GLU A 39 -3.96 -9.00 -13.92
N THR A 40 -3.62 -10.27 -13.71
CA THR A 40 -4.20 -11.18 -12.71
C THR A 40 -3.09 -11.95 -11.98
N LEU A 41 -3.42 -12.92 -11.14
CA LEU A 41 -2.47 -13.66 -10.29
C LEU A 41 -2.87 -15.15 -10.23
N THR A 42 -1.99 -16.05 -9.81
CA THR A 42 -2.29 -17.47 -9.56
C THR A 42 -1.65 -18.01 -8.26
N PRO A 43 -2.18 -19.06 -7.61
CA PRO A 43 -1.70 -19.53 -6.30
C PRO A 43 -0.23 -20.00 -6.23
N SER A 44 0.38 -20.50 -7.31
CA SER A 44 1.80 -20.89 -7.27
C SER A 44 2.75 -19.70 -7.24
N GLU A 45 2.55 -18.67 -8.08
CA GLU A 45 3.37 -17.44 -8.02
C GLU A 45 3.06 -16.59 -6.77
N LEU A 46 1.84 -16.72 -6.21
CA LEU A 46 1.49 -16.25 -4.87
C LEU A 46 2.31 -16.97 -3.79
N ARG A 47 2.33 -18.32 -3.76
CA ARG A 47 3.19 -19.08 -2.83
C ARG A 47 4.65 -18.66 -2.96
N ASP A 48 5.15 -18.56 -4.20
CA ASP A 48 6.55 -18.27 -4.51
C ASP A 48 7.00 -16.87 -4.04
N LEU A 49 6.25 -15.79 -4.33
CA LEU A 49 6.64 -14.46 -3.83
C LEU A 49 6.43 -14.31 -2.32
N VAL A 50 5.49 -15.03 -1.71
CA VAL A 50 5.30 -14.95 -0.26
C VAL A 50 6.46 -15.62 0.49
N THR A 51 6.97 -16.77 0.01
CA THR A 51 8.17 -17.38 0.63
C THR A 51 9.45 -16.57 0.40
N GLN A 52 9.74 -16.11 -0.83
CA GLN A 52 10.97 -15.35 -1.11
C GLN A 52 10.94 -13.88 -0.63
N GLN A 53 9.81 -13.18 -0.85
CA GLN A 53 9.71 -11.72 -0.72
C GLN A 53 8.85 -11.22 0.45
N LEU A 54 8.08 -12.08 1.16
CA LEU A 54 7.54 -11.76 2.50
C LEU A 54 8.13 -12.66 3.61
N PRO A 55 9.47 -12.81 3.73
CA PRO A 55 10.09 -13.74 4.67
C PRO A 55 9.90 -13.35 6.15
N HIS A 56 9.69 -12.07 6.46
CA HIS A 56 9.29 -11.58 7.78
C HIS A 56 7.76 -11.50 7.93
N LEU A 57 7.02 -11.17 6.87
CA LEU A 57 5.58 -10.83 6.92
C LEU A 57 4.63 -12.04 6.98
N MET A 58 5.01 -13.18 6.39
CA MET A 58 4.25 -14.44 6.51
C MET A 58 5.19 -15.65 6.40
N PRO A 59 5.70 -16.18 7.53
CA PRO A 59 6.66 -17.29 7.51
C PRO A 59 6.01 -18.63 7.16
N SER A 60 6.81 -19.50 6.56
CA SER A 60 6.46 -20.90 6.24
C SER A 60 5.88 -21.67 7.43
N ASN A 61 6.30 -21.40 8.67
CA ASN A 61 5.79 -22.05 9.88
C ASN A 61 4.32 -21.71 10.24
N CYS A 62 3.69 -20.74 9.56
CA CYS A 62 2.25 -20.47 9.62
C CYS A 62 1.44 -21.19 8.52
N GLY A 63 2.11 -21.75 7.51
CA GLY A 63 1.55 -22.19 6.24
C GLY A 63 1.30 -21.01 5.29
N LEU A 64 2.05 -20.94 4.18
CA LEU A 64 1.85 -19.96 3.09
C LEU A 64 0.39 -19.98 2.59
N GLU A 65 -0.18 -21.18 2.59
CA GLU A 65 -1.51 -21.49 2.10
C GLU A 65 -2.62 -20.61 2.71
N GLU A 66 -2.41 -20.01 3.90
CA GLU A 66 -3.36 -19.09 4.55
C GLU A 66 -3.58 -17.80 3.75
N LYS A 67 -2.57 -17.38 2.97
CA LYS A 67 -2.62 -16.19 2.11
C LYS A 67 -3.20 -16.49 0.72
N ILE A 68 -3.28 -17.76 0.32
CA ILE A 68 -4.16 -18.22 -0.76
C ILE A 68 -5.59 -18.35 -0.24
N ALA A 69 -5.79 -18.88 0.97
CA ALA A 69 -7.11 -19.03 1.59
C ALA A 69 -7.89 -17.70 1.73
N ASN A 70 -7.18 -16.57 1.87
CA ASN A 70 -7.74 -15.22 1.89
C ASN A 70 -8.37 -14.81 0.54
N LEU A 71 -7.67 -15.07 -0.58
CA LEU A 71 -8.18 -14.80 -1.93
C LEU A 71 -9.12 -15.90 -2.47
N GLY A 72 -9.12 -17.07 -1.82
CA GLY A 72 -9.85 -18.28 -2.25
C GLY A 72 -11.38 -18.19 -2.24
N SER A 73 -11.99 -17.12 -1.71
CA SER A 73 -13.44 -16.89 -1.73
C SER A 73 -13.98 -16.32 -3.04
N CYS A 74 -13.15 -15.60 -3.81
CA CYS A 74 -13.50 -14.99 -5.08
C CYS A 74 -13.09 -15.91 -6.25
N ASN A 75 -14.01 -16.24 -7.16
CA ASN A 75 -13.73 -17.08 -8.33
C ASN A 75 -14.42 -16.58 -9.62
N ASP A 76 -15.64 -16.03 -9.55
CA ASP A 76 -16.43 -15.65 -10.74
C ASP A 76 -15.75 -14.54 -11.57
N SER A 77 -15.06 -13.62 -10.90
CA SER A 77 -14.26 -12.54 -11.51
C SER A 77 -12.95 -13.00 -12.14
N LYS A 78 -12.46 -14.20 -11.78
CA LYS A 78 -11.02 -14.57 -11.71
C LYS A 78 -10.20 -13.58 -10.85
N LEU A 79 -8.90 -13.82 -10.68
CA LEU A 79 -8.00 -12.91 -9.97
C LEU A 79 -7.79 -11.60 -10.76
N GLU A 80 -7.31 -10.58 -10.07
CA GLU A 80 -7.17 -9.19 -10.55
C GLU A 80 -5.98 -8.51 -9.84
N PHE A 81 -5.45 -7.41 -10.39
CA PHE A 81 -4.52 -6.51 -9.68
C PHE A 81 -5.14 -6.02 -8.34
N ARG A 82 -6.46 -5.74 -8.33
CA ARG A 82 -7.26 -5.50 -7.11
C ARG A 82 -7.12 -6.64 -6.09
N SER A 83 -7.14 -7.92 -6.51
CA SER A 83 -7.08 -9.06 -5.58
C SER A 83 -5.74 -9.18 -4.84
N PHE A 84 -4.64 -8.70 -5.44
CA PHE A 84 -3.34 -8.58 -4.78
C PHE A 84 -3.34 -7.40 -3.78
N TRP A 85 -3.85 -6.24 -4.20
CA TRP A 85 -3.96 -5.05 -3.34
C TRP A 85 -4.87 -5.28 -2.11
N GLU A 86 -5.90 -6.10 -2.26
CA GLU A 86 -6.75 -6.53 -1.14
C GLU A 86 -5.98 -7.31 -0.07
N LEU A 87 -4.93 -8.05 -0.44
CA LEU A 87 -4.07 -8.80 0.48
C LEU A 87 -3.13 -7.91 1.29
N ILE A 88 -2.61 -6.83 0.69
CA ILE A 88 -1.68 -5.90 1.37
C ILE A 88 -2.36 -5.19 2.54
N GLY A 89 -3.67 -4.95 2.42
CA GLY A 89 -4.50 -4.48 3.54
C GLY A 89 -4.39 -5.35 4.79
N GLU A 90 -4.23 -6.67 4.64
CA GLU A 90 -3.97 -7.60 5.74
C GLU A 90 -2.48 -7.63 6.15
N ALA A 91 -1.53 -7.40 5.24
CA ALA A 91 -0.13 -7.16 5.63
C ALA A 91 -0.02 -5.98 6.61
N ALA A 92 -0.72 -4.87 6.37
CA ALA A 92 -0.72 -3.71 7.28
C ALA A 92 -1.46 -3.96 8.62
N LYS A 93 -2.34 -4.96 8.71
CA LYS A 93 -2.92 -5.40 9.99
C LYS A 93 -1.91 -6.17 10.85
N SER A 94 -0.88 -6.73 10.23
CA SER A 94 0.30 -7.30 10.89
C SER A 94 1.44 -6.28 11.11
N VAL A 95 1.69 -5.36 10.16
CA VAL A 95 2.86 -4.47 10.18
C VAL A 95 2.52 -2.97 10.25
N LYS A 96 3.03 -2.31 11.30
CA LYS A 96 2.88 -0.88 11.64
C LYS A 96 4.18 -0.34 12.26
N LEU A 97 4.23 0.94 12.61
CA LEU A 97 5.39 1.54 13.29
C LEU A 97 5.41 1.20 14.80
N GLU A 98 6.57 0.86 15.35
CA GLU A 98 6.76 0.35 16.72
C GLU A 98 6.82 1.46 17.80
N ARG A 99 5.76 2.26 17.83
CA ARG A 99 5.38 3.27 18.83
C ARG A 99 4.01 2.90 19.44
N PRO A 100 3.62 3.47 20.60
CA PRO A 100 2.28 3.32 21.16
C PRO A 100 1.16 3.77 20.21
N VAL A 101 -0.06 3.30 20.48
CA VAL A 101 -1.28 3.58 19.70
C VAL A 101 -1.14 3.15 18.22
N ARG A 102 -0.87 1.84 18.02
CA ARG A 102 -1.01 1.16 16.72
C ARG A 102 -2.47 0.96 16.30
N GLY A 103 -3.41 0.99 17.24
CA GLY A 103 -4.84 0.79 16.99
C GLY A 103 -5.60 0.36 18.24
N HIS A 104 -6.57 -0.57 18.11
CA HIS A 104 -7.40 -1.10 19.20
C HIS A 104 -7.71 -2.60 19.05
N MET B 1 9.23 18.12 18.69
CA MET B 1 8.24 17.45 19.57
C MET B 1 8.95 16.81 20.76
N GLY B 2 8.48 17.07 21.99
CA GLY B 2 8.89 16.36 23.20
C GLY B 2 10.36 16.55 23.63
N GLN B 3 10.84 15.62 24.45
CA GLN B 3 12.22 15.53 24.96
C GLN B 3 12.95 14.26 24.45
N CYS B 4 12.20 13.30 23.87
CA CYS B 4 12.68 12.00 23.42
C CYS B 4 12.11 11.60 22.03
N ARG B 5 12.77 10.68 21.34
CA ARG B 5 12.29 9.99 20.13
C ARG B 5 12.63 8.50 20.16
N SER B 6 11.76 7.67 19.60
CA SER B 6 12.03 6.24 19.36
C SER B 6 13.04 6.00 18.24
N ALA B 7 13.58 4.77 18.18
CA ALA B 7 14.53 4.30 17.17
C ALA B 7 14.19 2.93 16.55
N ASN B 8 13.38 2.10 17.22
CA ASN B 8 13.00 0.78 16.71
C ASN B 8 11.98 0.87 15.55
N ALA B 9 12.25 0.14 14.46
CA ALA B 9 11.49 0.14 13.19
C ALA B 9 11.40 1.50 12.46
N GLU B 10 12.13 2.54 12.90
CA GLU B 10 12.06 3.89 12.33
C GLU B 10 12.83 4.09 11.02
N ASP B 11 13.57 3.09 10.51
CA ASP B 11 14.14 3.08 9.14
C ASP B 11 13.74 1.86 8.28
N ALA B 12 13.42 0.72 8.92
CA ALA B 12 12.91 -0.53 8.37
C ALA B 12 13.56 -0.98 7.03
N GLN B 13 14.65 -1.77 7.09
CA GLN B 13 15.53 -2.00 5.95
C GLN B 13 16.22 -3.37 5.93
N GLU B 14 15.99 -4.25 6.91
CA GLU B 14 16.33 -5.67 6.83
C GLU B 14 15.44 -6.49 5.87
N PHE B 15 14.32 -5.88 5.46
CA PHE B 15 13.24 -6.47 4.66
C PHE B 15 13.52 -6.46 3.14
N SER B 16 12.79 -7.28 2.38
CA SER B 16 12.83 -7.28 0.90
C SER B 16 12.35 -5.95 0.29
N ASP B 17 12.55 -5.74 -1.03
CA ASP B 17 12.07 -4.56 -1.76
C ASP B 17 10.59 -4.21 -1.48
N VAL B 18 9.68 -5.20 -1.58
CA VAL B 18 8.24 -5.00 -1.31
C VAL B 18 7.94 -4.89 0.18
N GLU B 19 8.62 -5.71 1.00
CA GLU B 19 8.39 -5.83 2.44
C GLU B 19 8.87 -4.59 3.23
N ARG B 20 9.87 -3.85 2.72
CA ARG B 20 10.20 -2.49 3.21
C ARG B 20 9.34 -1.39 2.57
N ALA B 21 8.85 -1.57 1.35
CA ALA B 21 8.05 -0.56 0.66
C ALA B 21 6.70 -0.29 1.37
N ILE B 22 5.97 -1.34 1.78
CA ILE B 22 4.70 -1.25 2.51
C ILE B 22 4.94 -0.52 3.84
N GLU B 23 6.01 -0.85 4.57
CA GLU B 23 6.37 -0.11 5.80
C GLU B 23 6.70 1.35 5.53
N THR B 24 7.36 1.66 4.41
CA THR B 24 7.69 3.04 4.00
C THR B 24 6.43 3.89 3.79
N LEU B 25 5.32 3.30 3.32
CA LEU B 25 4.05 4.02 3.21
C LEU B 25 3.39 4.18 4.58
N ILE B 26 3.38 3.10 5.39
CA ILE B 26 2.70 3.11 6.68
C ILE B 26 3.34 4.14 7.62
N LYS B 27 4.68 4.21 7.64
CA LYS B 27 5.49 5.26 8.29
C LYS B 27 4.95 6.67 8.04
N ASN B 28 4.50 6.93 6.81
CA ASN B 28 4.05 8.26 6.41
C ASN B 28 2.67 8.67 6.97
N PHE B 29 1.84 7.72 7.41
CA PHE B 29 0.71 8.03 8.32
C PHE B 29 1.21 8.41 9.72
N HIS B 30 2.11 7.60 10.30
CA HIS B 30 2.57 7.78 11.68
C HIS B 30 3.33 9.12 11.86
N GLN B 31 4.11 9.54 10.86
CA GLN B 31 4.81 10.83 10.87
C GLN B 31 3.87 12.06 10.85
N TYR B 32 2.64 11.94 10.36
CA TYR B 32 1.72 13.06 10.14
C TYR B 32 0.48 13.11 11.05
N SER B 33 0.15 12.03 11.74
CA SER B 33 -1.05 11.86 12.61
C SER B 33 -0.94 12.57 13.98
N VAL B 34 -0.28 13.73 14.04
CA VAL B 34 0.15 14.33 15.33
C VAL B 34 -0.97 15.10 16.05
N GLU B 35 -1.96 15.66 15.34
CA GLU B 35 -3.14 16.32 15.91
C GLU B 35 -4.42 15.47 15.82
N GLY B 36 -4.44 14.43 14.98
CA GLY B 36 -5.32 13.26 15.10
C GLY B 36 -4.90 12.28 16.23
N GLY B 37 -3.88 12.64 17.02
CA GLY B 37 -3.52 11.98 18.27
C GLY B 37 -2.89 10.59 18.13
N LYS B 38 -2.24 10.32 16.99
CA LYS B 38 -1.62 9.04 16.53
C LYS B 38 -2.60 7.89 16.32
N GLU B 39 -3.78 7.94 16.93
CA GLU B 39 -4.94 7.08 16.66
C GLU B 39 -5.51 7.30 15.23
N THR B 40 -5.47 8.54 14.74
CA THR B 40 -6.10 8.96 13.48
C THR B 40 -5.31 10.04 12.75
N LEU B 41 -5.72 10.41 11.52
CA LEU B 41 -5.42 11.72 10.92
C LEU B 41 -6.52 12.71 11.38
N THR B 42 -6.34 14.00 11.12
CA THR B 42 -7.45 14.97 11.07
C THR B 42 -7.38 15.78 9.76
N PRO B 43 -8.51 16.17 9.12
CA PRO B 43 -8.55 16.91 7.85
C PRO B 43 -7.52 18.03 7.65
N SER B 44 -7.25 18.87 8.66
CA SER B 44 -6.28 19.98 8.48
C SER B 44 -4.83 19.51 8.31
N GLU B 45 -4.43 18.36 8.90
CA GLU B 45 -3.12 17.75 8.64
C GLU B 45 -3.12 16.77 7.45
N LEU B 46 -4.29 16.23 7.04
CA LEU B 46 -4.48 15.59 5.73
C LEU B 46 -4.13 16.61 4.62
N ARG B 47 -4.72 17.81 4.67
CA ARG B 47 -4.43 18.92 3.74
C ARG B 47 -2.94 19.27 3.70
N ASP B 48 -2.28 19.32 4.85
CA ASP B 48 -0.86 19.70 4.92
C ASP B 48 0.09 18.61 4.40
N LEU B 49 -0.19 17.33 4.65
CA LEU B 49 0.67 16.24 4.15
C LEU B 49 0.54 16.08 2.63
N VAL B 50 -0.64 16.27 2.05
CA VAL B 50 -0.89 16.04 0.62
C VAL B 50 -0.07 17.00 -0.25
N THR B 51 0.00 18.28 0.12
CA THR B 51 0.78 19.30 -0.63
C THR B 51 2.31 19.07 -0.54
N GLN B 52 2.80 18.34 0.46
CA GLN B 52 4.21 17.90 0.57
C GLN B 52 4.50 16.54 -0.09
N GLN B 53 3.61 15.56 -0.01
CA GLN B 53 3.92 14.16 -0.38
C GLN B 53 3.51 13.75 -1.81
N LEU B 54 2.57 14.45 -2.47
CA LEU B 54 1.93 13.94 -3.70
C LEU B 54 2.04 14.88 -4.93
N PRO B 55 3.23 15.39 -5.31
CA PRO B 55 3.36 16.31 -6.44
C PRO B 55 3.02 15.69 -7.80
N HIS B 56 3.26 14.39 -8.01
CA HIS B 56 2.93 13.71 -9.27
C HIS B 56 1.47 13.23 -9.31
N LEU B 57 0.84 13.01 -8.15
CA LEU B 57 -0.53 12.49 -8.01
C LEU B 57 -1.59 13.59 -7.84
N MET B 58 -1.42 14.47 -6.85
CA MET B 58 -2.39 15.49 -6.44
C MET B 58 -1.69 16.78 -5.94
N PRO B 59 -1.28 17.68 -6.84
CA PRO B 59 -0.80 19.02 -6.47
C PRO B 59 -1.93 19.98 -6.06
N SER B 60 -1.55 21.12 -5.48
CA SER B 60 -2.41 22.25 -5.06
C SER B 60 -3.13 22.99 -6.21
N ASN B 61 -3.26 22.38 -7.40
CA ASN B 61 -4.00 22.90 -8.56
C ASN B 61 -5.53 22.70 -8.45
N CYS B 62 -5.98 21.87 -7.50
CA CYS B 62 -7.38 21.71 -7.07
C CYS B 62 -7.44 21.86 -5.55
N GLY B 63 -8.65 21.98 -5.00
CA GLY B 63 -8.86 21.93 -3.56
C GLY B 63 -8.72 20.51 -3.01
N LEU B 64 -7.77 20.29 -2.09
CA LEU B 64 -7.54 19.02 -1.39
C LEU B 64 -8.69 18.65 -0.45
N GLU B 65 -9.56 19.61 -0.10
CA GLU B 65 -10.90 19.39 0.47
C GLU B 65 -11.76 18.32 -0.24
N GLU B 66 -11.48 17.98 -1.51
CA GLU B 66 -12.16 16.88 -2.20
C GLU B 66 -11.81 15.50 -1.62
N LYS B 67 -10.60 15.36 -1.06
CA LYS B 67 -10.11 14.14 -0.41
C LYS B 67 -10.72 13.99 0.98
N ILE B 68 -10.86 15.13 1.69
CA ILE B 68 -11.56 15.24 2.98
C ILE B 68 -13.04 14.83 2.79
N ALA B 69 -13.69 15.29 1.72
CA ALA B 69 -15.08 14.95 1.39
C ALA B 69 -15.32 13.45 1.13
N ASN B 70 -14.29 12.68 0.75
CA ASN B 70 -14.38 11.23 0.52
C ASN B 70 -14.26 10.38 1.79
N LEU B 71 -13.36 10.73 2.73
CA LEU B 71 -13.11 9.94 3.95
C LEU B 71 -13.82 10.43 5.23
N GLY B 72 -14.32 11.67 5.25
CA GLY B 72 -14.87 12.32 6.45
C GLY B 72 -16.27 11.87 6.90
N SER B 73 -16.83 10.82 6.30
CA SER B 73 -18.16 10.28 6.62
C SER B 73 -18.21 9.42 7.90
N CYS B 74 -17.06 9.05 8.46
CA CYS B 74 -16.97 8.45 9.80
C CYS B 74 -17.26 9.49 10.91
N ASN B 75 -17.78 9.05 12.06
CA ASN B 75 -18.26 9.94 13.13
C ASN B 75 -17.89 9.49 14.56
N ASP B 76 -17.80 8.17 14.80
CA ASP B 76 -17.38 7.58 16.08
C ASP B 76 -15.94 7.08 16.04
N SER B 77 -15.53 6.46 14.92
CA SER B 77 -14.17 5.91 14.75
C SER B 77 -13.18 6.89 14.11
N LYS B 78 -13.66 7.83 13.28
CA LYS B 78 -12.85 8.84 12.54
C LYS B 78 -11.71 8.20 11.70
N LEU B 79 -10.74 9.01 11.27
CA LEU B 79 -9.72 8.72 10.26
C LEU B 79 -8.58 7.81 10.77
N GLU B 80 -8.89 6.57 11.18
CA GLU B 80 -7.90 5.56 11.59
C GLU B 80 -6.90 5.23 10.47
N PHE B 81 -5.79 4.53 10.75
CA PHE B 81 -4.70 4.38 9.76
C PHE B 81 -5.14 3.70 8.42
N ARG B 82 -6.21 2.90 8.42
CA ARG B 82 -6.82 2.38 7.18
C ARG B 82 -7.38 3.49 6.28
N SER B 83 -7.87 4.59 6.83
CA SER B 83 -8.32 5.76 6.05
C SER B 83 -7.18 6.50 5.33
N PHE B 84 -5.92 6.35 5.79
CA PHE B 84 -4.74 6.74 5.00
C PHE B 84 -4.52 5.77 3.84
N TRP B 85 -4.53 4.46 4.14
CA TRP B 85 -4.31 3.38 3.17
C TRP B 85 -5.34 3.33 2.03
N GLU B 86 -6.62 3.60 2.30
CA GLU B 86 -7.67 3.65 1.27
C GLU B 86 -7.46 4.76 0.22
N LEU B 87 -6.74 5.84 0.55
CA LEU B 87 -6.31 6.83 -0.44
C LEU B 87 -5.07 6.38 -1.24
N ILE B 88 -4.26 5.46 -0.73
CA ILE B 88 -3.23 4.77 -1.52
C ILE B 88 -3.87 3.77 -2.49
N GLY B 89 -4.94 3.08 -2.07
CA GLY B 89 -5.78 2.26 -2.94
C GLY B 89 -6.46 3.05 -4.07
N GLU B 90 -6.62 4.37 -3.89
CA GLU B 90 -7.01 5.31 -4.93
C GLU B 90 -5.80 5.75 -5.80
N ALA B 91 -4.65 6.10 -5.18
CA ALA B 91 -3.40 6.38 -5.91
C ALA B 91 -2.99 5.28 -6.89
N ALA B 92 -3.07 4.00 -6.50
CA ALA B 92 -2.63 2.87 -7.34
C ALA B 92 -3.50 2.64 -8.60
N LYS B 93 -4.60 3.39 -8.78
CA LYS B 93 -5.34 3.44 -10.05
C LYS B 93 -4.69 4.41 -11.06
N SER B 94 -3.92 5.39 -10.58
CA SER B 94 -3.21 6.41 -11.37
C SER B 94 -1.68 6.24 -11.38
N VAL B 95 -1.10 5.49 -10.43
CA VAL B 95 0.34 5.20 -10.34
C VAL B 95 0.61 3.71 -10.07
N LYS B 96 0.97 2.98 -11.14
CA LYS B 96 1.54 1.62 -11.12
C LYS B 96 2.48 1.42 -12.31
N LEU B 97 3.17 0.28 -12.39
CA LEU B 97 4.24 0.02 -13.37
C LEU B 97 3.82 0.37 -14.81
N GLU B 98 4.54 1.30 -15.46
CA GLU B 98 4.27 1.80 -16.83
C GLU B 98 4.42 0.72 -17.90
N ARG B 99 3.32 0.01 -18.19
CA ARG B 99 3.23 -1.08 -19.19
C ARG B 99 2.83 -0.57 -20.57
N PRO B 100 3.37 -1.13 -21.67
CA PRO B 100 2.76 -1.00 -23.00
C PRO B 100 1.32 -1.52 -22.98
N VAL B 101 0.37 -0.72 -23.48
CA VAL B 101 -1.09 -0.90 -23.37
C VAL B 101 -1.48 -1.26 -21.94
N ARG B 102 -1.49 -0.25 -21.05
CA ARG B 102 -1.44 -0.36 -19.58
C ARG B 102 -2.42 -1.39 -18.97
N GLY B 103 -3.63 -1.53 -19.50
CA GLY B 103 -4.54 -2.63 -19.14
C GLY B 103 -5.74 -2.81 -20.07
N HIS B 104 -6.35 -4.00 -20.02
CA HIS B 104 -7.56 -4.41 -20.76
C HIS B 104 -7.43 -4.27 -22.29
N MET A 1 0.80 -2.75 -22.44
CA MET A 1 1.34 -3.77 -23.37
C MET A 1 2.14 -3.12 -24.49
N GLY A 2 3.22 -3.77 -24.93
CA GLY A 2 4.02 -3.33 -26.09
C GLY A 2 4.96 -2.14 -25.81
N GLN A 3 5.65 -2.16 -24.68
CA GLN A 3 6.55 -1.09 -24.22
C GLN A 3 7.68 -0.81 -25.23
N CYS A 4 7.97 0.47 -25.42
CA CYS A 4 9.09 0.98 -26.22
C CYS A 4 10.41 0.98 -25.43
N ARG A 5 11.46 1.62 -25.96
CA ARG A 5 12.77 1.75 -25.29
C ARG A 5 12.71 2.68 -24.07
N SER A 6 11.91 3.74 -24.10
CA SER A 6 11.72 4.69 -22.99
C SER A 6 11.09 4.02 -21.75
N ALA A 7 11.57 4.33 -20.55
CA ALA A 7 11.13 3.71 -19.29
C ALA A 7 10.11 4.56 -18.49
N ASN A 8 10.03 5.86 -18.79
CA ASN A 8 9.15 6.84 -18.15
C ASN A 8 9.33 6.94 -16.62
N ALA A 9 8.56 6.18 -15.84
CA ALA A 9 8.48 6.32 -14.38
C ALA A 9 8.67 4.99 -13.60
N GLU A 10 8.95 3.86 -14.26
CA GLU A 10 9.15 2.58 -13.55
C GLU A 10 10.47 2.48 -12.77
N ASP A 11 11.39 3.41 -13.01
CA ASP A 11 12.69 3.58 -12.35
C ASP A 11 12.77 4.94 -11.61
N ALA A 12 11.61 5.56 -11.33
CA ALA A 12 11.50 6.95 -10.85
C ALA A 12 12.24 7.23 -9.53
N GLN A 13 12.77 8.45 -9.42
CA GLN A 13 13.57 8.96 -8.32
C GLN A 13 13.23 10.43 -7.95
N GLU A 14 12.42 11.13 -8.77
CA GLU A 14 11.85 12.43 -8.38
C GLU A 14 10.92 12.36 -7.17
N PHE A 15 10.34 11.19 -6.94
CA PHE A 15 9.29 11.00 -5.93
C PHE A 15 9.90 10.88 -4.52
N SER A 16 9.14 11.29 -3.51
CA SER A 16 9.44 11.03 -2.09
C SER A 16 9.46 9.53 -1.79
N ASP A 17 10.07 9.12 -0.68
CA ASP A 17 10.19 7.69 -0.32
C ASP A 17 8.80 7.04 -0.13
N VAL A 18 7.82 7.76 0.41
CA VAL A 18 6.41 7.34 0.53
C VAL A 18 5.69 7.27 -0.82
N GLU A 19 5.99 8.19 -1.75
CA GLU A 19 5.30 8.29 -3.04
C GLU A 19 5.74 7.19 -4.01
N ARG A 20 7.03 6.84 -4.03
CA ARG A 20 7.49 5.65 -4.77
C ARG A 20 7.27 4.33 -4.04
N ALA A 21 7.07 4.32 -2.72
CA ALA A 21 6.66 3.12 -1.97
C ALA A 21 5.40 2.48 -2.59
N ILE A 22 4.34 3.26 -2.79
CA ILE A 22 3.04 2.85 -3.34
C ILE A 22 3.24 2.28 -4.75
N GLU A 23 4.06 2.92 -5.59
CA GLU A 23 4.40 2.34 -6.89
C GLU A 23 5.24 1.06 -6.79
N THR A 24 6.13 0.97 -5.81
CA THR A 24 6.95 -0.23 -5.57
C THR A 24 6.07 -1.45 -5.28
N LEU A 25 4.90 -1.25 -4.64
CA LEU A 25 3.95 -2.32 -4.36
C LEU A 25 3.32 -2.83 -5.67
N ILE A 26 2.80 -1.91 -6.51
CA ILE A 26 2.14 -2.31 -7.75
C ILE A 26 3.14 -2.81 -8.80
N LYS A 27 4.31 -2.20 -8.94
CA LYS A 27 5.36 -2.72 -9.82
C LYS A 27 5.83 -4.13 -9.43
N ASN A 28 5.61 -4.56 -8.18
CA ASN A 28 5.78 -5.97 -7.81
C ASN A 28 4.59 -6.89 -8.13
N PHE A 29 3.36 -6.37 -8.25
CA PHE A 29 2.30 -7.09 -8.97
C PHE A 29 2.66 -7.28 -10.45
N HIS A 30 3.26 -6.27 -11.11
CA HIS A 30 3.75 -6.41 -12.49
C HIS A 30 4.84 -7.48 -12.60
N GLN A 31 5.85 -7.43 -11.71
CA GLN A 31 6.96 -8.38 -11.67
C GLN A 31 6.52 -9.85 -11.45
N TYR A 32 5.38 -10.12 -10.81
CA TYR A 32 4.92 -11.49 -10.47
C TYR A 32 3.61 -11.96 -11.13
N SER A 33 2.87 -11.14 -11.87
CA SER A 33 1.66 -11.54 -12.61
C SER A 33 1.96 -12.30 -13.92
N VAL A 34 2.98 -13.15 -13.94
CA VAL A 34 3.57 -13.69 -15.19
C VAL A 34 2.75 -14.84 -15.76
N GLU A 35 2.38 -15.83 -14.93
CA GLU A 35 1.55 -16.96 -15.37
C GLU A 35 0.07 -16.57 -15.42
N GLY A 36 -0.37 -15.68 -14.52
CA GLY A 36 -1.64 -14.95 -14.60
C GLY A 36 -1.75 -13.94 -15.74
N GLY A 37 -0.82 -13.99 -16.71
CA GLY A 37 -0.95 -13.40 -18.04
C GLY A 37 -0.85 -11.88 -18.09
N LYS A 38 -0.30 -11.24 -17.04
CA LYS A 38 -0.24 -9.78 -16.81
C LYS A 38 -1.62 -9.09 -16.66
N GLU A 39 -2.70 -9.87 -16.63
CA GLU A 39 -4.06 -9.41 -16.28
C GLU A 39 -4.43 -9.73 -14.82
N THR A 40 -3.81 -10.76 -14.24
CA THR A 40 -4.10 -11.29 -12.89
C THR A 40 -2.86 -11.92 -12.24
N LEU A 41 -2.97 -12.26 -10.96
CA LEU A 41 -2.00 -13.05 -10.18
C LEU A 41 -2.40 -14.54 -10.21
N THR A 42 -1.50 -15.48 -9.85
CA THR A 42 -1.86 -16.90 -9.62
C THR A 42 -1.24 -17.48 -8.34
N PRO A 43 -1.87 -18.46 -7.65
CA PRO A 43 -1.36 -19.05 -6.41
C PRO A 43 0.08 -19.58 -6.46
N SER A 44 0.52 -20.18 -7.58
CA SER A 44 1.88 -20.75 -7.68
C SER A 44 2.99 -19.69 -7.60
N GLU A 45 2.78 -18.52 -8.21
CA GLU A 45 3.70 -17.37 -8.12
C GLU A 45 3.45 -16.48 -6.89
N LEU A 46 2.24 -16.53 -6.30
CA LEU A 46 1.95 -16.00 -4.97
C LEU A 46 2.79 -16.70 -3.89
N ARG A 47 2.79 -18.05 -3.82
CA ARG A 47 3.67 -18.80 -2.89
C ARG A 47 5.16 -18.72 -3.25
N ASP A 48 5.52 -18.24 -4.44
CA ASP A 48 6.90 -17.85 -4.78
C ASP A 48 7.27 -16.48 -4.19
N LEU A 49 6.55 -15.39 -4.52
CA LEU A 49 6.94 -14.06 -4.05
C LEU A 49 6.82 -13.87 -2.53
N VAL A 50 5.96 -14.64 -1.85
CA VAL A 50 5.83 -14.51 -0.39
C VAL A 50 7.03 -15.12 0.34
N THR A 51 7.60 -16.24 -0.13
CA THR A 51 8.85 -16.79 0.46
C THR A 51 10.09 -16.04 -0.01
N GLN A 52 10.12 -15.54 -1.25
CA GLN A 52 11.26 -14.77 -1.77
C GLN A 52 11.32 -13.31 -1.29
N GLN A 53 10.15 -12.66 -1.10
CA GLN A 53 10.06 -11.22 -0.83
C GLN A 53 9.25 -10.81 0.41
N LEU A 54 8.60 -11.72 1.15
CA LEU A 54 8.08 -11.43 2.51
C LEU A 54 8.60 -12.43 3.58
N PRO A 55 9.91 -12.77 3.65
CA PRO A 55 10.41 -13.75 4.62
C PRO A 55 10.51 -13.20 6.06
N HIS A 56 10.64 -11.88 6.24
CA HIS A 56 10.65 -11.24 7.56
C HIS A 56 9.22 -10.95 8.03
N LEU A 57 8.34 -10.55 7.11
CA LEU A 57 6.94 -10.23 7.39
C LEU A 57 6.17 -11.48 7.89
N MET A 58 6.37 -12.64 7.24
CA MET A 58 5.90 -13.94 7.74
C MET A 58 6.88 -15.09 7.41
N PRO A 59 7.11 -16.04 8.32
CA PRO A 59 7.86 -17.25 8.02
C PRO A 59 7.02 -18.29 7.27
N SER A 60 7.72 -19.14 6.51
CA SER A 60 7.18 -20.40 5.95
C SER A 60 6.68 -21.36 7.04
N ASN A 61 7.14 -21.21 8.29
CA ASN A 61 6.67 -21.98 9.45
C ASN A 61 5.15 -21.91 9.66
N CYS A 62 4.50 -20.78 9.37
CA CYS A 62 3.04 -20.62 9.45
C CYS A 62 2.28 -21.39 8.35
N GLY A 63 3.00 -21.88 7.33
CA GLY A 63 2.44 -22.38 6.09
C GLY A 63 1.82 -21.25 5.27
N LEU A 64 2.59 -20.70 4.31
CA LEU A 64 2.18 -19.54 3.51
C LEU A 64 0.94 -19.79 2.63
N GLU A 65 0.52 -21.05 2.46
CA GLU A 65 -0.76 -21.40 1.85
C GLU A 65 -1.99 -20.89 2.61
N GLU A 66 -1.84 -20.45 3.87
CA GLU A 66 -2.87 -19.67 4.57
C GLU A 66 -3.26 -18.40 3.80
N LYS A 67 -2.31 -17.82 3.05
CA LYS A 67 -2.48 -16.55 2.33
C LYS A 67 -3.19 -16.73 0.99
N ILE A 68 -3.00 -17.87 0.33
CA ILE A 68 -3.83 -18.28 -0.82
C ILE A 68 -5.25 -18.60 -0.33
N ALA A 69 -5.39 -19.29 0.80
CA ALA A 69 -6.69 -19.57 1.42
C ALA A 69 -7.46 -18.31 1.88
N ASN A 70 -6.80 -17.15 2.02
CA ASN A 70 -7.46 -15.86 2.26
C ASN A 70 -8.01 -15.23 0.96
N LEU A 71 -7.34 -15.37 -0.20
CA LEU A 71 -7.82 -14.82 -1.48
C LEU A 71 -8.77 -15.76 -2.25
N GLY A 72 -8.83 -17.05 -1.87
CA GLY A 72 -9.76 -18.06 -2.40
C GLY A 72 -11.26 -17.77 -2.17
N SER A 73 -11.59 -16.72 -1.39
CA SER A 73 -12.96 -16.18 -1.25
C SER A 73 -13.48 -15.53 -2.54
N CYS A 74 -12.60 -15.14 -3.47
CA CYS A 74 -12.95 -14.77 -4.86
C CYS A 74 -12.97 -16.02 -5.77
N ASN A 75 -13.85 -16.04 -6.78
CA ASN A 75 -14.01 -17.18 -7.69
C ASN A 75 -14.10 -16.80 -9.18
N ASP A 76 -14.86 -15.76 -9.53
CA ASP A 76 -15.18 -15.35 -10.92
C ASP A 76 -14.62 -13.96 -11.27
N SER A 77 -14.50 -13.03 -10.30
CA SER A 77 -13.90 -11.70 -10.53
C SER A 77 -12.37 -11.69 -10.61
N LYS A 78 -11.74 -12.85 -10.41
CA LYS A 78 -10.29 -13.15 -10.54
C LYS A 78 -9.35 -12.33 -9.65
N LEU A 79 -8.07 -12.72 -9.67
CA LEU A 79 -6.98 -12.11 -8.91
C LEU A 79 -6.43 -10.85 -9.62
N GLU A 80 -7.29 -9.83 -9.79
CA GLU A 80 -6.87 -8.50 -10.28
C GLU A 80 -6.07 -7.74 -9.20
N PHE A 81 -5.50 -6.56 -9.51
CA PHE A 81 -4.60 -5.84 -8.58
C PHE A 81 -5.22 -5.61 -7.19
N ARG A 82 -6.52 -5.27 -7.09
CA ARG A 82 -7.16 -5.07 -5.78
C ARG A 82 -7.24 -6.36 -4.93
N SER A 83 -7.24 -7.55 -5.55
CA SER A 83 -7.17 -8.85 -4.85
C SER A 83 -5.81 -9.05 -4.15
N PHE A 84 -4.70 -8.69 -4.83
CA PHE A 84 -3.34 -8.65 -4.27
C PHE A 84 -3.24 -7.57 -3.16
N TRP A 85 -3.74 -6.37 -3.45
CA TRP A 85 -3.74 -5.21 -2.54
C TRP A 85 -4.45 -5.50 -1.21
N GLU A 86 -5.60 -6.19 -1.24
CA GLU A 86 -6.31 -6.62 -0.02
C GLU A 86 -5.47 -7.53 0.90
N LEU A 87 -4.50 -8.27 0.34
CA LEU A 87 -3.54 -9.05 1.13
C LEU A 87 -2.35 -8.23 1.64
N ILE A 88 -2.02 -7.11 1.00
CA ILE A 88 -1.17 -6.08 1.63
C ILE A 88 -1.93 -5.45 2.81
N GLY A 89 -3.25 -5.31 2.70
CA GLY A 89 -4.15 -4.98 3.81
C GLY A 89 -4.11 -5.98 4.98
N GLU A 90 -3.77 -7.25 4.73
CA GLU A 90 -3.55 -8.30 5.73
C GLU A 90 -2.11 -8.28 6.29
N ALA A 91 -1.09 -7.95 5.49
CA ALA A 91 0.25 -7.59 5.99
C ALA A 91 0.20 -6.37 6.94
N ALA A 92 -0.63 -5.38 6.64
CA ALA A 92 -0.95 -4.22 7.48
C ALA A 92 -1.76 -4.56 8.76
N LYS A 93 -2.08 -5.83 9.01
CA LYS A 93 -2.49 -6.32 10.34
C LYS A 93 -1.30 -6.85 11.15
N SER A 94 -0.30 -7.47 10.49
CA SER A 94 0.96 -7.93 11.13
C SER A 94 1.91 -6.79 11.53
N VAL A 95 1.82 -5.64 10.86
CA VAL A 95 2.49 -4.39 11.26
C VAL A 95 1.48 -3.24 11.17
N LYS A 96 1.20 -2.60 12.30
CA LYS A 96 0.11 -1.63 12.50
C LYS A 96 0.49 -0.53 13.50
N LEU A 97 -0.46 0.33 13.87
CA LEU A 97 -0.32 1.37 14.89
C LEU A 97 -0.22 0.83 16.33
N GLU A 98 0.34 1.62 17.24
CA GLU A 98 0.54 1.26 18.66
C GLU A 98 -0.73 1.36 19.50
N ARG A 99 -1.65 2.26 19.13
CA ARG A 99 -2.92 2.56 19.84
C ARG A 99 -4.12 1.70 19.37
N PRO A 100 -5.25 1.68 20.11
CA PRO A 100 -6.44 0.91 19.72
C PRO A 100 -7.16 1.41 18.45
N VAL A 101 -7.90 0.52 17.78
CA VAL A 101 -8.81 0.84 16.66
C VAL A 101 -10.26 0.64 17.08
N ARG A 102 -11.14 1.61 16.78
CA ARG A 102 -12.57 1.61 17.17
C ARG A 102 -13.54 1.47 16.00
N GLY A 103 -13.11 1.69 14.76
CA GLY A 103 -13.92 1.39 13.57
C GLY A 103 -14.22 -0.12 13.41
N HIS A 104 -15.29 -0.43 12.67
CA HIS A 104 -15.71 -1.79 12.30
C HIS A 104 -15.65 -1.97 10.79
N MET B 1 4.35 5.17 24.98
CA MET B 1 4.27 5.22 23.50
C MET B 1 5.65 5.51 22.93
N GLY B 2 6.03 4.88 21.81
CA GLY B 2 7.24 5.25 21.05
C GLY B 2 8.18 4.10 20.62
N GLN B 3 9.23 4.48 19.88
CA GLN B 3 10.29 3.63 19.31
C GLN B 3 11.48 3.48 20.29
N CYS B 4 12.29 2.43 20.10
CA CYS B 4 13.49 2.08 20.90
C CYS B 4 14.81 2.57 20.29
N ARG B 5 15.95 2.09 20.84
CA ARG B 5 17.34 2.24 20.35
C ARG B 5 17.60 1.44 19.05
N SER B 6 16.79 1.72 18.04
CA SER B 6 16.73 1.00 16.77
C SER B 6 16.30 1.94 15.64
N ALA B 7 16.68 1.62 14.40
CA ALA B 7 16.11 2.24 13.20
C ALA B 7 14.72 1.68 12.82
N ASN B 8 14.37 0.47 13.28
CA ASN B 8 13.09 -0.23 13.10
C ASN B 8 12.52 -0.24 11.66
N ALA B 9 11.87 0.83 11.21
CA ALA B 9 11.31 0.99 9.87
C ALA B 9 11.63 2.36 9.21
N GLU B 10 12.28 3.30 9.91
CA GLU B 10 12.63 4.63 9.38
C GLU B 10 13.79 4.61 8.37
N ASP B 11 14.49 3.46 8.28
CA ASP B 11 15.64 3.21 7.42
C ASP B 11 15.41 1.98 6.51
N ALA B 12 14.91 0.89 7.08
CA ALA B 12 14.38 -0.31 6.41
C ALA B 12 15.23 -0.77 5.20
N GLN B 13 16.37 -1.39 5.50
CA GLN B 13 17.34 -1.96 4.53
C GLN B 13 17.52 -3.47 4.73
N GLU B 14 17.15 -3.96 5.91
CA GLU B 14 17.19 -5.38 6.29
C GLU B 14 16.18 -6.24 5.51
N PHE B 15 15.15 -5.58 5.00
CA PHE B 15 13.97 -6.14 4.35
C PHE B 15 14.10 -6.21 2.82
N SER B 16 13.29 -7.03 2.17
CA SER B 16 13.15 -7.10 0.70
C SER B 16 12.67 -5.75 0.16
N ASP B 17 12.96 -5.39 -1.10
CA ASP B 17 12.60 -4.07 -1.67
C ASP B 17 11.10 -3.75 -1.58
N VAL B 18 10.23 -4.76 -1.73
CA VAL B 18 8.76 -4.64 -1.61
C VAL B 18 8.29 -4.65 -0.15
N GLU B 19 9.08 -5.25 0.74
CA GLU B 19 8.79 -5.46 2.16
C GLU B 19 9.12 -4.21 2.98
N ARG B 20 10.26 -3.55 2.70
CA ARG B 20 10.52 -2.18 3.18
C ARG B 20 9.51 -1.17 2.64
N ALA B 21 8.93 -1.41 1.45
CA ALA B 21 7.99 -0.49 0.84
C ALA B 21 6.65 -0.42 1.62
N ILE B 22 6.09 -1.56 2.05
CA ILE B 22 4.83 -1.61 2.82
C ILE B 22 5.03 -0.91 4.18
N GLU B 23 6.14 -1.21 4.86
CA GLU B 23 6.54 -0.56 6.11
C GLU B 23 6.69 0.96 5.96
N THR B 24 7.34 1.37 4.88
CA THR B 24 7.64 2.80 4.64
C THR B 24 6.36 3.60 4.49
N LEU B 25 5.36 3.06 3.79
CA LEU B 25 4.11 3.78 3.57
C LEU B 25 3.08 3.66 4.71
N ILE B 26 3.10 2.58 5.51
CA ILE B 26 2.30 2.50 6.74
C ILE B 26 2.83 3.45 7.82
N LYS B 27 4.15 3.52 8.01
CA LYS B 27 4.78 4.44 8.97
C LYS B 27 4.51 5.91 8.66
N ASN B 28 4.24 6.26 7.41
CA ASN B 28 3.90 7.63 7.06
C ASN B 28 2.52 8.09 7.60
N PHE B 29 1.59 7.16 7.91
CA PHE B 29 0.39 7.49 8.71
C PHE B 29 0.75 7.78 10.17
N HIS B 30 1.69 7.04 10.77
CA HIS B 30 2.18 7.31 12.12
C HIS B 30 2.83 8.71 12.20
N GLN B 31 3.70 9.03 11.24
CA GLN B 31 4.47 10.28 11.20
C GLN B 31 3.62 11.55 11.01
N TYR B 32 2.42 11.42 10.45
CA TYR B 32 1.49 12.53 10.18
C TYR B 32 0.18 12.51 11.00
N SER B 33 -0.03 11.58 11.93
CA SER B 33 -1.24 11.51 12.77
C SER B 33 -1.18 12.40 14.03
N VAL B 34 -0.58 13.60 13.95
CA VAL B 34 -0.17 14.38 15.14
C VAL B 34 -1.34 15.14 15.78
N GLU B 35 -2.19 15.81 14.98
CA GLU B 35 -3.42 16.44 15.47
C GLU B 35 -4.57 15.43 15.62
N GLY B 36 -4.52 14.34 14.85
CA GLY B 36 -5.35 13.14 15.01
C GLY B 36 -4.90 12.16 16.10
N GLY B 37 -4.12 12.61 17.08
CA GLY B 37 -3.89 11.91 18.35
C GLY B 37 -3.14 10.57 18.26
N LYS B 38 -2.32 10.38 17.22
CA LYS B 38 -1.57 9.15 16.89
C LYS B 38 -2.44 7.90 16.65
N GLU B 39 -3.73 8.11 16.46
CA GLU B 39 -4.73 7.08 16.12
C GLU B 39 -5.49 7.38 14.81
N THR B 40 -5.47 8.64 14.35
CA THR B 40 -6.19 9.12 13.17
C THR B 40 -5.42 10.24 12.45
N LEU B 41 -5.89 10.67 11.28
CA LEU B 41 -5.47 11.94 10.67
C LEU B 41 -6.43 13.09 11.08
N THR B 42 -6.02 14.34 10.82
CA THR B 42 -6.95 15.45 10.59
C THR B 42 -6.93 15.89 9.12
N PRO B 43 -8.02 16.49 8.60
CA PRO B 43 -8.02 17.21 7.33
C PRO B 43 -6.87 18.22 7.16
N SER B 44 -6.43 18.87 8.25
CA SER B 44 -5.32 19.82 8.26
C SER B 44 -4.01 19.18 7.79
N GLU B 45 -3.60 18.07 8.41
CA GLU B 45 -2.33 17.39 8.10
C GLU B 45 -2.43 16.42 6.91
N LEU B 46 -3.63 15.96 6.58
CA LEU B 46 -3.97 15.35 5.28
C LEU B 46 -3.58 16.30 4.12
N ARG B 47 -4.05 17.55 4.11
CA ARG B 47 -3.68 18.50 3.05
C ARG B 47 -2.27 19.08 3.17
N ASP B 48 -1.59 18.88 4.31
CA ASP B 48 -0.13 19.06 4.38
C ASP B 48 0.63 17.92 3.67
N LEU B 49 0.45 16.64 4.04
CA LEU B 49 1.26 15.56 3.45
C LEU B 49 0.98 15.33 1.96
N VAL B 50 -0.22 15.62 1.46
CA VAL B 50 -0.52 15.40 0.04
C VAL B 50 0.25 16.38 -0.85
N THR B 51 0.33 17.66 -0.52
CA THR B 51 1.18 18.61 -1.28
C THR B 51 2.67 18.47 -0.97
N GLN B 52 3.03 18.16 0.29
CA GLN B 52 4.42 18.04 0.70
C GLN B 52 5.09 16.73 0.27
N GLN B 53 4.34 15.63 0.05
CA GLN B 53 4.89 14.32 -0.32
C GLN B 53 4.31 13.68 -1.61
N LEU B 54 3.10 14.02 -2.08
CA LEU B 54 2.47 13.43 -3.29
C LEU B 54 2.27 14.42 -4.48
N PRO B 55 3.28 15.19 -4.93
CA PRO B 55 3.12 16.13 -6.05
C PRO B 55 3.00 15.42 -7.41
N HIS B 56 3.51 14.19 -7.59
CA HIS B 56 3.42 13.43 -8.83
C HIS B 56 2.14 12.59 -8.92
N LEU B 57 1.82 11.86 -7.84
CA LEU B 57 0.95 10.67 -7.89
C LEU B 57 -0.56 10.94 -7.74
N MET B 58 -0.98 11.89 -6.90
CA MET B 58 -2.37 12.39 -6.89
C MET B 58 -2.41 13.90 -6.59
N PRO B 59 -2.10 14.74 -7.60
CA PRO B 59 -1.72 16.14 -7.41
C PRO B 59 -2.86 17.06 -6.97
N SER B 60 -2.44 18.23 -6.47
CA SER B 60 -3.27 19.38 -6.11
C SER B 60 -4.03 20.03 -7.28
N ASN B 61 -3.79 19.63 -8.54
CA ASN B 61 -4.44 20.21 -9.73
C ASN B 61 -5.97 20.20 -9.63
N CYS B 62 -6.55 19.10 -9.14
CA CYS B 62 -8.00 18.92 -8.94
C CYS B 62 -8.52 19.63 -7.66
N GLY B 63 -7.66 20.31 -6.92
CA GLY B 63 -7.84 20.72 -5.53
C GLY B 63 -7.69 19.51 -4.59
N LEU B 64 -6.63 19.46 -3.78
CA LEU B 64 -6.47 18.37 -2.80
C LEU B 64 -7.56 18.37 -1.72
N GLU B 65 -8.31 19.45 -1.55
CA GLU B 65 -9.58 19.49 -0.81
C GLU B 65 -10.64 18.47 -1.30
N GLU B 66 -10.58 17.99 -2.55
CA GLU B 66 -11.48 16.93 -3.04
C GLU B 66 -11.33 15.65 -2.22
N LYS B 67 -10.14 15.43 -1.66
CA LYS B 67 -9.76 14.27 -0.85
C LYS B 67 -10.46 14.31 0.52
N ILE B 68 -10.59 15.49 1.11
CA ILE B 68 -11.32 15.77 2.35
C ILE B 68 -12.85 15.74 2.13
N ALA B 69 -13.30 16.11 0.92
CA ALA B 69 -14.69 15.97 0.50
C ALA B 69 -15.10 14.52 0.17
N ASN B 70 -14.15 13.63 -0.17
CA ASN B 70 -14.40 12.21 -0.47
C ASN B 70 -14.48 11.36 0.82
N LEU B 71 -13.57 11.58 1.77
CA LEU B 71 -13.54 10.87 3.06
C LEU B 71 -14.68 11.26 4.03
N GLY B 72 -15.47 12.28 3.69
CA GLY B 72 -16.56 12.81 4.52
C GLY B 72 -17.57 11.75 5.03
N SER B 73 -17.86 10.70 4.27
CA SER B 73 -18.71 9.57 4.70
C SER B 73 -18.09 8.66 5.77
N CYS B 74 -16.81 8.84 6.12
CA CYS B 74 -16.10 8.12 7.18
C CYS B 74 -15.90 8.99 8.46
N ASN B 75 -16.46 10.21 8.49
CA ASN B 75 -16.16 11.22 9.52
C ASN B 75 -16.55 10.79 10.96
N ASP B 76 -17.70 10.14 11.17
CA ASP B 76 -18.11 9.61 12.48
C ASP B 76 -17.43 8.26 12.83
N SER B 77 -16.87 7.57 11.84
CA SER B 77 -15.99 6.40 12.03
C SER B 77 -14.53 6.79 12.37
N LYS B 78 -14.23 8.11 12.30
CA LYS B 78 -12.91 8.74 12.47
C LYS B 78 -11.90 8.37 11.37
N LEU B 79 -10.90 9.23 11.13
CA LEU B 79 -9.88 9.06 10.08
C LEU B 79 -8.79 8.05 10.49
N GLU B 80 -9.18 6.82 10.79
CA GLU B 80 -8.26 5.72 11.15
C GLU B 80 -7.42 5.26 9.93
N PHE B 81 -6.46 4.35 10.12
CA PHE B 81 -5.58 3.89 9.04
C PHE B 81 -6.36 3.28 7.85
N ARG B 82 -7.50 2.62 8.08
CA ARG B 82 -8.38 2.12 7.00
C ARG B 82 -9.01 3.24 6.15
N SER B 83 -9.07 4.49 6.61
CA SER B 83 -9.39 5.66 5.77
C SER B 83 -8.16 6.12 4.98
N PHE B 84 -7.00 6.26 5.64
CA PHE B 84 -5.71 6.59 4.97
C PHE B 84 -5.41 5.62 3.81
N TRP B 85 -5.54 4.31 4.06
CA TRP B 85 -5.30 3.20 3.14
C TRP B 85 -6.30 3.11 1.99
N GLU B 86 -7.58 3.49 2.17
CA GLU B 86 -8.53 3.61 1.06
C GLU B 86 -8.24 4.84 0.18
N LEU B 87 -7.57 5.88 0.70
CA LEU B 87 -7.04 6.97 -0.11
C LEU B 87 -5.68 6.69 -0.76
N ILE B 88 -4.88 5.76 -0.23
CA ILE B 88 -3.82 5.13 -1.05
C ILE B 88 -4.45 4.31 -2.18
N GLY B 89 -5.59 3.67 -1.91
CA GLY B 89 -6.45 3.06 -2.93
C GLY B 89 -6.87 4.05 -4.03
N GLU B 90 -7.11 5.33 -3.70
CA GLU B 90 -7.36 6.41 -4.65
C GLU B 90 -6.08 6.86 -5.38
N ALA B 91 -4.92 6.94 -4.70
CA ALA B 91 -3.62 7.10 -5.37
C ALA B 91 -3.37 5.99 -6.43
N ALA B 92 -3.76 4.74 -6.14
CA ALA B 92 -3.71 3.62 -7.09
C ALA B 92 -4.79 3.67 -8.20
N LYS B 93 -5.70 4.66 -8.22
CA LYS B 93 -6.50 4.97 -9.42
C LYS B 93 -5.72 5.85 -10.43
N SER B 94 -4.53 6.37 -10.08
CA SER B 94 -3.60 7.02 -11.02
C SER B 94 -2.67 6.04 -11.74
N VAL B 95 -2.38 4.87 -11.17
CA VAL B 95 -1.34 3.94 -11.63
C VAL B 95 -1.76 2.47 -11.46
N LYS B 96 -1.69 1.67 -12.53
CA LYS B 96 -2.32 0.35 -12.66
C LYS B 96 -1.51 -0.65 -13.52
N LEU B 97 -2.04 -1.88 -13.55
CA LEU B 97 -1.53 -3.04 -14.30
C LEU B 97 -1.23 -2.75 -15.77
N GLU B 98 -0.45 -3.65 -16.38
CA GLU B 98 0.09 -3.61 -17.76
C GLU B 98 -0.94 -3.55 -18.91
N ARG B 99 -2.24 -3.54 -18.58
CA ARG B 99 -3.39 -3.80 -19.45
C ARG B 99 -4.59 -2.91 -19.08
N PRO B 100 -5.62 -2.79 -19.94
CA PRO B 100 -6.96 -2.45 -19.46
C PRO B 100 -7.44 -3.45 -18.39
N VAL B 101 -8.26 -2.98 -17.44
CA VAL B 101 -8.76 -3.81 -16.34
C VAL B 101 -10.10 -4.47 -16.71
N ARG B 102 -10.24 -5.76 -16.43
CA ARG B 102 -11.45 -6.56 -16.75
C ARG B 102 -12.61 -6.21 -15.83
N GLY B 103 -12.35 -6.05 -14.53
CA GLY B 103 -13.39 -5.82 -13.53
C GLY B 103 -14.01 -4.42 -13.57
N HIS B 104 -15.28 -4.35 -13.19
CA HIS B 104 -16.04 -3.10 -12.98
C HIS B 104 -16.12 -2.77 -11.50
N MET A 1 -5.03 12.41 -30.80
CA MET A 1 -5.05 10.97 -31.13
C MET A 1 -3.71 10.52 -31.71
N GLY A 2 -2.76 10.17 -30.85
CA GLY A 2 -1.45 9.63 -31.24
C GLY A 2 -0.74 8.76 -30.20
N GLN A 3 -1.39 8.42 -29.08
CA GLN A 3 -0.76 7.68 -27.98
C GLN A 3 -0.40 6.24 -28.38
N CYS A 4 0.89 5.94 -28.41
CA CYS A 4 1.45 4.60 -28.63
C CYS A 4 2.86 4.51 -28.00
N ARG A 5 3.23 3.34 -27.48
CA ARG A 5 4.56 3.06 -26.88
C ARG A 5 4.93 4.07 -25.78
N SER A 6 3.97 4.39 -24.93
CA SER A 6 4.07 5.39 -23.86
C SER A 6 4.62 4.81 -22.55
N ALA A 7 5.47 5.57 -21.87
CA ALA A 7 6.03 5.24 -20.56
C ALA A 7 6.13 6.49 -19.65
N ASN A 8 6.00 6.27 -18.34
CA ASN A 8 5.92 7.34 -17.33
C ASN A 8 6.36 6.81 -15.95
N ALA A 9 7.36 7.43 -15.33
CA ALA A 9 7.96 7.10 -14.04
C ALA A 9 8.68 5.74 -13.95
N GLU A 10 8.03 4.63 -14.34
CA GLU A 10 8.54 3.26 -14.52
C GLU A 10 9.25 2.64 -13.29
N ASP A 11 10.49 3.06 -13.03
CA ASP A 11 11.26 2.73 -11.81
C ASP A 11 10.90 3.64 -10.61
N ALA A 12 10.19 4.75 -10.88
CA ALA A 12 9.76 5.83 -9.97
C ALA A 12 10.92 6.54 -9.23
N GLN A 13 11.50 7.57 -9.84
CA GLN A 13 12.73 8.23 -9.37
C GLN A 13 12.70 9.78 -9.38
N GLU A 14 11.54 10.39 -9.58
CA GLU A 14 11.29 11.83 -9.37
C GLU A 14 10.35 12.07 -8.16
N PHE A 15 9.59 11.03 -7.83
CA PHE A 15 8.63 11.00 -6.73
C PHE A 15 9.31 11.07 -5.35
N SER A 16 8.60 11.56 -4.34
CA SER A 16 9.08 11.61 -2.94
C SER A 16 9.06 10.22 -2.29
N ASP A 17 9.70 10.03 -1.12
CA ASP A 17 9.99 8.68 -0.58
C ASP A 17 8.77 7.80 -0.34
N VAL A 18 7.65 8.38 0.10
CA VAL A 18 6.35 7.70 0.27
C VAL A 18 5.65 7.46 -1.07
N GLU A 19 5.85 8.34 -2.03
CA GLU A 19 5.21 8.35 -3.35
C GLU A 19 5.86 7.31 -4.28
N ARG A 20 7.19 7.20 -4.27
CA ARG A 20 7.93 6.09 -4.91
C ARG A 20 7.79 4.77 -4.16
N ALA A 21 7.52 4.77 -2.85
CA ALA A 21 7.25 3.54 -2.09
C ALA A 21 5.99 2.81 -2.60
N ILE A 22 4.89 3.54 -2.81
CA ILE A 22 3.60 2.96 -3.26
C ILE A 22 3.79 2.30 -4.63
N GLU A 23 4.49 2.96 -5.54
CA GLU A 23 4.81 2.41 -6.86
C GLU A 23 5.74 1.20 -6.79
N THR A 24 6.79 1.31 -5.98
CA THR A 24 7.82 0.26 -5.85
C THR A 24 7.24 -1.08 -5.39
N LEU A 25 6.21 -1.07 -4.53
CA LEU A 25 5.46 -2.28 -4.18
C LEU A 25 4.32 -2.65 -5.15
N ILE A 26 3.65 -1.66 -5.75
CA ILE A 26 2.66 -1.89 -6.82
C ILE A 26 3.28 -2.60 -8.03
N LYS A 27 4.46 -2.16 -8.48
CA LYS A 27 5.26 -2.80 -9.53
C LYS A 27 5.63 -4.25 -9.20
N ASN A 28 5.69 -4.65 -7.93
CA ASN A 28 5.96 -6.05 -7.57
C ASN A 28 4.83 -7.02 -7.97
N PHE A 29 3.59 -6.57 -8.19
CA PHE A 29 2.55 -7.36 -8.87
C PHE A 29 2.91 -7.60 -10.33
N HIS A 30 3.19 -6.52 -11.08
CA HIS A 30 3.46 -6.55 -12.52
C HIS A 30 4.78 -7.26 -12.88
N GLN A 31 5.77 -7.26 -11.99
CA GLN A 31 7.02 -8.04 -12.13
C GLN A 31 6.82 -9.55 -11.85
N TYR A 32 5.70 -9.97 -11.24
CA TYR A 32 5.45 -11.36 -10.86
C TYR A 32 4.37 -12.10 -11.65
N SER A 33 3.43 -11.43 -12.31
CA SER A 33 2.25 -12.00 -13.00
C SER A 33 2.53 -12.78 -14.30
N VAL A 34 3.54 -13.65 -14.30
CA VAL A 34 3.99 -14.46 -15.45
C VAL A 34 3.41 -15.90 -15.49
N GLU A 35 2.82 -16.42 -14.41
CA GLU A 35 2.22 -17.77 -14.39
C GLU A 35 0.74 -17.71 -14.83
N GLY A 36 0.00 -16.69 -14.38
CA GLY A 36 -1.34 -16.32 -14.84
C GLY A 36 -1.35 -15.28 -15.96
N GLY A 37 -2.45 -14.54 -16.11
CA GLY A 37 -2.54 -13.37 -16.98
C GLY A 37 -1.79 -12.14 -16.43
N LYS A 38 -1.26 -11.29 -17.32
CA LYS A 38 -0.35 -10.18 -16.96
C LYS A 38 -0.93 -9.15 -15.99
N GLU A 39 -2.26 -9.06 -15.88
CA GLU A 39 -2.98 -8.16 -14.96
C GLU A 39 -3.56 -8.87 -13.72
N THR A 40 -3.06 -10.07 -13.40
CA THR A 40 -3.64 -11.00 -12.42
C THR A 40 -2.57 -11.73 -11.63
N LEU A 41 -2.93 -12.37 -10.50
CA LEU A 41 -2.14 -13.46 -9.92
C LEU A 41 -2.85 -14.80 -10.11
N THR A 42 -2.09 -15.89 -10.01
CA THR A 42 -2.52 -17.21 -9.57
C THR A 42 -2.15 -17.44 -8.09
N PRO A 43 -2.86 -18.29 -7.33
CA PRO A 43 -2.37 -18.75 -6.03
C PRO A 43 -1.01 -19.46 -6.11
N SER A 44 -0.69 -20.06 -7.26
CA SER A 44 0.63 -20.62 -7.58
C SER A 44 1.76 -19.60 -7.41
N GLU A 45 1.62 -18.42 -8.04
CA GLU A 45 2.66 -17.37 -7.94
C GLU A 45 2.54 -16.51 -6.67
N LEU A 46 1.36 -16.48 -6.02
CA LEU A 46 1.22 -16.05 -4.62
C LEU A 46 2.17 -16.85 -3.70
N ARG A 47 2.16 -18.18 -3.82
CA ARG A 47 3.07 -19.07 -3.06
C ARG A 47 4.53 -18.79 -3.39
N ASP A 48 4.84 -18.60 -4.68
CA ASP A 48 6.19 -18.38 -5.21
C ASP A 48 6.81 -17.01 -4.86
N LEU A 49 6.04 -15.91 -4.77
CA LEU A 49 6.59 -14.63 -4.28
C LEU A 49 6.64 -14.55 -2.75
N VAL A 50 5.75 -15.23 -2.01
CA VAL A 50 5.75 -15.15 -0.53
C VAL A 50 6.91 -15.92 0.09
N THR A 51 7.19 -17.14 -0.38
CA THR A 51 8.33 -17.96 0.09
C THR A 51 9.70 -17.32 -0.21
N GLN A 52 9.74 -16.41 -1.20
CA GLN A 52 10.92 -15.65 -1.59
C GLN A 52 11.02 -14.28 -0.90
N GLN A 53 10.03 -13.39 -1.10
CA GLN A 53 10.15 -11.95 -0.84
C GLN A 53 9.54 -11.44 0.48
N LEU A 54 8.83 -12.27 1.25
CA LEU A 54 8.36 -11.95 2.61
C LEU A 54 9.05 -12.83 3.69
N PRO A 55 10.39 -12.93 3.74
CA PRO A 55 11.09 -13.87 4.62
C PRO A 55 10.97 -13.51 6.12
N HIS A 56 10.77 -12.23 6.45
CA HIS A 56 10.50 -11.79 7.82
C HIS A 56 9.00 -11.83 8.15
N LEU A 57 8.14 -11.44 7.20
CA LEU A 57 6.71 -11.14 7.38
C LEU A 57 5.79 -12.39 7.31
N MET A 58 6.10 -13.34 6.43
CA MET A 58 5.30 -14.56 6.20
C MET A 58 6.17 -15.82 6.07
N PRO A 59 6.77 -16.31 7.17
CA PRO A 59 7.46 -17.60 7.19
C PRO A 59 6.49 -18.80 7.06
N SER A 60 7.04 -19.94 6.66
CA SER A 60 6.35 -21.22 6.53
C SER A 60 5.69 -21.71 7.83
N ASN A 61 6.15 -21.25 9.01
CA ASN A 61 5.53 -21.52 10.32
C ASN A 61 4.09 -20.99 10.44
N CYS A 62 3.69 -20.00 9.63
CA CYS A 62 2.29 -19.55 9.54
C CYS A 62 1.44 -20.42 8.60
N GLY A 63 2.09 -21.24 7.77
CA GLY A 63 1.55 -21.80 6.53
C GLY A 63 1.34 -20.68 5.50
N LEU A 64 2.21 -20.56 4.51
CA LEU A 64 2.04 -19.55 3.45
C LEU A 64 0.95 -19.94 2.44
N GLU A 65 0.59 -21.22 2.38
CA GLU A 65 -0.66 -21.70 1.75
C GLU A 65 -1.96 -21.25 2.46
N GLU A 66 -1.91 -20.70 3.68
CA GLU A 66 -3.08 -20.06 4.30
C GLU A 66 -3.51 -18.83 3.49
N LYS A 67 -2.56 -18.07 2.94
CA LYS A 67 -2.85 -16.93 2.07
C LYS A 67 -3.46 -17.34 0.72
N ILE A 68 -3.23 -18.58 0.30
CA ILE A 68 -3.92 -19.24 -0.83
C ILE A 68 -5.34 -19.68 -0.42
N ALA A 69 -5.51 -20.22 0.78
CA ALA A 69 -6.80 -20.66 1.33
C ALA A 69 -7.78 -19.50 1.64
N ASN A 70 -7.26 -18.34 2.05
CA ASN A 70 -8.04 -17.22 2.57
C ASN A 70 -8.81 -16.44 1.49
N LEU A 71 -8.18 -16.12 0.37
CA LEU A 71 -8.65 -15.05 -0.54
C LEU A 71 -9.92 -15.34 -1.36
N GLY A 72 -10.33 -16.61 -1.46
CA GLY A 72 -11.48 -17.04 -2.26
C GLY A 72 -11.10 -17.21 -3.73
N SER A 73 -10.28 -18.22 -4.02
CA SER A 73 -9.68 -18.48 -5.34
C SER A 73 -10.69 -18.80 -6.47
N CYS A 74 -11.96 -19.05 -6.14
CA CYS A 74 -13.00 -19.44 -7.10
C CYS A 74 -13.85 -18.24 -7.65
N ASN A 75 -13.33 -17.00 -7.57
CA ASN A 75 -14.01 -15.78 -7.99
C ASN A 75 -14.32 -15.72 -9.51
N ASP A 76 -15.47 -15.15 -9.90
CA ASP A 76 -15.91 -15.09 -11.30
C ASP A 76 -15.02 -14.18 -12.18
N SER A 77 -14.39 -13.15 -11.62
CA SER A 77 -13.44 -12.26 -12.29
C SER A 77 -11.97 -12.54 -11.93
N LYS A 78 -11.69 -13.67 -11.25
CA LYS A 78 -10.34 -14.11 -10.83
C LYS A 78 -9.63 -13.08 -9.92
N LEU A 79 -8.30 -13.12 -9.83
CA LEU A 79 -7.50 -12.10 -9.12
C LEU A 79 -7.20 -10.91 -10.03
N GLU A 80 -7.23 -9.71 -9.46
CA GLU A 80 -6.86 -8.45 -10.12
C GLU A 80 -5.85 -7.67 -9.29
N PHE A 81 -5.38 -6.55 -9.85
CA PHE A 81 -4.60 -5.52 -9.17
C PHE A 81 -5.14 -5.18 -7.76
N ARG A 82 -6.45 -4.92 -7.64
CA ARG A 82 -7.09 -4.61 -6.35
C ARG A 82 -7.11 -5.81 -5.39
N SER A 83 -7.16 -7.04 -5.91
CA SER A 83 -7.12 -8.27 -5.10
C SER A 83 -5.72 -8.52 -4.50
N PHE A 84 -4.64 -8.16 -5.20
CA PHE A 84 -3.27 -8.19 -4.64
C PHE A 84 -3.12 -7.12 -3.55
N TRP A 85 -3.52 -5.88 -3.84
CA TRP A 85 -3.56 -4.75 -2.90
C TRP A 85 -4.38 -5.04 -1.63
N GLU A 86 -5.44 -5.86 -1.73
CA GLU A 86 -6.26 -6.29 -0.60
C GLU A 86 -5.56 -7.27 0.36
N LEU A 87 -4.52 -7.98 -0.09
CA LEU A 87 -3.62 -8.71 0.81
C LEU A 87 -2.50 -7.83 1.37
N ILE A 88 -2.11 -6.72 0.71
CA ILE A 88 -1.12 -5.77 1.25
C ILE A 88 -1.69 -5.02 2.47
N GLY A 89 -2.95 -4.59 2.40
CA GLY A 89 -3.65 -4.00 3.56
C GLY A 89 -3.73 -4.95 4.76
N GLU A 90 -3.69 -6.26 4.51
CA GLU A 90 -3.60 -7.32 5.51
C GLU A 90 -2.15 -7.65 5.94
N ALA A 91 -1.13 -7.50 5.08
CA ALA A 91 0.27 -7.50 5.52
C ALA A 91 0.52 -6.35 6.53
N ALA A 92 -0.13 -5.20 6.31
CA ALA A 92 -0.19 -4.08 7.26
C ALA A 92 -1.06 -4.34 8.51
N LYS A 93 -1.72 -5.49 8.63
CA LYS A 93 -2.27 -6.00 9.90
C LYS A 93 -1.28 -6.90 10.65
N SER A 94 -0.22 -7.39 10.00
CA SER A 94 0.87 -8.13 10.63
C SER A 94 1.99 -7.23 11.17
N VAL A 95 2.17 -6.01 10.64
CA VAL A 95 3.10 -5.00 11.18
C VAL A 95 2.62 -3.56 10.95
N LYS A 96 2.76 -2.72 11.98
CA LYS A 96 2.52 -1.26 11.97
C LYS A 96 3.52 -0.53 12.88
N LEU A 97 3.41 0.80 12.97
CA LEU A 97 3.83 1.57 14.15
C LEU A 97 3.01 1.10 15.38
N GLU A 98 3.68 0.76 16.48
CA GLU A 98 3.01 0.29 17.71
C GLU A 98 2.16 1.39 18.37
N ARG A 99 0.87 1.12 18.61
CA ARG A 99 -0.09 2.04 19.26
C ARG A 99 -0.87 1.32 20.37
N PRO A 100 -0.70 1.66 21.66
CA PRO A 100 -1.44 1.10 22.80
C PRO A 100 -2.94 1.47 22.88
N VAL A 101 -3.65 1.57 21.75
CA VAL A 101 -5.07 1.97 21.71
C VAL A 101 -5.98 0.88 22.26
N ARG A 102 -6.94 1.23 23.10
CA ARG A 102 -7.91 0.31 23.72
C ARG A 102 -9.08 -0.03 22.78
N GLY A 103 -8.77 -0.59 21.61
CA GLY A 103 -9.74 -1.20 20.68
C GLY A 103 -10.64 -0.24 19.87
N HIS A 104 -10.34 1.07 19.86
CA HIS A 104 -11.14 2.16 19.27
C HIS A 104 -12.60 2.14 19.76
N MET B 1 9.81 -9.53 29.95
CA MET B 1 9.04 -10.02 28.79
C MET B 1 9.61 -9.40 27.52
N GLY B 2 9.41 -10.04 26.36
CA GLY B 2 9.68 -9.46 25.04
C GLY B 2 11.13 -9.03 24.82
N GLN B 3 11.33 -7.81 24.31
CA GLN B 3 12.64 -7.27 23.93
C GLN B 3 13.03 -5.97 24.69
N CYS B 4 14.33 -5.70 24.74
CA CYS B 4 14.95 -4.49 25.29
C CYS B 4 14.82 -3.26 24.35
N ARG B 5 13.60 -3.00 23.86
CA ARG B 5 13.27 -1.99 22.83
C ARG B 5 14.20 -2.06 21.59
N SER B 6 14.52 -3.28 21.15
CA SER B 6 15.52 -3.52 20.10
C SER B 6 15.14 -2.92 18.75
N ALA B 7 16.16 -2.42 18.05
CA ALA B 7 16.03 -1.60 16.85
C ALA B 7 15.66 -2.39 15.56
N ASN B 8 15.22 -3.65 15.69
CA ASN B 8 14.70 -4.42 14.56
C ASN B 8 13.46 -3.74 13.96
N ALA B 9 13.32 -3.81 12.64
CA ALA B 9 12.35 -3.06 11.84
C ALA B 9 12.52 -1.53 11.95
N GLU B 10 11.92 -0.89 12.96
CA GLU B 10 11.85 0.58 13.22
C GLU B 10 11.54 1.44 11.99
N ASP B 11 12.55 1.78 11.21
CA ASP B 11 12.50 2.59 9.97
C ASP B 11 12.37 1.75 8.68
N ALA B 12 12.33 0.42 8.81
CA ALA B 12 12.26 -0.59 7.76
C ALA B 12 13.37 -0.49 6.69
N GLN B 13 14.52 -1.09 6.99
CA GLN B 13 15.69 -1.19 6.11
C GLN B 13 16.29 -2.61 6.05
N GLU B 14 16.09 -3.45 7.08
CA GLU B 14 16.60 -4.84 7.15
C GLU B 14 15.77 -5.88 6.36
N PHE B 15 14.56 -5.48 5.97
CA PHE B 15 13.59 -6.24 5.19
C PHE B 15 13.90 -6.25 3.67
N SER B 16 13.31 -7.17 2.92
CA SER B 16 13.40 -7.17 1.44
C SER B 16 12.85 -5.87 0.82
N ASP B 17 13.21 -5.53 -0.42
CA ASP B 17 12.87 -4.21 -0.98
C ASP B 17 11.36 -3.96 -1.18
N VAL B 18 10.56 -5.03 -1.35
CA VAL B 18 9.08 -4.97 -1.33
C VAL B 18 8.52 -5.02 0.10
N GLU B 19 9.15 -5.80 0.99
CA GLU B 19 8.74 -6.00 2.38
C GLU B 19 8.96 -4.74 3.23
N ARG B 20 10.02 -3.96 2.95
CA ARG B 20 10.24 -2.63 3.55
C ARG B 20 9.35 -1.53 2.95
N ALA B 21 8.89 -1.68 1.71
CA ALA B 21 8.13 -0.65 1.00
C ALA B 21 6.83 -0.27 1.72
N ILE B 22 6.08 -1.29 2.20
CA ILE B 22 4.75 -1.14 2.80
C ILE B 22 4.84 -0.41 4.15
N GLU B 23 5.89 -0.70 4.92
CA GLU B 23 6.22 0.02 6.16
C GLU B 23 6.68 1.46 5.89
N THR B 24 7.60 1.61 4.95
CA THR B 24 8.29 2.88 4.64
C THR B 24 7.30 3.99 4.28
N LEU B 25 6.24 3.61 3.57
CA LEU B 25 5.18 4.52 3.17
C LEU B 25 4.18 4.81 4.31
N ILE B 26 3.83 3.81 5.12
CA ILE B 26 2.80 3.98 6.16
C ILE B 26 3.35 4.66 7.42
N LYS B 27 4.65 4.51 7.73
CA LYS B 27 5.36 5.35 8.71
C LYS B 27 5.18 6.85 8.44
N ASN B 28 5.12 7.21 7.17
CA ASN B 28 4.87 8.58 6.71
C ASN B 28 3.41 9.07 6.85
N PHE B 29 2.44 8.16 7.07
CA PHE B 29 1.14 8.53 7.64
C PHE B 29 1.25 8.87 9.14
N HIS B 30 1.78 7.95 9.96
CA HIS B 30 1.77 8.11 11.43
C HIS B 30 2.46 9.37 11.92
N GLN B 31 3.55 9.80 11.28
CA GLN B 31 4.23 11.06 11.63
C GLN B 31 3.34 12.32 11.59
N TYR B 32 2.27 12.36 10.80
CA TYR B 32 1.51 13.59 10.52
C TYR B 32 0.29 13.86 11.41
N SER B 33 -0.21 12.87 12.15
CA SER B 33 -1.45 12.96 12.93
C SER B 33 -1.25 13.65 14.29
N VAL B 34 -0.98 14.96 14.27
CA VAL B 34 -0.80 15.78 15.48
C VAL B 34 -2.09 16.45 15.97
N GLU B 35 -3.10 16.60 15.09
CA GLU B 35 -4.45 17.00 15.51
C GLU B 35 -5.32 15.79 15.91
N GLY B 36 -5.16 14.67 15.20
CA GLY B 36 -5.69 13.37 15.61
C GLY B 36 -4.87 12.69 16.73
N GLY B 37 -5.10 11.38 16.89
CA GLY B 37 -4.14 10.44 17.47
C GLY B 37 -3.41 9.66 16.38
N LYS B 38 -2.22 9.11 16.64
CA LYS B 38 -1.36 8.46 15.62
C LYS B 38 -1.80 7.05 15.17
N GLU B 39 -3.01 6.62 15.54
CA GLU B 39 -3.76 5.52 14.90
C GLU B 39 -4.90 6.03 13.98
N THR B 40 -4.95 7.35 13.74
CA THR B 40 -6.01 8.09 13.05
C THR B 40 -5.40 9.25 12.21
N LEU B 41 -6.23 10.12 11.64
CA LEU B 41 -5.84 11.29 10.84
C LEU B 41 -6.86 12.43 11.14
N THR B 42 -6.69 13.63 10.58
CA THR B 42 -7.78 14.63 10.47
C THR B 42 -7.80 15.26 9.07
N PRO B 43 -8.97 15.66 8.52
CA PRO B 43 -9.05 16.23 7.17
C PRO B 43 -8.15 17.46 6.94
N SER B 44 -8.00 18.34 7.94
CA SER B 44 -7.16 19.55 7.79
C SER B 44 -5.66 19.23 7.74
N GLU B 45 -5.18 18.15 8.36
CA GLU B 45 -3.80 17.66 8.20
C GLU B 45 -3.62 16.68 7.03
N LEU B 46 -4.71 16.06 6.54
CA LEU B 46 -4.76 15.28 5.31
C LEU B 46 -4.24 16.09 4.10
N ARG B 47 -4.71 17.33 3.92
CA ARG B 47 -4.22 18.21 2.84
C ARG B 47 -2.74 18.57 2.99
N ASP B 48 -2.22 18.63 4.21
CA ASP B 48 -0.79 18.91 4.48
C ASP B 48 0.11 17.76 4.02
N LEU B 49 -0.10 16.53 4.49
CA LEU B 49 0.78 15.42 4.10
C LEU B 49 0.63 15.03 2.63
N VAL B 50 -0.51 15.32 2.00
CA VAL B 50 -0.66 15.17 0.55
C VAL B 50 0.17 16.23 -0.18
N THR B 51 0.01 17.52 0.12
CA THR B 51 0.68 18.59 -0.64
C THR B 51 2.19 18.65 -0.40
N GLN B 52 2.68 18.10 0.73
CA GLN B 52 4.10 17.96 1.03
C GLN B 52 4.71 16.67 0.44
N GLN B 53 4.04 15.51 0.58
CA GLN B 53 4.65 14.20 0.28
C GLN B 53 4.10 13.46 -0.96
N LEU B 54 2.96 13.89 -1.53
CA LEU B 54 2.39 13.36 -2.79
C LEU B 54 2.29 14.47 -3.88
N PRO B 55 3.39 15.17 -4.22
CA PRO B 55 3.35 16.30 -5.15
C PRO B 55 3.01 15.90 -6.60
N HIS B 56 3.35 14.69 -7.04
CA HIS B 56 3.03 14.18 -8.37
C HIS B 56 1.66 13.50 -8.45
N LEU B 57 1.27 12.75 -7.42
CA LEU B 57 0.08 11.90 -7.45
C LEU B 57 -1.24 12.67 -7.38
N MET B 58 -1.39 13.58 -6.41
CA MET B 58 -2.59 14.42 -6.26
C MET B 58 -2.22 15.90 -6.00
N PRO B 59 -1.77 16.63 -7.05
CA PRO B 59 -1.62 18.08 -7.01
C PRO B 59 -2.96 18.82 -7.15
N SER B 60 -2.89 20.15 -7.05
CA SER B 60 -4.01 21.10 -7.14
C SER B 60 -4.91 20.95 -8.38
N ASN B 61 -4.40 20.42 -9.51
CA ASN B 61 -5.18 20.06 -10.70
C ASN B 61 -6.28 19.01 -10.39
N CYS B 62 -5.96 17.97 -9.62
CA CYS B 62 -6.92 16.96 -9.19
C CYS B 62 -7.89 17.50 -8.11
N GLY B 63 -7.52 18.60 -7.47
CA GLY B 63 -7.97 18.95 -6.13
C GLY B 63 -7.34 18.03 -5.08
N LEU B 64 -6.79 18.61 -4.03
CA LEU B 64 -6.26 17.87 -2.86
C LEU B 64 -7.17 17.99 -1.63
N GLU B 65 -8.11 18.94 -1.64
CA GLU B 65 -9.32 18.89 -0.82
C GLU B 65 -10.36 17.86 -1.31
N GLU B 66 -10.23 17.33 -2.53
CA GLU B 66 -11.01 16.19 -3.03
C GLU B 66 -10.85 14.94 -2.13
N LYS B 67 -9.70 14.80 -1.46
CA LYS B 67 -9.43 13.79 -0.42
C LYS B 67 -10.27 14.01 0.84
N ILE B 68 -10.49 15.27 1.23
CA ILE B 68 -11.39 15.68 2.33
C ILE B 68 -12.87 15.52 1.91
N ALA B 69 -13.17 15.71 0.63
CA ALA B 69 -14.51 15.48 0.07
C ALA B 69 -14.90 13.99 0.10
N ASN B 70 -13.95 13.05 -0.02
CA ASN B 70 -14.21 11.62 0.13
C ASN B 70 -14.69 11.19 1.53
N LEU B 71 -13.95 11.54 2.58
CA LEU B 71 -14.14 11.04 3.96
C LEU B 71 -14.91 11.96 4.93
N GLY B 72 -15.13 13.22 4.53
CA GLY B 72 -16.02 14.18 5.21
C GLY B 72 -15.30 15.21 6.10
N SER B 73 -15.85 16.43 6.17
CA SER B 73 -15.25 17.60 6.86
C SER B 73 -15.30 17.54 8.40
N CYS B 74 -16.07 16.62 8.98
CA CYS B 74 -16.23 16.45 10.44
C CYS B 74 -16.58 14.99 10.76
N ASN B 75 -15.95 14.43 11.81
CA ASN B 75 -16.09 13.02 12.20
C ASN B 75 -15.95 12.84 13.72
N ASP B 76 -17.08 12.62 14.40
CA ASP B 76 -17.15 12.43 15.86
C ASP B 76 -16.66 11.03 16.29
N SER B 77 -16.75 10.02 15.43
CA SER B 77 -16.26 8.65 15.70
C SER B 77 -14.74 8.51 15.53
N LYS B 78 -14.05 9.59 15.12
CA LYS B 78 -12.62 9.69 14.76
C LYS B 78 -12.25 8.82 13.55
N LEU B 79 -11.16 9.19 12.87
CA LEU B 79 -10.66 8.52 11.66
C LEU B 79 -9.86 7.25 12.03
N GLU B 80 -9.34 6.54 11.02
CA GLU B 80 -8.53 5.34 11.19
C GLU B 80 -7.31 5.33 10.25
N PHE B 81 -6.26 4.62 10.66
CA PHE B 81 -5.17 4.12 9.82
C PHE B 81 -5.69 3.57 8.48
N ARG B 82 -6.69 2.69 8.53
CA ARG B 82 -7.27 2.07 7.33
C ARG B 82 -8.02 3.08 6.44
N SER B 83 -8.56 4.17 7.00
CA SER B 83 -9.19 5.23 6.21
C SER B 83 -8.18 5.97 5.33
N PHE B 84 -6.98 6.27 5.83
CA PHE B 84 -5.89 6.83 5.01
C PHE B 84 -5.39 5.80 3.99
N TRP B 85 -5.27 4.52 4.36
CA TRP B 85 -4.87 3.43 3.45
C TRP B 85 -5.80 3.30 2.23
N GLU B 86 -7.12 3.38 2.40
CA GLU B 86 -8.09 3.43 1.27
C GLU B 86 -7.88 4.62 0.32
N LEU B 87 -7.30 5.71 0.83
CA LEU B 87 -6.98 6.93 0.08
C LEU B 87 -5.61 6.87 -0.61
N ILE B 88 -4.71 5.98 -0.16
CA ILE B 88 -3.61 5.45 -0.98
C ILE B 88 -4.17 4.49 -2.05
N GLY B 89 -5.21 3.73 -1.73
CA GLY B 89 -5.94 2.90 -2.71
C GLY B 89 -6.47 3.71 -3.91
N GLU B 90 -6.79 5.00 -3.72
CA GLU B 90 -7.08 5.94 -4.80
C GLU B 90 -5.81 6.36 -5.57
N ALA B 91 -4.67 6.59 -4.90
CA ALA B 91 -3.37 6.81 -5.58
C ALA B 91 -3.02 5.64 -6.51
N ALA B 92 -3.26 4.40 -6.09
CA ALA B 92 -3.05 3.21 -6.93
C ALA B 92 -4.09 3.04 -8.06
N LYS B 93 -5.13 3.87 -8.14
CA LYS B 93 -5.94 4.00 -9.38
C LYS B 93 -5.26 4.96 -10.37
N SER B 94 -4.61 6.03 -9.88
CA SER B 94 -3.98 7.06 -10.72
C SER B 94 -2.55 6.75 -11.19
N VAL B 95 -1.84 5.77 -10.61
CA VAL B 95 -0.52 5.31 -11.11
C VAL B 95 -0.49 3.79 -11.34
N LYS B 96 -0.64 3.38 -12.60
CA LYS B 96 -0.86 2.00 -13.02
C LYS B 96 -0.20 1.66 -14.37
N LEU B 97 -0.09 0.36 -14.63
CA LEU B 97 0.03 -0.19 -15.98
C LEU B 97 -1.35 -0.13 -16.67
N GLU B 98 -1.39 0.20 -17.97
CA GLU B 98 -2.62 0.54 -18.70
C GLU B 98 -3.40 -0.72 -19.17
N ARG B 99 -3.83 -1.55 -18.20
CA ARG B 99 -4.57 -2.81 -18.38
C ARG B 99 -6.07 -2.66 -18.03
N PRO B 100 -6.98 -3.35 -18.74
CA PRO B 100 -8.42 -3.30 -18.48
C PRO B 100 -8.82 -3.95 -17.14
N VAL B 101 -9.98 -3.55 -16.62
CA VAL B 101 -10.53 -3.99 -15.32
C VAL B 101 -11.90 -4.67 -15.49
N ARG B 102 -12.10 -5.79 -14.78
CA ARG B 102 -13.22 -6.75 -14.95
C ARG B 102 -13.81 -7.29 -13.64
N GLY B 103 -13.09 -7.21 -12.52
CA GLY B 103 -13.60 -7.45 -11.15
C GLY B 103 -13.92 -6.15 -10.40
N HIS B 104 -13.35 -5.04 -10.88
CA HIS B 104 -13.53 -3.65 -10.44
C HIS B 104 -13.07 -3.43 -8.99
N MET A 1 -8.60 1.04 -31.82
CA MET A 1 -7.75 1.19 -30.64
C MET A 1 -6.82 0.00 -30.47
N GLY A 2 -5.51 0.24 -30.59
CA GLY A 2 -4.46 -0.72 -30.29
C GLY A 2 -4.01 -0.67 -28.82
N GLN A 3 -2.74 -0.93 -28.56
CA GLN A 3 -2.14 -0.96 -27.23
C GLN A 3 -0.69 -0.41 -27.25
N CYS A 4 -0.39 0.56 -26.40
CA CYS A 4 0.96 1.11 -26.22
C CYS A 4 1.14 1.72 -24.82
N ARG A 5 2.17 1.31 -24.08
CA ARG A 5 2.43 1.70 -22.68
C ARG A 5 2.94 3.14 -22.54
N SER A 6 2.87 3.70 -21.34
CA SER A 6 3.65 4.89 -20.96
C SER A 6 4.66 4.55 -19.86
N ALA A 7 5.92 4.90 -20.06
CA ALA A 7 7.01 4.72 -19.09
C ALA A 7 7.02 5.81 -18.00
N ASN A 8 5.84 6.19 -17.48
CA ASN A 8 5.68 7.27 -16.49
C ASN A 8 6.21 6.89 -15.08
N ALA A 9 6.15 5.61 -14.69
CA ALA A 9 6.51 5.13 -13.35
C ALA A 9 7.14 3.72 -13.39
N GLU A 10 8.18 3.54 -14.21
CA GLU A 10 8.97 2.29 -14.29
C GLU A 10 10.33 2.38 -13.61
N ASP A 11 10.92 3.57 -13.65
CA ASP A 11 12.12 3.98 -12.88
C ASP A 11 11.77 4.17 -11.40
N ALA A 12 10.69 4.92 -11.14
CA ALA A 12 10.07 5.15 -9.83
C ALA A 12 11.07 5.48 -8.69
N GLN A 13 11.93 6.48 -8.93
CA GLN A 13 13.01 6.92 -8.03
C GLN A 13 13.08 8.44 -7.82
N GLU A 14 12.60 9.25 -8.78
CA GLU A 14 12.59 10.73 -8.69
C GLU A 14 11.43 11.28 -7.85
N PHE A 15 10.44 10.41 -7.57
CA PHE A 15 9.28 10.64 -6.72
C PHE A 15 9.65 10.79 -5.24
N SER A 16 8.76 11.36 -4.44
CA SER A 16 8.89 11.50 -2.98
C SER A 16 9.04 10.12 -2.31
N ASP A 17 9.66 10.04 -1.13
CA ASP A 17 10.05 8.74 -0.55
C ASP A 17 8.84 7.83 -0.24
N VAL A 18 7.65 8.40 0.02
CA VAL A 18 6.36 7.70 0.19
C VAL A 18 5.65 7.43 -1.14
N GLU A 19 5.92 8.26 -2.15
CA GLU A 19 5.25 8.30 -3.46
C GLU A 19 5.80 7.25 -4.42
N ARG A 20 7.11 6.99 -4.38
CA ARG A 20 7.70 5.76 -4.95
C ARG A 20 7.51 4.51 -4.09
N ALA A 21 7.21 4.65 -2.80
CA ALA A 21 6.86 3.49 -1.97
C ALA A 21 5.56 2.82 -2.43
N ILE A 22 4.48 3.57 -2.70
CA ILE A 22 3.21 3.01 -3.23
C ILE A 22 3.49 2.26 -4.55
N GLU A 23 4.34 2.84 -5.39
CA GLU A 23 4.73 2.26 -6.67
C GLU A 23 5.57 1.00 -6.51
N THR A 24 6.40 0.95 -5.47
CA THR A 24 7.30 -0.19 -5.24
C THR A 24 6.51 -1.46 -4.92
N LEU A 25 5.34 -1.36 -4.28
CA LEU A 25 4.41 -2.50 -4.20
C LEU A 25 3.46 -2.65 -5.40
N ILE A 26 3.04 -1.56 -6.08
CA ILE A 26 2.22 -1.69 -7.30
C ILE A 26 3.00 -2.43 -8.40
N LYS A 27 4.27 -2.06 -8.64
CA LYS A 27 5.18 -2.69 -9.59
C LYS A 27 5.53 -4.14 -9.23
N ASN A 28 5.45 -4.56 -7.96
CA ASN A 28 5.68 -5.96 -7.61
C ASN A 28 4.63 -6.91 -8.24
N PHE A 29 3.38 -6.46 -8.42
CA PHE A 29 2.36 -7.18 -9.19
C PHE A 29 2.68 -7.26 -10.69
N HIS A 30 3.37 -6.25 -11.26
CA HIS A 30 3.84 -6.28 -12.65
C HIS A 30 4.96 -7.30 -12.83
N GLN A 31 5.99 -7.26 -11.97
CA GLN A 31 7.17 -8.10 -12.14
C GLN A 31 6.97 -9.57 -11.73
N TYR A 32 6.09 -9.87 -10.76
CA TYR A 32 5.85 -11.26 -10.34
C TYR A 32 4.75 -12.02 -11.09
N SER A 33 3.88 -11.38 -11.87
CA SER A 33 2.76 -12.03 -12.59
C SER A 33 3.18 -12.86 -13.82
N VAL A 34 4.15 -13.78 -13.66
CA VAL A 34 4.82 -14.55 -14.73
C VAL A 34 4.22 -15.92 -15.06
N GLU A 35 3.45 -16.54 -14.17
CA GLU A 35 3.12 -17.98 -14.31
C GLU A 35 1.76 -18.23 -14.97
N GLY A 36 0.82 -17.28 -14.85
CA GLY A 36 -0.46 -17.25 -15.57
C GLY A 36 -1.06 -15.85 -15.57
N GLY A 37 -0.19 -14.83 -15.61
CA GLY A 37 -0.49 -13.46 -15.25
C GLY A 37 -0.37 -12.46 -16.42
N LYS A 38 0.36 -11.36 -16.17
CA LYS A 38 0.40 -10.11 -16.96
C LYS A 38 -0.95 -9.40 -17.16
N GLU A 39 -1.97 -9.85 -16.44
CA GLU A 39 -3.22 -9.13 -16.13
C GLU A 39 -3.66 -9.41 -14.68
N THR A 40 -3.40 -10.63 -14.19
CA THR A 40 -3.70 -11.15 -12.84
C THR A 40 -2.46 -11.79 -12.18
N LEU A 41 -2.57 -12.24 -10.93
CA LEU A 41 -1.68 -13.26 -10.33
C LEU A 41 -2.27 -14.68 -10.52
N THR A 42 -1.48 -15.72 -10.21
CA THR A 42 -1.97 -17.04 -9.80
C THR A 42 -1.36 -17.41 -8.43
N PRO A 43 -1.83 -18.46 -7.75
CA PRO A 43 -1.22 -18.98 -6.53
C PRO A 43 0.29 -19.31 -6.63
N SER A 44 0.79 -19.63 -7.83
CA SER A 44 2.18 -20.04 -8.03
C SER A 44 3.18 -18.89 -7.87
N GLU A 45 2.90 -17.72 -8.44
CA GLU A 45 3.69 -16.51 -8.16
C GLU A 45 3.35 -15.88 -6.80
N LEU A 46 2.15 -16.15 -6.24
CA LEU A 46 1.85 -15.82 -4.84
C LEU A 46 2.85 -16.54 -3.90
N ARG A 47 3.12 -17.84 -4.12
CA ARG A 47 4.17 -18.56 -3.37
C ARG A 47 5.58 -18.03 -3.69
N ASP A 48 5.88 -17.66 -4.94
CA ASP A 48 7.23 -17.25 -5.37
C ASP A 48 7.65 -15.85 -4.90
N LEU A 49 6.73 -14.87 -4.80
CA LEU A 49 7.06 -13.55 -4.23
C LEU A 49 7.06 -13.54 -2.71
N VAL A 50 6.16 -14.27 -2.05
CA VAL A 50 6.05 -14.25 -0.58
C VAL A 50 7.28 -14.85 0.09
N THR A 51 7.77 -15.99 -0.41
CA THR A 51 8.94 -16.70 0.15
C THR A 51 10.22 -15.83 0.14
N GLN A 52 10.37 -15.03 -0.91
CA GLN A 52 11.55 -14.25 -1.22
C GLN A 52 11.47 -12.77 -0.80
N GLN A 53 10.25 -12.20 -0.70
CA GLN A 53 10.05 -10.76 -0.48
C GLN A 53 9.15 -10.39 0.70
N LEU A 54 8.53 -11.35 1.42
CA LEU A 54 7.90 -11.13 2.74
C LEU A 54 8.50 -12.03 3.86
N PRO A 55 9.84 -12.10 4.05
CA PRO A 55 10.44 -13.03 5.01
C PRO A 55 10.18 -12.69 6.49
N HIS A 56 9.91 -11.43 6.82
CA HIS A 56 9.49 -10.98 8.15
C HIS A 56 7.96 -11.03 8.33
N LEU A 57 7.21 -10.69 7.28
CA LEU A 57 5.74 -10.56 7.31
C LEU A 57 4.99 -11.90 7.21
N MET A 58 5.46 -12.79 6.32
CA MET A 58 4.86 -14.07 5.96
C MET A 58 5.95 -15.15 5.78
N PRO A 59 6.63 -15.57 6.86
CA PRO A 59 7.67 -16.59 6.80
C PRO A 59 7.14 -17.99 6.42
N SER A 60 8.00 -18.79 5.79
CA SER A 60 7.78 -20.21 5.50
C SER A 60 7.33 -21.02 6.73
N ASN A 61 7.76 -20.65 7.93
CA ASN A 61 7.33 -21.26 9.20
C ASN A 61 5.80 -21.29 9.38
N CYS A 62 5.06 -20.26 8.94
CA CYS A 62 3.59 -20.23 8.99
C CYS A 62 2.90 -21.04 7.87
N GLY A 63 3.63 -21.42 6.82
CA GLY A 63 3.11 -22.05 5.61
C GLY A 63 2.45 -21.02 4.69
N LEU A 64 3.16 -20.55 3.66
CA LEU A 64 2.67 -19.48 2.78
C LEU A 64 1.51 -19.90 1.85
N GLU A 65 1.28 -21.21 1.69
CA GLU A 65 0.01 -21.80 1.26
C GLU A 65 -1.24 -21.34 2.01
N GLU A 66 -1.13 -20.82 3.24
CA GLU A 66 -2.28 -20.29 4.00
C GLU A 66 -2.93 -19.09 3.27
N LYS A 67 -2.12 -18.32 2.54
CA LYS A 67 -2.55 -17.19 1.71
C LYS A 67 -3.17 -17.61 0.38
N ILE A 68 -2.88 -18.84 -0.07
CA ILE A 68 -3.51 -19.48 -1.23
C ILE A 68 -4.86 -20.10 -0.84
N ALA A 69 -5.04 -20.50 0.43
CA ALA A 69 -6.30 -21.00 0.97
C ALA A 69 -7.35 -19.89 1.17
N ASN A 70 -6.96 -18.74 1.73
CA ASN A 70 -7.89 -17.67 2.15
C ASN A 70 -8.61 -16.95 0.99
N LEU A 71 -8.04 -16.97 -0.22
CA LEU A 71 -8.64 -16.38 -1.43
C LEU A 71 -9.48 -17.37 -2.27
N GLY A 72 -9.36 -18.67 -1.99
CA GLY A 72 -9.84 -19.76 -2.84
C GLY A 72 -11.32 -19.67 -3.24
N SER A 73 -12.21 -19.37 -2.28
CA SER A 73 -13.66 -19.26 -2.53
C SER A 73 -14.11 -17.92 -3.16
N CYS A 74 -13.17 -17.12 -3.69
CA CYS A 74 -13.44 -15.93 -4.50
C CYS A 74 -12.53 -15.80 -5.76
N ASN A 75 -11.38 -16.49 -5.81
CA ASN A 75 -10.43 -16.42 -6.94
C ASN A 75 -9.74 -17.78 -7.21
N ASP A 76 -9.54 -18.12 -8.49
CA ASP A 76 -8.64 -19.20 -8.95
C ASP A 76 -7.62 -18.75 -10.02
N SER A 77 -8.05 -17.88 -10.94
CA SER A 77 -7.22 -17.31 -12.02
C SER A 77 -7.45 -15.81 -12.21
N LYS A 78 -8.63 -15.29 -11.84
CA LYS A 78 -9.00 -13.87 -11.88
C LYS A 78 -8.57 -13.14 -10.60
N LEU A 79 -7.27 -13.16 -10.30
CA LEU A 79 -6.66 -12.42 -9.18
C LEU A 79 -6.16 -11.06 -9.69
N GLU A 80 -7.05 -10.08 -9.81
CA GLU A 80 -6.70 -8.73 -10.25
C GLU A 80 -5.99 -7.95 -9.13
N PHE A 81 -5.52 -6.72 -9.39
CA PHE A 81 -4.82 -5.94 -8.37
C PHE A 81 -5.65 -5.73 -7.09
N ARG A 82 -6.99 -5.67 -7.16
CA ARG A 82 -7.82 -5.65 -5.94
C ARG A 82 -7.64 -6.91 -5.08
N SER A 83 -7.51 -8.11 -5.66
CA SER A 83 -7.21 -9.34 -4.89
C SER A 83 -5.80 -9.33 -4.29
N PHE A 84 -4.79 -8.81 -5.02
CA PHE A 84 -3.44 -8.57 -4.48
C PHE A 84 -3.50 -7.62 -3.27
N TRP A 85 -4.23 -6.52 -3.40
CA TRP A 85 -4.38 -5.43 -2.44
C TRP A 85 -5.19 -5.79 -1.18
N GLU A 86 -6.24 -6.59 -1.32
CA GLU A 86 -6.96 -7.21 -0.19
C GLU A 86 -6.00 -8.02 0.71
N LEU A 87 -5.00 -8.66 0.10
CA LEU A 87 -4.00 -9.47 0.80
C LEU A 87 -2.94 -8.62 1.53
N ILE A 88 -2.52 -7.50 0.93
CA ILE A 88 -1.73 -6.47 1.63
C ILE A 88 -2.53 -5.92 2.83
N GLY A 89 -3.85 -5.81 2.67
CA GLY A 89 -4.77 -5.44 3.75
C GLY A 89 -4.70 -6.34 5.00
N GLU A 90 -4.26 -7.61 4.86
CA GLU A 90 -3.94 -8.49 5.98
C GLU A 90 -2.48 -8.34 6.45
N ALA A 91 -1.49 -8.03 5.58
CA ALA A 91 -0.16 -7.60 6.05
C ALA A 91 -0.27 -6.37 6.99
N ALA A 92 -1.13 -5.42 6.65
CA ALA A 92 -1.49 -4.27 7.49
C ALA A 92 -2.28 -4.61 8.77
N LYS A 93 -2.58 -5.89 9.05
CA LYS A 93 -3.08 -6.36 10.36
C LYS A 93 -1.97 -6.86 11.30
N SER A 94 -0.73 -6.97 10.84
CA SER A 94 0.45 -7.26 11.69
C SER A 94 1.17 -6.03 12.25
N VAL A 95 0.88 -4.81 11.74
CA VAL A 95 1.56 -3.57 12.13
C VAL A 95 0.62 -2.37 12.08
N LYS A 96 0.28 -1.80 13.25
CA LYS A 96 -0.71 -0.70 13.41
C LYS A 96 -0.37 0.29 14.53
N LEU A 97 -1.42 0.99 15.01
CA LEU A 97 -1.44 2.18 15.85
C LEU A 97 -0.64 2.11 17.17
N GLU A 98 -0.20 3.27 17.65
CA GLU A 98 0.64 3.46 18.85
C GLU A 98 -0.12 3.28 20.20
N ARG A 99 -1.43 2.99 20.15
CA ARG A 99 -2.27 2.72 21.33
C ARG A 99 -1.69 1.57 22.19
N PRO A 100 -1.74 1.63 23.54
CA PRO A 100 -1.16 0.61 24.41
C PRO A 100 -1.86 -0.75 24.29
N VAL A 101 -1.09 -1.79 23.92
CA VAL A 101 -1.56 -3.15 23.57
C VAL A 101 -0.52 -4.19 23.99
N ARG A 102 -0.97 -5.33 24.53
CA ARG A 102 -0.14 -6.50 24.92
C ARG A 102 -0.41 -7.75 24.08
N GLY A 103 -1.61 -7.84 23.48
CA GLY A 103 -2.05 -8.94 22.61
C GLY A 103 -1.54 -8.90 21.16
N HIS A 104 -2.05 -9.83 20.33
CA HIS A 104 -1.64 -10.04 18.93
C HIS A 104 -2.77 -10.61 18.05
N MET B 1 -0.54 -1.90 30.74
CA MET B 1 0.10 -2.08 29.42
C MET B 1 0.85 -0.81 29.04
N GLY B 2 2.10 -0.96 28.62
CA GLY B 2 3.03 0.15 28.39
C GLY B 2 2.97 0.80 27.00
N GLN B 3 3.88 1.75 26.78
CA GLN B 3 4.14 2.45 25.52
C GLN B 3 5.62 2.31 25.13
N CYS B 4 5.91 2.05 23.85
CA CYS B 4 7.27 1.99 23.31
C CYS B 4 7.70 3.37 22.74
N ARG B 5 9.00 3.69 22.81
CA ARG B 5 9.64 4.84 22.14
C ARG B 5 10.97 4.50 21.44
N SER B 6 11.57 3.34 21.71
CA SER B 6 12.78 2.82 21.05
C SER B 6 12.52 2.51 19.57
N ALA B 7 13.53 2.73 18.71
CA ALA B 7 13.43 2.54 17.26
C ALA B 7 14.21 1.30 16.76
N ASN B 8 13.64 0.63 15.75
CA ASN B 8 14.24 -0.48 15.00
C ASN B 8 13.80 -0.48 13.52
N ALA B 9 12.52 -0.23 13.28
CA ALA B 9 11.84 -0.33 11.98
C ALA B 9 11.21 1.02 11.53
N GLU B 10 11.51 2.14 12.19
CA GLU B 10 10.93 3.46 11.88
C GLU B 10 11.35 4.02 10.50
N ASP B 11 12.33 3.40 9.85
CA ASP B 11 12.74 3.66 8.46
C ASP B 11 12.69 2.39 7.57
N ALA B 12 12.29 1.24 8.15
CA ALA B 12 12.13 -0.07 7.51
C ALA B 12 13.33 -0.54 6.67
N GLN B 13 14.40 -1.03 7.32
CA GLN B 13 15.73 -1.17 6.71
C GLN B 13 16.30 -2.61 6.65
N GLU B 14 15.77 -3.57 7.41
CA GLU B 14 16.11 -5.00 7.25
C GLU B 14 15.21 -5.72 6.23
N PHE B 15 14.05 -5.13 5.97
CA PHE B 15 12.95 -5.76 5.23
C PHE B 15 13.22 -5.83 3.71
N SER B 16 12.60 -6.80 3.05
CA SER B 16 12.70 -6.97 1.59
C SER B 16 11.90 -5.88 0.85
N ASP B 17 12.15 -5.66 -0.45
CA ASP B 17 11.81 -4.40 -1.14
C ASP B 17 10.32 -4.02 -1.11
N VAL B 18 9.43 -5.01 -1.17
CA VAL B 18 7.96 -4.81 -1.13
C VAL B 18 7.44 -4.73 0.32
N GLU B 19 8.14 -5.38 1.25
CA GLU B 19 7.87 -5.44 2.68
C GLU B 19 8.24 -4.13 3.38
N ARG B 20 9.40 -3.53 3.04
CA ARG B 20 9.73 -2.15 3.42
C ARG B 20 8.79 -1.13 2.80
N ALA B 21 8.24 -1.39 1.60
CA ALA B 21 7.36 -0.45 0.92
C ALA B 21 6.05 -0.25 1.71
N ILE B 22 5.37 -1.34 2.08
CA ILE B 22 4.11 -1.33 2.84
C ILE B 22 4.33 -0.63 4.18
N GLU B 23 5.40 -0.96 4.91
CA GLU B 23 5.67 -0.24 6.17
C GLU B 23 6.07 1.22 5.97
N THR B 24 6.76 1.56 4.88
CA THR B 24 7.08 2.95 4.53
C THR B 24 5.82 3.81 4.33
N LEU B 25 4.70 3.24 3.85
CA LEU B 25 3.44 4.00 3.76
C LEU B 25 2.79 4.13 5.14
N ILE B 26 2.74 3.02 5.89
CA ILE B 26 2.16 2.96 7.23
C ILE B 26 2.89 3.94 8.17
N LYS B 27 4.22 3.87 8.26
CA LYS B 27 5.06 4.80 9.03
C LYS B 27 4.81 6.26 8.63
N ASN B 28 4.48 6.55 7.37
CA ASN B 28 4.14 7.91 6.96
C ASN B 28 2.81 8.43 7.52
N PHE B 29 1.81 7.57 7.79
CA PHE B 29 0.63 7.97 8.57
C PHE B 29 1.01 8.34 10.02
N HIS B 30 1.85 7.54 10.68
CA HIS B 30 2.33 7.85 12.04
C HIS B 30 3.11 9.17 12.10
N GLN B 31 4.06 9.35 11.18
CA GLN B 31 4.92 10.54 11.12
C GLN B 31 4.17 11.84 10.78
N TYR B 32 3.05 11.79 10.03
CA TYR B 32 2.25 12.97 9.67
C TYR B 32 1.06 13.27 10.57
N SER B 33 0.49 12.28 11.29
CA SER B 33 -0.70 12.45 12.15
C SER B 33 -0.44 13.20 13.48
N VAL B 34 0.51 14.13 13.45
CA VAL B 34 1.02 14.94 14.57
C VAL B 34 0.37 16.32 14.71
N GLU B 35 -0.53 16.73 13.80
CA GLU B 35 -1.27 18.01 13.89
C GLU B 35 -2.54 17.89 14.76
N GLY B 36 -3.05 16.66 14.93
CA GLY B 36 -4.05 16.29 15.92
C GLY B 36 -4.55 14.84 15.85
N GLY B 37 -4.20 14.11 14.78
CA GLY B 37 -4.81 12.83 14.44
C GLY B 37 -4.47 11.63 15.33
N LYS B 38 -3.21 11.18 15.32
CA LYS B 38 -2.59 9.95 15.89
C LYS B 38 -3.29 8.60 15.66
N GLU B 39 -4.56 8.45 16.02
CA GLU B 39 -5.44 7.36 15.60
C GLU B 39 -6.09 7.66 14.22
N THR B 40 -6.17 8.94 13.87
CA THR B 40 -6.72 9.46 12.61
C THR B 40 -5.72 10.36 11.86
N LEU B 41 -6.10 10.89 10.69
CA LEU B 41 -5.58 12.18 10.20
C LEU B 41 -6.56 13.32 10.60
N THR B 42 -6.15 14.57 10.41
CA THR B 42 -7.07 15.71 10.21
C THR B 42 -6.84 16.33 8.83
N PRO B 43 -7.77 17.12 8.27
CA PRO B 43 -7.56 17.93 7.07
C PRO B 43 -6.28 18.79 7.04
N SER B 44 -5.70 19.16 8.19
CA SER B 44 -4.44 19.93 8.25
C SER B 44 -3.24 19.10 7.80
N GLU B 45 -2.98 17.95 8.42
CA GLU B 45 -1.90 17.06 7.95
C GLU B 45 -2.24 16.35 6.63
N LEU B 46 -3.52 16.22 6.26
CA LEU B 46 -3.91 15.74 4.93
C LEU B 46 -3.42 16.72 3.84
N ARG B 47 -3.75 18.02 3.92
CA ARG B 47 -3.25 19.00 2.92
C ARG B 47 -1.73 19.11 2.95
N ASP B 48 -1.12 19.17 4.13
CA ASP B 48 0.34 19.27 4.27
C ASP B 48 1.07 18.05 3.67
N LEU B 49 0.66 16.81 3.94
CA LEU B 49 1.35 15.65 3.36
C LEU B 49 1.10 15.48 1.87
N VAL B 50 -0.04 15.93 1.34
CA VAL B 50 -0.29 15.84 -0.10
C VAL B 50 0.60 16.86 -0.85
N THR B 51 0.68 18.10 -0.36
CA THR B 51 1.43 19.17 -1.03
C THR B 51 2.95 18.99 -0.92
N GLN B 52 3.46 18.37 0.17
CA GLN B 52 4.87 17.96 0.28
C GLN B 52 5.19 16.61 -0.38
N GLN B 53 4.34 15.58 -0.26
CA GLN B 53 4.72 14.19 -0.55
C GLN B 53 4.00 13.51 -1.72
N LEU B 54 3.00 14.12 -2.37
CA LEU B 54 2.42 13.61 -3.62
C LEU B 54 2.52 14.63 -4.79
N PRO B 55 3.70 15.23 -5.08
CA PRO B 55 3.83 16.23 -6.14
C PRO B 55 3.57 15.71 -7.56
N HIS B 56 3.90 14.43 -7.83
CA HIS B 56 3.59 13.75 -9.09
C HIS B 56 2.19 13.13 -9.06
N LEU B 57 1.79 12.55 -7.93
CA LEU B 57 0.58 11.74 -7.80
C LEU B 57 -0.69 12.58 -7.59
N MET B 58 -0.62 13.63 -6.76
CA MET B 58 -1.72 14.55 -6.43
C MET B 58 -1.23 16.02 -6.35
N PRO B 59 -0.85 16.64 -7.49
CA PRO B 59 -0.70 18.08 -7.56
C PRO B 59 -2.03 18.83 -7.38
N SER B 60 -1.92 20.14 -7.19
CA SER B 60 -3.03 21.09 -7.03
C SER B 60 -4.03 21.09 -8.20
N ASN B 61 -3.69 20.52 -9.37
CA ASN B 61 -4.62 20.28 -10.48
C ASN B 61 -5.79 19.37 -10.09
N CYS B 62 -5.55 18.34 -9.29
CA CYS B 62 -6.61 17.40 -8.85
C CYS B 62 -7.59 18.02 -7.84
N GLY B 63 -7.22 19.14 -7.22
CA GLY B 63 -7.79 19.61 -5.97
C GLY B 63 -7.36 18.72 -4.80
N LEU B 64 -6.33 19.11 -4.05
CA LEU B 64 -5.94 18.38 -2.84
C LEU B 64 -6.97 18.57 -1.71
N GLU B 65 -7.72 19.68 -1.70
CA GLU B 65 -8.94 19.85 -0.90
C GLU B 65 -10.11 18.95 -1.31
N GLU B 66 -10.07 18.36 -2.52
CA GLU B 66 -11.12 17.47 -3.00
C GLU B 66 -11.02 16.08 -2.35
N LYS B 67 -9.84 15.70 -1.83
CA LYS B 67 -9.69 14.53 -0.97
C LYS B 67 -10.39 14.76 0.36
N ILE B 68 -10.16 15.93 0.99
CA ILE B 68 -10.85 16.38 2.22
C ILE B 68 -12.37 16.37 2.01
N ALA B 69 -12.85 16.80 0.83
CA ALA B 69 -14.26 16.80 0.46
C ALA B 69 -14.85 15.39 0.30
N ASN B 70 -14.14 14.45 -0.35
CA ASN B 70 -14.65 13.09 -0.60
C ASN B 70 -14.60 12.19 0.65
N LEU B 71 -13.66 12.38 1.58
CA LEU B 71 -13.75 11.70 2.88
C LEU B 71 -14.78 12.35 3.82
N GLY B 72 -15.04 13.66 3.67
CA GLY B 72 -16.15 14.35 4.34
C GLY B 72 -17.53 13.79 3.99
N SER B 73 -17.72 13.38 2.74
CA SER B 73 -18.93 12.67 2.30
C SER B 73 -19.19 11.35 3.08
N CYS B 74 -18.14 10.72 3.61
CA CYS B 74 -18.22 9.46 4.36
C CYS B 74 -18.24 9.66 5.90
N ASN B 75 -17.36 10.51 6.45
CA ASN B 75 -17.33 10.87 7.88
C ASN B 75 -16.67 12.25 8.14
N ASP B 76 -17.11 12.98 9.16
CA ASP B 76 -16.61 14.32 9.50
C ASP B 76 -15.17 14.34 10.07
N SER B 77 -14.83 13.46 11.02
CA SER B 77 -13.56 13.51 11.78
C SER B 77 -12.87 12.16 11.99
N LYS B 78 -13.53 11.01 11.78
CA LYS B 78 -12.94 9.66 11.92
C LYS B 78 -12.16 9.23 10.67
N LEU B 79 -11.09 9.96 10.34
CA LEU B 79 -10.14 9.62 9.28
C LEU B 79 -9.14 8.55 9.78
N GLU B 80 -9.60 7.35 10.12
CA GLU B 80 -8.78 6.31 10.79
C GLU B 80 -7.53 5.89 9.99
N PHE B 81 -6.61 5.19 10.66
CA PHE B 81 -5.51 4.42 10.06
C PHE B 81 -5.97 3.58 8.84
N ARG B 82 -7.07 2.82 8.97
CA ARG B 82 -7.72 2.09 7.87
C ARG B 82 -8.25 3.03 6.77
N SER B 83 -8.77 4.20 7.12
CA SER B 83 -9.30 5.20 6.17
C SER B 83 -8.19 5.88 5.34
N PHE B 84 -7.00 6.10 5.92
CA PHE B 84 -5.80 6.51 5.18
C PHE B 84 -5.44 5.46 4.11
N TRP B 85 -5.41 4.17 4.53
CA TRP B 85 -5.10 3.04 3.65
C TRP B 85 -6.09 2.91 2.48
N GLU B 86 -7.39 3.09 2.72
CA GLU B 86 -8.40 3.13 1.62
C GLU B 86 -8.11 4.22 0.58
N LEU B 87 -7.49 5.35 0.96
CA LEU B 87 -7.10 6.40 0.02
C LEU B 87 -5.80 6.09 -0.74
N ILE B 88 -4.91 5.26 -0.19
CA ILE B 88 -3.86 4.60 -0.97
C ILE B 88 -4.50 3.61 -1.96
N GLY B 89 -5.61 2.97 -1.58
CA GLY B 89 -6.47 2.21 -2.49
C GLY B 89 -7.05 3.05 -3.65
N GLU B 90 -7.18 4.38 -3.49
CA GLU B 90 -7.49 5.30 -4.57
C GLU B 90 -6.25 5.77 -5.34
N ALA B 91 -5.08 5.94 -4.70
CA ALA B 91 -3.80 6.07 -5.43
C ALA B 91 -3.52 4.83 -6.32
N ALA B 92 -3.98 3.64 -5.92
CA ALA B 92 -4.01 2.41 -6.75
C ALA B 92 -5.12 2.40 -7.85
N LYS B 93 -5.90 3.48 -7.99
CA LYS B 93 -6.67 3.80 -9.20
C LYS B 93 -5.91 4.80 -10.09
N SER B 94 -5.12 5.70 -9.49
CA SER B 94 -4.20 6.61 -10.21
C SER B 94 -3.09 5.86 -10.98
N VAL B 95 -2.71 4.66 -10.56
CA VAL B 95 -1.73 3.79 -11.26
C VAL B 95 -2.07 2.30 -11.10
N LYS B 96 -1.95 1.54 -12.20
CA LYS B 96 -2.27 0.10 -12.33
C LYS B 96 -1.32 -0.61 -13.33
N LEU B 97 -1.55 -1.91 -13.56
CA LEU B 97 -0.92 -2.67 -14.65
C LEU B 97 -1.46 -2.19 -16.02
N GLU B 98 -0.57 -2.02 -16.99
CA GLU B 98 -0.70 -1.14 -18.17
C GLU B 98 -1.60 -1.66 -19.31
N ARG B 99 -2.68 -2.38 -18.98
CA ARG B 99 -3.72 -2.80 -19.92
C ARG B 99 -4.39 -1.56 -20.58
N PRO B 100 -4.89 -1.65 -21.83
CA PRO B 100 -5.38 -0.49 -22.57
C PRO B 100 -6.62 0.18 -21.94
N VAL B 101 -6.69 1.50 -22.09
CA VAL B 101 -7.75 2.39 -21.58
C VAL B 101 -8.25 3.26 -22.74
N ARG B 102 -9.55 3.54 -22.83
CA ARG B 102 -10.16 4.28 -23.95
C ARG B 102 -9.61 5.70 -24.10
N GLY B 103 -9.63 6.47 -23.00
CA GLY B 103 -9.09 7.84 -22.96
C GLY B 103 -7.57 7.92 -22.74
N HIS B 104 -6.99 9.09 -23.05
CA HIS B 104 -5.57 9.42 -22.89
C HIS B 104 -5.33 10.90 -22.55
N MET A 1 7.16 -11.28 -24.83
CA MET A 1 6.34 -11.56 -26.04
C MET A 1 5.23 -10.51 -26.22
N GLY A 2 5.33 -9.71 -27.28
CA GLY A 2 4.28 -8.78 -27.73
C GLY A 2 4.17 -7.44 -26.98
N GLN A 3 5.13 -7.10 -26.11
CA GLN A 3 5.04 -5.97 -25.19
C GLN A 3 5.57 -4.63 -25.77
N CYS A 4 4.96 -3.52 -25.33
CA CYS A 4 5.54 -2.17 -25.37
C CYS A 4 6.55 -1.97 -24.22
N ARG A 5 7.43 -0.96 -24.31
CA ARG A 5 8.33 -0.59 -23.19
C ARG A 5 7.60 0.20 -22.10
N SER A 6 6.60 1.01 -22.48
CA SER A 6 5.62 1.65 -21.58
C SER A 6 6.22 2.36 -20.34
N ALA A 7 7.32 3.10 -20.53
CA ALA A 7 8.20 3.57 -19.45
C ALA A 7 7.51 4.44 -18.38
N ASN A 8 7.38 3.91 -17.16
CA ASN A 8 6.69 4.55 -16.04
C ASN A 8 7.47 4.37 -14.71
N ALA A 9 7.78 5.48 -14.04
CA ALA A 9 8.50 5.52 -12.75
C ALA A 9 9.78 4.66 -12.73
N GLU A 10 10.58 4.77 -13.80
CA GLU A 10 11.69 3.86 -14.11
C GLU A 10 12.94 4.08 -13.24
N ASP A 11 13.04 5.24 -12.60
CA ASP A 11 13.99 5.54 -11.51
C ASP A 11 13.25 5.74 -10.17
N ALA A 12 12.06 6.36 -10.21
CA ALA A 12 11.24 6.76 -9.07
C ALA A 12 11.94 7.65 -8.01
N GLN A 13 13.04 8.32 -8.37
CA GLN A 13 13.85 9.18 -7.51
C GLN A 13 13.44 10.66 -7.63
N GLU A 14 12.71 11.05 -8.68
CA GLU A 14 11.97 12.32 -8.74
C GLU A 14 10.83 12.36 -7.71
N PHE A 15 10.36 11.19 -7.28
CA PHE A 15 9.27 11.03 -6.31
C PHE A 15 9.77 11.14 -4.85
N SER A 16 8.87 11.47 -3.91
CA SER A 16 9.18 11.37 -2.47
C SER A 16 9.25 9.89 -2.00
N ASP A 17 9.89 9.60 -0.87
CA ASP A 17 10.05 8.22 -0.35
C ASP A 17 8.72 7.44 -0.24
N VAL A 18 7.64 8.11 0.19
CA VAL A 18 6.28 7.55 0.25
C VAL A 18 5.65 7.34 -1.14
N GLU A 19 5.93 8.25 -2.08
CA GLU A 19 5.39 8.22 -3.45
C GLU A 19 6.05 7.12 -4.28
N ARG A 20 7.35 6.86 -4.08
CA ARG A 20 8.02 5.66 -4.63
C ARG A 20 7.72 4.37 -3.87
N ALA A 21 7.34 4.42 -2.58
CA ALA A 21 6.93 3.22 -1.84
C ALA A 21 5.70 2.55 -2.45
N ILE A 22 4.62 3.32 -2.67
CA ILE A 22 3.35 2.87 -3.27
C ILE A 22 3.61 2.30 -4.66
N GLU A 23 4.44 2.96 -5.47
CA GLU A 23 4.89 2.48 -6.76
C GLU A 23 5.68 1.16 -6.71
N THR A 24 6.49 1.00 -5.67
CA THR A 24 7.27 -0.22 -5.42
C THR A 24 6.36 -1.39 -5.05
N LEU A 25 5.19 -1.14 -4.43
CA LEU A 25 4.19 -2.19 -4.21
C LEU A 25 3.53 -2.58 -5.55
N ILE A 26 3.19 -1.58 -6.36
CA ILE A 26 2.68 -1.73 -7.74
C ILE A 26 3.63 -2.60 -8.56
N LYS A 27 4.90 -2.19 -8.75
CA LYS A 27 5.90 -2.89 -9.56
C LYS A 27 6.05 -4.36 -9.21
N ASN A 28 5.97 -4.72 -7.91
CA ASN A 28 6.15 -6.10 -7.48
C ASN A 28 5.01 -7.06 -7.85
N PHE A 29 3.80 -6.56 -8.15
CA PHE A 29 2.76 -7.37 -8.80
C PHE A 29 3.19 -7.75 -10.22
N HIS A 30 3.43 -6.74 -11.07
CA HIS A 30 3.70 -6.93 -12.50
C HIS A 30 5.01 -7.68 -12.76
N GLN A 31 6.03 -7.50 -11.90
CA GLN A 31 7.29 -8.25 -11.97
C GLN A 31 7.13 -9.75 -11.67
N TYR A 32 6.11 -10.16 -10.89
CA TYR A 32 5.86 -11.57 -10.54
C TYR A 32 4.80 -12.28 -11.38
N SER A 33 3.81 -11.57 -11.96
CA SER A 33 2.83 -12.17 -12.88
C SER A 33 3.49 -12.74 -14.14
N VAL A 34 3.75 -14.06 -14.13
CA VAL A 34 4.29 -14.84 -15.26
C VAL A 34 3.22 -15.60 -16.04
N GLU A 35 2.22 -16.18 -15.36
CA GLU A 35 1.07 -16.83 -15.99
C GLU A 35 -0.14 -15.89 -16.04
N GLY A 36 -0.26 -14.98 -15.07
CA GLY A 36 -1.07 -13.76 -15.24
C GLY A 36 -0.46 -12.86 -16.33
N GLY A 37 -1.28 -12.26 -17.18
CA GLY A 37 -0.85 -11.44 -18.32
C GLY A 37 -0.33 -10.03 -17.96
N LYS A 38 0.28 -9.89 -16.78
CA LYS A 38 0.71 -8.64 -16.11
C LYS A 38 -0.39 -7.63 -15.76
N GLU A 39 -1.67 -7.91 -16.02
CA GLU A 39 -2.81 -7.21 -15.39
C GLU A 39 -3.55 -8.12 -14.38
N THR A 40 -3.28 -9.43 -14.40
CA THR A 40 -3.73 -10.41 -13.38
C THR A 40 -2.54 -11.10 -12.68
N LEU A 41 -2.84 -11.89 -11.65
CA LEU A 41 -1.92 -12.64 -10.77
C LEU A 41 -2.40 -14.10 -10.70
N THR A 42 -1.58 -15.10 -10.31
CA THR A 42 -2.06 -16.47 -10.03
C THR A 42 -1.48 -17.03 -8.71
N PRO A 43 -2.14 -18.01 -8.06
CA PRO A 43 -1.63 -18.72 -6.87
C PRO A 43 -0.17 -19.19 -6.94
N SER A 44 0.35 -19.55 -8.11
CA SER A 44 1.73 -20.05 -8.24
C SER A 44 2.78 -18.96 -7.99
N GLU A 45 2.68 -17.82 -8.67
CA GLU A 45 3.54 -16.66 -8.42
C GLU A 45 3.17 -15.87 -7.14
N LEU A 46 1.93 -15.97 -6.64
CA LEU A 46 1.53 -15.51 -5.31
C LEU A 46 2.34 -16.23 -4.23
N ARG A 47 2.34 -17.58 -4.24
CA ARG A 47 3.15 -18.38 -3.29
C ARG A 47 4.63 -18.03 -3.43
N ASP A 48 5.12 -17.92 -4.66
CA ASP A 48 6.54 -17.69 -4.92
C ASP A 48 7.02 -16.30 -4.47
N LEU A 49 6.28 -15.20 -4.74
CA LEU A 49 6.72 -13.89 -4.24
C LEU A 49 6.53 -13.73 -2.74
N VAL A 50 5.54 -14.37 -2.12
CA VAL A 50 5.37 -14.29 -0.67
C VAL A 50 6.52 -15.02 0.04
N THR A 51 6.91 -16.21 -0.45
CA THR A 51 8.00 -17.00 0.13
C THR A 51 9.41 -16.49 -0.24
N GLN A 52 9.56 -15.77 -1.35
CA GLN A 52 10.82 -15.08 -1.68
C GLN A 52 10.93 -13.66 -1.10
N GLN A 53 9.82 -12.91 -0.89
CA GLN A 53 9.88 -11.48 -0.58
C GLN A 53 9.14 -11.00 0.69
N LEU A 54 8.38 -11.84 1.41
CA LEU A 54 7.89 -11.51 2.77
C LEU A 54 8.41 -12.48 3.85
N PRO A 55 9.73 -12.78 3.91
CA PRO A 55 10.27 -13.80 4.82
C PRO A 55 10.25 -13.40 6.32
N HIS A 56 10.31 -12.11 6.61
CA HIS A 56 10.21 -11.55 7.97
C HIS A 56 8.77 -11.22 8.37
N LEU A 57 7.93 -10.84 7.40
CA LEU A 57 6.57 -10.32 7.61
C LEU A 57 5.48 -11.40 7.55
N MET A 58 5.48 -12.26 6.52
CA MET A 58 4.43 -13.23 6.23
C MET A 58 5.04 -14.62 5.92
N PRO A 59 5.64 -15.29 6.92
CA PRO A 59 6.39 -16.53 6.71
C PRO A 59 5.52 -17.75 6.41
N SER A 60 6.18 -18.78 5.88
CA SER A 60 5.65 -20.14 5.65
C SER A 60 5.10 -20.81 6.91
N ASN A 61 5.48 -20.35 8.12
CA ASN A 61 5.06 -20.92 9.41
C ASN A 61 3.52 -21.03 9.59
N CYS A 62 2.76 -20.06 9.09
CA CYS A 62 1.30 -20.03 9.21
C CYS A 62 0.57 -20.85 8.12
N GLY A 63 1.31 -21.50 7.22
CA GLY A 63 0.81 -22.02 5.94
C GLY A 63 0.40 -20.86 5.04
N LEU A 64 1.30 -20.41 4.17
CA LEU A 64 1.00 -19.31 3.23
C LEU A 64 -0.07 -19.70 2.20
N GLU A 65 -0.33 -21.00 1.98
CA GLU A 65 -1.52 -21.51 1.26
C GLU A 65 -2.87 -21.06 1.84
N GLU A 66 -2.94 -20.62 3.10
CA GLU A 66 -4.15 -20.09 3.71
C GLU A 66 -4.50 -18.71 3.12
N LYS A 67 -3.49 -17.98 2.63
CA LYS A 67 -3.68 -16.69 1.97
C LYS A 67 -4.32 -16.84 0.59
N ILE A 68 -3.99 -17.93 -0.12
CA ILE A 68 -4.68 -18.34 -1.36
C ILE A 68 -6.10 -18.85 -1.05
N ALA A 69 -6.30 -19.47 0.12
CA ALA A 69 -7.61 -19.87 0.62
C ALA A 69 -8.50 -18.66 1.04
N ASN A 70 -7.92 -17.51 1.41
CA ASN A 70 -8.67 -16.29 1.74
C ASN A 70 -9.20 -15.54 0.50
N LEU A 71 -8.46 -15.55 -0.62
CA LEU A 71 -8.62 -14.57 -1.71
C LEU A 71 -9.68 -14.89 -2.78
N GLY A 72 -10.23 -16.11 -2.79
CA GLY A 72 -11.04 -16.69 -3.88
C GLY A 72 -12.42 -16.07 -4.18
N SER A 73 -12.60 -14.75 -3.99
CA SER A 73 -13.88 -14.04 -4.16
C SER A 73 -14.17 -13.63 -5.62
N CYS A 74 -13.16 -13.26 -6.40
CA CYS A 74 -13.28 -12.91 -7.82
C CYS A 74 -13.31 -14.14 -8.75
N ASN A 75 -13.86 -14.00 -9.96
CA ASN A 75 -13.80 -15.01 -11.03
C ASN A 75 -13.76 -14.39 -12.45
N ASP A 76 -14.59 -13.39 -12.77
CA ASP A 76 -14.64 -12.82 -14.13
C ASP A 76 -13.43 -11.91 -14.45
N SER A 77 -12.94 -11.17 -13.46
CA SER A 77 -11.66 -10.45 -13.54
C SER A 77 -10.46 -11.31 -13.10
N LYS A 78 -10.71 -12.60 -12.80
CA LYS A 78 -9.79 -13.62 -12.25
C LYS A 78 -9.13 -13.21 -10.92
N LEU A 79 -8.05 -12.43 -11.02
CA LEU A 79 -7.31 -11.80 -9.92
C LEU A 79 -6.76 -10.46 -10.41
N GLU A 80 -6.83 -9.41 -9.59
CA GLU A 80 -6.32 -8.08 -9.92
C GLU A 80 -5.32 -7.57 -8.89
N PHE A 81 -4.70 -6.40 -9.16
CA PHE A 81 -3.91 -5.68 -8.18
C PHE A 81 -4.69 -5.44 -6.87
N ARG A 82 -6.02 -5.28 -6.92
CA ARG A 82 -6.88 -5.24 -5.72
C ARG A 82 -6.73 -6.46 -4.81
N SER A 83 -6.68 -7.66 -5.38
CA SER A 83 -6.59 -8.92 -4.63
C SER A 83 -5.19 -9.16 -4.06
N PHE A 84 -4.16 -8.61 -4.72
CA PHE A 84 -2.79 -8.48 -4.19
C PHE A 84 -2.72 -7.46 -3.05
N TRP A 85 -3.33 -6.28 -3.25
CA TRP A 85 -3.40 -5.16 -2.31
C TRP A 85 -4.13 -5.51 -1.00
N GLU A 86 -5.19 -6.32 -1.08
CA GLU A 86 -5.90 -6.84 0.09
C GLU A 86 -5.02 -7.76 0.97
N LEU A 87 -3.98 -8.40 0.42
CA LEU A 87 -2.96 -9.08 1.23
C LEU A 87 -2.04 -8.09 1.96
N ILE A 88 -1.76 -6.94 1.34
CA ILE A 88 -0.97 -5.86 1.95
C ILE A 88 -1.79 -5.17 3.06
N GLY A 89 -3.11 -5.04 2.88
CA GLY A 89 -4.05 -4.63 3.92
C GLY A 89 -4.09 -5.59 5.12
N GLU A 90 -3.75 -6.86 4.93
CA GLU A 90 -3.54 -7.83 6.00
C GLU A 90 -2.11 -7.81 6.57
N ALA A 91 -1.06 -7.57 5.76
CA ALA A 91 0.26 -7.19 6.28
C ALA A 91 0.18 -5.98 7.25
N ALA A 92 -0.67 -5.00 6.94
CA ALA A 92 -1.01 -3.84 7.78
C ALA A 92 -1.78 -4.16 9.10
N LYS A 93 -2.08 -5.45 9.37
CA LYS A 93 -2.50 -5.97 10.69
C LYS A 93 -1.33 -6.59 11.47
N SER A 94 -0.34 -7.15 10.78
CA SER A 94 0.90 -7.64 11.39
C SER A 94 1.83 -6.49 11.78
N VAL A 95 1.90 -5.41 10.97
CA VAL A 95 2.62 -4.17 11.26
C VAL A 95 1.73 -2.92 11.12
N LYS A 96 1.44 -2.28 12.25
CA LYS A 96 0.80 -0.97 12.42
C LYS A 96 1.64 -0.14 13.43
N LEU A 97 1.07 0.91 14.04
CA LEU A 97 1.70 1.64 15.14
C LEU A 97 2.16 0.70 16.27
N GLU A 98 3.33 0.95 16.87
CA GLU A 98 3.96 0.16 17.94
C GLU A 98 3.28 0.34 19.32
N ARG A 99 2.00 -0.02 19.40
CA ARG A 99 1.10 0.15 20.57
C ARG A 99 0.19 -1.07 20.78
N PRO A 100 -0.40 -1.21 21.99
CA PRO A 100 -1.52 -2.14 22.22
C PRO A 100 -2.72 -1.88 21.29
N VAL A 101 -3.61 -2.87 21.20
CA VAL A 101 -4.81 -2.87 20.35
C VAL A 101 -6.10 -2.79 21.20
N ARG A 102 -7.10 -2.02 20.74
CA ARG A 102 -8.39 -1.79 21.40
C ARG A 102 -9.53 -2.30 20.51
N GLY A 103 -9.56 -3.63 20.30
CA GLY A 103 -10.54 -4.30 19.45
C GLY A 103 -10.51 -3.82 17.99
N HIS A 104 -11.64 -3.97 17.28
CA HIS A 104 -11.83 -3.50 15.91
C HIS A 104 -11.84 -1.97 15.76
N MET B 1 2.81 10.89 31.58
CA MET B 1 3.97 9.99 31.70
C MET B 1 4.83 9.99 30.42
N GLY B 2 5.47 11.12 30.11
CA GLY B 2 6.32 11.27 28.92
C GLY B 2 5.54 11.06 27.61
N GLN B 3 6.05 10.21 26.71
CA GLN B 3 5.35 9.81 25.48
C GLN B 3 5.80 8.44 24.95
N CYS B 4 4.90 7.72 24.28
CA CYS B 4 5.16 6.41 23.67
C CYS B 4 5.99 6.54 22.36
N ARG B 5 7.00 5.68 22.21
CA ARG B 5 7.81 5.50 20.98
C ARG B 5 8.56 4.16 21.02
N SER B 6 8.63 3.43 19.91
CA SER B 6 9.49 2.25 19.74
C SER B 6 10.39 2.38 18.51
N ALA B 7 11.60 1.82 18.61
CA ALA B 7 12.56 1.72 17.52
C ALA B 7 12.11 0.82 16.35
N ASN B 8 11.09 -0.03 16.54
CA ASN B 8 10.65 -0.97 15.51
C ASN B 8 10.06 -0.25 14.28
N ALA B 9 10.37 -0.77 13.08
CA ALA B 9 10.04 -0.25 11.75
C ALA B 9 10.56 1.17 11.42
N GLU B 10 11.35 1.82 12.30
CA GLU B 10 11.93 3.16 12.06
C GLU B 10 13.07 3.17 11.04
N ASP B 11 13.71 2.02 10.82
CA ASP B 11 14.71 1.78 9.77
C ASP B 11 14.13 0.96 8.62
N ALA B 12 13.49 -0.18 8.92
CA ALA B 12 13.07 -1.20 7.96
C ALA B 12 14.18 -1.52 6.94
N GLN B 13 15.31 -2.05 7.41
CA GLN B 13 16.59 -2.11 6.69
C GLN B 13 17.14 -3.55 6.49
N GLU B 14 16.76 -4.54 7.33
CA GLU B 14 17.09 -5.97 7.14
C GLU B 14 16.16 -6.69 6.14
N PHE B 15 15.05 -6.05 5.78
CA PHE B 15 13.92 -6.59 5.01
C PHE B 15 14.09 -6.47 3.49
N SER B 16 13.34 -7.28 2.72
CA SER B 16 13.30 -7.21 1.26
C SER B 16 12.78 -5.85 0.77
N ASP B 17 13.14 -5.42 -0.45
CA ASP B 17 12.81 -4.06 -0.94
C ASP B 17 11.29 -3.77 -1.01
N VAL B 18 10.46 -4.80 -1.24
CA VAL B 18 8.98 -4.72 -1.21
C VAL B 18 8.44 -4.74 0.23
N GLU B 19 9.10 -5.48 1.11
CA GLU B 19 8.75 -5.70 2.52
C GLU B 19 8.99 -4.41 3.33
N ARG B 20 10.13 -3.75 3.10
CA ARG B 20 10.41 -2.41 3.64
C ARG B 20 9.63 -1.28 2.94
N ALA B 21 9.13 -1.49 1.73
CA ALA B 21 8.27 -0.49 1.07
C ALA B 21 6.95 -0.31 1.83
N ILE B 22 6.33 -1.40 2.30
CA ILE B 22 5.11 -1.37 3.12
C ILE B 22 5.42 -0.65 4.45
N GLU B 23 6.54 -0.99 5.10
CA GLU B 23 6.97 -0.38 6.36
C GLU B 23 7.49 1.07 6.22
N THR B 24 7.80 1.51 5.01
CA THR B 24 8.08 2.93 4.70
C THR B 24 6.78 3.74 4.65
N LEU B 25 5.76 3.20 3.97
CA LEU B 25 4.53 3.96 3.73
C LEU B 25 3.52 3.91 4.89
N ILE B 26 3.57 2.86 5.73
CA ILE B 26 2.80 2.79 6.99
C ILE B 26 3.24 3.91 7.95
N LYS B 27 4.56 4.10 8.17
CA LYS B 27 5.11 5.15 9.04
C LYS B 27 4.68 6.55 8.63
N ASN B 28 4.51 6.82 7.33
CA ASN B 28 4.19 8.15 6.85
C ASN B 28 2.84 8.71 7.32
N PHE B 29 1.89 7.86 7.75
CA PHE B 29 0.70 8.29 8.48
C PHE B 29 1.06 8.87 9.86
N HIS B 30 1.74 8.08 10.69
CA HIS B 30 2.08 8.42 12.08
C HIS B 30 3.09 9.58 12.18
N GLN B 31 3.96 9.72 11.18
CA GLN B 31 4.83 10.89 11.01
C GLN B 31 4.04 12.21 10.87
N TYR B 32 2.84 12.17 10.29
CA TYR B 32 2.12 13.37 9.83
C TYR B 32 1.07 13.94 10.76
N SER B 33 0.47 13.14 11.65
CA SER B 33 -0.56 13.59 12.57
C SER B 33 -0.01 14.50 13.67
N VAL B 34 -0.15 15.80 13.48
CA VAL B 34 0.22 16.86 14.45
C VAL B 34 -0.96 17.26 15.34
N GLU B 35 -2.16 17.40 14.78
CA GLU B 35 -3.40 17.67 15.52
C GLU B 35 -4.16 16.36 15.79
N GLY B 36 -4.03 15.36 14.92
CA GLY B 36 -4.46 13.98 15.19
C GLY B 36 -3.54 13.26 16.18
N GLY B 37 -4.09 12.36 16.99
CA GLY B 37 -3.38 11.70 18.10
C GLY B 37 -2.43 10.56 17.70
N LYS B 38 -1.83 10.62 16.49
CA LYS B 38 -0.93 9.66 15.80
C LYS B 38 -1.45 8.22 15.60
N GLU B 39 -2.42 7.77 16.38
CA GLU B 39 -3.34 6.67 16.07
C GLU B 39 -4.38 7.06 15.00
N THR B 40 -4.59 8.37 14.81
CA THR B 40 -5.62 8.98 13.95
C THR B 40 -5.01 10.03 13.00
N LEU B 41 -5.82 10.54 12.06
CA LEU B 41 -5.46 11.55 11.04
C LEU B 41 -6.48 12.71 11.13
N THR B 42 -6.23 13.90 10.56
CA THR B 42 -7.22 14.99 10.42
C THR B 42 -7.17 15.64 9.02
N PRO B 43 -8.22 16.35 8.58
CA PRO B 43 -8.24 17.11 7.32
C PRO B 43 -7.04 18.06 7.11
N SER B 44 -6.50 18.67 8.17
CA SER B 44 -5.45 19.68 8.02
C SER B 44 -4.10 19.08 7.63
N GLU B 45 -3.65 18.01 8.30
CA GLU B 45 -2.47 17.24 7.90
C GLU B 45 -2.71 16.34 6.68
N LEU B 46 -3.95 15.90 6.42
CA LEU B 46 -4.36 15.23 5.17
C LEU B 46 -4.06 16.15 3.96
N ARG B 47 -4.56 17.39 4.01
CA ARG B 47 -4.36 18.40 2.96
C ARG B 47 -2.90 18.89 2.90
N ASP B 48 -2.09 18.63 3.93
CA ASP B 48 -0.65 18.91 3.96
C ASP B 48 0.19 17.77 3.32
N LEU B 49 0.08 16.52 3.81
CA LEU B 49 0.94 15.44 3.31
C LEU B 49 0.65 15.06 1.85
N VAL B 50 -0.59 15.23 1.39
CA VAL B 50 -0.94 14.97 0.00
C VAL B 50 -0.26 15.99 -0.93
N THR B 51 -0.40 17.29 -0.64
CA THR B 51 0.15 18.36 -1.51
C THR B 51 1.68 18.51 -1.39
N GLN B 52 2.29 18.05 -0.29
CA GLN B 52 3.75 18.06 -0.10
C GLN B 52 4.42 16.76 -0.60
N GLN B 53 3.82 15.58 -0.39
CA GLN B 53 4.47 14.28 -0.68
C GLN B 53 3.94 13.51 -1.91
N LEU B 54 2.78 13.86 -2.49
CA LEU B 54 2.24 13.21 -3.70
C LEU B 54 2.19 14.15 -4.93
N PRO B 55 3.26 14.88 -5.29
CA PRO B 55 3.20 15.91 -6.34
C PRO B 55 3.02 15.35 -7.76
N HIS B 56 3.47 14.12 -8.02
CA HIS B 56 3.19 13.41 -9.29
C HIS B 56 1.86 12.66 -9.23
N LEU B 57 1.56 12.07 -8.07
CA LEU B 57 0.52 11.06 -7.93
C LEU B 57 -0.87 11.63 -7.65
N MET B 58 -0.99 12.65 -6.79
CA MET B 58 -2.27 13.28 -6.41
C MET B 58 -2.18 14.82 -6.19
N PRO B 59 -1.62 15.60 -7.14
CA PRO B 59 -1.51 17.07 -7.02
C PRO B 59 -2.85 17.81 -7.13
N SER B 60 -2.80 19.14 -6.92
CA SER B 60 -3.93 20.08 -6.95
C SER B 60 -4.84 19.97 -8.20
N ASN B 61 -4.37 19.47 -9.34
CA ASN B 61 -5.20 19.16 -10.52
C ASN B 61 -6.34 18.15 -10.24
N CYS B 62 -6.25 17.34 -9.17
CA CYS B 62 -7.34 16.47 -8.74
C CYS B 62 -8.50 17.25 -8.07
N GLY B 63 -8.22 18.45 -7.56
CA GLY B 63 -9.04 19.11 -6.54
C GLY B 63 -8.92 18.33 -5.24
N LEU B 64 -7.79 18.45 -4.55
CA LEU B 64 -7.41 17.52 -3.46
C LEU B 64 -8.27 17.66 -2.19
N GLU B 65 -9.04 18.74 -2.06
CA GLU B 65 -10.08 18.87 -1.03
C GLU B 65 -11.25 17.88 -1.18
N GLU B 66 -11.41 17.28 -2.36
CA GLU B 66 -12.34 16.17 -2.62
C GLU B 66 -12.05 14.98 -1.71
N LYS B 67 -10.78 14.82 -1.31
CA LYS B 67 -10.32 13.68 -0.50
C LYS B 67 -10.69 13.82 0.97
N ILE B 68 -10.73 15.05 1.48
CA ILE B 68 -11.37 15.41 2.76
C ILE B 68 -12.90 15.28 2.66
N ALA B 69 -13.47 15.61 1.50
CA ALA B 69 -14.89 15.42 1.21
C ALA B 69 -15.30 13.94 1.05
N ASN B 70 -14.34 13.00 0.91
CA ASN B 70 -14.55 11.56 1.15
C ASN B 70 -14.40 11.20 2.63
N LEU B 71 -13.22 11.42 3.23
CA LEU B 71 -12.94 10.86 4.57
C LEU B 71 -13.76 11.47 5.71
N GLY B 72 -14.29 12.68 5.52
CA GLY B 72 -15.22 13.31 6.46
C GLY B 72 -16.54 12.55 6.63
N SER B 73 -16.89 11.70 5.65
CA SER B 73 -18.05 10.78 5.67
C SER B 73 -17.66 9.32 5.96
N CYS B 74 -16.41 9.06 6.38
CA CYS B 74 -15.87 7.71 6.65
C CYS B 74 -15.33 7.56 8.09
N ASN B 75 -15.83 8.40 9.01
CA ASN B 75 -15.27 8.69 10.34
C ASN B 75 -16.13 8.10 11.49
N ASP B 76 -17.11 7.25 11.20
CA ASP B 76 -18.02 6.65 12.20
C ASP B 76 -17.30 5.68 13.16
N SER B 77 -16.18 5.11 12.74
CA SER B 77 -15.23 4.32 13.57
C SER B 77 -13.89 5.04 13.75
N LYS B 78 -13.94 6.39 13.78
CA LYS B 78 -12.81 7.33 13.86
C LYS B 78 -11.94 7.32 12.59
N LEU B 79 -11.06 8.31 12.44
CA LEU B 79 -10.01 8.27 11.41
C LEU B 79 -8.87 7.38 11.87
N GLU B 80 -8.44 6.47 11.00
CA GLU B 80 -7.48 5.40 11.29
C GLU B 80 -6.51 5.24 10.11
N PHE B 81 -5.48 4.38 10.24
CA PHE B 81 -4.63 4.04 9.10
C PHE B 81 -5.47 3.51 7.91
N ARG B 82 -6.52 2.73 8.18
CA ARG B 82 -7.56 2.31 7.21
C ARG B 82 -8.10 3.48 6.36
N SER B 83 -8.38 4.63 6.96
CA SER B 83 -8.98 5.78 6.26
C SER B 83 -8.00 6.42 5.26
N PHE B 84 -6.72 6.52 5.63
CA PHE B 84 -5.64 6.95 4.74
C PHE B 84 -5.34 5.87 3.67
N TRP B 85 -5.35 4.59 4.05
CA TRP B 85 -5.07 3.44 3.19
C TRP B 85 -6.05 3.31 2.00
N GLU B 86 -7.34 3.57 2.22
CA GLU B 86 -8.36 3.62 1.14
C GLU B 86 -8.09 4.71 0.08
N LEU B 87 -7.32 5.74 0.44
CA LEU B 87 -6.90 6.82 -0.46
C LEU B 87 -5.60 6.46 -1.20
N ILE B 88 -4.69 5.73 -0.55
CA ILE B 88 -3.58 5.05 -1.25
C ILE B 88 -4.14 4.03 -2.26
N GLY B 89 -5.26 3.40 -1.93
CA GLY B 89 -6.01 2.53 -2.83
C GLY B 89 -6.36 3.19 -4.17
N GLU B 90 -6.79 4.47 -4.18
CA GLU B 90 -6.99 5.20 -5.45
C GLU B 90 -5.72 5.90 -5.99
N ALA B 91 -4.69 6.12 -5.15
CA ALA B 91 -3.33 6.33 -5.66
C ALA B 91 -2.86 5.13 -6.53
N ALA B 92 -3.20 3.89 -6.16
CA ALA B 92 -2.99 2.67 -6.97
C ALA B 92 -3.97 2.49 -8.16
N LYS B 93 -4.92 3.42 -8.36
CA LYS B 93 -5.61 3.64 -9.64
C LYS B 93 -4.90 4.73 -10.47
N SER B 94 -4.23 5.66 -9.79
CA SER B 94 -3.51 6.82 -10.35
C SER B 94 -2.07 6.53 -10.80
N VAL B 95 -1.50 5.37 -10.45
CA VAL B 95 -0.28 4.81 -11.07
C VAL B 95 -0.34 3.26 -11.10
N LYS B 96 -0.11 2.69 -12.28
CA LYS B 96 -0.02 1.26 -12.60
C LYS B 96 0.98 1.01 -13.74
N LEU B 97 1.18 -0.25 -14.14
CA LEU B 97 1.65 -0.60 -15.49
C LEU B 97 0.68 -0.01 -16.54
N GLU B 98 1.20 0.77 -17.48
CA GLU B 98 0.42 1.58 -18.43
C GLU B 98 -0.35 0.73 -19.46
N ARG B 99 -1.60 0.37 -19.12
CA ARG B 99 -2.65 -0.17 -20.00
C ARG B 99 -4.04 0.36 -19.56
N PRO B 100 -5.05 0.40 -20.45
CA PRO B 100 -6.44 0.70 -20.10
C PRO B 100 -7.03 -0.23 -19.02
N VAL B 101 -8.04 0.23 -18.29
CA VAL B 101 -8.64 -0.46 -17.13
C VAL B 101 -10.18 -0.35 -17.15
N ARG B 102 -10.89 -1.41 -16.74
CA ARG B 102 -12.36 -1.38 -16.52
C ARG B 102 -12.73 -0.65 -15.22
N GLY B 103 -13.83 0.09 -15.23
CA GLY B 103 -14.36 0.79 -14.05
C GLY B 103 -13.44 1.87 -13.47
N HIS B 104 -13.74 2.29 -12.23
CA HIS B 104 -13.01 3.31 -11.46
C HIS B 104 -12.68 2.85 -10.04
N MET A 1 -1.31 1.14 -27.16
CA MET A 1 -0.46 0.36 -28.09
C MET A 1 0.56 1.29 -28.74
N GLY A 2 1.78 0.82 -28.98
CA GLY A 2 2.83 1.62 -29.60
C GLY A 2 4.25 1.04 -29.49
N GLN A 3 5.24 1.90 -29.77
CA GLN A 3 6.68 1.57 -29.78
C GLN A 3 7.49 2.48 -28.83
N CYS A 4 6.83 3.32 -28.03
CA CYS A 4 7.48 4.25 -27.10
C CYS A 4 7.93 3.57 -25.79
N ARG A 5 8.82 4.23 -25.05
CA ARG A 5 9.46 3.74 -23.80
C ARG A 5 9.38 4.85 -22.74
N SER A 6 8.15 5.25 -22.44
CA SER A 6 7.78 6.43 -21.63
C SER A 6 8.38 6.39 -20.23
N ALA A 7 9.22 7.38 -19.86
CA ALA A 7 9.89 7.39 -18.57
C ALA A 7 8.91 7.68 -17.42
N ASN A 8 8.70 6.68 -16.56
CA ASN A 8 7.57 6.56 -15.63
C ASN A 8 8.02 5.78 -14.36
N ALA A 9 7.14 4.99 -13.72
CA ALA A 9 7.48 4.12 -12.58
C ALA A 9 8.54 3.05 -12.91
N GLU A 10 8.73 2.77 -14.21
CA GLU A 10 9.74 1.89 -14.80
C GLU A 10 11.19 2.29 -14.49
N ASP A 11 11.39 3.59 -14.24
CA ASP A 11 12.68 4.27 -14.07
C ASP A 11 12.72 5.01 -12.72
N ALA A 12 11.60 5.70 -12.41
CA ALA A 12 11.29 6.36 -11.14
C ALA A 12 12.31 7.41 -10.66
N GLN A 13 12.30 7.71 -9.36
CA GLN A 13 13.10 8.72 -8.68
C GLN A 13 12.82 10.16 -9.17
N GLU A 14 11.54 10.43 -9.46
CA GLU A 14 10.97 11.78 -9.55
C GLU A 14 10.23 12.19 -8.27
N PHE A 15 9.60 11.18 -7.67
CA PHE A 15 8.63 11.25 -6.57
C PHE A 15 9.28 11.37 -5.18
N SER A 16 8.48 11.75 -4.18
CA SER A 16 8.83 11.75 -2.74
C SER A 16 9.18 10.32 -2.28
N ASP A 17 9.93 10.13 -1.19
CA ASP A 17 10.37 8.78 -0.75
C ASP A 17 9.21 7.81 -0.46
N VAL A 18 8.08 8.31 0.08
CA VAL A 18 6.85 7.51 0.32
C VAL A 18 6.05 7.29 -0.97
N GLU A 19 6.16 8.21 -1.91
CA GLU A 19 5.39 8.28 -3.15
C GLU A 19 6.01 7.34 -4.21
N ARG A 20 7.34 7.32 -4.32
CA ARG A 20 8.11 6.30 -5.05
C ARG A 20 8.06 4.92 -4.39
N ALA A 21 7.77 4.83 -3.09
CA ALA A 21 7.52 3.55 -2.41
C ALA A 21 6.24 2.86 -2.93
N ILE A 22 5.18 3.62 -3.27
CA ILE A 22 3.95 3.06 -3.87
C ILE A 22 4.28 2.44 -5.23
N GLU A 23 5.12 3.11 -6.03
CA GLU A 23 5.61 2.59 -7.32
C GLU A 23 6.40 1.29 -7.15
N THR A 24 7.30 1.22 -6.15
CA THR A 24 8.19 0.08 -5.95
C THR A 24 7.42 -1.17 -5.57
N LEU A 25 6.41 -1.02 -4.71
CA LEU A 25 5.64 -2.17 -4.25
C LEU A 25 4.52 -2.57 -5.23
N ILE A 26 4.00 -1.62 -6.02
CA ILE A 26 3.03 -1.94 -7.07
C ILE A 26 3.69 -2.56 -8.31
N LYS A 27 4.90 -2.13 -8.71
CA LYS A 27 5.71 -2.83 -9.74
C LYS A 27 5.92 -4.30 -9.41
N ASN A 28 5.98 -4.67 -8.13
CA ASN A 28 6.11 -6.06 -7.71
C ASN A 28 4.87 -6.94 -8.01
N PHE A 29 3.67 -6.39 -8.25
CA PHE A 29 2.56 -7.14 -8.87
C PHE A 29 2.89 -7.52 -10.31
N HIS A 30 3.30 -6.54 -11.12
CA HIS A 30 3.55 -6.71 -12.55
C HIS A 30 4.79 -7.60 -12.81
N GLN A 31 5.80 -7.55 -11.94
CA GLN A 31 6.99 -8.38 -11.99
C GLN A 31 6.75 -9.86 -11.60
N TYR A 32 5.67 -10.19 -10.88
CA TYR A 32 5.33 -11.56 -10.48
C TYR A 32 4.08 -12.17 -11.15
N SER A 33 3.20 -11.41 -11.80
CA SER A 33 1.96 -11.89 -12.48
C SER A 33 2.21 -12.61 -13.83
N VAL A 34 3.27 -13.41 -13.89
CA VAL A 34 3.86 -13.94 -15.13
C VAL A 34 3.17 -15.21 -15.67
N GLU A 35 2.35 -15.88 -14.86
CA GLU A 35 1.31 -16.83 -15.32
C GLU A 35 -0.12 -16.27 -15.15
N GLY A 36 -0.32 -15.29 -14.25
CA GLY A 36 -1.60 -14.60 -13.99
C GLY A 36 -2.19 -13.76 -15.13
N GLY A 37 -1.51 -13.68 -16.29
CA GLY A 37 -1.99 -12.97 -17.48
C GLY A 37 -1.85 -11.46 -17.47
N LYS A 38 -1.12 -10.90 -16.48
CA LYS A 38 -0.86 -9.46 -16.26
C LYS A 38 -2.07 -8.54 -16.08
N GLU A 39 -3.29 -9.09 -15.95
CA GLU A 39 -4.39 -8.41 -15.22
C GLU A 39 -4.75 -9.09 -13.90
N THR A 40 -4.50 -10.40 -13.77
CA THR A 40 -4.74 -11.19 -12.55
C THR A 40 -3.43 -11.78 -12.00
N LEU A 41 -3.55 -12.61 -10.96
CA LEU A 41 -2.47 -13.21 -10.19
C LEU A 41 -2.89 -14.65 -9.88
N THR A 42 -2.05 -15.66 -10.15
CA THR A 42 -2.39 -17.07 -9.80
C THR A 42 -1.84 -17.48 -8.43
N PRO A 43 -2.55 -18.32 -7.64
CA PRO A 43 -2.02 -18.92 -6.42
C PRO A 43 -0.58 -19.45 -6.50
N SER A 44 -0.14 -19.99 -7.63
CA SER A 44 1.23 -20.50 -7.81
C SER A 44 2.31 -19.42 -7.60
N GLU A 45 2.10 -18.21 -8.13
CA GLU A 45 3.02 -17.08 -7.98
C GLU A 45 2.74 -16.23 -6.72
N LEU A 46 1.53 -16.33 -6.16
CA LEU A 46 1.17 -15.80 -4.84
C LEU A 46 2.02 -16.44 -3.74
N ARG A 47 2.10 -17.78 -3.65
CA ARG A 47 2.93 -18.42 -2.59
C ARG A 47 4.41 -18.15 -2.84
N ASP A 48 4.82 -18.05 -4.10
CA ASP A 48 6.18 -17.74 -4.57
C ASP A 48 6.70 -16.41 -4.02
N LEU A 49 6.06 -15.27 -4.34
CA LEU A 49 6.58 -13.98 -3.87
C LEU A 49 6.44 -13.80 -2.36
N VAL A 50 5.51 -14.49 -1.71
CA VAL A 50 5.39 -14.44 -0.25
C VAL A 50 6.54 -15.19 0.43
N THR A 51 6.88 -16.41 -0.03
CA THR A 51 7.97 -17.20 0.57
C THR A 51 9.37 -16.71 0.17
N GLN A 52 9.48 -16.03 -0.98
CA GLN A 52 10.68 -15.28 -1.35
C GLN A 52 10.80 -13.97 -0.55
N GLN A 53 9.81 -13.06 -0.67
CA GLN A 53 10.01 -11.65 -0.34
C GLN A 53 9.50 -11.19 1.03
N LEU A 54 8.64 -11.94 1.72
CA LEU A 54 8.07 -11.55 3.03
C LEU A 54 8.49 -12.45 4.23
N PRO A 55 9.77 -12.80 4.45
CA PRO A 55 10.15 -13.69 5.55
C PRO A 55 10.08 -13.05 6.95
N HIS A 56 10.15 -11.72 7.05
CA HIS A 56 10.03 -10.95 8.30
C HIS A 56 8.56 -10.57 8.61
N LEU A 57 7.76 -10.34 7.56
CA LEU A 57 6.35 -9.95 7.67
C LEU A 57 5.42 -11.18 7.74
N MET A 58 5.58 -12.15 6.84
CA MET A 58 4.66 -13.29 6.64
C MET A 58 5.43 -14.60 6.31
N PRO A 59 6.07 -15.24 7.31
CA PRO A 59 6.84 -16.47 7.11
C PRO A 59 5.98 -17.70 6.77
N SER A 60 6.63 -18.74 6.24
CA SER A 60 6.05 -20.08 6.03
C SER A 60 5.51 -20.70 7.32
N ASN A 61 6.04 -20.27 8.48
CA ASN A 61 5.64 -20.66 9.83
C ASN A 61 4.18 -20.30 10.21
N CYS A 62 3.47 -19.51 9.39
CA CYS A 62 2.04 -19.25 9.53
C CYS A 62 1.14 -20.36 8.92
N GLY A 63 1.69 -21.20 8.04
CA GLY A 63 0.90 -21.95 7.06
C GLY A 63 0.44 -21.01 5.94
N LEU A 64 1.34 -20.68 5.00
CA LEU A 64 1.11 -19.62 4.00
C LEU A 64 0.05 -19.98 2.94
N GLU A 65 -0.36 -21.25 2.79
CA GLU A 65 -1.52 -21.59 1.97
C GLU A 65 -2.85 -21.04 2.54
N GLU A 66 -2.90 -20.70 3.84
CA GLU A 66 -4.05 -20.11 4.49
C GLU A 66 -4.40 -18.73 3.94
N LYS A 67 -3.41 -18.04 3.32
CA LYS A 67 -3.62 -16.81 2.55
C LYS A 67 -4.44 -17.06 1.28
N ILE A 68 -4.11 -18.09 0.50
CA ILE A 68 -4.88 -18.49 -0.70
C ILE A 68 -6.27 -19.01 -0.31
N ALA A 69 -6.36 -19.76 0.80
CA ALA A 69 -7.63 -20.20 1.38
C ALA A 69 -8.49 -19.04 1.91
N ASN A 70 -7.91 -17.85 2.17
CA ASN A 70 -8.64 -16.62 2.53
C ASN A 70 -9.13 -15.79 1.33
N LEU A 71 -8.35 -15.71 0.25
CA LEU A 71 -8.67 -14.85 -0.91
C LEU A 71 -9.49 -15.56 -2.01
N GLY A 72 -9.40 -16.88 -2.15
CA GLY A 72 -10.11 -17.65 -3.17
C GLY A 72 -11.57 -17.89 -2.79
N SER A 73 -12.50 -17.33 -3.58
CA SER A 73 -13.95 -17.45 -3.34
C SER A 73 -14.79 -17.44 -4.63
N CYS A 74 -14.28 -16.88 -5.73
CA CYS A 74 -14.99 -16.71 -7.01
C CYS A 74 -14.09 -17.04 -8.21
N ASN A 75 -14.28 -18.24 -8.78
CA ASN A 75 -13.54 -18.73 -9.94
C ASN A 75 -13.94 -18.02 -11.25
N ASP A 76 -15.12 -17.40 -11.30
CA ASP A 76 -15.59 -16.70 -12.51
C ASP A 76 -14.97 -15.30 -12.66
N SER A 77 -14.79 -14.56 -11.57
CA SER A 77 -14.18 -13.21 -11.57
C SER A 77 -12.67 -13.21 -11.26
N LYS A 78 -12.14 -14.29 -10.66
CA LYS A 78 -10.71 -14.53 -10.41
C LYS A 78 -10.06 -13.48 -9.50
N LEU A 79 -8.73 -13.45 -9.42
CA LEU A 79 -7.98 -12.33 -8.83
C LEU A 79 -7.98 -11.11 -9.75
N GLU A 80 -7.57 -9.97 -9.20
CA GLU A 80 -7.20 -8.76 -9.93
C GLU A 80 -6.04 -8.03 -9.23
N PHE A 81 -5.51 -6.97 -9.84
CA PHE A 81 -4.58 -6.02 -9.24
C PHE A 81 -5.09 -5.51 -7.86
N ARG A 82 -6.40 -5.21 -7.74
CA ARG A 82 -7.03 -4.82 -6.47
C ARG A 82 -7.00 -5.95 -5.42
N SER A 83 -7.11 -7.22 -5.82
CA SER A 83 -7.06 -8.39 -4.91
C SER A 83 -5.66 -8.61 -4.31
N PHE A 84 -4.60 -8.29 -5.06
CA PHE A 84 -3.22 -8.26 -4.53
C PHE A 84 -3.07 -7.13 -3.50
N TRP A 85 -3.51 -5.92 -3.86
CA TRP A 85 -3.46 -4.72 -3.02
C TRP A 85 -4.19 -4.88 -1.68
N GLU A 86 -5.37 -5.53 -1.67
CA GLU A 86 -6.09 -5.89 -0.44
C GLU A 86 -5.24 -6.67 0.57
N LEU A 87 -4.36 -7.56 0.10
CA LEU A 87 -3.52 -8.39 0.98
C LEU A 87 -2.28 -7.65 1.50
N ILE A 88 -1.84 -6.60 0.80
CA ILE A 88 -0.88 -5.63 1.34
C ILE A 88 -1.55 -4.80 2.45
N GLY A 89 -2.83 -4.44 2.27
CA GLY A 89 -3.65 -3.88 3.34
C GLY A 89 -3.71 -4.78 4.59
N GLU A 90 -3.78 -6.11 4.39
CA GLU A 90 -3.70 -7.09 5.47
C GLU A 90 -2.29 -7.25 6.07
N ALA A 91 -1.22 -7.07 5.27
CA ALA A 91 0.17 -7.04 5.78
C ALA A 91 0.36 -5.96 6.88
N ALA A 92 -0.31 -4.80 6.77
CA ALA A 92 -0.24 -3.77 7.83
C ALA A 92 -0.81 -4.23 9.19
N LYS A 93 -1.65 -5.28 9.25
CA LYS A 93 -2.15 -5.81 10.54
C LYS A 93 -1.02 -6.35 11.43
N SER A 94 0.15 -6.67 10.85
CA SER A 94 1.38 -7.07 11.56
C SER A 94 2.28 -5.91 12.02
N VAL A 95 2.02 -4.66 11.60
CA VAL A 95 2.91 -3.50 11.82
C VAL A 95 2.11 -2.21 12.11
N LYS A 96 2.02 -1.89 13.41
CA LYS A 96 1.19 -0.81 13.97
C LYS A 96 1.96 0.01 15.02
N LEU A 97 1.34 1.06 15.56
CA LEU A 97 1.92 1.96 16.56
C LEU A 97 2.20 1.23 17.89
N GLU A 98 3.48 1.05 18.25
CA GLU A 98 3.93 0.41 19.50
C GLU A 98 3.31 -0.99 19.75
N ARG A 99 3.07 -1.74 18.66
CA ARG A 99 2.54 -3.13 18.67
C ARG A 99 3.46 -4.10 17.89
N PRO A 100 4.10 -5.08 18.54
CA PRO A 100 4.64 -6.27 17.89
C PRO A 100 3.52 -7.29 17.63
N VAL A 101 3.29 -7.69 16.38
CA VAL A 101 2.11 -8.51 15.98
C VAL A 101 2.48 -9.58 14.94
N ARG A 102 2.28 -10.86 15.27
CA ARG A 102 2.67 -12.00 14.42
C ARG A 102 1.87 -12.10 13.11
N GLY A 103 0.59 -11.71 13.12
CA GLY A 103 -0.26 -11.67 11.92
C GLY A 103 -1.37 -10.62 12.02
N HIS A 104 -2.25 -10.77 13.02
CA HIS A 104 -3.26 -9.79 13.43
C HIS A 104 -3.56 -9.91 14.93
N MET B 1 3.96 2.54 33.14
CA MET B 1 4.70 2.82 34.38
C MET B 1 6.00 2.05 34.43
N GLY B 2 7.08 2.71 34.87
CA GLY B 2 8.46 2.25 34.76
C GLY B 2 9.00 2.30 33.32
N GLN B 3 10.31 2.19 33.13
CA GLN B 3 10.91 2.22 31.79
C GLN B 3 10.69 0.89 31.05
N CYS B 4 9.83 0.91 30.02
CA CYS B 4 9.50 -0.25 29.20
C CYS B 4 9.03 0.14 27.79
N ARG B 5 9.14 -0.79 26.82
CA ARG B 5 8.83 -0.57 25.40
C ARG B 5 8.05 -1.76 24.83
N SER B 6 7.34 -1.58 23.72
CA SER B 6 6.76 -2.67 22.91
C SER B 6 6.94 -2.36 21.42
N ALA B 7 8.01 -2.86 20.81
CA ALA B 7 8.51 -2.42 19.51
C ALA B 7 8.31 -3.44 18.37
N ASN B 8 7.89 -2.93 17.21
CA ASN B 8 7.89 -3.61 15.91
C ASN B 8 9.31 -3.60 15.28
N ALA B 9 9.41 -3.64 13.95
CA ALA B 9 10.63 -3.43 13.18
C ALA B 9 11.05 -1.95 13.15
N GLU B 10 11.61 -1.43 14.24
CA GLU B 10 11.97 0.00 14.38
C GLU B 10 13.33 0.41 13.80
N ASP B 11 14.22 -0.55 13.56
CA ASP B 11 15.42 -0.39 12.71
C ASP B 11 15.39 -1.28 11.46
N ALA B 12 14.60 -2.37 11.47
CA ALA B 12 14.22 -3.20 10.31
C ALA B 12 15.43 -3.75 9.50
N GLN B 13 15.72 -3.18 8.33
CA GLN B 13 16.98 -3.23 7.55
C GLN B 13 17.23 -4.53 6.78
N GLU B 14 16.96 -5.69 7.38
CA GLU B 14 17.16 -7.01 6.74
C GLU B 14 16.21 -7.29 5.56
N PHE B 15 15.25 -6.40 5.31
CA PHE B 15 14.06 -6.69 4.50
C PHE B 15 14.31 -6.48 3.01
N SER B 16 13.55 -7.21 2.17
CA SER B 16 13.59 -7.11 0.70
C SER B 16 13.10 -5.73 0.20
N ASP B 17 13.35 -5.41 -1.07
CA ASP B 17 13.02 -4.08 -1.63
C ASP B 17 11.50 -3.76 -1.53
N VAL B 18 10.66 -4.78 -1.69
CA VAL B 18 9.20 -4.72 -1.49
C VAL B 18 8.77 -4.74 -0.01
N GLU B 19 9.46 -5.50 0.84
CA GLU B 19 9.08 -5.68 2.26
C GLU B 19 9.39 -4.43 3.09
N ARG B 20 10.46 -3.68 2.76
CA ARG B 20 10.68 -2.34 3.32
C ARG B 20 9.81 -1.25 2.67
N ALA B 21 9.32 -1.44 1.44
CA ALA B 21 8.39 -0.50 0.80
C ALA B 21 7.06 -0.38 1.57
N ILE B 22 6.37 -1.49 1.84
CA ILE B 22 5.08 -1.54 2.53
C ILE B 22 5.20 -0.91 3.92
N GLU B 23 6.29 -1.18 4.63
CA GLU B 23 6.53 -0.53 5.92
C GLU B 23 6.91 0.96 5.79
N THR B 24 7.43 1.40 4.64
CA THR B 24 7.71 2.83 4.37
C THR B 24 6.42 3.59 4.17
N LEU B 25 5.40 2.97 3.54
CA LEU B 25 4.06 3.57 3.43
C LEU B 25 3.47 3.77 4.83
N ILE B 26 3.52 2.72 5.67
CA ILE B 26 2.85 2.74 6.97
C ILE B 26 3.56 3.67 7.96
N LYS B 27 4.91 3.67 8.04
CA LYS B 27 5.65 4.60 8.91
C LYS B 27 5.35 6.07 8.61
N ASN B 28 5.09 6.41 7.35
CA ASN B 28 4.73 7.77 6.94
C ASN B 28 3.34 8.22 7.41
N PHE B 29 2.42 7.29 7.71
CA PHE B 29 1.15 7.62 8.38
C PHE B 29 1.39 8.13 9.80
N HIS B 30 2.15 7.37 10.60
CA HIS B 30 2.42 7.69 12.02
C HIS B 30 3.30 8.96 12.17
N GLN B 31 4.15 9.24 11.18
CA GLN B 31 4.89 10.51 11.08
C GLN B 31 3.99 11.76 10.97
N TYR B 32 2.75 11.66 10.48
CA TYR B 32 1.87 12.82 10.20
C TYR B 32 0.59 12.91 11.03
N SER B 33 0.12 11.80 11.62
CA SER B 33 -1.16 11.66 12.35
C SER B 33 -1.10 12.19 13.80
N VAL B 34 -0.48 13.37 14.01
CA VAL B 34 -0.15 13.88 15.34
C VAL B 34 -1.36 14.37 16.14
N GLU B 35 -2.38 14.95 15.49
CA GLU B 35 -3.68 15.23 16.13
C GLU B 35 -4.61 14.01 16.10
N GLY B 36 -4.41 13.10 15.14
CA GLY B 36 -5.08 11.80 15.03
C GLY B 36 -4.63 10.72 16.02
N GLY B 37 -3.78 11.04 17.01
CA GLY B 37 -3.35 10.10 18.06
C GLY B 37 -2.40 8.99 17.57
N LYS B 38 -1.83 9.15 16.38
CA LYS B 38 -1.02 8.17 15.63
C LYS B 38 -1.69 6.82 15.31
N GLU B 39 -3.01 6.70 15.48
CA GLU B 39 -3.81 5.54 15.02
C GLU B 39 -5.01 5.94 14.12
N THR B 40 -5.20 7.24 13.90
CA THR B 40 -6.26 7.83 13.06
C THR B 40 -5.67 9.03 12.30
N LEU B 41 -6.38 9.59 11.32
CA LEU B 41 -5.94 10.77 10.56
C LEU B 41 -6.99 11.89 10.77
N THR B 42 -6.63 13.17 10.59
CA THR B 42 -7.55 14.31 10.73
C THR B 42 -7.55 15.23 9.49
N PRO B 43 -8.69 15.82 9.06
CA PRO B 43 -8.78 16.62 7.83
C PRO B 43 -7.76 17.75 7.67
N SER B 44 -7.37 18.45 8.73
CA SER B 44 -6.43 19.58 8.62
C SER B 44 -5.00 19.13 8.34
N GLU B 45 -4.58 17.96 8.87
CA GLU B 45 -3.26 17.37 8.58
C GLU B 45 -3.28 16.50 7.30
N LEU B 46 -4.47 16.02 6.88
CA LEU B 46 -4.74 15.39 5.59
C LEU B 46 -4.39 16.32 4.41
N ARG B 47 -4.89 17.57 4.39
CA ARG B 47 -4.56 18.55 3.34
C ARG B 47 -3.13 19.10 3.40
N ASP B 48 -2.41 18.89 4.51
CA ASP B 48 -0.94 19.04 4.56
C ASP B 48 -0.22 17.83 3.92
N LEU B 49 -0.37 16.60 4.44
CA LEU B 49 0.47 15.49 3.99
C LEU B 49 0.25 15.09 2.53
N VAL B 50 -0.93 15.38 1.97
CA VAL B 50 -1.18 15.14 0.55
C VAL B 50 -0.36 16.09 -0.34
N THR B 51 -0.32 17.39 -0.08
CA THR B 51 0.50 18.33 -0.88
C THR B 51 2.00 18.27 -0.54
N GLN B 52 2.37 17.77 0.66
CA GLN B 52 3.78 17.62 1.07
C GLN B 52 4.40 16.26 0.75
N GLN B 53 3.59 15.20 0.53
CA GLN B 53 4.09 13.86 0.20
C GLN B 53 3.49 13.20 -1.06
N LEU B 54 2.33 13.62 -1.57
CA LEU B 54 1.77 13.12 -2.85
C LEU B 54 1.57 14.24 -3.91
N PRO B 55 2.50 15.19 -4.14
CA PRO B 55 2.25 16.30 -5.05
C PRO B 55 2.28 15.90 -6.53
N HIS B 56 2.86 14.75 -6.90
CA HIS B 56 2.87 14.26 -8.27
C HIS B 56 1.59 13.49 -8.63
N LEU B 57 0.82 13.08 -7.61
CA LEU B 57 -0.44 12.33 -7.72
C LEU B 57 -1.70 13.16 -7.41
N MET B 58 -1.64 14.06 -6.42
CA MET B 58 -2.73 14.94 -5.98
C MET B 58 -2.20 16.34 -5.58
N PRO B 59 -1.76 17.17 -6.55
CA PRO B 59 -1.27 18.52 -6.30
C PRO B 59 -2.36 19.51 -5.85
N SER B 60 -1.92 20.63 -5.29
CA SER B 60 -2.69 21.84 -4.99
C SER B 60 -3.30 22.55 -6.22
N ASN B 61 -3.07 22.02 -7.43
CA ASN B 61 -3.73 22.42 -8.67
C ASN B 61 -5.18 21.88 -8.80
N CYS B 62 -5.59 20.98 -7.90
CA CYS B 62 -6.98 20.54 -7.70
C CYS B 62 -7.45 21.09 -6.36
N GLY B 63 -8.76 21.14 -6.16
CA GLY B 63 -9.31 21.17 -4.81
C GLY B 63 -9.18 19.79 -4.17
N LEU B 64 -8.05 19.56 -3.49
CA LEU B 64 -7.76 18.33 -2.73
C LEU B 64 -8.65 18.19 -1.49
N GLU B 65 -9.40 19.23 -1.09
CA GLU B 65 -10.57 19.05 -0.22
C GLU B 65 -11.63 18.05 -0.74
N GLU B 66 -11.60 17.66 -2.02
CA GLU B 66 -12.39 16.56 -2.56
C GLU B 66 -11.98 15.21 -1.90
N LYS B 67 -10.74 15.11 -1.42
CA LYS B 67 -10.24 13.95 -0.68
C LYS B 67 -10.79 13.86 0.75
N ILE B 68 -10.97 15.01 1.42
CA ILE B 68 -11.67 15.07 2.71
C ILE B 68 -13.18 14.81 2.51
N ALA B 69 -13.75 15.28 1.40
CA ALA B 69 -15.15 15.00 1.05
C ALA B 69 -15.44 13.51 0.77
N ASN B 70 -14.42 12.72 0.36
CA ASN B 70 -14.54 11.28 0.11
C ASN B 70 -14.37 10.38 1.35
N LEU B 71 -13.50 10.74 2.31
CA LEU B 71 -13.19 9.88 3.47
C LEU B 71 -14.34 9.74 4.51
N GLY B 72 -15.38 10.57 4.38
CA GLY B 72 -16.72 10.35 4.91
C GLY B 72 -16.91 10.63 6.41
N SER B 73 -16.13 9.98 7.28
CA SER B 73 -16.37 10.00 8.73
C SER B 73 -16.17 11.37 9.38
N CYS B 74 -16.97 11.66 10.40
CA CYS B 74 -16.96 12.91 11.17
C CYS B 74 -15.96 12.89 12.35
N ASN B 75 -15.74 14.03 13.01
CA ASN B 75 -14.84 14.15 14.18
C ASN B 75 -15.35 13.40 15.42
N ASP B 76 -16.64 13.03 15.47
CA ASP B 76 -17.22 12.19 16.52
C ASP B 76 -16.93 10.68 16.30
N SER B 77 -17.09 10.16 15.08
CA SER B 77 -16.86 8.73 14.77
C SER B 77 -15.41 8.38 14.42
N LYS B 78 -14.62 9.39 14.04
CA LYS B 78 -13.16 9.36 13.79
C LYS B 78 -12.74 8.43 12.65
N LEU B 79 -11.44 8.40 12.35
CA LEU B 79 -10.84 7.58 11.29
C LEU B 79 -10.12 6.34 11.85
N GLU B 80 -9.57 5.52 10.96
CA GLU B 80 -8.61 4.44 11.24
C GLU B 80 -7.47 4.52 10.20
N PHE B 81 -6.33 3.83 10.40
CA PHE B 81 -5.20 3.97 9.46
C PHE B 81 -5.48 3.45 8.04
N ARG B 82 -6.45 2.53 7.87
CA ARG B 82 -7.02 2.15 6.56
C ARG B 82 -7.59 3.34 5.77
N SER B 83 -8.10 4.38 6.43
CA SER B 83 -8.70 5.54 5.75
C SER B 83 -7.68 6.33 4.91
N PHE B 84 -6.39 6.35 5.29
CA PHE B 84 -5.30 6.84 4.45
C PHE B 84 -4.89 5.81 3.38
N TRP B 85 -4.83 4.52 3.73
CA TRP B 85 -4.48 3.44 2.79
C TRP B 85 -5.41 3.38 1.58
N GLU B 86 -6.72 3.58 1.74
CA GLU B 86 -7.68 3.71 0.63
C GLU B 86 -7.29 4.81 -0.37
N LEU B 87 -6.70 5.92 0.09
CA LEU B 87 -6.27 7.03 -0.75
C LEU B 87 -4.95 6.74 -1.48
N ILE B 88 -4.12 5.84 -0.95
CA ILE B 88 -3.01 5.21 -1.69
C ILE B 88 -3.56 4.22 -2.73
N GLY B 89 -4.59 3.44 -2.39
CA GLY B 89 -5.31 2.59 -3.33
C GLY B 89 -5.90 3.38 -4.50
N GLU B 90 -6.34 4.62 -4.26
CA GLU B 90 -6.78 5.55 -5.29
C GLU B 90 -5.62 6.22 -6.04
N ALA B 91 -4.43 6.41 -5.43
CA ALA B 91 -3.21 6.73 -6.18
C ALA B 91 -2.90 5.63 -7.21
N ALA B 92 -3.04 4.36 -6.82
CA ALA B 92 -2.91 3.20 -7.71
C ALA B 92 -4.06 3.08 -8.76
N LYS B 93 -5.15 3.85 -8.62
CA LYS B 93 -6.18 4.05 -9.67
C LYS B 93 -5.83 5.19 -10.66
N SER B 94 -4.70 5.88 -10.46
CA SER B 94 -4.10 6.82 -11.42
C SER B 94 -2.78 6.32 -12.01
N VAL B 95 -1.85 5.80 -11.18
CA VAL B 95 -0.51 5.36 -11.61
C VAL B 95 -0.34 3.84 -11.54
N LYS B 96 0.05 3.25 -12.67
CA LYS B 96 0.30 1.82 -12.90
C LYS B 96 1.50 1.64 -13.84
N LEU B 97 1.84 0.38 -14.16
CA LEU B 97 2.86 -0.05 -15.12
C LEU B 97 2.94 0.88 -16.35
N GLU B 98 4.01 1.67 -16.46
CA GLU B 98 4.23 2.66 -17.54
C GLU B 98 3.04 3.61 -17.85
N ARG B 99 2.22 4.00 -16.85
CA ARG B 99 1.03 4.87 -17.04
C ARG B 99 1.19 6.27 -16.42
N PRO B 100 1.20 7.37 -17.23
CA PRO B 100 1.13 8.75 -16.73
C PRO B 100 -0.30 9.22 -16.42
N VAL B 101 -0.43 10.28 -15.62
CA VAL B 101 -1.72 10.85 -15.17
C VAL B 101 -1.93 12.31 -15.61
N ARG B 102 -3.16 12.61 -16.08
CA ARG B 102 -3.62 13.92 -16.59
C ARG B 102 -5.00 14.31 -16.06
N GLY B 103 -5.90 13.35 -15.89
CA GLY B 103 -7.28 13.54 -15.39
C GLY B 103 -7.76 12.35 -14.58
N HIS B 104 -9.08 12.12 -14.56
CA HIS B 104 -9.71 10.90 -14.02
C HIS B 104 -10.29 10.01 -15.14
N MET A 1 -9.85 0.84 -27.05
CA MET A 1 -10.32 2.08 -27.68
C MET A 1 -9.91 3.29 -26.84
N GLY A 2 -9.73 4.45 -27.47
CA GLY A 2 -9.51 5.74 -26.80
C GLY A 2 -8.07 6.03 -26.36
N GLN A 3 -7.72 7.32 -26.26
CA GLN A 3 -6.41 7.79 -25.81
C GLN A 3 -6.30 7.93 -24.28
N CYS A 4 -5.07 8.05 -23.80
CA CYS A 4 -4.69 8.31 -22.41
C CYS A 4 -3.46 9.23 -22.34
N ARG A 5 -3.08 9.68 -21.12
CA ARG A 5 -1.82 10.42 -20.92
C ARG A 5 -0.57 9.60 -21.19
N SER A 6 -0.65 8.27 -21.01
CA SER A 6 0.43 7.29 -21.25
C SER A 6 1.67 7.50 -20.36
N ALA A 7 2.66 6.61 -20.52
CA ALA A 7 3.90 6.50 -19.73
C ALA A 7 3.71 6.34 -18.20
N ASN A 8 2.53 5.91 -17.75
CA ASN A 8 2.19 5.74 -16.33
C ASN A 8 3.09 4.67 -15.66
N ALA A 9 3.87 5.11 -14.67
CA ALA A 9 4.93 4.36 -13.96
C ALA A 9 6.05 3.79 -14.85
N GLU A 10 6.11 4.14 -16.15
CA GLU A 10 7.09 3.59 -17.09
C GLU A 10 8.47 4.21 -16.94
N ASP A 11 8.52 5.54 -16.83
CA ASP A 11 9.73 6.33 -16.58
C ASP A 11 10.05 6.41 -15.08
N ALA A 12 9.05 6.74 -14.25
CA ALA A 12 9.04 6.70 -12.78
C ALA A 12 10.33 7.20 -12.10
N GLN A 13 10.52 8.53 -11.97
CA GLN A 13 11.76 9.17 -11.51
C GLN A 13 11.58 10.55 -10.83
N GLU A 14 10.44 11.21 -10.99
CA GLU A 14 10.17 12.56 -10.44
C GLU A 14 9.87 12.57 -8.93
N PHE A 15 9.57 11.41 -8.38
CA PHE A 15 8.74 11.25 -7.18
C PHE A 15 9.44 11.44 -5.82
N SER A 16 8.64 11.77 -4.81
CA SER A 16 9.03 11.68 -3.39
C SER A 16 9.28 10.24 -2.94
N ASP A 17 9.89 10.04 -1.76
CA ASP A 17 10.08 8.71 -1.16
C ASP A 17 8.74 7.97 -0.99
N VAL A 18 7.67 8.64 -0.56
CA VAL A 18 6.28 8.12 -0.46
C VAL A 18 5.73 7.68 -1.82
N GLU A 19 5.90 8.52 -2.82
CA GLU A 19 5.22 8.44 -4.12
C GLU A 19 5.94 7.44 -5.05
N ARG A 20 7.23 7.15 -4.81
CA ARG A 20 7.85 5.89 -5.24
C ARG A 20 7.61 4.70 -4.30
N ALA A 21 7.37 4.88 -2.99
CA ALA A 21 7.10 3.76 -2.07
C ALA A 21 5.84 2.98 -2.44
N ILE A 22 4.72 3.67 -2.70
CA ILE A 22 3.44 3.06 -3.12
C ILE A 22 3.63 2.31 -4.44
N GLU A 23 4.44 2.87 -5.35
CA GLU A 23 4.81 2.24 -6.61
C GLU A 23 5.65 0.99 -6.43
N THR A 24 6.63 1.06 -5.55
CA THR A 24 7.64 0.02 -5.33
C THR A 24 6.97 -1.28 -4.91
N LEU A 25 5.93 -1.20 -4.09
CA LEU A 25 5.23 -2.40 -3.64
C LEU A 25 4.19 -2.93 -4.65
N ILE A 26 3.62 -2.06 -5.49
CA ILE A 26 2.65 -2.50 -6.51
C ILE A 26 3.34 -2.98 -7.80
N LYS A 27 4.51 -2.43 -8.17
CA LYS A 27 5.42 -2.96 -9.20
C LYS A 27 5.76 -4.44 -8.98
N ASN A 28 5.70 -4.92 -7.75
CA ASN A 28 5.88 -6.32 -7.41
C ASN A 28 4.75 -7.23 -7.98
N PHE A 29 3.53 -6.72 -8.21
CA PHE A 29 2.50 -7.38 -9.03
C PHE A 29 2.84 -7.38 -10.53
N HIS A 30 3.37 -6.27 -11.06
CA HIS A 30 3.78 -6.16 -12.47
C HIS A 30 4.89 -7.19 -12.81
N GLN A 31 5.74 -7.51 -11.83
CA GLN A 31 6.78 -8.54 -11.91
C GLN A 31 6.23 -9.98 -11.84
N TYR A 32 5.40 -10.32 -10.84
CA TYR A 32 5.01 -11.70 -10.49
C TYR A 32 3.66 -12.17 -11.08
N SER A 33 3.28 -11.69 -12.27
CA SER A 33 2.01 -12.01 -12.97
C SER A 33 2.24 -12.75 -14.29
N VAL A 34 3.10 -13.78 -14.25
CA VAL A 34 3.70 -14.41 -15.44
C VAL A 34 2.89 -15.62 -15.93
N GLU A 35 2.35 -16.46 -15.03
CA GLU A 35 1.38 -17.51 -15.39
C GLU A 35 -0.06 -16.95 -15.42
N GLY A 36 -0.33 -15.89 -14.68
CA GLY A 36 -1.54 -15.06 -14.85
C GLY A 36 -1.64 -14.37 -16.22
N GLY A 37 -2.79 -13.75 -16.49
CA GLY A 37 -3.08 -13.00 -17.72
C GLY A 37 -2.48 -11.58 -17.75
N LYS A 38 -1.36 -11.37 -17.05
CA LYS A 38 -0.65 -10.13 -16.67
C LYS A 38 -1.47 -9.08 -15.88
N GLU A 39 -2.77 -8.98 -16.13
CA GLU A 39 -3.73 -8.32 -15.24
C GLU A 39 -4.17 -9.23 -14.06
N THR A 40 -3.69 -10.47 -14.00
CA THR A 40 -4.10 -11.48 -13.00
C THR A 40 -2.89 -12.13 -12.31
N LEU A 41 -3.16 -12.76 -11.16
CA LEU A 41 -2.20 -13.42 -10.26
C LEU A 41 -2.50 -14.94 -10.25
N THR A 42 -1.55 -15.82 -9.91
CA THR A 42 -1.81 -17.28 -9.76
C THR A 42 -1.10 -17.90 -8.53
N PRO A 43 -1.61 -19.03 -7.98
CA PRO A 43 -1.09 -19.66 -6.75
C PRO A 43 0.43 -19.90 -6.65
N SER A 44 1.08 -20.44 -7.68
CA SER A 44 2.51 -20.80 -7.58
C SER A 44 3.40 -19.57 -7.45
N GLU A 45 3.08 -18.49 -8.17
CA GLU A 45 3.85 -17.24 -8.15
C GLU A 45 3.48 -16.31 -6.98
N LEU A 46 2.28 -16.47 -6.40
CA LEU A 46 1.96 -15.97 -5.05
C LEU A 46 2.89 -16.62 -4.02
N ARG A 47 2.97 -17.96 -4.00
CA ARG A 47 3.83 -18.69 -3.06
C ARG A 47 5.31 -18.30 -3.23
N ASP A 48 5.78 -18.19 -4.48
CA ASP A 48 7.16 -17.84 -4.83
C ASP A 48 7.56 -16.42 -4.38
N LEU A 49 6.74 -15.37 -4.63
CA LEU A 49 7.11 -14.02 -4.14
C LEU A 49 7.01 -13.90 -2.63
N VAL A 50 6.10 -14.62 -1.97
CA VAL A 50 5.95 -14.52 -0.52
C VAL A 50 7.14 -15.17 0.22
N THR A 51 7.61 -16.35 -0.23
CA THR A 51 8.78 -17.02 0.38
C THR A 51 10.10 -16.28 0.10
N GLN A 52 10.19 -15.54 -1.02
CA GLN A 52 11.38 -14.77 -1.43
C GLN A 52 11.41 -13.30 -0.95
N GLN A 53 10.25 -12.64 -0.82
CA GLN A 53 10.17 -11.18 -0.60
C GLN A 53 9.30 -10.72 0.59
N LEU A 54 8.57 -11.59 1.30
CA LEU A 54 7.95 -11.26 2.61
C LEU A 54 8.41 -12.19 3.77
N PRO A 55 9.72 -12.45 3.97
CA PRO A 55 10.17 -13.40 5.00
C PRO A 55 9.96 -12.90 6.44
N HIS A 56 9.95 -11.58 6.68
CA HIS A 56 9.67 -10.96 7.98
C HIS A 56 8.17 -10.72 8.20
N LEU A 57 7.48 -10.25 7.15
CA LEU A 57 6.07 -9.82 7.21
C LEU A 57 5.08 -10.99 7.14
N MET A 58 5.39 -12.02 6.34
CA MET A 58 4.50 -13.14 6.04
C MET A 58 5.28 -14.47 6.01
N PRO A 59 5.88 -14.87 7.15
CA PRO A 59 6.59 -16.14 7.26
C PRO A 59 5.68 -17.35 7.03
N SER A 60 6.29 -18.50 6.74
CA SER A 60 5.60 -19.77 6.53
C SER A 60 4.70 -20.19 7.70
N ASN A 61 4.96 -19.68 8.91
CA ASN A 61 4.10 -19.80 10.09
C ASN A 61 2.65 -19.34 9.83
N CYS A 62 2.44 -18.25 9.07
CA CYS A 62 1.12 -17.74 8.73
C CYS A 62 0.34 -18.66 7.78
N GLY A 63 1.00 -19.66 7.18
CA GLY A 63 0.48 -20.41 6.05
C GLY A 63 0.58 -19.58 4.77
N LEU A 64 1.67 -19.66 4.01
CA LEU A 64 1.74 -18.98 2.71
C LEU A 64 0.79 -19.60 1.66
N GLU A 65 0.31 -20.82 1.92
CA GLU A 65 -0.85 -21.43 1.24
C GLU A 65 -2.21 -20.89 1.72
N GLU A 66 -2.32 -20.35 2.94
CA GLU A 66 -3.60 -19.89 3.51
C GLU A 66 -4.13 -18.68 2.74
N LYS A 67 -3.22 -17.91 2.14
CA LYS A 67 -3.52 -16.79 1.27
C LYS A 67 -4.06 -17.24 -0.10
N ILE A 68 -3.81 -18.49 -0.51
CA ILE A 68 -4.47 -19.16 -1.65
C ILE A 68 -5.85 -19.68 -1.19
N ALA A 69 -5.91 -20.37 -0.04
CA ALA A 69 -7.13 -20.97 0.49
C ALA A 69 -8.28 -19.96 0.71
N ASN A 70 -7.95 -18.70 1.00
CA ASN A 70 -8.91 -17.59 1.17
C ASN A 70 -9.29 -16.80 -0.12
N LEU A 71 -8.52 -16.83 -1.22
CA LEU A 71 -8.69 -15.86 -2.33
C LEU A 71 -9.63 -16.25 -3.48
N GLY A 72 -9.97 -17.53 -3.61
CA GLY A 72 -10.72 -18.08 -4.76
C GLY A 72 -9.82 -18.29 -5.98
N SER A 73 -9.21 -19.48 -6.09
CA SER A 73 -8.06 -19.74 -6.97
C SER A 73 -8.29 -19.51 -8.47
N CYS A 74 -9.51 -19.77 -8.98
CA CYS A 74 -9.84 -19.71 -10.40
C CYS A 74 -11.32 -19.35 -10.63
N ASN A 75 -11.73 -18.15 -10.21
CA ASN A 75 -13.02 -17.55 -10.58
C ASN A 75 -13.03 -17.19 -12.09
N ASP A 76 -14.19 -17.03 -12.74
CA ASP A 76 -14.23 -16.59 -14.14
C ASP A 76 -13.74 -15.15 -14.32
N SER A 77 -14.05 -14.25 -13.36
CA SER A 77 -13.47 -12.91 -13.27
C SER A 77 -11.96 -12.89 -12.97
N LYS A 78 -11.41 -14.02 -12.52
CA LYS A 78 -10.01 -14.27 -12.14
C LYS A 78 -9.49 -13.36 -11.02
N LEU A 79 -8.27 -13.64 -10.55
CA LEU A 79 -7.54 -12.76 -9.64
C LEU A 79 -7.20 -11.43 -10.31
N GLU A 80 -6.99 -10.38 -9.50
CA GLU A 80 -6.82 -9.01 -9.98
C GLU A 80 -5.80 -8.21 -9.16
N PHE A 81 -5.30 -7.14 -9.77
CA PHE A 81 -4.46 -6.09 -9.19
C PHE A 81 -5.02 -5.57 -7.85
N ARG A 82 -6.31 -5.21 -7.83
CA ARG A 82 -7.08 -4.80 -6.65
C ARG A 82 -7.35 -5.90 -5.61
N SER A 83 -7.19 -7.17 -5.97
CA SER A 83 -7.33 -8.34 -5.09
C SER A 83 -6.02 -8.68 -4.34
N PHE A 84 -4.87 -8.67 -5.03
CA PHE A 84 -3.54 -8.71 -4.40
C PHE A 84 -3.38 -7.56 -3.38
N TRP A 85 -3.90 -6.37 -3.71
CA TRP A 85 -3.94 -5.22 -2.80
C TRP A 85 -4.69 -5.49 -1.47
N GLU A 86 -5.73 -6.35 -1.45
CA GLU A 86 -6.42 -6.72 -0.19
C GLU A 86 -5.50 -7.51 0.76
N LEU A 87 -4.61 -8.33 0.19
CA LEU A 87 -3.64 -9.14 0.93
C LEU A 87 -2.50 -8.30 1.52
N ILE A 88 -2.17 -7.16 0.89
CA ILE A 88 -1.28 -6.16 1.49
C ILE A 88 -1.98 -5.44 2.67
N GLY A 89 -3.28 -5.15 2.56
CA GLY A 89 -4.08 -4.65 3.68
C GLY A 89 -4.08 -5.60 4.89
N GLU A 90 -3.93 -6.90 4.68
CA GLU A 90 -3.74 -7.89 5.74
C GLU A 90 -2.29 -7.95 6.26
N ALA A 91 -1.27 -7.71 5.43
CA ALA A 91 0.09 -7.42 5.94
C ALA A 91 0.10 -6.18 6.88
N ALA A 92 -0.68 -5.14 6.56
CA ALA A 92 -0.90 -3.97 7.41
C ALA A 92 -1.71 -4.22 8.71
N LYS A 93 -2.13 -5.47 8.98
CA LYS A 93 -2.59 -5.91 10.32
C LYS A 93 -1.47 -6.55 11.15
N SER A 94 -0.38 -6.97 10.51
CA SER A 94 0.84 -7.50 11.15
C SER A 94 1.88 -6.40 11.45
N VAL A 95 2.07 -5.43 10.53
CA VAL A 95 3.00 -4.29 10.70
C VAL A 95 2.25 -2.99 11.05
N LYS A 96 2.35 -2.55 12.32
CA LYS A 96 1.60 -1.42 12.91
C LYS A 96 2.37 -0.71 14.03
N LEU A 97 1.81 0.43 14.45
CA LEU A 97 2.14 1.15 15.70
C LEU A 97 1.84 0.25 16.92
N GLU A 98 2.52 0.47 18.05
CA GLU A 98 2.22 -0.20 19.34
C GLU A 98 0.89 0.26 20.00
N ARG A 99 -0.07 0.73 19.19
CA ARG A 99 -1.44 1.09 19.57
C ARG A 99 -2.17 -0.15 20.15
N PRO A 100 -2.92 -0.04 21.27
CA PRO A 100 -3.63 -1.17 21.86
C PRO A 100 -4.74 -1.71 20.94
N VAL A 101 -4.70 -3.01 20.64
CA VAL A 101 -5.54 -3.71 19.66
C VAL A 101 -6.23 -4.92 20.32
N ARG A 102 -7.52 -5.09 20.07
CA ARG A 102 -8.37 -6.18 20.62
C ARG A 102 -8.53 -7.39 19.69
N GLY A 103 -7.93 -7.34 18.49
CA GLY A 103 -7.82 -8.47 17.57
C GLY A 103 -7.64 -8.07 16.10
N HIS A 104 -7.52 -9.08 15.21
CA HIS A 104 -7.51 -8.93 13.75
C HIS A 104 -8.91 -8.84 13.13
N MET B 1 -5.26 -7.12 28.95
CA MET B 1 -3.80 -6.98 29.06
C MET B 1 -3.16 -6.82 27.68
N GLY B 2 -2.35 -5.78 27.51
CA GLY B 2 -1.58 -5.53 26.30
C GLY B 2 -0.52 -6.59 26.01
N GLN B 3 -0.08 -6.62 24.75
CA GLN B 3 0.92 -7.56 24.21
C GLN B 3 2.05 -6.80 23.53
N CYS B 4 3.20 -7.45 23.33
CA CYS B 4 4.36 -6.88 22.65
C CYS B 4 5.27 -7.91 21.94
N ARG B 5 6.05 -7.38 21.00
CA ARG B 5 7.23 -8.04 20.38
C ARG B 5 8.45 -7.11 20.24
N SER B 6 8.23 -5.80 20.39
CA SER B 6 9.25 -4.73 20.53
C SER B 6 10.16 -4.47 19.33
N ALA B 7 10.51 -3.19 19.13
CA ALA B 7 11.33 -2.67 18.04
C ALA B 7 10.82 -3.02 16.61
N ASN B 8 9.55 -3.42 16.45
CA ASN B 8 9.00 -3.91 15.19
C ASN B 8 8.65 -2.73 14.26
N ALA B 9 9.28 -2.68 13.08
CA ALA B 9 9.38 -1.49 12.23
C ALA B 9 10.01 -0.27 12.95
N GLU B 10 10.85 -0.49 13.95
CA GLU B 10 11.67 0.54 14.62
C GLU B 10 13.17 0.17 14.63
N ASP B 11 13.55 -0.95 13.99
CA ASP B 11 14.95 -1.31 13.67
C ASP B 11 15.22 -1.17 12.15
N ALA B 12 14.21 -1.46 11.32
CA ALA B 12 14.02 -0.96 9.95
C ALA B 12 15.24 -1.09 9.00
N GLN B 13 15.80 -2.29 8.87
CA GLN B 13 16.98 -2.56 8.05
C GLN B 13 17.11 -3.97 7.44
N GLU B 14 16.29 -4.94 7.86
CA GLU B 14 16.39 -6.33 7.38
C GLU B 14 15.47 -6.63 6.19
N PHE B 15 14.53 -5.75 5.91
CA PHE B 15 13.38 -6.05 5.05
C PHE B 15 13.71 -5.99 3.56
N SER B 16 12.96 -6.74 2.75
CA SER B 16 12.95 -6.68 1.28
C SER B 16 12.47 -5.33 0.75
N ASP B 17 12.71 -5.01 -0.53
CA ASP B 17 12.35 -3.73 -1.16
C ASP B 17 10.83 -3.46 -1.16
N VAL B 18 10.01 -4.52 -1.32
CA VAL B 18 8.54 -4.53 -1.20
C VAL B 18 8.07 -4.52 0.26
N GLU B 19 8.88 -5.07 1.16
CA GLU B 19 8.55 -5.29 2.57
C GLU B 19 8.78 -4.01 3.39
N ARG B 20 9.90 -3.31 3.15
CA ARG B 20 10.15 -1.94 3.62
C ARG B 20 9.27 -0.89 2.94
N ALA B 21 8.71 -1.18 1.75
CA ALA B 21 7.75 -0.30 1.09
C ALA B 21 6.46 -0.19 1.91
N ILE B 22 5.81 -1.31 2.21
CA ILE B 22 4.61 -1.42 3.06
C ILE B 22 4.91 -0.84 4.46
N GLU B 23 6.12 -1.07 5.00
CA GLU B 23 6.57 -0.42 6.22
C GLU B 23 6.59 1.12 6.12
N THR B 24 7.12 1.63 5.02
CA THR B 24 7.22 3.06 4.75
C THR B 24 5.82 3.67 4.73
N LEU B 25 4.88 2.99 4.07
CA LEU B 25 3.49 3.43 3.89
C LEU B 25 2.77 3.55 5.23
N ILE B 26 2.86 2.53 6.09
CA ILE B 26 2.20 2.57 7.40
C ILE B 26 2.81 3.67 8.27
N LYS B 27 4.14 3.84 8.22
CA LYS B 27 4.84 4.97 8.86
C LYS B 27 4.45 6.34 8.31
N ASN B 28 3.88 6.47 7.10
CA ASN B 28 3.38 7.75 6.62
C ASN B 28 2.14 8.26 7.41
N PHE B 29 1.41 7.40 8.13
CA PHE B 29 0.46 7.85 9.17
C PHE B 29 1.15 8.29 10.48
N HIS B 30 2.24 7.60 10.87
CA HIS B 30 3.01 7.92 12.08
C HIS B 30 3.65 9.32 11.98
N GLN B 31 4.09 9.72 10.77
CA GLN B 31 4.60 11.05 10.46
C GLN B 31 3.56 12.17 10.74
N TYR B 32 2.38 12.08 10.12
CA TYR B 32 1.54 13.27 9.85
C TYR B 32 0.32 13.46 10.75
N SER B 33 0.03 12.54 11.68
CA SER B 33 -1.10 12.62 12.63
C SER B 33 -0.88 13.63 13.78
N VAL B 34 -0.59 14.89 13.42
CA VAL B 34 -0.12 15.98 14.31
C VAL B 34 -1.22 16.79 15.00
N GLU B 35 -2.43 16.84 14.46
CA GLU B 35 -3.64 17.29 15.18
C GLU B 35 -4.56 16.10 15.50
N GLY B 36 -4.51 15.03 14.69
CA GLY B 36 -5.19 13.75 14.92
C GLY B 36 -4.61 12.87 16.05
N GLY B 37 -3.56 13.33 16.74
CA GLY B 37 -3.09 12.75 18.01
C GLY B 37 -2.56 11.32 17.94
N LYS B 38 -1.97 10.89 16.81
CA LYS B 38 -1.47 9.51 16.57
C LYS B 38 -2.48 8.37 16.79
N GLU B 39 -3.77 8.66 16.78
CA GLU B 39 -4.85 7.66 16.67
C GLU B 39 -5.87 8.00 15.57
N THR B 40 -5.92 9.25 15.12
CA THR B 40 -6.83 9.76 14.08
C THR B 40 -6.08 10.72 13.12
N LEU B 41 -6.80 11.37 12.19
CA LEU B 41 -6.26 12.20 11.11
C LEU B 41 -7.19 13.43 10.91
N THR B 42 -6.68 14.59 10.46
CA THR B 42 -7.51 15.79 10.17
C THR B 42 -7.28 16.35 8.75
N PRO B 43 -8.22 17.13 8.18
CA PRO B 43 -8.08 17.78 6.87
C PRO B 43 -6.79 18.56 6.64
N SER B 44 -6.23 19.23 7.66
CA SER B 44 -5.05 20.08 7.46
C SER B 44 -3.76 19.27 7.25
N GLU B 45 -3.53 18.20 8.01
CA GLU B 45 -2.40 17.29 7.72
C GLU B 45 -2.63 16.43 6.46
N LEU B 46 -3.88 16.16 6.08
CA LEU B 46 -4.21 15.57 4.78
C LEU B 46 -3.74 16.49 3.63
N ARG B 47 -4.10 17.78 3.67
CA ARG B 47 -3.62 18.76 2.68
C ARG B 47 -2.09 18.90 2.72
N ASP B 48 -1.49 18.95 3.91
CA ASP B 48 -0.05 19.17 4.11
C ASP B 48 0.82 18.02 3.58
N LEU B 49 0.50 16.74 3.88
CA LEU B 49 1.29 15.64 3.32
C LEU B 49 1.05 15.41 1.83
N VAL B 50 -0.12 15.75 1.29
CA VAL B 50 -0.38 15.58 -0.15
C VAL B 50 0.45 16.59 -0.96
N THR B 51 0.45 17.88 -0.60
CA THR B 51 1.22 18.91 -1.34
C THR B 51 2.74 18.77 -1.19
N GLN B 52 3.21 18.12 -0.12
CA GLN B 52 4.65 17.80 0.08
C GLN B 52 5.08 16.47 -0.54
N GLN B 53 4.23 15.44 -0.49
CA GLN B 53 4.63 14.04 -0.72
C GLN B 53 3.89 13.33 -1.87
N LEU B 54 2.75 13.82 -2.36
CA LEU B 54 2.11 13.33 -3.61
C LEU B 54 1.92 14.43 -4.70
N PRO B 55 2.92 15.27 -5.03
CA PRO B 55 2.71 16.42 -5.91
C PRO B 55 2.66 16.06 -7.41
N HIS B 56 3.12 14.87 -7.81
CA HIS B 56 2.98 14.33 -9.17
C HIS B 56 1.71 13.48 -9.33
N LEU B 57 1.33 12.77 -8.27
CA LEU B 57 0.23 11.80 -8.22
C LEU B 57 -1.13 12.49 -8.00
N MET B 58 -1.21 13.36 -7.00
CA MET B 58 -2.42 14.07 -6.54
C MET B 58 -2.19 15.60 -6.52
N PRO B 59 -1.87 16.22 -7.67
CA PRO B 59 -1.48 17.64 -7.72
C PRO B 59 -2.63 18.60 -7.41
N SER B 60 -2.24 19.79 -6.97
CA SER B 60 -3.12 20.98 -6.84
C SER B 60 -3.94 21.27 -8.12
N ASN B 61 -3.41 20.93 -9.31
CA ASN B 61 -4.09 21.09 -10.60
C ASN B 61 -5.44 20.33 -10.70
N CYS B 62 -5.70 19.34 -9.83
CA CYS B 62 -6.99 18.64 -9.70
C CYS B 62 -7.95 19.24 -8.65
N GLY B 63 -7.44 20.06 -7.73
CA GLY B 63 -8.07 20.29 -6.43
C GLY B 63 -7.83 19.10 -5.49
N LEU B 64 -7.12 19.34 -4.38
CA LEU B 64 -6.75 18.32 -3.37
C LEU B 64 -7.64 18.39 -2.12
N GLU B 65 -8.39 19.48 -1.93
CA GLU B 65 -9.54 19.51 -1.01
C GLU B 65 -10.66 18.54 -1.41
N GLU B 66 -10.69 18.08 -2.66
CA GLU B 66 -11.64 17.08 -3.15
C GLU B 66 -11.48 15.72 -2.45
N LYS B 67 -10.30 15.42 -1.88
CA LYS B 67 -10.07 14.25 -1.02
C LYS B 67 -10.74 14.39 0.35
N ILE B 68 -10.72 15.61 0.92
CA ILE B 68 -11.40 15.98 2.17
C ILE B 68 -12.93 15.93 1.96
N ALA B 69 -13.42 16.53 0.87
CA ALA B 69 -14.85 16.58 0.54
C ALA B 69 -15.50 15.19 0.36
N ASN B 70 -14.72 14.17 0.00
CA ASN B 70 -15.17 12.78 -0.09
C ASN B 70 -15.22 12.06 1.27
N LEU B 71 -14.24 12.23 2.16
CA LEU B 71 -14.27 11.62 3.50
C LEU B 71 -15.21 12.34 4.49
N GLY B 72 -15.54 13.61 4.22
CA GLY B 72 -16.50 14.43 4.97
C GLY B 72 -15.89 15.25 6.11
N SER B 73 -16.37 16.47 6.32
CA SER B 73 -15.86 17.39 7.35
C SER B 73 -16.20 16.99 8.80
N CYS B 74 -17.26 16.19 9.01
CA CYS B 74 -17.68 15.69 10.32
C CYS B 74 -18.33 14.29 10.23
N ASN B 75 -17.87 13.35 11.07
CA ASN B 75 -18.29 11.94 11.13
C ASN B 75 -18.49 11.46 12.59
N ASP B 76 -19.34 10.44 12.80
CA ASP B 76 -19.82 10.01 14.12
C ASP B 76 -18.77 9.30 15.00
N SER B 77 -17.76 8.66 14.39
CA SER B 77 -16.62 8.07 15.11
C SER B 77 -15.25 8.52 14.53
N LYS B 78 -15.26 9.68 13.86
CA LYS B 78 -14.08 10.40 13.33
C LYS B 78 -13.25 9.53 12.36
N LEU B 79 -11.96 9.85 12.16
CA LEU B 79 -11.02 8.99 11.41
C LEU B 79 -10.28 7.99 12.31
N GLU B 80 -9.72 6.94 11.70
CA GLU B 80 -8.97 5.88 12.38
C GLU B 80 -7.70 5.51 11.57
N PHE B 81 -6.68 4.99 12.25
CA PHE B 81 -5.36 4.63 11.68
C PHE B 81 -5.48 3.70 10.45
N ARG B 82 -6.31 2.66 10.50
CA ARG B 82 -6.58 1.75 9.36
C ARG B 82 -7.19 2.41 8.12
N SER B 83 -7.80 3.60 8.26
CA SER B 83 -8.50 4.28 7.16
C SER B 83 -7.57 5.11 6.25
N PHE B 84 -6.37 5.49 6.72
CA PHE B 84 -5.31 6.10 5.88
C PHE B 84 -4.97 5.21 4.68
N TRP B 85 -4.88 3.89 4.91
CA TRP B 85 -4.60 2.86 3.91
C TRP B 85 -5.69 2.77 2.81
N GLU B 86 -6.92 3.20 3.08
CA GLU B 86 -8.05 3.17 2.12
C GLU B 86 -7.92 4.28 1.05
N LEU B 87 -7.32 5.42 1.41
CA LEU B 87 -6.95 6.46 0.46
C LEU B 87 -5.65 6.17 -0.30
N ILE B 88 -4.74 5.34 0.23
CA ILE B 88 -3.68 4.73 -0.61
C ILE B 88 -4.31 3.77 -1.63
N GLY B 89 -5.39 3.09 -1.25
CA GLY B 89 -6.28 2.37 -2.17
C GLY B 89 -6.85 3.24 -3.29
N GLU B 90 -7.02 4.55 -3.08
CA GLU B 90 -7.36 5.50 -4.13
C GLU B 90 -6.12 5.94 -4.93
N ALA B 91 -4.96 6.15 -4.29
CA ALA B 91 -3.70 6.38 -5.01
C ALA B 91 -3.37 5.30 -6.08
N ALA B 92 -3.70 4.01 -5.87
CA ALA B 92 -3.56 2.98 -6.92
C ALA B 92 -4.63 3.03 -8.03
N LYS B 93 -5.64 3.92 -7.95
CA LYS B 93 -6.43 4.27 -9.15
C LYS B 93 -5.59 5.09 -10.13
N SER B 94 -4.52 5.73 -9.66
CA SER B 94 -3.61 6.60 -10.42
C SER B 94 -2.27 5.96 -10.84
N VAL B 95 -1.88 4.78 -10.34
CA VAL B 95 -0.77 3.98 -10.92
C VAL B 95 -1.18 2.52 -11.15
N LYS B 96 -1.05 2.07 -12.40
CA LYS B 96 -1.53 0.78 -12.93
C LYS B 96 -0.62 0.24 -14.06
N LEU B 97 -0.93 -0.96 -14.57
CA LEU B 97 -0.26 -1.62 -15.71
C LEU B 97 -0.31 -0.79 -17.01
N GLU B 98 0.53 -1.14 -17.99
CA GLU B 98 0.41 -0.67 -19.40
C GLU B 98 -0.75 -1.37 -20.13
N ARG B 99 -1.98 -1.20 -19.64
CA ARG B 99 -3.22 -1.75 -20.21
C ARG B 99 -4.38 -0.75 -20.21
N PRO B 100 -5.27 -0.77 -21.21
CA PRO B 100 -6.45 0.10 -21.29
C PRO B 100 -7.50 -0.25 -20.23
N VAL B 101 -8.01 0.80 -19.55
CA VAL B 101 -9.10 0.76 -18.56
C VAL B 101 -10.04 1.94 -18.81
N ARG B 102 -11.35 1.70 -18.88
CA ARG B 102 -12.38 2.77 -18.85
C ARG B 102 -12.71 3.15 -17.41
N GLY B 103 -12.92 4.43 -17.14
CA GLY B 103 -13.03 4.94 -15.77
C GLY B 103 -11.70 4.82 -15.01
N HIS B 104 -11.78 4.77 -13.67
CA HIS B 104 -10.63 4.59 -12.78
C HIS B 104 -10.93 3.57 -11.67
N MET A 1 -4.01 -4.15 -34.96
CA MET A 1 -4.28 -3.82 -33.54
C MET A 1 -2.99 -3.38 -32.87
N GLY A 2 -3.05 -2.50 -31.87
CA GLY A 2 -1.86 -2.02 -31.14
C GLY A 2 -2.15 -1.11 -29.95
N GLN A 3 -1.12 -0.78 -29.16
CA GLN A 3 -1.23 -0.01 -27.91
C GLN A 3 -0.41 1.29 -27.92
N CYS A 4 -0.98 2.38 -27.42
CA CYS A 4 -0.25 3.62 -27.14
C CYS A 4 0.61 3.49 -25.87
N ARG A 5 1.71 4.25 -25.78
CA ARG A 5 2.70 4.15 -24.68
C ARG A 5 3.12 5.52 -24.14
N SER A 6 3.85 5.52 -23.03
CA SER A 6 4.26 6.71 -22.26
C SER A 6 5.76 6.71 -21.92
N ALA A 7 6.29 7.87 -21.53
CA ALA A 7 7.71 8.09 -21.20
C ALA A 7 7.95 8.56 -19.75
N ASN A 8 6.92 8.60 -18.91
CA ASN A 8 6.98 9.06 -17.51
C ASN A 8 6.37 8.03 -16.55
N ALA A 9 6.88 7.99 -15.32
CA ALA A 9 6.59 6.95 -14.33
C ALA A 9 6.79 5.52 -14.84
N GLU A 10 7.64 5.30 -15.85
CA GLU A 10 8.02 3.98 -16.37
C GLU A 10 9.19 3.39 -15.60
N ASP A 11 10.19 4.24 -15.38
CA ASP A 11 11.45 3.91 -14.70
C ASP A 11 11.52 4.41 -13.23
N ALA A 12 10.41 4.95 -12.73
CA ALA A 12 10.03 5.01 -11.32
C ALA A 12 11.05 5.70 -10.38
N GLN A 13 11.26 7.01 -10.58
CA GLN A 13 12.22 7.85 -9.84
C GLN A 13 11.79 9.34 -9.72
N GLU A 14 10.85 9.83 -10.54
CA GLU A 14 10.35 11.24 -10.52
C GLU A 14 9.68 11.66 -9.20
N PHE A 15 9.39 10.69 -8.35
CA PHE A 15 8.55 10.77 -7.16
C PHE A 15 9.34 10.85 -5.83
N SER A 16 8.71 11.30 -4.73
CA SER A 16 9.27 11.31 -3.36
C SER A 16 9.46 9.90 -2.78
N ASP A 17 10.11 9.73 -1.63
CA ASP A 17 10.37 8.38 -1.07
C ASP A 17 9.08 7.60 -0.75
N VAL A 18 8.06 8.26 -0.20
CA VAL A 18 6.73 7.68 0.07
C VAL A 18 5.93 7.43 -1.22
N GLU A 19 6.06 8.32 -2.20
CA GLU A 19 5.35 8.26 -3.48
C GLU A 19 5.94 7.15 -4.39
N ARG A 20 7.28 6.98 -4.35
CA ARG A 20 8.02 5.82 -4.88
C ARG A 20 7.75 4.52 -4.10
N ALA A 21 7.37 4.59 -2.83
CA ALA A 21 7.02 3.38 -2.09
C ALA A 21 5.71 2.77 -2.63
N ILE A 22 4.68 3.57 -2.93
CA ILE A 22 3.44 3.13 -3.59
C ILE A 22 3.75 2.55 -4.97
N GLU A 23 4.68 3.15 -5.74
CA GLU A 23 5.17 2.52 -6.97
C GLU A 23 5.83 1.15 -6.74
N THR A 24 6.55 0.99 -5.62
CA THR A 24 7.29 -0.23 -5.30
C THR A 24 6.32 -1.36 -4.92
N LEU A 25 5.13 -1.01 -4.39
CA LEU A 25 4.04 -1.96 -4.20
C LEU A 25 3.46 -2.38 -5.58
N ILE A 26 3.38 -1.44 -6.53
CA ILE A 26 2.94 -1.72 -7.91
C ILE A 26 3.90 -2.67 -8.62
N LYS A 27 5.18 -2.28 -8.79
CA LYS A 27 6.19 -3.01 -9.59
C LYS A 27 6.22 -4.50 -9.26
N ASN A 28 6.10 -4.82 -7.97
CA ASN A 28 6.25 -6.18 -7.50
C ASN A 28 5.06 -7.10 -7.82
N PHE A 29 3.85 -6.57 -8.06
CA PHE A 29 2.74 -7.33 -8.64
C PHE A 29 3.02 -7.69 -10.10
N HIS A 30 3.43 -6.71 -10.92
CA HIS A 30 3.59 -6.90 -12.37
C HIS A 30 4.84 -7.72 -12.75
N GLN A 31 5.94 -7.62 -11.99
CA GLN A 31 7.11 -8.50 -12.16
C GLN A 31 6.87 -9.96 -11.73
N TYR A 32 5.99 -10.23 -10.76
CA TYR A 32 5.68 -11.61 -10.34
C TYR A 32 4.52 -12.27 -11.11
N SER A 33 3.68 -11.50 -11.83
CA SER A 33 2.61 -12.04 -12.69
C SER A 33 3.17 -12.74 -13.95
N VAL A 34 3.67 -13.96 -13.78
CA VAL A 34 4.27 -14.81 -14.82
C VAL A 34 3.28 -15.77 -15.48
N GLU A 35 2.23 -16.19 -14.77
CA GLU A 35 1.11 -16.97 -15.31
C GLU A 35 -0.17 -16.12 -15.42
N GLY A 36 -0.33 -15.11 -14.56
CA GLY A 36 -1.41 -14.13 -14.61
C GLY A 36 -1.34 -13.18 -15.82
N GLY A 37 -2.33 -12.31 -15.96
CA GLY A 37 -2.49 -11.43 -17.11
C GLY A 37 -1.58 -10.19 -17.15
N LYS A 38 -0.64 -10.06 -16.20
CA LYS A 38 0.06 -8.81 -15.79
C LYS A 38 -0.84 -7.66 -15.33
N GLU A 39 -2.13 -7.68 -15.68
CA GLU A 39 -3.23 -7.01 -15.01
C GLU A 39 -3.71 -7.73 -13.72
N THR A 40 -3.40 -9.03 -13.57
CA THR A 40 -3.92 -9.94 -12.53
C THR A 40 -2.84 -10.88 -11.97
N LEU A 41 -3.06 -11.52 -10.82
CA LEU A 41 -2.07 -12.25 -10.00
C LEU A 41 -2.61 -13.61 -9.54
N THR A 42 -2.04 -14.73 -10.00
CA THR A 42 -2.57 -16.08 -9.69
C THR A 42 -2.05 -16.66 -8.36
N PRO A 43 -2.76 -17.63 -7.75
CA PRO A 43 -2.33 -18.32 -6.54
C PRO A 43 -0.87 -18.83 -6.53
N SER A 44 -0.36 -19.24 -7.70
CA SER A 44 0.99 -19.81 -7.82
C SER A 44 2.10 -18.77 -7.65
N GLU A 45 1.99 -17.58 -8.26
CA GLU A 45 2.92 -16.48 -8.00
C GLU A 45 2.66 -15.77 -6.65
N LEU A 46 1.44 -15.85 -6.10
CA LEU A 46 1.12 -15.38 -4.74
C LEU A 46 1.99 -16.11 -3.70
N ARG A 47 1.97 -17.45 -3.67
CA ARG A 47 2.81 -18.20 -2.73
C ARG A 47 4.32 -18.02 -3.00
N ASP A 48 4.72 -17.85 -4.26
CA ASP A 48 6.13 -17.70 -4.67
C ASP A 48 6.76 -16.33 -4.36
N LEU A 49 6.00 -15.22 -4.31
CA LEU A 49 6.54 -13.95 -3.80
C LEU A 49 6.46 -13.83 -2.28
N VAL A 50 5.44 -14.40 -1.63
CA VAL A 50 5.30 -14.27 -0.16
C VAL A 50 6.41 -15.02 0.59
N THR A 51 6.81 -16.20 0.11
CA THR A 51 7.93 -16.97 0.68
C THR A 51 9.31 -16.30 0.47
N GLN A 52 9.46 -15.50 -0.59
CA GLN A 52 10.71 -14.82 -0.94
C GLN A 52 10.83 -13.40 -0.34
N GLN A 53 9.73 -12.64 -0.32
CA GLN A 53 9.75 -11.18 -0.09
C GLN A 53 8.98 -10.71 1.14
N LEU A 54 8.02 -11.48 1.68
CA LEU A 54 7.29 -11.11 2.93
C LEU A 54 7.51 -12.12 4.08
N PRO A 55 8.75 -12.55 4.41
CA PRO A 55 8.98 -13.54 5.48
C PRO A 55 8.71 -12.98 6.88
N HIS A 56 8.76 -11.65 7.07
CA HIS A 56 8.44 -10.98 8.34
C HIS A 56 6.94 -10.63 8.44
N LEU A 57 6.31 -10.20 7.34
CA LEU A 57 4.93 -9.67 7.31
C LEU A 57 3.86 -10.73 6.98
N MET A 58 4.14 -11.73 6.14
CA MET A 58 3.31 -12.92 5.92
C MET A 58 4.14 -14.22 6.01
N PRO A 59 4.57 -14.60 7.23
CA PRO A 59 5.21 -15.89 7.47
C PRO A 59 4.27 -17.08 7.25
N SER A 60 4.88 -18.25 7.05
CA SER A 60 4.22 -19.56 7.07
C SER A 60 3.55 -19.89 8.41
N ASN A 61 3.88 -19.19 9.50
CA ASN A 61 3.21 -19.26 10.81
C ASN A 61 1.69 -18.95 10.76
N CYS A 62 1.25 -18.09 9.83
CA CYS A 62 -0.18 -17.87 9.53
C CYS A 62 -0.68 -18.71 8.34
N GLY A 63 0.19 -19.53 7.74
CA GLY A 63 0.03 -20.12 6.41
C GLY A 63 0.15 -19.06 5.31
N LEU A 64 0.95 -19.32 4.28
CA LEU A 64 0.96 -18.51 3.04
C LEU A 64 0.04 -19.11 1.96
N GLU A 65 -0.19 -20.43 1.96
CA GLU A 65 -1.29 -21.06 1.23
C GLU A 65 -2.68 -20.76 1.83
N GLU A 66 -2.76 -20.25 3.07
CA GLU A 66 -4.02 -19.79 3.66
C GLU A 66 -4.55 -18.52 2.97
N LYS A 67 -3.65 -17.78 2.31
CA LYS A 67 -3.97 -16.58 1.54
C LYS A 67 -4.60 -16.94 0.20
N ILE A 68 -4.09 -17.99 -0.45
CA ILE A 68 -4.72 -18.67 -1.58
C ILE A 68 -6.09 -19.23 -1.15
N ALA A 69 -6.17 -19.86 0.02
CA ALA A 69 -7.43 -20.36 0.60
C ALA A 69 -8.46 -19.26 0.95
N ASN A 70 -8.04 -17.98 1.06
CA ASN A 70 -8.93 -16.82 1.23
C ASN A 70 -9.45 -16.23 -0.10
N LEU A 71 -8.56 -15.88 -1.05
CA LEU A 71 -8.91 -14.98 -2.16
C LEU A 71 -9.85 -15.53 -3.25
N GLY A 72 -10.14 -16.83 -3.20
CA GLY A 72 -10.99 -17.56 -4.16
C GLY A 72 -10.20 -18.05 -5.37
N SER A 73 -9.73 -19.29 -5.31
CA SER A 73 -8.84 -19.90 -6.32
C SER A 73 -9.45 -19.94 -7.74
N CYS A 74 -10.77 -20.01 -7.84
CA CYS A 74 -11.53 -20.23 -9.07
C CYS A 74 -12.24 -18.95 -9.56
N ASN A 75 -11.60 -17.79 -9.36
CA ASN A 75 -11.98 -16.45 -9.82
C ASN A 75 -13.32 -15.90 -9.25
N ASP A 76 -13.93 -16.54 -8.25
CA ASP A 76 -15.28 -16.15 -7.77
C ASP A 76 -15.35 -14.76 -7.11
N SER A 77 -14.21 -14.18 -6.70
CA SER A 77 -14.07 -12.80 -6.21
C SER A 77 -13.00 -11.97 -6.96
N LYS A 78 -12.45 -12.51 -8.05
CA LYS A 78 -11.36 -11.97 -8.89
C LYS A 78 -10.00 -11.75 -8.19
N LEU A 79 -8.93 -11.70 -8.99
CA LEU A 79 -7.56 -11.48 -8.54
C LEU A 79 -6.80 -10.43 -9.39
N GLU A 80 -7.39 -9.24 -9.47
CA GLU A 80 -6.76 -8.01 -9.96
C GLU A 80 -5.81 -7.40 -8.91
N PHE A 81 -5.15 -6.28 -9.22
CA PHE A 81 -4.32 -5.54 -8.26
C PHE A 81 -5.09 -5.19 -6.97
N ARG A 82 -6.41 -4.91 -7.03
CA ARG A 82 -7.26 -4.73 -5.84
C ARG A 82 -7.19 -5.91 -4.86
N SER A 83 -7.18 -7.15 -5.34
CA SER A 83 -7.13 -8.34 -4.47
C SER A 83 -5.73 -8.59 -3.88
N PHE A 84 -4.66 -8.18 -4.57
CA PHE A 84 -3.31 -8.11 -4.02
C PHE A 84 -3.21 -7.00 -2.94
N TRP A 85 -3.80 -5.83 -3.23
CA TRP A 85 -3.78 -4.63 -2.40
C TRP A 85 -4.50 -4.80 -1.05
N GLU A 86 -5.65 -5.47 -1.03
CA GLU A 86 -6.35 -5.81 0.22
C GLU A 86 -5.59 -6.84 1.07
N LEU A 87 -4.68 -7.62 0.47
CA LEU A 87 -3.73 -8.47 1.17
C LEU A 87 -2.61 -7.66 1.84
N ILE A 88 -2.10 -6.62 1.17
CA ILE A 88 -1.13 -5.69 1.78
C ILE A 88 -1.75 -4.98 3.00
N GLY A 89 -3.04 -4.67 2.93
CA GLY A 89 -3.81 -4.15 4.06
C GLY A 89 -3.85 -5.10 5.29
N GLU A 90 -3.67 -6.41 5.10
CA GLU A 90 -3.46 -7.40 6.15
C GLU A 90 -1.96 -7.51 6.53
N ALA A 91 -1.02 -7.48 5.57
CA ALA A 91 0.43 -7.41 5.84
C ALA A 91 0.80 -6.31 6.84
N ALA A 92 0.22 -5.11 6.68
CA ALA A 92 0.47 -3.96 7.56
C ALA A 92 0.10 -4.20 9.03
N LYS A 93 -0.87 -5.08 9.34
CA LYS A 93 -1.27 -5.39 10.72
C LYS A 93 -0.16 -6.07 11.54
N SER A 94 0.85 -6.66 10.88
CA SER A 94 2.03 -7.24 11.51
C SER A 94 3.21 -6.27 11.72
N VAL A 95 3.11 -5.00 11.28
CA VAL A 95 4.09 -3.95 11.65
C VAL A 95 3.42 -2.58 11.78
N LYS A 96 3.15 -2.19 13.04
CA LYS A 96 2.59 -0.88 13.43
C LYS A 96 3.33 -0.26 14.62
N LEU A 97 3.08 1.03 14.84
CA LEU A 97 3.46 1.76 16.06
C LEU A 97 2.76 1.14 17.29
N GLU A 98 3.39 1.22 18.45
CA GLU A 98 2.80 0.72 19.70
C GLU A 98 1.90 1.78 20.31
N ARG A 99 0.58 1.58 20.23
CA ARG A 99 -0.46 2.44 20.81
C ARG A 99 -1.43 1.62 21.65
N PRO A 100 -1.88 2.12 22.82
CA PRO A 100 -2.88 1.44 23.63
C PRO A 100 -4.28 1.55 22.99
N VAL A 101 -5.17 0.63 23.34
CA VAL A 101 -6.53 0.54 22.78
C VAL A 101 -7.58 0.40 23.88
N ARG A 102 -8.58 1.29 23.86
CA ARG A 102 -9.75 1.27 24.75
C ARG A 102 -10.88 0.44 24.16
N GLY A 103 -11.08 0.51 22.85
CA GLY A 103 -12.05 -0.33 22.11
C GLY A 103 -12.36 0.13 20.69
N HIS A 104 -13.34 -0.56 20.07
CA HIS A 104 -13.96 -0.23 18.76
C HIS A 104 -15.45 0.11 18.92
N MET B 1 -0.55 2.82 32.14
CA MET B 1 -1.94 2.52 31.75
C MET B 1 -2.17 1.03 31.47
N GLY B 2 -1.40 0.38 30.60
CA GLY B 2 -1.59 -1.02 30.22
C GLY B 2 -0.60 -1.52 29.17
N GLN B 3 0.69 -1.42 29.44
CA GLN B 3 1.77 -1.71 28.48
C GLN B 3 2.92 -2.51 29.10
N CYS B 4 3.49 -3.43 28.31
CA CYS B 4 4.74 -4.16 28.60
C CYS B 4 5.90 -3.61 27.76
N ARG B 5 7.09 -4.25 27.82
CA ARG B 5 8.18 -3.99 26.85
C ARG B 5 7.86 -4.69 25.53
N SER B 6 7.67 -3.91 24.47
CA SER B 6 7.26 -4.39 23.14
C SER B 6 8.05 -3.72 22.02
N ALA B 7 7.48 -2.67 21.40
CA ALA B 7 7.99 -2.02 20.20
C ALA B 7 8.37 -3.03 19.09
N ASN B 8 7.62 -4.13 18.94
CA ASN B 8 8.01 -5.26 18.12
C ASN B 8 7.98 -4.88 16.63
N ALA B 9 9.10 -5.06 15.92
CA ALA B 9 9.37 -4.59 14.56
C ALA B 9 9.23 -3.06 14.32
N GLU B 10 9.09 -2.24 15.37
CA GLU B 10 8.94 -0.78 15.27
C GLU B 10 10.24 -0.06 14.86
N ASP B 11 11.37 -0.76 14.87
CA ASP B 11 12.67 -0.30 14.39
C ASP B 11 13.32 -1.26 13.39
N ALA B 12 12.52 -2.14 12.76
CA ALA B 12 12.93 -3.19 11.84
C ALA B 12 13.93 -2.73 10.75
N GLN B 13 14.70 -3.68 10.21
CA GLN B 13 15.94 -3.41 9.45
C GLN B 13 16.17 -4.40 8.30
N GLU B 14 15.67 -5.63 8.41
CA GLU B 14 16.03 -6.73 7.51
C GLU B 14 15.00 -6.99 6.41
N PHE B 15 13.95 -6.18 6.33
CA PHE B 15 12.86 -6.35 5.34
C PHE B 15 13.39 -6.25 3.89
N SER B 16 12.75 -6.97 2.95
CA SER B 16 12.99 -6.83 1.50
C SER B 16 12.54 -5.45 1.01
N ASP B 17 12.99 -4.94 -0.15
CA ASP B 17 12.65 -3.57 -0.58
C ASP B 17 11.14 -3.33 -0.81
N VAL B 18 10.37 -4.37 -1.18
CA VAL B 18 8.89 -4.34 -1.22
C VAL B 18 8.27 -4.31 0.18
N GLU B 19 8.90 -4.98 1.15
CA GLU B 19 8.48 -5.12 2.54
C GLU B 19 8.80 -3.84 3.33
N ARG B 20 9.97 -3.22 3.04
CA ARG B 20 10.34 -1.83 3.37
C ARG B 20 9.40 -0.82 2.72
N ALA B 21 8.80 -1.11 1.57
CA ALA B 21 7.87 -0.18 0.92
C ALA B 21 6.53 -0.12 1.68
N ILE B 22 5.95 -1.26 2.05
CA ILE B 22 4.76 -1.34 2.92
C ILE B 22 5.05 -0.65 4.26
N GLU B 23 6.24 -0.88 4.84
CA GLU B 23 6.75 -0.17 6.00
C GLU B 23 6.78 1.37 5.85
N THR B 24 7.17 1.81 4.66
CA THR B 24 7.28 3.25 4.31
C THR B 24 5.89 3.89 4.26
N LEU B 25 4.84 3.13 3.88
CA LEU B 25 3.47 3.63 3.83
C LEU B 25 2.91 3.77 5.26
N ILE B 26 3.11 2.74 6.11
CA ILE B 26 2.66 2.79 7.51
C ILE B 26 3.36 3.92 8.26
N LYS B 27 4.70 4.00 8.26
CA LYS B 27 5.42 5.04 9.01
C LYS B 27 5.05 6.46 8.57
N ASN B 28 4.74 6.70 7.29
CA ASN B 28 4.35 8.03 6.82
C ASN B 28 2.96 8.51 7.29
N PHE B 29 2.05 7.62 7.72
CA PHE B 29 0.83 8.00 8.43
C PHE B 29 1.14 8.60 9.81
N HIS B 30 1.94 7.91 10.63
CA HIS B 30 2.28 8.34 11.99
C HIS B 30 3.20 9.57 11.98
N GLN B 31 4.17 9.61 11.07
CA GLN B 31 4.99 10.79 10.78
C GLN B 31 4.23 12.00 10.20
N TYR B 32 2.91 11.90 9.98
CA TYR B 32 2.05 13.07 9.72
C TYR B 32 0.94 13.33 10.76
N SER B 33 0.47 12.33 11.51
CA SER B 33 -0.51 12.48 12.60
C SER B 33 0.10 13.18 13.83
N VAL B 34 0.12 14.52 13.82
CA VAL B 34 0.50 15.36 14.97
C VAL B 34 -0.69 15.90 15.75
N GLU B 35 -1.81 16.21 15.10
CA GLU B 35 -3.02 16.76 15.75
C GLU B 35 -4.14 15.71 15.91
N GLY B 36 -4.14 14.67 15.07
CA GLY B 36 -4.78 13.38 15.36
C GLY B 36 -4.14 12.65 16.55
N GLY B 37 -4.71 11.50 16.93
CA GLY B 37 -4.31 10.74 18.12
C GLY B 37 -3.05 9.87 17.94
N LYS B 38 -2.11 10.27 17.08
CA LYS B 38 -0.99 9.46 16.51
C LYS B 38 -1.40 8.17 15.76
N GLU B 39 -2.62 7.69 15.98
CA GLU B 39 -3.21 6.45 15.43
C GLU B 39 -4.39 6.72 14.48
N THR B 40 -4.78 7.99 14.36
CA THR B 40 -5.90 8.56 13.58
C THR B 40 -5.45 9.82 12.85
N LEU B 41 -6.14 10.23 11.77
CA LEU B 41 -5.60 11.16 10.76
C LEU B 41 -6.59 12.30 10.49
N THR B 42 -6.26 13.56 10.82
CA THR B 42 -7.18 14.69 10.61
C THR B 42 -7.16 15.20 9.16
N PRO B 43 -8.29 15.71 8.61
CA PRO B 43 -8.33 16.39 7.32
C PRO B 43 -7.25 17.47 7.11
N SER B 44 -6.89 18.22 8.17
CA SER B 44 -5.89 19.29 8.10
C SER B 44 -4.48 18.79 7.81
N GLU B 45 -4.05 17.66 8.40
CA GLU B 45 -2.77 17.03 8.07
C GLU B 45 -2.83 16.07 6.85
N LEU B 46 -4.03 15.58 6.50
CA LEU B 46 -4.30 14.90 5.23
C LEU B 46 -3.95 15.80 4.04
N ARG B 47 -4.53 17.02 3.96
CA ARG B 47 -4.18 17.94 2.86
C ARG B 47 -2.73 18.45 2.93
N ASP B 48 -2.13 18.53 4.12
CA ASP B 48 -0.71 18.89 4.29
C ASP B 48 0.26 17.85 3.68
N LEU B 49 0.07 16.54 3.88
CA LEU B 49 0.96 15.55 3.25
C LEU B 49 0.70 15.35 1.76
N VAL B 50 -0.51 15.60 1.26
CA VAL B 50 -0.77 15.44 -0.18
C VAL B 50 -0.12 16.56 -0.99
N THR B 51 -0.11 17.80 -0.49
CA THR B 51 0.60 18.92 -1.13
C THR B 51 2.13 18.83 -0.97
N GLN B 52 2.63 18.27 0.14
CA GLN B 52 4.08 18.11 0.39
C GLN B 52 4.73 16.87 -0.25
N GLN B 53 4.05 15.71 -0.23
CA GLN B 53 4.66 14.41 -0.57
C GLN B 53 4.07 13.70 -1.80
N LEU B 54 2.84 14.04 -2.25
CA LEU B 54 2.26 13.49 -3.49
C LEU B 54 2.00 14.55 -4.59
N PRO B 55 2.91 15.48 -4.90
CA PRO B 55 2.64 16.54 -5.89
C PRO B 55 2.71 16.04 -7.33
N HIS B 56 3.46 14.97 -7.59
CA HIS B 56 3.67 14.39 -8.93
C HIS B 56 2.58 13.36 -9.30
N LEU B 57 2.10 12.57 -8.34
CA LEU B 57 1.05 11.56 -8.52
C LEU B 57 -0.38 12.08 -8.27
N MET B 58 -0.57 12.98 -7.29
CA MET B 58 -1.89 13.46 -6.84
C MET B 58 -1.94 15.01 -6.82
N PRO B 59 -1.95 15.68 -7.99
CA PRO B 59 -1.91 17.15 -8.09
C PRO B 59 -3.18 17.85 -7.57
N SER B 60 -3.04 19.12 -7.24
CA SER B 60 -4.16 20.02 -6.92
C SER B 60 -5.19 20.16 -8.06
N ASN B 61 -4.81 19.84 -9.31
CA ASN B 61 -5.75 19.71 -10.44
C ASN B 61 -6.89 18.72 -10.14
N CYS B 62 -6.65 17.66 -9.36
CA CYS B 62 -7.66 16.67 -8.96
C CYS B 62 -8.68 17.20 -7.95
N GLY B 63 -8.32 18.25 -7.20
CA GLY B 63 -8.88 18.55 -5.88
C GLY B 63 -8.39 17.54 -4.84
N LEU B 64 -7.64 18.00 -3.84
CA LEU B 64 -7.15 17.17 -2.74
C LEU B 64 -8.07 17.17 -1.51
N GLU B 65 -8.94 18.18 -1.35
CA GLU B 65 -10.12 18.10 -0.45
C GLU B 65 -11.10 16.97 -0.83
N GLU B 66 -11.05 16.44 -2.06
CA GLU B 66 -11.85 15.29 -2.49
C GLU B 66 -11.42 14.00 -1.74
N LYS B 67 -10.15 13.92 -1.32
CA LYS B 67 -9.61 12.83 -0.51
C LYS B 67 -10.07 12.94 0.95
N ILE B 68 -10.29 14.17 1.43
CA ILE B 68 -10.97 14.47 2.70
C ILE B 68 -12.46 14.08 2.60
N ALA B 69 -13.14 14.45 1.51
CA ALA B 69 -14.56 14.17 1.26
C ALA B 69 -14.89 12.67 1.13
N ASN B 70 -13.89 11.82 0.81
CA ASN B 70 -14.01 10.36 0.83
C ASN B 70 -14.05 9.80 2.25
N LEU B 71 -13.11 10.17 3.13
CA LEU B 71 -13.13 9.69 4.52
C LEU B 71 -14.17 10.39 5.41
N GLY B 72 -14.66 11.56 4.97
CA GLY B 72 -15.68 12.37 5.61
C GLY B 72 -15.14 13.18 6.79
N SER B 73 -15.22 14.50 6.71
CA SER B 73 -14.52 15.41 7.63
C SER B 73 -14.89 15.24 9.10
N CYS B 74 -16.14 14.94 9.42
CA CYS B 74 -16.71 15.07 10.77
C CYS B 74 -16.52 13.84 11.69
N ASN B 75 -15.58 12.93 11.38
CA ASN B 75 -15.27 11.75 12.21
C ASN B 75 -16.51 10.88 12.48
N ASP B 76 -17.41 10.73 11.51
CA ASP B 76 -18.76 10.16 11.69
C ASP B 76 -18.76 8.64 12.00
N SER B 77 -17.70 7.92 11.61
CA SER B 77 -17.48 6.49 11.95
C SER B 77 -16.12 6.23 12.60
N LYS B 78 -15.36 7.30 12.93
CA LYS B 78 -13.92 7.34 13.25
C LYS B 78 -13.02 6.89 12.07
N LEU B 79 -12.01 7.71 11.77
CA LEU B 79 -10.98 7.44 10.76
C LEU B 79 -9.68 6.94 11.37
N GLU B 80 -9.08 5.95 10.71
CA GLU B 80 -7.95 5.16 11.18
C GLU B 80 -6.97 4.86 10.01
N PHE B 81 -6.01 3.95 10.18
CA PHE B 81 -5.06 3.62 9.10
C PHE B 81 -5.76 3.06 7.84
N ARG B 82 -6.83 2.26 7.97
CA ARG B 82 -7.66 1.83 6.83
C ARG B 82 -8.20 3.04 6.03
N SER B 83 -8.68 4.11 6.67
CA SER B 83 -9.19 5.30 5.97
C SER B 83 -8.12 6.01 5.13
N PHE B 84 -6.86 6.02 5.59
CA PHE B 84 -5.71 6.51 4.81
C PHE B 84 -5.35 5.55 3.67
N TRP B 85 -5.36 4.24 3.95
CA TRP B 85 -5.01 3.18 3.00
C TRP B 85 -5.95 3.12 1.77
N GLU B 86 -7.26 3.30 1.95
CA GLU B 86 -8.24 3.40 0.85
C GLU B 86 -7.92 4.55 -0.14
N LEU B 87 -7.21 5.59 0.32
CA LEU B 87 -6.79 6.75 -0.45
C LEU B 87 -5.45 6.52 -1.15
N ILE B 88 -4.55 5.72 -0.57
CA ILE B 88 -3.38 5.20 -1.29
C ILE B 88 -3.83 4.26 -2.42
N GLY B 89 -4.82 3.41 -2.17
CA GLY B 89 -5.39 2.51 -3.19
C GLY B 89 -5.94 3.25 -4.42
N GLU B 90 -6.40 4.50 -4.22
CA GLU B 90 -6.85 5.41 -5.27
C GLU B 90 -5.66 6.12 -5.96
N ALA B 91 -4.64 6.56 -5.21
CA ALA B 91 -3.35 6.99 -5.78
C ALA B 91 -2.75 5.94 -6.73
N ALA B 92 -2.77 4.67 -6.32
CA ALA B 92 -2.25 3.54 -7.09
C ALA B 92 -2.98 3.34 -8.44
N LYS B 93 -4.29 3.64 -8.55
CA LYS B 93 -4.99 3.57 -9.85
C LYS B 93 -4.41 4.55 -10.89
N SER B 94 -3.78 5.65 -10.46
CA SER B 94 -3.11 6.62 -11.34
C SER B 94 -1.64 6.27 -11.69
N VAL B 95 -1.08 5.17 -11.18
CA VAL B 95 0.24 4.66 -11.62
C VAL B 95 0.33 3.13 -11.57
N LYS B 96 0.13 2.50 -12.74
CA LYS B 96 0.25 1.06 -13.00
C LYS B 96 0.94 0.77 -14.33
N LEU B 97 1.22 -0.51 -14.58
CA LEU B 97 1.44 -1.04 -15.92
C LEU B 97 0.06 -1.10 -16.61
N GLU B 98 -0.14 -0.29 -17.64
CA GLU B 98 -1.45 -0.09 -18.26
C GLU B 98 -1.76 -1.23 -19.25
N ARG B 99 -2.73 -2.10 -18.90
CA ARG B 99 -3.30 -3.10 -19.82
C ARG B 99 -4.70 -2.66 -20.31
N PRO B 100 -5.22 -3.25 -21.40
CA PRO B 100 -6.60 -3.01 -21.83
C PRO B 100 -7.62 -3.33 -20.73
N VAL B 101 -8.71 -2.56 -20.70
CA VAL B 101 -9.75 -2.64 -19.66
C VAL B 101 -11.15 -2.42 -20.25
N ARG B 102 -12.13 -3.16 -19.73
CA ARG B 102 -13.50 -3.26 -20.24
C ARG B 102 -14.57 -3.02 -19.17
N GLY B 103 -14.39 -3.57 -17.97
CA GLY B 103 -15.40 -3.56 -16.90
C GLY B 103 -14.82 -3.37 -15.49
N HIS B 104 -15.51 -3.95 -14.49
CA HIS B 104 -15.12 -3.96 -13.07
C HIS B 104 -15.23 -5.36 -12.46
N MET A 1 10.11 -12.67 -29.14
CA MET A 1 9.45 -13.25 -27.96
C MET A 1 10.33 -13.07 -26.71
N GLY A 2 9.71 -13.03 -25.54
CA GLY A 2 10.35 -12.86 -24.22
C GLY A 2 9.38 -12.27 -23.19
N GLN A 3 9.91 -11.71 -22.11
CA GLN A 3 9.16 -10.87 -21.15
C GLN A 3 9.90 -9.53 -20.96
N CYS A 4 9.21 -8.41 -21.12
CA CYS A 4 9.77 -7.09 -20.84
C CYS A 4 10.08 -6.94 -19.34
N ARG A 5 11.20 -6.28 -19.01
CA ARG A 5 11.56 -5.88 -17.64
C ARG A 5 11.32 -4.37 -17.45
N SER A 6 11.17 -3.94 -16.19
CA SER A 6 10.58 -2.63 -15.83
C SER A 6 11.25 -1.92 -14.66
N ALA A 7 12.39 -2.41 -14.17
CA ALA A 7 13.04 -1.95 -12.93
C ALA A 7 13.82 -0.62 -13.05
N ASN A 8 13.20 0.41 -13.65
CA ASN A 8 13.84 1.69 -13.97
C ASN A 8 13.45 2.85 -13.02
N ALA A 9 12.49 2.66 -12.11
CA ALA A 9 11.94 3.74 -11.25
C ALA A 9 11.68 3.33 -9.79
N GLU A 10 12.10 2.13 -9.38
CA GLU A 10 12.05 1.70 -7.97
C GLU A 10 13.26 2.23 -7.17
N ASP A 11 14.29 2.66 -7.88
CA ASP A 11 15.45 3.44 -7.41
C ASP A 11 15.28 4.95 -7.69
N ALA A 12 14.05 5.43 -7.93
CA ALA A 12 13.73 6.84 -8.26
C ALA A 12 14.09 7.82 -7.12
N GLN A 13 14.16 9.12 -7.45
CA GLN A 13 14.72 10.19 -6.58
C GLN A 13 13.97 11.52 -6.69
N GLU A 14 13.29 11.79 -7.80
CA GLU A 14 12.55 13.05 -8.03
C GLU A 14 11.23 13.14 -7.22
N PHE A 15 10.90 12.08 -6.49
CA PHE A 15 9.74 11.95 -5.60
C PHE A 15 10.20 11.83 -4.13
N SER A 16 9.38 12.27 -3.17
CA SER A 16 9.59 11.97 -1.74
C SER A 16 9.36 10.49 -1.46
N ASP A 17 9.95 9.97 -0.37
CA ASP A 17 10.06 8.53 -0.07
C ASP A 17 8.73 7.75 -0.18
N VAL A 18 7.62 8.33 0.23
CA VAL A 18 6.27 7.71 0.19
C VAL A 18 5.72 7.60 -1.25
N GLU A 19 6.01 8.56 -2.12
CA GLU A 19 5.49 8.64 -3.49
C GLU A 19 6.25 7.75 -4.49
N ARG A 20 7.54 7.47 -4.19
CA ARG A 20 8.26 6.35 -4.82
C ARG A 20 7.89 4.98 -4.21
N ALA A 21 7.54 4.93 -2.92
CA ALA A 21 7.20 3.67 -2.26
C ALA A 21 5.92 3.00 -2.79
N ILE A 22 4.85 3.75 -3.07
CA ILE A 22 3.57 3.16 -3.54
C ILE A 22 3.79 2.47 -4.89
N GLU A 23 4.54 3.10 -5.80
CA GLU A 23 4.86 2.49 -7.09
C GLU A 23 5.84 1.33 -6.96
N THR A 24 6.71 1.35 -5.96
CA THR A 24 7.72 0.29 -5.73
C THR A 24 7.07 -1.03 -5.36
N LEU A 25 5.99 -1.00 -4.55
CA LEU A 25 5.26 -2.24 -4.25
C LEU A 25 4.28 -2.65 -5.35
N ILE A 26 3.73 -1.69 -6.10
CA ILE A 26 2.93 -1.97 -7.30
C ILE A 26 3.76 -2.63 -8.40
N LYS A 27 4.97 -2.13 -8.69
CA LYS A 27 5.93 -2.75 -9.63
C LYS A 27 6.18 -4.23 -9.32
N ASN A 28 6.09 -4.65 -8.06
CA ASN A 28 6.29 -6.04 -7.66
C ASN A 28 5.13 -7.00 -8.04
N PHE A 29 3.88 -6.51 -8.16
CA PHE A 29 2.78 -7.29 -8.74
C PHE A 29 3.12 -7.69 -10.19
N HIS A 30 3.58 -6.73 -11.00
CA HIS A 30 3.88 -6.94 -12.41
C HIS A 30 5.20 -7.70 -12.64
N GLN A 31 6.17 -7.64 -11.72
CA GLN A 31 7.32 -8.57 -11.72
C GLN A 31 6.86 -10.03 -11.61
N TYR A 32 6.09 -10.37 -10.56
CA TYR A 32 5.86 -11.78 -10.20
C TYR A 32 4.74 -12.49 -10.97
N SER A 33 3.82 -11.75 -11.59
CA SER A 33 2.68 -12.26 -12.38
C SER A 33 3.07 -12.82 -13.77
N VAL A 34 4.09 -13.69 -13.80
CA VAL A 34 4.63 -14.26 -15.05
C VAL A 34 3.66 -15.24 -15.71
N GLU A 35 2.83 -15.94 -14.92
CA GLU A 35 1.75 -16.80 -15.42
C GLU A 35 0.41 -16.06 -15.45
N GLY A 36 0.12 -15.21 -14.46
CA GLY A 36 -1.03 -14.30 -14.45
C GLY A 36 -1.04 -13.26 -15.58
N GLY A 37 0.08 -13.10 -16.29
CA GLY A 37 0.22 -12.35 -17.53
C GLY A 37 0.21 -10.84 -17.32
N LYS A 38 0.84 -10.34 -16.24
CA LYS A 38 0.92 -8.92 -15.81
C LYS A 38 -0.40 -8.18 -15.53
N GLU A 39 -1.55 -8.71 -15.95
CA GLU A 39 -2.89 -8.17 -15.69
C GLU A 39 -3.57 -8.85 -14.47
N THR A 40 -3.19 -10.09 -14.15
CA THR A 40 -3.72 -10.92 -13.04
C THR A 40 -2.57 -11.59 -12.27
N LEU A 41 -2.86 -12.36 -11.21
CA LEU A 41 -1.86 -12.95 -10.31
C LEU A 41 -2.29 -14.38 -9.92
N THR A 42 -1.54 -15.42 -10.28
CA THR A 42 -1.95 -16.81 -9.97
C THR A 42 -1.69 -17.17 -8.49
N PRO A 43 -2.58 -17.93 -7.81
CA PRO A 43 -2.34 -18.43 -6.46
C PRO A 43 -1.05 -19.26 -6.30
N SER A 44 -0.56 -19.88 -7.38
CA SER A 44 0.74 -20.55 -7.41
C SER A 44 1.93 -19.58 -7.28
N GLU A 45 1.91 -18.42 -7.95
CA GLU A 45 2.97 -17.40 -7.85
C GLU A 45 2.79 -16.41 -6.69
N LEU A 46 1.58 -16.31 -6.12
CA LEU A 46 1.31 -15.67 -4.83
C LEU A 46 2.28 -16.19 -3.75
N ARG A 47 2.31 -17.50 -3.49
CA ARG A 47 3.22 -18.09 -2.50
C ARG A 47 4.70 -17.93 -2.85
N ASP A 48 5.04 -17.87 -4.13
CA ASP A 48 6.41 -17.66 -4.63
C ASP A 48 6.97 -16.30 -4.18
N LEU A 49 6.26 -15.18 -4.39
CA LEU A 49 6.75 -13.89 -3.88
C LEU A 49 6.66 -13.77 -2.36
N VAL A 50 5.76 -14.50 -1.71
CA VAL A 50 5.68 -14.45 -0.24
C VAL A 50 6.95 -15.03 0.38
N THR A 51 7.41 -16.20 -0.07
CA THR A 51 8.63 -16.80 0.51
C THR A 51 9.93 -16.15 0.00
N GLN A 52 9.95 -15.64 -1.23
CA GLN A 52 11.11 -14.91 -1.75
C GLN A 52 11.26 -13.48 -1.18
N GLN A 53 10.17 -12.84 -0.73
CA GLN A 53 10.22 -11.42 -0.32
C GLN A 53 9.69 -11.08 1.10
N LEU A 54 8.80 -11.89 1.70
CA LEU A 54 8.19 -11.63 3.02
C LEU A 54 8.60 -12.66 4.12
N PRO A 55 9.89 -12.99 4.34
CA PRO A 55 10.30 -13.98 5.34
C PRO A 55 10.26 -13.44 6.78
N HIS A 56 10.29 -12.12 6.97
CA HIS A 56 10.22 -11.49 8.31
C HIS A 56 8.76 -11.24 8.76
N LEU A 57 7.77 -11.40 7.88
CA LEU A 57 6.37 -11.01 8.11
C LEU A 57 5.50 -12.19 8.55
N MET A 58 5.57 -13.33 7.85
CA MET A 58 4.85 -14.57 8.17
C MET A 58 5.78 -15.80 8.01
N PRO A 59 5.55 -16.90 8.75
CA PRO A 59 6.42 -18.06 8.70
C PRO A 59 6.22 -18.91 7.44
N SER A 60 7.28 -19.64 7.10
CA SER A 60 7.33 -20.55 5.97
C SER A 60 6.39 -21.76 6.07
N ASN A 61 6.16 -22.40 4.92
CA ASN A 61 5.19 -23.48 4.67
C ASN A 61 3.72 -23.08 4.94
N CYS A 62 3.41 -22.70 6.18
CA CYS A 62 2.08 -22.36 6.69
C CYS A 62 1.58 -20.97 6.27
N GLY A 63 2.43 -19.95 6.40
CA GLY A 63 2.06 -18.54 6.20
C GLY A 63 1.92 -18.15 4.74
N LEU A 64 2.43 -18.97 3.82
CA LEU A 64 2.40 -18.76 2.38
C LEU A 64 1.16 -19.39 1.70
N GLU A 65 0.67 -20.56 2.15
CA GLU A 65 -0.55 -21.16 1.58
C GLU A 65 -1.86 -20.63 2.19
N GLU A 66 -1.84 -20.12 3.43
CA GLU A 66 -3.06 -19.61 4.08
C GLU A 66 -3.63 -18.40 3.33
N LYS A 67 -2.79 -17.68 2.60
CA LYS A 67 -3.15 -16.56 1.73
C LYS A 67 -3.75 -16.99 0.38
N ILE A 68 -3.57 -18.25 -0.02
CA ILE A 68 -4.33 -18.90 -1.09
C ILE A 68 -5.68 -19.38 -0.54
N ALA A 69 -5.67 -20.03 0.63
CA ALA A 69 -6.89 -20.52 1.29
C ALA A 69 -7.91 -19.39 1.61
N ASN A 70 -7.44 -18.15 1.82
CA ASN A 70 -8.29 -16.98 2.05
C ASN A 70 -9.05 -16.48 0.81
N LEU A 71 -8.44 -16.57 -0.40
CA LEU A 71 -9.08 -16.14 -1.65
C LEU A 71 -9.69 -17.30 -2.47
N GLY A 72 -9.24 -18.53 -2.24
CA GLY A 72 -9.62 -19.74 -2.96
C GLY A 72 -8.92 -19.91 -4.31
N SER A 73 -8.32 -21.09 -4.53
CA SER A 73 -7.76 -21.52 -5.83
C SER A 73 -8.85 -21.63 -6.90
N CYS A 74 -8.47 -21.62 -8.18
CA CYS A 74 -9.40 -21.62 -9.33
C CYS A 74 -10.49 -20.54 -9.15
N ASN A 75 -10.04 -19.30 -8.99
CA ASN A 75 -10.74 -18.24 -8.26
C ASN A 75 -12.09 -17.87 -8.89
N ASP A 76 -13.17 -17.86 -8.11
CA ASP A 76 -14.51 -17.57 -8.62
C ASP A 76 -14.71 -16.09 -8.98
N SER A 77 -14.05 -15.17 -8.28
CA SER A 77 -14.11 -13.73 -8.58
C SER A 77 -13.24 -13.30 -9.78
N LYS A 78 -12.33 -14.17 -10.24
CA LYS A 78 -11.17 -13.89 -11.11
C LYS A 78 -10.21 -12.85 -10.51
N LEU A 79 -8.91 -12.99 -10.76
CA LEU A 79 -7.89 -12.16 -10.11
C LEU A 79 -7.56 -10.90 -10.92
N GLU A 80 -7.19 -9.86 -10.20
CA GLU A 80 -6.92 -8.50 -10.70
C GLU A 80 -5.86 -7.81 -9.84
N PHE A 81 -5.36 -6.66 -10.31
CA PHE A 81 -4.54 -5.71 -9.55
C PHE A 81 -5.10 -5.43 -8.13
N ARG A 82 -6.42 -5.20 -8.01
CA ARG A 82 -7.08 -4.97 -6.70
C ARG A 82 -7.14 -6.21 -5.79
N SER A 83 -7.09 -7.41 -6.35
CA SER A 83 -7.15 -8.67 -5.59
C SER A 83 -5.84 -8.94 -4.83
N PHE A 84 -4.71 -8.43 -5.34
CA PHE A 84 -3.44 -8.36 -4.61
C PHE A 84 -3.50 -7.26 -3.52
N TRP A 85 -4.03 -6.07 -3.87
CA TRP A 85 -4.10 -4.92 -2.96
C TRP A 85 -4.87 -5.20 -1.66
N GLU A 86 -6.02 -5.88 -1.74
CA GLU A 86 -6.81 -6.29 -0.56
C GLU A 86 -6.09 -7.31 0.35
N LEU A 87 -5.05 -8.00 -0.13
CA LEU A 87 -4.17 -8.82 0.71
C LEU A 87 -3.07 -8.02 1.43
N ILE A 88 -2.67 -6.86 0.91
CA ILE A 88 -1.68 -5.99 1.58
C ILE A 88 -2.28 -5.39 2.87
N GLY A 89 -3.58 -5.08 2.85
CA GLY A 89 -4.32 -4.68 4.05
C GLY A 89 -4.32 -5.73 5.16
N GLU A 90 -4.04 -7.01 4.86
CA GLU A 90 -3.72 -8.03 5.83
C GLU A 90 -2.21 -8.13 6.14
N ALA A 91 -1.30 -7.96 5.16
CA ALA A 91 0.15 -7.85 5.43
C ALA A 91 0.49 -6.83 6.54
N ALA A 92 -0.12 -5.64 6.50
CA ALA A 92 0.16 -4.57 7.47
C ALA A 92 -0.20 -4.95 8.92
N LYS A 93 -1.14 -5.88 9.17
CA LYS A 93 -1.56 -6.22 10.54
C LYS A 93 -0.45 -6.88 11.36
N SER A 94 0.58 -7.44 10.71
CA SER A 94 1.78 -7.98 11.37
C SER A 94 2.94 -6.98 11.50
N VAL A 95 2.92 -5.82 10.84
CA VAL A 95 3.97 -4.78 10.97
C VAL A 95 3.37 -3.37 10.96
N LYS A 96 3.16 -2.83 12.17
CA LYS A 96 2.75 -1.44 12.44
C LYS A 96 3.23 -0.95 13.80
N LEU A 97 3.10 0.36 14.02
CA LEU A 97 3.23 1.01 15.33
C LEU A 97 2.18 0.45 16.30
N GLU A 98 2.64 -0.27 17.32
CA GLU A 98 1.90 -0.83 18.47
C GLU A 98 0.43 -1.26 18.26
N ARG A 99 -0.51 -0.31 18.36
CA ARG A 99 -1.93 -0.48 18.70
C ARG A 99 -2.14 -1.24 20.03
N PRO A 100 -1.98 -0.58 21.19
CA PRO A 100 -2.20 -1.18 22.52
C PRO A 100 -3.70 -1.22 22.88
N VAL A 101 -4.49 -1.88 22.01
CA VAL A 101 -5.95 -2.02 22.10
C VAL A 101 -6.41 -3.37 21.53
N ARG A 102 -7.10 -4.17 22.35
CA ARG A 102 -7.56 -5.53 22.03
C ARG A 102 -8.44 -5.55 20.77
N GLY A 103 -8.16 -6.47 19.85
CA GLY A 103 -8.89 -6.63 18.58
C GLY A 103 -8.75 -5.47 17.58
N HIS A 104 -7.94 -4.44 17.90
CA HIS A 104 -7.67 -3.22 17.12
C HIS A 104 -8.94 -2.51 16.62
N MET B 1 -0.62 20.32 23.35
CA MET B 1 -0.25 19.56 22.13
C MET B 1 1.26 19.62 21.92
N GLY B 2 2.03 19.01 22.83
CA GLY B 2 3.49 18.96 22.74
C GLY B 2 4.02 18.11 21.58
N GLN B 3 5.30 18.28 21.25
CA GLN B 3 6.01 17.49 20.24
C GLN B 3 6.46 16.14 20.80
N CYS B 4 6.51 15.10 19.96
CA CYS B 4 7.00 13.76 20.29
C CYS B 4 7.70 13.15 19.07
N ARG B 5 8.85 12.48 19.26
CA ARG B 5 9.71 11.96 18.17
C ARG B 5 10.30 10.60 18.51
N SER B 6 10.36 9.73 17.50
CA SER B 6 10.83 8.33 17.60
C SER B 6 11.64 7.91 16.35
N ALA B 7 12.48 8.82 15.83
CA ALA B 7 13.06 8.67 14.50
C ALA B 7 14.27 7.69 14.46
N ASN B 8 14.11 6.58 13.75
CA ASN B 8 15.10 5.50 13.61
C ASN B 8 14.97 4.63 12.33
N ALA B 9 13.83 4.68 11.61
CA ALA B 9 13.44 3.67 10.61
C ALA B 9 12.48 4.20 9.50
N GLU B 10 12.54 5.49 9.18
CA GLU B 10 11.49 6.26 8.47
C GLU B 10 11.31 5.93 6.98
N ASP B 11 12.28 5.24 6.38
CA ASP B 11 12.16 4.59 5.06
C ASP B 11 12.58 3.10 5.09
N ALA B 12 12.80 2.56 6.30
CA ALA B 12 13.17 1.18 6.60
C ALA B 12 14.48 0.65 5.96
N GLN B 13 15.02 -0.44 6.52
CA GLN B 13 16.38 -0.92 6.28
C GLN B 13 16.56 -2.44 6.50
N GLU B 14 15.73 -3.07 7.35
CA GLU B 14 15.86 -4.48 7.79
C GLU B 14 14.97 -5.48 7.02
N PHE B 15 14.37 -5.02 5.92
CA PHE B 15 13.37 -5.76 5.11
C PHE B 15 13.67 -5.70 3.61
N SER B 16 13.10 -6.59 2.79
CA SER B 16 13.22 -6.53 1.30
C SER B 16 12.55 -5.28 0.73
N ASP B 17 12.76 -4.95 -0.56
CA ASP B 17 12.28 -3.67 -1.13
C ASP B 17 10.74 -3.55 -1.18
N VAL B 18 10.01 -4.66 -1.28
CA VAL B 18 8.53 -4.70 -1.20
C VAL B 18 8.03 -4.77 0.25
N GLU B 19 8.73 -5.52 1.11
CA GLU B 19 8.42 -5.74 2.52
C GLU B 19 8.61 -4.45 3.31
N ARG B 20 9.66 -3.68 2.97
CA ARG B 20 9.92 -2.32 3.47
C ARG B 20 9.00 -1.26 2.86
N ALA B 21 8.50 -1.45 1.63
CA ALA B 21 7.68 -0.44 0.95
C ALA B 21 6.36 -0.19 1.70
N ILE B 22 5.65 -1.26 2.08
CA ILE B 22 4.39 -1.19 2.85
C ILE B 22 4.65 -0.47 4.18
N GLU B 23 5.76 -0.81 4.86
CA GLU B 23 6.21 -0.11 6.07
C GLU B 23 6.49 1.37 5.84
N THR B 24 7.17 1.69 4.73
CA THR B 24 7.50 3.08 4.34
C THR B 24 6.24 3.96 4.23
N LEU B 25 5.11 3.43 3.74
CA LEU B 25 3.85 4.21 3.72
C LEU B 25 3.17 4.22 5.10
N ILE B 26 3.19 3.08 5.80
CA ILE B 26 2.63 2.91 7.14
C ILE B 26 3.31 3.87 8.13
N LYS B 27 4.65 3.92 8.20
CA LYS B 27 5.42 4.92 8.96
C LYS B 27 4.95 6.34 8.67
N ASN B 28 4.69 6.67 7.40
CA ASN B 28 4.27 8.01 7.02
C ASN B 28 2.87 8.41 7.50
N PHE B 29 1.98 7.45 7.82
CA PHE B 29 0.75 7.74 8.57
C PHE B 29 1.08 8.28 9.98
N HIS B 30 1.94 7.60 10.73
CA HIS B 30 2.28 7.97 12.11
C HIS B 30 3.17 9.22 12.19
N GLN B 31 3.99 9.49 11.16
CA GLN B 31 4.70 10.76 11.01
C GLN B 31 3.76 11.98 10.76
N TYR B 32 2.58 11.82 10.15
CA TYR B 32 1.66 12.94 9.84
C TYR B 32 0.43 13.08 10.74
N SER B 33 -0.05 12.02 11.40
CA SER B 33 -1.30 11.98 12.20
C SER B 33 -1.21 12.67 13.58
N VAL B 34 -0.59 13.85 13.66
CA VAL B 34 -0.38 14.57 14.93
C VAL B 34 -1.67 15.09 15.56
N GLU B 35 -2.64 15.54 14.74
CA GLU B 35 -3.98 15.94 15.20
C GLU B 35 -4.94 14.74 15.24
N GLY B 36 -4.77 13.75 14.36
CA GLY B 36 -5.45 12.45 14.39
C GLY B 36 -5.03 11.49 15.51
N GLY B 37 -4.14 11.90 16.42
CA GLY B 37 -3.79 11.15 17.62
C GLY B 37 -2.95 9.89 17.38
N LYS B 38 -2.03 9.94 16.39
CA LYS B 38 -1.11 8.88 15.94
C LYS B 38 -1.76 7.60 15.40
N GLU B 39 -3.08 7.47 15.50
CA GLU B 39 -3.87 6.25 15.20
C GLU B 39 -5.12 6.52 14.32
N THR B 40 -5.49 7.78 14.09
CA THR B 40 -6.51 8.25 13.11
C THR B 40 -5.93 9.39 12.25
N LEU B 41 -6.68 9.95 11.28
CA LEU B 41 -6.19 10.97 10.35
C LEU B 41 -7.23 12.09 10.17
N THR B 42 -6.81 13.35 10.25
CA THR B 42 -7.71 14.53 10.15
C THR B 42 -7.50 15.33 8.86
N PRO B 43 -8.51 16.11 8.41
CA PRO B 43 -8.36 17.08 7.32
C PRO B 43 -7.18 18.05 7.48
N SER B 44 -6.79 18.37 8.72
CA SER B 44 -5.68 19.30 9.02
C SER B 44 -4.35 18.85 8.45
N GLU B 45 -3.97 17.58 8.67
CA GLU B 45 -2.73 17.00 8.10
C GLU B 45 -2.92 16.42 6.69
N LEU B 46 -4.15 16.07 6.28
CA LEU B 46 -4.41 15.41 4.98
C LEU B 46 -3.92 16.26 3.80
N ARG B 47 -4.44 17.48 3.59
CA ARG B 47 -4.04 18.30 2.42
C ARG B 47 -2.57 18.70 2.44
N ASP B 48 -1.99 18.88 3.63
CA ASP B 48 -0.57 19.21 3.81
C ASP B 48 0.35 18.07 3.37
N LEU B 49 0.06 16.82 3.73
CA LEU B 49 0.85 15.69 3.21
C LEU B 49 0.66 15.47 1.71
N VAL B 50 -0.49 15.85 1.13
CA VAL B 50 -0.67 15.70 -0.31
C VAL B 50 0.19 16.72 -1.07
N THR B 51 0.22 18.00 -0.66
CA THR B 51 1.01 19.03 -1.36
C THR B 51 2.53 18.92 -1.12
N GLN B 52 2.96 18.38 0.03
CA GLN B 52 4.38 18.13 0.31
C GLN B 52 4.89 16.76 -0.15
N GLN B 53 4.05 15.71 -0.13
CA GLN B 53 4.49 14.34 -0.42
C GLN B 53 3.83 13.69 -1.64
N LEU B 54 2.68 14.15 -2.15
CA LEU B 54 2.06 13.65 -3.39
C LEU B 54 1.83 14.74 -4.48
N PRO B 55 2.83 15.59 -4.83
CA PRO B 55 2.66 16.64 -5.84
C PRO B 55 2.71 16.12 -7.29
N HIS B 56 3.34 14.97 -7.53
CA HIS B 56 3.39 14.31 -8.85
C HIS B 56 2.18 13.39 -9.07
N LEU B 57 1.66 12.77 -8.00
CA LEU B 57 0.53 11.85 -8.04
C LEU B 57 -0.79 12.54 -8.45
N MET B 58 -1.09 13.72 -7.90
CA MET B 58 -2.34 14.46 -8.14
C MET B 58 -2.16 15.99 -8.09
N PRO B 59 -2.88 16.77 -8.94
CA PRO B 59 -2.56 18.18 -9.18
C PRO B 59 -3.02 19.13 -8.08
N SER B 60 -2.33 20.26 -8.04
CA SER B 60 -2.53 21.35 -7.09
C SER B 60 -3.89 22.06 -7.20
N ASN B 61 -4.31 22.67 -6.09
CA ASN B 61 -5.59 23.32 -5.80
C ASN B 61 -6.86 22.45 -5.94
N CYS B 62 -6.80 21.32 -6.65
CA CYS B 62 -7.93 20.43 -6.89
C CYS B 62 -7.77 19.09 -6.16
N GLY B 63 -6.70 18.35 -6.48
CA GLY B 63 -6.50 16.97 -6.03
C GLY B 63 -6.30 16.80 -4.53
N LEU B 64 -5.85 17.85 -3.86
CA LEU B 64 -5.52 17.86 -2.43
C LEU B 64 -6.71 18.17 -1.51
N GLU B 65 -7.67 19.01 -1.93
CA GLU B 65 -8.87 19.31 -1.14
C GLU B 65 -10.02 18.33 -1.35
N GLU B 66 -10.12 17.71 -2.53
CA GLU B 66 -11.26 16.83 -2.83
C GLU B 66 -11.28 15.60 -1.91
N LYS B 67 -10.11 15.20 -1.41
CA LYS B 67 -9.92 14.12 -0.44
C LYS B 67 -10.50 14.44 0.94
N ILE B 68 -10.67 15.72 1.29
CA ILE B 68 -11.39 16.21 2.49
C ILE B 68 -12.90 16.28 2.19
N ALA B 69 -13.28 16.82 1.04
CA ALA B 69 -14.67 16.92 0.62
C ALA B 69 -15.35 15.54 0.49
N ASN B 70 -14.62 14.52 0.01
CA ASN B 70 -15.14 13.18 -0.27
C ASN B 70 -15.14 12.19 0.92
N LEU B 71 -14.44 12.46 2.04
CA LEU B 71 -14.31 11.48 3.15
C LEU B 71 -15.45 11.47 4.18
N GLY B 72 -16.24 12.54 4.25
CA GLY B 72 -17.23 12.79 5.31
C GLY B 72 -16.58 13.31 6.59
N SER B 73 -16.28 14.62 6.63
CA SER B 73 -15.63 15.31 7.75
C SER B 73 -16.42 15.29 9.07
N CYS B 74 -15.73 15.49 10.19
CA CYS B 74 -16.26 15.47 11.57
C CYS B 74 -16.91 14.13 11.99
N ASN B 75 -16.44 13.00 11.46
CA ASN B 75 -17.03 11.68 11.71
C ASN B 75 -16.99 11.33 13.20
N ASP B 76 -18.13 11.00 13.80
CA ASP B 76 -18.27 10.70 15.23
C ASP B 76 -17.54 9.42 15.65
N SER B 77 -17.39 8.43 14.76
CA SER B 77 -16.55 7.24 14.99
C SER B 77 -15.06 7.46 14.68
N LYS B 78 -14.69 8.67 14.23
CA LYS B 78 -13.37 9.06 13.70
C LYS B 78 -12.89 8.20 12.52
N LEU B 79 -11.81 8.64 11.87
CA LEU B 79 -11.02 7.78 11.00
C LEU B 79 -10.25 6.75 11.83
N GLU B 80 -9.48 5.89 11.16
CA GLU B 80 -8.49 5.01 11.78
C GLU B 80 -7.36 4.69 10.77
N PHE B 81 -6.26 4.11 11.24
CA PHE B 81 -5.15 3.57 10.43
C PHE B 81 -5.61 2.89 9.11
N ARG B 82 -6.62 2.01 9.15
CA ARG B 82 -7.11 1.29 7.96
C ARG B 82 -7.83 2.16 6.91
N SER B 83 -8.28 3.37 7.26
CA SER B 83 -8.95 4.30 6.33
C SER B 83 -7.97 5.02 5.38
N PHE B 84 -6.76 5.33 5.86
CA PHE B 84 -5.69 5.91 5.05
C PHE B 84 -5.26 4.94 3.94
N TRP B 85 -5.25 3.62 4.22
CA TRP B 85 -4.90 2.60 3.23
C TRP B 85 -5.88 2.54 2.05
N GLU B 86 -7.19 2.74 2.27
CA GLU B 86 -8.18 2.86 1.18
C GLU B 86 -7.98 4.14 0.34
N LEU B 87 -7.35 5.17 0.91
CA LEU B 87 -6.97 6.40 0.22
C LEU B 87 -5.64 6.27 -0.55
N ILE B 88 -4.69 5.46 -0.09
CA ILE B 88 -3.60 4.95 -0.96
C ILE B 88 -4.19 4.05 -2.06
N GLY B 89 -5.28 3.33 -1.77
CA GLY B 89 -6.08 2.61 -2.75
C GLY B 89 -6.53 3.50 -3.91
N GLU B 90 -6.97 4.74 -3.64
CA GLU B 90 -7.29 5.72 -4.70
C GLU B 90 -6.04 6.29 -5.41
N ALA B 91 -4.86 6.26 -4.79
CA ALA B 91 -3.60 6.52 -5.49
C ALA B 91 -3.26 5.36 -6.46
N ALA B 92 -3.39 4.10 -6.04
CA ALA B 92 -3.14 2.93 -6.90
C ALA B 92 -4.20 2.77 -8.02
N LYS B 93 -5.47 3.12 -7.77
CA LYS B 93 -6.49 3.32 -8.81
C LYS B 93 -6.10 4.42 -9.84
N SER B 94 -5.07 5.21 -9.56
CA SER B 94 -4.61 6.35 -10.36
C SER B 94 -3.18 6.22 -10.92
N VAL B 95 -2.39 5.20 -10.52
CA VAL B 95 -1.09 4.88 -11.14
C VAL B 95 -0.75 3.38 -11.07
N LYS B 96 -0.43 2.79 -12.23
CA LYS B 96 -0.06 1.38 -12.43
C LYS B 96 1.07 1.28 -13.48
N LEU B 97 1.19 0.10 -14.11
CA LEU B 97 2.15 -0.28 -15.14
C LEU B 97 1.44 -0.42 -16.51
N GLU B 98 1.95 0.27 -17.55
CA GLU B 98 1.41 0.34 -18.92
C GLU B 98 -0.06 0.79 -19.04
N ARG B 99 -1.01 -0.15 -18.91
CA ARG B 99 -2.46 0.01 -19.12
C ARG B 99 -2.83 0.73 -20.44
N PRO B 100 -2.44 0.26 -21.63
CA PRO B 100 -2.41 1.12 -22.83
C PRO B 100 -3.76 1.58 -23.40
N VAL B 101 -4.89 0.96 -23.03
CA VAL B 101 -6.23 1.30 -23.55
C VAL B 101 -6.65 2.73 -23.23
N ARG B 102 -7.10 3.49 -24.24
CA ARG B 102 -7.40 4.94 -24.12
C ARG B 102 -8.69 5.26 -23.34
N GLY B 103 -9.52 4.25 -23.06
CA GLY B 103 -10.72 4.35 -22.22
C GLY B 103 -10.46 4.63 -20.73
N HIS B 104 -9.24 4.33 -20.22
CA HIS B 104 -8.81 4.52 -18.82
C HIS B 104 -9.63 3.69 -17.81
N MET A 1 -1.54 12.31 -19.49
CA MET A 1 -2.59 11.95 -20.44
C MET A 1 -2.03 11.95 -21.86
N GLY A 2 -1.83 13.12 -22.47
CA GLY A 2 -1.31 13.25 -23.84
C GLY A 2 -2.17 12.56 -24.91
N GLN A 3 -1.63 12.43 -26.13
CA GLN A 3 -2.16 11.58 -27.19
C GLN A 3 -1.11 10.67 -27.84
N CYS A 4 0.18 11.03 -27.79
CA CYS A 4 1.31 10.19 -28.19
C CYS A 4 2.63 10.70 -27.55
N ARG A 5 3.50 9.78 -27.11
CA ARG A 5 4.84 9.95 -26.49
C ARG A 5 4.89 10.91 -25.28
N SER A 6 5.37 10.41 -24.13
CA SER A 6 5.69 11.25 -22.96
C SER A 6 6.80 10.65 -22.09
N ALA A 7 7.60 11.52 -21.46
CA ALA A 7 8.59 11.16 -20.43
C ALA A 7 8.15 11.55 -19.00
N ASN A 8 6.94 12.10 -18.83
CA ASN A 8 6.33 12.46 -17.54
C ASN A 8 5.61 11.25 -16.92
N ALA A 9 5.93 10.95 -15.65
CA ALA A 9 5.47 9.83 -14.82
C ALA A 9 5.71 8.39 -15.36
N GLU A 10 5.69 8.17 -16.68
CA GLU A 10 5.77 6.85 -17.31
C GLU A 10 7.18 6.32 -17.59
N ASP A 11 8.21 7.07 -17.19
CA ASP A 11 9.58 6.56 -16.98
C ASP A 11 9.93 6.42 -15.49
N ALA A 12 9.01 6.84 -14.59
CA ALA A 12 8.92 6.48 -13.18
C ALA A 12 10.21 6.70 -12.35
N GLN A 13 10.58 7.96 -12.13
CA GLN A 13 11.65 8.41 -11.21
C GLN A 13 11.35 9.78 -10.59
N GLU A 14 10.43 10.58 -11.15
CA GLU A 14 10.17 11.98 -10.76
C GLU A 14 9.63 12.15 -9.33
N PHE A 15 9.04 11.10 -8.78
CA PHE A 15 8.17 11.17 -7.59
C PHE A 15 8.89 11.45 -6.25
N SER A 16 8.13 11.92 -5.25
CA SER A 16 8.57 12.11 -3.85
C SER A 16 8.70 10.77 -3.09
N ASP A 17 9.38 10.71 -1.95
CA ASP A 17 9.87 9.44 -1.36
C ASP A 17 8.79 8.42 -0.95
N VAL A 18 7.59 8.88 -0.53
CA VAL A 18 6.43 8.01 -0.23
C VAL A 18 5.66 7.65 -1.52
N GLU A 19 5.54 8.60 -2.43
CA GLU A 19 4.93 8.49 -3.75
C GLU A 19 5.70 7.48 -4.65
N ARG A 20 7.04 7.47 -4.53
CA ARG A 20 7.98 6.45 -5.04
C ARG A 20 7.79 5.10 -4.38
N ALA A 21 7.46 5.05 -3.10
CA ALA A 21 7.26 3.79 -2.40
C ALA A 21 5.98 3.07 -2.88
N ILE A 22 4.91 3.80 -3.22
CA ILE A 22 3.69 3.21 -3.84
C ILE A 22 4.07 2.57 -5.18
N GLU A 23 4.89 3.25 -5.99
CA GLU A 23 5.40 2.67 -7.25
C GLU A 23 6.28 1.43 -7.02
N THR A 24 7.11 1.45 -5.99
CA THR A 24 8.15 0.42 -5.75
C THR A 24 7.50 -0.86 -5.26
N LEU A 25 6.42 -0.71 -4.50
CA LEU A 25 5.64 -1.84 -4.01
C LEU A 25 4.76 -2.44 -5.11
N ILE A 26 4.07 -1.61 -5.90
CA ILE A 26 3.17 -2.11 -6.95
C ILE A 26 3.93 -2.76 -8.12
N LYS A 27 5.13 -2.26 -8.46
CA LYS A 27 6.06 -2.89 -9.41
C LYS A 27 6.32 -4.37 -9.14
N ASN A 28 6.24 -4.82 -7.89
CA ASN A 28 6.47 -6.22 -7.54
C ASN A 28 5.30 -7.16 -7.96
N PHE A 29 4.09 -6.64 -8.16
CA PHE A 29 3.03 -7.37 -8.88
C PHE A 29 3.42 -7.57 -10.35
N HIS A 30 3.99 -6.53 -10.99
CA HIS A 30 4.41 -6.54 -12.40
C HIS A 30 5.55 -7.54 -12.64
N GLN A 31 6.38 -7.79 -11.62
CA GLN A 31 7.49 -8.75 -11.66
C GLN A 31 7.09 -10.23 -11.41
N TYR A 32 5.92 -10.50 -10.83
CA TYR A 32 5.51 -11.86 -10.43
C TYR A 32 4.28 -12.44 -11.14
N SER A 33 3.39 -11.60 -11.68
CA SER A 33 2.20 -12.06 -12.41
C SER A 33 2.52 -12.55 -13.83
N VAL A 34 3.09 -13.76 -13.94
CA VAL A 34 3.44 -14.38 -15.22
C VAL A 34 2.34 -15.33 -15.71
N GLU A 35 1.68 -16.08 -14.82
CA GLU A 35 0.50 -16.88 -15.14
C GLU A 35 -0.76 -16.01 -15.21
N GLY A 36 -0.89 -15.01 -14.32
CA GLY A 36 -1.97 -14.03 -14.32
C GLY A 36 -1.88 -12.91 -15.37
N GLY A 37 -0.86 -12.92 -16.24
CA GLY A 37 -0.73 -12.01 -17.39
C GLY A 37 -0.63 -10.53 -17.04
N LYS A 38 -0.20 -10.19 -15.82
CA LYS A 38 -0.19 -8.84 -15.22
C LYS A 38 -1.57 -8.17 -15.12
N GLU A 39 -2.64 -8.98 -15.17
CA GLU A 39 -4.04 -8.57 -14.94
C GLU A 39 -4.62 -9.18 -13.65
N THR A 40 -4.13 -10.37 -13.30
CA THR A 40 -4.52 -11.17 -12.12
C THR A 40 -3.25 -11.68 -11.41
N LEU A 41 -3.35 -12.54 -10.40
CA LEU A 41 -2.22 -13.09 -9.66
C LEU A 41 -2.60 -14.50 -9.18
N THR A 42 -1.94 -15.57 -9.63
CA THR A 42 -2.43 -16.93 -9.32
C THR A 42 -1.84 -17.55 -8.05
N PRO A 43 -2.55 -18.46 -7.37
CA PRO A 43 -2.06 -19.34 -6.31
C PRO A 43 -0.58 -19.75 -6.38
N SER A 44 -0.11 -20.24 -7.54
CA SER A 44 1.26 -20.76 -7.69
C SER A 44 2.35 -19.68 -7.69
N GLU A 45 2.02 -18.44 -8.08
CA GLU A 45 2.92 -17.27 -7.96
C GLU A 45 2.77 -16.53 -6.64
N LEU A 46 1.61 -16.59 -5.97
CA LEU A 46 1.45 -16.19 -4.56
C LEU A 46 2.38 -17.03 -3.67
N ARG A 47 2.31 -18.36 -3.77
CA ARG A 47 3.13 -19.30 -2.98
C ARG A 47 4.63 -19.14 -3.21
N ASP A 48 5.05 -18.64 -4.38
CA ASP A 48 6.45 -18.38 -4.70
C ASP A 48 6.93 -16.99 -4.25
N LEU A 49 6.20 -15.90 -4.49
CA LEU A 49 6.66 -14.58 -4.05
C LEU A 49 6.68 -14.43 -2.53
N VAL A 50 5.83 -15.15 -1.81
CA VAL A 50 5.72 -15.04 -0.35
C VAL A 50 6.92 -15.66 0.38
N THR A 51 7.44 -16.80 -0.10
CA THR A 51 8.68 -17.40 0.46
C THR A 51 9.94 -16.63 0.03
N GLN A 52 9.94 -16.06 -1.19
CA GLN A 52 11.05 -15.27 -1.71
C GLN A 52 11.18 -13.87 -1.06
N GLN A 53 10.06 -13.19 -0.77
CA GLN A 53 10.05 -11.81 -0.25
C GLN A 53 9.55 -11.67 1.20
N LEU A 54 8.61 -12.49 1.70
CA LEU A 54 7.99 -12.32 3.04
C LEU A 54 8.28 -13.44 4.09
N PRO A 55 9.50 -13.99 4.26
CA PRO A 55 9.75 -15.05 5.25
C PRO A 55 9.90 -14.53 6.69
N HIS A 56 10.28 -13.26 6.86
CA HIS A 56 10.43 -12.58 8.15
C HIS A 56 9.10 -11.98 8.66
N LEU A 57 8.11 -11.82 7.78
CA LEU A 57 6.74 -11.37 8.08
C LEU A 57 5.82 -12.56 8.39
N MET A 58 5.92 -13.63 7.59
CA MET A 58 5.25 -14.90 7.81
C MET A 58 6.13 -16.09 7.38
N PRO A 59 6.63 -16.94 8.30
CA PRO A 59 7.31 -18.18 7.91
C PRO A 59 6.37 -19.16 7.21
N SER A 60 6.95 -20.15 6.54
CA SER A 60 6.22 -21.26 5.90
C SER A 60 5.36 -22.05 6.90
N ASN A 61 5.67 -21.99 8.20
CA ASN A 61 4.84 -22.55 9.29
C ASN A 61 3.44 -21.90 9.37
N CYS A 62 3.23 -20.67 8.89
CA CYS A 62 1.90 -20.06 8.77
C CYS A 62 1.03 -20.74 7.70
N GLY A 63 1.63 -21.49 6.78
CA GLY A 63 0.99 -21.99 5.56
C GLY A 63 0.85 -20.88 4.52
N LEU A 64 1.75 -20.83 3.55
CA LEU A 64 1.60 -19.92 2.40
C LEU A 64 0.50 -20.38 1.43
N GLU A 65 0.06 -21.64 1.52
CA GLU A 65 -1.21 -22.13 0.95
C GLU A 65 -2.48 -21.63 1.70
N GLU A 66 -2.37 -21.22 2.96
CA GLU A 66 -3.51 -20.78 3.77
C GLU A 66 -4.03 -19.42 3.30
N LYS A 67 -3.19 -18.59 2.68
CA LYS A 67 -3.61 -17.34 2.03
C LYS A 67 -4.62 -17.61 0.90
N ILE A 68 -4.33 -18.61 0.05
CA ILE A 68 -5.22 -19.06 -1.02
C ILE A 68 -6.52 -19.63 -0.43
N ALA A 69 -6.43 -20.37 0.67
CA ALA A 69 -7.57 -20.97 1.35
C ALA A 69 -8.52 -19.93 1.99
N ASN A 70 -8.04 -18.73 2.33
CA ASN A 70 -8.83 -17.61 2.87
C ASN A 70 -9.45 -16.68 1.82
N LEU A 71 -8.72 -16.38 0.73
CA LEU A 71 -8.99 -15.18 -0.09
C LEU A 71 -10.30 -15.20 -0.90
N GLY A 72 -10.83 -16.38 -1.25
CA GLY A 72 -12.03 -16.54 -2.08
C GLY A 72 -11.80 -16.21 -3.56
N SER A 73 -11.76 -17.24 -4.40
CA SER A 73 -11.66 -17.11 -5.86
C SER A 73 -12.40 -18.23 -6.59
N CYS A 74 -12.91 -17.93 -7.79
CA CYS A 74 -13.29 -18.92 -8.79
C CYS A 74 -12.07 -19.20 -9.68
N ASN A 75 -11.50 -20.40 -9.61
CA ASN A 75 -10.25 -20.77 -10.28
C ASN A 75 -10.30 -20.69 -11.83
N ASP A 76 -11.49 -20.70 -12.43
CA ASP A 76 -11.69 -20.47 -13.87
C ASP A 76 -11.67 -18.96 -14.23
N SER A 77 -11.99 -18.09 -13.26
CA SER A 77 -11.98 -16.62 -13.39
C SER A 77 -10.66 -15.98 -12.95
N LYS A 78 -9.92 -16.62 -12.02
CA LYS A 78 -8.69 -16.12 -11.38
C LYS A 78 -8.92 -14.80 -10.58
N LEU A 79 -7.85 -14.23 -10.03
CA LEU A 79 -7.87 -13.05 -9.15
C LEU A 79 -7.99 -11.72 -9.93
N GLU A 80 -7.75 -10.59 -9.27
CA GLU A 80 -7.55 -9.29 -9.91
C GLU A 80 -6.45 -8.49 -9.16
N PHE A 81 -6.01 -7.36 -9.72
CA PHE A 81 -5.03 -6.43 -9.12
C PHE A 81 -5.48 -5.96 -7.72
N ARG A 82 -6.76 -5.60 -7.55
CA ARG A 82 -7.45 -5.34 -6.27
C ARG A 82 -7.30 -6.48 -5.25
N SER A 83 -7.31 -7.74 -5.68
CA SER A 83 -7.23 -8.91 -4.78
C SER A 83 -5.85 -9.07 -4.14
N PHE A 84 -4.78 -8.70 -4.86
CA PHE A 84 -3.42 -8.63 -4.30
C PHE A 84 -3.30 -7.47 -3.31
N TRP A 85 -3.82 -6.29 -3.67
CA TRP A 85 -3.84 -5.11 -2.80
C TRP A 85 -4.54 -5.35 -1.45
N GLU A 86 -5.61 -6.15 -1.41
CA GLU A 86 -6.25 -6.58 -0.15
C GLU A 86 -5.35 -7.47 0.72
N LEU A 87 -4.45 -8.27 0.13
CA LEU A 87 -3.47 -9.05 0.89
C LEU A 87 -2.33 -8.20 1.47
N ILE A 88 -2.00 -7.07 0.84
CA ILE A 88 -1.08 -6.07 1.40
C ILE A 88 -1.72 -5.39 2.62
N GLY A 89 -3.03 -5.14 2.57
CA GLY A 89 -3.81 -4.71 3.73
C GLY A 89 -3.68 -5.68 4.92
N GLU A 90 -3.61 -6.98 4.67
CA GLU A 90 -3.33 -8.00 5.68
C GLU A 90 -1.82 -8.05 6.07
N ALA A 91 -0.86 -7.75 5.17
CA ALA A 91 0.54 -7.51 5.57
C ALA A 91 0.63 -6.36 6.60
N ALA A 92 -0.13 -5.27 6.42
CA ALA A 92 -0.24 -4.19 7.39
C ALA A 92 -1.04 -4.52 8.67
N LYS A 93 -1.57 -5.73 8.83
CA LYS A 93 -1.98 -6.24 10.15
C LYS A 93 -0.76 -6.67 10.98
N SER A 94 0.40 -6.91 10.35
CA SER A 94 1.70 -7.13 11.03
C SER A 94 2.61 -5.89 11.06
N VAL A 95 2.75 -5.15 9.94
CA VAL A 95 3.56 -3.92 9.88
C VAL A 95 2.67 -2.67 9.98
N LYS A 96 2.56 -2.13 11.19
CA LYS A 96 1.68 -1.00 11.55
C LYS A 96 2.18 -0.20 12.76
N LEU A 97 1.33 0.65 13.34
CA LEU A 97 1.59 1.42 14.57
C LEU A 97 2.02 0.51 15.74
N GLU A 98 2.85 1.06 16.62
CA GLU A 98 3.19 0.54 17.95
C GLU A 98 1.97 0.52 18.91
N ARG A 99 2.20 0.45 20.24
CA ARG A 99 1.18 0.60 21.30
C ARG A 99 0.01 -0.42 21.23
N PRO A 100 0.25 -1.74 21.10
CA PRO A 100 -0.80 -2.73 20.92
C PRO A 100 -1.75 -2.82 22.13
N VAL A 101 -3.00 -3.19 21.89
CA VAL A 101 -4.08 -3.24 22.91
C VAL A 101 -5.10 -4.34 22.61
N ARG A 102 -5.58 -5.07 23.63
CA ARG A 102 -6.33 -6.32 23.45
C ARG A 102 -7.82 -6.13 23.11
N GLY A 103 -8.35 -4.91 23.12
CA GLY A 103 -9.75 -4.62 22.79
C GLY A 103 -10.09 -4.68 21.29
N HIS A 104 -9.10 -4.38 20.44
CA HIS A 104 -9.18 -4.32 18.96
C HIS A 104 -10.38 -3.52 18.40
N MET B 1 0.79 -12.98 17.59
CA MET B 1 1.06 -12.77 19.03
C MET B 1 2.07 -13.80 19.53
N GLY B 2 3.20 -13.34 20.05
CA GLY B 2 4.20 -14.16 20.75
C GLY B 2 4.00 -14.18 22.27
N GLN B 3 4.75 -15.04 22.96
CA GLN B 3 4.58 -15.32 24.39
C GLN B 3 5.60 -14.61 25.30
N CYS B 4 6.78 -14.26 24.79
CA CYS B 4 7.83 -13.55 25.53
C CYS B 4 8.61 -12.59 24.62
N ARG B 5 8.94 -11.40 25.13
CA ARG B 5 9.85 -10.40 24.52
C ARG B 5 9.71 -10.27 23.00
N SER B 6 8.54 -9.80 22.54
CA SER B 6 8.17 -9.68 21.12
C SER B 6 9.24 -8.96 20.27
N ALA B 7 9.50 -9.45 19.06
CA ALA B 7 10.53 -8.92 18.16
C ALA B 7 10.23 -9.11 16.65
N ASN B 8 9.46 -10.14 16.27
CA ASN B 8 9.06 -10.38 14.88
C ASN B 8 8.23 -9.22 14.31
N ALA B 9 8.66 -8.67 13.17
CA ALA B 9 8.26 -7.40 12.56
C ALA B 9 8.38 -6.14 13.44
N GLU B 10 8.97 -6.22 14.64
CA GLU B 10 9.10 -5.12 15.60
C GLU B 10 10.53 -4.57 15.73
N ASP B 11 11.53 -5.37 15.36
CA ASP B 11 12.93 -4.95 15.17
C ASP B 11 13.19 -4.40 13.76
N ALA B 12 12.42 -4.87 12.76
CA ALA B 12 12.17 -4.22 11.48
C ALA B 12 13.43 -3.73 10.71
N GLN B 13 14.34 -4.66 10.38
CA GLN B 13 15.56 -4.39 9.59
C GLN B 13 15.94 -5.51 8.60
N GLU B 14 15.32 -6.69 8.66
CA GLU B 14 15.59 -7.79 7.71
C GLU B 14 14.82 -7.68 6.39
N PHE B 15 13.92 -6.70 6.30
CA PHE B 15 12.91 -6.64 5.22
C PHE B 15 13.49 -6.45 3.80
N SER B 16 12.79 -7.00 2.81
CA SER B 16 13.10 -6.87 1.38
C SER B 16 12.61 -5.52 0.82
N ASP B 17 13.01 -5.09 -0.37
CA ASP B 17 12.69 -3.74 -0.87
C ASP B 17 11.18 -3.48 -1.04
N VAL B 18 10.39 -4.47 -1.46
CA VAL B 18 8.92 -4.39 -1.53
C VAL B 18 8.28 -4.27 -0.13
N GLU B 19 8.91 -4.89 0.86
CA GLU B 19 8.47 -4.91 2.25
C GLU B 19 8.82 -3.59 2.95
N ARG B 20 10.01 -3.04 2.68
CA ARG B 20 10.41 -1.66 3.02
C ARG B 20 9.53 -0.61 2.32
N ALA B 21 8.92 -0.94 1.18
CA ALA B 21 7.98 -0.05 0.50
C ALA B 21 6.66 0.07 1.29
N ILE B 22 6.00 -1.04 1.60
CA ILE B 22 4.78 -1.13 2.42
C ILE B 22 5.03 -0.48 3.79
N GLU B 23 6.18 -0.75 4.40
CA GLU B 23 6.68 -0.08 5.58
C GLU B 23 6.74 1.45 5.46
N THR B 24 7.30 1.96 4.36
CA THR B 24 7.44 3.40 4.11
C THR B 24 6.07 4.04 3.94
N LEU B 25 5.09 3.33 3.38
CA LEU B 25 3.72 3.83 3.21
C LEU B 25 3.07 4.04 4.58
N ILE B 26 3.13 3.02 5.44
CA ILE B 26 2.44 3.04 6.74
C ILE B 26 3.11 4.05 7.68
N LYS B 27 4.47 4.08 7.75
CA LYS B 27 5.23 5.05 8.55
C LYS B 27 4.88 6.50 8.23
N ASN B 28 4.51 6.82 6.99
CA ASN B 28 4.10 8.17 6.59
C ASN B 28 2.75 8.64 7.17
N PHE B 29 1.89 7.73 7.67
CA PHE B 29 0.82 8.10 8.60
C PHE B 29 1.33 8.41 10.03
N HIS B 30 2.30 7.63 10.52
CA HIS B 30 2.75 7.65 11.92
C HIS B 30 3.39 9.01 12.29
N GLN B 31 4.17 9.57 11.36
CA GLN B 31 4.84 10.87 11.56
C GLN B 31 3.90 12.09 11.50
N TYR B 32 2.71 11.96 10.90
CA TYR B 32 1.81 13.09 10.59
C TYR B 32 0.53 13.20 11.44
N SER B 33 0.06 12.08 12.02
CA SER B 33 -1.23 11.95 12.73
C SER B 33 -1.19 12.51 14.17
N VAL B 34 -0.85 13.79 14.31
CA VAL B 34 -0.63 14.46 15.62
C VAL B 34 -1.87 15.11 16.22
N GLU B 35 -2.83 15.53 15.38
CA GLU B 35 -4.18 15.93 15.83
C GLU B 35 -5.15 14.74 15.76
N GLY B 36 -4.98 13.84 14.78
CA GLY B 36 -5.68 12.56 14.67
C GLY B 36 -5.21 11.45 15.63
N GLY B 37 -4.22 11.73 16.49
CA GLY B 37 -3.87 10.93 17.67
C GLY B 37 -3.31 9.53 17.41
N LYS B 38 -2.65 9.30 16.27
CA LYS B 38 -2.19 7.97 15.80
C LYS B 38 -3.27 6.87 15.80
N GLU B 39 -4.53 7.28 15.68
CA GLU B 39 -5.70 6.41 15.43
C GLU B 39 -6.50 6.87 14.20
N THR B 40 -6.34 8.14 13.79
CA THR B 40 -7.04 8.80 12.67
C THR B 40 -6.13 9.86 12.01
N LEU B 41 -6.62 10.53 10.96
CA LEU B 41 -6.16 11.87 10.54
C LEU B 41 -7.30 12.88 10.78
N THR B 42 -6.97 14.16 10.95
CA THR B 42 -7.93 15.27 10.70
C THR B 42 -7.76 15.88 9.29
N PRO B 43 -8.83 16.42 8.67
CA PRO B 43 -8.77 17.19 7.42
C PRO B 43 -7.61 18.20 7.30
N SER B 44 -7.31 18.95 8.36
CA SER B 44 -6.23 19.96 8.35
C SER B 44 -4.85 19.35 8.09
N GLU B 45 -4.54 18.20 8.70
CA GLU B 45 -3.25 17.51 8.53
C GLU B 45 -3.21 16.59 7.29
N LEU B 46 -4.37 16.11 6.80
CA LEU B 46 -4.46 15.53 5.45
C LEU B 46 -4.01 16.55 4.41
N ARG B 47 -4.59 17.76 4.42
CA ARG B 47 -4.26 18.83 3.48
C ARG B 47 -2.79 19.28 3.56
N ASP B 48 -2.23 19.32 4.77
CA ASP B 48 -0.84 19.72 5.03
C ASP B 48 0.18 18.62 4.68
N LEU B 49 -0.12 17.32 4.86
CA LEU B 49 0.80 16.24 4.46
C LEU B 49 0.84 16.07 2.94
N VAL B 50 -0.31 16.13 2.27
CA VAL B 50 -0.45 15.76 0.84
C VAL B 50 0.35 16.69 -0.08
N THR B 51 0.35 17.99 0.20
CA THR B 51 1.08 18.98 -0.63
C THR B 51 2.60 18.73 -0.70
N GLN B 52 3.21 18.20 0.37
CA GLN B 52 4.63 17.82 0.39
C GLN B 52 4.87 16.38 -0.11
N GLN B 53 3.98 15.44 0.21
CA GLN B 53 4.21 14.00 0.01
C GLN B 53 3.75 13.46 -1.36
N LEU B 54 2.66 14.00 -1.94
CA LEU B 54 2.03 13.46 -3.16
C LEU B 54 1.85 14.52 -4.28
N PRO B 55 2.89 15.30 -4.65
CA PRO B 55 2.74 16.46 -5.55
C PRO B 55 2.58 16.11 -7.04
N HIS B 56 2.99 14.91 -7.47
CA HIS B 56 2.74 14.41 -8.83
C HIS B 56 1.42 13.64 -8.95
N LEU B 57 0.96 13.03 -7.85
CA LEU B 57 -0.25 12.20 -7.80
C LEU B 57 -1.52 13.02 -7.54
N MET B 58 -1.58 13.78 -6.45
CA MET B 58 -2.77 14.54 -6.01
C MET B 58 -2.45 15.95 -5.45
N PRO B 59 -1.79 16.82 -6.24
CA PRO B 59 -1.49 18.20 -5.86
C PRO B 59 -2.74 19.10 -5.69
N SER B 60 -2.52 20.34 -5.28
CA SER B 60 -3.52 21.40 -5.14
C SER B 60 -4.43 21.60 -6.37
N ASN B 61 -3.98 21.28 -7.59
CA ASN B 61 -4.78 21.33 -8.82
C ASN B 61 -5.68 20.08 -9.05
N CYS B 62 -5.44 18.97 -8.36
CA CYS B 62 -6.46 17.94 -8.16
C CYS B 62 -7.52 18.39 -7.12
N GLY B 63 -7.15 19.33 -6.25
CA GLY B 63 -7.84 19.58 -5.00
C GLY B 63 -7.49 18.48 -4.00
N LEU B 64 -6.56 18.77 -3.09
CA LEU B 64 -6.24 17.90 -1.96
C LEU B 64 -7.31 18.01 -0.85
N GLU B 65 -8.06 19.12 -0.85
CA GLU B 65 -9.33 19.28 -0.14
C GLU B 65 -10.46 18.44 -0.75
N GLU B 66 -10.37 18.09 -2.04
CA GLU B 66 -11.38 17.29 -2.73
C GLU B 66 -11.41 15.85 -2.19
N LYS B 67 -10.32 15.42 -1.54
CA LYS B 67 -10.25 14.17 -0.78
C LYS B 67 -11.19 14.20 0.42
N ILE B 68 -11.16 15.29 1.20
CA ILE B 68 -12.07 15.52 2.34
C ILE B 68 -13.51 15.64 1.85
N ALA B 69 -13.74 16.34 0.74
CA ALA B 69 -15.06 16.45 0.13
C ALA B 69 -15.63 15.09 -0.36
N ASN B 70 -14.79 14.09 -0.67
CA ASN B 70 -15.21 12.70 -0.96
C ASN B 70 -15.33 11.80 0.28
N LEU B 71 -14.40 11.84 1.24
CA LEU B 71 -14.46 11.03 2.47
C LEU B 71 -15.47 11.56 3.52
N GLY B 72 -15.94 12.80 3.36
CA GLY B 72 -16.99 13.44 4.15
C GLY B 72 -16.53 14.77 4.76
N SER B 73 -17.28 15.84 4.51
CA SER B 73 -17.07 17.20 5.03
C SER B 73 -17.47 17.33 6.51
N CYS B 74 -16.94 16.44 7.34
CA CYS B 74 -17.21 16.26 8.77
C CYS B 74 -15.91 16.34 9.59
N ASN B 75 -16.01 16.33 10.92
CA ASN B 75 -14.88 16.17 11.85
C ASN B 75 -15.26 15.44 13.16
N ASP B 76 -16.53 15.14 13.42
CA ASP B 76 -16.99 14.63 14.73
C ASP B 76 -16.36 13.30 15.17
N SER B 77 -16.07 12.42 14.21
CA SER B 77 -15.50 11.08 14.45
C SER B 77 -14.11 10.89 13.81
N LYS B 78 -13.71 11.83 12.93
CA LYS B 78 -12.50 11.79 12.09
C LYS B 78 -12.40 10.53 11.21
N LEU B 79 -11.27 10.39 10.51
CA LEU B 79 -10.90 9.19 9.74
C LEU B 79 -10.71 7.95 10.66
N GLU B 80 -10.28 6.83 10.08
CA GLU B 80 -9.61 5.73 10.80
C GLU B 80 -8.20 5.52 10.21
N PHE B 81 -7.34 4.76 10.89
CA PHE B 81 -5.96 4.48 10.45
C PHE B 81 -5.94 3.69 9.13
N ARG B 82 -6.81 2.68 8.98
CA ARG B 82 -7.06 2.00 7.68
C ARG B 82 -7.49 2.99 6.60
N SER B 83 -8.19 4.08 6.92
CA SER B 83 -8.67 5.06 5.94
C SER B 83 -7.54 5.92 5.32
N PHE B 84 -6.34 5.98 5.91
CA PHE B 84 -5.14 6.49 5.21
C PHE B 84 -4.77 5.55 4.05
N TRP B 85 -4.70 4.25 4.34
CA TRP B 85 -4.38 3.19 3.37
C TRP B 85 -5.42 3.08 2.25
N GLU B 86 -6.71 3.24 2.55
CA GLU B 86 -7.78 3.25 1.53
C GLU B 86 -7.57 4.33 0.46
N LEU B 87 -7.04 5.50 0.81
CA LEU B 87 -6.70 6.54 -0.16
C LEU B 87 -5.37 6.29 -0.91
N ILE B 88 -4.48 5.43 -0.40
CA ILE B 88 -3.38 4.87 -1.21
C ILE B 88 -3.94 3.91 -2.28
N GLY B 89 -5.01 3.17 -1.95
CA GLY B 89 -5.78 2.41 -2.95
C GLY B 89 -6.34 3.32 -4.06
N GLU B 90 -6.81 4.51 -3.70
CA GLU B 90 -7.21 5.56 -4.64
C GLU B 90 -6.01 6.13 -5.42
N ALA B 91 -4.84 6.32 -4.80
CA ALA B 91 -3.60 6.64 -5.53
C ALA B 91 -3.30 5.61 -6.65
N ALA B 92 -3.46 4.32 -6.37
CA ALA B 92 -3.26 3.26 -7.37
C ALA B 92 -4.32 3.23 -8.50
N LYS B 93 -5.41 4.02 -8.42
CA LYS B 93 -6.28 4.31 -9.58
C LYS B 93 -5.59 5.20 -10.63
N SER B 94 -4.43 5.78 -10.29
CA SER B 94 -3.62 6.65 -11.15
C SER B 94 -2.18 6.16 -11.37
N VAL B 95 -1.62 5.35 -10.46
CA VAL B 95 -0.25 4.79 -10.54
C VAL B 95 -0.24 3.25 -10.53
N LYS B 96 0.11 2.68 -11.69
CA LYS B 96 0.02 1.25 -12.07
C LYS B 96 1.10 0.91 -13.12
N LEU B 97 0.91 -0.12 -13.94
CA LEU B 97 1.64 -0.33 -15.21
C LEU B 97 1.58 0.97 -16.06
N GLU B 98 2.71 1.43 -16.60
CA GLU B 98 2.91 2.83 -17.03
C GLU B 98 2.23 3.26 -18.35
N ARG B 99 1.24 2.49 -18.84
CA ARG B 99 0.58 2.70 -20.15
C ARG B 99 -0.63 3.67 -20.08
N PRO B 100 -1.10 4.22 -21.22
CA PRO B 100 -2.09 5.29 -21.25
C PRO B 100 -3.50 4.89 -20.80
N VAL B 101 -4.33 5.89 -20.50
CA VAL B 101 -5.75 5.74 -20.12
C VAL B 101 -6.70 6.36 -21.16
N ARG B 102 -7.80 5.65 -21.46
CA ARG B 102 -8.79 5.94 -22.52
C ARG B 102 -10.24 5.79 -22.02
N GLY B 103 -10.50 6.30 -20.81
CA GLY B 103 -11.77 6.17 -20.08
C GLY B 103 -11.82 5.08 -19.00
N HIS B 104 -10.74 4.31 -18.83
CA HIS B 104 -10.59 3.15 -17.91
C HIS B 104 -11.59 2.02 -18.15
N MET A 1 6.03 -13.49 -21.66
CA MET A 1 6.59 -13.65 -20.30
C MET A 1 8.06 -13.24 -20.26
N GLY A 2 8.65 -13.16 -19.06
CA GLY A 2 10.04 -12.76 -18.82
C GLY A 2 10.33 -11.27 -19.07
N GLN A 3 11.14 -10.66 -18.20
CA GLN A 3 11.62 -9.29 -18.39
C GLN A 3 12.98 -9.09 -17.70
N CYS A 4 13.80 -8.21 -18.28
CA CYS A 4 15.04 -7.72 -17.68
C CYS A 4 14.72 -6.58 -16.70
N ARG A 5 15.32 -6.60 -15.51
CA ARG A 5 15.04 -5.65 -14.42
C ARG A 5 16.19 -4.68 -14.14
N SER A 6 15.84 -3.46 -13.75
CA SER A 6 16.75 -2.43 -13.24
C SER A 6 16.19 -1.74 -11.99
N ALA A 7 17.08 -1.37 -11.07
CA ALA A 7 16.77 -0.80 -9.76
C ALA A 7 16.40 0.70 -9.79
N ASN A 8 15.40 1.09 -10.59
CA ASN A 8 14.96 2.50 -10.71
C ASN A 8 14.48 3.10 -9.38
N ALA A 9 13.69 2.35 -8.60
CA ALA A 9 13.13 2.79 -7.31
C ALA A 9 14.20 3.26 -6.30
N GLU A 10 15.41 2.70 -6.36
CA GLU A 10 16.49 2.99 -5.42
C GLU A 10 17.15 4.37 -5.65
N ASP A 11 16.81 5.07 -6.73
CA ASP A 11 17.18 6.47 -6.98
C ASP A 11 15.97 7.38 -7.30
N ALA A 12 14.88 6.80 -7.84
CA ALA A 12 13.61 7.43 -8.23
C ALA A 12 13.70 8.53 -9.32
N GLN A 13 12.63 8.71 -10.09
CA GLN A 13 12.59 9.60 -11.26
C GLN A 13 12.48 11.09 -10.86
N GLU A 14 11.50 11.41 -10.01
CA GLU A 14 11.28 12.79 -9.50
C GLU A 14 10.60 12.86 -8.11
N PHE A 15 10.35 11.71 -7.49
CA PHE A 15 9.45 11.55 -6.32
C PHE A 15 10.20 11.45 -4.98
N SER A 16 9.59 11.95 -3.89
CA SER A 16 10.08 11.79 -2.51
C SER A 16 9.90 10.36 -1.99
N ASP A 17 10.54 10.04 -0.86
CA ASP A 17 10.71 8.71 -0.28
C ASP A 17 9.40 7.93 -0.03
N VAL A 18 8.28 8.60 0.30
CA VAL A 18 6.95 7.98 0.42
C VAL A 18 6.23 7.84 -0.92
N GLU A 19 6.42 8.77 -1.86
CA GLU A 19 5.73 8.82 -3.15
C GLU A 19 6.35 7.79 -4.12
N ARG A 20 7.68 7.65 -4.13
CA ARG A 20 8.36 6.51 -4.76
C ARG A 20 7.98 5.17 -4.11
N ALA A 21 7.71 5.13 -2.80
CA ALA A 21 7.44 3.88 -2.11
C ALA A 21 6.16 3.18 -2.62
N ILE A 22 5.09 3.92 -2.92
CA ILE A 22 3.84 3.33 -3.45
C ILE A 22 4.11 2.66 -4.80
N GLU A 23 4.86 3.33 -5.68
CA GLU A 23 5.24 2.75 -6.99
C GLU A 23 6.21 1.57 -6.85
N THR A 24 7.09 1.61 -5.85
CA THR A 24 8.11 0.58 -5.61
C THR A 24 7.46 -0.76 -5.34
N LEU A 25 6.38 -0.79 -4.54
CA LEU A 25 5.63 -2.04 -4.33
C LEU A 25 4.58 -2.32 -5.40
N ILE A 26 4.01 -1.31 -6.05
CA ILE A 26 3.08 -1.49 -7.17
C ILE A 26 3.75 -2.18 -8.36
N LYS A 27 4.97 -1.80 -8.78
CA LYS A 27 5.70 -2.54 -9.83
C LYS A 27 5.89 -4.03 -9.48
N ASN A 28 6.08 -4.35 -8.20
CA ASN A 28 6.29 -5.72 -7.75
C ASN A 28 5.06 -6.64 -7.94
N PHE A 29 3.84 -6.10 -8.08
CA PHE A 29 2.68 -6.85 -8.55
C PHE A 29 2.84 -7.29 -10.01
N HIS A 30 3.03 -6.34 -10.94
CA HIS A 30 3.09 -6.63 -12.38
C HIS A 30 4.29 -7.51 -12.76
N GLN A 31 5.41 -7.40 -12.04
CA GLN A 31 6.56 -8.31 -12.15
C GLN A 31 6.22 -9.79 -11.85
N TYR A 32 5.13 -10.10 -11.12
CA TYR A 32 4.76 -11.45 -10.66
C TYR A 32 3.45 -12.02 -11.18
N SER A 33 2.55 -11.24 -11.76
CA SER A 33 1.31 -11.73 -12.39
C SER A 33 1.56 -12.42 -13.74
N VAL A 34 2.37 -13.47 -13.76
CA VAL A 34 2.98 -14.03 -14.98
C VAL A 34 2.14 -15.12 -15.64
N GLU A 35 1.31 -15.85 -14.90
CA GLU A 35 0.22 -16.65 -15.47
C GLU A 35 -1.09 -15.85 -15.53
N GLY A 36 -1.42 -15.07 -14.48
CA GLY A 36 -2.70 -14.37 -14.39
C GLY A 36 -2.89 -13.19 -15.37
N GLY A 37 -1.80 -12.67 -15.95
CA GLY A 37 -1.79 -11.40 -16.68
C GLY A 37 -1.77 -10.22 -15.70
N LYS A 38 -1.13 -9.10 -16.08
CA LYS A 38 -0.69 -8.01 -15.21
C LYS A 38 -1.80 -7.03 -14.75
N GLU A 39 -3.01 -7.55 -14.60
CA GLU A 39 -4.09 -6.95 -13.79
C GLU A 39 -4.76 -7.95 -12.82
N THR A 40 -4.32 -9.21 -12.80
CA THR A 40 -4.87 -10.29 -11.94
C THR A 40 -3.73 -11.08 -11.27
N LEU A 41 -4.02 -12.11 -10.47
CA LEU A 41 -3.02 -12.85 -9.69
C LEU A 41 -3.49 -14.30 -9.43
N THR A 42 -2.68 -15.32 -9.71
CA THR A 42 -3.01 -16.73 -9.39
C THR A 42 -2.46 -17.18 -8.02
N PRO A 43 -3.16 -18.02 -7.24
CA PRO A 43 -2.66 -18.56 -5.96
C PRO A 43 -1.29 -19.25 -6.00
N SER A 44 -0.83 -19.79 -7.14
CA SER A 44 0.53 -20.31 -7.29
C SER A 44 1.61 -19.22 -7.30
N GLU A 45 1.38 -18.10 -8.01
CA GLU A 45 2.34 -16.98 -8.02
C GLU A 45 2.19 -16.05 -6.80
N LEU A 46 1.03 -16.09 -6.12
CA LEU A 46 0.87 -15.59 -4.74
C LEU A 46 1.91 -16.27 -3.81
N ARG A 47 1.98 -17.60 -3.78
CA ARG A 47 2.99 -18.30 -2.96
C ARG A 47 4.41 -17.96 -3.38
N ASP A 48 4.66 -17.92 -4.70
CA ASP A 48 5.99 -17.65 -5.25
C ASP A 48 6.53 -16.26 -4.91
N LEU A 49 5.74 -15.19 -5.04
CA LEU A 49 6.22 -13.84 -4.67
C LEU A 49 6.31 -13.65 -3.15
N VAL A 50 5.49 -14.34 -2.36
CA VAL A 50 5.57 -14.22 -0.90
C VAL A 50 6.83 -14.92 -0.40
N THR A 51 7.09 -16.18 -0.79
CA THR A 51 8.26 -16.93 -0.30
C THR A 51 9.59 -16.40 -0.83
N GLN A 52 9.61 -15.75 -2.00
CA GLN A 52 10.81 -15.12 -2.57
C GLN A 52 10.98 -13.62 -2.29
N GLN A 53 9.95 -12.88 -1.86
CA GLN A 53 10.06 -11.42 -1.58
C GLN A 53 9.55 -10.92 -0.21
N LEU A 54 8.83 -11.71 0.57
CA LEU A 54 8.44 -11.41 1.97
C LEU A 54 9.08 -12.42 2.94
N PRO A 55 10.43 -12.52 3.02
CA PRO A 55 11.11 -13.53 3.82
C PRO A 55 10.92 -13.36 5.33
N HIS A 56 10.73 -12.13 5.82
CA HIS A 56 10.47 -11.85 7.24
C HIS A 56 8.97 -11.87 7.60
N LEU A 57 8.11 -11.39 6.71
CA LEU A 57 6.71 -11.05 7.03
C LEU A 57 5.78 -12.27 7.15
N MET A 58 5.90 -13.25 6.24
CA MET A 58 4.94 -14.36 6.10
C MET A 58 5.67 -15.70 5.91
N PRO A 59 5.76 -16.57 6.93
CA PRO A 59 6.61 -17.76 6.88
C PRO A 59 6.02 -18.92 6.06
N SER A 60 6.87 -19.90 5.81
CA SER A 60 6.63 -21.08 4.99
C SER A 60 5.94 -22.23 5.73
N ASN A 61 5.67 -23.34 5.00
CA ASN A 61 4.99 -24.56 5.45
C ASN A 61 3.52 -24.37 5.91
N CYS A 62 3.11 -23.14 6.21
CA CYS A 62 1.85 -22.79 6.88
C CYS A 62 1.44 -21.34 6.64
N GLY A 63 2.33 -20.38 6.87
CA GLY A 63 1.96 -18.96 6.99
C GLY A 63 1.46 -18.36 5.68
N LEU A 64 2.23 -18.50 4.61
CA LEU A 64 1.93 -17.88 3.31
C LEU A 64 0.82 -18.61 2.55
N GLU A 65 0.58 -19.89 2.84
CA GLU A 65 -0.55 -20.65 2.28
C GLU A 65 -1.88 -20.41 3.00
N GLU A 66 -1.88 -19.86 4.23
CA GLU A 66 -3.13 -19.48 4.91
C GLU A 66 -3.83 -18.31 4.19
N LYS A 67 -3.10 -17.51 3.41
CA LYS A 67 -3.65 -16.44 2.57
C LYS A 67 -4.50 -17.02 1.43
N ILE A 68 -4.06 -18.13 0.84
CA ILE A 68 -4.81 -18.92 -0.15
C ILE A 68 -6.02 -19.60 0.52
N ALA A 69 -5.84 -20.11 1.74
CA ALA A 69 -6.89 -20.82 2.49
C ALA A 69 -8.05 -19.89 2.96
N ASN A 70 -7.81 -18.58 3.11
CA ASN A 70 -8.83 -17.58 3.44
C ASN A 70 -9.54 -16.95 2.22
N LEU A 71 -8.82 -16.66 1.13
CA LEU A 71 -9.28 -15.73 0.07
C LEU A 71 -10.53 -16.15 -0.72
N GLY A 72 -10.93 -17.42 -0.68
CA GLY A 72 -12.20 -17.90 -1.23
C GLY A 72 -12.26 -17.93 -2.76
N SER A 73 -13.44 -17.69 -3.32
CA SER A 73 -13.78 -17.91 -4.74
C SER A 73 -13.84 -16.61 -5.56
N CYS A 74 -13.34 -16.64 -6.79
CA CYS A 74 -13.34 -15.50 -7.73
C CYS A 74 -14.23 -15.73 -8.96
N ASN A 75 -14.62 -14.64 -9.64
CA ASN A 75 -15.53 -14.65 -10.79
C ASN A 75 -14.77 -14.86 -12.13
N ASP A 76 -15.49 -14.85 -13.26
CA ASP A 76 -15.01 -15.11 -14.63
C ASP A 76 -13.87 -14.18 -15.09
N SER A 77 -13.89 -12.92 -14.65
CA SER A 77 -12.81 -11.94 -14.89
C SER A 77 -11.60 -12.13 -13.94
N LYS A 78 -11.59 -13.21 -13.14
CA LYS A 78 -10.55 -13.59 -12.17
C LYS A 78 -10.33 -12.52 -11.09
N LEU A 79 -9.12 -12.42 -10.54
CA LEU A 79 -8.72 -11.39 -9.57
C LEU A 79 -8.55 -10.00 -10.22
N GLU A 80 -8.30 -8.99 -9.39
CA GLU A 80 -7.99 -7.61 -9.81
C GLU A 80 -6.74 -7.09 -9.08
N PHE A 81 -6.14 -6.03 -9.62
CA PHE A 81 -5.02 -5.30 -9.01
C PHE A 81 -5.38 -4.79 -7.59
N ARG A 82 -6.62 -4.30 -7.43
CA ARG A 82 -7.21 -3.91 -6.14
C ARG A 82 -7.30 -5.07 -5.14
N SER A 83 -7.46 -6.30 -5.62
CA SER A 83 -7.56 -7.50 -4.77
C SER A 83 -6.21 -7.95 -4.21
N PHE A 84 -5.10 -7.70 -4.93
CA PHE A 84 -3.74 -7.81 -4.36
C PHE A 84 -3.52 -6.75 -3.28
N TRP A 85 -3.96 -5.50 -3.53
CA TRP A 85 -3.84 -4.39 -2.58
C TRP A 85 -4.58 -4.65 -1.24
N GLU A 86 -5.73 -5.35 -1.27
CA GLU A 86 -6.39 -5.86 -0.05
C GLU A 86 -5.48 -6.79 0.77
N LEU A 87 -4.66 -7.61 0.11
CA LEU A 87 -3.79 -8.59 0.77
C LEU A 87 -2.54 -7.94 1.37
N ILE A 88 -2.09 -6.80 0.83
CA ILE A 88 -1.14 -5.92 1.55
C ILE A 88 -1.84 -5.31 2.78
N GLY A 89 -3.14 -5.04 2.70
CA GLY A 89 -3.97 -4.71 3.85
C GLY A 89 -3.92 -5.78 4.97
N GLU A 90 -3.72 -7.06 4.62
CA GLU A 90 -3.45 -8.12 5.57
C GLU A 90 -1.98 -8.11 6.06
N ALA A 91 -1.00 -7.76 5.22
CA ALA A 91 0.37 -7.49 5.69
C ALA A 91 0.38 -6.38 6.77
N ALA A 92 -0.38 -5.30 6.57
CA ALA A 92 -0.51 -4.16 7.49
C ALA A 92 -1.26 -4.47 8.82
N LYS A 93 -1.78 -5.68 9.00
CA LYS A 93 -2.26 -6.20 10.30
C LYS A 93 -1.16 -6.95 11.05
N SER A 94 -0.16 -7.46 10.33
CA SER A 94 1.03 -8.17 10.84
C SER A 94 2.28 -7.29 10.94
N VAL A 95 2.23 -6.02 10.47
CA VAL A 95 3.22 -4.97 10.77
C VAL A 95 2.57 -3.58 10.89
N LYS A 96 2.79 -2.91 12.02
CA LYS A 96 2.63 -1.47 12.25
C LYS A 96 3.81 -0.89 13.05
N LEU A 97 3.75 0.42 13.34
CA LEU A 97 4.45 1.01 14.48
C LEU A 97 4.09 0.23 15.77
N GLU A 98 4.99 0.12 16.74
CA GLU A 98 4.74 -0.64 17.99
C GLU A 98 3.57 -0.13 18.85
N ARG A 99 3.04 1.07 18.57
CA ARG A 99 1.84 1.64 19.21
C ARG A 99 0.66 0.66 19.16
N PRO A 100 -0.20 0.62 20.21
CA PRO A 100 -1.47 -0.09 20.17
C PRO A 100 -2.42 0.41 19.08
N VAL A 101 -3.48 -0.34 18.79
CA VAL A 101 -4.62 0.08 17.94
C VAL A 101 -5.92 -0.56 18.42
N ARG A 102 -7.03 0.18 18.38
CA ARG A 102 -8.37 -0.30 18.77
C ARG A 102 -9.15 -0.94 17.62
N GLY A 103 -9.07 -0.37 16.42
CA GLY A 103 -9.81 -0.81 15.23
C GLY A 103 -8.93 -1.30 14.07
N HIS A 104 -9.49 -1.21 12.86
CA HIS A 104 -8.86 -1.52 11.56
C HIS A 104 -8.81 -0.25 10.71
N MET B 1 12.73 14.50 24.91
CA MET B 1 12.94 15.44 23.79
C MET B 1 14.42 15.49 23.38
N GLY B 2 14.71 15.76 22.11
CA GLY B 2 16.05 15.68 21.51
C GLY B 2 16.29 14.38 20.71
N GLN B 3 15.25 13.83 20.07
CA GLN B 3 15.29 12.56 19.35
C GLN B 3 15.89 12.69 17.92
N CYS B 4 16.68 11.69 17.51
CA CYS B 4 17.49 11.68 16.28
C CYS B 4 16.89 10.80 15.15
N ARG B 5 17.23 11.10 13.88
CA ARG B 5 16.65 10.47 12.68
C ARG B 5 17.64 10.31 11.52
N SER B 6 17.59 9.17 10.82
CA SER B 6 18.27 8.90 9.55
C SER B 6 17.47 7.93 8.65
N ALA B 7 17.73 7.96 7.34
CA ALA B 7 17.09 7.13 6.33
C ALA B 7 17.53 5.65 6.37
N ASN B 8 17.17 4.92 7.43
CA ASN B 8 17.47 3.50 7.56
C ASN B 8 16.75 2.63 6.49
N ALA B 9 15.63 3.08 5.94
CA ALA B 9 14.86 2.40 4.89
C ALA B 9 15.64 2.11 3.59
N GLU B 10 16.83 2.70 3.39
CA GLU B 10 17.71 2.41 2.24
C GLU B 10 18.78 1.35 2.53
N ASP B 11 18.88 0.88 3.78
CA ASP B 11 19.63 -0.30 4.22
C ASP B 11 18.71 -1.42 4.79
N ALA B 12 17.48 -1.02 5.15
CA ALA B 12 16.44 -1.73 5.88
C ALA B 12 16.83 -2.22 7.29
N GLN B 13 15.84 -2.36 8.17
CA GLN B 13 16.00 -3.00 9.49
C GLN B 13 16.54 -4.43 9.31
N GLU B 14 15.95 -5.16 8.36
CA GLU B 14 16.40 -6.47 7.83
C GLU B 14 15.78 -6.83 6.46
N PHE B 15 14.76 -6.09 6.03
CA PHE B 15 13.75 -6.47 5.03
C PHE B 15 14.19 -6.41 3.56
N SER B 16 13.48 -7.12 2.69
CA SER B 16 13.60 -6.98 1.22
C SER B 16 13.20 -5.57 0.74
N ASP B 17 13.47 -5.21 -0.52
CA ASP B 17 13.23 -3.86 -1.05
C ASP B 17 11.73 -3.54 -1.24
N VAL B 18 10.90 -4.56 -1.45
CA VAL B 18 9.42 -4.48 -1.46
C VAL B 18 8.84 -4.53 -0.04
N GLU B 19 9.43 -5.34 0.84
CA GLU B 19 9.00 -5.54 2.23
C GLU B 19 9.25 -4.26 3.07
N ARG B 20 10.36 -3.54 2.84
CA ARG B 20 10.58 -2.18 3.39
C ARG B 20 9.70 -1.09 2.79
N ALA B 21 9.13 -1.31 1.60
CA ALA B 21 8.29 -0.31 0.92
C ALA B 21 6.95 -0.11 1.66
N ILE B 22 6.28 -1.21 2.01
CA ILE B 22 5.05 -1.22 2.82
C ILE B 22 5.34 -0.56 4.18
N GLU B 23 6.48 -0.89 4.81
CA GLU B 23 6.95 -0.24 6.03
C GLU B 23 7.11 1.28 5.91
N THR B 24 7.64 1.74 4.77
CA THR B 24 7.82 3.16 4.47
C THR B 24 6.49 3.92 4.42
N LEU B 25 5.39 3.26 3.98
CA LEU B 25 4.06 3.89 4.02
C LEU B 25 3.46 3.83 5.43
N ILE B 26 3.66 2.71 6.14
CA ILE B 26 3.31 2.54 7.57
C ILE B 26 3.92 3.69 8.37
N LYS B 27 5.24 3.87 8.36
CA LYS B 27 5.95 4.95 9.08
C LYS B 27 5.35 6.33 8.79
N ASN B 28 5.01 6.61 7.52
CA ASN B 28 4.49 7.91 7.14
C ASN B 28 3.06 8.23 7.61
N PHE B 29 2.23 7.23 7.95
CA PHE B 29 0.95 7.46 8.64
C PHE B 29 1.16 8.05 10.05
N HIS B 30 2.02 7.42 10.86
CA HIS B 30 2.22 7.81 12.25
C HIS B 30 3.03 9.10 12.37
N GLN B 31 3.99 9.32 11.46
CA GLN B 31 4.75 10.58 11.37
C GLN B 31 3.84 11.81 11.15
N TYR B 32 2.74 11.70 10.39
CA TYR B 32 1.87 12.85 10.06
C TYR B 32 0.62 13.02 10.94
N SER B 33 0.18 11.98 11.66
CA SER B 33 -1.01 12.02 12.53
C SER B 33 -0.73 12.71 13.88
N VAL B 34 -0.51 14.03 13.85
CA VAL B 34 -0.19 14.86 15.03
C VAL B 34 -1.42 15.52 15.65
N GLU B 35 -2.50 15.78 14.90
CA GLU B 35 -3.80 16.16 15.46
C GLU B 35 -4.68 14.93 15.72
N GLY B 36 -4.56 13.89 14.90
CA GLY B 36 -5.04 12.53 15.19
C GLY B 36 -4.35 11.88 16.40
N GLY B 37 -4.95 10.80 16.92
CA GLY B 37 -4.54 10.09 18.14
C GLY B 37 -3.48 9.01 17.93
N LYS B 38 -2.46 9.26 17.10
CA LYS B 38 -1.36 8.34 16.68
C LYS B 38 -1.78 7.02 15.98
N GLU B 39 -3.05 6.65 16.05
CA GLU B 39 -3.71 5.57 15.30
C GLU B 39 -4.86 6.08 14.39
N THR B 40 -5.06 7.41 14.34
CA THR B 40 -6.15 8.10 13.63
C THR B 40 -5.57 9.29 12.83
N LEU B 41 -6.28 9.79 11.82
CA LEU B 41 -5.75 10.71 10.80
C LEU B 41 -6.82 11.77 10.45
N THR B 42 -6.55 13.07 10.67
CA THR B 42 -7.52 14.14 10.39
C THR B 42 -7.49 14.58 8.91
N PRO B 43 -8.63 14.95 8.29
CA PRO B 43 -8.65 15.50 6.92
C PRO B 43 -7.75 16.74 6.72
N SER B 44 -7.52 17.53 7.79
CA SER B 44 -6.60 18.67 7.73
C SER B 44 -5.12 18.26 7.63
N GLU B 45 -4.69 17.13 8.23
CA GLU B 45 -3.34 16.57 7.99
C GLU B 45 -3.26 15.63 6.78
N LEU B 46 -4.41 15.09 6.32
CA LEU B 46 -4.56 14.53 4.98
C LEU B 46 -4.16 15.58 3.92
N ARG B 47 -4.70 16.81 3.98
CA ARG B 47 -4.24 17.92 3.12
C ARG B 47 -2.74 18.17 3.28
N ASP B 48 -2.22 18.23 4.51
CA ASP B 48 -0.80 18.50 4.78
C ASP B 48 0.14 17.49 4.12
N LEU B 49 0.07 16.19 4.44
CA LEU B 49 1.06 15.26 3.87
C LEU B 49 0.93 15.09 2.36
N VAL B 50 -0.26 15.36 1.80
CA VAL B 50 -0.46 15.32 0.36
C VAL B 50 0.16 16.54 -0.34
N THR B 51 -0.02 17.76 0.19
CA THR B 51 0.61 18.97 -0.37
C THR B 51 2.11 19.03 -0.08
N GLN B 52 2.57 18.38 1.00
CA GLN B 52 3.98 18.32 1.39
C GLN B 52 4.76 17.15 0.76
N GLN B 53 4.12 16.02 0.42
CA GLN B 53 4.81 14.82 -0.09
C GLN B 53 4.29 14.22 -1.42
N LEU B 54 3.06 14.52 -1.88
CA LEU B 54 2.47 13.97 -3.11
C LEU B 54 2.18 15.04 -4.21
N PRO B 55 3.14 15.91 -4.59
CA PRO B 55 2.90 16.97 -5.58
C PRO B 55 2.72 16.44 -7.02
N HIS B 56 3.21 15.23 -7.31
CA HIS B 56 3.04 14.56 -8.60
C HIS B 56 1.74 13.74 -8.62
N LEU B 57 1.40 13.06 -7.52
CA LEU B 57 0.21 12.21 -7.41
C LEU B 57 -1.11 12.98 -7.21
N MET B 58 -1.09 14.12 -6.53
CA MET B 58 -2.28 14.92 -6.17
C MET B 58 -1.97 16.44 -6.21
N PRO B 59 -1.79 17.04 -7.41
CA PRO B 59 -1.37 18.45 -7.53
C PRO B 59 -2.45 19.47 -7.15
N SER B 60 -1.96 20.67 -6.81
CA SER B 60 -2.67 21.83 -6.24
C SER B 60 -3.84 22.39 -7.07
N ASN B 61 -4.59 23.34 -6.48
CA ASN B 61 -5.88 23.90 -6.92
C ASN B 61 -7.06 22.89 -6.94
N CYS B 62 -6.75 21.60 -7.00
CA CYS B 62 -7.66 20.43 -6.99
C CYS B 62 -6.95 19.30 -6.19
N GLY B 63 -7.11 18.04 -6.58
CA GLY B 63 -6.16 16.94 -6.32
C GLY B 63 -6.25 16.30 -4.94
N LEU B 64 -6.14 17.12 -3.90
CA LEU B 64 -6.05 16.73 -2.49
C LEU B 64 -7.35 16.98 -1.72
N GLU B 65 -7.89 18.19 -1.78
CA GLU B 65 -9.18 18.62 -1.21
C GLU B 65 -10.39 17.82 -1.70
N GLU B 66 -10.29 17.22 -2.90
CA GLU B 66 -11.31 16.40 -3.52
C GLU B 66 -11.43 15.03 -2.84
N LYS B 67 -10.36 14.60 -2.16
CA LYS B 67 -10.32 13.33 -1.43
C LYS B 67 -11.02 13.48 -0.09
N ILE B 68 -10.85 14.65 0.57
CA ILE B 68 -11.60 15.10 1.76
C ILE B 68 -13.09 15.25 1.41
N ALA B 69 -13.41 15.84 0.26
CA ALA B 69 -14.79 16.02 -0.21
C ALA B 69 -15.51 14.67 -0.45
N ASN B 70 -14.80 13.66 -0.99
CA ASN B 70 -15.38 12.36 -1.33
C ASN B 70 -15.49 11.40 -0.14
N LEU B 71 -14.61 11.48 0.87
CA LEU B 71 -14.71 10.63 2.08
C LEU B 71 -15.93 11.00 2.98
N GLY B 72 -16.52 12.17 2.77
CA GLY B 72 -17.77 12.62 3.41
C GLY B 72 -17.65 12.89 4.91
N SER B 73 -18.55 12.29 5.70
CA SER B 73 -18.59 12.40 7.17
C SER B 73 -17.81 11.26 7.84
N CYS B 74 -17.13 11.58 8.94
CA CYS B 74 -16.33 10.65 9.76
C CYS B 74 -16.73 10.69 11.26
N ASN B 75 -16.00 9.95 12.11
CA ASN B 75 -16.37 9.65 13.50
C ASN B 75 -15.87 10.68 14.53
N ASP B 76 -16.37 10.65 15.78
CA ASP B 76 -15.85 11.46 16.91
C ASP B 76 -14.38 11.15 17.24
N SER B 77 -13.95 9.89 17.11
CA SER B 77 -12.55 9.44 17.18
C SER B 77 -11.81 9.54 15.82
N LYS B 78 -12.34 10.37 14.91
CA LYS B 78 -11.77 10.72 13.60
C LYS B 78 -11.74 9.51 12.66
N LEU B 79 -10.64 8.76 12.69
CA LEU B 79 -10.29 7.76 11.69
C LEU B 79 -9.59 6.53 12.31
N GLU B 80 -9.15 5.61 11.45
CA GLU B 80 -8.24 4.49 11.77
C GLU B 80 -7.24 4.32 10.61
N PHE B 81 -6.27 3.40 10.73
CA PHE B 81 -5.23 3.21 9.71
C PHE B 81 -5.77 2.73 8.35
N ARG B 82 -6.74 1.80 8.32
CA ARG B 82 -7.25 1.23 7.05
C ARG B 82 -7.84 2.31 6.14
N SER B 83 -8.53 3.32 6.69
CA SER B 83 -9.03 4.44 5.87
C SER B 83 -7.95 5.30 5.21
N PHE B 84 -6.71 5.33 5.73
CA PHE B 84 -5.55 5.89 5.01
C PHE B 84 -5.12 4.95 3.87
N TRP B 85 -5.00 3.64 4.16
CA TRP B 85 -4.54 2.61 3.23
C TRP B 85 -5.45 2.45 1.99
N GLU B 86 -6.77 2.61 2.15
CA GLU B 86 -7.75 2.63 1.05
C GLU B 86 -7.61 3.89 0.16
N LEU B 87 -7.05 4.98 0.68
CA LEU B 87 -6.74 6.21 -0.06
C LEU B 87 -5.38 6.15 -0.77
N ILE B 88 -4.43 5.33 -0.29
CA ILE B 88 -3.29 4.90 -1.12
C ILE B 88 -3.80 4.04 -2.29
N GLY B 89 -4.83 3.22 -2.05
CA GLY B 89 -5.59 2.53 -3.10
C GLY B 89 -6.16 3.48 -4.17
N GLU B 90 -6.60 4.68 -3.78
CA GLU B 90 -7.01 5.75 -4.70
C GLU B 90 -5.82 6.36 -5.46
N ALA B 91 -4.64 6.54 -4.83
CA ALA B 91 -3.40 6.92 -5.53
C ALA B 91 -3.03 5.90 -6.64
N ALA B 92 -3.11 4.60 -6.35
CA ALA B 92 -2.77 3.52 -7.28
C ALA B 92 -3.78 3.32 -8.44
N LYS B 93 -4.88 4.07 -8.48
CA LYS B 93 -5.77 4.14 -9.66
C LYS B 93 -5.26 5.12 -10.74
N SER B 94 -4.27 5.97 -10.42
CA SER B 94 -3.63 6.90 -11.38
C SER B 94 -2.15 6.61 -11.67
N VAL B 95 -1.56 5.55 -11.09
CA VAL B 95 -0.22 5.08 -11.49
C VAL B 95 -0.05 3.56 -11.37
N LYS B 96 0.32 2.93 -12.48
CA LYS B 96 0.58 1.50 -12.68
C LYS B 96 1.71 1.27 -13.71
N LEU B 97 2.11 0.02 -13.94
CA LEU B 97 2.87 -0.36 -15.14
C LEU B 97 2.05 -0.01 -16.40
N GLU B 98 2.61 0.75 -17.34
CA GLU B 98 1.87 1.35 -18.47
C GLU B 98 1.31 0.32 -19.48
N ARG B 99 0.08 -0.12 -19.26
CA ARG B 99 -0.76 -0.98 -20.12
C ARG B 99 -2.23 -0.56 -20.08
N PRO B 100 -3.08 -0.98 -21.04
CA PRO B 100 -4.53 -0.95 -20.90
C PRO B 100 -5.02 -1.85 -19.75
N VAL B 101 -6.12 -1.51 -19.08
CA VAL B 101 -6.58 -2.25 -17.90
C VAL B 101 -8.08 -2.04 -17.62
N ARG B 102 -8.80 -3.12 -17.28
CA ARG B 102 -10.19 -3.09 -16.82
C ARG B 102 -10.30 -3.33 -15.31
N GLY B 103 -9.54 -4.29 -14.77
CA GLY B 103 -9.47 -4.66 -13.35
C GLY B 103 -8.55 -3.75 -12.50
N HIS B 104 -8.61 -2.44 -12.73
CA HIS B 104 -7.74 -1.42 -12.11
C HIS B 104 -8.11 -1.06 -10.68
N MET A 1 4.65 -1.21 -39.07
CA MET A 1 4.96 -2.35 -38.21
C MET A 1 6.33 -2.21 -37.55
N GLY A 2 6.31 -2.17 -36.22
CA GLY A 2 7.48 -2.25 -35.34
C GLY A 2 7.07 -2.73 -33.94
N GLN A 3 8.06 -2.94 -33.06
CA GLN A 3 7.82 -3.38 -31.68
C GLN A 3 7.01 -2.33 -30.90
N CYS A 4 6.13 -2.76 -30.00
CA CYS A 4 5.25 -1.87 -29.24
C CYS A 4 5.35 -2.11 -27.72
N ARG A 5 5.78 -1.08 -26.97
CA ARG A 5 5.95 -1.12 -25.50
C ARG A 5 5.62 0.22 -24.83
N SER A 6 5.34 0.16 -23.53
CA SER A 6 5.13 1.30 -22.63
C SER A 6 5.99 1.15 -21.36
N ALA A 7 6.33 2.27 -20.72
CA ALA A 7 7.20 2.29 -19.53
C ALA A 7 6.60 3.04 -18.34
N ASN A 8 6.84 2.50 -17.14
CA ASN A 8 6.47 3.07 -15.84
C ASN A 8 7.37 2.45 -14.74
N ALA A 9 7.73 3.24 -13.72
CA ALA A 9 8.49 2.80 -12.55
C ALA A 9 9.84 2.12 -12.85
N GLU A 10 10.49 2.44 -13.98
CA GLU A 10 11.78 1.85 -14.38
C GLU A 10 12.96 2.33 -13.52
N ASP A 11 12.78 3.45 -12.80
CA ASP A 11 13.70 3.96 -11.77
C ASP A 11 13.10 3.81 -10.37
N ALA A 12 11.81 4.11 -10.20
CA ALA A 12 11.11 4.18 -8.91
C ALA A 12 11.86 5.08 -7.89
N GLN A 13 12.16 6.32 -8.30
CA GLN A 13 13.07 7.28 -7.66
C GLN A 13 12.71 8.75 -7.96
N GLU A 14 11.93 9.04 -9.01
CA GLU A 14 11.67 10.40 -9.51
C GLU A 14 10.62 11.17 -8.69
N PHE A 15 10.18 10.56 -7.58
CA PHE A 15 9.07 10.96 -6.69
C PHE A 15 9.47 10.91 -5.20
N SER A 16 8.65 11.48 -4.31
CA SER A 16 8.88 11.48 -2.84
C SER A 16 9.04 10.08 -2.25
N ASP A 17 9.52 9.96 -1.00
CA ASP A 17 9.75 8.65 -0.35
C ASP A 17 8.50 7.74 -0.38
N VAL A 18 7.30 8.29 -0.15
CA VAL A 18 6.03 7.55 -0.24
C VAL A 18 5.53 7.42 -1.70
N GLU A 19 5.67 8.49 -2.49
CA GLU A 19 5.15 8.61 -3.86
C GLU A 19 5.91 7.66 -4.82
N ARG A 20 7.21 7.43 -4.59
CA ARG A 20 8.02 6.39 -5.25
C ARG A 20 7.90 5.00 -4.59
N ALA A 21 7.52 4.91 -3.31
CA ALA A 21 7.30 3.62 -2.64
C ALA A 21 6.04 2.91 -3.17
N ILE A 22 4.97 3.64 -3.51
CA ILE A 22 3.79 3.05 -4.18
C ILE A 22 4.21 2.50 -5.56
N GLU A 23 5.05 3.22 -6.31
CA GLU A 23 5.61 2.74 -7.58
C GLU A 23 6.49 1.48 -7.42
N THR A 24 7.14 1.33 -6.25
CA THR A 24 8.07 0.23 -5.98
C THR A 24 7.31 -1.03 -5.59
N LEU A 25 6.23 -0.85 -4.84
CA LEU A 25 5.44 -1.97 -4.33
C LEU A 25 4.43 -2.49 -5.37
N ILE A 26 3.89 -1.61 -6.23
CA ILE A 26 3.09 -2.03 -7.39
C ILE A 26 3.94 -2.82 -8.41
N LYS A 27 5.18 -2.35 -8.69
CA LYS A 27 6.13 -3.02 -9.60
C LYS A 27 6.30 -4.52 -9.32
N ASN A 28 6.26 -4.93 -8.05
CA ASN A 28 6.50 -6.31 -7.68
C ASN A 28 5.36 -7.28 -8.08
N PHE A 29 4.13 -6.80 -8.29
CA PHE A 29 3.07 -7.60 -8.94
C PHE A 29 3.44 -7.91 -10.40
N HIS A 30 3.94 -6.92 -11.13
CA HIS A 30 4.33 -7.00 -12.54
C HIS A 30 5.65 -7.78 -12.76
N GLN A 31 6.42 -8.01 -11.70
CA GLN A 31 7.57 -8.93 -11.67
C GLN A 31 7.17 -10.41 -11.47
N TYR A 32 5.93 -10.73 -11.04
CA TYR A 32 5.45 -12.12 -10.85
C TYR A 32 4.23 -12.55 -11.69
N SER A 33 3.44 -11.62 -12.23
CA SER A 33 2.16 -11.85 -12.98
C SER A 33 2.31 -12.36 -14.43
N VAL A 34 3.28 -13.25 -14.68
CA VAL A 34 3.63 -13.72 -16.03
C VAL A 34 2.50 -14.52 -16.72
N GLU A 35 1.73 -15.33 -15.97
CA GLU A 35 0.61 -16.10 -16.56
C GLU A 35 -0.49 -15.18 -17.09
N GLY A 36 -0.78 -14.09 -16.38
CA GLY A 36 -1.78 -13.08 -16.71
C GLY A 36 -1.37 -12.06 -17.76
N GLY A 37 -0.29 -12.30 -18.53
CA GLY A 37 0.24 -11.32 -19.48
C GLY A 37 0.64 -10.01 -18.80
N LYS A 38 1.23 -10.10 -17.59
CA LYS A 38 1.63 -8.99 -16.72
C LYS A 38 0.48 -8.18 -16.07
N GLU A 39 -0.77 -8.62 -16.25
CA GLU A 39 -1.96 -8.00 -15.65
C GLU A 39 -2.66 -8.85 -14.57
N THR A 40 -2.40 -10.16 -14.47
CA THR A 40 -3.07 -11.03 -13.46
C THR A 40 -2.19 -12.09 -12.77
N LEU A 41 -2.62 -12.48 -11.57
CA LEU A 41 -1.90 -13.27 -10.55
C LEU A 41 -2.59 -14.63 -10.31
N THR A 42 -1.91 -15.59 -9.66
CA THR A 42 -2.51 -16.86 -9.20
C THR A 42 -2.04 -17.23 -7.78
N PRO A 43 -2.81 -18.02 -7.00
CA PRO A 43 -2.37 -18.64 -5.74
C PRO A 43 -1.02 -19.40 -5.83
N SER A 44 -0.67 -19.95 -6.99
CA SER A 44 0.62 -20.61 -7.22
C SER A 44 1.79 -19.62 -7.24
N GLU A 45 1.61 -18.44 -7.86
CA GLU A 45 2.58 -17.34 -7.80
C GLU A 45 2.61 -16.70 -6.40
N LEU A 46 1.46 -16.59 -5.74
CA LEU A 46 1.31 -16.07 -4.36
C LEU A 46 2.25 -16.81 -3.40
N ARG A 47 2.14 -18.15 -3.31
CA ARG A 47 3.04 -18.93 -2.43
C ARG A 47 4.50 -18.97 -2.90
N ASP A 48 4.79 -18.61 -4.15
CA ASP A 48 6.16 -18.40 -4.64
C ASP A 48 6.76 -17.05 -4.23
N LEU A 49 6.12 -15.91 -4.50
CA LEU A 49 6.73 -14.61 -4.21
C LEU A 49 6.84 -14.32 -2.71
N VAL A 50 5.88 -14.78 -1.89
CA VAL A 50 5.83 -14.43 -0.46
C VAL A 50 7.04 -14.95 0.31
N THR A 51 7.46 -16.21 0.10
CA THR A 51 8.63 -16.77 0.82
C THR A 51 9.98 -16.16 0.37
N GLN A 52 10.03 -15.55 -0.82
CA GLN A 52 11.23 -14.91 -1.38
C GLN A 52 11.31 -13.40 -1.07
N GLN A 53 10.18 -12.68 -1.13
CA GLN A 53 10.08 -11.21 -1.05
C GLN A 53 9.32 -10.69 0.18
N LEU A 54 8.68 -11.54 0.99
CA LEU A 54 8.21 -11.21 2.35
C LEU A 54 8.74 -12.19 3.44
N PRO A 55 10.06 -12.52 3.50
CA PRO A 55 10.56 -13.49 4.49
C PRO A 55 10.63 -12.93 5.92
N HIS A 56 10.63 -11.61 6.10
CA HIS A 56 10.54 -10.93 7.40
C HIS A 56 9.09 -10.64 7.82
N LEU A 57 8.20 -10.44 6.83
CA LEU A 57 6.79 -10.07 7.03
C LEU A 57 5.83 -11.27 7.12
N MET A 58 6.08 -12.33 6.35
CA MET A 58 5.21 -13.51 6.19
C MET A 58 6.01 -14.79 5.88
N PRO A 59 7.00 -15.18 6.71
CA PRO A 59 7.74 -16.43 6.51
C PRO A 59 6.90 -17.68 6.74
N SER A 60 7.35 -18.78 6.12
CA SER A 60 6.81 -20.14 6.25
C SER A 60 6.83 -20.74 7.68
N ASN A 61 7.28 -20.01 8.71
CA ASN A 61 7.01 -20.33 10.12
C ASN A 61 5.49 -20.52 10.37
N CYS A 62 4.64 -19.82 9.62
CA CYS A 62 3.23 -20.08 9.46
C CYS A 62 2.98 -20.52 8.02
N GLY A 63 2.15 -21.55 7.82
CA GLY A 63 1.84 -22.04 6.48
C GLY A 63 1.11 -20.98 5.65
N LEU A 64 1.76 -20.50 4.57
CA LEU A 64 1.30 -19.38 3.75
C LEU A 64 0.13 -19.74 2.81
N GLU A 65 -0.20 -21.02 2.67
CA GLU A 65 -1.55 -21.46 2.25
C GLU A 65 -2.70 -20.85 3.08
N GLU A 66 -2.46 -20.27 4.26
CA GLU A 66 -3.46 -19.46 4.98
C GLU A 66 -3.92 -18.24 4.15
N LYS A 67 -3.05 -17.71 3.29
CA LYS A 67 -3.27 -16.53 2.46
C LYS A 67 -4.03 -16.89 1.18
N ILE A 68 -3.74 -18.06 0.61
CA ILE A 68 -4.54 -18.69 -0.43
C ILE A 68 -5.95 -18.98 0.12
N ALA A 69 -6.08 -19.49 1.35
CA ALA A 69 -7.37 -19.74 1.99
C ALA A 69 -8.16 -18.47 2.40
N ASN A 70 -7.54 -17.28 2.42
CA ASN A 70 -8.20 -16.00 2.72
C ASN A 70 -8.92 -15.41 1.49
N LEU A 71 -8.31 -15.46 0.30
CA LEU A 71 -8.75 -14.72 -0.89
C LEU A 71 -10.20 -15.04 -1.31
N GLY A 72 -10.56 -16.33 -1.42
CA GLY A 72 -11.89 -16.78 -1.80
C GLY A 72 -12.20 -16.60 -3.29
N SER A 73 -13.48 -16.45 -3.62
CA SER A 73 -14.00 -16.20 -4.98
C SER A 73 -14.07 -14.69 -5.29
N CYS A 74 -13.06 -13.93 -4.87
CA CYS A 74 -12.96 -12.50 -5.08
C CYS A 74 -12.87 -12.18 -6.58
N ASN A 75 -11.77 -12.54 -7.25
CA ASN A 75 -11.55 -12.32 -8.70
C ASN A 75 -10.64 -13.41 -9.32
N ASP A 76 -10.92 -14.69 -9.07
CA ASP A 76 -9.99 -15.81 -9.32
C ASP A 76 -9.61 -16.01 -10.80
N SER A 77 -10.49 -15.62 -11.73
CA SER A 77 -10.24 -15.64 -13.19
C SER A 77 -9.54 -14.39 -13.71
N LYS A 78 -9.51 -13.31 -12.92
CA LYS A 78 -9.05 -11.95 -13.28
C LYS A 78 -8.36 -11.26 -12.10
N LEU A 79 -7.32 -11.89 -11.53
CA LEU A 79 -6.68 -11.46 -10.28
C LEU A 79 -5.73 -10.27 -10.50
N GLU A 80 -6.31 -9.10 -10.72
CA GLU A 80 -5.59 -7.84 -10.96
C GLU A 80 -4.92 -7.29 -9.69
N PHE A 81 -4.15 -6.21 -9.82
CA PHE A 81 -3.44 -5.60 -8.69
C PHE A 81 -4.39 -5.26 -7.52
N ARG A 82 -5.62 -4.81 -7.79
CA ARG A 82 -6.68 -4.56 -6.80
C ARG A 82 -6.99 -5.77 -5.89
N SER A 83 -6.81 -7.01 -6.37
CA SER A 83 -6.95 -8.23 -5.55
C SER A 83 -5.66 -8.64 -4.82
N PHE A 84 -4.48 -8.40 -5.40
CA PHE A 84 -3.19 -8.53 -4.68
C PHE A 84 -3.09 -7.55 -3.51
N TRP A 85 -3.60 -6.34 -3.70
CA TRP A 85 -3.70 -5.26 -2.72
C TRP A 85 -4.46 -5.64 -1.44
N GLU A 86 -5.51 -6.48 -1.54
CA GLU A 86 -6.23 -7.02 -0.37
C GLU A 86 -5.30 -7.81 0.56
N LEU A 87 -4.28 -8.49 0.01
CA LEU A 87 -3.32 -9.28 0.79
C LEU A 87 -2.27 -8.39 1.48
N ILE A 88 -1.91 -7.26 0.86
CA ILE A 88 -1.09 -6.22 1.46
C ILE A 88 -1.86 -5.54 2.61
N GLY A 89 -3.18 -5.39 2.47
CA GLY A 89 -4.07 -4.98 3.56
C GLY A 89 -3.90 -5.85 4.82
N GLU A 90 -3.77 -7.18 4.65
CA GLU A 90 -3.44 -8.07 5.76
C GLU A 90 -1.97 -7.97 6.21
N ALA A 91 -1.00 -7.67 5.34
CA ALA A 91 0.36 -7.33 5.79
C ALA A 91 0.36 -6.14 6.79
N ALA A 92 -0.45 -5.10 6.55
CA ALA A 92 -0.60 -3.98 7.49
C ALA A 92 -1.44 -4.34 8.75
N LYS A 93 -2.40 -5.27 8.65
CA LYS A 93 -3.03 -5.90 9.85
C LYS A 93 -2.07 -6.81 10.63
N SER A 94 -0.91 -7.14 10.05
CA SER A 94 0.13 -7.96 10.67
C SER A 94 1.22 -7.12 11.33
N VAL A 95 1.57 -5.95 10.77
CA VAL A 95 2.53 -5.00 11.39
C VAL A 95 2.23 -3.53 11.09
N LYS A 96 2.38 -2.65 12.10
CA LYS A 96 2.43 -1.18 12.00
C LYS A 96 3.49 -0.60 12.96
N LEU A 97 3.66 0.72 12.96
CA LEU A 97 4.24 1.45 14.10
C LEU A 97 3.32 1.27 15.31
N GLU A 98 3.87 0.81 16.44
CA GLU A 98 3.07 0.29 17.56
C GLU A 98 2.80 1.37 18.62
N ARG A 99 1.51 1.74 18.78
CA ARG A 99 1.03 2.76 19.73
C ARG A 99 0.40 2.14 21.00
N PRO A 100 0.21 2.91 22.08
CA PRO A 100 -0.53 2.48 23.26
C PRO A 100 -1.99 2.10 22.94
N VAL A 101 -2.61 1.27 23.80
CA VAL A 101 -3.98 0.77 23.61
C VAL A 101 -4.72 0.61 24.94
N ARG A 102 -6.05 0.78 24.92
CA ARG A 102 -6.97 0.71 26.07
C ARG A 102 -8.25 -0.09 25.75
N GLY A 103 -8.75 0.01 24.52
CA GLY A 103 -9.98 -0.64 24.07
C GLY A 103 -10.13 -0.70 22.54
N HIS A 104 -11.37 -0.76 22.07
CA HIS A 104 -11.74 -0.91 20.64
C HIS A 104 -12.58 0.25 20.10
N MET B 1 16.85 2.53 31.26
CA MET B 1 15.51 3.04 31.58
C MET B 1 14.92 3.73 30.37
N GLY B 2 13.60 3.64 30.16
CA GLY B 2 12.88 4.30 29.08
C GLY B 2 11.81 3.42 28.41
N GLN B 3 11.02 4.01 27.50
CA GLN B 3 10.04 3.28 26.71
C GLN B 3 10.72 2.40 25.65
N CYS B 4 10.25 1.16 25.49
CA CYS B 4 10.79 0.18 24.55
C CYS B 4 10.33 0.44 23.10
N ARG B 5 11.05 -0.11 22.11
CA ARG B 5 10.72 -0.03 20.68
C ARG B 5 10.26 -1.38 20.12
N SER B 6 9.40 -1.35 19.11
CA SER B 6 8.86 -2.51 18.39
C SER B 6 9.24 -2.46 16.90
N ALA B 7 9.13 -3.59 16.19
CA ALA B 7 9.68 -3.75 14.86
C ALA B 7 8.84 -3.02 13.78
N ASN B 8 9.32 -1.85 13.31
CA ASN B 8 8.81 -1.16 12.13
C ASN B 8 9.85 -0.18 11.57
N ALA B 9 10.42 -0.52 10.40
CA ALA B 9 11.29 0.31 9.54
C ALA B 9 12.39 1.17 10.21
N GLU B 10 12.96 0.75 11.35
CA GLU B 10 14.08 1.48 11.97
C GLU B 10 15.41 1.34 11.21
N ASP B 11 15.55 0.29 10.42
CA ASP B 11 16.71 0.03 9.56
C ASP B 11 16.35 0.09 8.06
N ALA B 12 15.10 -0.23 7.71
CA ALA B 12 14.46 0.02 6.41
C ALA B 12 15.14 -0.56 5.15
N GLN B 13 16.20 -1.36 5.28
CA GLN B 13 16.92 -2.03 4.18
C GLN B 13 17.37 -3.46 4.55
N GLU B 14 17.11 -3.91 5.78
CA GLU B 14 17.16 -5.34 6.13
C GLU B 14 16.03 -6.15 5.47
N PHE B 15 14.98 -5.45 5.01
CA PHE B 15 13.82 -5.97 4.26
C PHE B 15 14.02 -5.85 2.73
N SER B 16 13.24 -6.65 1.98
CA SER B 16 13.15 -6.68 0.50
C SER B 16 12.55 -5.39 -0.08
N ASP B 17 12.72 -5.08 -1.37
CA ASP B 17 12.26 -3.80 -1.97
C ASP B 17 10.77 -3.48 -1.70
N VAL B 18 9.89 -4.48 -1.82
CA VAL B 18 8.43 -4.38 -1.59
C VAL B 18 8.10 -4.34 -0.10
N GLU B 19 8.83 -5.13 0.66
CA GLU B 19 8.69 -5.33 2.11
C GLU B 19 9.04 -4.06 2.90
N ARG B 20 10.09 -3.32 2.48
CA ARG B 20 10.39 -1.97 2.98
C ARG B 20 9.47 -0.88 2.40
N ALA B 21 8.88 -1.09 1.21
CA ALA B 21 7.95 -0.14 0.61
C ALA B 21 6.64 -0.01 1.42
N ILE B 22 5.99 -1.14 1.75
CA ILE B 22 4.75 -1.19 2.53
C ILE B 22 4.97 -0.53 3.90
N GLU B 23 6.11 -0.79 4.55
CA GLU B 23 6.45 -0.10 5.80
C GLU B 23 6.74 1.40 5.63
N THR B 24 7.24 1.83 4.46
CA THR B 24 7.45 3.24 4.12
C THR B 24 6.12 3.97 3.92
N LEU B 25 5.07 3.27 3.43
CA LEU B 25 3.72 3.82 3.34
C LEU B 25 3.12 3.98 4.76
N ILE B 26 3.32 2.96 5.61
CA ILE B 26 2.93 2.96 7.02
C ILE B 26 3.57 4.13 7.77
N LYS B 27 4.92 4.20 7.81
CA LYS B 27 5.67 5.25 8.51
C LYS B 27 5.14 6.64 8.19
N ASN B 28 4.72 6.89 6.95
CA ASN B 28 4.21 8.18 6.53
C ASN B 28 2.80 8.56 7.06
N PHE B 29 1.98 7.61 7.50
CA PHE B 29 0.79 7.90 8.34
C PHE B 29 1.20 8.34 9.75
N HIS B 30 2.12 7.60 10.38
CA HIS B 30 2.50 7.81 11.80
C HIS B 30 3.43 9.01 12.03
N GLN B 31 4.08 9.52 10.98
CA GLN B 31 4.79 10.82 11.02
C GLN B 31 3.84 12.03 10.94
N TYR B 32 2.57 11.84 10.54
CA TYR B 32 1.61 12.92 10.29
C TYR B 32 0.37 12.96 11.18
N SER B 33 -0.02 11.87 11.84
CA SER B 33 -1.26 11.72 12.63
C SER B 33 -1.20 12.39 14.03
N VAL B 34 -0.71 13.63 14.10
CA VAL B 34 -0.33 14.32 15.35
C VAL B 34 -1.54 14.77 16.17
N GLU B 35 -2.65 15.18 15.54
CA GLU B 35 -3.88 15.54 16.27
C GLU B 35 -4.67 14.29 16.71
N GLY B 36 -4.58 13.19 15.97
CA GLY B 36 -5.15 11.89 16.30
C GLY B 36 -4.27 10.98 17.17
N GLY B 37 -3.29 11.55 17.90
CA GLY B 37 -2.46 10.81 18.87
C GLY B 37 -1.64 9.67 18.25
N LYS B 38 -1.26 9.80 16.97
CA LYS B 38 -0.60 8.80 16.11
C LYS B 38 -1.31 7.45 15.94
N GLU B 39 -2.57 7.37 16.38
CA GLU B 39 -3.50 6.27 16.06
C GLU B 39 -4.44 6.60 14.89
N THR B 40 -4.79 7.88 14.69
CA THR B 40 -5.79 8.30 13.69
C THR B 40 -5.39 9.54 12.91
N LEU B 41 -5.92 9.69 11.69
CA LEU B 41 -5.62 10.79 10.77
C LEU B 41 -6.72 11.87 10.86
N THR B 42 -6.39 13.15 11.05
CA THR B 42 -7.38 14.25 10.93
C THR B 42 -7.37 14.87 9.53
N PRO B 43 -8.54 15.20 8.93
CA PRO B 43 -8.62 15.96 7.67
C PRO B 43 -7.75 17.23 7.61
N SER B 44 -7.55 17.90 8.75
CA SER B 44 -6.65 19.05 8.90
C SER B 44 -5.18 18.74 8.57
N GLU B 45 -4.65 17.60 9.03
CA GLU B 45 -3.27 17.18 8.70
C GLU B 45 -3.19 16.37 7.40
N LEU B 46 -4.31 15.80 6.93
CA LEU B 46 -4.44 15.18 5.60
C LEU B 46 -4.04 16.17 4.49
N ARG B 47 -4.62 17.38 4.47
CA ARG B 47 -4.27 18.40 3.45
C ARG B 47 -2.85 18.95 3.60
N ASP B 48 -2.30 18.99 4.82
CA ASP B 48 -0.89 19.35 5.06
C ASP B 48 0.11 18.27 4.63
N LEU B 49 -0.27 16.99 4.67
CA LEU B 49 0.59 15.90 4.20
C LEU B 49 0.52 15.75 2.67
N VAL B 50 -0.66 15.82 2.05
CA VAL B 50 -0.81 15.54 0.60
C VAL B 50 -0.06 16.55 -0.26
N THR B 51 -0.06 17.82 0.15
CA THR B 51 0.66 18.92 -0.53
C THR B 51 2.19 18.77 -0.50
N GLN B 52 2.73 18.06 0.50
CA GLN B 52 4.18 17.75 0.61
C GLN B 52 4.54 16.37 0.03
N GLN B 53 3.72 15.34 0.24
CA GLN B 53 4.02 13.94 -0.08
C GLN B 53 3.66 13.53 -1.51
N LEU B 54 2.56 14.06 -2.07
CA LEU B 54 2.05 13.67 -3.40
C LEU B 54 1.98 14.86 -4.40
N PRO B 55 3.03 15.69 -4.55
CA PRO B 55 2.96 16.91 -5.34
C PRO B 55 2.92 16.68 -6.85
N HIS B 56 3.39 15.53 -7.34
CA HIS B 56 3.24 15.12 -8.74
C HIS B 56 1.90 14.39 -8.96
N LEU B 57 1.57 13.50 -8.03
CA LEU B 57 0.52 12.48 -8.15
C LEU B 57 -0.88 13.05 -7.91
N MET B 58 -1.03 13.92 -6.89
CA MET B 58 -2.29 14.57 -6.49
C MET B 58 -2.00 16.07 -6.27
N PRO B 59 -1.70 16.83 -7.34
CA PRO B 59 -1.17 18.19 -7.26
C PRO B 59 -2.18 19.23 -6.77
N SER B 60 -1.64 20.35 -6.29
CA SER B 60 -2.36 21.57 -5.90
C SER B 60 -3.10 22.25 -7.08
N ASN B 61 -2.83 21.84 -8.32
CA ASN B 61 -3.63 22.16 -9.52
C ASN B 61 -5.09 21.68 -9.39
N CYS B 62 -5.38 20.73 -8.49
CA CYS B 62 -6.70 20.37 -8.00
C CYS B 62 -6.79 20.78 -6.53
N GLY B 63 -7.99 21.05 -6.03
CA GLY B 63 -8.18 21.25 -4.61
C GLY B 63 -8.10 19.92 -3.86
N LEU B 64 -6.96 19.59 -3.26
CA LEU B 64 -6.67 18.41 -2.43
C LEU B 64 -7.56 18.29 -1.18
N GLU B 65 -8.29 19.34 -0.84
CA GLU B 65 -9.52 19.24 -0.03
C GLU B 65 -10.59 18.27 -0.58
N GLU B 66 -10.53 17.86 -1.85
CA GLU B 66 -11.36 16.78 -2.42
C GLU B 66 -11.14 15.43 -1.70
N LYS B 67 -9.94 15.24 -1.12
CA LYS B 67 -9.59 14.06 -0.33
C LYS B 67 -10.24 14.07 1.05
N ILE B 68 -10.45 15.25 1.61
CA ILE B 68 -11.30 15.48 2.79
C ILE B 68 -12.78 15.27 2.41
N ALA B 69 -13.18 15.71 1.21
CA ALA B 69 -14.55 15.59 0.71
C ALA B 69 -14.98 14.16 0.33
N ASN B 70 -14.06 13.22 0.09
CA ASN B 70 -14.42 11.80 -0.10
C ASN B 70 -14.69 11.11 1.25
N LEU B 71 -13.80 11.33 2.23
CA LEU B 71 -13.89 10.85 3.61
C LEU B 71 -15.13 11.40 4.35
N GLY B 72 -15.40 12.70 4.22
CA GLY B 72 -16.37 13.41 5.05
C GLY B 72 -15.86 13.50 6.50
N SER B 73 -16.74 13.22 7.47
CA SER B 73 -16.35 13.06 8.89
C SER B 73 -15.84 11.65 9.24
N CYS B 74 -16.03 10.67 8.33
CA CYS B 74 -15.78 9.24 8.55
C CYS B 74 -16.50 8.72 9.83
N ASN B 75 -15.85 7.87 10.63
CA ASN B 75 -16.14 7.72 12.06
C ASN B 75 -15.14 8.58 12.84
N ASP B 76 -15.64 9.51 13.67
CA ASP B 76 -14.84 10.64 14.16
C ASP B 76 -13.67 10.26 15.08
N SER B 77 -13.77 9.13 15.81
CA SER B 77 -12.69 8.55 16.61
C SER B 77 -11.96 7.37 15.94
N LYS B 78 -12.29 7.06 14.66
CA LYS B 78 -11.84 5.87 13.92
C LYS B 78 -11.45 6.15 12.46
N LEU B 79 -10.67 7.20 12.21
CA LEU B 79 -9.80 7.29 11.02
C LEU B 79 -8.50 6.50 11.24
N GLU B 80 -8.64 5.18 11.38
CA GLU B 80 -7.52 4.24 11.55
C GLU B 80 -6.72 4.09 10.24
N PHE B 81 -5.61 3.35 10.23
CA PHE B 81 -4.73 3.24 9.05
C PHE B 81 -5.46 2.76 7.79
N ARG B 82 -6.48 1.89 7.92
CA ARG B 82 -7.42 1.51 6.85
C ARG B 82 -7.97 2.71 6.07
N SER B 83 -8.33 3.81 6.74
CA SER B 83 -8.86 5.02 6.10
C SER B 83 -7.84 5.74 5.19
N PHE B 84 -6.57 5.76 5.59
CA PHE B 84 -5.45 6.29 4.79
C PHE B 84 -5.06 5.32 3.65
N TRP B 85 -5.07 4.01 3.95
CA TRP B 85 -4.73 2.96 2.99
C TRP B 85 -5.71 2.88 1.82
N GLU B 86 -7.01 3.00 2.06
CA GLU B 86 -8.03 3.16 1.01
C GLU B 86 -7.73 4.36 0.09
N LEU B 87 -7.17 5.45 0.64
CA LEU B 87 -6.73 6.62 -0.12
C LEU B 87 -5.48 6.33 -1.00
N ILE B 88 -4.60 5.41 -0.59
CA ILE B 88 -3.52 4.89 -1.45
C ILE B 88 -4.11 3.95 -2.52
N GLY B 89 -5.17 3.21 -2.20
CA GLY B 89 -5.99 2.48 -3.18
C GLY B 89 -6.53 3.41 -4.28
N GLU B 90 -6.83 4.66 -3.95
CA GLU B 90 -7.18 5.70 -4.90
C GLU B 90 -5.96 6.29 -5.63
N ALA B 91 -4.78 6.40 -4.99
CA ALA B 91 -3.52 6.69 -5.70
C ALA B 91 -3.20 5.66 -6.82
N ALA B 92 -3.52 4.37 -6.60
CA ALA B 92 -3.37 3.32 -7.62
C ALA B 92 -4.36 3.44 -8.80
N LYS B 93 -5.30 4.40 -8.77
CA LYS B 93 -6.12 4.83 -9.92
C LYS B 93 -5.49 5.98 -10.74
N SER B 94 -4.34 6.50 -10.28
CA SER B 94 -3.52 7.52 -10.96
C SER B 94 -2.16 7.00 -11.43
N VAL B 95 -1.56 6.02 -10.73
CA VAL B 95 -0.30 5.36 -11.13
C VAL B 95 -0.39 3.83 -11.09
N LYS B 96 -0.12 3.20 -12.23
CA LYS B 96 -0.01 1.76 -12.46
C LYS B 96 1.02 1.49 -13.58
N LEU B 97 1.41 0.23 -13.77
CA LEU B 97 2.29 -0.20 -14.85
C LEU B 97 1.58 -0.08 -16.21
N GLU B 98 1.90 0.98 -16.97
CA GLU B 98 1.28 1.27 -18.26
C GLU B 98 1.57 0.20 -19.32
N ARG B 99 0.58 -0.16 -20.14
CA ARG B 99 0.66 -1.20 -21.19
C ARG B 99 0.62 -0.58 -22.60
N PRO B 100 1.02 -1.30 -23.66
CA PRO B 100 0.92 -0.80 -25.04
C PRO B 100 -0.50 -1.00 -25.59
N VAL B 101 -1.40 -0.03 -25.36
CA VAL B 101 -2.86 -0.16 -25.59
C VAL B 101 -3.48 1.10 -26.21
N ARG B 102 -4.49 0.93 -27.07
CA ARG B 102 -5.12 2.00 -27.87
C ARG B 102 -5.94 3.01 -27.03
N GLY B 103 -6.52 2.57 -25.92
CA GLY B 103 -7.33 3.41 -25.01
C GLY B 103 -8.68 2.79 -24.67
N HIS B 104 -9.54 3.57 -24.00
CA HIS B 104 -10.87 3.16 -23.54
C HIS B 104 -11.94 3.10 -24.66
N MET A 1 -6.07 7.62 -24.79
CA MET A 1 -5.36 8.25 -23.66
C MET A 1 -3.97 7.63 -23.50
N GLY A 2 -2.94 8.28 -24.04
CA GLY A 2 -1.54 7.87 -23.83
C GLY A 2 -1.04 8.27 -22.43
N GLN A 3 -0.07 7.54 -21.89
CA GLN A 3 0.56 7.81 -20.59
C GLN A 3 2.09 7.63 -20.62
N CYS A 4 2.75 7.69 -19.46
CA CYS A 4 4.21 7.54 -19.37
C CYS A 4 4.72 6.18 -19.89
N ARG A 5 5.87 6.22 -20.58
CA ARG A 5 6.55 5.07 -21.22
C ARG A 5 8.07 5.02 -21.03
N SER A 6 8.70 5.99 -20.37
CA SER A 6 10.12 5.92 -19.97
C SER A 6 10.31 5.17 -18.64
N ALA A 7 11.47 4.55 -18.42
CA ALA A 7 11.72 3.70 -17.24
C ALA A 7 12.05 4.50 -15.96
N ASN A 8 12.00 5.84 -16.01
CA ASN A 8 12.30 6.72 -14.88
C ASN A 8 11.37 6.50 -13.68
N ALA A 9 10.07 6.33 -13.92
CA ALA A 9 9.10 6.03 -12.85
C ALA A 9 9.29 4.63 -12.22
N GLU A 10 10.04 3.73 -12.87
CA GLU A 10 10.34 2.38 -12.39
C GLU A 10 11.61 2.34 -11.51
N ASP A 11 12.42 3.40 -11.60
CA ASP A 11 13.56 3.75 -10.74
C ASP A 11 13.20 4.82 -9.67
N ALA A 12 12.05 5.49 -9.83
CA ALA A 12 11.31 6.25 -8.82
C ALA A 12 12.11 7.30 -8.03
N GLN A 13 12.81 8.20 -8.72
CA GLN A 13 13.83 9.09 -8.12
C GLN A 13 13.31 10.47 -7.75
N GLU A 14 12.47 11.08 -8.60
CA GLU A 14 11.90 12.41 -8.30
C GLU A 14 10.71 12.35 -7.33
N PHE A 15 10.18 11.14 -7.11
CA PHE A 15 9.09 10.91 -6.15
C PHE A 15 9.55 11.10 -4.70
N SER A 16 8.63 11.45 -3.80
CA SER A 16 8.89 11.51 -2.35
C SER A 16 9.19 10.12 -1.75
N ASP A 17 9.64 10.06 -0.50
CA ASP A 17 10.00 8.79 0.18
C ASP A 17 8.82 7.80 0.27
N VAL A 18 7.61 8.33 0.45
CA VAL A 18 6.31 7.62 0.53
C VAL A 18 5.71 7.35 -0.86
N GLU A 19 5.93 8.24 -1.82
CA GLU A 19 5.42 8.14 -3.19
C GLU A 19 6.23 7.13 -4.01
N ARG A 20 7.55 7.05 -3.79
CA ARG A 20 8.43 5.97 -4.21
C ARG A 20 7.98 4.64 -3.62
N ALA A 21 7.46 4.61 -2.38
CA ALA A 21 7.01 3.39 -1.72
C ALA A 21 5.79 2.75 -2.42
N ILE A 22 4.75 3.52 -2.73
CA ILE A 22 3.50 3.02 -3.31
C ILE A 22 3.75 2.46 -4.71
N GLU A 23 4.48 3.19 -5.58
CA GLU A 23 4.80 2.63 -6.91
C GLU A 23 5.74 1.42 -6.84
N THR A 24 6.58 1.33 -5.81
CA THR A 24 7.39 0.13 -5.53
C THR A 24 6.53 -1.10 -5.23
N LEU A 25 5.33 -0.98 -4.61
CA LEU A 25 4.44 -2.14 -4.47
C LEU A 25 3.74 -2.45 -5.80
N ILE A 26 3.31 -1.41 -6.53
CA ILE A 26 2.64 -1.54 -7.83
C ILE A 26 3.51 -2.33 -8.81
N LYS A 27 4.76 -1.90 -9.07
CA LYS A 27 5.67 -2.63 -9.97
C LYS A 27 5.92 -4.08 -9.55
N ASN A 28 5.86 -4.38 -8.26
CA ASN A 28 6.00 -5.74 -7.75
C ASN A 28 4.78 -6.65 -7.95
N PHE A 29 3.58 -6.13 -8.23
CA PHE A 29 2.54 -6.93 -8.91
C PHE A 29 2.94 -7.25 -10.35
N HIS A 30 3.42 -6.25 -11.11
CA HIS A 30 3.61 -6.37 -12.56
C HIS A 30 4.66 -7.43 -12.91
N GLN A 31 5.81 -7.44 -12.23
CA GLN A 31 6.87 -8.43 -12.48
C GLN A 31 6.58 -9.85 -11.96
N TYR A 32 5.48 -10.04 -11.20
CA TYR A 32 5.07 -11.35 -10.66
C TYR A 32 3.72 -11.87 -11.16
N SER A 33 3.08 -11.25 -12.15
CA SER A 33 1.73 -11.61 -12.61
C SER A 33 1.67 -12.16 -14.04
N VAL A 34 2.70 -12.85 -14.52
CA VAL A 34 2.75 -13.29 -15.94
C VAL A 34 1.78 -14.43 -16.27
N GLU A 35 1.44 -15.31 -15.31
CA GLU A 35 0.43 -16.36 -15.53
C GLU A 35 -0.99 -15.78 -15.41
N GLY A 36 -1.20 -14.83 -14.48
CA GLY A 36 -2.34 -13.90 -14.44
C GLY A 36 -2.40 -12.89 -15.60
N GLY A 37 -1.42 -12.90 -16.51
CA GLY A 37 -1.37 -12.08 -17.72
C GLY A 37 -1.17 -10.58 -17.49
N LYS A 38 -0.75 -10.17 -16.29
CA LYS A 38 -0.76 -8.78 -15.77
C LYS A 38 -2.16 -8.15 -15.68
N GLU A 39 -3.22 -8.94 -15.92
CA GLU A 39 -4.62 -8.55 -15.75
C GLU A 39 -5.14 -8.93 -14.35
N THR A 40 -4.66 -10.06 -13.83
CA THR A 40 -4.92 -10.62 -12.50
C THR A 40 -3.66 -11.35 -11.98
N LEU A 41 -3.76 -12.20 -10.97
CA LEU A 41 -2.67 -12.92 -10.29
C LEU A 41 -3.07 -14.42 -10.18
N THR A 42 -2.13 -15.34 -9.97
CA THR A 42 -2.43 -16.78 -9.75
C THR A 42 -1.70 -17.38 -8.52
N PRO A 43 -2.24 -18.43 -7.86
CA PRO A 43 -1.62 -19.06 -6.69
C PRO A 43 -0.15 -19.49 -6.84
N SER A 44 0.27 -20.00 -8.00
CA SER A 44 1.63 -20.50 -8.25
C SER A 44 2.70 -19.40 -8.28
N GLU A 45 2.35 -18.19 -8.71
CA GLU A 45 3.21 -17.00 -8.59
C GLU A 45 3.01 -16.25 -7.25
N LEU A 46 1.82 -16.32 -6.64
CA LEU A 46 1.54 -15.84 -5.29
C LEU A 46 2.47 -16.51 -4.26
N ARG A 47 2.44 -17.86 -4.15
CA ARG A 47 3.24 -18.59 -3.15
C ARG A 47 4.74 -18.65 -3.46
N ASP A 48 5.15 -18.30 -4.68
CA ASP A 48 6.54 -18.00 -5.05
C ASP A 48 6.98 -16.59 -4.59
N LEU A 49 6.22 -15.54 -4.93
CA LEU A 49 6.61 -14.18 -4.57
C LEU A 49 6.57 -13.94 -3.07
N VAL A 50 5.65 -14.56 -2.32
CA VAL A 50 5.54 -14.32 -0.88
C VAL A 50 6.76 -14.91 -0.15
N THR A 51 7.21 -16.12 -0.50
CA THR A 51 8.41 -16.73 0.12
C THR A 51 9.73 -16.07 -0.34
N GLN A 52 9.75 -15.45 -1.53
CA GLN A 52 10.94 -14.74 -2.04
C GLN A 52 10.99 -13.23 -1.74
N GLN A 53 9.85 -12.59 -1.46
CA GLN A 53 9.73 -11.14 -1.25
C GLN A 53 9.19 -10.72 0.14
N LEU A 54 8.55 -11.62 0.91
CA LEU A 54 8.10 -11.35 2.29
C LEU A 54 8.60 -12.40 3.32
N PRO A 55 9.90 -12.76 3.35
CA PRO A 55 10.41 -13.78 4.28
C PRO A 55 10.46 -13.33 5.75
N HIS A 56 10.45 -12.03 6.05
CA HIS A 56 10.25 -11.50 7.40
C HIS A 56 8.76 -11.30 7.71
N LEU A 57 8.00 -10.75 6.75
CA LEU A 57 6.60 -10.35 6.96
C LEU A 57 5.63 -11.54 7.02
N MET A 58 5.77 -12.52 6.12
CA MET A 58 4.88 -13.69 5.98
C MET A 58 5.64 -14.94 5.45
N PRO A 59 6.63 -15.47 6.19
CA PRO A 59 7.39 -16.65 5.78
C PRO A 59 6.57 -17.94 5.67
N SER A 60 7.14 -18.93 4.99
CA SER A 60 6.59 -20.28 4.84
C SER A 60 6.30 -20.99 6.18
N ASN A 61 6.97 -20.59 7.27
CA ASN A 61 6.69 -21.05 8.63
C ASN A 61 5.22 -20.87 9.07
N CYS A 62 4.48 -19.90 8.49
CA CYS A 62 3.05 -19.69 8.72
C CYS A 62 2.14 -20.71 8.01
N GLY A 63 2.68 -21.53 7.10
CA GLY A 63 1.89 -22.29 6.13
C GLY A 63 1.16 -21.34 5.19
N LEU A 64 1.90 -20.65 4.32
CA LEU A 64 1.45 -19.51 3.52
C LEU A 64 0.40 -19.86 2.47
N GLU A 65 0.22 -21.16 2.16
CA GLU A 65 -0.96 -21.65 1.46
C GLU A 65 -2.31 -21.22 2.09
N GLU A 66 -2.32 -20.89 3.39
CA GLU A 66 -3.49 -20.36 4.11
C GLU A 66 -3.96 -19.01 3.53
N LYS A 67 -3.04 -18.24 2.96
CA LYS A 67 -3.35 -16.96 2.31
C LYS A 67 -4.09 -17.13 0.99
N ILE A 68 -3.73 -18.15 0.21
CA ILE A 68 -4.46 -18.57 -1.01
C ILE A 68 -5.85 -19.11 -0.64
N ALA A 69 -5.94 -19.87 0.46
CA ALA A 69 -7.19 -20.38 1.01
C ALA A 69 -8.12 -19.26 1.54
N ASN A 70 -7.58 -18.09 1.90
CA ASN A 70 -8.36 -16.92 2.34
C ASN A 70 -8.83 -16.02 1.17
N LEU A 71 -8.06 -15.88 0.08
CA LEU A 71 -8.48 -15.09 -1.09
C LEU A 71 -9.53 -15.80 -1.96
N GLY A 72 -9.37 -17.11 -2.18
CA GLY A 72 -10.25 -17.95 -3.02
C GLY A 72 -10.29 -17.59 -4.52
N SER A 73 -10.64 -18.58 -5.35
CA SER A 73 -10.63 -18.51 -6.82
C SER A 73 -12.03 -18.46 -7.49
N CYS A 74 -13.12 -18.63 -6.74
CA CYS A 74 -14.49 -18.76 -7.30
C CYS A 74 -15.14 -17.42 -7.76
N ASN A 75 -14.35 -16.34 -7.84
CA ASN A 75 -14.77 -15.03 -8.31
C ASN A 75 -14.73 -14.91 -9.85
N ASP A 76 -15.39 -13.90 -10.41
CA ASP A 76 -15.74 -13.84 -11.84
C ASP A 76 -14.54 -13.64 -12.79
N SER A 77 -13.42 -13.07 -12.30
CA SER A 77 -12.14 -12.99 -13.03
C SER A 77 -11.07 -13.93 -12.42
N LYS A 78 -11.48 -14.91 -11.61
CA LYS A 78 -10.66 -15.77 -10.74
C LYS A 78 -9.97 -14.98 -9.62
N LEU A 79 -9.02 -14.10 -9.94
CA LEU A 79 -8.48 -13.06 -9.05
C LEU A 79 -8.72 -11.66 -9.65
N GLU A 80 -8.15 -10.62 -9.06
CA GLU A 80 -8.09 -9.26 -9.60
C GLU A 80 -6.73 -8.61 -9.25
N PHE A 81 -6.43 -7.43 -9.80
CA PHE A 81 -5.26 -6.64 -9.39
C PHE A 81 -5.33 -6.29 -7.88
N ARG A 82 -6.53 -5.93 -7.42
CA ARG A 82 -6.91 -5.69 -6.02
C ARG A 82 -6.70 -6.90 -5.09
N SER A 83 -6.69 -8.14 -5.58
CA SER A 83 -6.42 -9.33 -4.74
C SER A 83 -5.03 -9.31 -4.09
N PHE A 84 -4.03 -8.72 -4.76
CA PHE A 84 -2.69 -8.53 -4.22
C PHE A 84 -2.68 -7.40 -3.17
N TRP A 85 -3.36 -6.29 -3.46
CA TRP A 85 -3.47 -5.13 -2.57
C TRP A 85 -4.17 -5.49 -1.24
N GLU A 86 -5.21 -6.34 -1.28
CA GLU A 86 -5.88 -6.87 -0.09
C GLU A 86 -4.97 -7.75 0.78
N LEU A 87 -3.93 -8.36 0.22
CA LEU A 87 -2.91 -9.06 1.01
C LEU A 87 -1.91 -8.10 1.68
N ILE A 88 -1.64 -6.94 1.07
CA ILE A 88 -0.88 -5.85 1.73
C ILE A 88 -1.71 -5.23 2.86
N GLY A 89 -3.03 -5.11 2.67
CA GLY A 89 -3.97 -4.73 3.72
C GLY A 89 -3.95 -5.68 4.92
N GLU A 90 -3.68 -6.97 4.70
CA GLU A 90 -3.48 -7.95 5.75
C GLU A 90 -2.03 -7.94 6.30
N ALA A 91 -1.01 -7.63 5.50
CA ALA A 91 0.35 -7.37 6.01
C ALA A 91 0.37 -6.21 7.03
N ALA A 92 -0.39 -5.13 6.79
CA ALA A 92 -0.56 -4.05 7.78
C ALA A 92 -1.14 -4.56 9.10
N LYS A 93 -1.99 -5.59 9.11
CA LYS A 93 -2.55 -6.16 10.34
C LYS A 93 -1.52 -6.97 11.15
N SER A 94 -0.29 -7.09 10.65
CA SER A 94 0.92 -7.49 11.41
C SER A 94 1.83 -6.31 11.79
N VAL A 95 1.73 -5.14 11.14
CA VAL A 95 2.52 -3.93 11.45
C VAL A 95 1.75 -2.63 11.13
N LYS A 96 1.26 -1.93 12.15
CA LYS A 96 0.43 -0.71 12.05
C LYS A 96 0.66 0.32 13.18
N LEU A 97 -0.18 1.35 13.24
CA LEU A 97 -0.14 2.57 14.07
C LEU A 97 0.47 2.47 15.50
N GLU A 98 0.98 3.59 16.01
CA GLU A 98 1.63 3.70 17.33
C GLU A 98 0.72 3.33 18.52
N ARG A 99 -0.60 3.52 18.38
CA ARG A 99 -1.60 3.45 19.47
C ARG A 99 -2.59 2.27 19.33
N PRO A 100 -3.11 1.74 20.45
CA PRO A 100 -4.13 0.69 20.41
C PRO A 100 -5.52 1.26 20.13
N VAL A 101 -6.05 1.06 18.92
CA VAL A 101 -7.44 1.42 18.54
C VAL A 101 -8.18 0.19 18.02
N ARG A 102 -9.22 -0.25 18.74
CA ARG A 102 -9.97 -1.50 18.50
C ARG A 102 -11.47 -1.38 18.78
N GLY A 103 -11.94 -0.21 19.23
CA GLY A 103 -13.33 0.06 19.59
C GLY A 103 -13.65 1.56 19.62
N HIS A 104 -13.16 2.28 18.60
CA HIS A 104 -13.24 3.74 18.41
C HIS A 104 -12.71 4.58 19.60
N MET B 1 6.21 -9.29 14.39
CA MET B 1 6.82 -8.55 15.52
C MET B 1 6.10 -7.23 15.81
N GLY B 2 5.70 -6.46 14.80
CA GLY B 2 5.00 -5.18 14.96
C GLY B 2 5.95 -3.97 15.02
N GLN B 3 5.35 -2.78 15.01
CA GLN B 3 6.03 -1.50 14.75
C GLN B 3 7.19 -1.17 15.72
N CYS B 4 8.34 -0.69 15.21
CA CYS B 4 9.49 -0.26 16.00
C CYS B 4 10.40 0.76 15.27
N ARG B 5 11.24 1.48 16.03
CA ARG B 5 12.14 2.55 15.54
C ARG B 5 13.65 2.22 15.63
N SER B 6 14.02 0.94 15.54
CA SER B 6 15.44 0.52 15.50
C SER B 6 16.14 1.02 14.23
N ALA B 7 17.46 1.21 14.28
CA ALA B 7 18.24 1.58 13.10
C ALA B 7 18.09 0.57 11.94
N ASN B 8 18.05 -0.74 12.24
CA ASN B 8 17.79 -1.79 11.24
C ASN B 8 16.38 -1.72 10.63
N ALA B 9 15.37 -1.28 11.37
CA ALA B 9 14.03 -1.04 10.81
C ALA B 9 13.99 0.24 9.96
N GLU B 10 14.60 1.34 10.42
CA GLU B 10 14.49 2.65 9.78
C GLU B 10 15.36 2.81 8.52
N ASP B 11 16.56 2.24 8.55
CA ASP B 11 17.48 2.18 7.41
C ASP B 11 17.25 0.94 6.51
N ALA B 12 16.49 -0.05 7.01
CA ALA B 12 15.93 -1.19 6.27
C ALA B 12 16.96 -1.94 5.38
N GLN B 13 17.73 -2.83 6.02
CA GLN B 13 18.93 -3.46 5.46
C GLN B 13 18.69 -4.95 5.15
N GLU B 14 18.00 -5.67 6.03
CA GLU B 14 17.74 -7.12 5.91
C GLU B 14 16.65 -7.49 4.89
N PHE B 15 15.81 -6.53 4.53
CA PHE B 15 14.59 -6.74 3.73
C PHE B 15 14.79 -6.61 2.21
N SER B 16 13.87 -7.21 1.44
CA SER B 16 13.64 -6.94 0.02
C SER B 16 13.00 -5.56 -0.16
N ASP B 17 13.10 -4.99 -1.37
CA ASP B 17 12.65 -3.63 -1.67
C ASP B 17 11.15 -3.39 -1.39
N VAL B 18 10.30 -4.39 -1.65
CA VAL B 18 8.86 -4.34 -1.36
C VAL B 18 8.56 -4.49 0.13
N GLU B 19 9.35 -5.29 0.85
CA GLU B 19 9.18 -5.60 2.27
C GLU B 19 9.53 -4.41 3.17
N ARG B 20 10.47 -3.55 2.75
CA ARG B 20 10.68 -2.22 3.36
C ARG B 20 9.77 -1.12 2.81
N ALA B 21 9.22 -1.26 1.60
CA ALA B 21 8.28 -0.30 1.04
C ALA B 21 6.98 -0.22 1.86
N ILE B 22 6.37 -1.37 2.22
CA ILE B 22 5.08 -1.38 2.93
C ILE B 22 5.22 -0.68 4.27
N GLU B 23 6.30 -0.97 5.01
CA GLU B 23 6.55 -0.32 6.30
C GLU B 23 6.88 1.17 6.17
N THR B 24 7.48 1.60 5.06
CA THR B 24 7.80 3.02 4.81
C THR B 24 6.52 3.85 4.68
N LEU B 25 5.50 3.34 3.99
CA LEU B 25 4.22 4.08 3.87
C LEU B 25 3.30 3.90 5.09
N ILE B 26 3.43 2.80 5.83
CA ILE B 26 2.85 2.65 7.18
C ILE B 26 3.41 3.73 8.13
N LYS B 27 4.74 3.82 8.27
CA LYS B 27 5.42 4.83 9.12
C LYS B 27 4.98 6.25 8.81
N ASN B 28 4.69 6.58 7.56
CA ASN B 28 4.22 7.92 7.20
C ASN B 28 2.85 8.30 7.79
N PHE B 29 1.98 7.35 8.18
CA PHE B 29 0.82 7.67 9.04
C PHE B 29 1.26 8.05 10.46
N HIS B 30 2.20 7.28 11.05
CA HIS B 30 2.70 7.46 12.42
C HIS B 30 3.36 8.84 12.60
N GLN B 31 4.02 9.32 11.54
CA GLN B 31 4.74 10.60 11.54
C GLN B 31 3.89 11.83 11.19
N TYR B 32 2.69 11.70 10.58
CA TYR B 32 1.87 12.87 10.18
C TYR B 32 0.62 13.13 11.01
N SER B 33 0.07 12.12 11.70
CA SER B 33 -1.24 12.15 12.39
C SER B 33 -1.26 12.90 13.75
N VAL B 34 -0.52 14.02 13.85
CA VAL B 34 -0.27 14.73 15.13
C VAL B 34 -1.44 15.58 15.63
N GLU B 35 -2.43 15.90 14.79
CA GLU B 35 -3.69 16.54 15.21
C GLU B 35 -4.82 15.50 15.38
N GLY B 36 -4.86 14.45 14.56
CA GLY B 36 -5.66 13.23 14.78
C GLY B 36 -5.24 12.38 15.98
N GLY B 37 -4.26 12.83 16.79
CA GLY B 37 -3.83 12.20 18.03
C GLY B 37 -3.25 10.79 17.84
N LYS B 38 -2.62 10.56 16.68
CA LYS B 38 -2.01 9.30 16.24
C LYS B 38 -2.92 8.06 16.27
N GLU B 39 -4.25 8.26 16.22
CA GLU B 39 -5.26 7.22 15.96
C GLU B 39 -6.05 7.51 14.67
N THR B 40 -6.15 8.78 14.28
CA THR B 40 -6.98 9.28 13.16
C THR B 40 -6.19 10.30 12.33
N LEU B 41 -6.82 10.90 11.30
CA LEU B 41 -6.17 11.79 10.35
C LEU B 41 -7.11 12.97 10.03
N THR B 42 -6.72 14.21 10.36
CA THR B 42 -7.59 15.38 10.13
C THR B 42 -7.52 15.92 8.69
N PRO B 43 -8.58 16.54 8.14
CA PRO B 43 -8.54 17.27 6.86
C PRO B 43 -7.38 18.26 6.74
N SER B 44 -6.99 18.92 7.83
CA SER B 44 -5.88 19.88 7.86
C SER B 44 -4.53 19.22 7.55
N GLU B 45 -4.23 18.07 8.14
CA GLU B 45 -2.97 17.36 7.91
C GLU B 45 -3.02 16.41 6.69
N LEU B 46 -4.22 16.00 6.28
CA LEU B 46 -4.52 15.39 4.98
C LEU B 46 -4.05 16.30 3.83
N ARG B 47 -4.48 17.57 3.77
CA ARG B 47 -3.97 18.46 2.71
C ARG B 47 -2.50 18.82 2.89
N ASP B 48 -1.99 18.89 4.12
CA ASP B 48 -0.59 19.18 4.44
C ASP B 48 0.42 18.09 4.01
N LEU B 49 0.11 16.80 4.16
CA LEU B 49 1.01 15.74 3.65
C LEU B 49 0.85 15.52 2.15
N VAL B 50 -0.33 15.76 1.58
CA VAL B 50 -0.57 15.54 0.15
C VAL B 50 0.13 16.62 -0.71
N THR B 51 0.12 17.90 -0.29
CA THR B 51 0.86 18.97 -0.99
C THR B 51 2.37 18.74 -0.96
N GLN B 52 2.90 18.21 0.14
CA GLN B 52 4.34 18.02 0.33
C GLN B 52 4.85 16.71 -0.30
N GLN B 53 4.15 15.58 -0.05
CA GLN B 53 4.66 14.24 -0.34
C GLN B 53 3.96 13.48 -1.49
N LEU B 54 2.93 14.01 -2.16
CA LEU B 54 2.37 13.39 -3.38
C LEU B 54 2.30 14.35 -4.61
N PRO B 55 3.38 15.04 -5.04
CA PRO B 55 3.28 15.99 -6.18
C PRO B 55 2.95 15.32 -7.52
N HIS B 56 3.41 14.08 -7.71
CA HIS B 56 3.26 13.27 -8.93
C HIS B 56 2.01 12.37 -8.88
N LEU B 57 1.64 11.90 -7.70
CA LEU B 57 0.43 11.09 -7.46
C LEU B 57 -0.85 11.95 -7.43
N MET B 58 -0.79 13.10 -6.74
CA MET B 58 -1.89 14.05 -6.55
C MET B 58 -1.41 15.50 -6.75
N PRO B 59 -1.15 15.91 -8.00
CA PRO B 59 -0.89 17.32 -8.33
C PRO B 59 -2.09 18.22 -8.02
N SER B 60 -1.82 19.50 -7.82
CA SER B 60 -2.82 20.57 -7.67
C SER B 60 -3.84 20.59 -8.82
N ASN B 61 -3.48 20.16 -10.03
CA ASN B 61 -4.38 20.01 -11.18
C ASN B 61 -5.51 18.96 -10.98
N CYS B 62 -5.41 18.04 -10.02
CA CYS B 62 -6.50 17.14 -9.62
C CYS B 62 -7.45 17.75 -8.57
N GLY B 63 -7.04 18.84 -7.91
CA GLY B 63 -7.64 19.33 -6.66
C GLY B 63 -7.30 18.40 -5.48
N LEU B 64 -6.32 18.76 -4.65
CA LEU B 64 -5.99 17.98 -3.44
C LEU B 64 -6.99 18.24 -2.31
N GLU B 65 -7.75 19.34 -2.34
CA GLU B 65 -8.94 19.49 -1.48
C GLU B 65 -10.13 18.63 -1.91
N GLU B 66 -10.15 18.13 -3.17
CA GLU B 66 -11.20 17.24 -3.66
C GLU B 66 -11.17 15.87 -2.94
N LYS B 67 -10.03 15.51 -2.34
CA LYS B 67 -9.91 14.36 -1.43
C LYS B 67 -10.77 14.52 -0.19
N ILE B 68 -10.64 15.64 0.53
CA ILE B 68 -11.43 15.97 1.73
C ILE B 68 -12.92 16.07 1.39
N ALA B 69 -13.23 16.63 0.21
CA ALA B 69 -14.60 16.72 -0.30
C ALA B 69 -15.25 15.35 -0.60
N ASN B 70 -14.46 14.30 -0.89
CA ASN B 70 -14.93 12.92 -1.04
C ASN B 70 -14.94 12.09 0.25
N LEU B 71 -13.92 12.17 1.12
CA LEU B 71 -13.85 11.32 2.34
C LEU B 71 -14.80 11.77 3.46
N GLY B 72 -15.24 13.03 3.44
CA GLY B 72 -16.23 13.59 4.35
C GLY B 72 -15.68 14.04 5.71
N SER B 73 -16.17 15.19 6.18
CA SER B 73 -15.81 15.79 7.47
C SER B 73 -16.75 15.39 8.62
N CYS B 74 -17.75 14.55 8.35
CA CYS B 74 -18.96 14.37 9.17
C CYS B 74 -19.36 12.88 9.39
N ASN B 75 -18.40 11.96 9.33
CA ASN B 75 -18.66 10.52 9.50
C ASN B 75 -18.83 10.15 11.00
N ASP B 76 -19.75 9.26 11.35
CA ASP B 76 -20.11 8.93 12.75
C ASP B 76 -18.95 8.31 13.55
N SER B 77 -18.14 7.47 12.94
CA SER B 77 -16.92 6.91 13.58
C SER B 77 -15.66 7.74 13.31
N LYS B 78 -15.77 8.86 12.59
CA LYS B 78 -14.66 9.72 12.14
C LYS B 78 -13.62 8.91 11.35
N LEU B 79 -12.41 9.42 11.13
CA LEU B 79 -11.33 8.62 10.52
C LEU B 79 -10.66 7.69 11.54
N GLU B 80 -9.93 6.71 11.03
CA GLU B 80 -8.99 5.85 11.76
C GLU B 80 -7.77 5.57 10.86
N PHE B 81 -6.77 4.84 11.35
CA PHE B 81 -5.62 4.38 10.56
C PHE B 81 -6.03 3.69 9.24
N ARG B 82 -6.98 2.75 9.29
CA ARG B 82 -7.48 2.05 8.09
C ARG B 82 -8.14 3.01 7.07
N SER B 83 -8.69 4.14 7.51
CA SER B 83 -9.28 5.16 6.60
C SER B 83 -8.23 5.86 5.72
N PHE B 84 -6.98 5.99 6.18
CA PHE B 84 -5.85 6.43 5.34
C PHE B 84 -5.50 5.36 4.31
N TRP B 85 -5.49 4.08 4.71
CA TRP B 85 -5.20 2.95 3.82
C TRP B 85 -6.22 2.80 2.67
N GLU B 86 -7.52 3.05 2.91
CA GLU B 86 -8.52 3.13 1.82
C GLU B 86 -8.17 4.18 0.76
N LEU B 87 -7.47 5.26 1.15
CA LEU B 87 -7.03 6.33 0.26
C LEU B 87 -5.71 6.02 -0.46
N ILE B 88 -4.87 5.13 0.06
CA ILE B 88 -3.76 4.55 -0.72
C ILE B 88 -4.29 3.50 -1.71
N GLY B 89 -5.32 2.74 -1.34
CA GLY B 89 -6.09 1.93 -2.28
C GLY B 89 -6.67 2.77 -3.44
N GLU B 90 -7.00 4.04 -3.17
CA GLU B 90 -7.37 5.04 -4.16
C GLU B 90 -6.17 5.70 -4.86
N ALA B 91 -4.99 5.83 -4.24
CA ALA B 91 -3.74 6.14 -4.97
C ALA B 91 -3.45 5.06 -6.03
N ALA B 92 -3.71 3.79 -5.73
CA ALA B 92 -3.71 2.69 -6.70
C ALA B 92 -4.89 2.71 -7.70
N LYS B 93 -5.81 3.68 -7.64
CA LYS B 93 -6.73 4.01 -8.75
C LYS B 93 -6.21 5.12 -9.65
N SER B 94 -5.19 5.86 -9.22
CA SER B 94 -4.46 6.81 -10.06
C SER B 94 -3.33 6.11 -10.82
N VAL B 95 -2.53 5.26 -10.15
CA VAL B 95 -1.42 4.47 -10.77
C VAL B 95 -1.58 2.96 -10.52
N LYS B 96 -1.70 2.18 -11.61
CA LYS B 96 -2.02 0.73 -11.61
C LYS B 96 -1.42 0.01 -12.85
N LEU B 97 -1.89 -1.20 -13.15
CA LEU B 97 -1.56 -2.01 -14.35
C LEU B 97 -1.52 -1.22 -15.67
N GLU B 98 -0.55 -1.50 -16.53
CA GLU B 98 -0.39 -0.83 -17.83
C GLU B 98 -1.16 -1.53 -18.97
N ARG B 99 -1.39 -2.84 -18.87
CA ARG B 99 -2.11 -3.63 -19.89
C ARG B 99 -3.55 -3.13 -20.11
N PRO B 100 -4.07 -3.13 -21.35
CA PRO B 100 -5.49 -2.85 -21.65
C PRO B 100 -6.46 -3.80 -20.92
N VAL B 101 -7.21 -3.23 -19.96
CA VAL B 101 -8.15 -3.91 -19.06
C VAL B 101 -9.29 -2.94 -18.74
N ARG B 102 -10.53 -3.26 -19.17
CA ARG B 102 -11.73 -2.46 -18.90
C ARG B 102 -12.52 -2.95 -17.70
N GLY B 103 -12.50 -4.25 -17.39
CA GLY B 103 -13.28 -4.86 -16.29
C GLY B 103 -12.72 -6.18 -15.74
N HIS B 104 -11.41 -6.42 -15.93
CA HIS B 104 -10.70 -7.71 -15.76
C HIS B 104 -11.36 -8.85 -16.57
N MET A 1 -1.07 0.42 -28.38
CA MET A 1 -2.09 0.19 -27.35
C MET A 1 -1.44 0.28 -25.96
N GLY A 2 -1.75 1.29 -25.15
CA GLY A 2 -1.16 1.49 -23.81
C GLY A 2 0.33 1.86 -23.81
N GLN A 3 1.01 1.68 -22.68
CA GLN A 3 2.47 1.82 -22.52
C GLN A 3 3.01 0.69 -21.61
N CYS A 4 3.11 -0.54 -22.12
CA CYS A 4 3.64 -1.71 -21.39
C CYS A 4 5.11 -1.55 -20.94
N ARG A 5 5.90 -0.68 -21.60
CA ARG A 5 7.24 -0.26 -21.15
C ARG A 5 7.21 0.75 -19.98
N SER A 6 6.03 1.22 -19.58
CA SER A 6 5.73 2.34 -18.68
C SER A 6 6.22 3.72 -19.15
N ALA A 7 5.53 4.77 -18.72
CA ALA A 7 5.78 6.16 -19.10
C ALA A 7 5.62 7.16 -17.93
N ASN A 8 4.70 6.93 -16.99
CA ASN A 8 4.46 7.84 -15.86
C ASN A 8 5.42 7.59 -14.67
N ALA A 9 5.77 6.33 -14.41
CA ALA A 9 6.75 5.91 -13.40
C ALA A 9 7.78 4.93 -14.03
N GLU A 10 8.55 5.37 -15.03
CA GLU A 10 9.57 4.52 -15.66
C GLU A 10 10.61 3.99 -14.68
N ASP A 11 11.18 4.89 -13.90
CA ASP A 11 12.27 4.63 -12.97
C ASP A 11 11.98 5.13 -11.53
N ALA A 12 10.98 6.00 -11.36
CA ALA A 12 10.45 6.49 -10.08
C ALA A 12 11.54 7.02 -9.11
N GLN A 13 12.40 7.92 -9.61
CA GLN A 13 13.56 8.47 -8.89
C GLN A 13 13.32 9.89 -8.35
N GLU A 14 12.47 10.68 -9.01
CA GLU A 14 12.15 12.06 -8.62
C GLU A 14 10.98 12.13 -7.64
N PHE A 15 10.25 11.02 -7.49
CA PHE A 15 9.14 10.89 -6.53
C PHE A 15 9.67 10.99 -5.09
N SER A 16 8.82 11.34 -4.13
CA SER A 16 9.18 11.33 -2.70
C SER A 16 9.40 9.90 -2.15
N ASP A 17 9.94 9.75 -0.93
CA ASP A 17 10.15 8.44 -0.30
C ASP A 17 8.84 7.64 -0.16
N VAL A 18 7.74 8.30 0.21
CA VAL A 18 6.40 7.69 0.30
C VAL A 18 5.78 7.43 -1.08
N GLU A 19 5.99 8.34 -2.04
CA GLU A 19 5.40 8.28 -3.39
C GLU A 19 6.02 7.15 -4.23
N ARG A 20 7.32 6.86 -4.05
CA ARG A 20 7.97 5.65 -4.61
C ARG A 20 7.81 4.37 -3.79
N ALA A 21 7.45 4.47 -2.51
CA ALA A 21 7.15 3.31 -1.68
C ALA A 21 5.92 2.54 -2.18
N ILE A 22 4.78 3.23 -2.37
CA ILE A 22 3.52 2.67 -2.87
C ILE A 22 3.77 2.07 -4.26
N GLU A 23 4.50 2.79 -5.13
CA GLU A 23 4.95 2.35 -6.44
C GLU A 23 5.78 1.06 -6.41
N THR A 24 6.70 0.96 -5.46
CA THR A 24 7.53 -0.24 -5.27
C THR A 24 6.69 -1.49 -4.96
N LEU A 25 5.54 -1.36 -4.29
CA LEU A 25 4.65 -2.52 -4.09
C LEU A 25 3.84 -2.81 -5.37
N ILE A 26 3.34 -1.75 -6.02
CA ILE A 26 2.61 -1.81 -7.27
C ILE A 26 3.41 -2.51 -8.38
N LYS A 27 4.65 -2.10 -8.63
CA LYS A 27 5.59 -2.75 -9.56
C LYS A 27 5.71 -4.25 -9.29
N ASN A 28 5.77 -4.64 -8.03
CA ASN A 28 5.97 -6.03 -7.63
C ASN A 28 4.76 -6.95 -7.90
N PHE A 29 3.53 -6.43 -8.06
CA PHE A 29 2.41 -7.18 -8.62
C PHE A 29 2.68 -7.62 -10.07
N HIS A 30 3.06 -6.67 -10.94
CA HIS A 30 3.22 -6.93 -12.37
C HIS A 30 4.52 -7.69 -12.72
N GLN A 31 5.60 -7.46 -11.97
CA GLN A 31 6.85 -8.23 -12.11
C GLN A 31 6.68 -9.73 -11.87
N TYR A 32 5.74 -10.15 -11.00
CA TYR A 32 5.50 -11.56 -10.68
C TYR A 32 4.39 -12.21 -11.53
N SER A 33 3.38 -11.46 -11.96
CA SER A 33 2.12 -11.93 -12.57
C SER A 33 2.23 -12.38 -14.05
N VAL A 34 3.12 -13.33 -14.35
CA VAL A 34 3.40 -13.77 -15.73
C VAL A 34 2.41 -14.82 -16.28
N GLU A 35 1.67 -15.55 -15.44
CA GLU A 35 0.55 -16.39 -15.92
C GLU A 35 -0.76 -15.59 -16.07
N GLY A 36 -1.02 -14.61 -15.20
CA GLY A 36 -2.21 -13.75 -15.27
C GLY A 36 -2.11 -12.56 -16.25
N GLY A 37 -1.25 -12.64 -17.27
CA GLY A 37 -1.12 -11.63 -18.32
C GLY A 37 -0.76 -10.23 -17.80
N LYS A 38 -0.01 -10.14 -16.69
CA LYS A 38 0.34 -8.93 -15.94
C LYS A 38 -0.84 -8.11 -15.40
N GLU A 39 -2.07 -8.62 -15.50
CA GLU A 39 -3.30 -7.96 -15.02
C GLU A 39 -3.94 -8.64 -13.81
N THR A 40 -3.65 -9.92 -13.57
CA THR A 40 -4.07 -10.66 -12.36
C THR A 40 -2.97 -11.52 -11.74
N LEU A 41 -3.02 -11.69 -10.43
CA LEU A 41 -2.02 -12.40 -9.62
C LEU A 41 -2.60 -13.78 -9.23
N THR A 42 -1.97 -14.87 -9.68
CA THR A 42 -2.46 -16.25 -9.50
C THR A 42 -1.76 -16.97 -8.33
N PRO A 43 -2.33 -18.04 -7.75
CA PRO A 43 -1.77 -18.76 -6.59
C PRO A 43 -0.29 -19.15 -6.70
N SER A 44 0.18 -19.53 -7.89
CA SER A 44 1.57 -19.96 -8.08
C SER A 44 2.56 -18.81 -7.86
N GLU A 45 2.34 -17.64 -8.46
CA GLU A 45 3.16 -16.46 -8.18
C GLU A 45 2.86 -15.82 -6.80
N LEU A 46 1.67 -16.05 -6.21
CA LEU A 46 1.38 -15.68 -4.82
C LEU A 46 2.29 -16.43 -3.84
N ARG A 47 2.39 -17.77 -3.95
CA ARG A 47 3.36 -18.55 -3.14
C ARG A 47 4.79 -18.14 -3.45
N ASP A 48 5.11 -17.81 -4.72
CA ASP A 48 6.47 -17.47 -5.16
C ASP A 48 6.96 -16.13 -4.56
N LEU A 49 6.22 -15.03 -4.73
CA LEU A 49 6.67 -13.73 -4.20
C LEU A 49 6.67 -13.69 -2.67
N VAL A 50 5.77 -14.40 -2.00
CA VAL A 50 5.65 -14.33 -0.54
C VAL A 50 6.83 -15.02 0.16
N THR A 51 7.20 -16.25 -0.22
CA THR A 51 8.33 -16.94 0.45
C THR A 51 9.70 -16.37 0.04
N GLN A 52 9.79 -15.67 -1.10
CA GLN A 52 11.02 -14.97 -1.55
C GLN A 52 11.14 -13.55 -0.95
N GLN A 53 10.04 -12.80 -0.86
CA GLN A 53 10.06 -11.35 -0.58
C GLN A 53 9.37 -10.92 0.73
N LEU A 54 8.62 -11.80 1.41
CA LEU A 54 8.15 -11.57 2.78
C LEU A 54 8.76 -12.60 3.78
N PRO A 55 10.09 -12.81 3.80
CA PRO A 55 10.72 -13.79 4.69
C PRO A 55 10.69 -13.38 6.17
N HIS A 56 10.63 -12.09 6.49
CA HIS A 56 10.52 -11.59 7.86
C HIS A 56 9.05 -11.45 8.32
N LEU A 57 8.12 -11.24 7.40
CA LEU A 57 6.74 -10.83 7.71
C LEU A 57 5.74 -11.99 7.85
N MET A 58 5.61 -12.86 6.83
CA MET A 58 4.45 -13.74 6.64
C MET A 58 4.85 -15.23 6.69
N PRO A 59 4.50 -16.00 7.74
CA PRO A 59 5.08 -17.33 7.98
C PRO A 59 4.77 -18.45 6.97
N SER A 60 5.71 -19.39 6.99
CA SER A 60 5.66 -20.71 6.35
C SER A 60 4.70 -21.69 7.05
N ASN A 61 4.43 -22.83 6.40
CA ASN A 61 3.45 -23.87 6.75
C ASN A 61 1.96 -23.42 6.81
N CYS A 62 1.73 -22.14 7.08
CA CYS A 62 0.42 -21.56 7.41
C CYS A 62 0.13 -20.27 6.63
N GLY A 63 0.83 -19.18 7.00
CA GLY A 63 0.46 -17.79 6.74
C GLY A 63 0.46 -17.33 5.30
N LEU A 64 1.21 -18.03 4.45
CA LEU A 64 1.35 -17.72 3.03
C LEU A 64 0.35 -18.47 2.14
N GLU A 65 -0.07 -19.69 2.49
CA GLU A 65 -1.08 -20.46 1.74
C GLU A 65 -2.54 -20.20 2.13
N GLU A 66 -2.79 -19.75 3.35
CA GLU A 66 -4.15 -19.37 3.78
C GLU A 66 -4.74 -18.25 2.89
N LYS A 67 -3.85 -17.49 2.24
CA LYS A 67 -4.10 -16.44 1.25
C LYS A 67 -4.65 -17.02 -0.06
N ILE A 68 -4.00 -18.07 -0.58
CA ILE A 68 -4.42 -18.84 -1.76
C ILE A 68 -5.79 -19.50 -1.53
N ALA A 69 -6.06 -19.90 -0.29
CA ALA A 69 -7.32 -20.50 0.10
C ALA A 69 -8.47 -19.47 0.26
N ASN A 70 -8.18 -18.29 0.84
CA ASN A 70 -9.16 -17.22 1.08
C ASN A 70 -9.60 -16.53 -0.22
N LEU A 71 -8.68 -16.30 -1.17
CA LEU A 71 -9.01 -15.61 -2.44
C LEU A 71 -10.04 -16.34 -3.32
N GLY A 72 -10.28 -17.62 -3.05
CA GLY A 72 -11.09 -18.52 -3.88
C GLY A 72 -12.52 -18.75 -3.40
N SER A 73 -12.98 -18.14 -2.30
CA SER A 73 -14.33 -18.43 -1.76
C SER A 73 -15.46 -18.04 -2.72
N CYS A 74 -15.45 -16.79 -3.21
CA CYS A 74 -16.54 -16.19 -4.01
C CYS A 74 -16.13 -15.79 -5.43
N ASN A 75 -14.85 -15.79 -5.78
CA ASN A 75 -14.32 -15.54 -7.13
C ASN A 75 -13.47 -16.71 -7.63
N ASP A 76 -13.46 -16.98 -8.94
CA ASP A 76 -12.83 -18.15 -9.57
C ASP A 76 -11.68 -17.77 -10.53
N SER A 77 -11.56 -16.49 -10.89
CA SER A 77 -10.65 -15.99 -11.93
C SER A 77 -9.41 -15.27 -11.41
N LYS A 78 -9.13 -15.41 -10.10
CA LYS A 78 -7.89 -14.98 -9.42
C LYS A 78 -7.74 -13.45 -9.33
N LEU A 79 -6.72 -12.96 -8.63
CA LEU A 79 -6.72 -11.62 -8.03
C LEU A 79 -6.68 -10.49 -9.03
N GLU A 80 -7.61 -9.57 -8.90
CA GLU A 80 -7.58 -8.29 -9.61
C GLU A 80 -6.46 -7.39 -9.06
N PHE A 81 -6.05 -6.39 -9.84
CA PHE A 81 -5.06 -5.38 -9.40
C PHE A 81 -5.46 -4.73 -8.05
N ARG A 82 -6.74 -4.43 -7.85
CA ARG A 82 -7.29 -3.90 -6.58
C ARG A 82 -7.31 -4.91 -5.42
N SER A 83 -7.23 -6.20 -5.68
CA SER A 83 -7.34 -7.28 -4.67
C SER A 83 -5.99 -7.67 -4.04
N PHE A 84 -4.86 -7.52 -4.74
CA PHE A 84 -3.52 -7.62 -4.12
C PHE A 84 -3.35 -6.58 -3.00
N TRP A 85 -3.90 -5.36 -3.15
CA TRP A 85 -3.81 -4.30 -2.13
C TRP A 85 -4.52 -4.66 -0.82
N GLU A 86 -5.67 -5.33 -0.88
CA GLU A 86 -6.39 -5.84 0.30
C GLU A 86 -5.58 -6.92 1.05
N LEU A 87 -4.65 -7.59 0.37
CA LEU A 87 -3.72 -8.55 0.95
C LEU A 87 -2.46 -7.89 1.54
N ILE A 88 -2.00 -6.76 0.99
CA ILE A 88 -1.06 -5.88 1.70
C ILE A 88 -1.73 -5.27 2.95
N GLY A 89 -3.03 -5.02 2.91
CA GLY A 89 -3.82 -4.61 4.09
C GLY A 89 -3.77 -5.62 5.24
N GLU A 90 -3.61 -6.92 4.94
CA GLU A 90 -3.39 -7.95 5.94
C GLU A 90 -1.93 -7.96 6.43
N ALA A 91 -0.95 -7.65 5.59
CA ALA A 91 0.41 -7.34 6.05
C ALA A 91 0.42 -6.12 7.00
N ALA A 92 -0.39 -5.09 6.73
CA ALA A 92 -0.53 -3.89 7.57
C ALA A 92 -1.26 -4.12 8.91
N LYS A 93 -1.78 -5.33 9.18
CA LYS A 93 -2.09 -5.76 10.56
C LYS A 93 -0.81 -6.10 11.35
N SER A 94 0.24 -6.54 10.68
CA SER A 94 1.50 -7.02 11.26
C SER A 94 2.65 -5.99 11.22
N VAL A 95 2.64 -5.05 10.27
CA VAL A 95 3.62 -3.94 10.20
C VAL A 95 2.95 -2.56 10.35
N LYS A 96 3.21 -1.93 11.50
CA LYS A 96 2.78 -0.59 11.93
C LYS A 96 3.89 0.13 12.71
N LEU A 97 3.67 1.39 13.07
CA LEU A 97 4.51 2.12 14.03
C LEU A 97 4.18 1.71 15.47
N GLU A 98 5.23 1.51 16.28
CA GLU A 98 5.14 0.99 17.66
C GLU A 98 4.71 2.08 18.66
N ARG A 99 3.65 1.84 19.43
CA ARG A 99 3.00 2.80 20.34
C ARG A 99 2.36 2.11 21.56
N PRO A 100 2.14 2.83 22.68
CA PRO A 100 0.98 2.58 23.54
C PRO A 100 -0.30 2.84 22.75
N VAL A 101 -1.05 1.78 22.44
CA VAL A 101 -2.02 1.75 21.34
C VAL A 101 -3.36 1.10 21.74
N ARG A 102 -4.44 1.49 21.07
CA ARG A 102 -5.74 0.78 21.08
C ARG A 102 -6.22 0.50 19.65
N GLY A 103 -6.88 -0.63 19.45
CA GLY A 103 -7.44 -1.05 18.15
C GLY A 103 -6.41 -1.58 17.14
N HIS A 104 -6.91 -1.95 15.95
CA HIS A 104 -6.17 -2.61 14.86
C HIS A 104 -6.75 -2.32 13.46
N MET B 1 8.38 1.46 28.37
CA MET B 1 6.95 1.82 28.19
C MET B 1 6.85 3.22 27.60
N GLY B 2 6.06 3.41 26.56
CA GLY B 2 5.85 4.70 25.89
C GLY B 2 6.57 4.85 24.54
N GLN B 3 6.68 3.78 23.75
CA GLN B 3 7.30 3.81 22.41
C GLN B 3 6.64 4.86 21.49
N CYS B 4 7.44 5.52 20.65
CA CYS B 4 6.99 6.52 19.68
C CYS B 4 7.88 6.62 18.42
N ARG B 5 8.74 5.64 18.15
CA ARG B 5 9.71 5.69 17.02
C ARG B 5 9.98 4.37 16.28
N SER B 6 9.46 3.23 16.74
CA SER B 6 9.82 1.87 16.30
C SER B 6 11.24 1.42 16.68
N ALA B 7 11.41 0.09 16.84
CA ALA B 7 12.65 -0.53 17.32
C ALA B 7 13.09 -1.77 16.53
N ASN B 8 12.18 -2.53 15.90
CA ASN B 8 12.56 -3.74 15.15
C ASN B 8 13.11 -3.40 13.75
N ALA B 9 12.34 -2.66 12.95
CA ALA B 9 12.70 -2.30 11.57
C ALA B 9 13.60 -1.06 11.47
N GLU B 10 13.28 -0.02 12.26
CA GLU B 10 13.84 1.34 12.30
C GLU B 10 13.96 1.98 10.92
N ASP B 11 15.11 1.80 10.29
CA ASP B 11 15.43 2.37 8.96
C ASP B 11 15.04 1.45 7.78
N ALA B 12 14.60 0.23 8.10
CA ALA B 12 14.15 -0.84 7.21
C ALA B 12 15.17 -1.20 6.10
N GLN B 13 16.22 -1.94 6.50
CA GLN B 13 17.31 -2.41 5.62
C GLN B 13 17.50 -3.93 5.65
N GLU B 14 17.11 -4.62 6.74
CA GLU B 14 17.16 -6.10 6.81
C GLU B 14 16.20 -6.80 5.82
N PHE B 15 15.23 -6.05 5.32
CA PHE B 15 14.04 -6.51 4.59
C PHE B 15 14.20 -6.46 3.06
N SER B 16 13.38 -7.22 2.35
CA SER B 16 13.25 -7.15 0.87
C SER B 16 12.79 -5.75 0.42
N ASP B 17 13.06 -5.34 -0.83
CA ASP B 17 12.72 -3.98 -1.31
C ASP B 17 11.21 -3.68 -1.27
N VAL B 18 10.36 -4.69 -1.44
CA VAL B 18 8.89 -4.59 -1.28
C VAL B 18 8.45 -4.62 0.20
N GLU B 19 9.21 -5.29 1.06
CA GLU B 19 8.90 -5.54 2.47
C GLU B 19 9.27 -4.31 3.33
N ARG B 20 10.44 -3.71 3.08
CA ARG B 20 10.77 -2.36 3.58
C ARG B 20 9.82 -1.30 3.04
N ALA B 21 9.28 -1.46 1.83
CA ALA B 21 8.44 -0.46 1.20
C ALA B 21 7.08 -0.28 1.92
N ILE B 22 6.47 -1.35 2.46
CA ILE B 22 5.23 -1.24 3.25
C ILE B 22 5.50 -0.44 4.53
N GLU B 23 6.62 -0.70 5.22
CA GLU B 23 7.09 0.07 6.37
C GLU B 23 7.30 1.56 6.06
N THR B 24 7.92 1.82 4.92
CA THR B 24 8.38 3.16 4.51
C THR B 24 7.19 4.04 4.18
N LEU B 25 6.17 3.43 3.56
CA LEU B 25 4.95 4.14 3.23
C LEU B 25 4.07 4.34 4.46
N ILE B 26 3.99 3.35 5.37
CA ILE B 26 3.10 3.42 6.53
C ILE B 26 3.66 4.29 7.65
N LYS B 27 4.99 4.36 7.83
CA LYS B 27 5.67 5.36 8.68
C LYS B 27 5.16 6.78 8.42
N ASN B 28 4.88 7.11 7.16
CA ASN B 28 4.44 8.43 6.75
C ASN B 28 3.00 8.79 7.17
N PHE B 29 2.13 7.82 7.50
CA PHE B 29 0.86 8.11 8.18
C PHE B 29 1.12 8.69 9.57
N HIS B 30 1.78 7.92 10.44
CA HIS B 30 1.99 8.29 11.85
C HIS B 30 2.82 9.58 12.00
N GLN B 31 3.78 9.80 11.10
CA GLN B 31 4.60 11.03 11.04
C GLN B 31 3.85 12.28 10.55
N TYR B 32 2.64 12.15 9.97
CA TYR B 32 1.76 13.28 9.59
C TYR B 32 0.51 13.42 10.46
N SER B 33 0.05 12.37 11.13
CA SER B 33 -1.05 12.33 12.11
C SER B 33 -0.78 13.11 13.40
N VAL B 34 -0.40 14.39 13.32
CA VAL B 34 0.01 15.19 14.49
C VAL B 34 -1.18 15.68 15.30
N GLU B 35 -2.32 16.02 14.68
CA GLU B 35 -3.61 16.24 15.37
C GLU B 35 -4.41 14.94 15.51
N GLY B 36 -4.20 13.96 14.61
CA GLY B 36 -4.67 12.57 14.75
C GLY B 36 -3.97 11.72 15.83
N GLY B 37 -3.01 12.30 16.59
CA GLY B 37 -2.38 11.66 17.75
C GLY B 37 -1.65 10.35 17.43
N LYS B 38 -1.04 10.23 16.24
CA LYS B 38 -0.38 9.02 15.68
C LYS B 38 -1.27 7.79 15.43
N GLU B 39 -2.55 7.80 15.82
CA GLU B 39 -3.45 6.62 15.73
C GLU B 39 -4.63 6.82 14.76
N THR B 40 -5.02 8.08 14.53
CA THR B 40 -6.03 8.50 13.52
C THR B 40 -5.40 9.54 12.58
N LEU B 41 -6.18 10.31 11.82
CA LEU B 41 -5.73 11.29 10.84
C LEU B 41 -6.79 12.40 10.72
N THR B 42 -6.39 13.66 10.54
CA THR B 42 -7.33 14.78 10.29
C THR B 42 -7.26 15.31 8.84
N PRO B 43 -8.38 15.76 8.23
CA PRO B 43 -8.41 16.30 6.87
C PRO B 43 -7.38 17.41 6.57
N SER B 44 -7.02 18.24 7.56
CA SER B 44 -6.06 19.34 7.38
C SER B 44 -4.61 18.86 7.18
N GLU B 45 -4.19 17.79 7.87
CA GLU B 45 -2.85 17.20 7.70
C GLU B 45 -2.80 16.17 6.55
N LEU B 46 -3.97 15.61 6.16
CA LEU B 46 -4.16 14.91 4.88
C LEU B 46 -3.74 15.83 3.70
N ARG B 47 -4.29 17.06 3.63
CA ARG B 47 -3.92 18.04 2.59
C ARG B 47 -2.43 18.37 2.61
N ASP B 48 -1.82 18.51 3.80
CA ASP B 48 -0.39 18.82 3.97
C ASP B 48 0.51 17.73 3.39
N LEU B 49 0.26 16.43 3.68
CA LEU B 49 1.10 15.37 3.10
C LEU B 49 0.86 15.18 1.61
N VAL B 50 -0.35 15.40 1.11
CA VAL B 50 -0.61 15.22 -0.33
C VAL B 50 0.14 16.28 -1.13
N THR B 51 0.13 17.54 -0.68
CA THR B 51 0.77 18.64 -1.42
C THR B 51 2.29 18.69 -1.26
N GLN B 52 2.84 18.23 -0.13
CA GLN B 52 4.29 18.20 0.12
C GLN B 52 4.97 16.86 -0.22
N GLN B 53 4.22 15.75 -0.35
CA GLN B 53 4.79 14.42 -0.63
C GLN B 53 4.20 13.67 -1.84
N LEU B 54 3.09 14.08 -2.44
CA LEU B 54 2.52 13.44 -3.66
C LEU B 54 2.45 14.37 -4.90
N PRO B 55 3.55 15.07 -5.29
CA PRO B 55 3.51 16.07 -6.37
C PRO B 55 3.29 15.46 -7.78
N HIS B 56 3.70 14.20 -8.01
CA HIS B 56 3.43 13.49 -9.26
C HIS B 56 2.02 12.89 -9.24
N LEU B 57 1.62 12.34 -8.09
CA LEU B 57 0.48 11.42 -8.00
C LEU B 57 -0.88 12.11 -7.81
N MET B 58 -0.95 13.30 -7.19
CA MET B 58 -2.21 14.03 -6.93
C MET B 58 -2.04 15.56 -7.08
N PRO B 59 -2.88 16.28 -7.85
CA PRO B 59 -2.65 17.69 -8.18
C PRO B 59 -3.10 18.73 -7.14
N SER B 60 -2.48 19.91 -7.22
CA SER B 60 -2.78 21.11 -6.43
C SER B 60 -4.22 21.63 -6.56
N ASN B 61 -4.68 22.35 -5.53
CA ASN B 61 -6.04 22.94 -5.36
C ASN B 61 -7.25 21.97 -5.41
N CYS B 62 -7.07 20.76 -5.92
CA CYS B 62 -8.15 19.85 -6.35
C CYS B 62 -7.93 18.39 -5.92
N GLY B 63 -6.79 17.80 -6.29
CA GLY B 63 -6.45 16.40 -5.98
C GLY B 63 -6.19 16.15 -4.50
N LEU B 64 -5.88 17.21 -3.76
CA LEU B 64 -5.69 17.19 -2.32
C LEU B 64 -7.01 17.29 -1.55
N GLU B 65 -8.04 17.98 -2.07
CA GLU B 65 -9.37 18.07 -1.44
C GLU B 65 -10.36 16.95 -1.81
N GLU B 66 -10.21 16.28 -2.95
CA GLU B 66 -11.12 15.20 -3.37
C GLU B 66 -11.03 13.99 -2.41
N LYS B 67 -9.86 13.82 -1.78
CA LYS B 67 -9.61 12.82 -0.73
C LYS B 67 -10.34 13.14 0.58
N ILE B 68 -10.73 14.41 0.80
CA ILE B 68 -11.60 14.87 1.89
C ILE B 68 -13.08 14.69 1.50
N ALA B 69 -13.42 14.96 0.24
CA ALA B 69 -14.77 14.75 -0.32
C ALA B 69 -15.20 13.26 -0.30
N ASN B 70 -14.23 12.33 -0.37
CA ASN B 70 -14.47 10.89 -0.33
C ASN B 70 -14.60 10.29 1.09
N LEU B 71 -14.16 10.99 2.15
CA LEU B 71 -14.23 10.52 3.56
C LEU B 71 -15.34 11.14 4.43
N GLY B 72 -15.98 12.20 3.94
CA GLY B 72 -16.89 13.04 4.73
C GLY B 72 -18.11 12.32 5.32
N SER B 73 -18.58 11.25 4.65
CA SER B 73 -19.65 10.36 5.11
C SER B 73 -19.39 9.71 6.48
N CYS B 74 -18.13 9.68 6.95
CA CYS B 74 -17.72 9.06 8.21
C CYS B 74 -16.92 9.99 9.15
N ASN B 75 -16.75 11.28 8.81
CA ASN B 75 -15.86 12.18 9.56
C ASN B 75 -16.35 12.51 10.99
N ASP B 76 -17.66 12.55 11.25
CA ASP B 76 -18.19 12.71 12.62
C ASP B 76 -17.87 11.49 13.51
N SER B 77 -17.81 10.27 12.94
CA SER B 77 -17.31 9.05 13.61
C SER B 77 -15.77 8.98 13.76
N LYS B 78 -15.05 10.01 13.28
CA LYS B 78 -13.58 10.15 13.27
C LYS B 78 -12.84 9.05 12.51
N LEU B 79 -11.57 9.28 12.18
CA LEU B 79 -10.77 8.36 11.39
C LEU B 79 -10.13 7.24 12.25
N GLU B 80 -9.56 6.25 11.58
CA GLU B 80 -8.64 5.25 12.14
C GLU B 80 -7.54 4.97 11.09
N PHE B 81 -6.51 4.19 11.42
CA PHE B 81 -5.46 3.78 10.47
C PHE B 81 -6.06 3.12 9.19
N ARG B 82 -7.12 2.32 9.35
CA ARG B 82 -7.98 1.79 8.27
C ARG B 82 -8.42 2.86 7.26
N SER B 83 -8.88 4.01 7.74
CA SER B 83 -9.46 5.09 6.92
C SER B 83 -8.44 5.68 5.93
N PHE B 84 -7.20 5.88 6.36
CA PHE B 84 -6.13 6.39 5.50
C PHE B 84 -5.62 5.30 4.53
N TRP B 85 -5.51 4.05 4.98
CA TRP B 85 -5.09 2.93 4.13
C TRP B 85 -6.02 2.70 2.93
N GLU B 86 -7.33 2.84 3.10
CA GLU B 86 -8.30 2.87 1.98
C GLU B 86 -7.98 3.96 0.94
N LEU B 87 -7.45 5.11 1.38
CA LEU B 87 -7.12 6.26 0.53
C LEU B 87 -5.74 6.13 -0.14
N ILE B 88 -4.82 5.31 0.41
CA ILE B 88 -3.66 4.79 -0.36
C ILE B 88 -4.13 3.77 -1.41
N GLY B 89 -5.14 2.95 -1.09
CA GLY B 89 -5.82 2.12 -2.08
C GLY B 89 -6.40 2.94 -3.24
N GLU B 90 -6.86 4.17 -2.96
CA GLU B 90 -7.21 5.15 -3.98
C GLU B 90 -5.98 5.76 -4.70
N ALA B 91 -4.84 5.96 -4.02
CA ALA B 91 -3.58 6.40 -4.67
C ALA B 91 -3.13 5.42 -5.78
N ALA B 92 -3.32 4.11 -5.59
CA ALA B 92 -3.07 3.09 -6.62
C ALA B 92 -4.02 3.14 -7.83
N LYS B 93 -5.12 3.90 -7.78
CA LYS B 93 -5.92 4.22 -8.99
C LYS B 93 -5.21 5.24 -9.89
N SER B 94 -4.27 6.02 -9.35
CA SER B 94 -3.58 7.11 -10.06
C SER B 94 -2.18 6.76 -10.60
N VAL B 95 -1.63 5.57 -10.29
CA VAL B 95 -0.41 5.02 -10.92
C VAL B 95 -0.39 3.49 -10.91
N LYS B 96 -0.05 2.87 -12.05
CA LYS B 96 0.22 1.43 -12.22
C LYS B 96 1.32 1.18 -13.25
N LEU B 97 1.48 -0.08 -13.67
CA LEU B 97 2.10 -0.45 -14.93
C LEU B 97 1.06 -0.22 -16.04
N GLU B 98 1.43 0.50 -17.09
CA GLU B 98 0.48 1.06 -18.09
C GLU B 98 0.05 0.05 -19.17
N ARG B 99 -0.34 -1.16 -18.73
CA ARG B 99 -1.08 -2.14 -19.54
C ARG B 99 -2.44 -1.56 -20.01
N PRO B 100 -3.00 -2.00 -21.14
CA PRO B 100 -4.40 -1.75 -21.52
C PRO B 100 -5.36 -2.62 -20.69
N VAL B 101 -5.39 -2.38 -19.37
CA VAL B 101 -6.06 -3.21 -18.37
C VAL B 101 -7.57 -3.34 -18.61
N ARG B 102 -8.08 -4.57 -18.54
CA ARG B 102 -9.48 -4.91 -18.72
C ARG B 102 -10.31 -4.62 -17.46
N GLY B 103 -11.53 -4.13 -17.64
CA GLY B 103 -12.58 -4.02 -16.62
C GLY B 103 -12.57 -2.73 -15.78
N HIS B 104 -13.75 -2.40 -15.25
CA HIS B 104 -14.01 -1.29 -14.32
C HIS B 104 -13.46 -1.51 -12.91
N MET A 1 -4.57 8.13 -22.90
CA MET A 1 -3.86 8.21 -24.19
C MET A 1 -3.88 6.86 -24.89
N GLY A 2 -4.00 6.86 -26.22
CA GLY A 2 -4.14 5.66 -27.04
C GLY A 2 -2.82 5.03 -27.53
N GLN A 3 -2.89 4.35 -28.68
CA GLN A 3 -1.81 3.60 -29.34
C GLN A 3 -1.03 2.65 -28.40
N CYS A 4 0.06 3.11 -27.78
CA CYS A 4 0.89 2.31 -26.86
C CYS A 4 0.81 2.70 -25.38
N ARG A 5 -0.18 3.54 -25.00
CA ARG A 5 -0.57 3.89 -23.62
C ARG A 5 0.51 4.65 -22.82
N SER A 6 0.19 5.02 -21.57
CA SER A 6 1.01 5.91 -20.73
C SER A 6 2.29 5.28 -20.16
N ALA A 7 3.23 6.12 -19.74
CA ALA A 7 4.54 5.72 -19.18
C ALA A 7 4.51 5.35 -17.68
N ASN A 8 3.34 5.43 -17.04
CA ASN A 8 3.17 5.27 -15.60
C ASN A 8 3.54 3.86 -15.07
N ALA A 9 4.08 3.84 -13.84
CA ALA A 9 4.52 2.67 -13.07
C ALA A 9 5.44 1.69 -13.84
N GLU A 10 6.23 2.18 -14.79
CA GLU A 10 7.27 1.41 -15.50
C GLU A 10 8.70 1.75 -15.06
N ASP A 11 8.90 2.96 -14.54
CA ASP A 11 10.12 3.48 -13.91
C ASP A 11 10.00 3.52 -12.38
N ALA A 12 8.89 4.09 -11.88
CA ALA A 12 8.55 4.20 -10.46
C ALA A 12 9.64 4.79 -9.52
N GLN A 13 10.46 5.74 -10.01
CA GLN A 13 11.64 6.28 -9.31
C GLN A 13 11.88 7.79 -9.53
N GLU A 14 11.14 8.46 -10.43
CA GLU A 14 11.13 9.92 -10.52
C GLU A 14 10.43 10.62 -9.33
N PHE A 15 9.67 9.85 -8.57
CA PHE A 15 8.87 10.28 -7.42
C PHE A 15 9.65 10.33 -6.10
N SER A 16 9.12 11.06 -5.11
CA SER A 16 9.73 11.24 -3.77
C SER A 16 9.52 10.01 -2.86
N ASP A 17 10.25 9.91 -1.75
CA ASP A 17 10.40 8.66 -0.97
C ASP A 17 9.11 7.92 -0.55
N VAL A 18 8.01 8.60 -0.19
CA VAL A 18 6.69 7.96 0.12
C VAL A 18 5.86 7.68 -1.15
N GLU A 19 6.10 8.48 -2.18
CA GLU A 19 5.36 8.57 -3.43
C GLU A 19 5.82 7.47 -4.40
N ARG A 20 7.13 7.26 -4.53
CA ARG A 20 7.71 6.05 -5.15
C ARG A 20 7.53 4.80 -4.31
N ALA A 21 7.28 4.89 -2.99
CA ALA A 21 7.01 3.70 -2.19
C ALA A 21 5.73 2.99 -2.67
N ILE A 22 4.66 3.74 -2.94
CA ILE A 22 3.37 3.19 -3.42
C ILE A 22 3.59 2.51 -4.78
N GLU A 23 4.34 3.13 -5.69
CA GLU A 23 4.63 2.53 -7.00
C GLU A 23 5.60 1.35 -6.90
N THR A 24 6.49 1.32 -5.92
CA THR A 24 7.46 0.23 -5.70
C THR A 24 6.75 -1.06 -5.23
N LEU A 25 5.74 -0.96 -4.37
CA LEU A 25 4.97 -2.17 -4.02
C LEU A 25 3.95 -2.59 -5.09
N ILE A 26 3.45 -1.63 -5.86
CA ILE A 26 2.69 -1.91 -7.10
C ILE A 26 3.56 -2.63 -8.14
N LYS A 27 4.81 -2.20 -8.38
CA LYS A 27 5.80 -2.83 -9.28
C LYS A 27 6.06 -4.31 -8.98
N ASN A 28 5.75 -4.78 -7.78
CA ASN A 28 5.89 -6.19 -7.40
C ASN A 28 4.72 -7.07 -7.91
N PHE A 29 3.52 -6.52 -8.10
CA PHE A 29 2.49 -7.18 -8.93
C PHE A 29 2.94 -7.28 -10.39
N HIS A 30 3.60 -6.24 -10.92
CA HIS A 30 4.10 -6.25 -12.29
C HIS A 30 5.17 -7.36 -12.48
N GLN A 31 6.04 -7.57 -11.49
CA GLN A 31 7.08 -8.60 -11.52
C GLN A 31 6.53 -10.04 -11.43
N TYR A 32 5.46 -10.25 -10.64
CA TYR A 32 4.88 -11.56 -10.29
C TYR A 32 3.49 -11.82 -10.88
N SER A 33 3.25 -11.38 -12.12
CA SER A 33 2.00 -11.64 -12.89
C SER A 33 2.28 -12.36 -14.23
N VAL A 34 3.26 -13.27 -14.25
CA VAL A 34 3.69 -14.03 -15.45
C VAL A 34 3.12 -15.45 -15.58
N GLU A 35 2.69 -16.08 -14.48
CA GLU A 35 1.94 -17.36 -14.51
C GLU A 35 0.44 -17.09 -14.74
N GLY A 36 -0.07 -15.96 -14.22
CA GLY A 36 -1.33 -15.31 -14.58
C GLY A 36 -1.33 -14.60 -15.95
N GLY A 37 -0.63 -15.15 -16.94
CA GLY A 37 -0.51 -14.59 -18.29
C GLY A 37 0.36 -13.33 -18.32
N LYS A 38 -0.27 -12.17 -18.51
CA LYS A 38 0.35 -10.84 -18.44
C LYS A 38 -0.50 -9.76 -17.74
N GLU A 39 -1.68 -10.13 -17.21
CA GLU A 39 -2.60 -9.17 -16.57
C GLU A 39 -3.29 -9.66 -15.28
N THR A 40 -3.04 -10.91 -14.86
CA THR A 40 -3.69 -11.54 -13.69
C THR A 40 -2.67 -12.17 -12.74
N LEU A 41 -3.15 -12.81 -11.66
CA LEU A 41 -2.34 -13.41 -10.59
C LEU A 41 -2.74 -14.89 -10.41
N THR A 42 -1.85 -15.74 -9.90
CA THR A 42 -2.13 -17.14 -9.55
C THR A 42 -1.72 -17.49 -8.11
N PRO A 43 -2.43 -18.40 -7.41
CA PRO A 43 -1.98 -19.03 -6.16
C PRO A 43 -0.55 -19.61 -6.24
N SER A 44 -0.16 -20.14 -7.41
CA SER A 44 1.17 -20.66 -7.68
C SER A 44 2.27 -19.60 -7.51
N GLU A 45 2.11 -18.41 -8.11
CA GLU A 45 3.08 -17.31 -7.93
C GLU A 45 2.88 -16.54 -6.62
N LEU A 46 1.69 -16.61 -6.00
CA LEU A 46 1.44 -16.13 -4.63
C LEU A 46 2.35 -16.84 -3.61
N ARG A 47 2.44 -18.18 -3.64
CA ARG A 47 3.40 -18.90 -2.77
C ARG A 47 4.84 -18.52 -3.08
N ASP A 48 5.18 -18.39 -4.36
CA ASP A 48 6.56 -18.12 -4.83
C ASP A 48 7.06 -16.71 -4.47
N LEU A 49 6.28 -15.63 -4.69
CA LEU A 49 6.74 -14.30 -4.30
C LEU A 49 6.80 -14.13 -2.79
N VAL A 50 5.95 -14.81 -2.02
CA VAL A 50 5.94 -14.70 -0.56
C VAL A 50 7.14 -15.43 0.06
N THR A 51 7.48 -16.63 -0.42
CA THR A 51 8.64 -17.39 0.09
C THR A 51 10.01 -16.80 -0.31
N GLN A 52 10.05 -15.93 -1.34
CA GLN A 52 11.22 -15.09 -1.66
C GLN A 52 11.25 -13.73 -0.92
N GLN A 53 10.18 -12.93 -1.01
CA GLN A 53 10.17 -11.53 -0.54
C GLN A 53 9.67 -11.34 0.91
N LEU A 54 8.90 -12.27 1.48
CA LEU A 54 8.37 -12.19 2.86
C LEU A 54 8.78 -13.39 3.76
N PRO A 55 10.09 -13.76 3.85
CA PRO A 55 10.54 -14.92 4.63
C PRO A 55 10.47 -14.72 6.16
N HIS A 56 10.39 -13.49 6.67
CA HIS A 56 10.22 -13.19 8.10
C HIS A 56 8.73 -13.16 8.52
N LEU A 57 7.86 -12.59 7.67
CA LEU A 57 6.48 -12.23 8.01
C LEU A 57 5.45 -13.36 7.82
N MET A 58 5.64 -14.20 6.79
CA MET A 58 4.63 -15.16 6.33
C MET A 58 5.24 -16.57 6.15
N PRO A 59 5.33 -17.40 7.20
CA PRO A 59 5.91 -18.74 7.14
C PRO A 59 5.02 -19.80 6.47
N SER A 60 5.59 -20.97 6.20
CA SER A 60 4.89 -22.18 5.73
C SER A 60 3.79 -22.68 6.68
N ASN A 61 2.87 -23.49 6.15
CA ASN A 61 1.63 -24.03 6.76
C ASN A 61 0.58 -22.99 7.24
N CYS A 62 1.05 -21.81 7.60
CA CYS A 62 0.31 -20.66 8.10
C CYS A 62 0.44 -19.53 7.05
N GLY A 63 0.76 -18.32 7.49
CA GLY A 63 1.60 -17.33 6.78
C GLY A 63 1.34 -17.12 5.29
N LEU A 64 1.94 -17.98 4.47
CA LEU A 64 1.93 -17.88 3.01
C LEU A 64 0.79 -18.66 2.36
N GLU A 65 0.40 -19.84 2.86
CA GLU A 65 -0.71 -20.62 2.28
C GLU A 65 -2.09 -20.22 2.78
N GLU A 66 -2.18 -19.59 3.96
CA GLU A 66 -3.45 -19.08 4.50
C GLU A 66 -4.08 -18.03 3.57
N LYS A 67 -3.22 -17.38 2.76
CA LYS A 67 -3.57 -16.37 1.78
C LYS A 67 -4.27 -16.98 0.57
N ILE A 68 -3.86 -18.16 0.10
CA ILE A 68 -4.55 -18.93 -0.95
C ILE A 68 -5.88 -19.48 -0.39
N ALA A 69 -5.88 -19.93 0.86
CA ALA A 69 -7.07 -20.37 1.57
C ALA A 69 -8.10 -19.23 1.77
N ASN A 70 -7.66 -17.97 1.82
CA ASN A 70 -8.51 -16.77 1.85
C ASN A 70 -8.98 -16.34 0.44
N LEU A 71 -8.06 -16.04 -0.50
CA LEU A 71 -8.44 -15.49 -1.82
C LEU A 71 -9.13 -16.48 -2.77
N GLY A 72 -8.98 -17.78 -2.53
CA GLY A 72 -9.65 -18.86 -3.25
C GLY A 72 -8.86 -19.43 -4.42
N SER A 73 -8.95 -20.75 -4.59
CA SER A 73 -8.31 -21.52 -5.65
C SER A 73 -8.90 -21.22 -7.04
N CYS A 74 -10.07 -20.58 -7.10
CA CYS A 74 -10.66 -20.00 -8.30
C CYS A 74 -11.44 -18.71 -7.96
N ASN A 75 -11.47 -17.77 -8.92
CA ASN A 75 -12.24 -16.52 -8.89
C ASN A 75 -12.92 -16.31 -10.26
N ASP A 76 -14.16 -15.81 -10.26
CA ASP A 76 -15.13 -15.91 -11.38
C ASP A 76 -14.82 -14.99 -12.59
N SER A 77 -14.05 -13.93 -12.38
CA SER A 77 -13.51 -13.05 -13.43
C SER A 77 -11.98 -13.14 -13.53
N LYS A 78 -11.37 -14.18 -12.94
CA LYS A 78 -9.93 -14.32 -12.65
C LYS A 78 -9.35 -13.17 -11.81
N LEU A 79 -8.17 -13.37 -11.23
CA LEU A 79 -7.57 -12.38 -10.32
C LEU A 79 -7.17 -11.09 -11.04
N GLU A 80 -7.09 -10.00 -10.28
CA GLU A 80 -6.82 -8.65 -10.79
C GLU A 80 -5.77 -7.92 -9.93
N PHE A 81 -5.16 -6.89 -10.51
CA PHE A 81 -4.33 -5.90 -9.82
C PHE A 81 -4.96 -5.41 -8.49
N ARG A 82 -6.25 -5.07 -8.53
CA ARG A 82 -7.03 -4.61 -7.37
C ARG A 82 -7.29 -5.70 -6.32
N SER A 83 -7.16 -6.98 -6.66
CA SER A 83 -7.27 -8.11 -5.72
C SER A 83 -6.00 -8.29 -4.89
N PHE A 84 -4.82 -8.13 -5.51
CA PHE A 84 -3.53 -8.18 -4.82
C PHE A 84 -3.42 -7.11 -3.71
N TRP A 85 -4.00 -5.93 -3.95
CA TRP A 85 -4.08 -4.84 -2.96
C TRP A 85 -4.91 -5.20 -1.71
N GLU A 86 -5.92 -6.08 -1.81
CA GLU A 86 -6.66 -6.61 -0.64
C GLU A 86 -5.78 -7.51 0.24
N LEU A 87 -4.70 -8.07 -0.32
CA LEU A 87 -3.70 -8.88 0.38
C LEU A 87 -2.63 -8.04 1.07
N ILE A 88 -2.23 -6.92 0.46
CA ILE A 88 -1.33 -5.95 1.12
C ILE A 88 -2.02 -5.34 2.34
N GLY A 89 -3.34 -5.12 2.26
CA GLY A 89 -4.16 -4.71 3.40
C GLY A 89 -4.11 -5.67 4.60
N GLU A 90 -3.79 -6.95 4.39
CA GLU A 90 -3.54 -7.95 5.43
C GLU A 90 -2.09 -7.88 5.95
N ALA A 91 -1.07 -7.67 5.10
CA ALA A 91 0.29 -7.36 5.59
C ALA A 91 0.27 -6.10 6.51
N ALA A 92 -0.54 -5.10 6.17
CA ALA A 92 -0.75 -3.86 6.92
C ALA A 92 -1.43 -4.02 8.30
N LYS A 93 -1.83 -5.24 8.73
CA LYS A 93 -2.17 -5.54 10.15
C LYS A 93 -0.97 -6.07 10.95
N SER A 94 -0.02 -6.73 10.26
CA SER A 94 1.17 -7.36 10.85
C SER A 94 2.46 -6.53 10.67
N VAL A 95 2.35 -5.35 10.05
CA VAL A 95 3.21 -4.17 10.28
C VAL A 95 2.31 -2.92 10.37
N LYS A 96 1.99 -2.48 11.59
CA LYS A 96 1.13 -1.32 11.91
C LYS A 96 1.58 -0.63 13.20
N LEU A 97 0.90 0.45 13.60
CA LEU A 97 0.96 1.00 14.96
C LEU A 97 0.52 -0.06 15.99
N GLU A 98 1.20 -0.18 17.13
CA GLU A 98 1.01 -1.26 18.12
C GLU A 98 -0.33 -1.31 18.88
N ARG A 99 -1.07 -0.19 18.98
CA ARG A 99 -2.24 -0.07 19.87
C ARG A 99 -3.49 -0.75 19.30
N PRO A 100 -4.39 -1.29 20.13
CA PRO A 100 -5.58 -2.01 19.67
C PRO A 100 -6.55 -1.12 18.88
N VAL A 101 -7.38 -1.76 18.06
CA VAL A 101 -8.07 -1.16 16.90
C VAL A 101 -9.26 -0.26 17.29
N ARG A 102 -9.49 0.79 16.48
CA ARG A 102 -10.71 1.65 16.53
C ARG A 102 -11.60 1.50 15.29
N GLY A 103 -11.05 1.15 14.13
CA GLY A 103 -11.76 0.91 12.86
C GLY A 103 -11.53 -0.53 12.40
N HIS A 104 -12.56 -1.36 12.47
CA HIS A 104 -12.44 -2.83 12.56
C HIS A 104 -12.52 -3.57 11.23
N MET B 1 3.59 -2.45 26.39
CA MET B 1 4.84 -2.78 27.09
C MET B 1 5.72 -1.54 27.20
N GLY B 2 6.65 -1.49 28.15
CA GLY B 2 7.68 -0.45 28.22
C GLY B 2 8.84 -0.64 27.24
N GLN B 3 9.91 0.13 27.41
CA GLN B 3 11.14 0.11 26.60
C GLN B 3 10.95 0.41 25.10
N CYS B 4 12.05 0.48 24.36
CA CYS B 4 12.07 0.70 22.90
C CYS B 4 11.62 -0.52 22.05
N ARG B 5 10.89 -1.48 22.63
CA ARG B 5 10.37 -2.70 21.96
C ARG B 5 11.46 -3.57 21.30
N SER B 6 11.06 -4.61 20.57
CA SER B 6 11.90 -5.37 19.63
C SER B 6 12.15 -4.59 18.33
N ALA B 7 13.11 -5.06 17.54
CA ALA B 7 13.60 -4.42 16.30
C ALA B 7 12.60 -4.41 15.13
N ASN B 8 11.44 -5.09 15.25
CA ASN B 8 10.40 -5.11 14.22
C ASN B 8 9.97 -3.69 13.83
N ALA B 9 10.17 -3.35 12.54
CA ALA B 9 10.00 -2.01 11.93
C ALA B 9 10.87 -0.88 12.54
N GLU B 10 11.80 -1.18 13.44
CA GLU B 10 12.82 -0.26 13.97
C GLU B 10 14.20 -0.49 13.32
N ASP B 11 14.34 -1.60 12.59
CA ASP B 11 15.43 -1.87 11.65
C ASP B 11 15.07 -1.39 10.23
N ALA B 12 13.98 -1.93 9.66
CA ALA B 12 13.44 -1.58 8.34
C ALA B 12 14.41 -1.65 7.13
N GLN B 13 15.52 -2.39 7.26
CA GLN B 13 16.38 -2.83 6.14
C GLN B 13 16.55 -4.37 6.07
N GLU B 14 16.23 -5.10 7.14
CA GLU B 14 16.04 -6.57 7.09
C GLU B 14 14.88 -6.99 6.18
N PHE B 15 13.97 -6.05 5.93
CA PHE B 15 12.85 -6.19 5.00
C PHE B 15 13.30 -6.11 3.54
N SER B 16 12.56 -6.80 2.67
CA SER B 16 12.73 -6.75 1.20
C SER B 16 12.31 -5.39 0.63
N ASP B 17 12.65 -5.10 -0.63
CA ASP B 17 12.37 -3.78 -1.24
C ASP B 17 10.86 -3.46 -1.27
N VAL B 18 9.99 -4.46 -1.47
CA VAL B 18 8.52 -4.38 -1.34
C VAL B 18 8.04 -4.23 0.12
N GLU B 19 8.71 -4.88 1.06
CA GLU B 19 8.30 -4.90 2.48
C GLU B 19 8.68 -3.60 3.20
N ARG B 20 9.85 -3.02 2.89
CA ARG B 20 10.20 -1.66 3.33
C ARG B 20 9.40 -0.58 2.59
N ALA B 21 8.81 -0.90 1.44
CA ALA B 21 7.83 -0.04 0.76
C ALA B 21 6.55 0.11 1.60
N ILE B 22 5.88 -1.00 1.95
CA ILE B 22 4.65 -1.06 2.75
C ILE B 22 4.90 -0.39 4.11
N GLU B 23 6.04 -0.65 4.75
CA GLU B 23 6.45 0.03 5.96
C GLU B 23 6.59 1.56 5.82
N THR B 24 7.07 2.03 4.68
CA THR B 24 7.18 3.46 4.37
C THR B 24 5.82 4.10 4.21
N LEU B 25 4.80 3.36 3.76
CA LEU B 25 3.42 3.85 3.73
C LEU B 25 2.88 3.99 5.17
N ILE B 26 3.10 2.94 5.97
CA ILE B 26 2.72 2.86 7.39
C ILE B 26 3.32 4.02 8.19
N LYS B 27 4.64 4.19 8.20
CA LYS B 27 5.31 5.26 8.98
C LYS B 27 4.95 6.67 8.55
N ASN B 28 4.50 6.86 7.31
CA ASN B 28 4.03 8.17 6.86
C ASN B 28 2.66 8.57 7.42
N PHE B 29 1.85 7.63 7.95
CA PHE B 29 0.78 7.97 8.91
C PHE B 29 1.35 8.44 10.27
N HIS B 30 2.31 7.68 10.83
CA HIS B 30 2.86 7.92 12.18
C HIS B 30 3.48 9.32 12.32
N GLN B 31 4.20 9.78 11.29
CA GLN B 31 4.85 11.09 11.23
C GLN B 31 3.85 12.28 11.23
N TYR B 32 2.60 12.07 10.77
CA TYR B 32 1.64 13.15 10.48
C TYR B 32 0.37 13.16 11.35
N SER B 33 -0.06 12.04 11.93
CA SER B 33 -1.20 11.99 12.87
C SER B 33 -0.79 12.58 14.23
N VAL B 34 -0.81 13.92 14.35
CA VAL B 34 -0.66 14.66 15.62
C VAL B 34 -1.97 15.16 16.23
N GLU B 35 -2.98 15.49 15.39
CA GLU B 35 -4.24 16.09 15.85
C GLU B 35 -5.36 15.04 16.01
N GLY B 36 -5.38 14.00 15.17
CA GLY B 36 -6.29 12.86 15.29
C GLY B 36 -5.96 11.90 16.44
N GLY B 37 -5.39 12.39 17.55
CA GLY B 37 -4.83 11.57 18.61
C GLY B 37 -3.53 10.94 18.15
N LYS B 38 -3.46 9.61 18.15
CA LYS B 38 -2.40 8.84 17.50
C LYS B 38 -2.91 7.84 16.45
N GLU B 39 -4.22 7.59 16.39
CA GLU B 39 -4.86 6.54 15.57
C GLU B 39 -5.79 7.05 14.45
N THR B 40 -6.07 8.35 14.39
CA THR B 40 -6.96 8.96 13.38
C THR B 40 -6.28 10.15 12.68
N LEU B 41 -6.90 10.70 11.64
CA LEU B 41 -6.24 11.56 10.65
C LEU B 41 -7.20 12.70 10.24
N THR B 42 -6.74 13.95 10.32
CA THR B 42 -7.60 15.13 10.15
C THR B 42 -7.35 15.90 8.82
N PRO B 43 -8.32 16.67 8.29
CA PRO B 43 -8.20 17.36 6.99
C PRO B 43 -6.91 18.18 6.76
N SER B 44 -6.46 18.96 7.73
CA SER B 44 -5.27 19.81 7.55
C SER B 44 -3.97 19.00 7.45
N GLU B 45 -3.82 17.90 8.21
CA GLU B 45 -2.62 17.06 8.14
C GLU B 45 -2.67 16.05 6.98
N LEU B 46 -3.88 15.71 6.49
CA LEU B 46 -4.09 15.06 5.19
C LEU B 46 -3.59 15.97 4.06
N ARG B 47 -4.05 17.23 3.99
CA ARG B 47 -3.58 18.19 2.98
C ARG B 47 -2.07 18.43 3.08
N ASP B 48 -1.53 18.59 4.29
CA ASP B 48 -0.11 18.85 4.54
C ASP B 48 0.82 17.75 4.00
N LEU B 49 0.61 16.47 4.36
CA LEU B 49 1.48 15.42 3.83
C LEU B 49 1.28 15.17 2.33
N VAL B 50 0.10 15.46 1.78
CA VAL B 50 -0.13 15.28 0.34
C VAL B 50 0.60 16.37 -0.46
N THR B 51 0.54 17.64 -0.07
CA THR B 51 1.26 18.71 -0.80
C THR B 51 2.77 18.72 -0.56
N GLN B 52 3.24 18.19 0.58
CA GLN B 52 4.66 18.09 0.90
C GLN B 52 5.31 16.76 0.47
N GLN B 53 4.56 15.66 0.36
CA GLN B 53 5.12 14.33 0.03
C GLN B 53 4.44 13.57 -1.14
N LEU B 54 3.30 14.03 -1.69
CA LEU B 54 2.75 13.53 -2.96
C LEU B 54 2.58 14.68 -4.00
N PRO B 55 3.60 15.53 -4.25
CA PRO B 55 3.44 16.71 -5.11
C PRO B 55 3.30 16.38 -6.60
N HIS B 56 3.88 15.27 -7.06
CA HIS B 56 3.80 14.76 -8.43
C HIS B 56 2.56 13.85 -8.65
N LEU B 57 2.14 13.13 -7.60
CA LEU B 57 1.09 12.11 -7.67
C LEU B 57 -0.33 12.60 -7.33
N MET B 58 -0.51 13.77 -6.69
CA MET B 58 -1.83 14.38 -6.48
C MET B 58 -1.79 15.89 -6.79
N PRO B 59 -2.56 16.37 -7.78
CA PRO B 59 -2.51 17.78 -8.21
C PRO B 59 -3.27 18.74 -7.30
N SER B 60 -2.84 20.00 -7.37
CA SER B 60 -3.39 21.17 -6.69
C SER B 60 -4.86 21.47 -7.03
N ASN B 61 -5.51 22.24 -6.16
CA ASN B 61 -6.95 22.58 -6.12
C ASN B 61 -7.94 21.38 -5.98
N CYS B 62 -7.54 20.18 -6.41
CA CYS B 62 -8.44 19.07 -6.69
C CYS B 62 -8.01 17.74 -6.04
N GLY B 63 -6.88 17.18 -6.49
CA GLY B 63 -6.46 15.79 -6.20
C GLY B 63 -6.27 15.45 -4.73
N LEU B 64 -5.99 16.48 -3.94
CA LEU B 64 -5.70 16.41 -2.51
C LEU B 64 -6.90 16.75 -1.62
N GLU B 65 -7.84 17.61 -2.05
CA GLU B 65 -9.10 17.83 -1.32
C GLU B 65 -10.24 16.88 -1.66
N GLU B 66 -10.21 16.18 -2.81
CA GLU B 66 -11.21 15.17 -3.15
C GLU B 66 -11.20 14.01 -2.14
N LYS B 67 -10.06 13.81 -1.48
CA LYS B 67 -9.83 12.89 -0.37
C LYS B 67 -10.74 13.26 0.81
N ILE B 68 -10.73 14.53 1.24
CA ILE B 68 -11.60 15.08 2.29
C ILE B 68 -13.09 15.00 1.87
N ALA B 69 -13.39 15.26 0.60
CA ALA B 69 -14.76 15.24 0.06
C ALA B 69 -15.40 13.83 0.03
N ASN B 70 -14.59 12.77 -0.02
CA ASN B 70 -15.02 11.36 0.04
C ASN B 70 -15.23 10.91 1.50
N LEU B 71 -14.25 11.17 2.38
CA LEU B 71 -14.23 10.64 3.76
C LEU B 71 -15.25 11.28 4.73
N GLY B 72 -15.90 12.39 4.35
CA GLY B 72 -17.00 13.02 5.10
C GLY B 72 -16.55 13.80 6.35
N SER B 73 -17.34 14.81 6.76
CA SER B 73 -17.01 15.70 7.89
C SER B 73 -18.04 15.66 9.03
N CYS B 74 -18.93 14.66 9.05
CA CYS B 74 -19.82 14.36 10.18
C CYS B 74 -19.25 13.25 11.09
N ASN B 75 -18.19 12.54 10.68
CA ASN B 75 -17.51 11.52 11.49
C ASN B 75 -16.83 12.16 12.72
N ASP B 76 -17.32 11.84 13.92
CA ASP B 76 -16.89 12.41 15.21
C ASP B 76 -15.48 11.91 15.66
N SER B 77 -14.95 10.88 15.00
CA SER B 77 -13.55 10.42 15.10
C SER B 77 -12.68 10.82 13.90
N LYS B 78 -13.24 11.57 12.93
CA LYS B 78 -12.66 12.02 11.66
C LYS B 78 -12.26 10.91 10.67
N LEU B 79 -11.44 9.95 11.08
CA LEU B 79 -11.01 8.78 10.30
C LEU B 79 -10.73 7.56 11.21
N GLU B 80 -10.10 6.52 10.66
CA GLU B 80 -9.17 5.65 11.36
C GLU B 80 -7.97 5.31 10.44
N PHE B 81 -6.87 4.83 11.02
CA PHE B 81 -5.67 4.34 10.33
C PHE B 81 -6.00 3.52 9.05
N ARG B 82 -6.93 2.56 9.13
CA ARG B 82 -7.30 1.71 7.99
C ARG B 82 -7.97 2.44 6.82
N SER B 83 -8.53 3.64 7.03
CA SER B 83 -9.09 4.46 5.94
C SER B 83 -8.09 5.42 5.30
N PHE B 84 -6.98 5.78 5.95
CA PHE B 84 -5.83 6.37 5.24
C PHE B 84 -5.32 5.39 4.16
N TRP B 85 -5.28 4.09 4.48
CA TRP B 85 -4.92 3.03 3.53
C TRP B 85 -5.89 2.92 2.33
N GLU B 86 -7.21 3.12 2.51
CA GLU B 86 -8.17 3.22 1.38
C GLU B 86 -7.88 4.43 0.48
N LEU B 87 -7.28 5.48 1.02
CA LEU B 87 -6.92 6.71 0.31
C LEU B 87 -5.55 6.61 -0.39
N ILE B 88 -4.67 5.71 0.06
CA ILE B 88 -3.59 5.16 -0.77
C ILE B 88 -4.17 4.25 -1.87
N GLY B 89 -5.22 3.48 -1.57
CA GLY B 89 -5.97 2.72 -2.57
C GLY B 89 -6.56 3.61 -3.67
N GLU B 90 -6.91 4.87 -3.37
CA GLU B 90 -7.29 5.87 -4.34
C GLU B 90 -6.10 6.35 -5.19
N ALA B 91 -4.90 6.47 -4.60
CA ALA B 91 -3.66 6.69 -5.36
C ALA B 91 -3.32 5.49 -6.28
N ALA B 92 -3.68 4.27 -5.90
CA ALA B 92 -3.64 3.07 -6.76
C ALA B 92 -4.75 3.03 -7.85
N LYS B 93 -5.63 4.05 -7.89
CA LYS B 93 -6.45 4.39 -9.07
C LYS B 93 -5.84 5.51 -9.93
N SER B 94 -4.64 5.97 -9.58
CA SER B 94 -3.76 6.81 -10.41
C SER B 94 -2.50 6.08 -10.91
N VAL B 95 -1.98 5.09 -10.15
CA VAL B 95 -0.80 4.30 -10.55
C VAL B 95 -1.14 2.83 -10.75
N LYS B 96 -0.91 2.33 -11.96
CA LYS B 96 -1.33 1.00 -12.44
C LYS B 96 -0.44 0.32 -13.48
N LEU B 97 -0.69 -0.98 -13.63
CA LEU B 97 -0.24 -1.84 -14.72
C LEU B 97 -0.82 -1.34 -16.07
N GLU B 98 -0.08 -1.47 -17.18
CA GLU B 98 -0.43 -0.86 -18.48
C GLU B 98 -1.71 -1.46 -19.12
N ARG B 99 -2.01 -2.75 -18.90
CA ARG B 99 -3.31 -3.36 -19.24
C ARG B 99 -4.40 -2.88 -18.25
N PRO B 100 -5.50 -2.24 -18.69
CA PRO B 100 -6.55 -1.73 -17.79
C PRO B 100 -7.16 -2.79 -16.87
N VAL B 101 -7.47 -2.41 -15.63
CA VAL B 101 -7.99 -3.28 -14.57
C VAL B 101 -9.52 -3.32 -14.61
N ARG B 102 -10.13 -4.51 -14.62
CA ARG B 102 -11.58 -4.69 -14.81
C ARG B 102 -12.45 -4.08 -13.70
N GLY B 103 -12.05 -4.23 -12.44
CA GLY B 103 -12.85 -3.87 -11.26
C GLY B 103 -13.19 -2.38 -11.11
N HIS B 104 -14.38 -2.13 -10.54
CA HIS B 104 -14.98 -0.83 -10.18
C HIS B 104 -15.68 -0.97 -8.81
N MET A 1 3.59 20.38 -30.62
CA MET A 1 4.43 19.21 -30.98
C MET A 1 4.04 17.99 -30.15
N GLY A 2 4.63 16.84 -30.45
CA GLY A 2 4.63 15.67 -29.57
C GLY A 2 3.58 14.59 -29.89
N GLN A 3 3.28 13.74 -28.91
CA GLN A 3 2.28 12.66 -28.98
C GLN A 3 1.14 12.83 -27.97
N CYS A 4 -0.06 12.33 -28.27
CA CYS A 4 -1.21 12.31 -27.35
C CYS A 4 -1.07 11.27 -26.20
N ARG A 5 0.15 11.01 -25.74
CA ARG A 5 0.51 9.97 -24.76
C ARG A 5 0.28 10.40 -23.31
N SER A 6 0.46 9.46 -22.38
CA SER A 6 0.29 9.64 -20.93
C SER A 6 1.43 8.98 -20.14
N ALA A 7 1.66 9.42 -18.90
CA ALA A 7 2.65 8.87 -17.97
C ALA A 7 2.15 8.88 -16.50
N ASN A 8 2.46 7.82 -15.75
CA ASN A 8 2.16 7.69 -14.31
C ASN A 8 3.42 7.51 -13.44
N ALA A 9 4.43 6.79 -13.95
CA ALA A 9 5.69 6.51 -13.25
C ALA A 9 6.90 6.43 -14.20
N GLU A 10 6.82 5.58 -15.23
CA GLU A 10 7.93 5.12 -16.08
C GLU A 10 9.09 4.50 -15.28
N ASP A 11 9.99 5.34 -14.78
CA ASP A 11 11.05 4.99 -13.82
C ASP A 11 10.81 5.53 -12.39
N ALA A 12 10.03 6.60 -12.22
CA ALA A 12 9.62 7.19 -10.93
C ALA A 12 10.80 7.44 -9.94
N GLN A 13 11.72 8.33 -10.31
CA GLN A 13 12.91 8.71 -9.52
C GLN A 13 12.93 10.22 -9.15
N GLU A 14 12.02 11.02 -9.72
CA GLU A 14 11.76 12.40 -9.32
C GLU A 14 10.73 12.52 -8.17
N PHE A 15 10.08 11.42 -7.81
CA PHE A 15 9.07 11.35 -6.75
C PHE A 15 9.71 11.32 -5.34
N SER A 16 8.92 11.71 -4.34
CA SER A 16 9.35 11.73 -2.93
C SER A 16 9.65 10.33 -2.38
N ASP A 17 10.33 10.23 -1.22
CA ASP A 17 10.70 8.96 -0.58
C ASP A 17 9.49 8.04 -0.32
N VAL A 18 8.32 8.61 -0.05
CA VAL A 18 7.03 7.92 0.13
C VAL A 18 6.28 7.69 -1.19
N GLU A 19 6.33 8.65 -2.12
CA GLU A 19 5.58 8.60 -3.39
C GLU A 19 6.13 7.52 -4.33
N ARG A 20 7.45 7.28 -4.31
CA ARG A 20 8.05 6.11 -5.00
C ARG A 20 8.00 4.79 -4.23
N ALA A 21 7.72 4.83 -2.92
CA ALA A 21 7.45 3.62 -2.14
C ALA A 21 6.14 2.93 -2.59
N ILE A 22 5.06 3.69 -2.83
CA ILE A 22 3.76 3.13 -3.29
C ILE A 22 3.95 2.45 -4.66
N GLU A 23 4.66 3.12 -5.57
CA GLU A 23 5.02 2.68 -6.89
C GLU A 23 5.91 1.43 -6.88
N THR A 24 6.85 1.35 -5.94
CA THR A 24 7.84 0.28 -5.86
C THR A 24 7.16 -1.03 -5.47
N LEU A 25 6.17 -0.95 -4.58
CA LEU A 25 5.47 -2.15 -4.12
C LEU A 25 4.36 -2.59 -5.07
N ILE A 26 3.69 -1.65 -5.74
CA ILE A 26 2.66 -2.00 -6.73
C ILE A 26 3.28 -2.56 -8.02
N LYS A 27 4.45 -2.05 -8.47
CA LYS A 27 5.23 -2.64 -9.58
C LYS A 27 5.49 -4.13 -9.38
N ASN A 28 5.73 -4.57 -8.14
CA ASN A 28 5.94 -5.97 -7.79
C ASN A 28 4.71 -6.88 -8.07
N PHE A 29 3.47 -6.36 -8.09
CA PHE A 29 2.29 -7.11 -8.56
C PHE A 29 2.35 -7.41 -10.06
N HIS A 30 2.58 -6.38 -10.88
CA HIS A 30 2.62 -6.52 -12.34
C HIS A 30 3.76 -7.44 -12.78
N GLN A 31 4.90 -7.36 -12.09
CA GLN A 31 6.03 -8.25 -12.29
C GLN A 31 5.71 -9.72 -11.95
N TYR A 32 4.99 -9.99 -10.84
CA TYR A 32 4.69 -11.36 -10.41
C TYR A 32 3.52 -12.03 -11.13
N SER A 33 2.62 -11.26 -11.76
CA SER A 33 1.51 -11.76 -12.58
C SER A 33 2.02 -12.33 -13.91
N VAL A 34 2.56 -13.55 -13.92
CA VAL A 34 3.04 -14.25 -15.13
C VAL A 34 2.01 -15.21 -15.72
N GLU A 35 1.33 -16.02 -14.91
CA GLU A 35 0.14 -16.78 -15.34
C GLU A 35 -1.17 -16.00 -15.13
N GLY A 36 -1.15 -14.96 -14.29
CA GLY A 36 -2.16 -13.91 -14.32
C GLY A 36 -2.15 -13.13 -15.65
N GLY A 37 -3.27 -12.50 -15.98
CA GLY A 37 -3.45 -11.70 -17.20
C GLY A 37 -2.93 -10.26 -17.08
N LYS A 38 -2.03 -9.99 -16.13
CA LYS A 38 -1.53 -8.67 -15.67
C LYS A 38 -2.57 -7.66 -15.14
N GLU A 39 -3.86 -7.82 -15.48
CA GLU A 39 -4.99 -7.28 -14.71
C GLU A 39 -5.33 -8.16 -13.47
N THR A 40 -4.77 -9.38 -13.39
CA THR A 40 -5.13 -10.43 -12.42
C THR A 40 -3.87 -11.11 -11.83
N LEU A 41 -4.03 -12.18 -11.04
CA LEU A 41 -2.98 -12.88 -10.29
C LEU A 41 -3.24 -14.42 -10.37
N THR A 42 -2.30 -15.29 -10.02
CA THR A 42 -2.55 -16.75 -9.84
C THR A 42 -1.95 -17.32 -8.54
N PRO A 43 -2.52 -18.39 -7.94
CA PRO A 43 -2.10 -18.93 -6.65
C PRO A 43 -0.62 -19.37 -6.53
N SER A 44 -0.02 -20.01 -7.55
CA SER A 44 1.35 -20.54 -7.41
C SER A 44 2.43 -19.43 -7.40
N GLU A 45 2.27 -18.38 -8.21
CA GLU A 45 3.15 -17.20 -8.18
C GLU A 45 2.87 -16.27 -6.98
N LEU A 46 1.67 -16.33 -6.38
CA LEU A 46 1.38 -15.78 -5.05
C LEU A 46 2.27 -16.46 -3.99
N ARG A 47 2.27 -17.80 -3.91
CA ARG A 47 3.13 -18.56 -2.97
C ARG A 47 4.61 -18.20 -3.14
N ASP A 48 5.07 -18.08 -4.39
CA ASP A 48 6.46 -17.77 -4.71
C ASP A 48 6.89 -16.41 -4.14
N LEU A 49 6.17 -15.30 -4.38
CA LEU A 49 6.60 -14.02 -3.80
C LEU A 49 6.46 -13.96 -2.28
N VAL A 50 5.54 -14.73 -1.68
CA VAL A 50 5.42 -14.73 -0.22
C VAL A 50 6.62 -15.42 0.44
N THR A 51 7.12 -16.53 -0.13
CA THR A 51 8.29 -17.23 0.41
C THR A 51 9.63 -16.61 -0.04
N GLN A 52 9.68 -15.99 -1.22
CA GLN A 52 10.87 -15.27 -1.73
C GLN A 52 11.02 -13.85 -1.16
N GLN A 53 9.93 -13.10 -0.94
CA GLN A 53 9.98 -11.67 -0.58
C GLN A 53 9.30 -11.28 0.74
N LEU A 54 8.49 -12.15 1.38
CA LEU A 54 7.97 -11.90 2.74
C LEU A 54 8.48 -12.91 3.81
N PRO A 55 9.80 -13.17 3.94
CA PRO A 55 10.32 -14.10 4.93
C PRO A 55 10.26 -13.54 6.36
N HIS A 56 10.20 -12.21 6.54
CA HIS A 56 9.98 -11.57 7.84
C HIS A 56 8.49 -11.36 8.15
N LEU A 57 7.68 -11.00 7.16
CA LEU A 57 6.24 -10.74 7.33
C LEU A 57 5.39 -12.01 7.51
N MET A 58 5.81 -13.16 6.96
CA MET A 58 5.02 -14.41 6.90
C MET A 58 5.84 -15.66 7.30
N PRO A 59 5.21 -16.71 7.87
CA PRO A 59 5.84 -18.01 8.08
C PRO A 59 5.68 -18.96 6.88
N SER A 60 6.69 -19.79 6.71
CA SER A 60 6.71 -20.98 5.84
C SER A 60 5.60 -21.99 6.15
N ASN A 61 5.27 -22.84 5.18
CA ASN A 61 4.20 -23.85 5.14
C ASN A 61 2.76 -23.39 5.45
N CYS A 62 2.58 -22.17 5.95
CA CYS A 62 1.30 -21.60 6.38
C CYS A 62 1.01 -20.30 5.63
N GLY A 63 1.77 -19.23 5.85
CA GLY A 63 1.45 -17.88 5.36
C GLY A 63 1.42 -17.74 3.84
N LEU A 64 2.18 -18.58 3.13
CA LEU A 64 2.20 -18.58 1.67
C LEU A 64 0.92 -19.18 1.08
N GLU A 65 0.36 -20.22 1.71
CA GLU A 65 -0.89 -20.88 1.31
C GLU A 65 -2.18 -20.35 1.96
N GLU A 66 -2.10 -19.73 3.14
CA GLU A 66 -3.22 -19.14 3.87
C GLU A 66 -3.83 -17.97 3.09
N LYS A 67 -2.99 -17.25 2.32
CA LYS A 67 -3.41 -16.22 1.36
C LYS A 67 -4.31 -16.81 0.26
N ILE A 68 -3.97 -17.99 -0.25
CA ILE A 68 -4.80 -18.73 -1.22
C ILE A 68 -6.07 -19.24 -0.54
N ALA A 69 -6.00 -19.72 0.69
CA ALA A 69 -7.16 -20.15 1.46
C ALA A 69 -8.18 -19.00 1.72
N ASN A 70 -7.71 -17.74 1.70
CA ASN A 70 -8.55 -16.54 1.80
C ASN A 70 -9.22 -16.10 0.47
N LEU A 71 -8.52 -16.16 -0.68
CA LEU A 71 -9.11 -15.76 -1.98
C LEU A 71 -9.68 -16.90 -2.85
N GLY A 72 -9.30 -18.15 -2.56
CA GLY A 72 -9.71 -19.37 -3.25
C GLY A 72 -8.77 -19.78 -4.39
N SER A 73 -8.49 -21.08 -4.55
CA SER A 73 -7.59 -21.62 -5.57
C SER A 73 -8.15 -21.69 -7.02
N CYS A 74 -9.38 -21.23 -7.27
CA CYS A 74 -10.01 -21.17 -8.59
C CYS A 74 -9.60 -19.93 -9.40
N ASN A 75 -9.04 -20.09 -10.61
CA ASN A 75 -8.67 -18.99 -11.50
C ASN A 75 -9.86 -18.31 -12.19
N ASP A 76 -10.95 -19.04 -12.48
CA ASP A 76 -12.17 -18.54 -13.11
C ASP A 76 -13.07 -17.74 -12.14
N SER A 77 -12.73 -17.70 -10.84
CA SER A 77 -13.25 -16.68 -9.91
C SER A 77 -12.50 -15.34 -10.03
N LYS A 78 -11.75 -15.12 -11.12
CA LYS A 78 -11.25 -13.81 -11.59
C LYS A 78 -10.50 -13.00 -10.54
N LEU A 79 -9.20 -13.25 -10.39
CA LEU A 79 -8.36 -12.49 -9.44
C LEU A 79 -8.18 -11.04 -9.89
N GLU A 80 -7.90 -10.12 -8.97
CA GLU A 80 -7.84 -8.67 -9.24
C GLU A 80 -6.64 -8.00 -8.56
N PHE A 81 -6.15 -6.90 -9.14
CA PHE A 81 -5.13 -6.01 -8.57
C PHE A 81 -5.56 -5.48 -7.18
N ARG A 82 -6.83 -5.07 -7.04
CA ARG A 82 -7.44 -4.67 -5.76
C ARG A 82 -7.58 -5.85 -4.76
N SER A 83 -7.68 -7.10 -5.24
CA SER A 83 -7.71 -8.30 -4.39
C SER A 83 -6.32 -8.64 -3.81
N PHE A 84 -5.25 -8.50 -4.58
CA PHE A 84 -3.87 -8.56 -4.06
C PHE A 84 -3.60 -7.41 -3.06
N TRP A 85 -4.09 -6.20 -3.34
CA TRP A 85 -3.96 -5.03 -2.47
C TRP A 85 -4.61 -5.23 -1.08
N GLU A 86 -5.81 -5.82 -1.02
CA GLU A 86 -6.46 -6.23 0.24
C GLU A 86 -5.60 -7.18 1.09
N LEU A 87 -4.74 -7.98 0.45
CA LEU A 87 -3.87 -8.96 1.10
C LEU A 87 -2.56 -8.35 1.61
N ILE A 88 -2.13 -7.22 1.03
CA ILE A 88 -1.18 -6.30 1.69
C ILE A 88 -1.84 -5.64 2.91
N GLY A 89 -3.14 -5.40 2.85
CA GLY A 89 -3.96 -4.97 4.00
C GLY A 89 -3.89 -5.93 5.20
N GLU A 90 -3.63 -7.23 4.97
CA GLU A 90 -3.38 -8.21 6.02
C GLU A 90 -1.92 -8.18 6.51
N ALA A 91 -0.95 -7.91 5.63
CA ALA A 91 0.43 -7.58 6.06
C ALA A 91 0.43 -6.38 7.05
N ALA A 92 -0.37 -5.35 6.81
CA ALA A 92 -0.50 -4.20 7.72
C ALA A 92 -1.22 -4.51 9.05
N LYS A 93 -1.91 -5.66 9.18
CA LYS A 93 -2.37 -6.19 10.49
C LYS A 93 -1.26 -6.89 11.28
N SER A 94 -0.04 -6.94 10.73
CA SER A 94 1.19 -7.40 11.38
C SER A 94 2.32 -6.35 11.42
N VAL A 95 2.18 -5.19 10.76
CA VAL A 95 3.17 -4.09 10.83
C VAL A 95 2.54 -2.69 10.78
N LYS A 96 2.86 -1.90 11.81
CA LYS A 96 2.54 -0.48 12.05
C LYS A 96 3.76 0.17 12.75
N LEU A 97 3.65 1.43 13.19
CA LEU A 97 4.62 2.03 14.11
C LEU A 97 4.68 1.25 15.43
N GLU A 98 5.86 0.64 15.70
CA GLU A 98 6.29 -0.14 16.88
C GLU A 98 5.44 -1.33 17.36
N ARG A 99 4.13 -1.14 17.54
CA ARG A 99 3.26 -1.88 18.48
C ARG A 99 2.21 -2.74 17.78
N PRO A 100 1.80 -3.89 18.35
CA PRO A 100 0.61 -4.62 17.92
C PRO A 100 -0.67 -3.98 18.47
N VAL A 101 -1.77 -4.03 17.71
CA VAL A 101 -3.07 -3.48 18.15
C VAL A 101 -3.75 -4.44 19.13
N ARG A 102 -4.12 -3.96 20.32
CA ARG A 102 -4.72 -4.79 21.40
C ARG A 102 -6.06 -4.24 21.93
N GLY A 103 -6.58 -3.10 21.42
CA GLY A 103 -7.86 -2.54 21.87
C GLY A 103 -8.54 -1.55 20.92
N HIS A 104 -9.80 -1.19 21.27
CA HIS A 104 -10.72 -0.40 20.45
C HIS A 104 -11.41 0.73 21.24
N MET B 1 19.73 -10.57 29.46
CA MET B 1 20.71 -10.10 30.46
C MET B 1 20.67 -8.58 30.59
N GLY B 2 20.79 -8.06 31.81
CA GLY B 2 20.74 -6.62 32.11
C GLY B 2 19.35 -6.02 31.90
N GLN B 3 19.27 -4.94 31.12
CA GLN B 3 18.01 -4.42 30.56
C GLN B 3 17.86 -4.83 29.09
N CYS B 4 16.74 -5.49 28.77
CA CYS B 4 16.48 -6.13 27.47
C CYS B 4 15.44 -5.37 26.63
N ARG B 5 15.49 -5.50 25.30
CA ARG B 5 14.44 -5.04 24.37
C ARG B 5 14.35 -5.90 23.11
N SER B 6 13.21 -5.83 22.42
CA SER B 6 13.00 -6.42 21.08
C SER B 6 12.08 -5.56 20.21
N ALA B 7 12.08 -5.81 18.90
CA ALA B 7 11.23 -5.15 17.90
C ALA B 7 10.92 -6.12 16.75
N ASN B 8 9.90 -5.84 15.94
CA ASN B 8 9.48 -6.70 14.81
C ASN B 8 9.61 -6.03 13.42
N ALA B 9 9.77 -4.71 13.35
CA ALA B 9 10.07 -3.96 12.11
C ALA B 9 10.92 -2.72 12.39
N GLU B 10 10.32 -1.59 12.78
CA GLU B 10 10.95 -0.33 13.19
C GLU B 10 11.87 0.36 12.16
N ASP B 11 13.07 -0.17 11.95
CA ASP B 11 14.04 0.31 10.93
C ASP B 11 13.83 -0.35 9.55
N ALA B 12 13.20 -1.53 9.51
CA ALA B 12 12.91 -2.30 8.29
C ALA B 12 14.16 -2.55 7.41
N GLN B 13 15.22 -3.09 8.03
CA GLN B 13 16.58 -3.02 7.53
C GLN B 13 17.02 -4.22 6.69
N GLU B 14 16.62 -5.40 7.14
CA GLU B 14 16.89 -6.69 6.51
C GLU B 14 15.79 -7.10 5.51
N PHE B 15 14.69 -6.33 5.48
CA PHE B 15 13.58 -6.51 4.55
C PHE B 15 14.01 -6.17 3.10
N SER B 16 13.56 -6.93 2.10
CA SER B 16 13.73 -6.57 0.69
C SER B 16 12.85 -5.38 0.33
N ASP B 17 13.14 -4.67 -0.77
CA ASP B 17 12.52 -3.38 -1.10
C ASP B 17 10.98 -3.39 -1.10
N VAL B 18 10.30 -4.46 -1.54
CA VAL B 18 8.83 -4.60 -1.44
C VAL B 18 8.33 -4.73 0.01
N GLU B 19 9.11 -5.37 0.89
CA GLU B 19 8.79 -5.60 2.31
C GLU B 19 9.11 -4.37 3.18
N ARG B 20 10.13 -3.56 2.85
CA ARG B 20 10.33 -2.21 3.43
C ARG B 20 9.45 -1.12 2.81
N ALA B 21 8.94 -1.30 1.59
CA ALA B 21 8.04 -0.34 0.94
C ALA B 21 6.73 -0.13 1.73
N ILE B 22 6.03 -1.21 2.10
CA ILE B 22 4.75 -1.18 2.85
C ILE B 22 4.98 -0.48 4.20
N GLU B 23 6.09 -0.80 4.87
CA GLU B 23 6.58 -0.14 6.08
C GLU B 23 6.81 1.35 5.93
N THR B 24 7.43 1.75 4.81
CA THR B 24 7.68 3.16 4.46
C THR B 24 6.38 3.96 4.37
N LEU B 25 5.29 3.38 3.83
CA LEU B 25 4.00 4.09 3.76
C LEU B 25 3.37 4.18 5.16
N ILE B 26 3.45 3.09 5.92
CA ILE B 26 3.09 3.01 7.33
C ILE B 26 3.75 4.16 8.08
N LYS B 27 5.09 4.23 8.12
CA LYS B 27 5.82 5.24 8.90
C LYS B 27 5.39 6.65 8.56
N ASN B 28 5.12 6.92 7.27
CA ASN B 28 4.69 8.24 6.84
C ASN B 28 3.23 8.60 7.17
N PHE B 29 2.34 7.64 7.37
CA PHE B 29 1.03 7.89 8.01
C PHE B 29 1.22 8.38 9.45
N HIS B 30 1.96 7.63 10.26
CA HIS B 30 2.15 7.96 11.68
C HIS B 30 2.90 9.29 11.86
N GLN B 31 3.91 9.58 11.03
CA GLN B 31 4.68 10.82 11.04
C GLN B 31 3.84 12.09 10.84
N TYR B 32 2.68 12.00 10.16
CA TYR B 32 1.72 13.11 9.99
C TYR B 32 0.46 12.99 10.84
N SER B 33 0.27 11.90 11.60
CA SER B 33 -0.78 11.76 12.62
C SER B 33 -0.39 12.51 13.91
N VAL B 34 -0.37 13.84 13.82
CA VAL B 34 0.04 14.76 14.90
C VAL B 34 -1.16 15.26 15.71
N GLU B 35 -2.25 15.62 15.03
CA GLU B 35 -3.55 15.95 15.64
C GLU B 35 -4.45 14.72 15.76
N GLY B 36 -4.34 13.74 14.86
CA GLY B 36 -4.76 12.35 15.10
C GLY B 36 -3.98 11.69 16.25
N GLY B 37 -4.48 10.58 16.80
CA GLY B 37 -3.94 9.96 18.03
C GLY B 37 -2.63 9.16 17.86
N LYS B 38 -1.77 9.53 16.89
CA LYS B 38 -0.75 8.70 16.22
C LYS B 38 -1.26 7.40 15.57
N GLU B 39 -2.57 7.18 15.60
CA GLU B 39 -3.27 5.99 15.09
C GLU B 39 -4.45 6.33 14.15
N THR B 40 -4.75 7.62 13.94
CA THR B 40 -5.87 8.13 13.10
C THR B 40 -5.40 9.32 12.23
N LEU B 41 -6.29 9.98 11.48
CA LEU B 41 -5.95 11.08 10.57
C LEU B 41 -7.02 12.17 10.65
N THR B 42 -6.64 13.45 10.55
CA THR B 42 -7.60 14.59 10.48
C THR B 42 -7.58 15.28 9.09
N PRO B 43 -8.70 15.85 8.60
CA PRO B 43 -8.77 16.39 7.23
C PRO B 43 -7.78 17.53 6.93
N SER B 44 -7.46 18.38 7.92
CA SER B 44 -6.46 19.45 7.73
C SER B 44 -5.03 18.90 7.58
N GLU B 45 -4.66 17.82 8.27
CA GLU B 45 -3.33 17.19 8.12
C GLU B 45 -3.23 16.26 6.89
N LEU B 46 -4.37 15.77 6.38
CA LEU B 46 -4.48 15.23 5.01
C LEU B 46 -4.02 16.26 3.98
N ARG B 47 -4.57 17.49 4.00
CA ARG B 47 -4.10 18.58 3.13
C ARG B 47 -2.62 18.90 3.37
N ASP B 48 -2.21 18.98 4.63
CA ASP B 48 -0.85 19.35 5.04
C ASP B 48 0.22 18.35 4.54
N LEU B 49 -0.01 17.03 4.62
CA LEU B 49 0.97 16.07 4.07
C LEU B 49 0.90 15.95 2.54
N VAL B 50 -0.29 15.97 1.93
CA VAL B 50 -0.44 15.66 0.50
C VAL B 50 0.27 16.70 -0.38
N THR B 51 0.10 18.00 -0.11
CA THR B 51 0.74 19.07 -0.89
C THR B 51 2.28 19.05 -0.80
N GLN B 52 2.84 18.45 0.27
CA GLN B 52 4.28 18.32 0.45
C GLN B 52 4.83 16.97 -0.09
N GLN B 53 4.09 15.87 0.07
CA GLN B 53 4.60 14.51 -0.11
C GLN B 53 4.11 13.76 -1.36
N LEU B 54 2.96 14.11 -1.95
CA LEU B 54 2.46 13.51 -3.20
C LEU B 54 2.27 14.56 -4.32
N PRO B 55 3.27 15.43 -4.63
CA PRO B 55 3.07 16.59 -5.48
C PRO B 55 2.90 16.24 -6.96
N HIS B 56 3.38 15.07 -7.43
CA HIS B 56 3.21 14.59 -8.80
C HIS B 56 1.88 13.85 -8.98
N LEU B 57 1.37 13.22 -7.91
CA LEU B 57 0.09 12.52 -7.91
C LEU B 57 -1.10 13.52 -7.82
N MET B 58 -1.08 14.43 -6.85
CA MET B 58 -2.23 15.25 -6.46
C MET B 58 -2.07 16.74 -6.79
N PRO B 59 -3.05 17.40 -7.45
CA PRO B 59 -3.07 18.85 -7.61
C PRO B 59 -3.77 19.59 -6.47
N SER B 60 -3.28 20.80 -6.22
CA SER B 60 -3.92 21.87 -5.45
C SER B 60 -5.20 22.40 -6.08
N ASN B 61 -6.00 23.13 -5.28
CA ASN B 61 -7.21 23.87 -5.68
C ASN B 61 -8.35 23.00 -6.27
N CYS B 62 -8.18 21.67 -6.24
CA CYS B 62 -9.09 20.67 -6.77
C CYS B 62 -8.91 19.30 -6.10
N GLY B 63 -7.71 18.73 -6.19
CA GLY B 63 -7.51 17.29 -6.03
C GLY B 63 -7.30 16.83 -4.60
N LEU B 64 -6.52 17.59 -3.82
CA LEU B 64 -6.17 17.19 -2.47
C LEU B 64 -7.27 17.51 -1.45
N GLU B 65 -8.16 18.46 -1.76
CA GLU B 65 -9.45 18.63 -1.07
C GLU B 65 -10.55 17.67 -1.56
N GLU B 66 -10.42 17.14 -2.77
CA GLU B 66 -11.34 16.16 -3.34
C GLU B 66 -11.20 14.82 -2.58
N LYS B 67 -10.08 14.60 -1.88
CA LYS B 67 -9.93 13.50 -0.93
C LYS B 67 -10.77 13.67 0.33
N ILE B 68 -10.88 14.89 0.87
CA ILE B 68 -11.80 15.21 1.98
C ILE B 68 -13.25 15.05 1.49
N ALA B 69 -13.54 15.50 0.27
CA ALA B 69 -14.85 15.31 -0.36
C ALA B 69 -15.18 13.82 -0.59
N ASN B 70 -14.19 12.96 -0.85
CA ASN B 70 -14.35 11.51 -1.02
C ASN B 70 -14.46 10.74 0.31
N LEU B 71 -13.76 11.14 1.39
CA LEU B 71 -13.89 10.53 2.73
C LEU B 71 -15.10 11.03 3.55
N GLY B 72 -15.65 12.18 3.15
CA GLY B 72 -16.79 12.86 3.77
C GLY B 72 -16.41 13.67 5.01
N SER B 73 -16.83 14.95 5.06
CA SER B 73 -16.43 15.95 6.08
C SER B 73 -17.10 15.75 7.46
N CYS B 74 -17.40 14.49 7.82
CA CYS B 74 -17.86 14.08 9.14
C CYS B 74 -16.73 14.11 10.18
N ASN B 75 -17.07 14.56 11.39
CA ASN B 75 -16.22 14.66 12.58
C ASN B 75 -16.66 13.70 13.70
N ASP B 76 -17.87 13.13 13.65
CA ASP B 76 -18.42 12.30 14.74
C ASP B 76 -17.79 10.91 14.81
N SER B 77 -17.75 10.18 13.69
CA SER B 77 -17.33 8.77 13.68
C SER B 77 -15.80 8.59 13.61
N LYS B 78 -15.09 9.61 13.13
CA LYS B 78 -13.63 9.76 13.06
C LYS B 78 -12.92 8.65 12.26
N LEU B 79 -11.61 8.77 12.10
CA LEU B 79 -10.79 7.84 11.29
C LEU B 79 -10.14 6.72 12.11
N GLU B 80 -9.67 5.69 11.41
CA GLU B 80 -8.70 4.70 11.88
C GLU B 80 -7.58 4.55 10.82
N PHE B 81 -6.52 3.81 11.15
CA PHE B 81 -5.32 3.59 10.33
C PHE B 81 -5.65 3.11 8.91
N ARG B 82 -6.56 2.14 8.75
CA ARG B 82 -6.95 1.61 7.42
C ARG B 82 -7.69 2.64 6.55
N SER B 83 -8.25 3.72 7.13
CA SER B 83 -8.95 4.76 6.36
C SER B 83 -8.01 5.62 5.49
N PHE B 84 -6.73 5.76 5.87
CA PHE B 84 -5.66 6.34 5.05
C PHE B 84 -5.12 5.33 4.01
N TRP B 85 -5.02 4.05 4.39
CA TRP B 85 -4.61 2.98 3.47
C TRP B 85 -5.55 2.85 2.25
N GLU B 86 -6.86 3.01 2.44
CA GLU B 86 -7.84 3.15 1.35
C GLU B 86 -7.48 4.27 0.35
N LEU B 87 -6.91 5.38 0.82
CA LEU B 87 -6.53 6.53 0.01
C LEU B 87 -5.17 6.33 -0.68
N ILE B 88 -4.30 5.48 -0.14
CA ILE B 88 -3.16 4.92 -0.91
C ILE B 88 -3.68 4.00 -2.03
N GLY B 89 -4.70 3.19 -1.76
CA GLY B 89 -5.39 2.39 -2.78
C GLY B 89 -5.94 3.25 -3.92
N GLU B 90 -6.49 4.43 -3.61
CA GLU B 90 -6.90 5.43 -4.59
C GLU B 90 -5.71 6.14 -5.26
N ALA B 91 -4.53 6.25 -4.61
CA ALA B 91 -3.32 6.73 -5.27
C ALA B 91 -2.86 5.74 -6.35
N ALA B 92 -2.82 4.43 -6.04
CA ALA B 92 -2.47 3.40 -7.01
C ALA B 92 -3.56 3.13 -8.07
N LYS B 93 -4.74 3.76 -7.97
CA LYS B 93 -5.65 3.92 -9.10
C LYS B 93 -4.99 4.70 -10.26
N SER B 94 -4.01 5.55 -9.94
CA SER B 94 -3.20 6.30 -10.91
C SER B 94 -1.73 5.86 -10.97
N VAL B 95 -1.03 5.66 -9.85
CA VAL B 95 0.37 5.17 -9.87
C VAL B 95 0.41 3.64 -9.87
N LYS B 96 0.51 3.09 -11.09
CA LYS B 96 0.57 1.66 -11.46
C LYS B 96 1.38 1.50 -12.76
N LEU B 97 1.45 0.31 -13.36
CA LEU B 97 2.07 0.07 -14.68
C LEU B 97 1.24 0.68 -15.83
N GLU B 98 1.16 2.01 -15.86
CA GLU B 98 0.71 2.90 -16.95
C GLU B 98 -0.73 2.75 -17.49
N ARG B 99 -1.17 1.55 -17.86
CA ARG B 99 -2.55 1.23 -18.29
C ARG B 99 -3.59 1.70 -17.27
N PRO B 100 -4.78 2.19 -17.67
CA PRO B 100 -5.80 2.68 -16.75
C PRO B 100 -6.56 1.54 -16.02
N VAL B 101 -7.11 1.86 -14.84
CA VAL B 101 -8.00 0.97 -14.04
C VAL B 101 -9.36 1.64 -13.85
N ARG B 102 -10.46 0.90 -14.07
CA ARG B 102 -11.84 1.40 -13.95
C ARG B 102 -12.84 0.46 -13.26
N GLY B 103 -12.48 -0.82 -13.04
CA GLY B 103 -13.39 -1.84 -12.50
C GLY B 103 -13.24 -2.13 -11.00
N HIS B 104 -14.36 -2.44 -10.35
CA HIS B 104 -14.45 -3.17 -9.07
C HIS B 104 -15.73 -4.01 -9.04
N MET A 1 8.73 -7.14 -30.60
CA MET A 1 7.64 -6.28 -30.08
C MET A 1 8.07 -5.50 -28.84
N GLY A 2 8.46 -6.16 -27.74
CA GLY A 2 8.60 -5.52 -26.43
C GLY A 2 10.01 -5.03 -26.02
N GLN A 3 10.07 -4.38 -24.85
CA GLN A 3 11.28 -4.08 -24.07
C GLN A 3 11.03 -4.37 -22.57
N CYS A 4 12.06 -4.75 -21.80
CA CYS A 4 11.87 -5.32 -20.45
C CYS A 4 13.07 -5.24 -19.49
N ARG A 5 14.32 -5.06 -19.98
CA ARG A 5 15.54 -5.25 -19.17
C ARG A 5 15.93 -4.04 -18.30
N SER A 6 15.38 -2.85 -18.54
CA SER A 6 15.61 -1.66 -17.69
C SER A 6 15.01 -1.81 -16.30
N ALA A 7 15.75 -1.37 -15.28
CA ALA A 7 15.35 -1.31 -13.88
C ALA A 7 15.69 0.07 -13.28
N ASN A 8 15.03 1.07 -13.88
CA ASN A 8 15.31 2.50 -13.75
C ASN A 8 14.09 3.30 -13.27
N ALA A 9 12.89 2.71 -13.27
CA ALA A 9 11.61 3.28 -12.79
C ALA A 9 10.99 2.50 -11.61
N GLU A 10 11.80 1.79 -10.82
CA GLU A 10 11.32 1.05 -9.63
C GLU A 10 11.00 1.97 -8.44
N ASP A 11 11.67 3.12 -8.38
CA ASP A 11 11.54 4.19 -7.38
C ASP A 11 11.06 5.53 -7.97
N ALA A 12 10.94 5.62 -9.30
CA ALA A 12 10.66 6.79 -10.15
C ALA A 12 11.63 8.00 -10.02
N GLN A 13 12.49 8.02 -9.00
CA GLN A 13 13.56 9.00 -8.69
C GLN A 13 13.12 10.44 -8.38
N GLU A 14 11.99 10.92 -8.89
CA GLU A 14 11.45 12.25 -8.54
C GLU A 14 10.64 12.24 -7.24
N PHE A 15 10.31 11.05 -6.74
CA PHE A 15 9.23 10.82 -5.77
C PHE A 15 9.78 10.74 -4.34
N SER A 16 9.09 11.36 -3.39
CA SER A 16 9.34 11.27 -1.95
C SER A 16 9.17 9.82 -1.46
N ASP A 17 9.73 9.47 -0.29
CA ASP A 17 9.81 8.09 0.20
C ASP A 17 8.46 7.33 0.20
N VAL A 18 7.34 8.00 0.49
CA VAL A 18 5.98 7.41 0.44
C VAL A 18 5.41 7.26 -0.98
N GLU A 19 5.78 8.16 -1.90
CA GLU A 19 5.27 8.21 -3.27
C GLU A 19 6.01 7.19 -4.15
N ARG A 20 7.30 6.94 -3.90
CA ARG A 20 8.02 5.78 -4.45
C ARG A 20 7.52 4.45 -3.87
N ALA A 21 7.09 4.41 -2.60
CA ALA A 21 6.73 3.16 -1.93
C ALA A 21 5.57 2.43 -2.64
N ILE A 22 4.46 3.13 -2.90
CA ILE A 22 3.25 2.62 -3.55
C ILE A 22 3.58 2.14 -4.96
N GLU A 23 4.44 2.87 -5.70
CA GLU A 23 4.93 2.42 -7.00
C GLU A 23 5.81 1.18 -6.93
N THR A 24 6.65 1.09 -5.92
CA THR A 24 7.48 -0.11 -5.67
C THR A 24 6.59 -1.34 -5.37
N LEU A 25 5.45 -1.16 -4.69
CA LEU A 25 4.50 -2.26 -4.48
C LEU A 25 3.83 -2.63 -5.81
N ILE A 26 3.43 -1.63 -6.59
CA ILE A 26 2.91 -1.78 -7.96
C ILE A 26 3.88 -2.60 -8.80
N LYS A 27 5.12 -2.13 -9.02
CA LYS A 27 6.11 -2.85 -9.84
C LYS A 27 6.27 -4.30 -9.39
N ASN A 28 6.16 -4.57 -8.10
CA ASN A 28 6.29 -5.93 -7.58
C ASN A 28 5.04 -6.82 -7.67
N PHE A 29 3.85 -6.26 -7.83
CA PHE A 29 2.68 -7.02 -8.30
C PHE A 29 2.88 -7.46 -9.77
N HIS A 30 3.05 -6.51 -10.69
CA HIS A 30 3.00 -6.82 -12.13
C HIS A 30 4.16 -7.72 -12.60
N GLN A 31 5.38 -7.57 -12.06
CA GLN A 31 6.48 -8.49 -12.37
C GLN A 31 6.31 -9.94 -11.84
N TYR A 32 5.37 -10.19 -10.92
CA TYR A 32 5.07 -11.55 -10.40
C TYR A 32 3.84 -12.20 -11.05
N SER A 33 2.91 -11.43 -11.60
CA SER A 33 1.74 -11.93 -12.35
C SER A 33 2.12 -12.59 -13.68
N VAL A 34 2.51 -13.87 -13.63
CA VAL A 34 2.90 -14.69 -14.79
C VAL A 34 1.76 -15.58 -15.30
N GLU A 35 1.01 -16.23 -14.41
CA GLU A 35 -0.01 -17.25 -14.74
C GLU A 35 -1.38 -16.62 -15.00
N GLY A 36 -1.65 -15.45 -14.40
CA GLY A 36 -2.87 -14.66 -14.61
C GLY A 36 -2.69 -13.55 -15.66
N GLY A 37 -3.76 -12.77 -15.87
CA GLY A 37 -3.69 -11.47 -16.55
C GLY A 37 -2.84 -10.48 -15.75
N LYS A 38 -2.21 -9.50 -16.42
CA LYS A 38 -1.13 -8.66 -15.85
C LYS A 38 -1.60 -7.44 -15.06
N GLU A 39 -2.92 -7.26 -14.95
CA GLU A 39 -3.61 -6.44 -13.94
C GLU A 39 -4.28 -7.33 -12.85
N THR A 40 -3.94 -8.63 -12.80
CA THR A 40 -4.46 -9.63 -11.85
C THR A 40 -3.31 -10.35 -11.11
N LEU A 41 -3.63 -11.29 -10.22
CA LEU A 41 -2.70 -12.20 -9.55
C LEU A 41 -3.27 -13.64 -9.62
N THR A 42 -2.48 -14.67 -9.32
CA THR A 42 -2.99 -16.04 -9.05
C THR A 42 -2.35 -16.63 -7.78
N PRO A 43 -3.02 -17.58 -7.10
CA PRO A 43 -2.49 -18.30 -5.95
C PRO A 43 -1.04 -18.81 -6.06
N SER A 44 -0.61 -19.29 -7.24
CA SER A 44 0.67 -19.99 -7.38
C SER A 44 1.89 -19.07 -7.33
N GLU A 45 1.82 -17.87 -7.92
CA GLU A 45 2.83 -16.81 -7.72
C GLU A 45 2.66 -16.06 -6.39
N LEU A 46 1.47 -16.09 -5.77
CA LEU A 46 1.24 -15.55 -4.42
C LEU A 46 2.13 -16.28 -3.39
N ARG A 47 2.11 -17.61 -3.38
CA ARG A 47 3.03 -18.42 -2.56
C ARG A 47 4.49 -18.39 -3.00
N ASP A 48 4.81 -17.88 -4.20
CA ASP A 48 6.20 -17.62 -4.64
C ASP A 48 6.75 -16.30 -4.11
N LEU A 49 6.08 -15.16 -4.36
CA LEU A 49 6.66 -13.85 -3.98
C LEU A 49 6.77 -13.66 -2.46
N VAL A 50 5.93 -14.33 -1.68
CA VAL A 50 5.99 -14.26 -0.22
C VAL A 50 7.27 -14.92 0.31
N THR A 51 7.71 -16.05 -0.28
CA THR A 51 8.94 -16.74 0.13
C THR A 51 10.22 -16.21 -0.53
N GLN A 52 10.08 -15.61 -1.72
CA GLN A 52 11.16 -14.84 -2.34
C GLN A 52 11.43 -13.54 -1.56
N GLN A 53 10.39 -12.73 -1.29
CA GLN A 53 10.54 -11.32 -0.92
C GLN A 53 10.14 -10.93 0.51
N LEU A 54 9.37 -11.74 1.25
CA LEU A 54 8.96 -11.43 2.64
C LEU A 54 9.53 -12.42 3.69
N PRO A 55 10.84 -12.75 3.72
CA PRO A 55 11.38 -13.74 4.66
C PRO A 55 11.45 -13.21 6.11
N HIS A 56 11.59 -11.91 6.32
CA HIS A 56 11.66 -11.30 7.66
C HIS A 56 10.26 -11.01 8.20
N LEU A 57 9.38 -10.49 7.35
CA LEU A 57 8.01 -10.11 7.71
C LEU A 57 7.04 -11.29 7.73
N MET A 58 7.18 -12.24 6.80
CA MET A 58 6.19 -13.30 6.56
C MET A 58 6.83 -14.68 6.25
N PRO A 59 7.70 -15.23 7.11
CA PRO A 59 8.28 -16.58 6.96
C PRO A 59 7.22 -17.69 7.06
N SER A 60 7.63 -18.95 6.85
CA SER A 60 6.78 -20.15 6.91
C SER A 60 5.90 -20.23 8.19
N ASN A 61 6.34 -19.66 9.32
CA ASN A 61 5.54 -19.47 10.54
C ASN A 61 4.16 -18.80 10.32
N CYS A 62 4.01 -17.92 9.33
CA CYS A 62 2.73 -17.31 8.95
C CYS A 62 1.84 -18.26 8.11
N GLY A 63 2.46 -19.18 7.36
CA GLY A 63 1.80 -19.99 6.35
C GLY A 63 1.69 -19.26 5.01
N LEU A 64 2.51 -19.62 4.03
CA LEU A 64 2.52 -18.99 2.70
C LEU A 64 1.35 -19.46 1.82
N GLU A 65 0.77 -20.62 2.12
CA GLU A 65 -0.52 -21.05 1.57
C GLU A 65 -1.72 -20.31 2.22
N GLU A 66 -1.56 -19.75 3.43
CA GLU A 66 -2.67 -19.09 4.14
C GLU A 66 -3.07 -17.80 3.40
N LYS A 67 -2.12 -17.19 2.72
CA LYS A 67 -2.35 -15.98 1.92
C LYS A 67 -3.13 -16.26 0.64
N ILE A 68 -3.25 -17.52 0.22
CA ILE A 68 -4.25 -17.96 -0.75
C ILE A 68 -5.58 -18.18 -0.03
N ALA A 69 -5.56 -18.97 1.05
CA ALA A 69 -6.75 -19.36 1.80
C ALA A 69 -7.59 -18.15 2.28
N ASN A 70 -6.95 -17.06 2.69
CA ASN A 70 -7.62 -15.85 3.22
C ASN A 70 -8.34 -15.01 2.15
N LEU A 71 -7.94 -15.09 0.87
CA LEU A 71 -8.67 -14.46 -0.24
C LEU A 71 -9.55 -15.42 -1.07
N GLY A 72 -9.26 -16.72 -1.07
CA GLY A 72 -10.00 -17.74 -1.81
C GLY A 72 -9.56 -17.87 -3.28
N SER A 73 -9.57 -19.12 -3.77
CA SER A 73 -9.01 -19.61 -5.03
C SER A 73 -9.80 -19.20 -6.30
N CYS A 74 -10.43 -18.03 -6.29
CA CYS A 74 -11.35 -17.52 -7.32
C CYS A 74 -10.67 -17.03 -8.62
N ASN A 75 -9.54 -17.63 -9.01
CA ASN A 75 -8.72 -17.21 -10.15
C ASN A 75 -9.49 -17.22 -11.49
N ASP A 76 -10.43 -18.15 -11.67
CA ASP A 76 -11.18 -18.26 -12.92
C ASP A 76 -12.23 -17.15 -13.12
N SER A 77 -12.60 -16.41 -12.06
CA SER A 77 -13.35 -15.14 -12.15
C SER A 77 -12.45 -13.89 -12.32
N LYS A 78 -11.12 -14.08 -12.35
CA LYS A 78 -10.05 -13.07 -12.45
C LYS A 78 -9.93 -12.16 -11.22
N LEU A 79 -8.73 -12.14 -10.63
CA LEU A 79 -8.34 -11.24 -9.53
C LEU A 79 -8.08 -9.81 -10.04
N GLU A 80 -7.84 -8.88 -9.13
CA GLU A 80 -7.40 -7.51 -9.41
C GLU A 80 -6.13 -7.15 -8.62
N PHE A 81 -5.51 -6.01 -8.93
CA PHE A 81 -4.56 -5.36 -8.03
C PHE A 81 -5.20 -5.13 -6.65
N ARG A 82 -6.50 -4.78 -6.61
CA ARG A 82 -7.34 -4.74 -5.40
C ARG A 82 -7.23 -6.03 -4.55
N SER A 83 -7.28 -7.21 -5.17
CA SER A 83 -7.22 -8.50 -4.49
C SER A 83 -5.88 -8.74 -3.77
N PHE A 84 -4.78 -8.25 -4.35
CA PHE A 84 -3.45 -8.30 -3.75
C PHE A 84 -3.27 -7.18 -2.71
N TRP A 85 -3.72 -5.96 -3.01
CA TRP A 85 -3.65 -4.79 -2.15
C TRP A 85 -4.39 -4.97 -0.82
N GLU A 86 -5.56 -5.61 -0.83
CA GLU A 86 -6.27 -6.00 0.40
C GLU A 86 -5.46 -6.95 1.31
N LEU A 87 -4.56 -7.75 0.72
CA LEU A 87 -3.62 -8.62 1.42
C LEU A 87 -2.27 -7.99 1.78
N ILE A 88 -1.81 -6.94 1.09
CA ILE A 88 -0.80 -6.03 1.66
C ILE A 88 -1.40 -5.36 2.92
N GLY A 89 -2.70 -5.08 2.90
CA GLY A 89 -3.47 -4.69 4.09
C GLY A 89 -3.40 -5.71 5.24
N GLU A 90 -3.20 -7.00 4.96
CA GLU A 90 -2.93 -8.04 5.95
C GLU A 90 -1.44 -8.14 6.33
N ALA A 91 -0.49 -7.88 5.41
CA ALA A 91 0.91 -7.64 5.77
C ALA A 91 1.04 -6.46 6.75
N ALA A 92 0.24 -5.40 6.59
CA ALA A 92 0.13 -4.25 7.49
C ALA A 92 -0.51 -4.57 8.86
N LYS A 93 -0.99 -5.80 9.10
CA LYS A 93 -1.33 -6.30 10.45
C LYS A 93 -0.15 -7.04 11.09
N SER A 94 0.77 -7.60 10.29
CA SER A 94 2.05 -8.17 10.74
C SER A 94 3.13 -7.10 10.97
N VAL A 95 3.04 -5.94 10.31
CA VAL A 95 3.81 -4.73 10.63
C VAL A 95 2.91 -3.50 10.77
N LYS A 96 2.58 -3.13 12.01
CA LYS A 96 1.83 -1.93 12.38
C LYS A 96 2.50 -1.21 13.56
N LEU A 97 2.21 0.08 13.75
CA LEU A 97 2.71 0.90 14.86
C LEU A 97 1.63 1.05 15.96
N GLU A 98 1.15 -0.09 16.48
CA GLU A 98 -0.03 -0.19 17.36
C GLU A 98 0.33 0.10 18.83
N ARG A 99 0.87 1.31 19.09
CA ARG A 99 1.16 1.84 20.43
C ARG A 99 -0.12 2.16 21.22
N PRO A 100 -1.08 2.96 20.71
CA PRO A 100 -2.43 2.98 21.25
C PRO A 100 -3.14 1.65 20.95
N VAL A 101 -4.01 1.21 21.85
CA VAL A 101 -4.76 -0.06 21.75
C VAL A 101 -6.25 0.21 21.90
N ARG A 102 -7.08 -0.60 21.21
CA ARG A 102 -8.54 -0.44 21.05
C ARG A 102 -9.33 -1.68 21.50
N GLY A 103 -8.71 -2.50 22.34
CA GLY A 103 -9.29 -3.74 22.90
C GLY A 103 -9.48 -4.89 21.90
N HIS A 104 -8.96 -4.77 20.67
CA HIS A 104 -9.17 -5.71 19.57
C HIS A 104 -7.88 -6.06 18.80
N MET B 1 9.26 13.78 26.65
CA MET B 1 9.39 12.30 26.69
C MET B 1 10.36 11.82 25.63
N GLY B 2 10.02 11.89 24.33
CA GLY B 2 11.01 11.73 23.25
C GLY B 2 12.01 12.89 23.23
N GLN B 3 13.24 12.65 22.74
CA GLN B 3 14.32 13.65 22.72
C GLN B 3 15.25 13.63 21.50
N CYS B 4 15.21 12.61 20.64
CA CYS B 4 16.13 12.44 19.51
C CYS B 4 15.51 11.72 18.30
N ARG B 5 16.24 11.72 17.16
CA ARG B 5 15.83 11.09 15.88
C ARG B 5 16.99 10.29 15.26
N SER B 6 16.67 9.18 14.59
CA SER B 6 17.64 8.40 13.79
C SER B 6 16.94 7.54 12.72
N ALA B 7 17.49 7.51 11.50
CA ALA B 7 16.93 6.80 10.35
C ALA B 7 17.72 5.55 9.90
N ASN B 8 18.63 5.05 10.74
CA ASN B 8 19.46 3.86 10.47
C ASN B 8 18.65 2.58 10.17
N ALA B 9 17.37 2.54 10.54
CA ALA B 9 16.44 1.43 10.31
C ALA B 9 15.12 1.82 9.59
N GLU B 10 15.01 3.02 8.98
CA GLU B 10 13.77 3.50 8.33
C GLU B 10 13.59 3.00 6.88
N ASP B 11 14.68 2.60 6.22
CA ASP B 11 14.72 1.71 5.05
C ASP B 11 15.36 0.35 5.39
N ALA B 12 16.21 0.30 6.43
CA ALA B 12 16.91 -0.85 7.03
C ALA B 12 17.89 -1.62 6.12
N GLN B 13 17.57 -1.83 4.84
CA GLN B 13 18.30 -2.58 3.82
C GLN B 13 18.59 -4.07 4.10
N GLU B 14 18.22 -4.59 5.28
CA GLU B 14 18.15 -6.04 5.54
C GLU B 14 17.04 -6.72 4.70
N PHE B 15 16.02 -5.94 4.38
CA PHE B 15 14.79 -6.32 3.67
C PHE B 15 14.94 -6.22 2.14
N SER B 16 14.04 -6.89 1.39
CA SER B 16 13.82 -6.63 -0.04
C SER B 16 13.18 -5.24 -0.24
N ASP B 17 13.22 -4.68 -1.46
CA ASP B 17 12.69 -3.34 -1.73
C ASP B 17 11.20 -3.23 -1.37
N VAL B 18 10.41 -4.27 -1.69
CA VAL B 18 8.98 -4.36 -1.34
C VAL B 18 8.76 -4.52 0.17
N GLU B 19 9.62 -5.28 0.86
CA GLU B 19 9.52 -5.56 2.29
C GLU B 19 9.87 -4.32 3.15
N ARG B 20 10.76 -3.43 2.68
CA ARG B 20 10.89 -2.08 3.26
C ARG B 20 9.85 -1.08 2.73
N ALA B 21 9.35 -1.22 1.50
CA ALA B 21 8.38 -0.26 0.94
C ALA B 21 7.03 -0.31 1.65
N ILE B 22 6.48 -1.50 1.98
CA ILE B 22 5.20 -1.61 2.71
C ILE B 22 5.32 -0.87 4.05
N GLU B 23 6.44 -1.07 4.75
CA GLU B 23 6.77 -0.39 5.99
C GLU B 23 6.86 1.13 5.84
N THR B 24 7.40 1.58 4.72
CA THR B 24 7.68 3.00 4.44
C THR B 24 6.36 3.76 4.31
N LEU B 25 5.34 3.15 3.69
CA LEU B 25 4.02 3.76 3.64
C LEU B 25 3.12 3.48 4.86
N ILE B 26 3.29 2.34 5.57
CA ILE B 26 2.57 2.09 6.84
C ILE B 26 2.99 3.14 7.89
N LYS B 27 4.30 3.40 8.03
CA LYS B 27 4.86 4.47 8.87
C LYS B 27 4.26 5.84 8.57
N ASN B 28 3.88 6.09 7.31
CA ASN B 28 3.40 7.41 6.89
C ASN B 28 1.96 7.73 7.33
N PHE B 29 1.12 6.73 7.64
CA PHE B 29 -0.15 6.95 8.33
C PHE B 29 0.09 7.52 9.74
N HIS B 30 0.87 6.79 10.55
CA HIS B 30 1.02 7.09 11.98
C HIS B 30 1.81 8.39 12.24
N GLN B 31 2.93 8.63 11.53
CA GLN B 31 3.77 9.80 11.79
C GLN B 31 3.09 11.14 11.44
N TYR B 32 2.21 11.16 10.43
CA TYR B 32 1.48 12.37 10.05
C TYR B 32 0.31 12.68 10.96
N SER B 33 -0.24 11.67 11.65
CA SER B 33 -1.30 11.85 12.65
C SER B 33 -0.75 12.47 13.93
N VAL B 34 -0.72 13.81 13.96
CA VAL B 34 -0.44 14.61 15.16
C VAL B 34 -1.73 15.08 15.83
N GLU B 35 -2.79 15.33 15.06
CA GLU B 35 -4.09 15.80 15.53
C GLU B 35 -5.07 14.65 15.81
N GLY B 36 -4.82 13.47 15.23
CA GLY B 36 -5.45 12.22 15.67
C GLY B 36 -4.66 11.54 16.80
N GLY B 37 -5.33 10.71 17.59
CA GLY B 37 -4.63 9.62 18.28
C GLY B 37 -4.10 8.61 17.26
N LYS B 38 -2.96 7.97 17.50
CA LYS B 38 -2.12 7.37 16.44
C LYS B 38 -2.64 6.05 15.80
N GLU B 39 -3.86 5.62 16.13
CA GLU B 39 -4.64 4.64 15.33
C GLU B 39 -5.59 5.32 14.32
N THR B 40 -5.59 6.66 14.25
CA THR B 40 -6.48 7.50 13.42
C THR B 40 -5.71 8.51 12.57
N LEU B 41 -6.42 9.26 11.72
CA LEU B 41 -5.91 10.31 10.82
C LEU B 41 -6.85 11.54 10.93
N THR B 42 -6.50 12.72 10.41
CA THR B 42 -7.48 13.84 10.25
C THR B 42 -7.30 14.60 8.92
N PRO B 43 -8.34 15.29 8.41
CA PRO B 43 -8.25 16.17 7.23
C PRO B 43 -7.04 17.13 7.20
N SER B 44 -6.67 17.74 8.34
CA SER B 44 -5.55 18.70 8.41
C SER B 44 -4.17 18.10 8.14
N GLU B 45 -3.92 16.82 8.46
CA GLU B 45 -2.72 16.09 8.01
C GLU B 45 -2.91 15.41 6.64
N LEU B 46 -4.15 15.12 6.22
CA LEU B 46 -4.46 14.66 4.86
C LEU B 46 -3.99 15.70 3.82
N ARG B 47 -4.41 16.97 3.94
CA ARG B 47 -3.91 18.01 3.00
C ARG B 47 -2.44 18.38 3.19
N ASP B 48 -1.81 18.04 4.32
CA ASP B 48 -0.38 18.27 4.54
C ASP B 48 0.52 17.22 3.88
N LEU B 49 0.29 15.91 4.07
CA LEU B 49 1.14 14.91 3.41
C LEU B 49 0.95 14.89 1.89
N VAL B 50 -0.21 15.34 1.38
CA VAL B 50 -0.42 15.43 -0.06
C VAL B 50 0.41 16.57 -0.69
N THR B 51 0.49 17.75 -0.06
CA THR B 51 1.36 18.85 -0.55
C THR B 51 2.83 18.60 -0.27
N GLN B 52 3.19 17.92 0.82
CA GLN B 52 4.58 17.56 1.10
C GLN B 52 5.11 16.46 0.18
N GLN B 53 4.29 15.44 -0.13
CA GLN B 53 4.80 14.15 -0.63
C GLN B 53 4.17 13.63 -1.93
N LEU B 54 2.97 14.07 -2.34
CA LEU B 54 2.26 13.53 -3.52
C LEU B 54 2.07 14.54 -4.69
N PRO B 55 3.10 15.26 -5.18
CA PRO B 55 2.94 16.21 -6.29
C PRO B 55 2.73 15.53 -7.65
N HIS B 56 3.19 14.30 -7.84
CA HIS B 56 2.99 13.54 -9.09
C HIS B 56 1.65 12.78 -9.09
N LEU B 57 1.19 12.39 -7.89
CA LEU B 57 -0.09 11.69 -7.69
C LEU B 57 -1.30 12.62 -7.56
N MET B 58 -1.20 13.71 -6.78
CA MET B 58 -2.35 14.55 -6.37
C MET B 58 -1.96 16.04 -6.27
N PRO B 59 -1.70 16.73 -7.41
CA PRO B 59 -1.50 18.18 -7.43
C PRO B 59 -2.80 18.99 -7.31
N SER B 60 -2.67 20.31 -7.13
CA SER B 60 -3.77 21.30 -7.13
C SER B 60 -4.68 21.21 -8.36
N ASN B 61 -4.18 20.76 -9.51
CA ASN B 61 -4.98 20.51 -10.72
C ASN B 61 -6.07 19.42 -10.52
N CYS B 62 -5.87 18.47 -9.60
CA CYS B 62 -6.92 17.59 -9.10
C CYS B 62 -7.64 18.18 -7.87
N GLY B 63 -6.91 18.94 -7.06
CA GLY B 63 -7.35 19.49 -5.78
C GLY B 63 -7.02 18.53 -4.64
N LEU B 64 -6.13 18.95 -3.74
CA LEU B 64 -5.76 18.20 -2.54
C LEU B 64 -6.71 18.48 -1.35
N GLU B 65 -7.42 19.62 -1.34
CA GLU B 65 -8.59 19.80 -0.48
C GLU B 65 -9.78 18.90 -0.93
N GLU B 66 -9.78 18.44 -2.18
CA GLU B 66 -10.89 17.66 -2.76
C GLU B 66 -10.98 16.28 -2.12
N LYS B 67 -9.85 15.74 -1.67
CA LYS B 67 -9.77 14.46 -0.95
C LYS B 67 -10.46 14.51 0.43
N ILE B 68 -10.52 15.70 1.05
CA ILE B 68 -11.30 15.99 2.26
C ILE B 68 -12.77 16.21 1.87
N ALA B 69 -13.04 16.98 0.82
CA ALA B 69 -14.40 17.27 0.36
C ALA B 69 -15.18 16.01 -0.06
N ASN B 70 -14.49 14.99 -0.58
CA ASN B 70 -15.06 13.73 -1.07
C ASN B 70 -15.27 12.64 0.00
N LEU B 71 -14.69 12.76 1.21
CA LEU B 71 -14.72 11.67 2.21
C LEU B 71 -15.96 11.63 3.12
N GLY B 72 -16.69 12.75 3.23
CA GLY B 72 -17.98 12.85 3.92
C GLY B 72 -17.91 12.66 5.44
N SER B 73 -18.97 12.11 6.03
CA SER B 73 -19.15 11.95 7.49
C SER B 73 -18.33 10.81 8.09
N CYS B 74 -17.01 10.82 7.93
CA CYS B 74 -16.09 9.75 8.33
C CYS B 74 -15.04 10.14 9.39
N ASN B 75 -15.07 11.37 9.92
CA ASN B 75 -14.06 11.89 10.84
C ASN B 75 -14.56 12.05 12.30
N ASP B 76 -15.86 12.17 12.54
CA ASP B 76 -16.41 12.20 13.90
C ASP B 76 -16.39 10.82 14.56
N SER B 77 -16.69 9.76 13.80
CA SER B 77 -16.48 8.35 14.17
C SER B 77 -15.02 7.90 14.00
N LYS B 78 -14.12 8.88 13.81
CA LYS B 78 -12.66 8.86 13.60
C LYS B 78 -12.18 8.03 12.42
N LEU B 79 -11.26 8.60 11.64
CA LEU B 79 -10.58 7.90 10.54
C LEU B 79 -9.72 6.76 11.08
N GLU B 80 -9.47 5.74 10.26
CA GLU B 80 -8.69 4.56 10.62
C GLU B 80 -7.63 4.26 9.54
N PHE B 81 -6.72 3.31 9.80
CA PHE B 81 -5.73 2.90 8.81
C PHE B 81 -6.41 2.45 7.50
N ARG B 82 -7.50 1.67 7.61
CA ARG B 82 -8.36 1.28 6.48
C ARG B 82 -8.88 2.49 5.69
N SER B 83 -9.32 3.56 6.37
CA SER B 83 -9.81 4.79 5.73
C SER B 83 -8.74 5.50 4.88
N PHE B 84 -7.49 5.55 5.36
CA PHE B 84 -6.33 6.07 4.62
C PHE B 84 -5.93 5.14 3.46
N TRP B 85 -5.93 3.84 3.72
CA TRP B 85 -5.51 2.78 2.81
C TRP B 85 -6.41 2.63 1.58
N GLU B 86 -7.73 2.84 1.73
CA GLU B 86 -8.66 2.94 0.60
C GLU B 86 -8.39 4.16 -0.29
N LEU B 87 -7.83 5.25 0.26
CA LEU B 87 -7.37 6.41 -0.54
C LEU B 87 -6.05 6.13 -1.28
N ILE B 88 -5.16 5.32 -0.71
CA ILE B 88 -4.03 4.76 -1.48
C ILE B 88 -4.55 3.86 -2.61
N GLY B 89 -5.67 3.17 -2.36
CA GLY B 89 -6.46 2.47 -3.38
C GLY B 89 -6.83 3.35 -4.58
N GLU B 90 -7.14 4.65 -4.37
CA GLU B 90 -7.38 5.62 -5.43
C GLU B 90 -6.07 6.20 -6.02
N ALA B 91 -4.99 6.36 -5.23
CA ALA B 91 -3.66 6.60 -5.79
C ALA B 91 -3.29 5.52 -6.84
N ALA B 92 -3.50 4.23 -6.51
CA ALA B 92 -3.28 3.10 -7.41
C ALA B 92 -4.35 2.93 -8.53
N LYS B 93 -5.46 3.68 -8.49
CA LYS B 93 -6.35 3.87 -9.67
C LYS B 93 -5.89 5.03 -10.56
N SER B 94 -5.13 5.97 -10.00
CA SER B 94 -4.63 7.19 -10.65
C SER B 94 -3.25 7.02 -11.30
N VAL B 95 -2.48 6.01 -10.90
CA VAL B 95 -1.27 5.53 -11.61
C VAL B 95 -1.14 4.02 -11.55
N LYS B 96 -0.97 3.37 -12.71
CA LYS B 96 -0.68 1.93 -12.87
C LYS B 96 0.22 1.63 -14.08
N LEU B 97 0.79 0.44 -14.04
CA LEU B 97 1.70 -0.12 -15.04
C LEU B 97 0.97 -0.40 -16.37
N GLU B 98 1.48 0.15 -17.47
CA GLU B 98 0.75 0.26 -18.77
C GLU B 98 0.95 -0.92 -19.74
N ARG B 99 1.74 -1.93 -19.35
CA ARG B 99 2.07 -3.12 -20.17
C ARG B 99 0.83 -3.91 -20.63
N PRO B 100 -0.18 -4.22 -19.79
CA PRO B 100 -1.49 -4.66 -20.26
C PRO B 100 -2.24 -3.48 -20.90
N VAL B 101 -2.38 -3.48 -22.23
CA VAL B 101 -2.99 -2.40 -23.03
C VAL B 101 -4.51 -2.41 -22.90
N ARG B 102 -5.08 -1.26 -22.52
CA ARG B 102 -6.54 -1.01 -22.42
C ARG B 102 -7.13 -0.48 -23.74
N GLY B 103 -6.27 0.08 -24.59
CA GLY B 103 -6.56 0.52 -25.96
C GLY B 103 -6.28 2.01 -26.22
N HIS B 104 -6.28 2.82 -25.14
CA HIS B 104 -5.95 4.26 -25.16
C HIS B 104 -4.47 4.55 -24.92
N MET A 1 5.51 4.59 -21.86
CA MET A 1 4.79 5.78 -22.34
C MET A 1 4.66 5.71 -23.85
N GLY A 2 3.46 5.89 -24.40
CA GLY A 2 3.18 5.63 -25.82
C GLY A 2 3.54 4.18 -26.18
N GLN A 3 4.64 4.00 -26.93
CA GLN A 3 5.24 2.70 -27.26
C GLN A 3 6.75 2.65 -26.92
N CYS A 4 7.15 3.43 -25.91
CA CYS A 4 8.54 3.77 -25.56
C CYS A 4 8.82 3.64 -24.04
N ARG A 5 10.11 3.49 -23.69
CA ARG A 5 10.61 3.34 -22.31
C ARG A 5 10.25 4.52 -21.40
N SER A 6 9.73 4.23 -20.22
CA SER A 6 9.31 5.22 -19.21
C SER A 6 10.36 5.38 -18.11
N ALA A 7 11.66 5.48 -18.44
CA ALA A 7 12.74 5.27 -17.48
C ALA A 7 12.67 6.14 -16.22
N ASN A 8 12.26 7.41 -16.32
CA ASN A 8 12.05 8.30 -15.17
C ASN A 8 10.95 7.78 -14.20
N ALA A 9 9.93 7.09 -14.73
CA ALA A 9 8.84 6.45 -13.97
C ALA A 9 9.02 4.93 -13.76
N GLU A 10 10.11 4.34 -14.28
CA GLU A 10 10.55 2.94 -14.00
C GLU A 10 11.70 2.88 -12.99
N ASP A 11 12.44 3.96 -12.82
CA ASP A 11 13.48 4.15 -11.80
C ASP A 11 12.88 4.60 -10.44
N ALA A 12 11.70 5.20 -10.48
CA ALA A 12 10.82 5.55 -9.35
C ALA A 12 11.55 6.10 -8.11
N GLN A 13 12.40 7.11 -8.29
CA GLN A 13 13.31 7.62 -7.26
C GLN A 13 13.47 9.15 -7.26
N GLU A 14 13.02 9.87 -8.30
CA GLU A 14 12.85 11.35 -8.24
C GLU A 14 11.64 11.78 -7.39
N PHE A 15 10.82 10.80 -6.99
CA PHE A 15 9.67 10.91 -6.08
C PHE A 15 10.07 11.04 -4.61
N SER A 16 9.17 11.53 -3.77
CA SER A 16 9.35 11.53 -2.30
C SER A 16 9.40 10.10 -1.75
N ASP A 17 10.00 9.88 -0.57
CA ASP A 17 10.26 8.52 -0.06
C ASP A 17 8.99 7.69 0.21
N VAL A 18 7.86 8.32 0.53
CA VAL A 18 6.54 7.64 0.63
C VAL A 18 5.89 7.43 -0.74
N GLU A 19 6.01 8.44 -1.62
CA GLU A 19 5.49 8.43 -2.99
C GLU A 19 6.11 7.30 -3.84
N ARG A 20 7.43 7.08 -3.74
CA ARG A 20 8.06 5.89 -4.36
C ARG A 20 7.73 4.58 -3.68
N ALA A 21 7.44 4.57 -2.37
CA ALA A 21 7.14 3.34 -1.65
C ALA A 21 5.88 2.64 -2.22
N ILE A 22 4.81 3.42 -2.47
CA ILE A 22 3.52 2.92 -2.99
C ILE A 22 3.72 2.32 -4.39
N GLU A 23 4.49 2.99 -5.24
CA GLU A 23 4.77 2.50 -6.60
C GLU A 23 5.70 1.27 -6.60
N THR A 24 6.70 1.24 -5.72
CA THR A 24 7.74 0.20 -5.69
C THR A 24 7.15 -1.14 -5.25
N LEU A 25 6.20 -1.09 -4.32
CA LEU A 25 5.53 -2.28 -3.83
C LEU A 25 4.51 -2.83 -4.83
N ILE A 26 3.83 -1.95 -5.58
CA ILE A 26 2.78 -2.36 -6.52
C ILE A 26 3.32 -2.78 -7.90
N LYS A 27 4.46 -2.23 -8.35
CA LYS A 27 5.16 -2.73 -9.54
C LYS A 27 5.51 -4.22 -9.44
N ASN A 28 5.69 -4.73 -8.22
CA ASN A 28 5.98 -6.14 -7.96
C ASN A 28 4.80 -7.09 -8.29
N PHE A 29 3.55 -6.62 -8.30
CA PHE A 29 2.39 -7.40 -8.78
C PHE A 29 2.55 -7.78 -10.26
N HIS A 30 2.87 -6.77 -11.10
CA HIS A 30 3.00 -6.94 -12.55
C HIS A 30 4.33 -7.60 -12.96
N GLN A 31 5.36 -7.55 -12.09
CA GLN A 31 6.55 -8.39 -12.19
C GLN A 31 6.23 -9.88 -11.96
N TYR A 32 5.53 -10.21 -10.87
CA TYR A 32 5.27 -11.60 -10.47
C TYR A 32 4.13 -12.31 -11.22
N SER A 33 3.17 -11.59 -11.80
CA SER A 33 2.14 -12.17 -12.68
C SER A 33 2.76 -12.63 -14.01
N VAL A 34 3.23 -13.89 -14.08
CA VAL A 34 3.61 -14.57 -15.34
C VAL A 34 2.54 -15.54 -15.86
N GLU A 35 1.86 -16.29 -14.99
CA GLU A 35 0.73 -17.19 -15.36
C GLU A 35 -0.65 -16.54 -15.15
N GLY A 36 -0.71 -15.38 -14.49
CA GLY A 36 -1.81 -14.42 -14.59
C GLY A 36 -1.70 -13.53 -15.83
N GLY A 37 -2.77 -12.77 -16.10
CA GLY A 37 -2.87 -11.86 -17.25
C GLY A 37 -2.38 -10.43 -16.97
N LYS A 38 -1.42 -10.25 -16.05
CA LYS A 38 -0.92 -8.97 -15.50
C LYS A 38 -1.95 -8.01 -14.86
N GLU A 39 -3.25 -8.26 -15.00
CA GLU A 39 -4.35 -7.73 -14.16
C GLU A 39 -4.82 -8.72 -13.09
N THR A 40 -4.32 -9.98 -13.16
CA THR A 40 -4.66 -11.11 -12.30
C THR A 40 -3.39 -11.80 -11.75
N LEU A 41 -3.52 -12.64 -10.72
CA LEU A 41 -2.40 -13.11 -9.89
C LEU A 41 -2.68 -14.54 -9.41
N THR A 42 -1.89 -15.53 -9.83
CA THR A 42 -2.22 -16.96 -9.60
C THR A 42 -1.62 -17.53 -8.30
N PRO A 43 -2.26 -18.52 -7.64
CA PRO A 43 -1.79 -19.10 -6.38
C PRO A 43 -0.30 -19.52 -6.33
N SER A 44 0.24 -20.14 -7.39
CA SER A 44 1.66 -20.55 -7.41
C SER A 44 2.65 -19.39 -7.44
N GLU A 45 2.35 -18.28 -8.12
CA GLU A 45 3.22 -17.08 -8.11
C GLU A 45 2.95 -16.17 -6.90
N LEU A 46 1.77 -16.26 -6.28
CA LEU A 46 1.49 -15.73 -4.94
C LEU A 46 2.39 -16.43 -3.90
N ARG A 47 2.47 -17.77 -3.90
CA ARG A 47 3.39 -18.49 -2.99
C ARG A 47 4.86 -18.12 -3.26
N ASP A 48 5.24 -17.95 -4.53
CA ASP A 48 6.59 -17.54 -4.95
C ASP A 48 6.99 -16.16 -4.40
N LEU A 49 6.20 -15.09 -4.61
CA LEU A 49 6.57 -13.78 -4.06
C LEU A 49 6.47 -13.74 -2.53
N VAL A 50 5.63 -14.55 -1.90
CA VAL A 50 5.60 -14.58 -0.44
C VAL A 50 6.87 -15.26 0.10
N THR A 51 7.32 -16.40 -0.45
CA THR A 51 8.50 -17.11 0.07
C THR A 51 9.83 -16.47 -0.33
N GLN A 52 9.94 -15.83 -1.50
CA GLN A 52 11.15 -15.14 -1.95
C GLN A 52 11.18 -13.64 -1.58
N GLN A 53 10.01 -13.00 -1.44
CA GLN A 53 9.89 -11.54 -1.29
C GLN A 53 9.06 -11.07 -0.06
N LEU A 54 8.44 -11.95 0.74
CA LEU A 54 8.05 -11.68 2.14
C LEU A 54 8.59 -12.75 3.14
N PRO A 55 9.88 -13.14 3.11
CA PRO A 55 10.41 -14.24 3.93
C PRO A 55 10.42 -13.96 5.43
N HIS A 56 10.63 -12.70 5.84
CA HIS A 56 10.68 -12.29 7.24
C HIS A 56 9.25 -12.04 7.78
N LEU A 57 8.35 -11.51 6.94
CA LEU A 57 6.97 -11.18 7.31
C LEU A 57 6.09 -12.44 7.52
N MET A 58 6.23 -13.45 6.65
CA MET A 58 5.40 -14.67 6.68
C MET A 58 6.24 -15.95 6.89
N PRO A 59 5.76 -16.93 7.70
CA PRO A 59 6.45 -18.20 7.92
C PRO A 59 6.38 -19.17 6.72
N SER A 60 7.17 -20.24 6.80
CA SER A 60 7.18 -21.37 5.86
C SER A 60 5.94 -22.26 5.96
N ASN A 61 5.59 -22.94 4.86
CA ASN A 61 4.36 -23.73 4.64
C ASN A 61 3.07 -22.90 4.81
N CYS A 62 2.78 -22.49 6.04
CA CYS A 62 1.60 -21.77 6.50
C CYS A 62 1.45 -20.40 5.84
N GLY A 63 2.47 -19.56 6.03
CA GLY A 63 2.39 -18.11 5.79
C GLY A 63 2.25 -17.72 4.32
N LEU A 64 2.65 -18.63 3.43
CA LEU A 64 2.56 -18.46 1.99
C LEU A 64 1.25 -18.99 1.40
N GLU A 65 0.60 -20.01 1.97
CA GLU A 65 -0.73 -20.45 1.51
C GLU A 65 -1.94 -19.74 2.13
N GLU A 66 -1.81 -19.11 3.31
CA GLU A 66 -2.94 -18.46 3.97
C GLU A 66 -3.43 -17.25 3.15
N LYS A 67 -2.52 -16.64 2.39
CA LYS A 67 -2.81 -15.53 1.47
C LYS A 67 -3.62 -15.99 0.24
N ILE A 68 -3.57 -17.28 -0.13
CA ILE A 68 -4.43 -17.91 -1.13
C ILE A 68 -5.79 -18.22 -0.50
N ALA A 69 -5.79 -18.81 0.70
CA ALA A 69 -7.02 -19.10 1.45
C ALA A 69 -7.86 -17.84 1.71
N ASN A 70 -7.21 -16.69 1.88
CA ASN A 70 -7.87 -15.39 2.14
C ASN A 70 -8.37 -14.68 0.86
N LEU A 71 -7.90 -15.04 -0.35
CA LEU A 71 -8.51 -14.58 -1.62
C LEU A 71 -9.52 -15.56 -2.25
N GLY A 72 -9.53 -16.82 -1.82
CA GLY A 72 -10.47 -17.85 -2.23
C GLY A 72 -10.24 -18.33 -3.67
N SER A 73 -9.24 -19.19 -3.88
CA SER A 73 -8.82 -19.64 -5.23
C SER A 73 -9.92 -20.30 -6.08
N CYS A 74 -10.92 -20.93 -5.44
CA CYS A 74 -12.03 -21.61 -6.13
C CYS A 74 -13.20 -20.68 -6.48
N ASN A 75 -13.18 -19.42 -6.02
CA ASN A 75 -14.24 -18.44 -6.27
C ASN A 75 -14.36 -18.11 -7.77
N ASP A 76 -15.58 -18.19 -8.33
CA ASP A 76 -15.87 -17.88 -9.74
C ASP A 76 -15.93 -16.35 -10.01
N SER A 77 -16.02 -15.53 -8.97
CA SER A 77 -15.74 -14.08 -9.03
C SER A 77 -14.23 -13.76 -8.92
N LYS A 78 -13.38 -14.80 -8.83
CA LYS A 78 -11.93 -14.80 -9.05
C LYS A 78 -11.15 -13.73 -8.27
N LEU A 79 -9.99 -13.34 -8.80
CA LEU A 79 -9.06 -12.35 -8.23
C LEU A 79 -8.61 -11.33 -9.29
N GLU A 80 -8.22 -10.15 -8.82
CA GLU A 80 -7.77 -9.01 -9.62
C GLU A 80 -6.76 -8.19 -8.80
N PHE A 81 -6.23 -7.10 -9.37
CA PHE A 81 -5.30 -6.16 -8.72
C PHE A 81 -5.72 -5.76 -7.28
N ARG A 82 -7.00 -5.44 -7.05
CA ARG A 82 -7.49 -5.13 -5.68
C ARG A 82 -7.36 -6.31 -4.71
N SER A 83 -7.60 -7.55 -5.15
CA SER A 83 -7.57 -8.72 -4.25
C SER A 83 -6.15 -9.04 -3.76
N PHE A 84 -5.11 -8.74 -4.54
CA PHE A 84 -3.72 -8.71 -4.05
C PHE A 84 -3.49 -7.58 -3.05
N TRP A 85 -3.94 -6.36 -3.36
CA TRP A 85 -3.81 -5.17 -2.49
C TRP A 85 -4.46 -5.40 -1.10
N GLU A 86 -5.60 -6.08 -1.04
CA GLU A 86 -6.24 -6.48 0.22
C GLU A 86 -5.34 -7.32 1.14
N LEU A 87 -4.45 -8.12 0.57
CA LEU A 87 -3.53 -9.01 1.30
C LEU A 87 -2.30 -8.27 1.81
N ILE A 88 -1.98 -7.12 1.20
CA ILE A 88 -1.03 -6.12 1.71
C ILE A 88 -1.67 -5.30 2.84
N GLY A 89 -2.96 -4.94 2.72
CA GLY A 89 -3.72 -4.34 3.83
C GLY A 89 -3.81 -5.27 5.05
N GLU A 90 -3.88 -6.59 4.82
CA GLU A 90 -3.74 -7.63 5.83
C GLU A 90 -2.30 -7.71 6.40
N ALA A 91 -1.25 -7.53 5.58
CA ALA A 91 0.13 -7.35 6.08
C ALA A 91 0.27 -6.09 6.97
N ALA A 92 -0.44 -5.00 6.69
CA ALA A 92 -0.40 -3.78 7.52
C ALA A 92 -1.01 -3.95 8.92
N LYS A 93 -1.82 -5.00 9.16
CA LYS A 93 -2.22 -5.40 10.53
C LYS A 93 -1.05 -5.94 11.36
N SER A 94 0.14 -6.05 10.76
CA SER A 94 1.41 -6.48 11.37
C SER A 94 2.52 -5.41 11.30
N VAL A 95 2.22 -4.16 10.92
CA VAL A 95 3.19 -3.04 10.94
C VAL A 95 2.51 -1.68 11.16
N LYS A 96 2.69 -1.10 12.36
CA LYS A 96 2.02 0.12 12.84
C LYS A 96 2.96 0.94 13.76
N LEU A 97 2.41 1.85 14.57
CA LEU A 97 3.09 2.48 15.72
C LEU A 97 3.66 1.47 16.73
N GLU A 98 4.45 1.89 17.72
CA GLU A 98 5.24 1.02 18.62
C GLU A 98 4.41 0.37 19.75
N ARG A 99 3.25 -0.18 19.37
CA ARG A 99 2.23 -0.83 20.23
C ARG A 99 1.88 -2.21 19.63
N PRO A 100 2.83 -3.16 19.59
CA PRO A 100 2.72 -4.38 18.78
C PRO A 100 1.66 -5.38 19.27
N VAL A 101 1.38 -6.38 18.42
CA VAL A 101 0.45 -7.49 18.70
C VAL A 101 1.17 -8.84 18.63
N ARG A 102 0.91 -9.72 19.61
CA ARG A 102 1.57 -11.04 19.79
C ARG A 102 0.60 -12.21 19.97
N GLY A 103 -0.71 -11.95 19.90
CA GLY A 103 -1.80 -12.92 19.96
C GLY A 103 -3.12 -12.37 19.41
N HIS A 104 -4.01 -13.27 18.99
CA HIS A 104 -5.25 -12.99 18.25
C HIS A 104 -6.48 -13.70 18.84
N MET B 1 8.51 -3.13 19.27
CA MET B 1 9.82 -3.68 19.64
C MET B 1 10.55 -2.77 20.62
N GLY B 2 11.22 -3.37 21.62
CA GLY B 2 12.10 -2.73 22.61
C GLY B 2 11.41 -1.81 23.64
N GLN B 3 12.12 -1.50 24.73
CA GLN B 3 11.81 -0.34 25.58
C GLN B 3 12.37 0.92 24.90
N CYS B 4 13.68 0.91 24.60
CA CYS B 4 14.32 1.83 23.65
C CYS B 4 14.25 1.26 22.21
N ARG B 5 14.24 2.14 21.21
CA ARG B 5 14.02 1.81 19.78
C ARG B 5 15.18 0.99 19.22
N SER B 6 14.87 -0.17 18.66
CA SER B 6 15.83 -1.07 17.97
C SER B 6 15.99 -0.71 16.48
N ALA B 7 15.06 0.10 15.95
CA ALA B 7 15.02 0.66 14.59
C ALA B 7 14.92 -0.33 13.41
N ASN B 8 14.65 -1.63 13.65
CA ASN B 8 14.58 -2.63 12.58
C ASN B 8 13.42 -2.33 11.59
N ALA B 9 12.31 -1.79 12.08
CA ALA B 9 11.16 -1.36 11.27
C ALA B 9 11.11 0.16 11.02
N GLU B 10 12.19 0.89 11.36
CA GLU B 10 12.28 2.35 11.25
C GLU B 10 13.30 2.83 10.22
N ASP B 11 14.35 2.03 10.00
CA ASP B 11 15.16 2.09 8.78
C ASP B 11 14.47 1.36 7.61
N ALA B 12 13.93 0.16 7.87
CA ALA B 12 13.42 -0.80 6.88
C ALA B 12 14.43 -1.05 5.74
N GLN B 13 15.47 -1.85 6.03
CA GLN B 13 16.63 -2.06 5.15
C GLN B 13 17.10 -3.52 5.08
N GLU B 14 16.85 -4.34 6.11
CA GLU B 14 17.29 -5.76 6.13
C GLU B 14 16.37 -6.71 5.34
N PHE B 15 15.29 -6.16 4.81
CA PHE B 15 14.17 -6.81 4.12
C PHE B 15 14.27 -6.77 2.58
N SER B 16 13.49 -7.63 1.94
CA SER B 16 13.25 -7.66 0.49
C SER B 16 12.65 -6.32 0.02
N ASP B 17 12.81 -5.94 -1.25
CA ASP B 17 12.47 -4.58 -1.69
C ASP B 17 10.97 -4.22 -1.59
N VAL B 18 10.07 -5.21 -1.70
CA VAL B 18 8.61 -5.03 -1.48
C VAL B 18 8.28 -5.05 0.02
N GLU B 19 8.95 -5.93 0.76
CA GLU B 19 8.82 -6.13 2.21
C GLU B 19 9.28 -4.92 3.04
N ARG B 20 10.26 -4.13 2.56
CA ARG B 20 10.55 -2.80 3.14
C ARG B 20 9.60 -1.69 2.67
N ALA B 21 9.06 -1.79 1.45
CA ALA B 21 8.21 -0.75 0.87
C ALA B 21 6.93 -0.54 1.69
N ILE B 22 6.25 -1.63 2.08
CA ILE B 22 4.98 -1.60 2.81
C ILE B 22 5.20 -0.96 4.20
N GLU B 23 6.31 -1.29 4.86
CA GLU B 23 6.64 -0.73 6.19
C GLU B 23 7.09 0.74 6.13
N THR B 24 7.78 1.13 5.05
CA THR B 24 8.32 2.49 4.85
C THR B 24 7.19 3.48 4.59
N LEU B 25 6.18 3.07 3.82
CA LEU B 25 5.05 3.93 3.50
C LEU B 25 4.10 4.10 4.69
N ILE B 26 3.85 3.03 5.45
CA ILE B 26 2.86 3.08 6.53
C ILE B 26 3.38 3.79 7.78
N LYS B 27 4.70 3.81 8.03
CA LYS B 27 5.31 4.69 9.05
C LYS B 27 4.97 6.16 8.83
N ASN B 28 4.81 6.60 7.57
CA ASN B 28 4.44 7.98 7.26
C ASN B 28 3.01 8.35 7.70
N PHE B 29 2.08 7.40 7.89
CA PHE B 29 0.75 7.67 8.47
C PHE B 29 0.85 8.19 9.91
N HIS B 30 1.51 7.43 10.79
CA HIS B 30 1.63 7.78 12.20
C HIS B 30 2.52 9.01 12.39
N GLN B 31 3.53 9.19 11.54
CA GLN B 31 4.35 10.40 11.53
C GLN B 31 3.57 11.68 11.17
N TYR B 32 2.60 11.63 10.24
CA TYR B 32 1.75 12.79 9.90
C TYR B 32 0.51 12.98 10.78
N SER B 33 0.04 11.92 11.45
CA SER B 33 -1.10 11.97 12.39
C SER B 33 -0.72 12.69 13.69
N VAL B 34 -0.87 14.03 13.68
CA VAL B 34 -0.59 14.93 14.80
C VAL B 34 -1.86 15.22 15.61
N GLU B 35 -2.95 15.56 14.90
CA GLU B 35 -4.28 15.76 15.50
C GLU B 35 -5.06 14.43 15.58
N GLY B 36 -4.82 13.51 14.64
CA GLY B 36 -5.48 12.20 14.55
C GLY B 36 -5.06 11.13 15.57
N GLY B 37 -4.18 11.45 16.54
CA GLY B 37 -3.85 10.55 17.66
C GLY B 37 -3.14 9.25 17.28
N LYS B 38 -2.52 9.17 16.09
CA LYS B 38 -1.83 8.00 15.52
C LYS B 38 -2.69 6.75 15.25
N GLU B 39 -4.01 6.85 15.42
CA GLU B 39 -5.02 5.88 14.96
C GLU B 39 -5.86 6.42 13.79
N THR B 40 -6.04 7.74 13.71
CA THR B 40 -6.88 8.44 12.72
C THR B 40 -6.08 9.51 11.97
N LEU B 41 -6.67 10.16 10.95
CA LEU B 41 -5.97 11.05 10.02
C LEU B 41 -6.91 12.20 9.64
N THR B 42 -6.58 13.43 10.04
CA THR B 42 -7.56 14.54 10.04
C THR B 42 -7.43 15.49 8.82
N PRO B 43 -8.47 16.29 8.47
CA PRO B 43 -8.52 17.04 7.21
C PRO B 43 -7.32 17.93 6.85
N SER B 44 -6.69 18.62 7.82
CA SER B 44 -5.59 19.54 7.52
C SER B 44 -4.25 18.84 7.31
N GLU B 45 -3.99 17.75 8.04
CA GLU B 45 -2.80 16.90 7.85
C GLU B 45 -2.93 15.97 6.64
N LEU B 46 -4.16 15.61 6.24
CA LEU B 46 -4.47 15.00 4.94
C LEU B 46 -4.06 15.94 3.80
N ARG B 47 -4.41 17.23 3.87
CA ARG B 47 -3.94 18.23 2.89
C ARG B 47 -2.42 18.37 2.94
N ASP B 48 -1.83 18.52 4.12
CA ASP B 48 -0.40 18.84 4.29
C ASP B 48 0.53 17.74 3.75
N LEU B 49 0.28 16.46 4.04
CA LEU B 49 1.13 15.39 3.46
C LEU B 49 0.93 15.23 1.96
N VAL B 50 -0.24 15.58 1.41
CA VAL B 50 -0.45 15.46 -0.03
C VAL B 50 0.35 16.52 -0.80
N THR B 51 0.30 17.80 -0.40
CA THR B 51 1.10 18.84 -1.09
C THR B 51 2.61 18.70 -0.84
N GLN B 52 3.04 18.24 0.33
CA GLN B 52 4.48 18.13 0.63
C GLN B 52 5.11 16.77 0.25
N GLN B 53 4.35 15.68 0.29
CA GLN B 53 4.86 14.30 0.12
C GLN B 53 4.25 13.52 -1.05
N LEU B 54 3.26 14.05 -1.80
CA LEU B 54 2.83 13.54 -3.11
C LEU B 54 2.99 14.59 -4.25
N PRO B 55 4.18 15.21 -4.44
CA PRO B 55 4.37 16.28 -5.43
C PRO B 55 4.24 15.84 -6.90
N HIS B 56 4.47 14.57 -7.23
CA HIS B 56 4.20 13.96 -8.53
C HIS B 56 2.79 13.34 -8.61
N LEU B 57 2.33 12.67 -7.55
CA LEU B 57 1.14 11.80 -7.58
C LEU B 57 -0.21 12.56 -7.68
N MET B 58 -0.29 13.76 -7.10
CA MET B 58 -1.50 14.61 -7.10
C MET B 58 -1.16 16.08 -7.47
N PRO B 59 -2.06 16.83 -8.13
CA PRO B 59 -1.83 18.23 -8.52
C PRO B 59 -1.95 19.22 -7.36
N SER B 60 -1.66 20.48 -7.68
CA SER B 60 -1.82 21.64 -6.80
C SER B 60 -3.17 22.34 -6.97
N ASN B 61 -3.65 23.03 -5.92
CA ASN B 61 -5.00 23.60 -5.72
C ASN B 61 -6.16 22.58 -5.73
N CYS B 62 -6.13 21.60 -6.64
CA CYS B 62 -6.97 20.41 -6.66
C CYS B 62 -6.30 19.28 -5.86
N GLY B 63 -6.72 18.02 -6.06
CA GLY B 63 -5.99 16.85 -5.58
C GLY B 63 -6.21 16.49 -4.11
N LEU B 64 -6.24 17.47 -3.20
CA LEU B 64 -6.28 17.25 -1.76
C LEU B 64 -7.66 17.52 -1.13
N GLU B 65 -8.28 18.68 -1.30
CA GLU B 65 -9.57 18.97 -0.65
C GLU B 65 -10.75 18.19 -1.23
N GLU B 66 -10.59 17.64 -2.43
CA GLU B 66 -11.52 16.72 -3.09
C GLU B 66 -11.68 15.41 -2.30
N LYS B 67 -10.68 15.07 -1.47
CA LYS B 67 -10.63 13.90 -0.61
C LYS B 67 -11.40 14.14 0.69
N ILE B 68 -11.24 15.34 1.28
CA ILE B 68 -12.04 15.83 2.41
C ILE B 68 -13.54 15.90 2.03
N ALA B 69 -13.82 16.28 0.78
CA ALA B 69 -15.17 16.34 0.21
C ALA B 69 -15.77 14.95 -0.13
N ASN B 70 -14.94 13.89 -0.24
CA ASN B 70 -15.39 12.50 -0.36
C ASN B 70 -15.59 11.78 0.99
N LEU B 71 -14.71 11.97 1.97
CA LEU B 71 -14.74 11.22 3.25
C LEU B 71 -15.93 11.57 4.17
N GLY B 72 -16.46 12.79 4.01
CA GLY B 72 -17.82 13.19 4.43
C GLY B 72 -17.95 13.89 5.79
N SER B 73 -18.74 14.96 5.84
CA SER B 73 -19.15 15.67 7.07
C SER B 73 -20.47 15.16 7.68
N CYS B 74 -21.25 14.35 6.96
CA CYS B 74 -22.37 13.57 7.51
C CYS B 74 -21.93 12.20 8.06
N ASN B 75 -20.67 11.82 7.81
CA ASN B 75 -20.07 10.56 8.26
C ASN B 75 -19.95 10.53 9.80
N ASP B 76 -20.73 9.65 10.43
CA ASP B 76 -20.74 9.45 11.89
C ASP B 76 -19.70 8.41 12.38
N SER B 77 -19.13 7.63 11.46
CA SER B 77 -18.11 6.62 11.71
C SER B 77 -16.68 7.15 11.52
N LYS B 78 -16.54 8.33 10.90
CA LYS B 78 -15.28 9.04 10.58
C LYS B 78 -14.28 8.15 9.82
N LEU B 79 -12.98 8.32 10.08
CA LEU B 79 -11.85 7.64 9.44
C LEU B 79 -10.92 6.97 10.46
N GLU B 80 -10.09 6.07 9.95
CA GLU B 80 -9.09 5.31 10.69
C GLU B 80 -7.87 4.98 9.79
N PHE B 81 -6.86 4.30 10.31
CA PHE B 81 -5.71 3.74 9.57
C PHE B 81 -6.11 3.03 8.26
N ARG B 82 -7.15 2.18 8.30
CA ARG B 82 -7.72 1.53 7.11
C ARG B 82 -8.29 2.51 6.08
N SER B 83 -8.86 3.64 6.49
CA SER B 83 -9.40 4.65 5.55
C SER B 83 -8.28 5.33 4.76
N PHE B 84 -7.15 5.67 5.40
CA PHE B 84 -5.95 6.14 4.68
C PHE B 84 -5.47 5.09 3.67
N TRP B 85 -5.46 3.81 4.05
CA TRP B 85 -5.07 2.70 3.17
C TRP B 85 -5.99 2.49 1.96
N GLU B 86 -7.31 2.57 2.12
CA GLU B 86 -8.27 2.56 0.99
C GLU B 86 -8.05 3.76 0.03
N LEU B 87 -7.58 4.90 0.56
CA LEU B 87 -7.20 6.10 -0.19
C LEU B 87 -5.82 6.02 -0.84
N ILE B 88 -4.86 5.26 -0.28
CA ILE B 88 -3.66 4.82 -1.03
C ILE B 88 -4.09 3.92 -2.20
N GLY B 89 -5.11 3.08 -1.97
CA GLY B 89 -5.80 2.32 -3.03
C GLY B 89 -6.32 3.19 -4.19
N GLU B 90 -6.69 4.45 -3.91
CA GLU B 90 -7.04 5.43 -4.94
C GLU B 90 -5.80 6.04 -5.63
N ALA B 91 -4.67 6.24 -4.92
CA ALA B 91 -3.39 6.60 -5.56
C ALA B 91 -2.94 5.50 -6.55
N ALA B 92 -3.15 4.23 -6.20
CA ALA B 92 -2.91 3.09 -7.08
C ALA B 92 -3.88 2.97 -8.27
N LYS B 93 -4.91 3.83 -8.39
CA LYS B 93 -5.68 4.00 -9.63
C LYS B 93 -5.09 5.09 -10.54
N SER B 94 -4.27 6.00 -10.00
CA SER B 94 -3.50 7.01 -10.76
C SER B 94 -2.20 6.46 -11.36
N VAL B 95 -1.64 5.35 -10.84
CA VAL B 95 -0.42 4.74 -11.40
C VAL B 95 -0.38 3.22 -11.23
N LYS B 96 -0.15 2.53 -12.35
CA LYS B 96 0.02 1.07 -12.51
C LYS B 96 1.20 0.78 -13.46
N LEU B 97 1.26 -0.42 -14.04
CA LEU B 97 2.23 -0.80 -15.07
C LEU B 97 2.30 0.15 -16.27
N GLU B 98 3.43 0.12 -16.97
CA GLU B 98 3.67 0.85 -18.22
C GLU B 98 2.78 0.32 -19.36
N ARG B 99 1.68 1.03 -19.63
CA ARG B 99 0.76 0.84 -20.77
C ARG B 99 0.01 2.17 -21.03
N PRO B 100 -0.43 2.47 -22.27
CA PRO B 100 -1.31 3.60 -22.54
C PRO B 100 -2.72 3.34 -21.95
N VAL B 101 -3.32 4.36 -21.36
CA VAL B 101 -4.64 4.29 -20.71
C VAL B 101 -5.48 5.56 -20.95
N ARG B 102 -6.81 5.40 -20.98
CA ARG B 102 -7.83 6.48 -21.05
C ARG B 102 -9.18 6.15 -20.38
N GLY B 103 -9.35 4.96 -19.80
CA GLY B 103 -10.63 4.54 -19.20
C GLY B 103 -10.62 3.12 -18.63
N HIS B 104 -11.81 2.62 -18.25
CA HIS B 104 -12.02 1.26 -17.72
C HIS B 104 -13.32 0.60 -18.20
N MET A 1 0.73 -14.29 -29.42
CA MET A 1 2.06 -13.65 -29.61
C MET A 1 1.94 -12.16 -29.38
N GLY A 2 3.05 -11.49 -29.05
CA GLY A 2 3.10 -10.06 -28.68
C GLY A 2 3.31 -9.87 -27.18
N GLN A 3 4.28 -9.01 -26.84
CA GLN A 3 4.92 -8.93 -25.52
C GLN A 3 4.64 -7.58 -24.79
N CYS A 4 4.90 -7.58 -23.49
CA CYS A 4 4.74 -6.42 -22.58
C CYS A 4 5.80 -6.42 -21.46
N ARG A 5 6.00 -5.28 -20.78
CA ARG A 5 7.05 -5.07 -19.75
C ARG A 5 6.51 -4.51 -18.43
N SER A 6 7.37 -4.53 -17.40
CA SER A 6 7.12 -4.00 -16.03
C SER A 6 8.38 -3.39 -15.36
N ALA A 7 9.47 -3.19 -16.12
CA ALA A 7 10.75 -2.64 -15.63
C ALA A 7 10.85 -1.10 -15.78
N ASN A 8 11.89 -0.50 -15.20
CA ASN A 8 12.10 0.95 -15.00
C ASN A 8 11.19 1.56 -13.92
N ALA A 9 11.73 2.48 -13.11
CA ALA A 9 11.10 3.02 -11.89
C ALA A 9 10.60 1.90 -10.96
N GLU A 10 11.54 1.08 -10.51
CA GLU A 10 11.35 -0.06 -9.59
C GLU A 10 11.75 0.30 -8.15
N ASP A 11 12.70 1.22 -8.02
CA ASP A 11 13.15 1.86 -6.76
C ASP A 11 13.05 3.39 -6.82
N ALA A 12 13.39 3.98 -7.98
CA ALA A 12 13.42 5.41 -8.30
C ALA A 12 14.26 6.31 -7.36
N GLN A 13 14.37 7.60 -7.70
CA GLN A 13 15.18 8.61 -7.01
C GLN A 13 14.58 10.04 -7.10
N GLU A 14 13.88 10.36 -8.19
CA GLU A 14 13.36 11.72 -8.49
C GLU A 14 12.15 12.15 -7.62
N PHE A 15 11.65 11.25 -6.77
CA PHE A 15 10.44 11.36 -5.95
C PHE A 15 10.76 11.32 -4.45
N SER A 16 9.84 11.81 -3.61
CA SER A 16 9.90 11.67 -2.15
C SER A 16 9.90 10.19 -1.76
N ASP A 17 10.54 9.80 -0.65
CA ASP A 17 10.68 8.39 -0.23
C ASP A 17 9.35 7.61 -0.27
N VAL A 18 8.23 8.23 0.16
CA VAL A 18 6.87 7.63 0.14
C VAL A 18 6.28 7.58 -1.27
N GLU A 19 6.56 8.61 -2.07
CA GLU A 19 5.99 8.87 -3.40
C GLU A 19 6.52 7.91 -4.47
N ARG A 20 7.76 7.41 -4.29
CA ARG A 20 8.29 6.24 -5.01
C ARG A 20 7.96 4.89 -4.33
N ALA A 21 7.81 4.82 -3.01
CA ALA A 21 7.59 3.55 -2.30
C ALA A 21 6.28 2.84 -2.73
N ILE A 22 5.19 3.59 -2.94
CA ILE A 22 3.91 3.08 -3.46
C ILE A 22 4.17 2.39 -4.80
N GLU A 23 4.91 3.03 -5.71
CA GLU A 23 5.24 2.45 -7.01
C GLU A 23 6.17 1.23 -6.91
N THR A 24 7.07 1.17 -5.93
CA THR A 24 7.87 -0.03 -5.63
C THR A 24 7.00 -1.23 -5.26
N LEU A 25 5.87 -1.07 -4.55
CA LEU A 25 4.96 -2.20 -4.31
C LEU A 25 4.13 -2.52 -5.56
N ILE A 26 3.68 -1.49 -6.29
CA ILE A 26 2.91 -1.66 -7.52
C ILE A 26 3.71 -2.45 -8.57
N LYS A 27 4.95 -2.05 -8.92
CA LYS A 27 5.80 -2.81 -9.84
C LYS A 27 5.93 -4.29 -9.44
N ASN A 28 5.98 -4.57 -8.13
CA ASN A 28 6.11 -5.91 -7.57
C ASN A 28 4.87 -6.81 -7.76
N PHE A 29 3.67 -6.27 -8.04
CA PHE A 29 2.55 -7.04 -8.59
C PHE A 29 2.89 -7.56 -9.99
N HIS A 30 3.15 -6.64 -10.93
CA HIS A 30 3.13 -6.93 -12.36
C HIS A 30 4.39 -7.67 -12.84
N GLN A 31 5.53 -7.52 -12.16
CA GLN A 31 6.70 -8.37 -12.33
C GLN A 31 6.40 -9.86 -12.10
N TYR A 32 5.44 -10.20 -11.23
CA TYR A 32 5.17 -11.57 -10.78
C TYR A 32 3.99 -12.26 -11.46
N SER A 33 2.95 -11.52 -11.84
CA SER A 33 1.76 -12.06 -12.51
C SER A 33 2.05 -12.43 -13.98
N VAL A 34 2.45 -13.67 -14.25
CA VAL A 34 2.51 -14.23 -15.61
C VAL A 34 1.25 -15.04 -15.96
N GLU A 35 0.69 -15.79 -15.02
CA GLU A 35 -0.56 -16.54 -15.21
C GLU A 35 -1.78 -15.63 -15.00
N GLY A 36 -1.73 -14.75 -14.00
CA GLY A 36 -2.59 -13.57 -13.91
C GLY A 36 -2.29 -12.60 -15.05
N GLY A 37 -3.33 -12.00 -15.63
CA GLY A 37 -3.25 -11.22 -16.88
C GLY A 37 -2.64 -9.82 -16.72
N LYS A 38 -1.76 -9.61 -15.73
CA LYS A 38 -1.21 -8.32 -15.25
C LYS A 38 -2.21 -7.25 -14.80
N GLU A 39 -3.50 -7.39 -15.10
CA GLU A 39 -4.61 -6.81 -14.34
C GLU A 39 -5.00 -7.67 -13.13
N THR A 40 -4.47 -8.89 -13.01
CA THR A 40 -4.86 -9.91 -12.03
C THR A 40 -3.63 -10.71 -11.55
N LEU A 41 -3.76 -11.44 -10.43
CA LEU A 41 -2.68 -12.08 -9.67
C LEU A 41 -3.17 -13.44 -9.11
N THR A 42 -2.60 -14.56 -9.53
CA THR A 42 -3.18 -15.89 -9.23
C THR A 42 -2.62 -16.57 -7.95
N PRO A 43 -3.41 -17.43 -7.27
CA PRO A 43 -3.00 -18.14 -6.04
C PRO A 43 -1.63 -18.81 -6.05
N SER A 44 -1.26 -19.53 -7.11
CA SER A 44 0.02 -20.26 -7.16
C SER A 44 1.22 -19.34 -7.25
N GLU A 45 1.11 -18.20 -7.94
CA GLU A 45 2.19 -17.21 -8.07
C GLU A 45 2.23 -16.22 -6.90
N LEU A 46 1.11 -16.03 -6.20
CA LEU A 46 1.05 -15.42 -4.87
C LEU A 46 1.91 -16.23 -3.87
N ARG A 47 1.71 -17.55 -3.80
CA ARG A 47 2.54 -18.46 -2.98
C ARG A 47 3.99 -18.55 -3.44
N ASP A 48 4.29 -18.23 -4.70
CA ASP A 48 5.66 -18.15 -5.22
C ASP A 48 6.38 -16.86 -4.76
N LEU A 49 5.76 -15.69 -4.93
CA LEU A 49 6.39 -14.40 -4.64
C LEU A 49 6.61 -14.15 -3.15
N VAL A 50 5.68 -14.58 -2.30
CA VAL A 50 5.62 -14.17 -0.89
C VAL A 50 6.81 -14.67 -0.07
N THR A 51 7.17 -15.96 -0.18
CA THR A 51 8.33 -16.49 0.57
C THR A 51 9.69 -15.94 0.08
N GLN A 52 9.75 -15.41 -1.15
CA GLN A 52 10.96 -14.81 -1.71
C GLN A 52 11.11 -13.31 -1.40
N GLN A 53 10.00 -12.58 -1.23
CA GLN A 53 9.96 -11.13 -0.99
C GLN A 53 9.64 -10.73 0.47
N LEU A 54 8.88 -11.55 1.20
CA LEU A 54 8.38 -11.25 2.56
C LEU A 54 8.83 -12.29 3.60
N PRO A 55 10.13 -12.63 3.72
CA PRO A 55 10.60 -13.69 4.62
C PRO A 55 10.50 -13.32 6.10
N HIS A 56 10.64 -12.03 6.45
CA HIS A 56 10.53 -11.50 7.82
C HIS A 56 9.07 -11.19 8.21
N LEU A 57 8.29 -10.71 7.23
CA LEU A 57 6.94 -10.14 7.44
C LEU A 57 5.87 -11.20 7.80
N MET A 58 5.93 -12.38 7.17
CA MET A 58 4.87 -13.41 7.23
C MET A 58 5.46 -14.79 7.65
N PRO A 59 4.77 -15.58 8.50
CA PRO A 59 5.32 -16.80 9.09
C PRO A 59 5.40 -17.99 8.12
N SER A 60 6.23 -18.97 8.49
CA SER A 60 6.49 -20.21 7.76
C SER A 60 5.22 -20.97 7.37
N ASN A 61 5.07 -21.23 6.06
CA ASN A 61 3.96 -21.90 5.36
C ASN A 61 2.58 -21.23 5.51
N CYS A 62 2.22 -20.82 6.72
CA CYS A 62 0.92 -20.27 7.10
C CYS A 62 0.63 -18.93 6.43
N GLY A 63 1.62 -18.04 6.40
CA GLY A 63 1.46 -16.63 6.04
C GLY A 63 1.10 -16.35 4.57
N LEU A 64 1.34 -17.31 3.67
CA LEU A 64 0.95 -17.23 2.26
C LEU A 64 -0.50 -17.68 2.07
N GLU A 65 -0.82 -18.91 2.48
CA GLU A 65 -2.09 -19.58 2.12
C GLU A 65 -3.34 -18.92 2.75
N GLU A 66 -3.17 -18.18 3.84
CA GLU A 66 -4.25 -17.42 4.49
C GLU A 66 -4.71 -16.25 3.61
N LYS A 67 -3.85 -15.78 2.70
CA LYS A 67 -4.11 -14.69 1.77
C LYS A 67 -4.98 -15.19 0.61
N ILE A 68 -4.75 -16.43 0.16
CA ILE A 68 -5.60 -17.16 -0.80
C ILE A 68 -6.96 -17.50 -0.15
N ALA A 69 -6.96 -17.85 1.14
CA ALA A 69 -8.18 -18.06 1.92
C ALA A 69 -9.00 -16.76 2.06
N ASN A 70 -8.35 -15.60 2.26
CA ASN A 70 -8.99 -14.28 2.35
C ASN A 70 -9.58 -13.84 1.01
N LEU A 71 -8.88 -14.11 -0.10
CA LEU A 71 -9.35 -13.81 -1.46
C LEU A 71 -10.71 -14.46 -1.77
N GLY A 72 -10.97 -15.63 -1.20
CA GLY A 72 -12.23 -16.37 -1.29
C GLY A 72 -13.44 -15.66 -0.65
N SER A 73 -13.26 -14.68 0.24
CA SER A 73 -14.36 -13.96 0.93
C SER A 73 -15.33 -13.25 -0.02
N CYS A 74 -14.93 -12.99 -1.27
CA CYS A 74 -15.87 -12.98 -2.40
C CYS A 74 -15.21 -13.63 -3.63
N ASN A 75 -15.64 -14.86 -3.93
CA ASN A 75 -15.21 -15.63 -5.10
C ASN A 75 -15.92 -15.15 -6.38
N ASP A 76 -17.17 -14.71 -6.29
CA ASP A 76 -17.97 -14.20 -7.42
C ASP A 76 -17.42 -12.89 -8.02
N SER A 77 -16.83 -12.02 -7.19
CA SER A 77 -16.15 -10.79 -7.64
C SER A 77 -14.77 -11.06 -8.26
N LYS A 78 -14.20 -12.27 -8.03
CA LYS A 78 -12.85 -12.68 -8.43
C LYS A 78 -11.73 -11.71 -7.99
N LEU A 79 -10.51 -11.93 -8.46
CA LEU A 79 -9.29 -11.21 -8.06
C LEU A 79 -8.82 -10.20 -9.13
N GLU A 80 -8.30 -9.07 -8.65
CA GLU A 80 -8.03 -7.85 -9.40
C GLU A 80 -6.77 -7.13 -8.85
N PHE A 81 -6.36 -6.02 -9.46
CA PHE A 81 -5.21 -5.21 -9.02
C PHE A 81 -5.32 -4.77 -7.55
N ARG A 82 -6.48 -4.26 -7.12
CA ARG A 82 -6.76 -3.89 -5.72
C ARG A 82 -6.78 -5.10 -4.76
N SER A 83 -6.98 -6.32 -5.25
CA SER A 83 -7.06 -7.53 -4.41
C SER A 83 -5.71 -7.92 -3.78
N PHE A 84 -4.60 -7.72 -4.49
CA PHE A 84 -3.23 -7.84 -3.91
C PHE A 84 -2.99 -6.70 -2.90
N TRP A 85 -3.45 -5.48 -3.20
CA TRP A 85 -3.27 -4.29 -2.37
C TRP A 85 -3.96 -4.40 -0.99
N GLU A 86 -5.16 -5.01 -0.94
CA GLU A 86 -5.85 -5.36 0.31
C GLU A 86 -5.05 -6.35 1.18
N LEU A 87 -4.23 -7.20 0.56
CA LEU A 87 -3.39 -8.21 1.22
C LEU A 87 -2.04 -7.65 1.68
N ILE A 88 -1.56 -6.57 1.08
CA ILE A 88 -0.55 -5.69 1.71
C ILE A 88 -1.16 -5.00 2.95
N GLY A 89 -2.42 -4.57 2.87
CA GLY A 89 -3.16 -4.03 4.01
C GLY A 89 -3.27 -5.02 5.18
N GLU A 90 -3.35 -6.31 4.88
CA GLU A 90 -3.24 -7.42 5.83
C GLU A 90 -1.79 -7.63 6.32
N ALA A 91 -0.75 -7.43 5.49
CA ALA A 91 0.66 -7.38 5.93
C ALA A 91 0.88 -6.33 7.04
N ALA A 92 0.31 -5.14 6.88
CA ALA A 92 0.41 -4.06 7.87
C ALA A 92 -0.38 -4.31 9.16
N LYS A 93 -1.26 -5.32 9.22
CA LYS A 93 -1.84 -5.77 10.50
C LYS A 93 -0.76 -6.37 11.42
N SER A 94 0.34 -6.90 10.87
CA SER A 94 1.47 -7.41 11.66
C SER A 94 2.58 -6.38 11.97
N VAL A 95 2.69 -5.26 11.23
CA VAL A 95 3.82 -4.29 11.37
C VAL A 95 3.38 -2.82 11.34
N LYS A 96 3.93 -2.01 12.24
CA LYS A 96 3.71 -0.55 12.39
C LYS A 96 4.96 0.17 12.88
N LEU A 97 4.86 1.50 12.96
CA LEU A 97 5.71 2.38 13.77
C LEU A 97 5.49 2.06 15.27
N GLU A 98 6.55 2.10 16.10
CA GLU A 98 6.51 1.80 17.55
C GLU A 98 5.30 2.45 18.27
N ARG A 99 4.34 1.68 18.80
CA ARG A 99 3.14 2.21 19.50
C ARG A 99 3.11 1.91 21.00
N PRO A 100 2.40 2.70 21.82
CA PRO A 100 1.94 2.27 23.14
C PRO A 100 0.84 1.20 22.98
N VAL A 101 1.09 -0.03 23.43
CA VAL A 101 0.27 -1.20 23.05
C VAL A 101 0.03 -2.20 24.19
N ARG A 102 -1.23 -2.69 24.25
CA ARG A 102 -1.68 -3.88 24.99
C ARG A 102 -2.71 -4.67 24.16
N GLY A 103 -3.63 -3.95 23.51
CA GLY A 103 -4.61 -4.47 22.55
C GLY A 103 -3.98 -4.78 21.18
N HIS A 104 -4.52 -4.17 20.12
CA HIS A 104 -4.03 -4.28 18.74
C HIS A 104 -3.14 -3.10 18.38
N MET B 1 6.10 17.23 26.06
CA MET B 1 6.85 16.00 26.43
C MET B 1 5.92 14.81 26.45
N GLY B 2 6.48 13.60 26.33
CA GLY B 2 5.74 12.34 26.24
C GLY B 2 5.16 12.03 24.85
N GLN B 3 5.47 12.82 23.83
CA GLN B 3 5.01 12.65 22.44
C GLN B 3 5.27 11.21 21.94
N CYS B 4 4.22 10.41 21.81
CA CYS B 4 4.30 8.99 21.44
C CYS B 4 4.49 8.76 19.92
N ARG B 5 5.54 9.38 19.35
CA ARG B 5 6.09 9.16 18.00
C ARG B 5 7.61 9.07 18.09
N SER B 6 8.27 8.29 17.24
CA SER B 6 9.72 8.08 17.31
C SER B 6 10.46 8.15 15.97
N ALA B 7 11.62 8.78 16.00
CA ALA B 7 12.61 8.84 14.93
C ALA B 7 13.39 7.52 14.78
N ASN B 8 14.32 7.48 13.82
CA ASN B 8 15.07 6.31 13.37
C ASN B 8 14.21 5.27 12.63
N ALA B 9 14.81 4.63 11.60
CA ALA B 9 14.17 3.72 10.67
C ALA B 9 12.92 4.29 9.95
N GLU B 10 12.86 5.60 9.73
CA GLU B 10 11.69 6.29 9.14
C GLU B 10 11.49 5.96 7.65
N ASP B 11 12.52 5.46 6.97
CA ASP B 11 12.45 4.91 5.60
C ASP B 11 12.96 3.45 5.48
N ALA B 12 13.14 2.76 6.62
CA ALA B 12 13.39 1.31 6.82
C ALA B 12 14.64 0.67 6.16
N GLN B 13 15.28 -0.29 6.85
CA GLN B 13 16.60 -0.85 6.47
C GLN B 13 16.79 -2.36 6.73
N GLU B 14 16.17 -2.97 7.74
CA GLU B 14 16.42 -4.39 8.09
C GLU B 14 15.67 -5.39 7.18
N PHE B 15 14.76 -4.89 6.34
CA PHE B 15 13.84 -5.64 5.48
C PHE B 15 14.20 -5.59 3.97
N SER B 16 13.65 -6.53 3.19
CA SER B 16 13.82 -6.65 1.73
C SER B 16 13.26 -5.42 0.98
N ASP B 17 13.63 -5.23 -0.29
CA ASP B 17 13.36 -3.98 -1.04
C ASP B 17 11.86 -3.61 -1.14
N VAL B 18 10.96 -4.59 -1.29
CA VAL B 18 9.50 -4.39 -1.29
C VAL B 18 8.93 -4.39 0.13
N GLU B 19 9.51 -5.21 1.00
CA GLU B 19 9.08 -5.48 2.37
C GLU B 19 9.29 -4.24 3.26
N ARG B 20 10.42 -3.55 3.08
CA ARG B 20 10.68 -2.22 3.66
C ARG B 20 9.82 -1.12 3.00
N ALA B 21 9.43 -1.28 1.74
CA ALA B 21 8.62 -0.29 1.03
C ALA B 21 7.18 -0.21 1.60
N ILE B 22 6.56 -1.34 1.95
CA ILE B 22 5.28 -1.40 2.69
C ILE B 22 5.43 -0.60 3.99
N GLU B 23 6.50 -0.85 4.76
CA GLU B 23 6.72 -0.11 6.00
C GLU B 23 6.94 1.39 5.78
N THR B 24 7.63 1.73 4.70
CA THR B 24 7.88 3.12 4.28
C THR B 24 6.57 3.90 4.06
N LEU B 25 5.45 3.25 3.69
CA LEU B 25 4.15 3.92 3.63
C LEU B 25 3.48 3.97 5.01
N ILE B 26 3.58 2.88 5.77
CA ILE B 26 2.99 2.77 7.12
C ILE B 26 3.62 3.76 8.09
N LYS B 27 4.95 3.89 8.14
CA LYS B 27 5.69 4.94 8.87
C LYS B 27 5.10 6.32 8.58
N ASN B 28 4.74 6.58 7.33
CA ASN B 28 4.19 7.84 6.87
C ASN B 28 2.75 8.14 7.30
N PHE B 29 1.96 7.14 7.73
CA PHE B 29 0.72 7.39 8.49
C PHE B 29 1.01 8.06 9.84
N HIS B 30 1.95 7.49 10.61
CA HIS B 30 2.22 7.91 11.99
C HIS B 30 3.10 9.16 12.08
N GLN B 31 3.96 9.40 11.09
CA GLN B 31 4.59 10.69 10.81
C GLN B 31 3.60 11.88 10.77
N TYR B 32 2.33 11.67 10.38
CA TYR B 32 1.37 12.76 10.13
C TYR B 32 0.08 12.78 10.97
N SER B 33 -0.34 11.70 11.64
CA SER B 33 -1.66 11.56 12.29
C SER B 33 -1.79 12.27 13.67
N VAL B 34 -1.20 13.46 13.82
CA VAL B 34 -0.98 14.12 15.12
C VAL B 34 -2.12 15.04 15.60
N GLU B 35 -3.07 15.41 14.74
CA GLU B 35 -4.34 16.06 15.12
C GLU B 35 -5.42 15.01 15.42
N GLY B 36 -5.42 13.92 14.66
CA GLY B 36 -6.00 12.63 15.03
C GLY B 36 -5.26 11.95 16.19
N GLY B 37 -5.64 10.71 16.49
CA GLY B 37 -5.14 9.97 17.66
C GLY B 37 -3.78 9.28 17.48
N LYS B 38 -3.01 9.58 16.43
CA LYS B 38 -1.74 8.91 16.04
C LYS B 38 -1.87 7.41 15.69
N GLU B 39 -3.07 6.86 15.85
CA GLU B 39 -3.61 5.65 15.19
C GLU B 39 -4.82 5.95 14.29
N THR B 40 -5.25 7.22 14.19
CA THR B 40 -6.39 7.72 13.37
C THR B 40 -6.00 9.04 12.69
N LEU B 41 -6.55 9.33 11.49
CA LEU B 41 -6.01 10.31 10.52
C LEU B 41 -7.09 11.32 10.10
N THR B 42 -6.93 12.62 10.37
CA THR B 42 -7.99 13.63 10.11
C THR B 42 -7.90 14.28 8.71
N PRO B 43 -9.04 14.75 8.13
CA PRO B 43 -9.08 15.47 6.85
C PRO B 43 -8.06 16.60 6.67
N SER B 44 -7.84 17.46 7.68
CA SER B 44 -6.89 18.58 7.56
C SER B 44 -5.43 18.16 7.41
N GLU B 45 -5.00 17.07 8.07
CA GLU B 45 -3.62 16.57 7.92
C GLU B 45 -3.44 15.63 6.72
N LEU B 46 -4.54 15.02 6.25
CA LEU B 46 -4.63 14.40 4.93
C LEU B 46 -4.36 15.44 3.82
N ARG B 47 -4.95 16.65 3.92
CA ARG B 47 -4.62 17.77 3.01
C ARG B 47 -3.20 18.31 3.22
N ASP B 48 -2.63 18.20 4.42
CA ASP B 48 -1.29 18.70 4.70
C ASP B 48 -0.19 17.81 4.09
N LEU B 49 -0.21 16.50 4.35
CA LEU B 49 0.85 15.58 3.92
C LEU B 49 0.89 15.37 2.41
N VAL B 50 -0.26 15.42 1.74
CA VAL B 50 -0.37 15.09 0.31
C VAL B 50 0.45 16.06 -0.53
N THR B 51 0.34 17.38 -0.32
CA THR B 51 1.16 18.37 -1.06
C THR B 51 2.59 18.52 -0.52
N GLN B 52 2.86 18.10 0.73
CA GLN B 52 4.21 18.04 1.29
C GLN B 52 5.05 16.84 0.80
N GLN B 53 4.42 15.75 0.34
CA GLN B 53 5.10 14.50 -0.08
C GLN B 53 4.78 14.01 -1.50
N LEU B 54 3.57 14.24 -2.04
CA LEU B 54 3.10 13.73 -3.36
C LEU B 54 2.93 14.86 -4.42
N PRO B 55 3.89 15.76 -4.67
CA PRO B 55 3.69 16.88 -5.61
C PRO B 55 3.50 16.42 -7.06
N HIS B 56 4.00 15.26 -7.47
CA HIS B 56 3.91 14.75 -8.85
C HIS B 56 2.59 14.02 -9.15
N LEU B 57 1.92 13.47 -8.14
CA LEU B 57 0.92 12.41 -8.31
C LEU B 57 -0.55 12.84 -8.16
N MET B 58 -0.80 13.95 -7.45
CA MET B 58 -2.15 14.50 -7.24
C MET B 58 -2.13 16.04 -7.39
N PRO B 59 -3.12 16.68 -8.04
CA PRO B 59 -3.16 18.13 -8.19
C PRO B 59 -3.60 18.86 -6.91
N SER B 60 -3.13 20.10 -6.80
CA SER B 60 -3.52 21.08 -5.78
C SER B 60 -5.03 21.34 -5.75
N ASN B 61 -5.54 21.84 -4.61
CA ASN B 61 -6.92 22.26 -4.34
C ASN B 61 -8.02 21.18 -4.52
N CYS B 62 -7.72 20.03 -5.13
CA CYS B 62 -8.69 19.07 -5.66
C CYS B 62 -8.28 17.62 -5.38
N GLY B 63 -7.10 17.20 -5.83
CA GLY B 63 -6.60 15.82 -5.70
C GLY B 63 -6.40 15.34 -4.26
N LEU B 64 -6.40 16.28 -3.30
CA LEU B 64 -6.42 16.03 -1.86
C LEU B 64 -7.87 15.89 -1.36
N GLU B 65 -8.74 16.86 -1.61
CA GLU B 65 -10.09 16.92 -1.04
C GLU B 65 -11.09 15.90 -1.59
N GLU B 66 -10.79 15.28 -2.73
CA GLU B 66 -11.53 14.14 -3.26
C GLU B 66 -11.36 12.90 -2.38
N LYS B 67 -10.22 12.81 -1.68
CA LYS B 67 -9.88 11.73 -0.75
C LYS B 67 -10.64 11.93 0.56
N ILE B 68 -10.80 13.19 1.00
CA ILE B 68 -11.69 13.60 2.10
C ILE B 68 -13.17 13.34 1.72
N ALA B 69 -13.55 13.61 0.48
CA ALA B 69 -14.91 13.35 -0.02
C ALA B 69 -15.23 11.84 -0.02
N ASN B 70 -14.28 10.97 -0.37
CA ASN B 70 -14.50 9.51 -0.37
C ASN B 70 -14.63 8.95 1.05
N LEU B 71 -13.88 9.49 2.02
CA LEU B 71 -14.05 9.23 3.45
C LEU B 71 -15.43 9.68 3.96
N GLY B 72 -15.90 10.82 3.45
CA GLY B 72 -17.23 11.39 3.73
C GLY B 72 -18.39 10.52 3.25
N SER B 73 -18.24 9.78 2.14
CA SER B 73 -19.23 8.79 1.66
C SER B 73 -19.35 7.58 2.58
N CYS B 74 -18.31 7.28 3.37
CA CYS B 74 -18.20 6.13 4.27
C CYS B 74 -18.13 6.57 5.75
N ASN B 75 -18.83 7.65 6.09
CA ASN B 75 -18.80 8.31 7.40
C ASN B 75 -19.25 7.39 8.56
N ASP B 76 -20.21 6.48 8.36
CA ASP B 76 -20.65 5.56 9.43
C ASP B 76 -19.66 4.43 9.72
N SER B 77 -18.70 4.18 8.82
CA SER B 77 -17.50 3.35 9.08
C SER B 77 -16.31 4.16 9.67
N LYS B 78 -16.52 5.46 9.95
CA LYS B 78 -15.56 6.40 10.56
C LYS B 78 -14.24 6.48 9.78
N LEU B 79 -13.13 6.78 10.46
CA LEU B 79 -11.76 6.61 9.94
C LEU B 79 -10.84 5.96 10.98
N GLU B 80 -9.90 5.16 10.47
CA GLU B 80 -9.00 4.25 11.17
C GLU B 80 -7.69 4.12 10.38
N PHE B 81 -6.74 3.33 10.89
CA PHE B 81 -5.45 3.03 10.22
C PHE B 81 -5.64 2.50 8.78
N ARG B 82 -6.56 1.56 8.55
CA ARG B 82 -6.89 1.03 7.22
C ARG B 82 -7.46 2.08 6.26
N SER B 83 -8.12 3.13 6.75
CA SER B 83 -8.80 4.12 5.89
C SER B 83 -7.83 4.95 5.03
N PHE B 84 -6.61 5.18 5.52
CA PHE B 84 -5.52 5.78 4.73
C PHE B 84 -5.00 4.82 3.65
N TRP B 85 -4.89 3.53 3.98
CA TRP B 85 -4.38 2.49 3.06
C TRP B 85 -5.25 2.32 1.82
N GLU B 86 -6.58 2.45 1.97
CA GLU B 86 -7.54 2.49 0.87
C GLU B 86 -7.30 3.68 -0.08
N LEU B 87 -6.82 4.81 0.46
CA LEU B 87 -6.56 6.05 -0.28
C LEU B 87 -5.19 6.08 -0.96
N ILE B 88 -4.22 5.29 -0.48
CA ILE B 88 -3.08 4.89 -1.32
C ILE B 88 -3.57 4.04 -2.51
N GLY B 89 -4.57 3.20 -2.30
CA GLY B 89 -5.26 2.48 -3.38
C GLY B 89 -5.82 3.41 -4.46
N GLU B 90 -6.31 4.60 -4.10
CA GLU B 90 -6.69 5.66 -5.01
C GLU B 90 -5.47 6.38 -5.63
N ALA B 91 -4.32 6.51 -4.94
CA ALA B 91 -3.05 6.92 -5.57
C ALA B 91 -2.63 5.94 -6.69
N ALA B 92 -2.84 4.63 -6.47
CA ALA B 92 -2.61 3.57 -7.44
C ALA B 92 -3.70 3.47 -8.55
N LYS B 93 -4.77 4.28 -8.49
CA LYS B 93 -5.61 4.58 -9.66
C LYS B 93 -5.02 5.72 -10.51
N SER B 94 -4.26 6.65 -9.90
CA SER B 94 -3.57 7.72 -10.62
C SER B 94 -2.29 7.28 -11.32
N VAL B 95 -1.55 6.29 -10.79
CA VAL B 95 -0.34 5.76 -11.44
C VAL B 95 -0.21 4.22 -11.37
N LYS B 96 0.21 3.65 -12.51
CA LYS B 96 0.70 2.27 -12.70
C LYS B 96 1.91 2.30 -13.66
N LEU B 97 2.33 1.15 -14.18
CA LEU B 97 3.13 1.06 -15.41
C LEU B 97 2.24 1.13 -16.68
N GLU B 98 2.83 1.15 -17.88
CA GLU B 98 2.09 1.34 -19.15
C GLU B 98 1.31 0.09 -19.59
N ARG B 99 0.14 -0.13 -18.98
CA ARG B 99 -0.81 -1.22 -19.27
C ARG B 99 -1.80 -0.87 -20.39
N PRO B 100 -2.22 -1.80 -21.27
CA PRO B 100 -3.25 -1.55 -22.29
C PRO B 100 -4.66 -1.20 -21.75
N VAL B 101 -4.90 -1.47 -20.46
CA VAL B 101 -6.16 -1.36 -19.68
C VAL B 101 -6.83 0.02 -19.70
N ARG B 102 -8.14 0.06 -19.37
CA ARG B 102 -8.93 1.30 -19.21
C ARG B 102 -9.75 1.39 -17.90
N GLY B 103 -10.05 0.27 -17.24
CA GLY B 103 -10.76 0.20 -15.94
C GLY B 103 -9.83 0.23 -14.72
N HIS B 104 -10.40 -0.04 -13.54
CA HIS B 104 -9.72 0.09 -12.24
C HIS B 104 -9.85 -1.16 -11.35
N MET A 1 16.75 -13.33 -25.40
CA MET A 1 17.31 -12.39 -24.40
C MET A 1 16.87 -10.95 -24.72
N GLY A 2 17.42 -9.94 -24.03
CA GLY A 2 17.17 -8.50 -24.28
C GLY A 2 16.40 -7.76 -23.19
N GLN A 3 16.46 -8.23 -21.94
CA GLN A 3 15.77 -7.65 -20.78
C GLN A 3 16.39 -6.29 -20.36
N CYS A 4 15.58 -5.32 -19.94
CA CYS A 4 16.04 -3.99 -19.47
C CYS A 4 16.42 -3.96 -17.96
N ARG A 5 17.04 -2.86 -17.48
CA ARG A 5 17.35 -2.62 -16.05
C ARG A 5 16.09 -2.65 -15.18
N SER A 6 16.21 -3.17 -13.95
CA SER A 6 15.09 -3.38 -13.01
C SER A 6 15.58 -3.24 -11.56
N ALA A 7 15.39 -2.07 -10.95
CA ALA A 7 15.87 -1.75 -9.60
C ALA A 7 14.93 -0.78 -8.88
N ASN A 8 13.63 -1.13 -8.87
CA ASN A 8 12.47 -0.23 -8.74
C ASN A 8 12.64 1.04 -7.90
N ALA A 9 12.96 0.93 -6.61
CA ALA A 9 13.17 2.09 -5.74
C ALA A 9 14.64 2.52 -5.61
N GLU A 10 15.60 1.62 -5.88
CA GLU A 10 17.04 1.89 -5.70
C GLU A 10 17.57 2.90 -6.74
N ASP A 11 17.03 2.77 -7.97
CA ASP A 11 17.26 3.64 -9.14
C ASP A 11 16.28 4.83 -9.20
N ALA A 12 15.45 5.00 -8.16
CA ALA A 12 14.42 6.02 -7.97
C ALA A 12 13.37 6.14 -9.11
N GLN A 13 12.41 7.03 -8.88
CA GLN A 13 11.48 7.59 -9.86
C GLN A 13 11.44 9.11 -9.61
N GLU A 14 10.75 9.86 -10.47
CA GLU A 14 10.45 11.29 -10.26
C GLU A 14 9.71 11.62 -8.94
N PHE A 15 9.22 10.59 -8.25
CA PHE A 15 8.32 10.62 -7.09
C PHE A 15 9.02 10.83 -5.73
N SER A 16 8.25 11.22 -4.71
CA SER A 16 8.67 11.30 -3.29
C SER A 16 8.89 9.91 -2.65
N ASP A 17 9.40 9.89 -1.40
CA ASP A 17 9.59 8.67 -0.58
C ASP A 17 8.35 7.77 -0.48
N VAL A 18 7.17 8.37 -0.28
CA VAL A 18 5.88 7.65 -0.17
C VAL A 18 5.26 7.40 -1.55
N GLU A 19 5.35 8.37 -2.46
CA GLU A 19 4.76 8.31 -3.80
C GLU A 19 5.46 7.25 -4.67
N ARG A 20 6.78 7.01 -4.49
CA ARG A 20 7.50 5.86 -5.11
C ARG A 20 7.26 4.53 -4.39
N ALA A 21 6.89 4.53 -3.11
CA ALA A 21 6.62 3.31 -2.35
C ALA A 21 5.41 2.56 -2.92
N ILE A 22 4.31 3.27 -3.16
CA ILE A 22 3.04 2.77 -3.69
C ILE A 22 3.30 2.13 -5.07
N GLU A 23 4.02 2.81 -5.96
CA GLU A 23 4.41 2.26 -7.25
C GLU A 23 5.29 1.01 -7.15
N THR A 24 6.22 1.02 -6.20
CA THR A 24 7.12 -0.11 -5.90
C THR A 24 6.37 -1.34 -5.40
N LEU A 25 5.21 -1.20 -4.73
CA LEU A 25 4.38 -2.35 -4.37
C LEU A 25 3.67 -2.89 -5.62
N ILE A 26 3.06 -1.99 -6.39
CA ILE A 26 2.33 -2.30 -7.62
C ILE A 26 3.24 -3.03 -8.60
N LYS A 27 4.45 -2.52 -8.87
CA LYS A 27 5.44 -3.17 -9.73
C LYS A 27 5.76 -4.60 -9.31
N ASN A 28 5.83 -4.87 -8.00
CA ASN A 28 6.14 -6.20 -7.51
C ASN A 28 5.00 -7.23 -7.68
N PHE A 29 3.75 -6.80 -7.84
CA PHE A 29 2.68 -7.66 -8.38
C PHE A 29 2.99 -8.10 -9.82
N HIS A 30 3.31 -7.15 -10.70
CA HIS A 30 3.53 -7.42 -12.13
C HIS A 30 4.78 -8.27 -12.40
N GLN A 31 5.88 -8.08 -11.65
CA GLN A 31 7.07 -8.94 -11.75
C GLN A 31 6.85 -10.39 -11.22
N TYR A 32 5.69 -10.70 -10.60
CA TYR A 32 5.33 -12.08 -10.22
C TYR A 32 4.07 -12.63 -10.92
N SER A 33 3.21 -11.80 -11.49
CA SER A 33 2.11 -12.20 -12.38
C SER A 33 2.66 -12.73 -13.71
N VAL A 34 3.30 -13.90 -13.69
CA VAL A 34 3.96 -14.53 -14.84
C VAL A 34 3.10 -15.57 -15.56
N GLU A 35 2.27 -16.32 -14.83
CA GLU A 35 1.33 -17.30 -15.42
C GLU A 35 -0.02 -16.63 -15.69
N GLY A 36 -0.46 -15.72 -14.80
CA GLY A 36 -1.70 -14.95 -14.91
C GLY A 36 -1.68 -13.75 -15.88
N GLY A 37 -0.98 -13.88 -17.02
CA GLY A 37 -0.77 -12.78 -17.97
C GLY A 37 0.28 -11.82 -17.45
N LYS A 38 -0.15 -10.61 -17.05
CA LYS A 38 0.53 -9.67 -16.15
C LYS A 38 -0.46 -8.89 -15.26
N GLU A 39 -1.71 -9.36 -15.18
CA GLU A 39 -2.85 -8.70 -14.51
C GLU A 39 -3.59 -9.60 -13.50
N THR A 40 -3.27 -10.90 -13.46
CA THR A 40 -3.94 -11.88 -12.59
C THR A 40 -2.91 -12.83 -11.93
N LEU A 41 -3.30 -13.62 -10.94
CA LEU A 41 -2.36 -14.14 -9.92
C LEU A 41 -2.68 -15.60 -9.54
N THR A 42 -1.78 -16.56 -9.79
CA THR A 42 -2.03 -17.97 -9.46
C THR A 42 -1.35 -18.40 -8.15
N PRO A 43 -1.86 -19.43 -7.45
CA PRO A 43 -1.19 -20.04 -6.28
C PRO A 43 0.31 -20.33 -6.47
N SER A 44 0.75 -20.71 -7.67
CA SER A 44 2.15 -21.04 -7.96
C SER A 44 3.09 -19.84 -7.79
N GLU A 45 2.79 -18.69 -8.40
CA GLU A 45 3.57 -17.46 -8.16
C GLU A 45 3.29 -16.81 -6.80
N LEU A 46 2.10 -16.97 -6.22
CA LEU A 46 1.78 -16.46 -4.88
C LEU A 46 2.73 -17.08 -3.83
N ARG A 47 2.82 -18.41 -3.78
CA ARG A 47 3.69 -19.12 -2.83
C ARG A 47 5.17 -18.78 -3.04
N ASP A 48 5.60 -18.67 -4.31
CA ASP A 48 6.97 -18.37 -4.68
C ASP A 48 7.41 -16.95 -4.28
N LEU A 49 6.57 -15.95 -4.54
CA LEU A 49 6.88 -14.57 -4.17
C LEU A 49 6.89 -14.40 -2.65
N VAL A 50 5.99 -15.07 -1.91
CA VAL A 50 5.86 -14.86 -0.46
C VAL A 50 7.10 -15.38 0.28
N THR A 51 7.57 -16.59 -0.03
CA THR A 51 8.76 -17.17 0.64
C THR A 51 10.07 -16.41 0.32
N GLN A 52 10.12 -15.68 -0.79
CA GLN A 52 11.27 -14.84 -1.16
C GLN A 52 11.15 -13.39 -0.64
N GLN A 53 9.95 -12.78 -0.64
CA GLN A 53 9.76 -11.35 -0.34
C GLN A 53 9.27 -11.03 1.08
N LEU A 54 8.47 -11.89 1.73
CA LEU A 54 7.78 -11.54 3.00
C LEU A 54 8.15 -12.44 4.21
N PRO A 55 9.43 -12.75 4.49
CA PRO A 55 9.76 -13.65 5.59
C PRO A 55 9.57 -13.04 6.99
N HIS A 56 9.57 -11.71 7.14
CA HIS A 56 9.30 -11.04 8.41
C HIS A 56 7.80 -10.85 8.65
N LEU A 57 7.04 -10.58 7.57
CA LEU A 57 5.58 -10.43 7.60
C LEU A 57 4.82 -11.76 7.67
N MET A 58 5.25 -12.75 6.87
CA MET A 58 4.56 -14.02 6.60
C MET A 58 5.59 -15.14 6.29
N PRO A 59 6.37 -15.60 7.28
CA PRO A 59 7.38 -16.64 7.10
C PRO A 59 6.79 -17.97 6.62
N SER A 60 7.62 -18.78 5.95
CA SER A 60 7.30 -20.16 5.55
C SER A 60 6.71 -21.01 6.68
N ASN A 61 7.11 -20.75 7.94
CA ASN A 61 6.56 -21.42 9.13
C ASN A 61 5.03 -21.32 9.26
N CYS A 62 4.41 -20.19 8.87
CA CYS A 62 2.97 -19.94 9.04
C CYS A 62 2.08 -20.81 8.14
N GLY A 63 2.66 -21.45 7.11
CA GLY A 63 1.90 -22.08 6.04
C GLY A 63 1.33 -21.02 5.11
N LEU A 64 2.16 -20.51 4.21
CA LEU A 64 1.83 -19.45 3.24
C LEU A 64 0.70 -19.84 2.26
N GLU A 65 0.33 -21.12 2.17
CA GLU A 65 -0.94 -21.56 1.57
C GLU A 65 -2.20 -20.99 2.25
N GLU A 66 -2.12 -20.46 3.47
CA GLU A 66 -3.20 -19.72 4.13
C GLU A 66 -3.62 -18.49 3.31
N LYS A 67 -2.66 -17.89 2.59
CA LYS A 67 -2.89 -16.75 1.69
C LYS A 67 -3.54 -17.14 0.37
N ILE A 68 -3.52 -18.42 0.00
CA ILE A 68 -4.31 -19.01 -1.08
C ILE A 68 -5.72 -19.33 -0.55
N ALA A 69 -5.79 -19.99 0.61
CA ALA A 69 -7.04 -20.37 1.28
C ALA A 69 -7.95 -19.17 1.63
N ASN A 70 -7.39 -17.96 1.78
CA ASN A 70 -8.15 -16.73 2.00
C ASN A 70 -8.81 -16.14 0.73
N LEU A 71 -8.26 -16.38 -0.48
CA LEU A 71 -8.74 -15.77 -1.74
C LEU A 71 -9.59 -16.68 -2.67
N GLY A 72 -9.41 -18.01 -2.59
CA GLY A 72 -10.08 -18.99 -3.44
C GLY A 72 -9.37 -19.25 -4.77
N SER A 73 -8.86 -20.47 -4.96
CA SER A 73 -8.11 -20.92 -6.15
C SER A 73 -8.97 -21.02 -7.42
N CYS A 74 -10.29 -21.15 -7.27
CA CYS A 74 -11.29 -21.35 -8.32
C CYS A 74 -12.43 -20.30 -8.24
N ASN A 75 -12.12 -19.14 -7.66
CA ASN A 75 -13.03 -18.03 -7.37
C ASN A 75 -13.96 -17.66 -8.54
N ASP A 76 -15.27 -17.55 -8.27
CA ASP A 76 -16.33 -17.23 -9.24
C ASP A 76 -16.12 -15.86 -9.93
N SER A 77 -15.66 -14.85 -9.18
CA SER A 77 -15.31 -13.51 -9.69
C SER A 77 -13.89 -13.43 -10.25
N LYS A 78 -13.05 -14.45 -9.99
CA LYS A 78 -11.59 -14.44 -10.17
C LYS A 78 -10.89 -13.27 -9.44
N LEU A 79 -9.57 -13.22 -9.53
CA LEU A 79 -8.71 -12.21 -8.91
C LEU A 79 -8.01 -11.30 -9.94
N GLU A 80 -7.54 -10.15 -9.46
CA GLU A 80 -7.00 -9.04 -10.26
C GLU A 80 -5.89 -8.31 -9.47
N PHE A 81 -5.32 -7.26 -10.08
CA PHE A 81 -4.52 -6.19 -9.44
C PHE A 81 -5.03 -5.80 -8.03
N ARG A 82 -6.36 -5.61 -7.87
CA ARG A 82 -7.00 -5.23 -6.60
C ARG A 82 -6.92 -6.29 -5.49
N SER A 83 -6.76 -7.57 -5.86
CA SER A 83 -6.77 -8.71 -4.94
C SER A 83 -5.43 -8.88 -4.23
N PHE A 84 -4.32 -8.66 -4.94
CA PHE A 84 -2.97 -8.57 -4.35
C PHE A 84 -2.92 -7.40 -3.34
N TRP A 85 -3.48 -6.25 -3.72
CA TRP A 85 -3.55 -5.06 -2.88
C TRP A 85 -4.37 -5.27 -1.58
N GLU A 86 -5.47 -6.02 -1.62
CA GLU A 86 -6.24 -6.36 -0.41
C GLU A 86 -5.41 -7.19 0.60
N LEU A 87 -4.43 -7.97 0.14
CA LEU A 87 -3.50 -8.68 1.02
C LEU A 87 -2.40 -7.78 1.59
N ILE A 88 -1.97 -6.73 0.88
CA ILE A 88 -1.08 -5.70 1.46
C ILE A 88 -1.81 -4.96 2.59
N GLY A 89 -3.11 -4.69 2.40
CA GLY A 89 -3.96 -4.11 3.45
C GLY A 89 -4.06 -4.98 4.71
N GLU A 90 -3.91 -6.30 4.62
CA GLU A 90 -3.77 -7.19 5.76
C GLU A 90 -2.31 -7.37 6.26
N ALA A 91 -1.28 -7.29 5.41
CA ALA A 91 0.11 -7.08 5.89
C ALA A 91 0.22 -5.86 6.83
N ALA A 92 -0.50 -4.76 6.57
CA ALA A 92 -0.54 -3.60 7.47
C ALA A 92 -1.24 -3.87 8.83
N LYS A 93 -1.95 -4.99 9.00
CA LYS A 93 -2.45 -5.47 10.29
C LYS A 93 -1.41 -6.29 11.08
N SER A 94 -0.22 -6.51 10.51
CA SER A 94 0.88 -7.28 11.11
C SER A 94 2.14 -6.45 11.43
N VAL A 95 2.18 -5.17 11.03
CA VAL A 95 3.28 -4.24 11.36
C VAL A 95 2.75 -2.81 11.56
N LYS A 96 2.56 -2.43 12.82
CA LYS A 96 1.96 -1.16 13.29
C LYS A 96 2.82 -0.53 14.42
N LEU A 97 2.30 0.50 15.08
CA LEU A 97 2.78 0.97 16.38
C LEU A 97 2.81 -0.17 17.44
N GLU A 98 3.65 -0.05 18.46
CA GLU A 98 3.65 -0.98 19.62
C GLU A 98 2.41 -0.85 20.55
N ARG A 99 1.52 0.12 20.25
CA ARG A 99 0.26 0.40 20.96
C ARG A 99 -0.80 -0.69 20.71
N PRO A 100 -1.74 -0.93 21.62
CA PRO A 100 -2.88 -1.83 21.39
C PRO A 100 -3.80 -1.31 20.28
N VAL A 101 -4.59 -2.21 19.67
CA VAL A 101 -5.58 -1.85 18.63
C VAL A 101 -6.85 -1.29 19.27
N ARG A 102 -7.36 -0.18 18.71
CA ARG A 102 -8.57 0.55 19.16
C ARG A 102 -9.65 0.64 18.08
N GLY A 103 -9.30 0.42 16.80
CA GLY A 103 -10.25 0.29 15.69
C GLY A 103 -9.66 -0.33 14.43
N HIS A 104 -10.51 -0.91 13.58
CA HIS A 104 -10.15 -1.55 12.31
C HIS A 104 -11.06 -1.14 11.14
N MET B 1 13.63 16.68 24.01
CA MET B 1 14.76 17.41 23.40
C MET B 1 15.30 16.62 22.22
N GLY B 2 15.92 17.30 21.25
CA GLY B 2 16.36 16.70 19.99
C GLY B 2 15.21 16.34 19.05
N GLN B 3 15.55 15.73 17.91
CA GLN B 3 14.61 15.23 16.91
C GLN B 3 15.03 13.85 16.37
N CYS B 4 14.05 13.00 16.04
CA CYS B 4 14.26 11.77 15.29
C CYS B 4 14.50 12.03 13.78
N ARG B 5 15.08 11.05 13.06
CA ARG B 5 15.19 11.02 11.60
C ARG B 5 14.91 9.61 11.05
N SER B 6 14.47 9.50 9.80
CA SER B 6 14.02 8.24 9.17
C SER B 6 14.59 8.07 7.75
N ALA B 7 14.93 6.83 7.41
CA ALA B 7 15.41 6.40 6.09
C ALA B 7 14.88 4.98 5.74
N ASN B 8 13.62 4.68 6.09
CA ASN B 8 13.00 3.35 6.11
C ASN B 8 13.13 2.54 4.79
N ALA B 9 13.31 3.19 3.64
CA ALA B 9 13.72 2.54 2.40
C ALA B 9 14.88 3.27 1.65
N GLU B 10 15.38 4.39 2.15
CA GLU B 10 16.61 5.04 1.64
C GLU B 10 17.91 4.37 2.15
N ASP B 11 17.83 3.77 3.34
CA ASP B 11 18.95 3.08 4.03
C ASP B 11 18.70 1.55 4.21
N ALA B 12 17.69 1.03 3.52
CA ALA B 12 17.10 -0.30 3.68
C ALA B 12 16.58 -0.60 5.11
N GLN B 13 16.15 -1.85 5.28
CA GLN B 13 15.87 -2.52 6.54
C GLN B 13 16.54 -3.91 6.45
N GLU B 14 16.38 -4.73 7.48
CA GLU B 14 16.54 -6.18 7.35
C GLU B 14 15.49 -6.84 6.42
N PHE B 15 14.47 -6.08 6.01
CA PHE B 15 13.33 -6.51 5.18
C PHE B 15 13.66 -6.45 3.67
N SER B 16 12.90 -7.17 2.85
CA SER B 16 13.02 -7.10 1.37
C SER B 16 12.65 -5.72 0.83
N ASP B 17 12.98 -5.46 -0.44
CA ASP B 17 12.72 -4.17 -1.12
C ASP B 17 11.24 -3.75 -1.10
N VAL B 18 10.32 -4.72 -1.25
CA VAL B 18 8.87 -4.51 -1.18
C VAL B 18 8.37 -4.52 0.27
N GLU B 19 8.94 -5.36 1.13
CA GLU B 19 8.53 -5.52 2.54
C GLU B 19 8.85 -4.26 3.36
N ARG B 20 9.96 -3.55 3.05
CA ARG B 20 10.23 -2.19 3.56
C ARG B 20 9.46 -1.08 2.84
N ALA B 21 9.04 -1.28 1.59
CA ALA B 21 8.18 -0.31 0.89
C ALA B 21 6.78 -0.20 1.53
N ILE B 22 6.19 -1.31 2.00
CA ILE B 22 4.90 -1.32 2.72
C ILE B 22 5.06 -0.55 4.05
N GLU B 23 6.14 -0.82 4.80
CA GLU B 23 6.45 -0.11 6.03
C GLU B 23 6.64 1.39 5.82
N THR B 24 7.35 1.74 4.76
CA THR B 24 7.73 3.12 4.43
C THR B 24 6.50 3.96 4.17
N LEU B 25 5.51 3.38 3.49
CA LEU B 25 4.30 4.11 3.13
C LEU B 25 3.26 4.16 4.26
N ILE B 26 3.24 3.17 5.16
CA ILE B 26 2.37 3.21 6.35
C ILE B 26 2.97 4.07 7.48
N LYS B 27 4.29 4.09 7.69
CA LYS B 27 4.98 5.01 8.62
C LYS B 27 4.61 6.47 8.37
N ASN B 28 4.44 6.84 7.09
CA ASN B 28 4.07 8.19 6.67
C ASN B 28 2.71 8.68 7.23
N PHE B 29 1.81 7.78 7.66
CA PHE B 29 0.61 8.11 8.42
C PHE B 29 0.94 8.66 9.83
N HIS B 30 1.70 7.87 10.60
CA HIS B 30 1.96 8.12 12.02
C HIS B 30 2.93 9.28 12.23
N GLN B 31 3.87 9.48 11.29
CA GLN B 31 4.74 10.66 11.31
C GLN B 31 3.96 11.97 11.13
N TYR B 32 2.82 11.97 10.43
CA TYR B 32 2.06 13.20 10.16
C TYR B 32 0.89 13.49 11.11
N SER B 33 0.32 12.50 11.80
CA SER B 33 -0.78 12.75 12.74
C SER B 33 -0.32 13.40 14.04
N VAL B 34 -0.81 14.62 14.33
CA VAL B 34 -0.93 15.16 15.70
C VAL B 34 -2.35 15.12 16.28
N GLU B 35 -3.38 15.41 15.46
CA GLU B 35 -4.76 15.66 15.88
C GLU B 35 -5.59 14.36 15.98
N GLY B 36 -5.21 13.33 15.22
CA GLY B 36 -5.65 11.95 15.44
C GLY B 36 -4.84 11.21 16.50
N GLY B 37 -4.23 11.96 17.43
CA GLY B 37 -3.21 11.44 18.34
C GLY B 37 -2.00 10.99 17.53
N LYS B 38 -1.81 9.68 17.42
CA LYS B 38 -0.92 9.06 16.42
C LYS B 38 -1.51 7.80 15.76
N GLU B 39 -2.78 7.52 16.01
CA GLU B 39 -3.46 6.25 15.66
C GLU B 39 -4.66 6.46 14.71
N THR B 40 -5.08 7.70 14.50
CA THR B 40 -6.04 8.12 13.46
C THR B 40 -5.48 9.35 12.70
N LEU B 41 -6.15 9.85 11.66
CA LEU B 41 -5.63 10.88 10.73
C LEU B 41 -6.77 11.83 10.32
N THR B 42 -6.67 13.12 10.67
CA THR B 42 -7.75 14.10 10.44
C THR B 42 -7.44 15.04 9.26
N PRO B 43 -8.42 15.82 8.75
CA PRO B 43 -8.22 16.77 7.65
C PRO B 43 -7.06 17.76 7.84
N SER B 44 -6.74 18.16 9.08
CA SER B 44 -5.64 19.10 9.39
C SER B 44 -4.31 18.62 8.84
N GLU B 45 -3.88 17.42 9.24
CA GLU B 45 -2.61 16.85 8.76
C GLU B 45 -2.72 16.24 7.37
N LEU B 46 -3.91 15.79 6.93
CA LEU B 46 -4.15 15.36 5.54
C LEU B 46 -3.77 16.48 4.56
N ARG B 47 -4.24 17.71 4.81
CA ARG B 47 -3.92 18.88 3.97
C ARG B 47 -2.45 19.30 4.08
N ASP B 48 -1.83 19.12 5.25
CA ASP B 48 -0.43 19.51 5.49
C ASP B 48 0.59 18.52 4.91
N LEU B 49 0.29 17.21 4.89
CA LEU B 49 1.20 16.19 4.35
C LEU B 49 1.18 16.15 2.81
N VAL B 50 -0.01 16.23 2.21
CA VAL B 50 -0.24 15.97 0.77
C VAL B 50 0.50 16.96 -0.14
N THR B 51 0.57 18.23 0.26
CA THR B 51 1.27 19.30 -0.48
C THR B 51 2.79 19.06 -0.60
N GLN B 52 3.40 18.32 0.34
CA GLN B 52 4.80 17.87 0.28
C GLN B 52 4.99 16.43 -0.26
N GLN B 53 4.05 15.51 0.01
CA GLN B 53 4.22 14.06 -0.22
C GLN B 53 3.68 13.55 -1.56
N LEU B 54 2.61 14.14 -2.11
CA LEU B 54 1.97 13.66 -3.35
C LEU B 54 2.00 14.73 -4.47
N PRO B 55 3.17 15.31 -4.82
CA PRO B 55 3.24 16.44 -5.74
C PRO B 55 2.80 16.07 -7.17
N HIS B 56 2.88 14.80 -7.59
CA HIS B 56 2.34 14.28 -8.85
C HIS B 56 0.90 13.78 -8.74
N LEU B 57 0.59 13.06 -7.65
CA LEU B 57 -0.69 12.35 -7.48
C LEU B 57 -1.87 13.25 -7.03
N MET B 58 -1.59 14.28 -6.22
CA MET B 58 -2.58 15.25 -5.73
C MET B 58 -1.91 16.62 -5.51
N PRO B 59 -1.69 17.40 -6.58
CA PRO B 59 -1.12 18.74 -6.50
C PRO B 59 -2.10 19.79 -5.94
N SER B 60 -1.57 20.93 -5.47
CA SER B 60 -2.37 22.14 -5.20
C SER B 60 -3.30 22.53 -6.37
N ASN B 61 -2.87 22.28 -7.62
CA ASN B 61 -3.65 22.49 -8.84
C ASN B 61 -4.98 21.68 -8.93
N CYS B 62 -5.15 20.62 -8.12
CA CYS B 62 -6.39 19.82 -8.03
C CYS B 62 -7.34 20.26 -6.90
N GLY B 63 -6.85 21.06 -5.94
CA GLY B 63 -7.56 21.39 -4.69
C GLY B 63 -7.66 20.17 -3.76
N LEU B 64 -6.66 19.99 -2.90
CA LEU B 64 -6.46 18.82 -2.03
C LEU B 64 -7.54 18.62 -0.94
N GLU B 65 -8.36 19.63 -0.67
CA GLU B 65 -9.67 19.49 0.01
C GLU B 65 -10.59 18.40 -0.61
N GLU B 66 -10.38 18.02 -1.87
CA GLU B 66 -11.14 16.97 -2.57
C GLU B 66 -10.87 15.57 -1.98
N LYS B 67 -9.70 15.38 -1.37
CA LYS B 67 -9.37 14.14 -0.66
C LYS B 67 -9.95 14.10 0.76
N ILE B 68 -10.24 15.26 1.34
CA ILE B 68 -11.00 15.42 2.58
C ILE B 68 -12.49 15.19 2.30
N ALA B 69 -12.99 15.67 1.17
CA ALA B 69 -14.34 15.40 0.68
C ALA B 69 -14.61 13.89 0.48
N ASN B 70 -13.59 13.09 0.14
CA ASN B 70 -13.70 11.64 -0.06
C ASN B 70 -13.64 10.78 1.22
N LEU B 71 -13.18 11.30 2.38
CA LEU B 71 -13.17 10.55 3.65
C LEU B 71 -14.39 10.76 4.56
N GLY B 72 -15.19 11.81 4.31
CA GLY B 72 -16.40 12.13 5.05
C GLY B 72 -16.15 12.58 6.49
N SER B 73 -15.81 13.86 6.71
CA SER B 73 -15.40 14.41 8.02
C SER B 73 -16.45 14.27 9.14
N CYS B 74 -17.72 14.06 8.79
CA CYS B 74 -18.84 13.84 9.72
C CYS B 74 -19.47 12.43 9.58
N ASN B 75 -18.75 11.46 9.00
CA ASN B 75 -19.21 10.07 8.85
C ASN B 75 -19.43 9.39 10.22
N ASP B 76 -20.46 8.53 10.30
CA ASP B 76 -20.92 7.87 11.53
C ASP B 76 -19.96 6.81 12.10
N SER B 77 -19.02 6.31 11.29
CA SER B 77 -17.93 5.42 11.72
C SER B 77 -16.64 6.15 12.09
N LYS B 78 -16.53 7.45 11.75
CA LYS B 78 -15.34 8.31 11.90
C LYS B 78 -14.06 7.79 11.21
N LEU B 79 -13.06 8.66 11.10
CA LEU B 79 -11.78 8.36 10.46
C LEU B 79 -10.90 7.38 11.26
N GLU B 80 -10.00 6.71 10.56
CA GLU B 80 -9.20 5.56 11.01
C GLU B 80 -7.87 5.46 10.23
N PHE B 81 -6.95 4.59 10.65
CA PHE B 81 -5.83 4.07 9.85
C PHE B 81 -6.29 3.51 8.48
N ARG B 82 -7.49 2.88 8.40
CA ARG B 82 -8.14 2.52 7.13
C ARG B 82 -8.38 3.71 6.19
N SER B 83 -8.72 4.89 6.72
CA SER B 83 -9.21 6.02 5.91
C SER B 83 -8.13 6.63 5.00
N PHE B 84 -6.86 6.63 5.43
CA PHE B 84 -5.70 7.02 4.61
C PHE B 84 -5.39 5.95 3.54
N TRP B 85 -5.47 4.67 3.91
CA TRP B 85 -5.24 3.52 3.02
C TRP B 85 -6.28 3.40 1.89
N GLU B 86 -7.53 3.77 2.15
CA GLU B 86 -8.58 3.96 1.12
C GLU B 86 -8.22 5.02 0.06
N LEU B 87 -7.45 6.05 0.44
CA LEU B 87 -7.01 7.13 -0.44
C LEU B 87 -5.75 6.74 -1.25
N ILE B 88 -4.89 5.86 -0.70
CA ILE B 88 -3.89 5.15 -1.50
C ILE B 88 -4.59 4.22 -2.52
N GLY B 89 -5.72 3.62 -2.11
CA GLY B 89 -6.61 2.86 -2.99
C GLY B 89 -7.06 3.66 -4.22
N GLU B 90 -7.30 4.96 -4.07
CA GLU B 90 -7.61 5.88 -5.16
C GLU B 90 -6.37 6.32 -5.96
N ALA B 91 -5.18 6.43 -5.34
CA ALA B 91 -3.92 6.65 -6.06
C ALA B 91 -3.68 5.54 -7.10
N ALA B 92 -3.93 4.27 -6.74
CA ALA B 92 -3.76 3.13 -7.65
C ALA B 92 -4.79 3.06 -8.81
N LYS B 93 -5.84 3.91 -8.81
CA LYS B 93 -6.73 4.12 -9.98
C LYS B 93 -6.06 5.00 -11.06
N SER B 94 -4.93 5.64 -10.72
CA SER B 94 -4.15 6.53 -11.59
C SER B 94 -2.71 6.07 -11.80
N VAL B 95 -2.04 5.52 -10.78
CA VAL B 95 -0.67 4.98 -10.88
C VAL B 95 -0.69 3.47 -11.16
N LYS B 96 -0.46 3.12 -12.43
CA LYS B 96 -0.37 1.78 -13.03
C LYS B 96 0.77 1.73 -14.06
N LEU B 97 0.99 0.60 -14.74
CA LEU B 97 1.95 0.44 -15.85
C LEU B 97 1.69 1.41 -17.02
N GLU B 98 2.68 1.59 -17.90
CA GLU B 98 2.58 2.40 -19.13
C GLU B 98 1.76 1.74 -20.27
N ARG B 99 1.19 0.57 -19.99
CA ARG B 99 0.09 -0.06 -20.76
C ARG B 99 -1.23 0.73 -20.57
N PRO B 100 -2.28 0.44 -21.37
CA PRO B 100 -3.65 0.85 -21.07
C PRO B 100 -4.20 0.27 -19.75
N VAL B 101 -5.39 0.70 -19.35
CA VAL B 101 -6.09 0.29 -18.12
C VAL B 101 -7.57 -0.04 -18.40
N ARG B 102 -8.07 -1.16 -17.86
CA ARG B 102 -9.45 -1.66 -18.04
C ARG B 102 -10.37 -1.23 -16.88
N GLY B 103 -10.57 0.08 -16.75
CA GLY B 103 -11.41 0.71 -15.71
C GLY B 103 -10.84 0.61 -14.28
N HIS B 104 -11.68 0.87 -13.28
CA HIS B 104 -11.33 0.73 -11.85
C HIS B 104 -11.04 -0.72 -11.45
N MET A 1 7.84 -12.75 -23.54
CA MET A 1 7.25 -12.35 -22.25
C MET A 1 7.80 -13.22 -21.12
N GLY A 2 8.19 -12.58 -20.02
CA GLY A 2 8.77 -13.24 -18.84
C GLY A 2 9.13 -12.24 -17.74
N GLN A 3 9.43 -12.74 -16.53
CA GLN A 3 9.65 -11.92 -15.32
C GLN A 3 11.14 -11.78 -14.92
N CYS A 4 11.52 -10.65 -14.31
CA CYS A 4 12.79 -10.49 -13.61
C CYS A 4 12.72 -9.37 -12.55
N ARG A 5 13.03 -9.71 -11.28
CA ARG A 5 13.00 -8.81 -10.11
C ARG A 5 13.93 -7.60 -10.24
N SER A 6 13.63 -6.51 -9.52
CA SER A 6 14.41 -5.26 -9.60
C SER A 6 14.30 -4.36 -8.35
N ALA A 7 15.21 -3.39 -8.27
CA ALA A 7 15.27 -2.31 -7.28
C ALA A 7 14.80 -0.95 -7.87
N ASN A 8 14.11 -0.97 -9.01
CA ASN A 8 13.90 0.19 -9.88
C ASN A 8 13.25 1.41 -9.20
N ALA A 9 12.16 1.20 -8.46
CA ALA A 9 11.47 2.28 -7.76
C ALA A 9 12.26 2.84 -6.56
N GLU A 10 13.20 2.08 -5.96
CA GLU A 10 13.87 2.47 -4.71
C GLU A 10 14.86 3.63 -4.88
N ASP A 11 15.53 3.68 -6.03
CA ASP A 11 16.32 4.84 -6.47
C ASP A 11 15.43 5.97 -7.02
N ALA A 12 14.26 5.60 -7.55
CA ALA A 12 13.20 6.47 -8.10
C ALA A 12 13.58 7.27 -9.35
N GLN A 13 12.56 7.69 -10.11
CA GLN A 13 12.73 8.64 -11.20
C GLN A 13 12.77 10.09 -10.70
N GLU A 14 11.81 10.44 -9.82
CA GLU A 14 11.52 11.83 -9.42
C GLU A 14 11.14 11.98 -7.92
N PHE A 15 11.05 10.86 -7.19
CA PHE A 15 10.14 10.71 -6.03
C PHE A 15 10.81 10.93 -4.66
N SER A 16 10.04 11.44 -3.69
CA SER A 16 10.32 11.45 -2.25
C SER A 16 10.00 10.08 -1.61
N ASP A 17 10.40 9.84 -0.35
CA ASP A 17 10.36 8.52 0.31
C ASP A 17 9.00 7.79 0.22
N VAL A 18 7.88 8.47 0.49
CA VAL A 18 6.54 7.85 0.43
C VAL A 18 6.09 7.53 -1.01
N GLU A 19 6.54 8.34 -1.97
CA GLU A 19 6.18 8.23 -3.39
C GLU A 19 7.04 7.19 -4.13
N ARG A 20 8.26 6.88 -3.63
CA ARG A 20 8.98 5.65 -4.01
C ARG A 20 8.45 4.40 -3.32
N ALA A 21 7.95 4.52 -2.09
CA ALA A 21 7.46 3.39 -1.30
C ALA A 21 6.23 2.71 -1.95
N ILE A 22 5.15 3.46 -2.20
CA ILE A 22 3.92 2.98 -2.86
C ILE A 22 4.26 2.41 -4.24
N GLU A 23 5.09 3.12 -5.03
CA GLU A 23 5.52 2.59 -6.32
C GLU A 23 6.28 1.27 -6.23
N THR A 24 7.12 1.12 -5.22
CA THR A 24 7.86 -0.13 -4.94
C THR A 24 6.92 -1.30 -4.66
N LEU A 25 5.71 -1.08 -4.13
CA LEU A 25 4.73 -2.16 -3.96
C LEU A 25 4.05 -2.47 -5.30
N ILE A 26 3.69 -1.42 -6.03
CA ILE A 26 3.05 -1.48 -7.35
C ILE A 26 3.95 -2.22 -8.35
N LYS A 27 5.22 -1.82 -8.47
CA LYS A 27 6.26 -2.50 -9.27
C LYS A 27 6.45 -3.95 -8.87
N ASN A 28 6.16 -4.33 -7.62
CA ASN A 28 6.19 -5.72 -7.20
C ASN A 28 4.98 -6.56 -7.69
N PHE A 29 3.86 -5.95 -8.09
CA PHE A 29 2.87 -6.62 -8.95
C PHE A 29 3.43 -6.88 -10.36
N HIS A 30 4.10 -5.87 -10.95
CA HIS A 30 4.69 -5.97 -12.29
C HIS A 30 5.74 -7.11 -12.35
N GLN A 31 6.62 -7.18 -11.35
CA GLN A 31 7.74 -8.13 -11.28
C GLN A 31 7.39 -9.58 -10.91
N TYR A 32 6.15 -9.84 -10.54
CA TYR A 32 5.64 -11.18 -10.19
C TYR A 32 4.52 -11.73 -11.09
N SER A 33 3.79 -10.92 -11.86
CA SER A 33 2.66 -11.39 -12.68
C SER A 33 3.08 -11.90 -14.07
N VAL A 34 3.46 -13.17 -14.18
CA VAL A 34 3.82 -13.85 -15.44
C VAL A 34 2.65 -14.63 -16.08
N GLU A 35 1.70 -15.11 -15.28
CA GLU A 35 0.47 -15.75 -15.77
C GLU A 35 -0.74 -14.78 -15.72
N GLY A 36 -0.75 -13.83 -14.78
CA GLY A 36 -1.75 -12.75 -14.74
C GLY A 36 -1.51 -11.58 -15.72
N GLY A 37 -0.44 -11.64 -16.53
CA GLY A 37 -0.18 -10.67 -17.61
C GLY A 37 0.02 -9.22 -17.14
N LYS A 38 0.46 -9.01 -15.89
CA LYS A 38 0.54 -7.72 -15.19
C LYS A 38 -0.78 -6.97 -14.99
N GLU A 39 -1.92 -7.58 -15.30
CA GLU A 39 -3.26 -7.03 -15.00
C GLU A 39 -3.91 -7.73 -13.80
N THR A 40 -3.56 -9.00 -13.56
CA THR A 40 -4.05 -9.84 -12.44
C THR A 40 -2.92 -10.65 -11.78
N LEU A 41 -3.22 -11.41 -10.73
CA LEU A 41 -2.28 -12.17 -9.88
C LEU A 41 -2.79 -13.61 -9.73
N THR A 42 -1.94 -14.61 -10.03
CA THR A 42 -2.32 -16.04 -9.96
C THR A 42 -1.85 -16.75 -8.68
N PRO A 43 -2.49 -17.85 -8.25
CA PRO A 43 -2.15 -18.58 -7.01
C PRO A 43 -0.67 -18.93 -6.84
N SER A 44 0.00 -19.39 -7.90
CA SER A 44 1.41 -19.83 -7.82
C SER A 44 2.41 -18.68 -7.65
N GLU A 45 2.12 -17.50 -8.22
CA GLU A 45 2.96 -16.31 -8.07
C GLU A 45 2.61 -15.48 -6.83
N LEU A 46 1.39 -15.62 -6.28
CA LEU A 46 1.03 -15.21 -4.92
C LEU A 46 1.86 -16.00 -3.89
N ARG A 47 1.83 -17.34 -3.95
CA ARG A 47 2.68 -18.21 -3.13
C ARG A 47 4.16 -17.81 -3.25
N ASP A 48 4.64 -17.54 -4.46
CA ASP A 48 6.04 -17.19 -4.70
C ASP A 48 6.42 -15.83 -4.08
N LEU A 49 5.72 -14.70 -4.33
CA LEU A 49 6.15 -13.42 -3.74
C LEU A 49 6.01 -13.39 -2.22
N VAL A 50 5.05 -14.12 -1.65
CA VAL A 50 4.88 -14.17 -0.20
C VAL A 50 6.03 -14.96 0.44
N THR A 51 6.35 -16.15 -0.06
CA THR A 51 7.43 -16.97 0.53
C THR A 51 8.83 -16.44 0.17
N GLN A 52 8.97 -15.71 -0.94
CA GLN A 52 10.21 -15.02 -1.31
C GLN A 52 10.42 -13.69 -0.56
N GLN A 53 9.43 -12.78 -0.53
CA GLN A 53 9.61 -11.44 0.06
C GLN A 53 9.10 -11.29 1.49
N LEU A 54 8.16 -12.13 1.96
CA LEU A 54 7.62 -12.07 3.33
C LEU A 54 7.88 -13.35 4.17
N PRO A 55 9.10 -13.94 4.18
CA PRO A 55 9.35 -15.23 4.86
C PRO A 55 9.27 -15.12 6.38
N HIS A 56 9.54 -13.94 6.95
CA HIS A 56 9.51 -13.69 8.40
C HIS A 56 8.11 -13.34 8.95
N LEU A 57 7.11 -13.22 8.08
CA LEU A 57 5.71 -12.89 8.44
C LEU A 57 4.79 -14.12 8.43
N MET A 58 4.94 -15.02 7.45
CA MET A 58 3.92 -16.01 7.11
C MET A 58 4.43 -17.45 7.27
N PRO A 59 3.77 -18.30 8.08
CA PRO A 59 4.24 -19.67 8.36
C PRO A 59 4.18 -20.59 7.14
N SER A 60 4.98 -21.66 7.20
CA SER A 60 5.24 -22.58 6.09
C SER A 60 3.97 -23.13 5.42
N ASN A 61 3.82 -22.86 4.12
CA ASN A 61 2.67 -23.17 3.24
C ASN A 61 1.31 -22.60 3.68
N CYS A 62 0.89 -22.81 4.92
CA CYS A 62 -0.37 -22.35 5.51
C CYS A 62 -0.53 -20.84 5.44
N GLY A 63 0.56 -20.10 5.69
CA GLY A 63 0.65 -18.65 5.54
C GLY A 63 0.51 -18.16 4.09
N LEU A 64 0.51 -19.07 3.12
CA LEU A 64 0.29 -18.81 1.71
C LEU A 64 -1.13 -19.23 1.31
N GLU A 65 -1.47 -20.50 1.48
CA GLU A 65 -2.64 -21.08 0.81
C GLU A 65 -3.97 -20.59 1.37
N GLU A 66 -4.00 -20.07 2.61
CA GLU A 66 -5.22 -19.48 3.18
C GLU A 66 -5.66 -18.24 2.38
N LYS A 67 -4.72 -17.56 1.70
CA LYS A 67 -4.98 -16.37 0.90
C LYS A 67 -5.50 -16.73 -0.49
N ILE A 68 -4.99 -17.82 -1.07
CA ILE A 68 -5.56 -18.45 -2.28
C ILE A 68 -7.00 -18.91 -2.00
N ALA A 69 -7.25 -19.51 -0.83
CA ALA A 69 -8.57 -19.99 -0.42
C ALA A 69 -9.59 -18.87 -0.18
N ASN A 70 -9.15 -17.66 0.20
CA ASN A 70 -10.03 -16.51 0.45
C ASN A 70 -10.37 -15.73 -0.84
N LEU A 71 -9.38 -15.47 -1.70
CA LEU A 71 -9.55 -14.59 -2.86
C LEU A 71 -10.52 -15.11 -3.95
N GLY A 72 -10.79 -16.43 -3.96
CA GLY A 72 -11.44 -17.12 -5.08
C GLY A 72 -12.95 -17.34 -4.94
N SER A 73 -13.52 -17.33 -3.73
CA SER A 73 -14.88 -17.82 -3.44
C SER A 73 -16.02 -17.03 -4.13
N CYS A 74 -15.77 -15.81 -4.60
CA CYS A 74 -16.71 -14.98 -5.35
C CYS A 74 -16.01 -14.24 -6.53
N ASN A 75 -15.10 -14.95 -7.20
CA ASN A 75 -14.21 -14.44 -8.26
C ASN A 75 -14.35 -15.22 -9.58
N ASP A 76 -14.08 -14.58 -10.72
CA ASP A 76 -13.86 -15.26 -12.01
C ASP A 76 -12.55 -14.89 -12.74
N SER A 77 -12.06 -13.64 -12.67
CA SER A 77 -10.90 -13.18 -13.46
C SER A 77 -9.51 -13.35 -12.79
N LYS A 78 -9.40 -14.17 -11.74
CA LYS A 78 -8.29 -14.16 -10.76
C LYS A 78 -8.23 -12.82 -10.01
N LEU A 79 -7.17 -12.61 -9.21
CA LEU A 79 -7.01 -11.40 -8.39
C LEU A 79 -6.66 -10.20 -9.26
N GLU A 80 -7.53 -9.19 -9.39
CA GLU A 80 -7.18 -7.98 -10.14
C GLU A 80 -6.12 -7.13 -9.39
N PHE A 81 -5.29 -6.40 -10.12
CA PHE A 81 -4.27 -5.46 -9.60
C PHE A 81 -4.79 -4.57 -8.45
N ARG A 82 -6.03 -4.07 -8.55
CA ARG A 82 -6.74 -3.33 -7.49
C ARG A 82 -6.83 -4.08 -6.15
N SER A 83 -7.02 -5.40 -6.20
CA SER A 83 -7.27 -6.27 -5.04
C SER A 83 -5.99 -6.78 -4.35
N PHE A 84 -4.82 -6.68 -5.01
CA PHE A 84 -3.50 -6.84 -4.35
C PHE A 84 -3.41 -5.97 -3.08
N TRP A 85 -3.86 -4.70 -3.20
CA TRP A 85 -3.70 -3.66 -2.18
C TRP A 85 -4.45 -3.94 -0.87
N GLU A 86 -5.62 -4.59 -0.96
CA GLU A 86 -6.43 -5.03 0.19
C GLU A 86 -5.71 -6.12 1.02
N LEU A 87 -4.86 -6.90 0.35
CA LEU A 87 -4.15 -8.08 0.86
C LEU A 87 -2.83 -7.71 1.57
N ILE A 88 -2.25 -6.54 1.25
CA ILE A 88 -1.16 -5.89 2.01
C ILE A 88 -1.60 -5.56 3.44
N GLY A 89 -2.92 -5.49 3.67
CA GLY A 89 -3.51 -5.44 5.01
C GLY A 89 -3.01 -6.53 5.96
N GLU A 90 -2.56 -7.68 5.45
CA GLU A 90 -1.90 -8.73 6.25
C GLU A 90 -0.45 -8.37 6.61
N ALA A 91 0.26 -7.69 5.71
CA ALA A 91 1.63 -7.25 5.91
C ALA A 91 1.72 -6.10 6.93
N ALA A 92 0.82 -5.10 6.87
CA ALA A 92 0.80 -3.96 7.81
C ALA A 92 0.71 -4.37 9.30
N LYS A 93 0.26 -5.58 9.63
CA LYS A 93 0.26 -6.08 11.02
C LYS A 93 1.67 -6.20 11.64
N SER A 94 2.72 -6.11 10.80
CA SER A 94 4.12 -5.93 11.17
C SER A 94 4.45 -4.59 11.85
N VAL A 95 3.70 -3.51 11.56
CA VAL A 95 4.06 -2.14 11.96
C VAL A 95 2.84 -1.23 12.16
N LYS A 96 2.69 -0.72 13.39
CA LYS A 96 1.67 0.24 13.80
C LYS A 96 2.28 1.31 14.74
N LEU A 97 1.44 2.28 15.12
CA LEU A 97 1.83 3.48 15.87
C LEU A 97 2.53 3.17 17.19
N GLU A 98 3.50 4.00 17.57
CA GLU A 98 4.13 3.98 18.90
C GLU A 98 3.25 4.68 19.96
N ARG A 99 2.03 4.17 20.15
CA ARG A 99 0.96 4.72 21.02
C ARG A 99 0.22 3.56 21.72
N PRO A 100 -0.31 3.74 22.96
CA PRO A 100 -1.24 2.77 23.54
C PRO A 100 -2.53 2.65 22.70
N VAL A 101 -3.12 1.45 22.70
CA VAL A 101 -4.23 1.02 21.83
C VAL A 101 -3.95 1.36 20.35
N ARG A 102 -2.96 0.68 19.77
CA ARG A 102 -2.36 0.92 18.43
C ARG A 102 -3.25 0.63 17.20
N GLY A 103 -4.57 0.72 17.33
CA GLY A 103 -5.55 0.49 16.24
C GLY A 103 -6.30 -0.84 16.34
N HIS A 104 -7.25 -1.06 15.42
CA HIS A 104 -8.17 -2.22 15.39
C HIS A 104 -8.56 -2.70 13.98
N MET B 1 3.32 15.74 22.62
CA MET B 1 3.19 15.11 21.28
C MET B 1 4.17 15.74 20.29
N GLY B 2 4.84 14.92 19.48
CA GLY B 2 5.80 15.36 18.46
C GLY B 2 6.30 14.22 17.57
N GLN B 3 7.19 14.54 16.63
CA GLN B 3 7.73 13.59 15.64
C GLN B 3 9.27 13.61 15.55
N CYS B 4 9.85 12.46 15.19
CA CYS B 4 11.26 12.27 14.82
C CYS B 4 11.39 11.15 13.76
N ARG B 5 12.29 11.33 12.78
CA ARG B 5 12.56 10.33 11.73
C ARG B 5 14.05 10.11 11.50
N SER B 6 14.42 8.86 11.17
CA SER B 6 15.78 8.43 10.82
C SER B 6 15.76 7.37 9.71
N ALA B 7 16.91 6.79 9.36
CA ALA B 7 17.03 5.69 8.39
C ALA B 7 16.41 4.33 8.84
N ASN B 8 15.60 4.29 9.91
CA ASN B 8 15.04 3.08 10.51
C ASN B 8 14.40 2.11 9.49
N ALA B 9 13.61 2.63 8.53
CA ALA B 9 12.93 1.82 7.52
C ALA B 9 13.83 1.47 6.31
N GLU B 10 15.03 2.06 6.18
CA GLU B 10 16.02 1.68 5.15
C GLU B 10 16.85 0.46 5.57
N ASP B 11 17.04 0.31 6.88
CA ASP B 11 17.63 -0.86 7.56
C ASP B 11 16.59 -1.99 7.76
N ALA B 12 15.39 -1.63 8.23
CA ALA B 12 14.24 -2.49 8.51
C ALA B 12 14.43 -3.61 9.57
N GLN B 13 13.33 -4.13 10.11
CA GLN B 13 13.32 -5.05 11.27
C GLN B 13 13.86 -6.45 10.93
N GLU B 14 13.20 -7.16 10.00
CA GLU B 14 13.61 -8.47 9.44
C GLU B 14 13.36 -8.56 7.92
N PHE B 15 13.10 -7.42 7.30
CA PHE B 15 12.27 -7.33 6.09
C PHE B 15 13.04 -7.32 4.77
N SER B 16 12.41 -7.88 3.73
CA SER B 16 12.85 -7.77 2.33
C SER B 16 12.25 -6.52 1.65
N ASP B 17 12.57 -6.32 0.37
CA ASP B 17 12.43 -5.06 -0.37
C ASP B 17 11.04 -4.41 -0.29
N VAL B 18 9.99 -5.19 -0.56
CA VAL B 18 8.59 -4.72 -0.57
C VAL B 18 8.02 -4.48 0.84
N GLU B 19 8.51 -5.18 1.86
CA GLU B 19 8.07 -5.04 3.25
C GLU B 19 8.76 -3.85 3.95
N ARG B 20 10.05 -3.59 3.69
CA ARG B 20 10.65 -2.31 4.08
C ARG B 20 10.01 -1.13 3.35
N ALA B 21 9.54 -1.32 2.11
CA ALA B 21 8.74 -0.32 1.41
C ALA B 21 7.40 -0.03 2.11
N ILE B 22 6.64 -1.04 2.54
CA ILE B 22 5.40 -0.86 3.31
C ILE B 22 5.70 -0.10 4.61
N GLU B 23 6.76 -0.45 5.33
CA GLU B 23 7.12 0.25 6.56
C GLU B 23 7.37 1.75 6.32
N THR B 24 8.04 2.03 5.22
CA THR B 24 8.45 3.37 4.81
C THR B 24 7.24 4.26 4.56
N LEU B 25 6.17 3.72 3.97
CA LEU B 25 4.94 4.50 3.78
C LEU B 25 4.02 4.51 5.01
N ILE B 26 4.01 3.44 5.83
CA ILE B 26 3.33 3.45 7.13
C ILE B 26 3.94 4.50 8.07
N LYS B 27 5.27 4.62 8.14
CA LYS B 27 5.94 5.66 8.92
C LYS B 27 5.57 7.08 8.51
N ASN B 28 5.08 7.29 7.28
CA ASN B 28 4.55 8.58 6.87
C ASN B 28 3.18 8.91 7.49
N PHE B 29 2.37 7.92 7.92
CA PHE B 29 1.25 8.18 8.83
C PHE B 29 1.76 8.70 10.18
N HIS B 30 2.83 8.11 10.73
CA HIS B 30 3.41 8.50 12.02
C HIS B 30 3.96 9.95 11.96
N GLN B 31 4.55 10.35 10.83
CA GLN B 31 4.98 11.73 10.56
C GLN B 31 3.86 12.75 10.30
N TYR B 32 2.71 12.34 9.72
CA TYR B 32 1.61 13.23 9.29
C TYR B 32 0.30 13.03 10.09
N SER B 33 0.41 12.66 11.37
CA SER B 33 -0.71 12.57 12.32
C SER B 33 -0.50 13.53 13.50
N VAL B 34 -0.16 14.79 13.22
CA VAL B 34 0.23 15.80 14.23
C VAL B 34 -1.01 16.52 14.80
N GLU B 35 -2.02 16.76 13.96
CA GLU B 35 -3.38 17.07 14.42
C GLU B 35 -4.14 15.77 14.77
N GLY B 36 -3.83 14.64 14.10
CA GLY B 36 -4.31 13.29 14.44
C GLY B 36 -3.77 12.70 15.75
N GLY B 37 -2.88 13.41 16.47
CA GLY B 37 -2.36 13.04 17.80
C GLY B 37 -1.60 11.71 17.86
N LYS B 38 -1.05 11.23 16.74
CA LYS B 38 -0.52 9.86 16.54
C LYS B 38 -1.49 8.72 16.95
N GLU B 39 -2.79 9.01 17.00
CA GLU B 39 -3.86 8.03 17.24
C GLU B 39 -4.73 7.83 16.00
N THR B 40 -4.89 8.88 15.20
CA THR B 40 -5.71 8.94 13.96
C THR B 40 -5.09 9.95 12.97
N LEU B 41 -5.88 10.50 12.03
CA LEU B 41 -5.42 11.29 10.87
C LEU B 41 -6.44 12.42 10.60
N THR B 42 -6.02 13.63 10.19
CA THR B 42 -6.95 14.75 9.89
C THR B 42 -6.86 15.29 8.44
N PRO B 43 -7.90 15.95 7.91
CA PRO B 43 -7.96 16.39 6.49
C PRO B 43 -6.86 17.33 6.02
N SER B 44 -6.44 18.34 6.80
CA SER B 44 -5.41 19.29 6.32
C SER B 44 -4.04 18.62 6.14
N GLU B 45 -3.70 17.62 6.96
CA GLU B 45 -2.46 16.83 6.84
C GLU B 45 -2.58 15.67 5.83
N LEU B 46 -3.80 15.17 5.55
CA LEU B 46 -4.09 14.38 4.34
C LEU B 46 -3.73 15.22 3.10
N ARG B 47 -4.31 16.42 2.95
CA ARG B 47 -4.01 17.31 1.81
C ARG B 47 -2.53 17.67 1.74
N ASP B 48 -1.90 18.00 2.87
CA ASP B 48 -0.48 18.38 2.92
C ASP B 48 0.46 17.24 2.50
N LEU B 49 0.29 16.02 3.03
CA LEU B 49 1.16 14.92 2.59
C LEU B 49 0.93 14.54 1.14
N VAL B 50 -0.30 14.64 0.63
CA VAL B 50 -0.55 14.33 -0.78
C VAL B 50 0.08 15.39 -1.68
N THR B 51 -0.12 16.68 -1.41
CA THR B 51 0.34 17.74 -2.33
C THR B 51 1.83 18.11 -2.17
N GLN B 52 2.42 17.89 -0.99
CA GLN B 52 3.87 18.01 -0.79
C GLN B 52 4.64 16.73 -1.15
N GLN B 53 4.12 15.54 -0.84
CA GLN B 53 4.88 14.29 -1.02
C GLN B 53 4.45 13.40 -2.20
N LEU B 54 3.19 13.47 -2.66
CA LEU B 54 2.69 12.78 -3.87
C LEU B 54 2.36 13.74 -5.06
N PRO B 55 3.23 14.69 -5.45
CA PRO B 55 2.91 15.65 -6.52
C PRO B 55 3.05 15.05 -7.92
N HIS B 56 3.84 13.98 -8.09
CA HIS B 56 3.95 13.26 -9.35
C HIS B 56 2.81 12.22 -9.45
N LEU B 57 2.54 11.51 -8.36
CA LEU B 57 1.56 10.42 -8.30
C LEU B 57 0.12 10.89 -8.54
N MET B 58 -0.39 11.85 -7.76
CA MET B 58 -1.84 12.11 -7.63
C MET B 58 -2.31 13.48 -8.19
N PRO B 59 -3.55 13.56 -8.71
CA PRO B 59 -4.11 14.75 -9.36
C PRO B 59 -4.75 15.79 -8.41
N SER B 60 -5.21 16.90 -8.99
CA SER B 60 -5.44 18.15 -8.27
C SER B 60 -6.52 19.06 -8.86
N ASN B 61 -6.65 20.30 -8.35
CA ASN B 61 -7.77 21.25 -8.45
C ASN B 61 -9.10 20.71 -7.85
N CYS B 62 -9.41 19.45 -8.10
CA CYS B 62 -10.57 18.68 -7.64
C CYS B 62 -10.18 17.30 -7.10
N GLY B 63 -8.99 16.82 -7.43
CA GLY B 63 -8.66 15.40 -7.44
C GLY B 63 -8.37 14.74 -6.09
N LEU B 64 -7.98 15.52 -5.07
CA LEU B 64 -7.65 15.04 -3.72
C LEU B 64 -8.71 15.42 -2.67
N GLU B 65 -9.41 16.55 -2.82
CA GLU B 65 -10.43 16.99 -1.84
C GLU B 65 -11.75 16.21 -1.89
N GLU B 66 -11.99 15.45 -2.96
CA GLU B 66 -13.10 14.51 -3.03
C GLU B 66 -13.01 13.42 -1.95
N LYS B 67 -11.80 13.17 -1.41
CA LYS B 67 -11.56 12.23 -0.32
C LYS B 67 -11.91 12.85 1.03
N ILE B 68 -11.57 14.12 1.25
CA ILE B 68 -11.99 14.90 2.44
C ILE B 68 -13.53 15.01 2.51
N ALA B 69 -14.18 15.11 1.36
CA ALA B 69 -15.63 15.20 1.22
C ALA B 69 -16.37 13.87 1.51
N ASN B 70 -15.81 12.73 1.09
CA ASN B 70 -16.39 11.39 1.23
C ASN B 70 -15.99 10.58 2.48
N LEU B 71 -14.82 10.82 3.10
CA LEU B 71 -14.19 9.91 4.08
C LEU B 71 -15.04 9.50 5.30
N GLY B 72 -16.09 10.26 5.63
CA GLY B 72 -17.17 9.82 6.52
C GLY B 72 -18.25 10.88 6.73
N SER B 73 -19.51 10.47 6.89
CA SER B 73 -20.59 11.37 7.32
C SER B 73 -20.47 11.67 8.83
N CYS B 74 -20.28 10.63 9.65
CA CYS B 74 -19.77 10.75 11.01
C CYS B 74 -18.23 10.87 11.03
N ASN B 75 -17.68 11.74 11.87
CA ASN B 75 -16.25 12.11 11.89
C ASN B 75 -15.67 12.19 13.32
N ASP B 76 -16.15 11.38 14.26
CA ASP B 76 -15.83 11.51 15.69
C ASP B 76 -14.33 11.30 16.00
N SER B 77 -13.71 10.27 15.41
CA SER B 77 -12.27 9.96 15.53
C SER B 77 -11.40 10.69 14.50
N LYS B 78 -12.01 11.48 13.61
CA LYS B 78 -11.48 12.07 12.38
C LYS B 78 -11.02 11.06 11.31
N LEU B 79 -10.23 10.04 11.65
CA LEU B 79 -10.01 8.84 10.82
C LEU B 79 -9.70 7.59 11.67
N GLU B 80 -9.17 6.52 11.06
CA GLU B 80 -8.50 5.37 11.69
C GLU B 80 -7.31 4.91 10.83
N PHE B 81 -6.32 4.25 11.42
CA PHE B 81 -5.11 3.74 10.76
C PHE B 81 -5.40 2.92 9.49
N ARG B 82 -6.25 1.89 9.54
CA ARG B 82 -6.57 1.09 8.34
C ARG B 82 -7.43 1.89 7.36
N SER B 83 -8.21 2.86 7.83
CA SER B 83 -9.02 3.74 6.98
C SER B 83 -8.18 4.73 6.15
N PHE B 84 -6.92 5.03 6.53
CA PHE B 84 -5.93 5.70 5.65
C PHE B 84 -5.46 4.77 4.52
N TRP B 85 -5.30 3.46 4.78
CA TRP B 85 -4.80 2.49 3.80
C TRP B 85 -5.72 2.35 2.58
N GLU B 86 -7.04 2.42 2.80
CA GLU B 86 -8.06 2.44 1.73
C GLU B 86 -7.90 3.66 0.79
N LEU B 87 -7.32 4.74 1.33
CA LEU B 87 -7.17 6.04 0.69
C LEU B 87 -5.90 6.06 -0.19
N ILE B 88 -4.83 5.38 0.23
CA ILE B 88 -3.72 4.99 -0.67
C ILE B 88 -4.22 4.05 -1.78
N GLY B 89 -5.30 3.32 -1.54
CA GLY B 89 -6.02 2.56 -2.57
C GLY B 89 -6.39 3.41 -3.80
N GLU B 90 -6.60 4.72 -3.67
CA GLU B 90 -6.78 5.66 -4.77
C GLU B 90 -5.45 6.07 -5.44
N ALA B 91 -4.33 6.07 -4.70
CA ALA B 91 -3.01 6.20 -5.31
C ALA B 91 -2.72 4.98 -6.22
N ALA B 92 -3.10 3.76 -5.83
CA ALA B 92 -3.05 2.58 -6.72
C ALA B 92 -4.13 2.58 -7.85
N LYS B 93 -5.06 3.54 -7.86
CA LYS B 93 -5.91 3.87 -9.03
C LYS B 93 -5.33 5.00 -9.88
N SER B 94 -4.40 5.76 -9.31
CA SER B 94 -3.64 6.84 -9.97
C SER B 94 -2.30 6.37 -10.56
N VAL B 95 -1.80 5.19 -10.17
CA VAL B 95 -0.75 4.45 -10.88
C VAL B 95 -1.11 2.96 -11.01
N LYS B 96 -1.31 2.52 -12.25
CA LYS B 96 -1.46 1.13 -12.70
C LYS B 96 -0.58 0.86 -13.93
N LEU B 97 -0.48 -0.40 -14.33
CA LEU B 97 0.26 -0.88 -15.51
C LEU B 97 -0.05 -0.03 -16.76
N GLU B 98 0.97 0.48 -17.46
CA GLU B 98 0.83 1.46 -18.55
C GLU B 98 0.32 0.85 -19.87
N ARG B 99 -0.96 0.45 -19.86
CA ARG B 99 -1.82 0.19 -21.02
C ARG B 99 -3.07 1.10 -20.92
N PRO B 100 -3.78 1.38 -22.03
CA PRO B 100 -5.12 1.98 -21.97
C PRO B 100 -6.13 1.07 -21.24
N VAL B 101 -7.04 1.68 -20.48
CA VAL B 101 -8.30 1.10 -19.94
C VAL B 101 -8.13 -0.28 -19.25
N ARG B 102 -6.99 -0.51 -18.61
CA ARG B 102 -6.61 -1.80 -17.99
C ARG B 102 -7.36 -2.10 -16.70
N GLY B 103 -7.62 -3.38 -16.45
CA GLY B 103 -8.47 -3.86 -15.35
C GLY B 103 -9.97 -3.84 -15.69
N HIS B 104 -10.80 -3.90 -14.65
CA HIS B 104 -12.27 -3.99 -14.75
C HIS B 104 -13.01 -3.05 -13.80
N MET A 1 1.89 10.74 -23.53
CA MET A 1 0.71 9.95 -23.95
C MET A 1 1.05 9.11 -25.17
N GLY A 2 0.55 7.87 -25.23
CA GLY A 2 0.83 6.93 -26.32
C GLY A 2 2.30 6.47 -26.37
N GLN A 3 2.82 6.26 -27.59
CA GLN A 3 4.17 5.75 -27.85
C GLN A 3 5.28 6.81 -27.74
N CYS A 4 4.94 8.06 -27.40
CA CYS A 4 5.88 9.19 -27.31
C CYS A 4 6.85 9.07 -26.12
N ARG A 5 7.97 9.82 -26.15
CA ARG A 5 8.94 10.01 -25.05
C ARG A 5 8.39 10.86 -23.89
N SER A 6 7.16 11.37 -23.99
CA SER A 6 6.44 12.18 -22.99
C SER A 6 5.93 11.38 -21.76
N ALA A 7 6.63 10.31 -21.39
CA ALA A 7 6.28 9.44 -20.27
C ALA A 7 6.62 10.08 -18.90
N ASN A 8 6.03 9.53 -17.83
CA ASN A 8 6.34 9.80 -16.43
C ASN A 8 6.40 8.48 -15.63
N ALA A 9 6.95 8.52 -14.41
CA ALA A 9 7.18 7.34 -13.55
C ALA A 9 8.06 6.24 -14.20
N GLU A 10 8.92 6.59 -15.16
CA GLU A 10 9.69 5.63 -15.96
C GLU A 10 10.71 4.81 -15.16
N ASP A 11 11.17 5.34 -14.04
CA ASP A 11 12.03 4.64 -13.06
C ASP A 11 11.58 4.76 -11.58
N ALA A 12 10.58 5.60 -11.29
CA ALA A 12 10.20 6.08 -9.95
C ALA A 12 11.32 6.84 -9.23
N GLN A 13 12.01 7.73 -9.96
CA GLN A 13 13.13 8.57 -9.50
C GLN A 13 12.87 10.08 -9.68
N GLU A 14 11.68 10.45 -10.17
CA GLU A 14 11.08 11.78 -9.95
C GLU A 14 10.68 11.99 -8.49
N PHE A 15 10.26 10.89 -7.85
CA PHE A 15 9.49 10.84 -6.61
C PHE A 15 10.34 10.82 -5.32
N SER A 16 9.80 11.33 -4.21
CA SER A 16 10.40 11.18 -2.87
C SER A 16 10.11 9.82 -2.23
N ASP A 17 10.67 9.53 -1.05
CA ASP A 17 10.66 8.18 -0.46
C ASP A 17 9.28 7.52 -0.31
N VAL A 18 8.24 8.23 0.14
CA VAL A 18 6.89 7.63 0.26
C VAL A 18 6.22 7.46 -1.12
N GLU A 19 6.48 8.38 -2.05
CA GLU A 19 5.86 8.43 -3.36
C GLU A 19 6.47 7.37 -4.31
N ARG A 20 7.78 7.09 -4.19
CA ARG A 20 8.45 5.93 -4.82
C ARG A 20 8.20 4.61 -4.09
N ALA A 21 7.81 4.65 -2.81
CA ALA A 21 7.46 3.44 -2.06
C ALA A 21 6.13 2.81 -2.52
N ILE A 22 5.08 3.59 -2.85
CA ILE A 22 3.82 3.02 -3.39
C ILE A 22 4.14 2.23 -4.68
N GLU A 23 4.95 2.84 -5.54
CA GLU A 23 5.43 2.32 -6.81
C GLU A 23 6.20 1.00 -6.69
N THR A 24 7.01 0.92 -5.64
CA THR A 24 7.87 -0.25 -5.36
C THR A 24 7.05 -1.49 -5.03
N LEU A 25 5.88 -1.38 -4.37
CA LEU A 25 4.96 -2.54 -4.25
C LEU A 25 4.02 -2.70 -5.45
N ILE A 26 3.60 -1.59 -6.07
CA ILE A 26 2.78 -1.57 -7.30
C ILE A 26 3.43 -2.42 -8.41
N LYS A 27 4.70 -2.16 -8.75
CA LYS A 27 5.42 -2.95 -9.76
C LYS A 27 5.58 -4.42 -9.38
N ASN A 28 5.70 -4.71 -8.08
CA ASN A 28 5.91 -6.07 -7.60
C ASN A 28 4.68 -7.00 -7.76
N PHE A 29 3.47 -6.47 -7.96
CA PHE A 29 2.34 -7.27 -8.47
C PHE A 29 2.57 -7.71 -9.92
N HIS A 30 2.71 -6.76 -10.86
CA HIS A 30 2.75 -7.05 -12.30
C HIS A 30 4.01 -7.81 -12.75
N GLN A 31 5.14 -7.63 -12.05
CA GLN A 31 6.37 -8.39 -12.32
C GLN A 31 6.30 -9.86 -11.84
N TYR A 32 5.33 -10.24 -11.00
CA TYR A 32 5.06 -11.63 -10.61
C TYR A 32 3.88 -12.25 -11.37
N SER A 33 2.84 -11.50 -11.75
CA SER A 33 1.84 -11.97 -12.73
C SER A 33 2.29 -11.88 -14.20
N VAL A 34 3.61 -11.98 -14.42
CA VAL A 34 4.27 -12.06 -15.74
C VAL A 34 4.18 -13.46 -16.35
N GLU A 35 3.78 -14.46 -15.56
CA GLU A 35 3.44 -15.82 -16.02
C GLU A 35 2.32 -15.83 -17.07
N GLY A 36 1.45 -14.81 -17.07
CA GLY A 36 0.48 -14.53 -18.14
C GLY A 36 -0.63 -13.54 -17.74
N GLY A 37 -0.98 -13.45 -16.46
CA GLY A 37 -2.17 -12.70 -16.01
C GLY A 37 -2.13 -11.19 -16.25
N LYS A 38 -1.05 -10.52 -15.83
CA LYS A 38 -0.77 -9.05 -15.84
C LYS A 38 -1.77 -8.14 -15.09
N GLU A 39 -3.06 -8.46 -15.11
CA GLU A 39 -4.17 -7.76 -14.44
C GLU A 39 -4.64 -8.46 -13.14
N THR A 40 -4.27 -9.73 -12.92
CA THR A 40 -4.61 -10.53 -11.73
C THR A 40 -3.44 -11.45 -11.32
N LEU A 41 -3.46 -12.01 -10.10
CA LEU A 41 -2.51 -13.06 -9.65
C LEU A 41 -3.04 -14.50 -9.87
N THR A 42 -2.17 -15.50 -9.68
CA THR A 42 -2.53 -16.90 -9.38
C THR A 42 -2.07 -17.27 -7.96
N PRO A 43 -2.66 -18.28 -7.28
CA PRO A 43 -2.06 -18.90 -6.09
C PRO A 43 -0.61 -19.36 -6.29
N SER A 44 -0.25 -19.92 -7.45
CA SER A 44 1.12 -20.35 -7.75
C SER A 44 2.15 -19.22 -7.67
N GLU A 45 1.83 -18.04 -8.23
CA GLU A 45 2.72 -16.87 -8.21
C GLU A 45 2.56 -16.00 -6.93
N LEU A 46 1.43 -16.10 -6.23
CA LEU A 46 1.27 -15.63 -4.84
C LEU A 46 2.26 -16.36 -3.93
N ARG A 47 2.36 -17.69 -4.03
CA ARG A 47 3.39 -18.46 -3.30
C ARG A 47 4.81 -18.06 -3.73
N ASP A 48 5.05 -17.86 -5.03
CA ASP A 48 6.35 -17.52 -5.59
C ASP A 48 6.95 -16.21 -5.05
N LEU A 49 6.18 -15.12 -4.95
CA LEU A 49 6.71 -13.87 -4.36
C LEU A 49 6.75 -13.89 -2.84
N VAL A 50 5.86 -14.61 -2.15
CA VAL A 50 5.83 -14.62 -0.67
C VAL A 50 6.99 -15.41 -0.08
N THR A 51 7.27 -16.61 -0.62
CA THR A 51 8.37 -17.47 -0.15
C THR A 51 9.75 -16.86 -0.40
N GLN A 52 9.85 -15.91 -1.35
CA GLN A 52 11.07 -15.14 -1.62
C GLN A 52 11.11 -13.82 -0.81
N GLN A 53 10.11 -12.95 -0.98
CA GLN A 53 10.21 -11.53 -0.62
C GLN A 53 9.66 -11.18 0.76
N LEU A 54 8.83 -12.02 1.40
CA LEU A 54 8.23 -11.76 2.73
C LEU A 54 8.61 -12.78 3.83
N PRO A 55 9.89 -13.15 4.06
CA PRO A 55 10.26 -14.14 5.06
C PRO A 55 10.07 -13.65 6.51
N HIS A 56 10.10 -12.35 6.77
CA HIS A 56 9.85 -11.79 8.10
C HIS A 56 8.35 -11.63 8.36
N LEU A 57 7.61 -11.22 7.33
CA LEU A 57 6.21 -10.79 7.43
C LEU A 57 5.17 -11.88 7.08
N MET A 58 5.58 -12.94 6.41
CA MET A 58 4.75 -14.11 6.09
C MET A 58 5.62 -15.38 5.91
N PRO A 59 6.21 -15.94 6.99
CA PRO A 59 7.04 -17.14 6.93
C PRO A 59 6.23 -18.42 6.68
N SER A 60 6.90 -19.39 6.05
CA SER A 60 6.42 -20.75 5.81
C SER A 60 5.97 -21.50 7.08
N ASN A 61 6.55 -21.19 8.24
CA ASN A 61 6.16 -21.69 9.57
C ASN A 61 4.67 -21.44 9.93
N CYS A 62 4.06 -20.41 9.35
CA CYS A 62 2.63 -20.08 9.52
C CYS A 62 1.72 -20.68 8.44
N GLY A 63 2.28 -21.36 7.43
CA GLY A 63 1.57 -21.77 6.22
C GLY A 63 1.20 -20.56 5.35
N LEU A 64 2.05 -20.22 4.37
CA LEU A 64 1.79 -19.12 3.43
C LEU A 64 0.60 -19.38 2.49
N GLU A 65 0.17 -20.64 2.37
CA GLU A 65 -1.13 -21.02 1.81
C GLU A 65 -2.36 -20.44 2.56
N GLU A 66 -2.24 -19.97 3.80
CA GLU A 66 -3.34 -19.31 4.50
C GLU A 66 -3.69 -17.95 3.85
N LYS A 67 -2.75 -17.35 3.11
CA LYS A 67 -2.99 -16.15 2.28
C LYS A 67 -3.73 -16.49 0.98
N ILE A 68 -3.47 -17.67 0.41
CA ILE A 68 -4.25 -18.25 -0.71
C ILE A 68 -5.68 -18.57 -0.24
N ALA A 69 -5.84 -19.15 0.95
CA ALA A 69 -7.14 -19.49 1.52
C ALA A 69 -7.99 -18.26 1.90
N ASN A 70 -7.36 -17.12 2.20
CA ASN A 70 -8.06 -15.84 2.40
C ASN A 70 -8.72 -15.35 1.11
N LEU A 71 -7.94 -15.10 0.04
CA LEU A 71 -8.49 -14.54 -1.21
C LEU A 71 -9.24 -15.55 -2.10
N GLY A 72 -9.04 -16.85 -1.90
CA GLY A 72 -9.79 -17.92 -2.58
C GLY A 72 -11.24 -18.07 -2.12
N SER A 73 -11.54 -17.80 -0.84
CA SER A 73 -12.89 -17.92 -0.30
C SER A 73 -13.83 -16.83 -0.87
N CYS A 74 -15.01 -17.24 -1.33
CA CYS A 74 -16.06 -16.41 -1.95
C CYS A 74 -15.57 -15.55 -3.13
N ASN A 75 -14.70 -16.10 -3.99
CA ASN A 75 -14.12 -15.42 -5.14
C ASN A 75 -14.80 -15.85 -6.47
N ASP A 76 -15.28 -14.88 -7.25
CA ASP A 76 -15.71 -15.07 -8.65
C ASP A 76 -15.01 -14.11 -9.63
N SER A 77 -14.64 -12.89 -9.19
CA SER A 77 -14.00 -11.87 -10.04
C SER A 77 -12.50 -12.09 -10.28
N LYS A 78 -11.94 -13.19 -9.75
CA LYS A 78 -10.52 -13.58 -9.75
C LYS A 78 -9.66 -12.69 -8.84
N LEU A 79 -8.33 -12.81 -8.95
CA LEU A 79 -7.37 -12.17 -8.04
C LEU A 79 -6.99 -10.75 -8.52
N GLU A 80 -7.95 -9.82 -8.51
CA GLU A 80 -7.76 -8.46 -9.02
C GLU A 80 -6.52 -7.73 -8.46
N PHE A 81 -6.03 -6.75 -9.21
CA PHE A 81 -5.03 -5.76 -8.76
C PHE A 81 -5.44 -5.12 -7.42
N ARG A 82 -6.71 -4.67 -7.29
CA ARG A 82 -7.25 -4.15 -6.01
C ARG A 82 -7.26 -5.20 -4.89
N SER A 83 -7.33 -6.49 -5.21
CA SER A 83 -7.35 -7.59 -4.23
C SER A 83 -5.95 -8.09 -3.83
N PHE A 84 -4.93 -7.95 -4.69
CA PHE A 84 -3.53 -7.97 -4.22
C PHE A 84 -3.35 -6.87 -3.16
N TRP A 85 -3.84 -5.66 -3.43
CA TRP A 85 -3.79 -4.53 -2.50
C TRP A 85 -4.57 -4.78 -1.19
N GLU A 86 -5.75 -5.40 -1.24
CA GLU A 86 -6.48 -5.84 -0.03
C GLU A 86 -5.62 -6.77 0.84
N LEU A 87 -4.76 -7.60 0.24
CA LEU A 87 -3.90 -8.55 0.96
C LEU A 87 -2.56 -7.94 1.43
N ILE A 88 -2.07 -6.86 0.81
CA ILE A 88 -1.07 -6.00 1.46
C ILE A 88 -1.69 -5.36 2.72
N GLY A 89 -2.96 -4.96 2.64
CA GLY A 89 -3.74 -4.52 3.80
C GLY A 89 -3.88 -5.56 4.91
N GLU A 90 -3.70 -6.85 4.60
CA GLU A 90 -3.60 -7.95 5.56
C GLU A 90 -2.16 -8.15 6.08
N ALA A 91 -1.13 -7.94 5.25
CA ALA A 91 0.28 -7.87 5.70
C ALA A 91 0.50 -6.79 6.77
N ALA A 92 -0.05 -5.58 6.59
CA ALA A 92 0.12 -4.47 7.53
C ALA A 92 -0.48 -4.72 8.92
N LYS A 93 -1.42 -5.67 9.07
CA LYS A 93 -1.98 -6.08 10.37
C LYS A 93 -0.92 -6.74 11.29
N SER A 94 0.23 -7.15 10.74
CA SER A 94 1.36 -7.75 11.45
C SER A 94 2.65 -6.90 11.42
N VAL A 95 2.60 -5.64 10.94
CA VAL A 95 3.73 -4.68 11.06
C VAL A 95 3.27 -3.22 11.13
N LYS A 96 3.26 -2.65 12.35
CA LYS A 96 2.88 -1.26 12.66
C LYS A 96 3.90 -0.53 13.55
N LEU A 97 3.62 0.73 13.87
CA LEU A 97 4.42 1.58 14.77
C LEU A 97 4.19 1.20 16.25
N GLU A 98 4.59 -0.02 16.63
CA GLU A 98 4.30 -0.74 17.90
C GLU A 98 2.80 -1.00 18.20
N ARG A 99 1.87 -0.28 17.54
CA ARG A 99 0.41 -0.27 17.77
C ARG A 99 -0.23 -1.68 17.84
N PRO A 100 -1.31 -1.87 18.64
CA PRO A 100 -2.25 -3.00 18.52
C PRO A 100 -3.02 -3.06 17.19
N VAL A 101 -4.10 -3.86 17.11
CA VAL A 101 -4.99 -3.99 15.93
C VAL A 101 -6.47 -4.12 16.33
N ARG A 102 -7.38 -3.76 15.41
CA ARG A 102 -8.85 -3.77 15.57
C ARG A 102 -9.53 -4.51 14.41
N GLY A 103 -10.61 -5.25 14.69
CA GLY A 103 -11.54 -5.75 13.68
C GLY A 103 -10.95 -6.86 12.78
N HIS A 104 -11.03 -6.67 11.46
CA HIS A 104 -10.42 -7.58 10.48
C HIS A 104 -9.71 -6.82 9.35
N MET B 1 12.37 1.50 33.14
CA MET B 1 12.98 0.57 34.09
C MET B 1 13.91 -0.36 33.32
N GLY B 2 15.22 -0.12 33.39
CA GLY B 2 16.20 -0.71 32.45
C GLY B 2 16.25 0.04 31.10
N GLN B 3 17.44 0.13 30.52
CA GLN B 3 17.80 1.08 29.44
C GLN B 3 18.09 0.41 28.09
N CYS B 4 18.35 -0.90 28.06
CA CYS B 4 18.70 -1.66 26.85
C CYS B 4 17.72 -1.45 25.68
N ARG B 5 18.26 -1.40 24.45
CA ARG B 5 17.48 -1.22 23.21
C ARG B 5 16.68 -2.49 22.88
N SER B 6 15.37 -2.32 22.70
CA SER B 6 14.40 -3.40 22.43
C SER B 6 13.45 -3.08 21.25
N ALA B 7 13.61 -1.93 20.61
CA ALA B 7 12.86 -1.55 19.41
C ALA B 7 13.05 -2.51 18.23
N ASN B 8 12.15 -2.45 17.24
CA ASN B 8 12.12 -3.37 16.09
C ASN B 8 11.86 -2.64 14.77
N ALA B 9 12.43 -3.16 13.67
CA ALA B 9 12.46 -2.59 12.32
C ALA B 9 13.22 -1.24 12.22
N GLU B 10 12.76 -0.22 12.94
CA GLU B 10 13.34 1.12 13.16
C GLU B 10 13.54 1.99 11.90
N ASP B 11 14.32 1.49 10.95
CA ASP B 11 14.57 2.09 9.62
C ASP B 11 14.36 1.13 8.43
N ALA B 12 14.03 -0.14 8.71
CA ALA B 12 13.65 -1.19 7.76
C ALA B 12 14.63 -1.40 6.58
N GLN B 13 15.83 -1.92 6.86
CA GLN B 13 16.84 -2.32 5.87
C GLN B 13 17.30 -3.80 5.99
N GLU B 14 16.87 -4.53 7.03
CA GLU B 14 17.03 -5.99 7.11
C GLU B 14 16.00 -6.75 6.27
N PHE B 15 14.96 -6.04 5.83
CA PHE B 15 13.87 -6.53 4.96
C PHE B 15 14.19 -6.36 3.46
N SER B 16 13.49 -7.09 2.60
CA SER B 16 13.54 -6.88 1.14
C SER B 16 12.97 -5.51 0.72
N ASP B 17 13.27 -5.05 -0.49
CA ASP B 17 12.85 -3.73 -0.99
C ASP B 17 11.33 -3.52 -1.02
N VAL B 18 10.55 -4.59 -1.31
CA VAL B 18 9.07 -4.59 -1.24
C VAL B 18 8.56 -4.73 0.20
N GLU B 19 9.25 -5.52 1.03
CA GLU B 19 8.86 -5.83 2.41
C GLU B 19 9.06 -4.61 3.34
N ARG B 20 10.12 -3.82 3.13
CA ARG B 20 10.28 -2.49 3.75
C ARG B 20 9.36 -1.43 3.15
N ALA B 21 8.90 -1.57 1.91
CA ALA B 21 8.08 -0.53 1.26
C ALA B 21 6.70 -0.40 1.92
N ILE B 22 6.03 -1.52 2.23
CA ILE B 22 4.73 -1.56 2.93
C ILE B 22 4.85 -0.80 4.25
N GLU B 23 5.90 -1.11 5.02
CA GLU B 23 6.24 -0.43 6.26
C GLU B 23 6.51 1.07 6.11
N THR B 24 7.26 1.44 5.07
CA THR B 24 7.56 2.83 4.68
C THR B 24 6.28 3.66 4.46
N LEU B 25 5.20 3.05 3.91
CA LEU B 25 3.93 3.78 3.73
C LEU B 25 3.22 3.94 5.07
N ILE B 26 3.20 2.86 5.87
CA ILE B 26 2.62 2.82 7.21
C ILE B 26 3.28 3.84 8.13
N LYS B 27 4.61 3.87 8.22
CA LYS B 27 5.39 4.88 8.94
C LYS B 27 4.92 6.30 8.62
N ASN B 28 4.71 6.59 7.33
CA ASN B 28 4.39 7.95 6.89
C ASN B 28 3.00 8.45 7.30
N PHE B 29 2.06 7.55 7.62
CA PHE B 29 0.78 7.90 8.25
C PHE B 29 0.99 8.42 9.69
N HIS B 30 1.66 7.65 10.54
CA HIS B 30 1.87 8.02 11.95
C HIS B 30 2.84 9.20 12.13
N GLN B 31 3.74 9.43 11.17
CA GLN B 31 4.63 10.59 11.12
C GLN B 31 3.90 11.92 10.76
N TYR B 32 2.67 11.87 10.26
CA TYR B 32 1.88 13.05 9.86
C TYR B 32 0.59 13.31 10.67
N SER B 33 0.08 12.33 11.42
CA SER B 33 -1.18 12.36 12.21
C SER B 33 -1.16 13.29 13.45
N VAL B 34 -0.75 14.55 13.27
CA VAL B 34 -0.36 15.46 14.35
C VAL B 34 -1.54 16.09 15.11
N GLU B 35 -2.71 16.29 14.49
CA GLU B 35 -3.89 16.89 15.13
C GLU B 35 -4.94 15.86 15.57
N GLY B 36 -5.02 14.73 14.87
CA GLY B 36 -5.90 13.61 15.21
C GLY B 36 -5.31 12.66 16.26
N GLY B 37 -6.08 11.64 16.63
CA GLY B 37 -5.56 10.47 17.32
C GLY B 37 -4.64 9.67 16.40
N LYS B 38 -3.55 9.09 16.91
CA LYS B 38 -2.41 8.63 16.08
C LYS B 38 -2.67 7.32 15.31
N GLU B 39 -3.86 6.74 15.46
CA GLU B 39 -4.45 5.73 14.57
C GLU B 39 -5.27 6.31 13.39
N THR B 40 -5.30 7.64 13.20
CA THR B 40 -6.11 8.35 12.18
C THR B 40 -5.38 9.51 11.48
N LEU B 41 -5.92 10.03 10.38
CA LEU B 41 -5.67 11.40 9.90
C LEU B 41 -6.78 12.37 10.38
N THR B 42 -6.63 13.67 10.09
CA THR B 42 -7.74 14.64 10.01
C THR B 42 -7.63 15.39 8.67
N PRO B 43 -8.66 16.16 8.24
CA PRO B 43 -8.59 17.00 7.03
C PRO B 43 -7.32 17.86 6.92
N SER B 44 -6.84 18.40 8.04
CA SER B 44 -5.65 19.23 8.12
C SER B 44 -4.38 18.49 7.65
N GLU B 45 -4.04 17.36 8.27
CA GLU B 45 -2.85 16.59 7.89
C GLU B 45 -3.01 15.83 6.56
N LEU B 46 -4.24 15.58 6.10
CA LEU B 46 -4.49 15.13 4.73
C LEU B 46 -4.04 16.23 3.73
N ARG B 47 -4.55 17.45 3.86
CA ARG B 47 -4.17 18.57 2.97
C ARG B 47 -2.69 18.98 3.16
N ASP B 48 -2.10 18.77 4.33
CA ASP B 48 -0.67 19.00 4.57
C ASP B 48 0.21 17.93 3.90
N LEU B 49 0.03 16.62 4.20
CA LEU B 49 0.91 15.59 3.65
C LEU B 49 0.76 15.41 2.14
N VAL B 50 -0.40 15.69 1.57
CA VAL B 50 -0.60 15.52 0.12
C VAL B 50 0.22 16.54 -0.68
N THR B 51 0.17 17.83 -0.33
CA THR B 51 0.99 18.84 -1.03
C THR B 51 2.48 18.80 -0.61
N GLN B 52 2.79 18.28 0.59
CA GLN B 52 4.17 18.06 1.04
C GLN B 52 4.85 16.79 0.45
N GLN B 53 4.09 15.73 0.10
CA GLN B 53 4.67 14.44 -0.30
C GLN B 53 4.17 13.86 -1.64
N LEU B 54 3.00 14.26 -2.17
CA LEU B 54 2.44 13.75 -3.44
C LEU B 54 2.33 14.83 -4.55
N PRO B 55 3.37 15.61 -4.88
CA PRO B 55 3.28 16.64 -5.92
C PRO B 55 3.21 16.06 -7.34
N HIS B 56 3.75 14.85 -7.57
CA HIS B 56 3.60 14.12 -8.83
C HIS B 56 2.35 13.22 -8.84
N LEU B 57 2.05 12.56 -7.72
CA LEU B 57 0.99 11.55 -7.64
C LEU B 57 -0.42 12.15 -7.66
N MET B 58 -0.66 13.26 -6.95
CA MET B 58 -1.99 13.82 -6.70
C MET B 58 -2.06 15.31 -7.11
N PRO B 59 -2.36 15.64 -8.38
CA PRO B 59 -2.31 17.03 -8.85
C PRO B 59 -3.45 17.90 -8.31
N SER B 60 -3.18 19.20 -8.19
CA SER B 60 -4.16 20.26 -7.92
C SER B 60 -5.40 20.20 -8.84
N ASN B 61 -5.24 19.76 -10.09
CA ASN B 61 -6.35 19.58 -11.05
C ASN B 61 -7.35 18.45 -10.67
N CYS B 62 -7.01 17.55 -9.75
CA CYS B 62 -7.99 16.65 -9.12
C CYS B 62 -8.74 17.33 -7.97
N GLY B 63 -8.15 18.35 -7.36
CA GLY B 63 -8.59 18.98 -6.11
C GLY B 63 -8.26 18.11 -4.91
N LEU B 64 -7.27 18.52 -4.10
CA LEU B 64 -6.94 17.82 -2.86
C LEU B 64 -7.99 18.04 -1.76
N GLU B 65 -8.84 19.06 -1.87
CA GLU B 65 -10.08 19.20 -1.08
C GLU B 65 -11.13 18.09 -1.36
N GLU B 66 -11.16 17.51 -2.57
CA GLU B 66 -12.22 16.57 -2.95
C GLU B 66 -12.09 15.23 -2.20
N LYS B 67 -10.88 14.92 -1.71
CA LYS B 67 -10.62 13.79 -0.83
C LYS B 67 -11.36 13.92 0.50
N ILE B 68 -11.40 15.13 1.07
CA ILE B 68 -12.13 15.49 2.31
C ILE B 68 -13.65 15.46 2.08
N ALA B 69 -14.09 15.90 0.90
CA ALA B 69 -15.48 15.84 0.47
C ALA B 69 -16.00 14.39 0.25
N ASN B 70 -15.11 13.43 -0.02
CA ASN B 70 -15.44 12.00 -0.22
C ASN B 70 -15.47 11.16 1.08
N LEU B 71 -14.71 11.55 2.12
CA LEU B 71 -14.44 10.69 3.29
C LEU B 71 -15.37 10.87 4.50
N GLY B 72 -16.12 11.97 4.59
CA GLY B 72 -16.88 12.33 5.79
C GLY B 72 -18.18 11.54 5.99
N SER B 73 -18.85 11.16 4.89
CA SER B 73 -20.17 10.54 4.88
C SER B 73 -20.22 9.16 5.53
N CYS B 74 -21.27 8.88 6.30
CA CYS B 74 -21.66 7.55 6.79
C CYS B 74 -20.55 6.83 7.60
N ASN B 75 -19.80 7.58 8.41
CA ASN B 75 -18.70 7.11 9.23
C ASN B 75 -18.64 7.87 10.58
N ASP B 76 -18.74 7.13 11.68
CA ASP B 76 -18.65 7.64 13.06
C ASP B 76 -17.31 7.30 13.73
N SER B 77 -16.39 6.63 13.03
CA SER B 77 -15.09 6.18 13.55
C SER B 77 -13.87 6.90 12.92
N LYS B 78 -14.12 7.79 11.95
CA LYS B 78 -13.14 8.70 11.32
C LYS B 78 -12.05 8.00 10.49
N LEU B 79 -10.98 8.74 10.17
CA LEU B 79 -9.98 8.45 9.14
C LEU B 79 -8.91 7.45 9.59
N GLU B 80 -9.30 6.24 9.95
CA GLU B 80 -8.40 5.26 10.58
C GLU B 80 -7.28 4.73 9.66
N PHE B 81 -6.35 3.98 10.23
CA PHE B 81 -5.26 3.26 9.52
C PHE B 81 -5.75 2.54 8.24
N ARG B 82 -6.91 1.87 8.29
CA ARG B 82 -7.55 1.28 7.10
C ARG B 82 -8.06 2.30 6.07
N SER B 83 -8.49 3.49 6.48
CA SER B 83 -8.86 4.58 5.57
C SER B 83 -7.65 5.16 4.85
N PHE B 84 -6.53 5.37 5.55
CA PHE B 84 -5.28 5.81 4.90
C PHE B 84 -4.83 4.80 3.84
N TRP B 85 -4.83 3.51 4.18
CA TRP B 85 -4.42 2.43 3.27
C TRP B 85 -5.34 2.30 2.05
N GLU B 86 -6.65 2.52 2.20
CA GLU B 86 -7.59 2.55 1.08
C GLU B 86 -7.50 3.82 0.21
N LEU B 87 -7.00 4.95 0.75
CA LEU B 87 -6.63 6.13 -0.05
C LEU B 87 -5.28 6.00 -0.77
N ILE B 88 -4.37 5.12 -0.31
CA ILE B 88 -3.27 4.67 -1.18
C ILE B 88 -3.83 3.85 -2.36
N GLY B 89 -4.87 3.04 -2.12
CA GLY B 89 -5.65 2.39 -3.17
C GLY B 89 -6.26 3.38 -4.19
N GLU B 90 -6.55 4.61 -3.77
CA GLU B 90 -6.96 5.71 -4.64
C GLU B 90 -5.74 6.36 -5.36
N ALA B 91 -4.56 6.48 -4.72
CA ALA B 91 -3.29 6.80 -5.43
C ALA B 91 -2.98 5.80 -6.55
N ALA B 92 -3.24 4.50 -6.34
CA ALA B 92 -3.00 3.44 -7.32
C ALA B 92 -3.89 3.52 -8.59
N LYS B 93 -4.86 4.46 -8.63
CA LYS B 93 -5.62 4.79 -9.86
C LYS B 93 -4.84 5.71 -10.81
N SER B 94 -3.70 6.25 -10.37
CA SER B 94 -2.80 7.13 -11.13
C SER B 94 -1.43 6.52 -11.50
N VAL B 95 -1.07 5.32 -11.01
CA VAL B 95 0.15 4.60 -11.40
C VAL B 95 0.04 3.08 -11.29
N LYS B 96 0.47 2.36 -12.34
CA LYS B 96 0.60 0.90 -12.47
C LYS B 96 1.87 0.55 -13.27
N LEU B 97 2.07 -0.70 -13.73
CA LEU B 97 3.07 -1.02 -14.77
C LEU B 97 2.53 -0.64 -16.17
N GLU B 98 2.36 0.67 -16.41
CA GLU B 98 1.81 1.27 -17.64
C GLU B 98 0.43 0.73 -18.08
N ARG B 99 -0.37 0.22 -17.13
CA ARG B 99 -1.73 -0.32 -17.37
C ARG B 99 -2.76 0.82 -17.24
N PRO B 100 -3.63 1.08 -18.24
CA PRO B 100 -4.48 2.27 -18.24
C PRO B 100 -5.70 2.17 -17.29
N VAL B 101 -6.25 3.33 -16.91
CA VAL B 101 -7.32 3.49 -15.90
C VAL B 101 -8.64 2.79 -16.27
N ARG B 102 -9.35 2.27 -15.25
CA ARG B 102 -10.61 1.48 -15.40
C ARG B 102 -11.90 2.26 -15.06
N GLY B 103 -11.80 3.38 -14.36
CA GLY B 103 -12.88 4.35 -14.10
C GLY B 103 -13.54 4.30 -12.71
N HIS B 104 -13.13 3.35 -11.86
CA HIS B 104 -13.62 3.17 -10.49
C HIS B 104 -12.58 2.58 -9.55
N MET A 1 6.42 -1.35 -25.18
CA MET A 1 6.92 -2.43 -24.31
C MET A 1 7.72 -3.42 -25.14
N GLY A 2 8.88 -3.87 -24.64
CA GLY A 2 9.79 -4.78 -25.35
C GLY A 2 11.15 -4.99 -24.68
N GLN A 3 12.21 -4.98 -25.49
CA GLN A 3 13.60 -5.33 -25.12
C GLN A 3 14.32 -4.29 -24.23
N CYS A 4 13.73 -3.09 -24.06
CA CYS A 4 14.16 -2.04 -23.14
C CYS A 4 13.08 -1.70 -22.10
N ARG A 5 13.50 -1.11 -20.98
CA ARG A 5 12.72 -0.91 -19.74
C ARG A 5 12.58 0.56 -19.33
N SER A 6 13.43 1.45 -19.84
CA SER A 6 13.47 2.89 -19.54
C SER A 6 13.55 3.17 -18.02
N ALA A 7 14.40 2.43 -17.30
CA ALA A 7 14.31 2.18 -15.85
C ALA A 7 14.56 3.39 -14.90
N ASN A 8 14.69 4.62 -15.43
CA ASN A 8 15.02 5.82 -14.66
C ASN A 8 13.99 6.18 -13.56
N ALA A 9 12.70 5.84 -13.73
CA ALA A 9 11.66 5.98 -12.69
C ALA A 9 11.52 4.73 -11.79
N GLU A 10 11.91 3.56 -12.27
CA GLU A 10 11.99 2.31 -11.47
C GLU A 10 13.22 2.26 -10.53
N ASP A 11 14.18 3.15 -10.75
CA ASP A 11 15.26 3.52 -9.81
C ASP A 11 14.72 4.36 -8.62
N ALA A 12 13.63 5.11 -8.83
CA ALA A 12 12.80 5.82 -7.84
C ALA A 12 13.56 6.63 -6.76
N GLN A 13 13.90 7.88 -7.09
CA GLN A 13 14.61 8.84 -6.23
C GLN A 13 14.09 10.29 -6.33
N GLU A 14 13.34 10.66 -7.39
CA GLU A 14 12.80 12.03 -7.54
C GLU A 14 11.61 12.33 -6.62
N PHE A 15 10.98 11.28 -6.12
CA PHE A 15 9.70 11.28 -5.40
C PHE A 15 9.88 11.41 -3.87
N SER A 16 8.84 11.88 -3.16
CA SER A 16 8.79 11.76 -1.70
C SER A 16 8.77 10.29 -1.28
N ASP A 17 9.20 9.96 -0.07
CA ASP A 17 9.50 8.57 0.32
C ASP A 17 8.27 7.63 0.27
N VAL A 18 7.07 8.15 0.53
CA VAL A 18 5.81 7.39 0.37
C VAL A 18 5.40 7.26 -1.10
N GLU A 19 5.63 8.29 -1.89
CA GLU A 19 5.29 8.39 -3.31
C GLU A 19 6.16 7.47 -4.19
N ARG A 20 7.43 7.23 -3.83
CA ARG A 20 8.22 6.11 -4.41
C ARG A 20 7.78 4.75 -3.88
N ALA A 21 7.36 4.65 -2.62
CA ALA A 21 7.03 3.36 -1.99
C ALA A 21 5.80 2.70 -2.63
N ILE A 22 4.70 3.43 -2.82
CA ILE A 22 3.45 2.93 -3.41
C ILE A 22 3.75 2.41 -4.83
N GLU A 23 4.51 3.14 -5.65
CA GLU A 23 4.89 2.66 -6.99
C GLU A 23 5.94 1.54 -6.99
N THR A 24 6.72 1.41 -5.91
CA THR A 24 7.56 0.22 -5.66
C THR A 24 6.66 -1.01 -5.44
N LEU A 25 5.48 -0.85 -4.81
CA LEU A 25 4.53 -1.96 -4.66
C LEU A 25 3.87 -2.30 -6.01
N ILE A 26 3.46 -1.27 -6.78
CA ILE A 26 2.87 -1.43 -8.12
C ILE A 26 3.78 -2.30 -9.00
N LYS A 27 5.05 -1.94 -9.17
CA LYS A 27 5.98 -2.72 -10.01
C LYS A 27 6.23 -4.15 -9.50
N ASN A 28 5.96 -4.43 -8.22
CA ASN A 28 6.06 -5.79 -7.69
C ASN A 28 4.84 -6.68 -7.99
N PHE A 29 3.67 -6.11 -8.32
CA PHE A 29 2.63 -6.87 -9.04
C PHE A 29 3.06 -7.20 -10.49
N HIS A 30 3.65 -6.23 -11.20
CA HIS A 30 4.07 -6.38 -12.61
C HIS A 30 5.07 -7.54 -12.80
N GLN A 31 6.03 -7.67 -11.88
CA GLN A 31 6.97 -8.80 -11.84
C GLN A 31 6.30 -10.19 -11.73
N TYR A 32 5.08 -10.29 -11.19
CA TYR A 32 4.41 -11.56 -10.88
C TYR A 32 3.05 -11.86 -11.55
N SER A 33 2.40 -10.94 -12.29
CA SER A 33 1.10 -11.17 -12.95
C SER A 33 1.17 -12.03 -14.25
N VAL A 34 1.92 -13.14 -14.22
CA VAL A 34 2.39 -13.86 -15.42
C VAL A 34 1.44 -14.96 -15.90
N GLU A 35 0.95 -15.85 -15.01
CA GLU A 35 0.21 -17.05 -15.44
C GLU A 35 -1.25 -16.77 -15.83
N GLY A 36 -1.89 -15.77 -15.21
CA GLY A 36 -3.22 -15.28 -15.57
C GLY A 36 -3.21 -14.23 -16.70
N GLY A 37 -4.29 -13.47 -16.83
CA GLY A 37 -4.27 -12.17 -17.52
C GLY A 37 -3.38 -11.17 -16.78
N LYS A 38 -2.80 -10.19 -17.49
CA LYS A 38 -1.75 -9.31 -16.94
C LYS A 38 -2.23 -8.34 -15.84
N GLU A 39 -3.53 -8.06 -15.77
CA GLU A 39 -4.20 -7.36 -14.65
C GLU A 39 -4.70 -8.33 -13.55
N THR A 40 -4.19 -9.56 -13.47
CA THR A 40 -4.63 -10.62 -12.54
C THR A 40 -3.44 -11.38 -11.90
N LEU A 41 -3.70 -12.41 -11.09
CA LEU A 41 -2.72 -13.22 -10.38
C LEU A 41 -3.18 -14.69 -10.34
N THR A 42 -2.32 -15.63 -9.91
CA THR A 42 -2.71 -17.02 -9.58
C THR A 42 -2.16 -17.44 -8.19
N PRO A 43 -2.87 -18.26 -7.39
CA PRO A 43 -2.40 -18.68 -6.06
C PRO A 43 -1.07 -19.45 -6.06
N SER A 44 -0.76 -20.16 -7.14
CA SER A 44 0.51 -20.88 -7.32
C SER A 44 1.72 -19.96 -7.43
N GLU A 45 1.59 -18.81 -8.11
CA GLU A 45 2.63 -17.76 -8.13
C GLU A 45 2.54 -16.82 -6.91
N LEU A 46 1.38 -16.71 -6.24
CA LEU A 46 1.26 -16.12 -4.90
C LEU A 46 2.23 -16.81 -3.92
N ARG A 47 2.21 -18.15 -3.83
CA ARG A 47 3.19 -18.93 -3.02
C ARG A 47 4.63 -18.69 -3.48
N ASP A 48 4.88 -18.59 -4.78
CA ASP A 48 6.22 -18.42 -5.33
C ASP A 48 6.82 -17.03 -5.06
N LEU A 49 6.00 -15.98 -5.09
CA LEU A 49 6.43 -14.61 -4.84
C LEU A 49 6.59 -14.33 -3.35
N VAL A 50 5.69 -14.84 -2.49
CA VAL A 50 5.68 -14.50 -1.06
C VAL A 50 6.95 -15.00 -0.35
N THR A 51 7.36 -16.25 -0.59
CA THR A 51 8.58 -16.81 0.03
C THR A 51 9.88 -16.09 -0.41
N GLN A 52 9.89 -15.44 -1.58
CA GLN A 52 11.05 -14.69 -2.09
C GLN A 52 11.04 -13.19 -1.74
N GLN A 53 9.86 -12.57 -1.57
CA GLN A 53 9.71 -11.14 -1.32
C GLN A 53 9.41 -10.79 0.15
N LEU A 54 8.71 -11.63 0.91
CA LEU A 54 8.23 -11.35 2.27
C LEU A 54 8.69 -12.39 3.33
N PRO A 55 9.98 -12.76 3.43
CA PRO A 55 10.42 -13.82 4.34
C PRO A 55 10.36 -13.42 5.82
N HIS A 56 10.38 -12.13 6.17
CA HIS A 56 10.17 -11.67 7.55
C HIS A 56 8.69 -11.50 7.86
N LEU A 57 7.90 -10.98 6.90
CA LEU A 57 6.48 -10.66 7.09
C LEU A 57 5.56 -11.90 7.00
N MET A 58 5.82 -12.80 6.06
CA MET A 58 5.02 -14.00 5.75
C MET A 58 5.90 -15.27 5.59
N PRO A 59 6.65 -15.69 6.63
CA PRO A 59 7.51 -16.87 6.55
C PRO A 59 6.73 -18.16 6.29
N SER A 60 7.43 -19.15 5.73
CA SER A 60 6.91 -20.51 5.50
C SER A 60 6.34 -21.17 6.76
N ASN A 61 6.88 -20.86 7.95
CA ASN A 61 6.42 -21.40 9.24
C ASN A 61 5.09 -20.83 9.74
N CYS A 62 4.54 -19.77 9.10
CA CYS A 62 3.15 -19.32 9.30
C CYS A 62 2.13 -20.15 8.52
N GLY A 63 2.59 -20.97 7.56
CA GLY A 63 1.77 -21.49 6.47
C GLY A 63 1.32 -20.36 5.54
N LEU A 64 2.15 -19.94 4.59
CA LEU A 64 1.78 -18.92 3.60
C LEU A 64 0.63 -19.36 2.67
N GLU A 65 0.35 -20.66 2.60
CA GLU A 65 -0.89 -21.22 2.06
C GLU A 65 -2.17 -20.76 2.77
N GLU A 66 -2.08 -20.21 3.99
CA GLU A 66 -3.20 -19.60 4.72
C GLU A 66 -3.74 -18.35 4.03
N LYS A 67 -2.89 -17.62 3.27
CA LYS A 67 -3.31 -16.49 2.44
C LYS A 67 -4.11 -16.97 1.22
N ILE A 68 -3.71 -18.08 0.61
CA ILE A 68 -4.47 -18.76 -0.46
C ILE A 68 -5.81 -19.27 0.10
N ALA A 69 -5.81 -19.88 1.29
CA ALA A 69 -7.02 -20.38 1.94
C ALA A 69 -8.04 -19.25 2.25
N ASN A 70 -7.58 -18.03 2.53
CA ASN A 70 -8.44 -16.88 2.79
C ASN A 70 -8.87 -16.09 1.54
N LEU A 71 -8.01 -15.91 0.51
CA LEU A 71 -8.47 -15.32 -0.77
C LEU A 71 -9.25 -16.31 -1.66
N GLY A 72 -9.09 -17.61 -1.42
CA GLY A 72 -9.80 -18.74 -2.04
C GLY A 72 -8.86 -19.70 -2.77
N SER A 73 -8.93 -21.00 -2.43
CA SER A 73 -8.09 -22.05 -3.05
C SER A 73 -8.58 -22.52 -4.44
N CYS A 74 -9.72 -21.99 -4.89
CA CYS A 74 -10.32 -22.18 -6.21
C CYS A 74 -11.07 -20.90 -6.62
N ASN A 75 -11.09 -20.55 -7.91
CA ASN A 75 -11.76 -19.33 -8.40
C ASN A 75 -12.16 -19.46 -9.89
N ASP A 76 -13.45 -19.21 -10.17
CA ASP A 76 -14.07 -19.26 -11.49
C ASP A 76 -14.40 -17.87 -12.09
N SER A 77 -14.21 -16.77 -11.35
CA SER A 77 -14.34 -15.38 -11.84
C SER A 77 -13.00 -14.73 -12.23
N LYS A 78 -11.88 -15.39 -11.92
CA LYS A 78 -10.47 -14.95 -12.10
C LYS A 78 -10.11 -13.72 -11.25
N LEU A 79 -8.80 -13.57 -10.98
CA LEU A 79 -8.28 -12.59 -10.02
C LEU A 79 -8.22 -11.17 -10.60
N GLU A 80 -7.86 -10.23 -9.74
CA GLU A 80 -7.80 -8.79 -9.98
C GLU A 80 -6.49 -8.22 -9.39
N PHE A 81 -6.08 -7.00 -9.78
CA PHE A 81 -5.01 -6.27 -9.08
C PHE A 81 -5.40 -6.03 -7.60
N ARG A 82 -6.70 -5.77 -7.36
CA ARG A 82 -7.33 -5.79 -6.04
C ARG A 82 -6.88 -6.97 -5.19
N SER A 83 -6.92 -8.19 -5.74
CA SER A 83 -6.66 -9.43 -5.00
C SER A 83 -5.23 -9.52 -4.44
N PHE A 84 -4.27 -8.80 -5.03
CA PHE A 84 -2.92 -8.60 -4.52
C PHE A 84 -2.84 -7.42 -3.54
N TRP A 85 -3.40 -6.26 -3.92
CA TRP A 85 -3.32 -5.01 -3.12
C TRP A 85 -4.02 -5.14 -1.75
N GLU A 86 -5.19 -5.76 -1.69
CA GLU A 86 -5.88 -6.09 -0.44
C GLU A 86 -5.02 -6.95 0.50
N LEU A 87 -4.18 -7.82 -0.07
CA LEU A 87 -3.26 -8.68 0.69
C LEU A 87 -2.11 -7.88 1.33
N ILE A 88 -1.70 -6.77 0.70
CA ILE A 88 -0.78 -5.79 1.32
C ILE A 88 -1.49 -5.07 2.48
N GLY A 89 -2.79 -4.80 2.34
CA GLY A 89 -3.64 -4.32 3.45
C GLY A 89 -3.62 -5.29 4.64
N GLU A 90 -3.57 -6.60 4.40
CA GLU A 90 -3.39 -7.61 5.44
C GLU A 90 -1.94 -7.76 5.94
N ALA A 91 -0.91 -7.55 5.11
CA ALA A 91 0.46 -7.33 5.65
C ALA A 91 0.47 -6.16 6.66
N ALA A 92 -0.26 -5.08 6.34
CA ALA A 92 -0.53 -3.94 7.22
C ALA A 92 -1.56 -4.20 8.35
N LYS A 93 -2.10 -5.42 8.50
CA LYS A 93 -2.71 -5.88 9.77
C LYS A 93 -1.67 -6.56 10.68
N SER A 94 -0.63 -7.18 10.09
CA SER A 94 0.48 -7.81 10.82
C SER A 94 1.59 -6.84 11.27
N VAL A 95 1.67 -5.63 10.70
CA VAL A 95 2.59 -4.56 11.16
C VAL A 95 1.91 -3.18 11.12
N LYS A 96 1.90 -2.50 12.28
CA LYS A 96 1.21 -1.23 12.55
C LYS A 96 1.97 -0.32 13.52
N LEU A 97 1.44 0.89 13.71
CA LEU A 97 1.73 1.80 14.81
C LEU A 97 1.40 1.09 16.14
N GLU A 98 2.44 0.87 16.96
CA GLU A 98 2.36 0.07 18.18
C GLU A 98 1.72 0.88 19.33
N ARG A 99 0.73 0.27 20.00
CA ARG A 99 -0.10 0.92 21.01
C ARG A 99 0.29 0.48 22.44
N PRO A 100 0.05 1.32 23.47
CA PRO A 100 0.49 1.02 24.84
C PRO A 100 -0.25 -0.16 25.49
N VAL A 101 -1.54 -0.38 25.20
CA VAL A 101 -2.35 -1.46 25.81
C VAL A 101 -3.16 -2.30 24.80
N ARG A 102 -3.23 -1.86 23.52
CA ARG A 102 -3.77 -2.64 22.38
C ARG A 102 -5.24 -3.08 22.54
N GLY A 103 -6.02 -2.25 23.23
CA GLY A 103 -7.44 -2.47 23.52
C GLY A 103 -8.03 -1.38 24.43
N HIS A 104 -9.27 -1.61 24.88
CA HIS A 104 -10.00 -0.81 25.87
C HIS A 104 -10.78 -1.68 26.85
N MET B 1 8.67 13.35 16.94
CA MET B 1 8.70 13.33 18.42
C MET B 1 9.87 12.49 18.91
N GLY B 2 10.20 12.65 20.20
CA GLY B 2 11.26 11.93 20.90
C GLY B 2 12.65 12.54 20.74
N GLN B 3 13.65 11.83 21.24
CA GLN B 3 15.08 12.11 21.03
C GLN B 3 15.55 11.56 19.68
N CYS B 4 15.38 10.24 19.47
CA CYS B 4 15.65 9.51 18.22
C CYS B 4 14.50 8.51 17.90
N ARG B 5 14.42 8.08 16.64
CA ARG B 5 13.29 7.28 16.07
C ARG B 5 13.62 5.79 15.86
N SER B 6 14.90 5.42 15.84
CA SER B 6 15.45 4.13 15.39
C SER B 6 15.30 3.86 13.88
N ALA B 7 16.29 3.13 13.32
CA ALA B 7 16.53 3.01 11.88
C ALA B 7 15.67 1.95 11.17
N ASN B 8 15.37 0.86 11.88
CA ASN B 8 14.37 -0.18 11.56
C ASN B 8 14.26 -0.57 10.07
N ALA B 9 13.35 0.07 9.31
CA ALA B 9 13.13 -0.15 7.88
C ALA B 9 13.22 1.14 7.04
N GLU B 10 13.29 2.32 7.68
CA GLU B 10 13.41 3.64 7.04
C GLU B 10 14.86 4.05 6.75
N ASP B 11 15.84 3.30 7.27
CA ASP B 11 17.21 3.22 6.75
C ASP B 11 17.33 2.21 5.57
N ALA B 12 16.37 1.28 5.48
CA ALA B 12 16.07 0.42 4.34
C ALA B 12 17.24 -0.41 3.77
N GLN B 13 17.61 -1.49 4.47
CA GLN B 13 18.68 -2.41 4.04
C GLN B 13 18.42 -3.88 4.38
N GLU B 14 17.73 -4.17 5.50
CA GLU B 14 17.71 -5.51 6.11
C GLU B 14 16.48 -6.35 5.73
N PHE B 15 15.69 -5.83 4.78
CA PHE B 15 14.50 -6.43 4.16
C PHE B 15 14.57 -6.26 2.64
N SER B 16 13.77 -7.01 1.88
CA SER B 16 13.58 -6.77 0.44
C SER B 16 13.02 -5.38 0.16
N ASP B 17 13.19 -4.90 -1.08
CA ASP B 17 12.75 -3.56 -1.52
C ASP B 17 11.23 -3.37 -1.36
N VAL B 18 10.42 -4.42 -1.58
CA VAL B 18 8.97 -4.37 -1.34
C VAL B 18 8.63 -4.47 0.15
N GLU B 19 9.32 -5.31 0.91
CA GLU B 19 9.07 -5.55 2.34
C GLU B 19 9.43 -4.31 3.18
N ARG B 20 10.50 -3.57 2.83
CA ARG B 20 10.77 -2.24 3.41
C ARG B 20 9.92 -1.12 2.82
N ALA B 21 9.44 -1.22 1.58
CA ALA B 21 8.52 -0.23 1.01
C ALA B 21 7.17 -0.19 1.75
N ILE B 22 6.60 -1.33 2.16
CA ILE B 22 5.32 -1.35 2.88
C ILE B 22 5.48 -0.69 4.25
N GLU B 23 6.53 -1.02 5.01
CA GLU B 23 6.75 -0.35 6.30
C GLU B 23 7.12 1.14 6.17
N THR B 24 7.81 1.51 5.08
CA THR B 24 8.17 2.90 4.77
C THR B 24 6.91 3.73 4.52
N LEU B 25 5.97 3.18 3.74
CA LEU B 25 4.78 3.91 3.35
C LEU B 25 3.74 3.97 4.49
N ILE B 26 3.70 2.91 5.31
CA ILE B 26 2.95 2.88 6.57
C ILE B 26 3.50 3.89 7.59
N LYS B 27 4.83 4.01 7.75
CA LYS B 27 5.44 5.03 8.64
C LYS B 27 5.02 6.46 8.31
N ASN B 28 4.68 6.76 7.05
CA ASN B 28 4.20 8.10 6.68
C ASN B 28 2.81 8.46 7.25
N PHE B 29 1.98 7.48 7.65
CA PHE B 29 0.81 7.76 8.50
C PHE B 29 1.21 8.16 9.92
N HIS B 30 2.20 7.45 10.51
CA HIS B 30 2.61 7.62 11.91
C HIS B 30 3.06 9.06 12.18
N GLN B 31 3.78 9.68 11.24
CA GLN B 31 4.31 11.04 11.42
C GLN B 31 3.24 12.15 11.30
N TYR B 32 2.02 11.84 10.83
CA TYR B 32 0.96 12.83 10.57
C TYR B 32 -0.35 12.64 11.38
N SER B 33 -0.53 11.62 12.20
CA SER B 33 -1.74 11.42 13.05
C SER B 33 -1.76 12.29 14.33
N VAL B 34 -1.46 13.59 14.22
CA VAL B 34 -1.01 14.43 15.35
C VAL B 34 -2.12 15.18 16.09
N GLU B 35 -3.10 15.80 15.41
CA GLU B 35 -4.15 16.60 16.07
C GLU B 35 -5.38 15.77 16.46
N GLY B 36 -5.74 14.75 15.66
CA GLY B 36 -6.72 13.74 16.06
C GLY B 36 -6.21 12.78 17.14
N GLY B 37 -7.00 11.76 17.47
CA GLY B 37 -6.51 10.57 18.17
C GLY B 37 -5.47 9.83 17.32
N LYS B 38 -4.41 9.31 17.95
CA LYS B 38 -3.17 8.86 17.28
C LYS B 38 -3.32 7.73 16.25
N GLU B 39 -4.40 6.96 16.31
CA GLU B 39 -4.73 5.92 15.34
C GLU B 39 -5.84 6.34 14.34
N THR B 40 -6.04 7.66 14.19
CA THR B 40 -6.98 8.31 13.28
C THR B 40 -6.27 9.44 12.49
N LEU B 41 -7.01 10.22 11.71
CA LEU B 41 -6.51 11.33 10.90
C LEU B 41 -7.55 12.48 10.92
N THR B 42 -7.15 13.72 10.60
CA THR B 42 -8.09 14.84 10.37
C THR B 42 -7.87 15.47 8.98
N PRO B 43 -8.89 16.01 8.28
CA PRO B 43 -8.72 16.54 6.93
C PRO B 43 -7.79 17.76 6.87
N SER B 44 -7.70 18.55 7.94
CA SER B 44 -6.77 19.66 8.08
C SER B 44 -5.31 19.24 7.94
N GLU B 45 -4.91 18.14 8.58
CA GLU B 45 -3.54 17.61 8.47
C GLU B 45 -3.36 16.68 7.25
N LEU B 46 -4.44 16.10 6.72
CA LEU B 46 -4.49 15.53 5.35
C LEU B 46 -4.04 16.58 4.32
N ARG B 47 -4.63 17.78 4.38
CA ARG B 47 -4.36 18.93 3.50
C ARG B 47 -2.99 19.59 3.74
N ASP B 48 -2.33 19.33 4.87
CA ASP B 48 -0.92 19.67 5.08
C ASP B 48 0.07 18.58 4.59
N LEU B 49 -0.26 17.29 4.78
CA LEU B 49 0.63 16.19 4.40
C LEU B 49 0.70 16.00 2.89
N VAL B 50 -0.41 16.15 2.17
CA VAL B 50 -0.50 15.84 0.73
C VAL B 50 0.49 16.65 -0.11
N THR B 51 0.63 17.96 0.16
CA THR B 51 1.57 18.84 -0.57
C THR B 51 3.05 18.46 -0.39
N GLN B 52 3.42 17.84 0.73
CA GLN B 52 4.80 17.38 0.97
C GLN B 52 5.06 15.91 0.61
N GLN B 53 4.05 15.04 0.74
CA GLN B 53 4.17 13.59 0.49
C GLN B 53 3.80 13.18 -0.94
N LEU B 54 3.00 13.97 -1.66
CA LEU B 54 2.51 13.66 -3.01
C LEU B 54 2.78 14.82 -4.01
N PRO B 55 4.03 15.33 -4.16
CA PRO B 55 4.34 16.43 -5.06
C PRO B 55 4.12 16.11 -6.55
N HIS B 56 4.28 14.84 -6.95
CA HIS B 56 3.95 14.33 -8.29
C HIS B 56 2.52 13.79 -8.42
N LEU B 57 1.99 13.14 -7.38
CA LEU B 57 0.68 12.46 -7.42
C LEU B 57 -0.52 13.42 -7.29
N MET B 58 -0.41 14.48 -6.47
CA MET B 58 -1.45 15.48 -6.21
C MET B 58 -0.88 16.92 -6.21
N PRO B 59 -0.35 17.42 -7.35
CA PRO B 59 0.23 18.76 -7.46
C PRO B 59 -0.77 19.91 -7.27
N SER B 60 -0.28 21.16 -7.28
CA SER B 60 -1.08 22.40 -7.17
C SER B 60 -2.26 22.54 -8.12
N ASN B 61 -2.25 21.80 -9.24
CA ASN B 61 -3.29 21.81 -10.27
C ASN B 61 -4.59 21.12 -9.81
N CYS B 62 -4.50 20.10 -8.95
CA CYS B 62 -5.59 19.15 -8.70
C CYS B 62 -6.64 19.67 -7.71
N GLY B 63 -6.21 20.39 -6.67
CA GLY B 63 -7.00 20.72 -5.49
C GLY B 63 -6.99 19.58 -4.47
N LEU B 64 -6.21 19.72 -3.39
CA LEU B 64 -6.08 18.71 -2.33
C LEU B 64 -7.44 18.36 -1.71
N GLU B 65 -8.35 19.33 -1.65
CA GLU B 65 -9.71 19.22 -1.13
C GLU B 65 -10.57 18.14 -1.81
N GLU B 66 -10.20 17.65 -3.00
CA GLU B 66 -10.84 16.50 -3.66
C GLU B 66 -10.60 15.20 -2.89
N LYS B 67 -9.43 15.05 -2.25
CA LYS B 67 -9.09 13.86 -1.45
C LYS B 67 -9.71 13.93 -0.05
N ILE B 68 -9.98 15.14 0.44
CA ILE B 68 -10.88 15.39 1.57
C ILE B 68 -12.33 15.05 1.17
N ALA B 69 -12.78 15.45 -0.03
CA ALA B 69 -14.12 15.17 -0.56
C ALA B 69 -14.43 13.68 -0.84
N ASN B 70 -13.41 12.82 -0.92
CA ASN B 70 -13.60 11.36 -1.00
C ASN B 70 -14.02 10.74 0.34
N LEU B 71 -13.46 11.20 1.47
CA LEU B 71 -13.72 10.66 2.81
C LEU B 71 -14.70 11.49 3.67
N GLY B 72 -15.01 12.71 3.23
CA GLY B 72 -15.94 13.65 3.86
C GLY B 72 -15.24 14.65 4.78
N SER B 73 -15.52 15.94 4.60
CA SER B 73 -14.86 17.05 5.31
C SER B 73 -15.24 17.17 6.79
N CYS B 74 -16.37 16.59 7.19
CA CYS B 74 -16.72 16.32 8.60
C CYS B 74 -17.28 14.89 8.75
N ASN B 75 -17.20 14.32 9.95
CA ASN B 75 -17.75 13.00 10.32
C ASN B 75 -17.87 12.89 11.85
N ASP B 76 -18.72 11.98 12.35
CA ASP B 76 -18.90 11.73 13.79
C ASP B 76 -18.41 10.35 14.28
N SER B 77 -18.16 9.38 13.40
CA SER B 77 -17.62 8.06 13.73
C SER B 77 -16.08 7.98 13.71
N LYS B 78 -15.41 9.10 13.38
CA LYS B 78 -13.94 9.32 13.32
C LYS B 78 -13.19 8.43 12.32
N LEU B 79 -12.01 8.87 11.91
CA LEU B 79 -11.16 8.17 10.94
C LEU B 79 -10.41 6.99 11.59
N GLU B 80 -9.63 6.26 10.78
CA GLU B 80 -8.86 5.09 11.17
C GLU B 80 -7.51 5.04 10.42
N PHE B 81 -6.64 4.10 10.81
CA PHE B 81 -5.52 3.62 9.99
C PHE B 81 -6.01 3.17 8.59
N ARG B 82 -7.15 2.44 8.55
CA ARG B 82 -7.84 2.08 7.30
C ARG B 82 -8.24 3.29 6.44
N SER B 83 -8.59 4.44 7.03
CA SER B 83 -8.98 5.64 6.27
C SER B 83 -7.80 6.24 5.47
N PHE B 84 -6.56 6.12 5.97
CA PHE B 84 -5.37 6.48 5.20
C PHE B 84 -5.10 5.44 4.12
N TRP B 85 -5.16 4.14 4.47
CA TRP B 85 -4.88 3.01 3.56
C TRP B 85 -5.87 2.89 2.39
N GLU B 86 -7.16 3.13 2.59
CA GLU B 86 -8.16 3.18 1.50
C GLU B 86 -7.90 4.35 0.53
N LEU B 87 -7.28 5.45 0.99
CA LEU B 87 -6.88 6.55 0.10
C LEU B 87 -5.55 6.30 -0.62
N ILE B 88 -4.66 5.44 -0.10
CA ILE B 88 -3.61 4.84 -0.93
C ILE B 88 -4.25 3.92 -1.97
N GLY B 89 -5.31 3.20 -1.61
CA GLY B 89 -6.16 2.47 -2.56
C GLY B 89 -6.68 3.37 -3.70
N GLU B 90 -7.00 4.63 -3.42
CA GLU B 90 -7.34 5.62 -4.44
C GLU B 90 -6.13 6.12 -5.23
N ALA B 91 -4.95 6.34 -4.62
CA ALA B 91 -3.70 6.53 -5.37
C ALA B 91 -3.44 5.35 -6.36
N ALA B 92 -3.77 4.12 -5.98
CA ALA B 92 -3.71 2.95 -6.85
C ALA B 92 -4.84 2.89 -7.90
N LYS B 93 -5.90 3.70 -7.80
CA LYS B 93 -6.81 3.99 -8.93
C LYS B 93 -6.17 5.01 -9.89
N SER B 94 -5.33 5.92 -9.41
CA SER B 94 -4.62 6.92 -10.23
C SER B 94 -3.36 6.38 -10.95
N VAL B 95 -2.59 5.46 -10.34
CA VAL B 95 -1.38 4.88 -10.95
C VAL B 95 -1.38 3.34 -10.92
N LYS B 96 -1.43 2.75 -12.13
CA LYS B 96 -1.49 1.31 -12.41
C LYS B 96 -0.75 0.94 -13.70
N LEU B 97 -0.66 -0.37 -13.91
CA LEU B 97 -0.21 -1.09 -15.09
C LEU B 97 -0.88 -0.59 -16.38
N GLU B 98 -0.09 -0.19 -17.38
CA GLU B 98 -0.54 0.25 -18.70
C GLU B 98 -0.74 -0.92 -19.67
N ARG B 99 -1.74 -0.87 -20.55
CA ARG B 99 -2.07 -1.92 -21.53
C ARG B 99 -1.84 -1.48 -22.99
N PRO B 100 -1.40 -2.38 -23.92
CA PRO B 100 -1.14 -2.06 -25.32
C PRO B 100 -2.35 -2.42 -26.21
N VAL B 101 -3.47 -1.71 -26.04
CA VAL B 101 -4.79 -2.11 -26.57
C VAL B 101 -5.44 -1.02 -27.44
N ARG B 102 -5.27 0.26 -27.08
CA ARG B 102 -5.81 1.45 -27.78
C ARG B 102 -7.31 1.32 -28.11
N GLY B 103 -8.10 0.82 -27.16
CA GLY B 103 -9.51 0.45 -27.34
C GLY B 103 -10.14 -0.30 -26.15
N HIS B 104 -11.35 -0.86 -26.35
CA HIS B 104 -12.22 -1.41 -25.28
C HIS B 104 -12.38 -2.94 -25.33
N MET A 1 -7.64 -1.42 -18.21
CA MET A 1 -8.03 -0.13 -18.82
C MET A 1 -7.00 0.94 -18.45
N GLY A 2 -6.81 1.95 -19.33
CA GLY A 2 -6.00 3.12 -19.02
C GLY A 2 -5.98 4.18 -20.12
N GLN A 3 -5.81 5.45 -19.74
CA GLN A 3 -5.79 6.62 -20.64
C GLN A 3 -4.79 7.69 -20.15
N CYS A 4 -4.16 8.39 -21.10
CA CYS A 4 -2.99 9.26 -20.89
C CYS A 4 -1.82 8.53 -20.18
N ARG A 5 -0.96 7.85 -20.95
CA ARG A 5 0.25 7.19 -20.45
C ARG A 5 1.28 8.24 -20.04
N SER A 6 1.83 8.13 -18.84
CA SER A 6 2.89 9.03 -18.36
C SER A 6 4.27 8.61 -18.88
N ALA A 7 5.21 9.54 -19.00
CA ALA A 7 6.65 9.24 -19.14
C ALA A 7 7.33 9.09 -17.77
N ASN A 8 6.81 9.77 -16.73
CA ASN A 8 7.24 9.61 -15.34
C ASN A 8 6.79 8.25 -14.76
N ALA A 9 7.44 7.81 -13.69
CA ALA A 9 7.33 6.48 -13.06
C ALA A 9 7.92 5.32 -13.88
N GLU A 10 8.91 5.61 -14.72
CA GLU A 10 9.73 4.61 -15.45
C GLU A 10 11.15 4.47 -14.86
N ASP A 11 11.66 5.57 -14.29
CA ASP A 11 12.91 5.69 -13.52
C ASP A 11 12.60 5.86 -12.01
N ALA A 12 11.54 6.61 -11.70
CA ALA A 12 10.92 6.78 -10.37
C ALA A 12 11.92 7.11 -9.25
N GLN A 13 12.61 8.24 -9.40
CA GLN A 13 13.55 8.84 -8.44
C GLN A 13 13.20 10.33 -8.18
N GLU A 14 12.41 10.93 -9.07
CA GLU A 14 11.88 12.30 -9.02
C GLU A 14 10.78 12.54 -7.96
N PHE A 15 10.26 11.45 -7.39
CA PHE A 15 9.20 11.41 -6.37
C PHE A 15 9.75 11.46 -4.93
N SER A 16 8.89 11.80 -3.95
CA SER A 16 9.21 11.61 -2.53
C SER A 16 9.35 10.13 -2.13
N ASP A 17 9.93 9.84 -0.97
CA ASP A 17 10.17 8.47 -0.47
C ASP A 17 8.88 7.66 -0.26
N VAL A 18 7.79 8.29 0.19
CA VAL A 18 6.46 7.67 0.33
C VAL A 18 5.76 7.51 -1.03
N GLU A 19 5.98 8.45 -1.95
CA GLU A 19 5.35 8.52 -3.27
C GLU A 19 5.96 7.46 -4.22
N ARG A 20 7.30 7.31 -4.21
CA ARG A 20 7.97 6.17 -4.85
C ARG A 20 7.75 4.83 -4.12
N ALA A 21 7.41 4.83 -2.83
CA ALA A 21 7.12 3.58 -2.12
C ALA A 21 5.83 2.91 -2.62
N ILE A 22 4.74 3.67 -2.84
CA ILE A 22 3.50 3.11 -3.42
C ILE A 22 3.80 2.51 -4.80
N GLU A 23 4.58 3.22 -5.61
CA GLU A 23 5.08 2.82 -6.92
C GLU A 23 5.88 1.51 -6.89
N THR A 24 6.81 1.42 -5.94
CA THR A 24 7.81 0.33 -5.86
C THR A 24 7.14 -0.97 -5.48
N LEU A 25 6.11 -0.88 -4.63
CA LEU A 25 5.38 -2.06 -4.18
C LEU A 25 4.28 -2.47 -5.17
N ILE A 26 3.70 -1.51 -5.91
CA ILE A 26 2.68 -1.81 -6.91
C ILE A 26 3.27 -2.32 -8.23
N LYS A 27 4.43 -1.80 -8.68
CA LYS A 27 5.20 -2.37 -9.79
C LYS A 27 5.58 -3.85 -9.56
N ASN A 28 5.69 -4.28 -8.29
CA ASN A 28 5.94 -5.68 -7.94
C ASN A 28 4.76 -6.63 -8.23
N PHE A 29 3.51 -6.14 -8.23
CA PHE A 29 2.35 -6.95 -8.63
C PHE A 29 2.40 -7.32 -10.12
N HIS A 30 2.66 -6.33 -10.98
CA HIS A 30 2.78 -6.53 -12.43
C HIS A 30 3.96 -7.44 -12.78
N GLN A 31 5.12 -7.25 -12.14
CA GLN A 31 6.34 -8.03 -12.38
C GLN A 31 6.18 -9.54 -12.11
N TYR A 32 5.24 -9.96 -11.24
CA TYR A 32 4.95 -11.36 -10.92
C TYR A 32 3.78 -11.99 -11.72
N SER A 33 2.97 -11.21 -12.45
CA SER A 33 1.70 -11.63 -13.06
C SER A 33 1.77 -11.92 -14.58
N VAL A 34 2.91 -12.43 -15.05
CA VAL A 34 3.21 -12.71 -16.48
C VAL A 34 2.32 -13.77 -17.15
N GLU A 35 1.57 -14.57 -16.37
CA GLU A 35 0.56 -15.53 -16.87
C GLU A 35 -0.88 -14.97 -16.86
N GLY A 36 -1.07 -13.74 -16.35
CA GLY A 36 -2.33 -13.03 -16.19
C GLY A 36 -2.37 -11.68 -16.92
N GLY A 37 -1.62 -11.55 -18.02
CA GLY A 37 -1.46 -10.29 -18.77
C GLY A 37 -0.81 -9.15 -17.96
N LYS A 38 -0.03 -9.50 -16.93
CA LYS A 38 0.50 -8.61 -15.88
C LYS A 38 -0.56 -7.79 -15.13
N GLU A 39 -1.76 -8.36 -14.97
CA GLU A 39 -2.90 -7.73 -14.30
C GLU A 39 -3.56 -8.60 -13.22
N THR A 40 -3.21 -9.89 -13.09
CA THR A 40 -3.84 -10.81 -12.11
C THR A 40 -2.89 -11.88 -11.56
N LEU A 41 -3.12 -12.32 -10.31
CA LEU A 41 -2.37 -13.38 -9.63
C LEU A 41 -3.11 -14.74 -9.68
N THR A 42 -2.41 -15.82 -9.36
CA THR A 42 -3.00 -17.12 -8.96
C THR A 42 -2.39 -17.56 -7.60
N PRO A 43 -2.93 -18.58 -6.92
CA PRO A 43 -2.34 -19.15 -5.70
C PRO A 43 -0.86 -19.52 -5.81
N SER A 44 -0.40 -19.91 -7.01
CA SER A 44 0.98 -20.38 -7.24
C SER A 44 2.01 -19.25 -7.19
N GLU A 45 1.78 -18.13 -7.89
CA GLU A 45 2.65 -16.96 -7.76
C GLU A 45 2.49 -16.23 -6.42
N LEU A 46 1.38 -16.43 -5.70
CA LEU A 46 1.21 -15.95 -4.32
C LEU A 46 2.21 -16.65 -3.38
N ARG A 47 2.15 -17.98 -3.25
CA ARG A 47 3.10 -18.70 -2.36
C ARG A 47 4.56 -18.67 -2.82
N ASP A 48 4.81 -18.32 -4.08
CA ASP A 48 6.14 -18.05 -4.65
C ASP A 48 6.66 -16.63 -4.31
N LEU A 49 5.90 -15.55 -4.56
CA LEU A 49 6.40 -14.20 -4.25
C LEU A 49 6.57 -13.97 -2.75
N VAL A 50 5.82 -14.68 -1.90
CA VAL A 50 5.97 -14.53 -0.45
C VAL A 50 7.27 -15.18 0.06
N THR A 51 7.67 -16.34 -0.45
CA THR A 51 8.97 -16.96 -0.08
C THR A 51 10.18 -16.21 -0.68
N GLN A 52 10.04 -15.63 -1.86
CA GLN A 52 11.09 -14.81 -2.48
C GLN A 52 11.23 -13.43 -1.81
N GLN A 53 10.12 -12.75 -1.51
CA GLN A 53 10.12 -11.29 -1.25
C GLN A 53 9.64 -10.86 0.14
N LEU A 54 8.85 -11.65 0.88
CA LEU A 54 8.39 -11.31 2.25
C LEU A 54 8.86 -12.31 3.34
N PRO A 55 10.15 -12.67 3.43
CA PRO A 55 10.62 -13.76 4.29
C PRO A 55 10.77 -13.38 5.77
N HIS A 56 10.71 -12.10 6.15
CA HIS A 56 10.60 -11.70 7.55
C HIS A 56 9.14 -11.65 8.01
N LEU A 57 8.21 -11.33 7.10
CA LEU A 57 6.78 -11.19 7.38
C LEU A 57 6.07 -12.55 7.59
N MET A 58 6.36 -13.56 6.74
CA MET A 58 5.66 -14.86 6.76
C MET A 58 6.62 -16.05 6.61
N PRO A 59 6.46 -17.15 7.38
CA PRO A 59 7.23 -18.39 7.19
C PRO A 59 6.56 -19.40 6.25
N SER A 60 7.38 -20.35 5.78
CA SER A 60 7.00 -21.50 4.97
C SER A 60 6.14 -22.54 5.68
N ASN A 61 5.54 -23.44 4.89
CA ASN A 61 4.60 -24.52 5.28
C ASN A 61 3.27 -24.04 5.92
N CYS A 62 3.17 -22.79 6.36
CA CYS A 62 2.05 -22.25 7.13
C CYS A 62 1.64 -20.85 6.65
N GLY A 63 2.26 -19.80 7.19
CA GLY A 63 1.84 -18.40 7.09
C GLY A 63 1.80 -17.79 5.69
N LEU A 64 2.37 -18.47 4.69
CA LEU A 64 2.27 -18.10 3.28
C LEU A 64 1.23 -18.90 2.48
N GLU A 65 0.88 -20.13 2.88
CA GLU A 65 -0.23 -20.89 2.28
C GLU A 65 -1.60 -20.61 2.93
N GLU A 66 -1.63 -20.08 4.16
CA GLU A 66 -2.89 -19.62 4.77
C GLU A 66 -3.56 -18.54 3.90
N LYS A 67 -2.72 -17.78 3.18
CA LYS A 67 -3.07 -16.70 2.26
C LYS A 67 -3.73 -17.21 0.98
N ILE A 68 -3.55 -18.49 0.64
CA ILE A 68 -4.29 -19.25 -0.38
C ILE A 68 -5.59 -19.82 0.22
N ALA A 69 -5.50 -20.38 1.43
CA ALA A 69 -6.62 -21.01 2.13
C ALA A 69 -7.76 -20.03 2.52
N ASN A 70 -7.44 -18.75 2.72
CA ASN A 70 -8.40 -17.70 3.03
C ASN A 70 -9.08 -17.05 1.81
N LEU A 71 -8.53 -17.19 0.59
CA LEU A 71 -9.04 -16.48 -0.59
C LEU A 71 -9.96 -17.30 -1.52
N GLY A 72 -9.81 -18.62 -1.56
CA GLY A 72 -10.40 -19.47 -2.60
C GLY A 72 -11.94 -19.44 -2.60
N SER A 73 -12.54 -19.47 -1.41
CA SER A 73 -14.00 -19.48 -1.20
C SER A 73 -14.72 -18.21 -1.71
N CYS A 74 -13.99 -17.17 -2.11
CA CYS A 74 -14.52 -15.94 -2.72
C CYS A 74 -13.82 -15.55 -4.06
N ASN A 75 -12.86 -16.33 -4.57
CA ASN A 75 -12.08 -15.97 -5.78
C ASN A 75 -12.78 -16.37 -7.11
N ASP A 76 -14.09 -16.17 -7.17
CA ASP A 76 -14.96 -16.63 -8.26
C ASP A 76 -14.77 -15.86 -9.58
N SER A 77 -14.40 -14.58 -9.49
CA SER A 77 -14.11 -13.70 -10.62
C SER A 77 -12.59 -13.46 -10.82
N LYS A 78 -11.76 -14.36 -10.26
CA LYS A 78 -10.28 -14.33 -10.20
C LYS A 78 -9.70 -13.09 -9.52
N LEU A 79 -8.41 -13.14 -9.19
CA LEU A 79 -7.68 -11.98 -8.66
C LEU A 79 -7.53 -10.88 -9.71
N GLU A 80 -7.28 -9.68 -9.23
CA GLU A 80 -6.88 -8.49 -9.98
C GLU A 80 -6.15 -7.52 -9.03
N PHE A 81 -5.82 -6.32 -9.51
CA PHE A 81 -5.02 -5.32 -8.79
C PHE A 81 -5.61 -4.94 -7.42
N ARG A 82 -6.93 -4.67 -7.35
CA ARG A 82 -7.64 -4.43 -6.08
C ARG A 82 -7.55 -5.63 -5.13
N SER A 83 -7.78 -6.86 -5.62
CA SER A 83 -7.79 -8.05 -4.75
C SER A 83 -6.40 -8.56 -4.32
N PHE A 84 -5.32 -8.16 -4.99
CA PHE A 84 -3.95 -8.25 -4.44
C PHE A 84 -3.72 -7.20 -3.34
N TRP A 85 -4.11 -5.93 -3.58
CA TRP A 85 -3.95 -4.82 -2.63
C TRP A 85 -4.64 -5.11 -1.27
N GLU A 86 -5.82 -5.73 -1.30
CA GLU A 86 -6.52 -6.19 -0.09
C GLU A 86 -5.71 -7.17 0.78
N LEU A 87 -4.84 -7.99 0.19
CA LEU A 87 -3.96 -8.92 0.93
C LEU A 87 -2.64 -8.28 1.39
N ILE A 88 -2.15 -7.22 0.73
CA ILE A 88 -1.12 -6.35 1.33
C ILE A 88 -1.66 -5.71 2.61
N GLY A 89 -2.96 -5.40 2.65
CA GLY A 89 -3.68 -5.03 3.87
C GLY A 89 -3.49 -6.04 5.03
N GLU A 90 -3.35 -7.34 4.73
CA GLU A 90 -3.05 -8.36 5.73
C GLU A 90 -1.55 -8.48 6.06
N ALA A 91 -0.63 -8.17 5.12
CA ALA A 91 0.77 -7.95 5.47
C ALA A 91 0.92 -6.83 6.53
N ALA A 92 0.19 -5.72 6.35
CA ALA A 92 0.20 -4.58 7.28
C ALA A 92 -0.31 -4.92 8.69
N LYS A 93 -1.17 -5.93 8.87
CA LYS A 93 -1.60 -6.39 10.22
C LYS A 93 -0.46 -6.99 11.04
N SER A 94 0.65 -7.38 10.41
CA SER A 94 1.90 -7.81 11.05
C SER A 94 2.97 -6.71 11.12
N VAL A 95 2.73 -5.50 10.57
CA VAL A 95 3.67 -4.37 10.62
C VAL A 95 2.97 -3.00 10.64
N LYS A 96 2.87 -2.43 11.84
CA LYS A 96 2.56 -1.02 12.13
C LYS A 96 3.76 -0.35 12.81
N LEU A 97 3.61 0.88 13.30
CA LEU A 97 4.55 1.48 14.25
C LEU A 97 4.60 0.67 15.56
N GLU A 98 5.78 0.25 16.03
CA GLU A 98 5.94 -0.61 17.23
C GLU A 98 6.20 0.16 18.53
N ARG A 99 6.00 1.49 18.54
CA ARG A 99 6.14 2.35 19.73
C ARG A 99 4.85 2.31 20.61
N PRO A 100 4.95 2.41 21.95
CA PRO A 100 3.87 2.02 22.87
C PRO A 100 2.73 3.06 22.98
N VAL A 101 1.54 2.58 23.35
CA VAL A 101 0.34 3.36 23.73
C VAL A 101 -0.58 2.50 24.63
N ARG A 102 -1.39 3.11 25.50
CA ARG A 102 -2.26 2.44 26.49
C ARG A 102 -3.72 2.84 26.26
N GLY A 103 -4.51 1.96 25.64
CA GLY A 103 -5.86 2.27 25.16
C GLY A 103 -5.89 3.05 23.84
N HIS A 104 -7.06 3.11 23.19
CA HIS A 104 -7.27 3.65 21.84
C HIS A 104 -7.04 5.16 21.70
N MET B 1 -2.22 -2.03 19.06
CA MET B 1 -1.23 -1.89 20.15
C MET B 1 -1.11 -3.20 20.93
N GLY B 2 0.09 -3.55 21.38
CA GLY B 2 0.33 -4.80 22.12
C GLY B 2 1.74 -4.97 22.70
N GLN B 3 2.00 -6.19 23.16
CA GLN B 3 3.24 -6.64 23.81
C GLN B 3 4.34 -7.06 22.82
N CYS B 4 5.48 -7.52 23.32
CA CYS B 4 6.57 -8.15 22.54
C CYS B 4 7.09 -7.28 21.37
N ARG B 5 7.26 -5.98 21.60
CA ARG B 5 7.47 -4.95 20.57
C ARG B 5 8.82 -5.10 19.85
N SER B 6 8.80 -4.94 18.52
CA SER B 6 9.87 -5.40 17.62
C SER B 6 11.15 -4.53 17.62
N ALA B 7 12.31 -5.20 17.60
CA ALA B 7 13.65 -4.59 17.40
C ALA B 7 14.12 -4.56 15.94
N ASN B 8 13.39 -5.24 15.04
CA ASN B 8 13.47 -5.06 13.59
C ASN B 8 12.49 -3.98 13.12
N ALA B 9 12.72 -3.43 11.93
CA ALA B 9 11.97 -2.31 11.36
C ALA B 9 12.01 -1.01 12.21
N GLU B 10 13.07 -0.81 13.01
CA GLU B 10 13.37 0.48 13.63
C GLU B 10 13.90 1.51 12.62
N ASP B 11 14.55 1.00 11.58
CA ASP B 11 15.02 1.74 10.39
C ASP B 11 14.45 1.12 9.09
N ALA B 12 14.09 -0.17 9.11
CA ALA B 12 13.49 -0.96 8.04
C ALA B 12 14.30 -0.98 6.73
N GLN B 13 15.49 -1.59 6.80
CA GLN B 13 16.38 -1.82 5.68
C GLN B 13 16.78 -3.32 5.58
N GLU B 14 16.60 -4.10 6.63
CA GLU B 14 16.78 -5.57 6.63
C GLU B 14 15.81 -6.32 5.71
N PHE B 15 14.72 -5.65 5.33
CA PHE B 15 13.64 -6.10 4.46
C PHE B 15 13.93 -5.81 2.98
N SER B 16 13.34 -6.61 2.08
CA SER B 16 13.40 -6.45 0.61
C SER B 16 12.83 -5.11 0.15
N ASP B 17 13.09 -4.71 -1.11
CA ASP B 17 12.59 -3.44 -1.67
C ASP B 17 11.06 -3.31 -1.57
N VAL B 18 10.30 -4.41 -1.74
CA VAL B 18 8.84 -4.45 -1.56
C VAL B 18 8.43 -4.54 -0.08
N GLU B 19 9.18 -5.27 0.74
CA GLU B 19 8.88 -5.51 2.16
C GLU B 19 9.14 -4.26 3.02
N ARG B 20 10.11 -3.40 2.66
CA ARG B 20 10.28 -2.05 3.25
C ARG B 20 9.44 -0.94 2.61
N ALA B 21 8.93 -1.14 1.40
CA ALA B 21 8.01 -0.20 0.76
C ALA B 21 6.70 -0.04 1.56
N ILE B 22 6.04 -1.16 1.91
CA ILE B 22 4.79 -1.18 2.68
C ILE B 22 5.02 -0.52 4.06
N GLU B 23 6.15 -0.82 4.71
CA GLU B 23 6.62 -0.17 5.92
C GLU B 23 6.76 1.36 5.82
N THR B 24 7.29 1.84 4.69
CA THR B 24 7.44 3.27 4.41
C THR B 24 6.09 3.97 4.25
N LEU B 25 5.02 3.29 3.80
CA LEU B 25 3.69 3.90 3.78
C LEU B 25 3.14 3.98 5.21
N ILE B 26 3.28 2.88 5.96
CA ILE B 26 2.92 2.73 7.37
C ILE B 26 3.55 3.86 8.18
N LYS B 27 4.88 3.95 8.25
CA LYS B 27 5.60 4.98 9.04
C LYS B 27 5.10 6.39 8.75
N ASN B 28 4.75 6.68 7.50
CA ASN B 28 4.26 8.00 7.11
C ASN B 28 2.81 8.30 7.49
N PHE B 29 1.92 7.30 7.61
CA PHE B 29 0.61 7.48 8.25
C PHE B 29 0.78 7.87 9.73
N HIS B 30 1.61 7.14 10.47
CA HIS B 30 1.78 7.36 11.91
C HIS B 30 2.53 8.68 12.23
N GLN B 31 3.48 9.11 11.40
CA GLN B 31 4.08 10.45 11.49
C GLN B 31 3.03 11.58 11.43
N TYR B 32 2.08 11.51 10.49
CA TYR B 32 1.18 12.64 10.18
C TYR B 32 -0.11 12.72 11.00
N SER B 33 -0.55 11.62 11.61
CA SER B 33 -1.79 11.51 12.41
C SER B 33 -1.64 12.12 13.82
N VAL B 34 -1.28 13.41 13.88
CA VAL B 34 -0.96 14.15 15.11
C VAL B 34 -2.20 14.54 15.93
N GLU B 35 -3.33 14.81 15.28
CA GLU B 35 -4.65 14.92 15.93
C GLU B 35 -5.51 13.65 15.71
N GLY B 36 -5.23 12.85 14.69
CA GLY B 36 -5.85 11.53 14.49
C GLY B 36 -5.49 10.46 15.52
N GLY B 37 -4.51 10.71 16.41
CA GLY B 37 -4.15 9.79 17.51
C GLY B 37 -3.36 8.55 17.06
N LYS B 38 -2.56 8.66 16.00
CA LYS B 38 -1.72 7.59 15.44
C LYS B 38 -2.42 6.33 14.89
N GLU B 39 -3.75 6.23 15.00
CA GLU B 39 -4.60 5.15 14.45
C GLU B 39 -5.80 5.67 13.63
N THR B 40 -6.03 6.99 13.58
CA THR B 40 -7.00 7.65 12.68
C THR B 40 -6.35 8.86 11.99
N LEU B 41 -7.09 9.59 11.14
CA LEU B 41 -6.60 10.72 10.33
C LEU B 41 -7.63 11.87 10.35
N THR B 42 -7.20 13.13 10.20
CA THR B 42 -8.09 14.32 10.13
C THR B 42 -7.85 15.18 8.87
N PRO B 43 -8.84 15.94 8.36
CA PRO B 43 -8.72 16.75 7.13
C PRO B 43 -7.52 17.71 7.06
N SER B 44 -7.14 18.39 8.15
CA SER B 44 -6.03 19.35 8.15
C SER B 44 -4.67 18.66 7.93
N GLU B 45 -4.41 17.52 8.58
CA GLU B 45 -3.17 16.76 8.39
C GLU B 45 -3.18 15.90 7.11
N LEU B 46 -4.38 15.57 6.57
CA LEU B 46 -4.54 14.98 5.24
C LEU B 46 -3.97 15.92 4.16
N ARG B 47 -4.51 17.13 4.01
CA ARG B 47 -4.05 18.05 2.94
C ARG B 47 -2.59 18.51 3.14
N ASP B 48 -2.11 18.53 4.39
CA ASP B 48 -0.71 18.82 4.72
C ASP B 48 0.26 17.76 4.18
N LEU B 49 0.01 16.44 4.36
CA LEU B 49 0.94 15.44 3.79
C LEU B 49 0.83 15.31 2.28
N VAL B 50 -0.30 15.67 1.66
CA VAL B 50 -0.42 15.62 0.20
C VAL B 50 0.41 16.75 -0.44
N THR B 51 0.42 17.96 0.15
CA THR B 51 1.29 19.06 -0.35
C THR B 51 2.77 18.87 0.03
N GLN B 52 3.07 18.23 1.17
CA GLN B 52 4.45 17.94 1.55
C GLN B 52 5.06 16.76 0.76
N GLN B 53 4.30 15.68 0.54
CA GLN B 53 4.85 14.39 0.11
C GLN B 53 4.21 13.76 -1.14
N LEU B 54 3.09 14.26 -1.67
CA LEU B 54 2.51 13.80 -2.95
C LEU B 54 2.31 14.96 -3.98
N PRO B 55 3.30 15.84 -4.23
CA PRO B 55 3.09 16.99 -5.12
C PRO B 55 3.09 16.62 -6.60
N HIS B 56 3.63 15.45 -6.97
CA HIS B 56 3.61 14.93 -8.33
C HIS B 56 2.34 14.11 -8.59
N LEU B 57 1.94 13.27 -7.63
CA LEU B 57 0.75 12.43 -7.72
C LEU B 57 -0.55 13.25 -7.68
N MET B 58 -0.62 14.31 -6.87
CA MET B 58 -1.82 15.15 -6.69
C MET B 58 -1.47 16.65 -6.74
N PRO B 59 -2.07 17.45 -7.64
CA PRO B 59 -1.73 18.87 -7.80
C PRO B 59 -2.28 19.76 -6.69
N SER B 60 -1.61 20.89 -6.51
CA SER B 60 -1.93 21.96 -5.57
C SER B 60 -3.30 22.60 -5.78
N ASN B 61 -3.84 23.20 -4.71
CA ASN B 61 -5.12 23.95 -4.62
C ASN B 61 -6.41 23.17 -5.01
N CYS B 62 -6.27 21.92 -5.48
CA CYS B 62 -7.35 21.09 -6.02
C CYS B 62 -7.21 19.61 -5.60
N GLY B 63 -6.18 18.91 -6.09
CA GLY B 63 -6.03 17.45 -5.99
C GLY B 63 -5.85 16.90 -4.58
N LEU B 64 -5.50 17.79 -3.64
CA LEU B 64 -5.35 17.55 -2.22
C LEU B 64 -6.66 17.75 -1.42
N GLU B 65 -7.49 18.74 -1.77
CA GLU B 65 -8.75 19.03 -1.07
C GLU B 65 -9.97 18.26 -1.57
N GLU B 66 -9.95 17.77 -2.81
CA GLU B 66 -11.01 16.92 -3.36
C GLU B 66 -11.16 15.63 -2.55
N LYS B 67 -10.09 15.23 -1.85
CA LYS B 67 -10.03 14.10 -0.97
C LYS B 67 -10.82 14.38 0.32
N ILE B 68 -10.67 15.58 0.91
CA ILE B 68 -11.49 16.07 2.03
C ILE B 68 -12.96 16.22 1.61
N ALA B 69 -13.22 16.69 0.38
CA ALA B 69 -14.56 16.82 -0.17
C ALA B 69 -15.29 15.47 -0.31
N ASN B 70 -14.56 14.38 -0.60
CA ASN B 70 -15.12 13.02 -0.64
C ASN B 70 -15.20 12.39 0.76
N LEU B 71 -14.07 12.20 1.45
CA LEU B 71 -14.04 11.38 2.68
C LEU B 71 -14.67 12.03 3.92
N GLY B 72 -14.87 13.35 3.88
CA GLY B 72 -15.66 14.12 4.84
C GLY B 72 -17.15 13.76 4.91
N SER B 73 -17.60 12.82 4.07
CA SER B 73 -18.89 12.12 4.21
C SER B 73 -18.96 11.24 5.47
N CYS B 74 -17.81 10.75 5.96
CA CYS B 74 -17.71 9.75 7.02
C CYS B 74 -16.54 10.05 8.00
N ASN B 75 -16.69 11.11 8.80
CA ASN B 75 -15.78 11.56 9.87
C ASN B 75 -16.44 11.60 11.28
N ASP B 76 -17.76 11.45 11.37
CA ASP B 76 -18.57 11.65 12.59
C ASP B 76 -18.37 10.59 13.70
N SER B 77 -17.64 9.53 13.38
CA SER B 77 -17.24 8.45 14.28
C SER B 77 -15.73 8.18 14.21
N LYS B 78 -14.98 9.15 13.67
CA LYS B 78 -13.53 9.10 13.36
C LYS B 78 -13.16 8.12 12.25
N LEU B 79 -11.99 8.32 11.66
CA LEU B 79 -11.41 7.46 10.62
C LEU B 79 -10.69 6.24 11.25
N GLU B 80 -9.99 5.47 10.43
CA GLU B 80 -9.07 4.38 10.78
C GLU B 80 -7.79 4.46 9.93
N PHE B 81 -6.76 3.69 10.31
CA PHE B 81 -5.63 3.31 9.45
C PHE B 81 -6.12 2.72 8.11
N ARG B 82 -7.21 1.92 8.14
CA ARG B 82 -7.94 1.43 6.95
C ARG B 82 -8.42 2.55 6.02
N SER B 83 -8.97 3.65 6.56
CA SER B 83 -9.51 4.76 5.75
C SER B 83 -8.44 5.46 4.91
N PHE B 84 -7.21 5.58 5.46
CA PHE B 84 -6.04 6.08 4.73
C PHE B 84 -5.57 5.07 3.68
N TRP B 85 -5.42 3.81 4.06
CA TRP B 85 -4.97 2.71 3.20
C TRP B 85 -5.87 2.52 1.95
N GLU B 86 -7.18 2.68 2.11
CA GLU B 86 -8.17 2.64 1.02
C GLU B 86 -8.05 3.85 0.07
N LEU B 87 -7.52 5.00 0.53
CA LEU B 87 -7.21 6.15 -0.32
C LEU B 87 -5.86 6.04 -1.03
N ILE B 88 -4.88 5.30 -0.49
CA ILE B 88 -3.71 4.84 -1.27
C ILE B 88 -4.20 3.99 -2.45
N GLY B 89 -5.27 3.20 -2.25
CA GLY B 89 -5.98 2.48 -3.31
C GLY B 89 -6.50 3.35 -4.46
N GLU B 90 -6.76 4.66 -4.24
CA GLU B 90 -7.04 5.64 -5.27
C GLU B 90 -5.75 6.32 -5.81
N ALA B 91 -4.73 6.58 -4.97
CA ALA B 91 -3.41 7.00 -5.47
C ALA B 91 -2.83 6.01 -6.51
N ALA B 92 -2.97 4.71 -6.25
CA ALA B 92 -2.56 3.62 -7.13
C ALA B 92 -3.37 3.48 -8.42
N LYS B 93 -4.43 4.28 -8.65
CA LYS B 93 -5.04 4.42 -9.99
C LYS B 93 -4.29 5.41 -10.88
N SER B 94 -3.54 6.35 -10.29
CA SER B 94 -2.78 7.39 -11.00
C SER B 94 -1.31 7.03 -11.26
N VAL B 95 -0.80 5.95 -10.67
CA VAL B 95 0.46 5.32 -11.06
C VAL B 95 0.40 3.79 -10.96
N LYS B 96 0.70 3.12 -12.07
CA LYS B 96 0.68 1.66 -12.29
C LYS B 96 1.88 1.25 -13.15
N LEU B 97 1.93 0.02 -13.64
CA LEU B 97 2.53 -0.22 -14.96
C LEU B 97 1.58 0.36 -16.02
N GLU B 98 1.88 1.54 -16.57
CA GLU B 98 0.95 2.32 -17.42
C GLU B 98 0.95 1.83 -18.89
N ARG B 99 0.62 0.55 -19.11
CA ARG B 99 0.67 -0.14 -20.41
C ARG B 99 -0.62 -0.93 -20.68
N PRO B 100 -1.74 -0.28 -21.03
CA PRO B 100 -3.01 -0.95 -21.30
C PRO B 100 -3.02 -1.63 -22.69
N VAL B 101 -3.90 -2.62 -22.83
CA VAL B 101 -4.13 -3.42 -24.06
C VAL B 101 -5.62 -3.48 -24.39
N ARG B 102 -5.98 -3.83 -25.62
CA ARG B 102 -7.37 -4.06 -26.07
C ARG B 102 -8.07 -5.13 -25.23
N GLY B 103 -9.32 -4.88 -24.84
CA GLY B 103 -10.13 -5.72 -23.96
C GLY B 103 -9.88 -5.51 -22.46
N HIS B 104 -10.69 -6.19 -21.64
CA HIS B 104 -10.71 -6.08 -20.17
C HIS B 104 -9.62 -6.94 -19.50
N MET A 1 4.45 -4.05 -26.91
CA MET A 1 5.84 -3.70 -27.26
C MET A 1 6.56 -3.19 -26.01
N GLY A 2 7.20 -4.10 -25.27
CA GLY A 2 7.76 -3.82 -23.94
C GLY A 2 9.22 -3.39 -23.88
N GLN A 3 9.98 -3.54 -24.98
CA GLN A 3 11.37 -3.07 -25.05
C GLN A 3 11.47 -1.55 -25.28
N CYS A 4 12.61 -0.96 -24.92
CA CYS A 4 12.96 0.44 -25.21
C CYS A 4 11.88 1.48 -24.84
N ARG A 5 11.19 1.28 -23.71
CA ARG A 5 10.02 2.09 -23.29
C ARG A 5 10.40 3.52 -22.90
N SER A 6 9.51 4.46 -23.23
CA SER A 6 9.66 5.90 -23.01
C SER A 6 9.83 6.29 -21.54
N ALA A 7 10.63 7.33 -21.28
CA ALA A 7 10.86 7.87 -19.95
C ALA A 7 9.59 8.47 -19.33
N ASN A 8 9.17 7.91 -18.18
CA ASN A 8 8.12 8.43 -17.29
C ASN A 8 8.42 7.96 -15.86
N ALA A 9 8.18 6.65 -15.59
CA ALA A 9 8.26 6.02 -14.28
C ALA A 9 8.73 4.55 -14.35
N GLU A 10 9.63 4.20 -15.28
CA GLU A 10 10.18 2.82 -15.42
C GLU A 10 11.03 2.37 -14.22
N ASP A 11 11.51 3.32 -13.42
CA ASP A 11 12.09 3.13 -12.08
C ASP A 11 11.42 4.04 -11.03
N ALA A 12 10.95 5.23 -11.42
CA ALA A 12 10.33 6.26 -10.58
C ALA A 12 11.26 6.85 -9.50
N GLN A 13 11.78 8.05 -9.77
CA GLN A 13 12.79 8.73 -8.96
C GLN A 13 12.55 10.24 -8.77
N GLU A 14 11.73 10.91 -9.59
CA GLU A 14 11.39 12.34 -9.38
C GLU A 14 10.57 12.58 -8.11
N PHE A 15 9.93 11.52 -7.66
CA PHE A 15 8.94 11.46 -6.60
C PHE A 15 9.55 11.57 -5.19
N SER A 16 8.72 11.94 -4.20
CA SER A 16 9.04 11.91 -2.76
C SER A 16 9.30 10.46 -2.29
N ASP A 17 9.90 10.26 -1.11
CA ASP A 17 10.12 8.92 -0.57
C ASP A 17 8.80 8.12 -0.42
N VAL A 18 7.71 8.75 0.04
CA VAL A 18 6.37 8.13 0.13
C VAL A 18 5.75 7.89 -1.25
N GLU A 19 6.01 8.78 -2.20
CA GLU A 19 5.40 8.83 -3.53
C GLU A 19 6.02 7.80 -4.47
N ARG A 20 7.33 7.47 -4.31
CA ARG A 20 7.95 6.27 -4.93
C ARG A 20 7.78 4.98 -4.12
N ALA A 21 7.49 5.06 -2.82
CA ALA A 21 7.22 3.87 -2.01
C ALA A 21 6.03 3.06 -2.56
N ILE A 22 4.89 3.72 -2.81
CA ILE A 22 3.65 3.05 -3.26
C ILE A 22 3.89 2.35 -4.60
N GLU A 23 4.69 2.95 -5.48
CA GLU A 23 5.09 2.42 -6.77
C GLU A 23 6.00 1.20 -6.65
N THR A 24 6.96 1.27 -5.73
CA THR A 24 7.98 0.22 -5.47
C THR A 24 7.34 -1.14 -5.22
N LEU A 25 6.23 -1.19 -4.45
CA LEU A 25 5.47 -2.44 -4.26
C LEU A 25 4.46 -2.73 -5.37
N ILE A 26 3.83 -1.71 -5.96
CA ILE A 26 2.89 -1.88 -7.08
C ILE A 26 3.58 -2.54 -8.28
N LYS A 27 4.79 -2.12 -8.64
CA LYS A 27 5.64 -2.81 -9.64
C LYS A 27 5.79 -4.31 -9.37
N ASN A 28 5.95 -4.72 -8.11
CA ASN A 28 6.18 -6.11 -7.76
C ASN A 28 4.97 -7.04 -8.02
N PHE A 29 3.73 -6.53 -7.96
CA PHE A 29 2.54 -7.29 -8.39
C PHE A 29 2.67 -7.71 -9.87
N HIS A 30 2.93 -6.74 -10.75
CA HIS A 30 3.06 -6.98 -12.18
C HIS A 30 4.29 -7.87 -12.47
N GLN A 31 5.43 -7.61 -11.83
CA GLN A 31 6.65 -8.42 -12.01
C GLN A 31 6.49 -9.89 -11.57
N TYR A 32 5.67 -10.21 -10.56
CA TYR A 32 5.40 -11.60 -10.19
C TYR A 32 4.29 -12.27 -11.01
N SER A 33 3.41 -11.50 -11.66
CA SER A 33 2.43 -12.03 -12.63
C SER A 33 3.11 -12.34 -13.97
N VAL A 34 3.71 -13.53 -14.07
CA VAL A 34 4.32 -14.04 -15.33
C VAL A 34 3.32 -14.89 -16.11
N GLU A 35 2.47 -15.66 -15.43
CA GLU A 35 1.47 -16.53 -16.06
C GLU A 35 0.07 -15.90 -16.12
N GLY A 36 -0.35 -15.20 -15.07
CA GLY A 36 -1.74 -14.69 -14.94
C GLY A 36 -2.20 -13.70 -16.00
N GLY A 37 -1.29 -12.95 -16.61
CA GLY A 37 -1.61 -11.71 -17.33
C GLY A 37 -1.55 -10.52 -16.37
N LYS A 38 -0.74 -9.51 -16.69
CA LYS A 38 -0.23 -8.48 -15.74
C LYS A 38 -1.27 -7.50 -15.16
N GLU A 39 -2.55 -7.63 -15.49
CA GLU A 39 -3.66 -6.99 -14.77
C GLU A 39 -4.30 -7.89 -13.69
N THR A 40 -3.76 -9.10 -13.49
CA THR A 40 -4.25 -10.17 -12.61
C THR A 40 -3.08 -10.98 -12.00
N LEU A 41 -3.36 -12.07 -11.25
CA LEU A 41 -2.41 -12.91 -10.53
C LEU A 41 -2.78 -14.41 -10.69
N THR A 42 -1.89 -15.36 -10.40
CA THR A 42 -2.26 -16.77 -10.16
C THR A 42 -1.85 -17.23 -8.75
N PRO A 43 -2.65 -18.02 -8.01
CA PRO A 43 -2.24 -18.63 -6.74
C PRO A 43 -0.90 -19.39 -6.81
N SER A 44 -0.60 -20.04 -7.94
CA SER A 44 0.67 -20.76 -8.17
C SER A 44 1.91 -19.84 -8.21
N GLU A 45 1.79 -18.58 -8.65
CA GLU A 45 2.86 -17.57 -8.47
C GLU A 45 2.74 -16.75 -7.17
N LEU A 46 1.54 -16.70 -6.55
CA LEU A 46 1.36 -16.15 -5.20
C LEU A 46 2.21 -16.93 -4.19
N ARG A 47 1.99 -18.24 -4.00
CA ARG A 47 2.75 -19.07 -3.03
C ARG A 47 4.25 -19.19 -3.35
N ASP A 48 4.68 -18.86 -4.57
CA ASP A 48 6.09 -18.68 -4.91
C ASP A 48 6.68 -17.38 -4.31
N LEU A 49 5.98 -16.24 -4.40
CA LEU A 49 6.46 -15.00 -3.76
C LEU A 49 6.38 -15.02 -2.23
N VAL A 50 5.48 -15.81 -1.63
CA VAL A 50 5.37 -15.77 -0.16
C VAL A 50 6.63 -16.35 0.51
N THR A 51 7.23 -17.40 -0.07
CA THR A 51 8.44 -18.06 0.47
C THR A 51 9.75 -17.31 0.14
N GLN A 52 9.78 -16.53 -0.94
CA GLN A 52 10.93 -15.69 -1.35
C GLN A 52 10.89 -14.21 -0.90
N GLN A 53 9.73 -13.54 -0.97
CA GLN A 53 9.60 -12.10 -0.74
C GLN A 53 8.75 -11.71 0.48
N LEU A 54 7.94 -12.62 1.05
CA LEU A 54 7.29 -12.40 2.36
C LEU A 54 7.72 -13.41 3.46
N PRO A 55 9.01 -13.81 3.61
CA PRO A 55 9.43 -14.75 4.66
C PRO A 55 9.70 -14.07 6.01
N HIS A 56 9.79 -12.73 6.03
CA HIS A 56 10.10 -11.93 7.20
C HIS A 56 8.84 -11.66 8.03
N LEU A 57 7.70 -11.32 7.40
CA LEU A 57 6.42 -11.23 8.09
C LEU A 57 5.73 -12.59 8.25
N MET A 58 5.79 -13.48 7.24
CA MET A 58 5.10 -14.77 7.24
C MET A 58 6.06 -15.96 7.04
N PRO A 59 6.67 -16.49 8.12
CA PRO A 59 7.31 -17.81 8.08
C PRO A 59 6.31 -18.93 7.83
N SER A 60 6.82 -20.11 7.47
CA SER A 60 6.03 -21.35 7.34
C SER A 60 5.23 -21.69 8.61
N ASN A 61 5.66 -21.28 9.81
CA ASN A 61 4.92 -21.46 11.06
C ASN A 61 3.53 -20.77 11.07
N CYS A 62 3.32 -19.72 10.26
CA CYS A 62 2.02 -19.07 10.05
C CYS A 62 1.13 -19.80 9.02
N GLY A 63 1.75 -20.60 8.13
CA GLY A 63 1.16 -21.04 6.86
C GLY A 63 1.18 -19.93 5.80
N LEU A 64 1.68 -20.25 4.62
CA LEU A 64 1.87 -19.35 3.47
C LEU A 64 0.85 -19.55 2.35
N GLU A 65 0.11 -20.67 2.31
CA GLU A 65 -1.14 -20.75 1.56
C GLU A 65 -2.29 -19.92 2.17
N GLU A 66 -2.16 -19.46 3.43
CA GLU A 66 -3.13 -18.56 4.09
C GLU A 66 -3.33 -17.23 3.32
N LYS A 67 -2.33 -16.80 2.53
CA LYS A 67 -2.41 -15.67 1.59
C LYS A 67 -3.24 -15.97 0.34
N ILE A 68 -3.39 -17.24 -0.06
CA ILE A 68 -4.32 -17.67 -1.13
C ILE A 68 -5.71 -17.87 -0.52
N ALA A 69 -5.82 -18.53 0.64
CA ALA A 69 -7.09 -18.83 1.30
C ALA A 69 -7.96 -17.60 1.57
N ASN A 70 -7.33 -16.43 1.78
CA ASN A 70 -8.02 -15.15 1.95
C ASN A 70 -8.64 -14.57 0.66
N LEU A 71 -8.19 -14.98 -0.54
CA LEU A 71 -8.84 -14.67 -1.84
C LEU A 71 -9.68 -15.82 -2.44
N GLY A 72 -9.50 -17.05 -1.95
CA GLY A 72 -10.03 -18.30 -2.54
C GLY A 72 -11.46 -18.72 -2.20
N SER A 73 -12.32 -17.85 -1.64
CA SER A 73 -13.69 -18.21 -1.23
C SER A 73 -14.58 -18.72 -2.38
N CYS A 74 -14.47 -18.13 -3.58
CA CYS A 74 -15.25 -18.48 -4.77
C CYS A 74 -14.39 -18.76 -6.02
N ASN A 75 -13.26 -18.05 -6.21
CA ASN A 75 -12.57 -17.93 -7.51
C ASN A 75 -11.03 -17.95 -7.38
N ASP A 76 -10.41 -18.88 -8.10
CA ASP A 76 -8.95 -19.09 -8.19
C ASP A 76 -8.35 -18.84 -9.60
N SER A 77 -9.19 -18.43 -10.56
CA SER A 77 -8.92 -18.48 -12.01
C SER A 77 -9.18 -17.19 -12.78
N LYS A 78 -9.86 -16.19 -12.18
CA LYS A 78 -10.07 -14.85 -12.76
C LYS A 78 -9.78 -13.75 -11.72
N LEU A 79 -8.50 -13.44 -11.49
CA LEU A 79 -8.06 -12.54 -10.42
C LEU A 79 -8.00 -11.06 -10.87
N GLU A 80 -7.76 -10.15 -9.93
CA GLU A 80 -7.71 -8.70 -10.14
C GLU A 80 -6.45 -8.11 -9.46
N PHE A 81 -5.98 -6.93 -9.90
CA PHE A 81 -4.91 -6.17 -9.24
C PHE A 81 -5.29 -5.83 -7.79
N ARG A 82 -6.57 -5.50 -7.56
CA ARG A 82 -7.16 -5.33 -6.23
C ARG A 82 -6.96 -6.55 -5.31
N SER A 83 -6.99 -7.78 -5.86
CA SER A 83 -6.89 -9.02 -5.06
C SER A 83 -5.56 -9.12 -4.29
N PHE A 84 -4.45 -8.72 -4.92
CA PHE A 84 -3.11 -8.67 -4.30
C PHE A 84 -2.99 -7.50 -3.31
N TRP A 85 -3.53 -6.34 -3.67
CA TRP A 85 -3.49 -5.13 -2.84
C TRP A 85 -4.20 -5.32 -1.48
N GLU A 86 -5.36 -6.01 -1.46
CA GLU A 86 -6.05 -6.40 -0.22
C GLU A 86 -5.19 -7.28 0.71
N LEU A 87 -4.25 -8.04 0.16
CA LEU A 87 -3.32 -8.91 0.88
C LEU A 87 -2.09 -8.16 1.41
N ILE A 88 -1.77 -6.99 0.85
CA ILE A 88 -0.93 -5.97 1.49
C ILE A 88 -1.70 -5.26 2.62
N GLY A 89 -3.00 -4.97 2.40
CA GLY A 89 -3.90 -4.46 3.43
C GLY A 89 -4.05 -5.39 4.64
N GLU A 90 -3.81 -6.70 4.46
CA GLU A 90 -3.64 -7.68 5.53
C GLU A 90 -2.23 -7.65 6.17
N ALA A 91 -1.16 -7.46 5.37
CA ALA A 91 0.20 -7.36 5.91
C ALA A 91 0.32 -6.17 6.88
N ALA A 92 -0.23 -5.01 6.50
CA ALA A 92 -0.20 -3.79 7.30
C ALA A 92 -0.98 -3.90 8.62
N LYS A 93 -1.85 -4.91 8.82
CA LYS A 93 -2.44 -5.18 10.14
C LYS A 93 -1.39 -5.56 11.18
N SER A 94 -0.20 -6.01 10.76
CA SER A 94 0.96 -6.29 11.62
C SER A 94 2.18 -5.40 11.33
N VAL A 95 2.56 -5.16 10.08
CA VAL A 95 3.78 -4.38 9.77
C VAL A 95 3.54 -2.87 9.93
N LYS A 96 4.03 -2.33 11.05
CA LYS A 96 3.66 -1.01 11.58
C LYS A 96 4.81 -0.29 12.30
N LEU A 97 4.58 0.98 12.63
CA LEU A 97 5.33 1.76 13.61
C LEU A 97 4.74 1.46 15.00
N GLU A 98 5.56 1.03 15.97
CA GLU A 98 5.04 0.47 17.22
C GLU A 98 4.56 1.52 18.24
N ARG A 99 3.35 1.32 18.76
CA ARG A 99 2.69 2.11 19.83
C ARG A 99 2.00 1.18 20.86
N PRO A 100 1.76 1.65 22.10
CA PRO A 100 1.08 0.86 23.14
C PRO A 100 -0.47 0.97 23.06
N VAL A 101 -1.15 -0.08 23.53
CA VAL A 101 -2.62 -0.15 23.70
C VAL A 101 -2.99 -1.06 24.90
N ARG A 102 -4.14 -0.84 25.54
CA ARG A 102 -4.64 -1.63 26.68
C ARG A 102 -6.17 -1.74 26.69
N GLY A 103 -6.69 -2.89 27.12
CA GLY A 103 -8.14 -3.19 27.19
C GLY A 103 -8.82 -3.47 25.85
N HIS A 104 -10.08 -3.89 25.92
CA HIS A 104 -10.96 -4.23 24.79
C HIS A 104 -12.38 -3.67 24.93
N MET B 1 11.66 10.29 25.59
CA MET B 1 12.70 11.12 24.97
C MET B 1 12.69 10.87 23.46
N GLY B 2 12.25 11.84 22.65
CA GLY B 2 11.99 11.64 21.22
C GLY B 2 13.22 11.46 20.33
N GLN B 3 14.39 11.94 20.76
CA GLN B 3 15.62 11.94 19.95
C GLN B 3 16.29 10.56 19.78
N CYS B 4 17.20 10.48 18.81
CA CYS B 4 18.20 9.43 18.66
C CYS B 4 17.64 7.99 18.65
N ARG B 5 16.55 7.74 17.91
CA ARG B 5 15.89 6.43 17.82
C ARG B 5 16.75 5.39 17.09
N SER B 6 16.77 4.16 17.60
CA SER B 6 17.33 2.96 16.95
C SER B 6 16.23 2.06 16.32
N ALA B 7 14.96 2.43 16.50
CA ALA B 7 13.79 1.79 15.90
C ALA B 7 13.94 1.55 14.40
N ASN B 8 13.83 0.30 13.96
CA ASN B 8 14.06 -0.08 12.56
C ASN B 8 12.90 0.31 11.63
N ALA B 9 11.72 0.64 12.14
CA ALA B 9 10.66 1.26 11.35
C ALA B 9 11.05 2.67 10.85
N GLU B 10 12.02 3.32 11.52
CA GLU B 10 12.60 4.59 11.06
C GLU B 10 13.64 4.40 9.94
N ASP B 11 14.14 3.18 9.76
CA ASP B 11 15.07 2.77 8.70
C ASP B 11 14.35 2.10 7.52
N ALA B 12 13.22 1.42 7.80
CA ALA B 12 12.40 0.62 6.90
C ALA B 12 13.24 -0.39 6.10
N GLN B 13 13.47 -1.60 6.65
CA GLN B 13 14.55 -2.49 6.21
C GLN B 13 14.49 -3.94 6.72
N GLU B 14 13.67 -4.30 7.72
CA GLU B 14 13.73 -5.66 8.29
C GLU B 14 13.22 -6.76 7.34
N PHE B 15 12.46 -6.33 6.34
CA PHE B 15 11.76 -7.15 5.35
C PHE B 15 12.40 -7.00 3.95
N SER B 16 12.13 -7.90 3.01
CA SER B 16 12.61 -7.81 1.62
C SER B 16 12.14 -6.50 0.94
N ASP B 17 12.76 -6.06 -0.16
CA ASP B 17 12.56 -4.70 -0.71
C ASP B 17 11.08 -4.31 -0.92
N VAL B 18 10.24 -5.27 -1.31
CA VAL B 18 8.79 -5.12 -1.50
C VAL B 18 7.98 -5.08 -0.21
N GLU B 19 8.37 -5.83 0.82
CA GLU B 19 7.66 -5.84 2.11
C GLU B 19 8.14 -4.69 3.03
N ARG B 20 9.42 -4.29 2.94
CA ARG B 20 9.92 -3.06 3.56
C ARG B 20 9.45 -1.80 2.82
N ALA B 21 9.01 -1.92 1.56
CA ALA B 21 8.27 -0.83 0.92
C ALA B 21 6.99 -0.50 1.71
N ILE B 22 6.34 -1.48 2.35
CA ILE B 22 5.14 -1.25 3.17
C ILE B 22 5.55 -0.50 4.45
N GLU B 23 6.68 -0.86 5.09
CA GLU B 23 7.27 -0.06 6.20
C GLU B 23 7.56 1.38 5.76
N THR B 24 8.16 1.54 4.57
CA THR B 24 8.67 2.83 4.08
C THR B 24 7.52 3.80 3.81
N LEU B 25 6.40 3.28 3.31
CA LEU B 25 5.23 4.10 3.03
C LEU B 25 4.38 4.33 4.29
N ILE B 26 4.09 3.27 5.07
CA ILE B 26 3.18 3.36 6.23
C ILE B 26 3.74 4.25 7.34
N LYS B 27 5.08 4.40 7.39
CA LYS B 27 5.80 5.40 8.19
C LYS B 27 5.15 6.77 8.12
N ASN B 28 4.68 7.17 6.94
CA ASN B 28 4.22 8.53 6.66
C ASN B 28 2.86 8.87 7.28
N PHE B 29 2.04 7.87 7.64
CA PHE B 29 0.82 8.09 8.42
C PHE B 29 1.15 8.54 9.85
N HIS B 30 1.95 7.75 10.56
CA HIS B 30 2.34 8.02 11.95
C HIS B 30 3.25 9.24 12.06
N GLN B 31 4.10 9.51 11.06
CA GLN B 31 4.87 10.75 10.92
C GLN B 31 3.98 12.01 10.93
N TYR B 32 2.78 11.96 10.34
CA TYR B 32 1.97 13.16 10.10
C TYR B 32 0.85 13.46 11.10
N SER B 33 0.33 12.47 11.83
CA SER B 33 -0.81 12.68 12.73
C SER B 33 -0.39 13.33 14.06
N VAL B 34 -0.56 14.65 14.16
CA VAL B 34 -0.34 15.44 15.39
C VAL B 34 -1.65 15.67 16.16
N GLU B 35 -2.77 15.86 15.45
CA GLU B 35 -4.07 16.19 16.05
C GLU B 35 -5.04 15.00 16.06
N GLY B 36 -4.98 14.15 15.03
CA GLY B 36 -5.75 12.90 14.98
C GLY B 36 -5.32 11.87 16.04
N GLY B 37 -4.06 11.94 16.49
CA GLY B 37 -3.37 10.87 17.22
C GLY B 37 -2.91 9.76 16.26
N LYS B 38 -1.77 9.12 16.54
CA LYS B 38 -1.01 8.24 15.61
C LYS B 38 -1.67 6.89 15.25
N GLU B 39 -2.97 6.76 15.50
CA GLU B 39 -3.89 5.71 15.05
C GLU B 39 -4.99 6.22 14.10
N THR B 40 -5.04 7.54 13.83
CA THR B 40 -6.01 8.23 12.94
C THR B 40 -5.32 9.38 12.16
N LEU B 41 -6.06 10.11 11.31
CA LEU B 41 -5.70 11.47 10.87
C LEU B 41 -6.79 12.49 11.32
N THR B 42 -6.51 13.79 11.22
CA THR B 42 -7.55 14.80 10.93
C THR B 42 -7.59 15.15 9.44
N PRO B 43 -8.76 15.52 8.87
CA PRO B 43 -8.84 16.03 7.49
C PRO B 43 -7.94 17.25 7.22
N SER B 44 -7.75 18.14 8.21
CA SER B 44 -6.79 19.26 8.08
C SER B 44 -5.36 18.78 7.82
N GLU B 45 -4.88 17.74 8.52
CA GLU B 45 -3.54 17.20 8.29
C GLU B 45 -3.43 16.21 7.12
N LEU B 46 -4.56 15.64 6.67
CA LEU B 46 -4.68 14.99 5.35
C LEU B 46 -4.23 15.98 4.25
N ARG B 47 -4.90 17.14 4.09
CA ARG B 47 -4.51 18.12 3.05
C ARG B 47 -3.09 18.68 3.24
N ASP B 48 -2.63 18.84 4.49
CA ASP B 48 -1.28 19.30 4.83
C ASP B 48 -0.16 18.30 4.43
N LEU B 49 -0.38 16.97 4.45
CA LEU B 49 0.63 16.04 3.90
C LEU B 49 0.59 15.92 2.38
N VAL B 50 -0.59 16.07 1.75
CA VAL B 50 -0.69 15.94 0.29
C VAL B 50 0.09 17.04 -0.42
N THR B 51 -0.03 18.30 0.04
CA THR B 51 0.63 19.47 -0.56
C THR B 51 2.17 19.48 -0.40
N GLN B 52 2.72 18.75 0.58
CA GLN B 52 4.17 18.55 0.70
C GLN B 52 4.66 17.28 0.01
N GLN B 53 3.95 16.15 0.12
CA GLN B 53 4.50 14.82 -0.18
C GLN B 53 3.98 14.13 -1.46
N LEU B 54 2.85 14.53 -2.06
CA LEU B 54 2.33 13.92 -3.30
C LEU B 54 2.16 14.93 -4.48
N PRO B 55 3.17 15.76 -4.82
CA PRO B 55 3.01 16.84 -5.79
C PRO B 55 2.96 16.37 -7.26
N HIS B 56 3.48 15.17 -7.59
CA HIS B 56 3.33 14.57 -8.92
C HIS B 56 2.04 13.76 -9.03
N LEU B 57 1.72 12.99 -7.97
CA LEU B 57 0.63 12.02 -7.99
C LEU B 57 -0.76 12.66 -7.79
N MET B 58 -0.87 13.66 -6.91
CA MET B 58 -2.09 14.45 -6.67
C MET B 58 -1.76 15.89 -6.21
N PRO B 59 -1.35 16.78 -7.14
CA PRO B 59 -1.13 18.20 -6.88
C PRO B 59 -2.43 18.98 -6.52
N SER B 60 -2.30 20.21 -6.04
CA SER B 60 -3.42 21.18 -5.94
C SER B 60 -4.16 21.40 -7.27
N ASN B 61 -3.56 21.06 -8.42
CA ASN B 61 -4.27 21.02 -9.71
C ASN B 61 -5.47 20.04 -9.74
N CYS B 62 -5.48 19.01 -8.88
CA CYS B 62 -6.59 18.07 -8.71
C CYS B 62 -7.75 18.62 -7.86
N GLY B 63 -7.52 19.67 -7.06
CA GLY B 63 -8.36 19.98 -5.90
C GLY B 63 -8.15 18.95 -4.79
N LEU B 64 -7.11 19.13 -3.97
CA LEU B 64 -6.71 18.15 -2.94
C LEU B 64 -7.68 18.07 -1.74
N GLU B 65 -8.58 19.06 -1.60
CA GLU B 65 -9.72 18.95 -0.69
C GLU B 65 -10.73 17.86 -1.10
N GLU B 66 -10.72 17.40 -2.36
CA GLU B 66 -11.63 16.37 -2.84
C GLU B 66 -11.36 14.99 -2.19
N LYS B 67 -10.16 14.78 -1.64
CA LYS B 67 -9.81 13.60 -0.85
C LYS B 67 -10.42 13.62 0.55
N ILE B 68 -10.77 14.80 1.07
CA ILE B 68 -11.62 14.98 2.26
C ILE B 68 -13.10 14.78 1.88
N ALA B 69 -13.58 15.48 0.84
CA ALA B 69 -14.99 15.47 0.44
C ALA B 69 -15.54 14.05 0.16
N ASN B 70 -14.69 13.15 -0.36
CA ASN B 70 -15.05 11.76 -0.61
C ASN B 70 -15.06 10.89 0.65
N LEU B 71 -14.19 11.11 1.65
CA LEU B 71 -14.31 10.41 2.93
C LEU B 71 -15.42 10.97 3.82
N GLY B 72 -15.88 12.20 3.56
CA GLY B 72 -17.08 12.80 4.18
C GLY B 72 -18.37 12.03 3.88
N SER B 73 -18.43 11.31 2.75
CA SER B 73 -19.48 10.35 2.40
C SER B 73 -19.49 9.09 3.29
N CYS B 74 -18.48 8.93 4.16
CA CYS B 74 -18.32 7.83 5.10
C CYS B 74 -18.16 8.37 6.54
N ASN B 75 -16.95 8.76 6.94
CA ASN B 75 -16.65 9.27 8.28
C ASN B 75 -15.44 10.20 8.26
N ASP B 76 -15.67 11.50 8.48
CA ASP B 76 -14.65 12.54 8.69
C ASP B 76 -14.51 12.98 10.17
N SER B 77 -15.43 12.49 11.02
CA SER B 77 -15.50 12.82 12.45
C SER B 77 -14.51 11.97 13.28
N LYS B 78 -14.28 10.71 12.87
CA LYS B 78 -13.28 9.79 13.41
C LYS B 78 -12.62 9.00 12.27
N LEU B 79 -11.31 9.16 12.08
CA LEU B 79 -10.53 8.41 11.08
C LEU B 79 -9.80 7.21 11.70
N GLU B 80 -9.11 6.43 10.87
CA GLU B 80 -8.39 5.18 11.23
C GLU B 80 -7.13 4.97 10.37
N PHE B 81 -6.23 4.09 10.80
CA PHE B 81 -5.10 3.58 10.01
C PHE B 81 -5.59 2.87 8.73
N ARG B 82 -6.66 2.07 8.82
CA ARG B 82 -7.33 1.50 7.63
C ARG B 82 -7.90 2.58 6.70
N SER B 83 -8.42 3.69 7.25
CA SER B 83 -8.93 4.82 6.47
C SER B 83 -7.83 5.59 5.73
N PHE B 84 -6.60 5.66 6.28
CA PHE B 84 -5.43 6.14 5.53
C PHE B 84 -5.09 5.18 4.37
N TRP B 85 -4.99 3.86 4.67
CA TRP B 85 -4.62 2.83 3.69
C TRP B 85 -5.58 2.80 2.48
N GLU B 86 -6.89 2.89 2.71
CA GLU B 86 -7.89 2.90 1.63
C GLU B 86 -7.81 4.15 0.73
N LEU B 87 -7.19 5.26 1.17
CA LEU B 87 -6.86 6.38 0.28
C LEU B 87 -5.65 6.08 -0.63
N ILE B 88 -4.67 5.31 -0.16
CA ILE B 88 -3.56 4.83 -0.99
C ILE B 88 -4.11 3.91 -2.09
N GLY B 89 -5.17 3.15 -1.81
CA GLY B 89 -5.91 2.38 -2.80
C GLY B 89 -6.43 3.22 -3.98
N GLU B 90 -6.71 4.51 -3.78
CA GLU B 90 -7.02 5.45 -4.86
C GLU B 90 -5.76 6.09 -5.47
N ALA B 91 -4.72 6.42 -4.68
CA ALA B 91 -3.40 6.78 -5.24
C ALA B 91 -2.90 5.75 -6.29
N ALA B 92 -3.05 4.45 -6.00
CA ALA B 92 -2.72 3.33 -6.92
C ALA B 92 -3.66 3.20 -8.14
N LYS B 93 -4.69 4.04 -8.28
CA LYS B 93 -5.48 4.18 -9.53
C LYS B 93 -5.01 5.34 -10.40
N SER B 94 -4.11 6.19 -9.88
CA SER B 94 -3.40 7.25 -10.62
C SER B 94 -1.97 6.87 -11.05
N VAL B 95 -1.37 5.80 -10.50
CA VAL B 95 -0.09 5.23 -10.99
C VAL B 95 -0.05 3.70 -10.88
N LYS B 96 0.22 3.04 -12.01
CA LYS B 96 0.41 1.58 -12.19
C LYS B 96 1.44 1.31 -13.30
N LEU B 97 1.76 0.04 -13.56
CA LEU B 97 2.15 -0.41 -14.89
C LEU B 97 0.87 -0.51 -15.75
N GLU B 98 0.80 0.23 -16.86
CA GLU B 98 -0.41 0.33 -17.67
C GLU B 98 -0.60 -0.88 -18.61
N ARG B 99 -1.83 -1.37 -18.71
CA ARG B 99 -2.23 -2.60 -19.43
C ARG B 99 -3.42 -2.37 -20.38
N PRO B 100 -3.62 -3.23 -21.40
CA PRO B 100 -4.79 -3.20 -22.28
C PRO B 100 -6.03 -3.79 -21.57
N VAL B 101 -6.60 -3.02 -20.65
CA VAL B 101 -7.78 -3.36 -19.83
C VAL B 101 -8.88 -2.28 -19.97
N ARG B 102 -10.16 -2.68 -19.87
CA ARG B 102 -11.34 -1.87 -20.25
C ARG B 102 -12.56 -2.20 -19.38
N GLY B 103 -13.50 -1.27 -19.22
CA GLY B 103 -14.83 -1.51 -18.63
C GLY B 103 -14.83 -1.96 -17.16
N HIS B 104 -15.82 -2.77 -16.76
CA HIS B 104 -15.91 -3.40 -15.43
C HIS B 104 -16.39 -4.87 -15.48
N MET A 1 15.30 15.97 -23.39
CA MET A 1 14.18 16.92 -23.29
C MET A 1 13.58 17.24 -24.66
N GLY A 2 12.30 17.59 -24.71
CA GLY A 2 11.59 18.05 -25.91
C GLY A 2 11.10 16.93 -26.85
N GLN A 3 10.86 15.73 -26.31
CA GLN A 3 10.54 14.51 -27.07
C GLN A 3 9.28 13.80 -26.56
N CYS A 4 8.66 12.97 -27.40
CA CYS A 4 7.41 12.24 -27.11
C CYS A 4 7.55 11.23 -25.96
N ARG A 5 6.43 10.89 -25.29
CA ARG A 5 6.34 9.87 -24.22
C ARG A 5 5.12 8.94 -24.36
N SER A 6 5.37 7.63 -24.30
CA SER A 6 4.36 6.56 -24.24
C SER A 6 3.97 6.14 -22.82
N ALA A 7 4.58 6.77 -21.81
CA ALA A 7 4.41 6.42 -20.40
C ALA A 7 4.63 7.63 -19.45
N ASN A 8 4.01 7.59 -18.27
CA ASN A 8 4.21 8.51 -17.14
C ASN A 8 4.51 7.74 -15.84
N ALA A 9 5.18 8.40 -14.89
CA ALA A 9 5.89 7.82 -13.74
C ALA A 9 7.08 6.94 -14.14
N GLU A 10 6.87 5.93 -15.00
CA GLU A 10 7.84 4.96 -15.53
C GLU A 10 8.60 4.12 -14.49
N ASP A 11 9.49 4.78 -13.75
CA ASP A 11 10.32 4.24 -12.67
C ASP A 11 10.05 4.92 -11.30
N ALA A 12 9.35 6.06 -11.29
CA ALA A 12 8.97 6.84 -10.10
C ALA A 12 10.16 7.25 -9.21
N GLN A 13 11.23 7.78 -9.80
CA GLN A 13 12.49 8.12 -9.10
C GLN A 13 12.68 9.62 -8.85
N GLU A 14 11.80 10.45 -9.43
CA GLU A 14 11.59 11.86 -9.08
C GLU A 14 10.53 12.07 -7.98
N PHE A 15 9.78 11.01 -7.65
CA PHE A 15 8.75 11.01 -6.59
C PHE A 15 9.36 10.87 -5.19
N SER A 16 8.64 11.27 -4.14
CA SER A 16 9.09 11.11 -2.75
C SER A 16 9.09 9.63 -2.31
N ASP A 17 9.78 9.30 -1.21
CA ASP A 17 9.92 7.90 -0.74
C ASP A 17 8.56 7.20 -0.52
N VAL A 18 7.55 7.91 -0.01
CA VAL A 18 6.17 7.41 0.16
C VAL A 18 5.40 7.35 -1.17
N GLU A 19 5.63 8.32 -2.07
CA GLU A 19 4.95 8.48 -3.35
C GLU A 19 5.39 7.41 -4.37
N ARG A 20 6.65 6.96 -4.30
CA ARG A 20 7.17 5.80 -5.04
C ARG A 20 6.99 4.44 -4.37
N ALA A 21 6.74 4.40 -3.05
CA ALA A 21 6.48 3.15 -2.33
C ALA A 21 5.22 2.42 -2.85
N ILE A 22 4.13 3.15 -3.08
CA ILE A 22 2.86 2.64 -3.61
C ILE A 22 3.10 2.02 -4.99
N GLU A 23 3.89 2.69 -5.83
CA GLU A 23 4.35 2.22 -7.13
C GLU A 23 5.21 0.94 -7.07
N THR A 24 6.07 0.82 -6.06
CA THR A 24 6.82 -0.42 -5.79
C THR A 24 5.89 -1.61 -5.54
N LEU A 25 4.74 -1.43 -4.86
CA LEU A 25 3.81 -2.54 -4.61
C LEU A 25 3.08 -2.92 -5.90
N ILE A 26 2.66 -1.91 -6.68
CA ILE A 26 2.13 -2.04 -8.05
C ILE A 26 3.10 -2.87 -8.90
N LYS A 27 4.37 -2.45 -9.02
CA LYS A 27 5.42 -3.13 -9.80
C LYS A 27 5.59 -4.59 -9.42
N ASN A 28 5.49 -4.93 -8.13
CA ASN A 28 5.74 -6.28 -7.65
C ASN A 28 4.62 -7.30 -7.95
N PHE A 29 3.38 -6.88 -8.22
CA PHE A 29 2.36 -7.76 -8.81
C PHE A 29 2.82 -8.28 -10.20
N HIS A 30 3.30 -7.39 -11.06
CA HIS A 30 3.66 -7.70 -12.44
C HIS A 30 5.03 -8.38 -12.55
N GLN A 31 6.03 -7.96 -11.77
CA GLN A 31 7.35 -8.59 -11.70
C GLN A 31 7.35 -10.01 -11.10
N TYR A 32 6.20 -10.49 -10.56
CA TYR A 32 6.00 -11.90 -10.17
C TYR A 32 4.98 -12.67 -11.03
N SER A 33 4.05 -12.00 -11.73
CA SER A 33 3.08 -12.62 -12.65
C SER A 33 3.76 -13.30 -13.85
N VAL A 34 4.04 -14.61 -13.71
CA VAL A 34 4.67 -15.46 -14.73
C VAL A 34 3.68 -16.35 -15.51
N GLU A 35 2.49 -16.62 -14.97
CA GLU A 35 1.45 -17.47 -15.60
C GLU A 35 0.79 -16.86 -16.86
N GLY A 36 1.13 -15.63 -17.23
CA GLY A 36 0.71 -14.96 -18.45
C GLY A 36 1.53 -13.70 -18.73
N GLY A 37 1.03 -12.82 -19.60
CA GLY A 37 1.68 -11.57 -20.01
C GLY A 37 1.59 -10.45 -18.97
N LYS A 38 2.02 -10.71 -17.73
CA LYS A 38 1.89 -9.81 -16.56
C LYS A 38 0.46 -9.32 -16.34
N GLU A 39 -0.48 -10.24 -16.54
CA GLU A 39 -1.93 -9.99 -16.62
C GLU A 39 -2.70 -10.33 -15.33
N THR A 40 -2.21 -11.31 -14.55
CA THR A 40 -2.89 -11.83 -13.33
C THR A 40 -1.90 -12.38 -12.29
N LEU A 41 -2.30 -12.42 -11.01
CA LEU A 41 -1.52 -13.00 -9.91
C LEU A 41 -2.16 -14.32 -9.47
N THR A 42 -1.41 -15.43 -9.45
CA THR A 42 -1.95 -16.77 -9.13
C THR A 42 -1.32 -17.37 -7.87
N PRO A 43 -1.94 -18.40 -7.24
CA PRO A 43 -1.39 -19.13 -6.09
C PRO A 43 0.09 -19.53 -6.21
N SER A 44 0.54 -19.91 -7.41
CA SER A 44 1.90 -20.39 -7.64
C SER A 44 2.96 -19.29 -7.52
N GLU A 45 2.75 -18.11 -8.10
CA GLU A 45 3.60 -16.94 -7.86
C GLU A 45 3.34 -16.24 -6.51
N LEU A 46 2.17 -16.42 -5.90
CA LEU A 46 1.92 -16.03 -4.50
C LEU A 46 2.87 -16.80 -3.56
N ARG A 47 2.97 -18.13 -3.68
CA ARG A 47 3.97 -18.91 -2.94
C ARG A 47 5.40 -18.46 -3.28
N ASP A 48 5.68 -18.19 -4.55
CA ASP A 48 7.03 -17.87 -5.03
C ASP A 48 7.53 -16.49 -4.53
N LEU A 49 6.67 -15.46 -4.42
CA LEU A 49 7.08 -14.17 -3.83
C LEU A 49 7.13 -14.17 -2.31
N VAL A 50 6.29 -14.95 -1.62
CA VAL A 50 6.19 -14.87 -0.15
C VAL A 50 7.47 -15.36 0.55
N THR A 51 8.05 -16.49 0.15
CA THR A 51 9.30 -16.99 0.75
C THR A 51 10.55 -16.20 0.32
N GLN A 52 10.51 -15.57 -0.88
CA GLN A 52 11.62 -14.74 -1.38
C GLN A 52 11.58 -13.29 -0.91
N GLN A 53 10.40 -12.72 -0.65
CA GLN A 53 10.24 -11.28 -0.34
C GLN A 53 9.59 -10.96 1.02
N LEU A 54 8.82 -11.85 1.66
CA LEU A 54 8.21 -11.62 2.99
C LEU A 54 8.74 -12.54 4.13
N PRO A 55 10.06 -12.76 4.31
CA PRO A 55 10.57 -13.63 5.37
C PRO A 55 10.62 -12.97 6.76
N HIS A 56 10.73 -11.64 6.84
CA HIS A 56 10.68 -10.91 8.10
C HIS A 56 9.22 -10.64 8.50
N LEU A 57 8.34 -10.44 7.51
CA LEU A 57 6.91 -10.22 7.70
C LEU A 57 6.17 -11.51 8.11
N MET A 58 6.42 -12.65 7.46
CA MET A 58 5.80 -13.95 7.79
C MET A 58 6.79 -15.13 7.72
N PRO A 59 7.25 -15.67 8.87
CA PRO A 59 8.05 -16.90 8.95
C PRO A 59 7.30 -18.18 8.49
N SER A 60 8.02 -19.30 8.54
CA SER A 60 7.50 -20.67 8.32
C SER A 60 6.49 -21.16 9.40
N ASN A 61 6.32 -20.43 10.51
CA ASN A 61 5.33 -20.70 11.58
C ASN A 61 3.87 -20.77 11.06
N CYS A 62 3.58 -20.15 9.91
CA CYS A 62 2.34 -20.24 9.17
C CYS A 62 2.64 -20.74 7.75
N GLY A 63 1.73 -21.50 7.13
CA GLY A 63 1.94 -21.99 5.77
C GLY A 63 1.64 -20.90 4.73
N LEU A 64 2.48 -20.75 3.71
CA LEU A 64 2.20 -19.87 2.56
C LEU A 64 0.82 -20.21 1.96
N GLU A 65 0.50 -21.51 1.91
CA GLU A 65 -0.76 -22.03 1.41
C GLU A 65 -2.01 -21.52 2.15
N GLU A 66 -1.90 -20.96 3.37
CA GLU A 66 -3.03 -20.34 4.06
C GLU A 66 -3.46 -19.04 3.35
N LYS A 67 -2.51 -18.28 2.78
CA LYS A 67 -2.81 -17.10 1.96
C LYS A 67 -3.49 -17.49 0.64
N ILE A 68 -3.16 -18.67 0.10
CA ILE A 68 -3.83 -19.28 -1.05
C ILE A 68 -5.25 -19.73 -0.67
N ALA A 69 -5.42 -20.37 0.49
CA ALA A 69 -6.71 -20.74 1.04
C ALA A 69 -7.60 -19.52 1.38
N ASN A 70 -7.01 -18.36 1.69
CA ASN A 70 -7.75 -17.13 1.99
C ASN A 70 -8.28 -16.42 0.72
N LEU A 71 -7.59 -16.48 -0.43
CA LEU A 71 -8.00 -15.74 -1.63
C LEU A 71 -9.14 -16.38 -2.45
N GLY A 72 -9.37 -17.69 -2.28
CA GLY A 72 -10.60 -18.41 -2.67
C GLY A 72 -10.86 -18.67 -4.16
N SER A 73 -9.89 -18.40 -5.06
CA SER A 73 -10.06 -18.44 -6.52
C SER A 73 -8.81 -18.96 -7.26
N CYS A 74 -9.00 -19.31 -8.54
CA CYS A 74 -7.95 -19.74 -9.47
C CYS A 74 -7.80 -18.76 -10.66
N ASN A 75 -6.68 -18.82 -11.39
CA ASN A 75 -6.37 -17.95 -12.53
C ASN A 75 -7.43 -17.98 -13.65
N ASP A 76 -8.14 -19.09 -13.85
CA ASP A 76 -9.26 -19.19 -14.80
C ASP A 76 -10.43 -18.23 -14.47
N SER A 77 -10.66 -17.90 -13.21
CA SER A 77 -11.62 -16.87 -12.77
C SER A 77 -11.03 -15.45 -12.80
N LYS A 78 -9.75 -15.32 -13.17
CA LYS A 78 -8.87 -14.13 -13.15
C LYS A 78 -8.73 -13.46 -11.77
N LEU A 79 -7.50 -13.02 -11.48
CA LEU A 79 -7.09 -12.36 -10.24
C LEU A 79 -6.31 -11.09 -10.56
N GLU A 80 -6.72 -9.98 -9.94
CA GLU A 80 -6.35 -8.62 -10.33
C GLU A 80 -5.80 -7.83 -9.13
N PHE A 81 -5.18 -6.67 -9.38
CA PHE A 81 -4.47 -5.92 -8.33
C PHE A 81 -5.36 -5.58 -7.12
N ARG A 82 -6.65 -5.32 -7.33
CA ARG A 82 -7.64 -5.06 -6.26
C ARG A 82 -7.71 -6.19 -5.20
N SER A 83 -7.44 -7.46 -5.55
CA SER A 83 -7.35 -8.57 -4.57
C SER A 83 -5.96 -8.73 -3.93
N PHE A 84 -4.87 -8.56 -4.70
CA PHE A 84 -3.49 -8.54 -4.16
C PHE A 84 -3.35 -7.46 -3.06
N TRP A 85 -3.96 -6.30 -3.30
CA TRP A 85 -3.98 -5.16 -2.39
C TRP A 85 -4.64 -5.46 -1.02
N GLU A 86 -5.71 -6.26 -0.97
CA GLU A 86 -6.34 -6.66 0.31
C GLU A 86 -5.33 -7.37 1.23
N LEU A 87 -4.48 -8.21 0.62
CA LEU A 87 -3.47 -9.05 1.26
C LEU A 87 -2.27 -8.21 1.76
N ILE A 88 -2.03 -7.04 1.17
CA ILE A 88 -1.10 -6.01 1.69
C ILE A 88 -1.71 -5.28 2.90
N GLY A 89 -2.99 -4.91 2.84
CA GLY A 89 -3.71 -4.30 3.97
C GLY A 89 -3.69 -5.19 5.22
N GLU A 90 -3.67 -6.51 5.02
CA GLU A 90 -3.48 -7.53 6.04
C GLU A 90 -2.02 -7.63 6.54
N ALA A 91 -1.01 -7.42 5.68
CA ALA A 91 0.39 -7.31 6.11
C ALA A 91 0.61 -6.10 7.05
N ALA A 92 -0.11 -4.99 6.83
CA ALA A 92 -0.17 -3.84 7.74
C ALA A 92 -0.88 -4.12 9.09
N LYS A 93 -1.42 -5.33 9.33
CA LYS A 93 -1.86 -5.81 10.66
C LYS A 93 -0.78 -6.64 11.37
N SER A 94 0.30 -7.02 10.68
CA SER A 94 1.49 -7.67 11.26
C SER A 94 2.62 -6.68 11.57
N VAL A 95 2.76 -5.61 10.78
CA VAL A 95 3.74 -4.52 11.00
C VAL A 95 3.09 -3.14 10.89
N LYS A 96 3.36 -2.28 11.88
CA LYS A 96 2.89 -0.89 12.02
C LYS A 96 4.02 -0.01 12.58
N LEU A 97 3.73 1.24 12.97
CA LEU A 97 4.54 1.97 13.94
C LEU A 97 4.22 1.48 15.36
N GLU A 98 5.23 1.29 16.21
CA GLU A 98 5.07 0.85 17.60
C GLU A 98 4.38 1.93 18.46
N ARG A 99 3.09 1.74 18.76
CA ARG A 99 2.22 2.62 19.57
C ARG A 99 1.68 1.90 20.81
N PRO A 100 1.42 2.62 21.93
CA PRO A 100 0.58 2.11 23.01
C PRO A 100 -0.90 1.98 22.59
N VAL A 101 -1.66 1.15 23.31
CA VAL A 101 -3.10 0.90 23.08
C VAL A 101 -3.83 0.52 24.38
N ARG A 102 -5.09 0.94 24.53
CA ARG A 102 -5.95 0.68 25.72
C ARG A 102 -6.97 -0.44 25.51
N GLY A 103 -7.33 -0.79 24.27
CA GLY A 103 -8.21 -1.94 23.98
C GLY A 103 -8.57 -2.11 22.51
N HIS A 104 -9.44 -3.09 22.24
CA HIS A 104 -9.89 -3.51 20.89
C HIS A 104 -11.31 -4.10 20.87
N MET B 1 23.36 -10.79 17.45
CA MET B 1 24.06 -11.95 18.05
C MET B 1 23.22 -12.49 19.19
N GLY B 2 22.88 -13.79 19.15
CA GLY B 2 22.28 -14.54 20.26
C GLY B 2 20.82 -14.25 20.64
N GLN B 3 20.18 -13.21 20.10
CA GLN B 3 18.84 -12.76 20.54
C GLN B 3 17.85 -12.55 19.38
N CYS B 4 16.55 -12.70 19.67
CA CYS B 4 15.46 -12.51 18.72
C CYS B 4 14.86 -11.08 18.73
N ARG B 5 14.31 -10.65 17.59
CA ARG B 5 13.80 -9.27 17.38
C ARG B 5 12.41 -9.03 17.99
N SER B 6 12.27 -7.93 18.73
CA SER B 6 11.02 -7.41 19.32
C SER B 6 10.44 -6.22 18.55
N ALA B 7 11.23 -5.60 17.67
CA ALA B 7 10.90 -4.35 16.99
C ALA B 7 9.78 -4.47 15.93
N ASN B 8 9.32 -3.32 15.43
CA ASN B 8 8.31 -3.21 14.38
C ASN B 8 8.95 -2.59 13.12
N ALA B 9 9.96 -3.27 12.55
CA ALA B 9 10.84 -2.87 11.44
C ALA B 9 11.69 -1.58 11.62
N GLU B 10 11.13 -0.56 12.26
CA GLU B 10 11.58 0.82 12.46
C GLU B 10 11.93 1.58 11.17
N ASP B 11 12.96 1.13 10.47
CA ASP B 11 13.42 1.63 9.16
C ASP B 11 13.60 0.54 8.09
N ALA B 12 13.24 -0.72 8.39
CA ALA B 12 13.13 -1.83 7.43
C ALA B 12 14.43 -2.09 6.62
N GLN B 13 15.59 -2.03 7.28
CA GLN B 13 16.90 -1.91 6.63
C GLN B 13 17.48 -3.25 6.18
N GLU B 14 17.06 -4.35 6.80
CA GLU B 14 17.31 -5.71 6.32
C GLU B 14 16.17 -6.27 5.46
N PHE B 15 15.03 -5.57 5.38
CA PHE B 15 13.85 -6.03 4.62
C PHE B 15 14.09 -5.99 3.10
N SER B 16 13.34 -6.78 2.32
CA SER B 16 13.37 -6.74 0.85
C SER B 16 12.80 -5.44 0.28
N ASP B 17 13.03 -5.17 -1.01
CA ASP B 17 12.60 -3.92 -1.68
C ASP B 17 11.08 -3.67 -1.59
N VAL B 18 10.26 -4.72 -1.67
CA VAL B 18 8.79 -4.64 -1.49
C VAL B 18 8.38 -4.62 -0.01
N GLU B 19 9.15 -5.30 0.85
CA GLU B 19 8.87 -5.48 2.28
C GLU B 19 9.16 -4.20 3.08
N ARG B 20 10.16 -3.39 2.69
CA ARG B 20 10.29 -2.00 3.17
C ARG B 20 9.30 -1.03 2.53
N ALA B 21 8.77 -1.33 1.34
CA ALA B 21 7.84 -0.43 0.66
C ALA B 21 6.48 -0.35 1.37
N ILE B 22 5.91 -1.48 1.79
CA ILE B 22 4.63 -1.51 2.54
C ILE B 22 4.78 -0.73 3.86
N GLU B 23 5.91 -0.93 4.53
CA GLU B 23 6.36 -0.22 5.72
C GLU B 23 6.43 1.29 5.53
N THR B 24 6.97 1.71 4.40
CA THR B 24 7.21 3.12 4.10
C THR B 24 5.90 3.91 4.05
N LEU B 25 4.80 3.31 3.57
CA LEU B 25 3.48 3.96 3.71
C LEU B 25 2.80 3.73 5.06
N ILE B 26 3.02 2.60 5.73
CA ILE B 26 2.48 2.39 7.09
C ILE B 26 3.04 3.42 8.07
N LYS B 27 4.36 3.63 8.12
CA LYS B 27 5.01 4.62 9.01
C LYS B 27 4.56 6.05 8.71
N ASN B 28 4.34 6.38 7.43
CA ASN B 28 3.98 7.74 7.04
C ASN B 28 2.57 8.18 7.48
N PHE B 29 1.66 7.23 7.76
CA PHE B 29 0.39 7.52 8.43
C PHE B 29 0.59 8.06 9.86
N HIS B 30 1.51 7.47 10.63
CA HIS B 30 1.76 7.84 12.02
C HIS B 30 2.64 9.09 12.14
N GLN B 31 3.72 9.19 11.35
CA GLN B 31 4.63 10.33 11.38
C GLN B 31 3.92 11.68 11.12
N TYR B 32 2.96 11.73 10.19
CA TYR B 32 2.18 12.93 9.89
C TYR B 32 1.01 13.21 10.86
N SER B 33 0.61 12.25 11.70
CA SER B 33 -0.44 12.42 12.71
C SER B 33 0.02 13.35 13.84
N VAL B 34 -0.30 14.64 13.72
CA VAL B 34 0.01 15.70 14.70
C VAL B 34 -1.17 16.05 15.62
N GLU B 35 -2.41 15.99 15.14
CA GLU B 35 -3.64 16.23 15.92
C GLU B 35 -4.44 14.96 16.23
N GLY B 36 -4.06 13.82 15.64
CA GLY B 36 -4.42 12.49 16.16
C GLY B 36 -3.58 12.11 17.41
N GLY B 37 -3.86 10.96 18.01
CA GLY B 37 -3.02 10.37 19.08
C GLY B 37 -1.82 9.59 18.54
N LYS B 38 -1.23 10.07 17.44
CA LYS B 38 -0.27 9.36 16.57
C LYS B 38 -0.81 8.01 16.04
N GLU B 39 -2.13 7.88 15.89
CA GLU B 39 -2.82 6.69 15.37
C GLU B 39 -3.90 6.97 14.32
N THR B 40 -4.11 8.25 13.98
CA THR B 40 -5.16 8.74 13.06
C THR B 40 -4.76 10.03 12.35
N LEU B 41 -5.32 10.32 11.17
CA LEU B 41 -5.17 11.65 10.55
C LEU B 41 -6.35 12.55 10.93
N THR B 42 -6.18 13.87 10.80
CA THR B 42 -7.28 14.82 10.58
C THR B 42 -7.16 15.43 9.17
N PRO B 43 -8.21 16.03 8.60
CA PRO B 43 -8.13 16.73 7.31
C PRO B 43 -7.04 17.81 7.21
N SER B 44 -6.57 18.37 8.34
CA SER B 44 -5.40 19.26 8.41
C SER B 44 -4.11 18.58 7.95
N GLU B 45 -3.74 17.45 8.56
CA GLU B 45 -2.55 16.68 8.14
C GLU B 45 -2.77 15.87 6.86
N LEU B 46 -4.03 15.57 6.48
CA LEU B 46 -4.36 15.10 5.12
C LEU B 46 -3.88 16.13 4.07
N ARG B 47 -4.30 17.40 4.19
CA ARG B 47 -3.87 18.45 3.24
C ARG B 47 -2.36 18.67 3.31
N ASP B 48 -1.77 18.63 4.51
CA ASP B 48 -0.33 18.77 4.73
C ASP B 48 0.49 17.68 4.02
N LEU B 49 0.19 16.38 4.21
CA LEU B 49 0.98 15.33 3.54
C LEU B 49 0.77 15.28 2.03
N VAL B 50 -0.37 15.74 1.53
CA VAL B 50 -0.60 15.78 0.08
C VAL B 50 0.22 16.91 -0.57
N THR B 51 0.31 18.10 0.06
CA THR B 51 1.13 19.23 -0.46
C THR B 51 2.62 19.09 -0.13
N GLN B 52 2.99 18.31 0.90
CA GLN B 52 4.37 17.94 1.20
C GLN B 52 4.87 16.80 0.30
N GLN B 53 4.14 15.68 0.20
CA GLN B 53 4.67 14.39 -0.28
C GLN B 53 4.05 13.83 -1.58
N LEU B 54 2.87 14.29 -2.02
CA LEU B 54 2.24 13.86 -3.29
C LEU B 54 2.15 14.97 -4.37
N PRO B 55 3.23 15.72 -4.69
CA PRO B 55 3.16 16.81 -5.66
C PRO B 55 2.99 16.32 -7.11
N HIS B 56 3.46 15.11 -7.43
CA HIS B 56 3.27 14.50 -8.75
C HIS B 56 1.93 13.76 -8.81
N LEU B 57 1.60 13.01 -7.75
CA LEU B 57 0.43 12.13 -7.69
C LEU B 57 -0.90 12.90 -7.57
N MET B 58 -0.96 13.95 -6.75
CA MET B 58 -2.16 14.74 -6.48
C MET B 58 -1.86 16.25 -6.61
N PRO B 59 -1.89 16.78 -7.85
CA PRO B 59 -1.51 18.16 -8.13
C PRO B 59 -2.56 19.19 -7.72
N SER B 60 -2.08 20.42 -7.49
CA SER B 60 -2.88 21.62 -7.23
C SER B 60 -3.99 21.87 -8.27
N ASN B 61 -3.78 21.49 -9.54
CA ASN B 61 -4.76 21.56 -10.63
C ASN B 61 -6.07 20.76 -10.39
N CYS B 62 -6.08 19.82 -9.44
CA CYS B 62 -7.28 19.05 -9.07
C CYS B 62 -8.03 19.61 -7.85
N GLY B 63 -7.39 20.49 -7.08
CA GLY B 63 -7.77 20.83 -5.71
C GLY B 63 -7.45 19.66 -4.75
N LEU B 64 -6.43 19.82 -3.90
CA LEU B 64 -6.04 18.80 -2.92
C LEU B 64 -6.90 18.84 -1.64
N GLU B 65 -7.59 19.96 -1.41
CA GLU B 65 -8.69 20.03 -0.45
C GLU B 65 -10.00 19.39 -0.95
N GLU B 66 -10.14 19.10 -2.25
CA GLU B 66 -11.30 18.35 -2.72
C GLU B 66 -11.34 16.93 -2.14
N LYS B 67 -10.20 16.41 -1.65
CA LYS B 67 -10.12 15.16 -0.87
C LYS B 67 -10.65 15.33 0.55
N ILE B 68 -10.36 16.46 1.19
CA ILE B 68 -10.94 16.88 2.48
C ILE B 68 -12.47 17.02 2.36
N ALA B 69 -12.94 17.58 1.23
CA ALA B 69 -14.36 17.70 0.91
C ALA B 69 -15.04 16.34 0.60
N ASN B 70 -14.36 15.41 -0.09
CA ASN B 70 -14.93 14.09 -0.41
C ASN B 70 -15.06 13.20 0.84
N LEU B 71 -13.97 12.97 1.60
CA LEU B 71 -13.97 11.89 2.61
C LEU B 71 -14.76 12.18 3.90
N GLY B 72 -15.05 13.45 4.23
CA GLY B 72 -15.97 13.85 5.30
C GLY B 72 -15.65 13.23 6.68
N SER B 73 -14.42 13.39 7.18
CA SER B 73 -13.99 12.80 8.46
C SER B 73 -14.49 13.61 9.65
N CYS B 74 -14.97 12.93 10.69
CA CYS B 74 -15.67 13.53 11.82
C CYS B 74 -15.20 13.00 13.19
N ASN B 75 -15.51 13.77 14.24
CA ASN B 75 -15.19 13.50 15.65
C ASN B 75 -15.80 12.20 16.19
N ASP B 76 -16.80 11.63 15.52
CA ASP B 76 -17.48 10.38 15.85
C ASP B 76 -16.61 9.12 15.70
N SER B 77 -15.57 9.19 14.87
CA SER B 77 -14.82 8.04 14.37
C SER B 77 -13.31 8.26 14.33
N LYS B 78 -12.88 9.46 13.87
CA LYS B 78 -11.50 9.79 13.48
C LYS B 78 -10.95 8.92 12.34
N LEU B 79 -9.95 9.41 11.61
CA LEU B 79 -9.42 8.70 10.43
C LEU B 79 -8.44 7.57 10.82
N GLU B 80 -8.95 6.35 10.98
CA GLU B 80 -8.14 5.14 11.24
C GLU B 80 -7.36 4.67 10.00
N PHE B 81 -6.40 3.76 10.19
CA PHE B 81 -5.53 3.29 9.09
C PHE B 81 -6.32 2.78 7.87
N ARG B 82 -7.39 1.99 8.06
CA ARG B 82 -8.31 1.56 6.99
C ARG B 82 -8.84 2.73 6.14
N SER B 83 -9.19 3.86 6.75
CA SER B 83 -9.68 5.05 6.04
C SER B 83 -8.57 5.88 5.36
N PHE B 84 -7.33 5.84 5.87
CA PHE B 84 -6.14 6.32 5.12
C PHE B 84 -5.87 5.43 3.89
N TRP B 85 -5.93 4.12 4.10
CA TRP B 85 -5.59 3.05 3.15
C TRP B 85 -6.50 3.01 1.91
N GLU B 86 -7.82 3.22 2.08
CA GLU B 86 -8.74 3.39 0.93
C GLU B 86 -8.36 4.58 0.02
N LEU B 87 -7.73 5.62 0.56
CA LEU B 87 -7.24 6.76 -0.25
C LEU B 87 -5.90 6.47 -0.94
N ILE B 88 -5.09 5.54 -0.41
CA ILE B 88 -3.98 4.95 -1.17
C ILE B 88 -4.51 4.07 -2.31
N GLY B 89 -5.58 3.32 -2.06
CA GLY B 89 -6.32 2.58 -3.10
C GLY B 89 -6.82 3.50 -4.23
N GLU B 90 -7.17 4.75 -3.93
CA GLU B 90 -7.48 5.80 -4.89
C GLU B 90 -6.21 6.39 -5.56
N ALA B 91 -5.09 6.58 -4.84
CA ALA B 91 -3.80 6.92 -5.47
C ALA B 91 -3.38 5.87 -6.52
N ALA B 92 -3.65 4.57 -6.29
CA ALA B 92 -3.42 3.51 -7.27
C ALA B 92 -4.39 3.53 -8.49
N LYS B 93 -5.38 4.42 -8.51
CA LYS B 93 -6.17 4.75 -9.72
C LYS B 93 -5.54 5.87 -10.57
N SER B 94 -4.36 6.36 -10.15
CA SER B 94 -3.52 7.35 -10.85
C SER B 94 -2.10 6.84 -11.16
N VAL B 95 -1.72 5.64 -10.70
CA VAL B 95 -0.45 4.97 -11.07
C VAL B 95 -0.58 3.44 -11.08
N LYS B 96 -0.20 2.83 -12.20
CA LYS B 96 -0.23 1.40 -12.58
C LYS B 96 0.98 1.09 -13.46
N LEU B 97 1.04 -0.08 -14.10
CA LEU B 97 1.98 -0.33 -15.21
C LEU B 97 1.47 0.37 -16.49
N GLU B 98 2.37 0.98 -17.26
CA GLU B 98 2.04 1.77 -18.46
C GLU B 98 1.84 0.88 -19.70
N ARG B 99 1.02 -0.17 -19.56
CA ARG B 99 0.67 -1.17 -20.58
C ARG B 99 -0.80 -1.03 -21.03
N PRO B 100 -1.15 -1.32 -22.30
CA PRO B 100 -2.51 -1.18 -22.83
C PRO B 100 -3.59 -1.96 -22.06
N VAL B 101 -4.84 -1.50 -22.10
CA VAL B 101 -5.97 -2.02 -21.30
C VAL B 101 -7.23 -2.22 -22.15
N ARG B 102 -8.04 -3.24 -21.83
CA ARG B 102 -9.29 -3.61 -22.55
C ARG B 102 -10.56 -3.37 -21.74
N GLY B 103 -10.52 -3.57 -20.42
CA GLY B 103 -11.70 -3.47 -19.54
C GLY B 103 -11.35 -3.42 -18.03
N HIS B 104 -12.38 -3.27 -17.19
CA HIS B 104 -12.26 -3.03 -15.74
C HIS B 104 -11.80 -4.25 -14.93
N MET A 1 -11.56 7.51 -11.75
CA MET A 1 -10.62 7.44 -12.90
C MET A 1 -11.20 8.17 -14.10
N GLY A 2 -10.35 8.78 -14.93
CA GLY A 2 -10.77 9.44 -16.18
C GLY A 2 -10.70 8.55 -17.42
N GLN A 3 -10.69 9.18 -18.60
CA GLN A 3 -10.48 8.56 -19.92
C GLN A 3 -9.21 9.07 -20.64
N CYS A 4 -8.43 9.95 -20.00
CA CYS A 4 -7.22 10.56 -20.56
C CYS A 4 -6.12 9.51 -20.88
N ARG A 5 -5.40 9.70 -21.99
CA ARG A 5 -4.31 8.80 -22.46
C ARG A 5 -2.91 9.29 -22.08
N SER A 6 -2.79 9.83 -20.87
CA SER A 6 -1.55 10.31 -20.26
C SER A 6 -0.66 9.17 -19.73
N ALA A 7 0.66 9.32 -19.85
CA ALA A 7 1.64 8.32 -19.43
C ALA A 7 1.96 8.40 -17.92
N ASN A 8 2.84 9.35 -17.54
CA ASN A 8 3.40 9.54 -16.18
C ASN A 8 4.34 8.40 -15.72
N ALA A 9 5.32 8.72 -14.87
CA ALA A 9 6.28 7.79 -14.24
C ALA A 9 7.20 6.96 -15.17
N GLU A 10 7.28 7.30 -16.46
CA GLU A 10 8.21 6.69 -17.44
C GLU A 10 9.69 7.04 -17.18
N ASP A 11 9.92 8.08 -16.38
CA ASP A 11 11.23 8.51 -15.84
C ASP A 11 11.19 8.70 -14.32
N ALA A 12 10.10 9.26 -13.78
CA ALA A 12 9.91 9.54 -12.36
C ALA A 12 11.10 10.32 -11.74
N GLN A 13 11.85 9.71 -10.81
CA GLN A 13 13.05 10.23 -10.12
C GLN A 13 12.81 11.43 -9.18
N GLU A 14 11.83 12.26 -9.45
CA GLU A 14 11.44 13.42 -8.62
C GLU A 14 10.39 13.07 -7.56
N PHE A 15 9.96 11.79 -7.49
CA PHE A 15 9.03 11.32 -6.47
C PHE A 15 9.74 11.19 -5.12
N SER A 16 9.10 11.63 -4.03
CA SER A 16 9.59 11.50 -2.64
C SER A 16 9.54 10.04 -2.16
N ASP A 17 10.26 9.67 -1.11
CA ASP A 17 10.49 8.27 -0.71
C ASP A 17 9.19 7.45 -0.48
N VAL A 18 8.10 8.09 -0.01
CA VAL A 18 6.77 7.45 0.10
C VAL A 18 6.09 7.25 -1.26
N GLU A 19 6.22 8.21 -2.17
CA GLU A 19 5.70 8.16 -3.55
C GLU A 19 6.51 7.14 -4.39
N ARG A 20 7.80 6.99 -4.10
CA ARG A 20 8.69 5.89 -4.58
C ARG A 20 8.35 4.53 -3.95
N ALA A 21 7.81 4.49 -2.73
CA ALA A 21 7.50 3.24 -2.05
C ALA A 21 6.18 2.62 -2.57
N ILE A 22 5.14 3.43 -2.83
CA ILE A 22 3.90 3.03 -3.52
C ILE A 22 4.27 2.43 -4.89
N GLU A 23 5.18 3.08 -5.61
CA GLU A 23 5.76 2.59 -6.85
C GLU A 23 6.41 1.21 -6.72
N THR A 24 7.15 1.01 -5.64
CA THR A 24 7.83 -0.25 -5.31
C THR A 24 6.82 -1.37 -5.04
N LEU A 25 5.67 -1.09 -4.39
CA LEU A 25 4.65 -2.13 -4.20
C LEU A 25 3.94 -2.45 -5.52
N ILE A 26 3.68 -1.42 -6.34
CA ILE A 26 3.21 -1.56 -7.73
C ILE A 26 4.15 -2.50 -8.49
N LYS A 27 5.42 -2.13 -8.68
CA LYS A 27 6.39 -2.89 -9.48
C LYS A 27 6.43 -4.36 -9.08
N ASN A 28 6.33 -4.65 -7.78
CA ASN A 28 6.40 -6.02 -7.29
C ASN A 28 5.15 -6.87 -7.55
N PHE A 29 3.98 -6.28 -7.78
CA PHE A 29 2.85 -7.01 -8.37
C PHE A 29 3.14 -7.39 -9.83
N HIS A 30 3.55 -6.43 -10.67
CA HIS A 30 3.69 -6.61 -12.12
C HIS A 30 4.88 -7.51 -12.52
N GLN A 31 5.95 -7.52 -11.72
CA GLN A 31 7.08 -8.46 -11.88
C GLN A 31 6.68 -9.93 -11.63
N TYR A 32 5.58 -10.19 -10.89
CA TYR A 32 5.16 -11.54 -10.51
C TYR A 32 3.91 -12.07 -11.23
N SER A 33 3.02 -11.19 -11.70
CA SER A 33 1.71 -11.50 -12.30
C SER A 33 1.79 -11.94 -13.78
N VAL A 34 2.79 -12.74 -14.14
CA VAL A 34 3.07 -13.15 -15.53
C VAL A 34 2.02 -14.10 -16.10
N GLU A 35 1.40 -14.97 -15.30
CA GLU A 35 0.25 -15.78 -15.70
C GLU A 35 -1.06 -15.00 -15.56
N GLY A 36 -1.17 -14.14 -14.54
CA GLY A 36 -2.34 -13.28 -14.31
C GLY A 36 -2.56 -12.15 -15.34
N GLY A 37 -1.60 -11.93 -16.26
CA GLY A 37 -1.71 -10.90 -17.31
C GLY A 37 -1.45 -9.48 -16.81
N LYS A 38 -0.69 -9.34 -15.71
CA LYS A 38 -0.16 -8.09 -15.13
C LYS A 38 -1.14 -6.99 -14.69
N GLU A 39 -2.44 -7.27 -14.67
CA GLU A 39 -3.46 -6.53 -13.88
C GLU A 39 -4.25 -7.48 -12.95
N THR A 40 -3.94 -8.78 -12.96
CA THR A 40 -4.50 -9.81 -12.05
C THR A 40 -3.40 -10.76 -11.57
N LEU A 41 -3.66 -11.59 -10.56
CA LEU A 41 -2.70 -12.48 -9.88
C LEU A 41 -3.23 -13.93 -9.95
N THR A 42 -2.36 -14.96 -9.89
CA THR A 42 -2.79 -16.36 -9.76
C THR A 42 -2.18 -17.03 -8.51
N PRO A 43 -2.89 -17.93 -7.81
CA PRO A 43 -2.44 -18.52 -6.55
C PRO A 43 -1.07 -19.21 -6.60
N SER A 44 -0.70 -19.85 -7.71
CA SER A 44 0.61 -20.50 -7.83
C SER A 44 1.78 -19.49 -7.80
N GLU A 45 1.63 -18.32 -8.43
CA GLU A 45 2.64 -17.25 -8.36
C GLU A 45 2.49 -16.36 -7.11
N LEU A 46 1.31 -16.33 -6.48
CA LEU A 46 1.13 -15.84 -5.10
C LEU A 46 2.04 -16.61 -4.12
N ARG A 47 2.00 -17.95 -4.16
CA ARG A 47 2.86 -18.83 -3.32
C ARG A 47 4.35 -18.58 -3.57
N ASP A 48 4.73 -18.55 -4.85
CA ASP A 48 6.11 -18.35 -5.30
C ASP A 48 6.70 -17.01 -4.83
N LEU A 49 5.91 -15.92 -4.87
CA LEU A 49 6.41 -14.60 -4.46
C LEU A 49 6.49 -14.47 -2.92
N VAL A 50 5.54 -15.04 -2.17
CA VAL A 50 5.40 -14.79 -0.72
C VAL A 50 6.55 -15.39 0.10
N THR A 51 7.05 -16.57 -0.27
CA THR A 51 8.20 -17.23 0.38
C THR A 51 9.51 -16.43 0.23
N GLN A 52 9.63 -15.61 -0.83
CA GLN A 52 10.77 -14.74 -1.08
C GLN A 52 10.58 -13.31 -0.53
N GLN A 53 9.42 -12.70 -0.76
CA GLN A 53 9.15 -11.29 -0.45
C GLN A 53 8.70 -11.05 1.00
N LEU A 54 7.87 -11.91 1.59
CA LEU A 54 7.30 -11.68 2.93
C LEU A 54 7.68 -12.74 4.01
N PRO A 55 8.95 -13.18 4.14
CA PRO A 55 9.33 -14.22 5.11
C PRO A 55 9.44 -13.72 6.55
N HIS A 56 9.64 -12.42 6.76
CA HIS A 56 9.67 -11.81 8.09
C HIS A 56 8.25 -11.42 8.55
N LEU A 57 7.38 -11.08 7.59
CA LEU A 57 5.99 -10.67 7.82
C LEU A 57 5.06 -11.87 8.03
N MET A 58 5.11 -12.88 7.16
CA MET A 58 4.22 -14.05 7.19
C MET A 58 4.94 -15.33 6.71
N PRO A 59 5.39 -16.21 7.62
CA PRO A 59 6.22 -17.37 7.27
C PRO A 59 5.46 -18.53 6.65
N SER A 60 6.18 -19.33 5.85
CA SER A 60 5.76 -20.64 5.35
C SER A 60 5.32 -21.61 6.46
N ASN A 61 5.85 -21.44 7.67
CA ASN A 61 5.43 -22.16 8.89
C ASN A 61 3.91 -22.04 9.20
N CYS A 62 3.27 -20.92 8.83
CA CYS A 62 1.81 -20.73 8.99
C CYS A 62 0.98 -21.42 7.88
N GLY A 63 1.64 -21.95 6.85
CA GLY A 63 1.01 -22.38 5.60
C GLY A 63 0.66 -21.18 4.73
N LEU A 64 1.54 -20.78 3.79
CA LEU A 64 1.28 -19.65 2.89
C LEU A 64 0.16 -19.92 1.88
N GLU A 65 -0.25 -21.18 1.71
CA GLU A 65 -1.51 -21.55 1.05
C GLU A 65 -2.77 -21.01 1.76
N GLU A 66 -2.69 -20.58 3.02
CA GLU A 66 -3.77 -19.89 3.74
C GLU A 66 -4.15 -18.57 3.03
N LYS A 67 -3.17 -17.88 2.45
CA LYS A 67 -3.39 -16.60 1.75
C LYS A 67 -4.13 -16.79 0.41
N ILE A 68 -4.19 -18.01 -0.10
CA ILE A 68 -5.06 -18.42 -1.20
C ILE A 68 -6.44 -18.82 -0.63
N ALA A 69 -6.46 -19.62 0.43
CA ALA A 69 -7.70 -20.10 1.07
C ALA A 69 -8.59 -18.95 1.60
N ASN A 70 -7.98 -17.84 2.03
CA ASN A 70 -8.65 -16.65 2.55
C ASN A 70 -9.38 -15.85 1.46
N LEU A 71 -8.85 -15.83 0.23
CA LEU A 71 -9.41 -15.04 -0.89
C LEU A 71 -10.42 -15.81 -1.75
N GLY A 72 -10.39 -17.15 -1.73
CA GLY A 72 -11.33 -18.01 -2.45
C GLY A 72 -11.16 -17.92 -3.97
N SER A 73 -10.11 -18.54 -4.49
CA SER A 73 -9.61 -18.24 -5.84
C SER A 73 -10.56 -18.67 -6.97
N CYS A 74 -10.68 -17.83 -7.99
CA CYS A 74 -11.55 -18.02 -9.16
C CYS A 74 -10.73 -17.82 -10.45
N ASN A 75 -9.74 -18.68 -10.71
CA ASN A 75 -8.67 -18.42 -11.67
C ASN A 75 -9.20 -18.19 -13.11
N ASP A 76 -10.26 -18.90 -13.50
CA ASP A 76 -10.97 -18.75 -14.79
C ASP A 76 -11.76 -17.44 -14.91
N SER A 77 -12.17 -16.83 -13.79
CA SER A 77 -12.78 -15.48 -13.72
C SER A 77 -11.73 -14.36 -13.57
N LYS A 78 -10.49 -14.75 -13.22
CA LYS A 78 -9.32 -13.90 -12.90
C LYS A 78 -9.52 -12.99 -11.67
N LEU A 79 -8.39 -12.58 -11.08
CA LEU A 79 -8.33 -11.72 -9.87
C LEU A 79 -8.25 -10.22 -10.27
N GLU A 80 -7.73 -9.39 -9.37
CA GLU A 80 -7.45 -7.95 -9.56
C GLU A 80 -6.07 -7.57 -8.97
N PHE A 81 -5.48 -6.44 -9.38
CA PHE A 81 -4.42 -5.77 -8.61
C PHE A 81 -4.92 -5.46 -7.19
N ARG A 82 -6.21 -5.07 -7.08
CA ARG A 82 -6.92 -4.85 -5.82
C ARG A 82 -6.83 -6.05 -4.85
N SER A 83 -6.80 -7.29 -5.35
CA SER A 83 -6.72 -8.50 -4.51
C SER A 83 -5.40 -8.62 -3.75
N PHE A 84 -4.27 -8.33 -4.41
CA PHE A 84 -2.94 -8.26 -3.83
C PHE A 84 -2.84 -7.08 -2.85
N TRP A 85 -3.37 -5.93 -3.27
CA TRP A 85 -3.33 -4.68 -2.51
C TRP A 85 -4.11 -4.75 -1.18
N GLU A 86 -5.30 -5.37 -1.15
CA GLU A 86 -6.07 -5.61 0.08
C GLU A 86 -5.34 -6.53 1.07
N LEU A 87 -4.44 -7.40 0.58
CA LEU A 87 -3.56 -8.20 1.43
C LEU A 87 -2.34 -7.41 1.96
N ILE A 88 -1.92 -6.33 1.29
CA ILE A 88 -1.00 -5.36 1.91
C ILE A 88 -1.73 -4.56 3.00
N GLY A 89 -3.01 -4.24 2.78
CA GLY A 89 -3.91 -3.71 3.81
C GLY A 89 -3.99 -4.60 5.05
N GLU A 90 -3.94 -5.93 4.87
CA GLU A 90 -3.81 -6.92 5.93
C GLU A 90 -2.39 -7.01 6.50
N ALA A 91 -1.32 -6.90 5.68
CA ALA A 91 0.06 -6.75 6.16
C ALA A 91 0.23 -5.58 7.15
N ALA A 92 -0.45 -4.44 6.93
CA ALA A 92 -0.47 -3.31 7.87
C ALA A 92 -1.28 -3.55 9.17
N LYS A 93 -1.94 -4.71 9.29
CA LYS A 93 -2.44 -5.26 10.56
C LYS A 93 -1.48 -6.30 11.16
N SER A 94 -0.70 -6.99 10.32
CA SER A 94 0.36 -7.92 10.75
C SER A 94 1.59 -7.20 11.34
N VAL A 95 1.92 -6.00 10.84
CA VAL A 95 3.00 -5.12 11.31
C VAL A 95 2.58 -3.64 11.23
N LYS A 96 3.02 -2.84 12.21
CA LYS A 96 2.76 -1.39 12.34
C LYS A 96 4.00 -0.64 12.85
N LEU A 97 3.85 0.68 13.08
CA LEU A 97 4.65 1.40 14.07
C LEU A 97 4.54 0.67 15.42
N GLU A 98 5.65 0.61 16.17
CA GLU A 98 5.86 -0.20 17.40
C GLU A 98 4.76 -0.17 18.49
N ARG A 99 3.80 0.76 18.46
CA ARG A 99 2.81 1.07 19.51
C ARG A 99 1.35 0.99 19.02
N PRO A 100 0.81 -0.23 18.78
CA PRO A 100 -0.58 -0.44 18.37
C PRO A 100 -1.57 -0.10 19.50
N VAL A 101 -2.85 0.12 19.16
CA VAL A 101 -3.92 0.37 20.14
C VAL A 101 -4.38 -0.93 20.84
N ARG A 102 -4.84 -0.83 22.08
CA ARG A 102 -5.30 -1.97 22.90
C ARG A 102 -6.39 -1.59 23.92
N GLY A 103 -6.30 -0.42 24.54
CA GLY A 103 -7.32 0.08 25.49
C GLY A 103 -8.44 0.88 24.83
N HIS A 104 -8.19 1.39 23.62
CA HIS A 104 -9.13 2.13 22.75
C HIS A 104 -9.81 3.32 23.45
N MET B 1 -3.69 -11.91 10.75
CA MET B 1 -3.25 -11.98 12.15
C MET B 1 -4.41 -12.25 13.11
N GLY B 2 -5.44 -11.40 13.17
CA GLY B 2 -6.55 -11.53 14.13
C GLY B 2 -6.16 -11.07 15.55
N GLN B 3 -6.82 -11.62 16.57
CA GLN B 3 -6.64 -11.30 18.00
C GLN B 3 -5.27 -11.69 18.58
N CYS B 4 -4.42 -12.38 17.81
CA CYS B 4 -2.99 -12.58 18.10
C CYS B 4 -2.25 -11.26 18.41
N ARG B 5 -1.21 -11.33 19.25
CA ARG B 5 -0.41 -10.17 19.71
C ARG B 5 1.07 -10.22 19.29
N SER B 6 1.43 -11.09 18.32
CA SER B 6 2.77 -11.15 17.74
C SER B 6 3.21 -9.81 17.14
N ALA B 7 4.19 -9.18 17.79
CA ALA B 7 4.74 -7.86 17.46
C ALA B 7 5.07 -7.66 15.98
N ASN B 8 5.82 -8.59 15.39
CA ASN B 8 6.57 -8.42 14.13
C ASN B 8 7.56 -7.23 14.14
N ALA B 9 8.53 -7.25 13.22
CA ALA B 9 9.59 -6.25 13.05
C ALA B 9 10.36 -5.91 14.35
N GLU B 10 10.55 -6.90 15.23
CA GLU B 10 11.24 -6.75 16.52
C GLU B 10 12.77 -6.70 16.39
N ASP B 11 13.30 -7.40 15.38
CA ASP B 11 14.73 -7.39 14.99
C ASP B 11 14.95 -6.69 13.64
N ALA B 12 14.04 -6.89 12.67
CA ALA B 12 13.98 -6.18 11.39
C ALA B 12 15.30 -6.23 10.58
N GLN B 13 15.53 -5.23 9.71
CA GLN B 13 16.80 -4.89 9.07
C GLN B 13 17.29 -5.87 7.97
N GLU B 14 16.51 -6.90 7.64
CA GLU B 14 16.82 -7.89 6.61
C GLU B 14 15.69 -8.03 5.57
N PHE B 15 14.66 -7.19 5.65
CA PHE B 15 13.44 -7.31 4.82
C PHE B 15 13.72 -7.11 3.30
N SER B 16 12.84 -7.64 2.46
CA SER B 16 12.79 -7.43 0.99
C SER B 16 12.50 -5.95 0.64
N ASP B 17 12.80 -5.49 -0.58
CA ASP B 17 12.56 -4.10 -0.98
C ASP B 17 11.07 -3.71 -0.88
N VAL B 18 10.15 -4.62 -1.20
CA VAL B 18 8.70 -4.42 -0.99
C VAL B 18 8.31 -4.48 0.49
N GLU B 19 8.92 -5.39 1.25
CA GLU B 19 8.66 -5.65 2.67
C GLU B 19 9.14 -4.47 3.55
N ARG B 20 10.23 -3.79 3.13
CA ARG B 20 10.62 -2.45 3.62
C ARG B 20 9.70 -1.34 3.13
N ALA B 21 9.24 -1.39 1.88
CA ALA B 21 8.44 -0.31 1.29
C ALA B 21 7.05 -0.19 1.93
N ILE B 22 6.39 -1.29 2.32
CA ILE B 22 5.14 -1.28 3.11
C ILE B 22 5.39 -0.56 4.43
N GLU B 23 6.51 -0.82 5.11
CA GLU B 23 6.89 -0.01 6.29
C GLU B 23 7.11 1.47 5.95
N THR B 24 7.57 1.79 4.74
CA THR B 24 7.78 3.18 4.29
C THR B 24 6.45 3.89 4.02
N LEU B 25 5.38 3.17 3.66
CA LEU B 25 4.02 3.74 3.58
C LEU B 25 3.50 3.98 5.01
N ILE B 26 3.69 2.99 5.89
CA ILE B 26 3.31 3.02 7.30
C ILE B 26 3.96 4.21 8.00
N LYS B 27 5.28 4.25 8.11
CA LYS B 27 6.02 5.25 8.91
C LYS B 27 5.62 6.69 8.56
N ASN B 28 5.30 6.94 7.29
CA ASN B 28 4.90 8.27 6.85
C ASN B 28 3.48 8.70 7.25
N PHE B 29 2.58 7.77 7.54
CA PHE B 29 1.32 8.09 8.24
C PHE B 29 1.59 8.51 9.69
N HIS B 30 2.40 7.73 10.42
CA HIS B 30 2.66 7.94 11.85
C HIS B 30 3.48 9.21 12.12
N GLN B 31 4.42 9.55 11.23
CA GLN B 31 5.10 10.85 11.19
C GLN B 31 4.18 12.08 11.05
N TYR B 32 2.94 11.92 10.54
CA TYR B 32 2.03 13.03 10.18
C TYR B 32 0.72 13.12 10.99
N SER B 33 0.31 12.08 11.70
CA SER B 33 -1.00 11.95 12.36
C SER B 33 -1.07 12.63 13.75
N VAL B 34 -0.61 13.87 13.82
CA VAL B 34 -0.31 14.60 15.08
C VAL B 34 -1.45 15.48 15.62
N GLU B 35 -2.42 15.90 14.81
CA GLU B 35 -3.74 16.38 15.31
C GLU B 35 -4.61 15.16 15.69
N GLY B 36 -4.48 14.07 14.91
CA GLY B 36 -5.03 12.75 15.19
C GLY B 36 -4.33 11.97 16.32
N GLY B 37 -4.70 10.70 16.45
CA GLY B 37 -4.28 9.79 17.53
C GLY B 37 -3.10 8.88 17.20
N LYS B 38 -2.30 9.22 16.19
CA LYS B 38 -1.13 8.47 15.64
C LYS B 38 -1.40 7.05 15.12
N GLU B 39 -2.60 6.51 15.34
CA GLU B 39 -3.24 5.39 14.62
C GLU B 39 -4.48 5.88 13.82
N THR B 40 -4.72 7.20 13.83
CA THR B 40 -5.84 7.91 13.17
C THR B 40 -5.34 9.21 12.52
N LEU B 41 -5.94 9.62 11.40
CA LEU B 41 -5.60 10.83 10.63
C LEU B 41 -6.61 11.97 10.91
N THR B 42 -6.43 13.15 10.33
CA THR B 42 -7.44 14.22 10.30
C THR B 42 -7.44 14.93 8.93
N PRO B 43 -8.56 15.54 8.49
CA PRO B 43 -8.60 16.40 7.30
C PRO B 43 -7.54 17.53 7.32
N SER B 44 -7.31 18.09 8.52
CA SER B 44 -6.34 19.15 8.82
C SER B 44 -4.91 18.80 8.35
N GLU B 45 -4.43 17.59 8.64
CA GLU B 45 -3.14 17.09 8.14
C GLU B 45 -3.19 16.30 6.81
N LEU B 46 -4.34 15.76 6.39
CA LEU B 46 -4.52 15.18 5.04
C LEU B 46 -4.11 16.20 3.97
N ARG B 47 -4.67 17.42 4.06
CA ARG B 47 -4.40 18.48 3.07
C ARG B 47 -2.98 19.03 3.16
N ASP B 48 -2.27 18.82 4.26
CA ASP B 48 -0.83 19.14 4.39
C ASP B 48 0.06 18.04 3.77
N LEU B 49 -0.08 16.77 4.20
CA LEU B 49 0.84 15.73 3.75
C LEU B 49 0.68 15.37 2.27
N VAL B 50 -0.53 15.51 1.70
CA VAL B 50 -0.78 15.13 0.30
C VAL B 50 -0.02 16.01 -0.69
N THR B 51 -0.14 17.34 -0.62
CA THR B 51 0.60 18.25 -1.53
C THR B 51 2.10 18.33 -1.23
N GLN B 52 2.54 17.94 -0.03
CA GLN B 52 3.95 17.86 0.36
C GLN B 52 4.64 16.53 -0.03
N GLN B 53 3.90 15.41 -0.18
CA GLN B 53 4.47 14.09 -0.50
C GLN B 53 4.04 13.54 -1.88
N LEU B 54 2.82 13.82 -2.35
CA LEU B 54 2.24 13.22 -3.58
C LEU B 54 1.89 14.24 -4.69
N PRO B 55 2.76 15.21 -5.07
CA PRO B 55 2.42 16.21 -6.07
C PRO B 55 2.35 15.68 -7.51
N HIS B 56 2.91 14.48 -7.77
CA HIS B 56 2.81 13.78 -9.06
C HIS B 56 1.57 12.89 -9.13
N LEU B 57 1.34 12.04 -8.11
CA LEU B 57 0.24 11.07 -8.11
C LEU B 57 -1.10 11.64 -7.62
N MET B 58 -1.12 12.80 -6.95
CA MET B 58 -2.34 13.52 -6.54
C MET B 58 -2.20 15.05 -6.77
N PRO B 59 -2.15 15.50 -8.05
CA PRO B 59 -1.84 16.89 -8.39
C PRO B 59 -2.94 17.91 -8.04
N SER B 60 -2.60 19.19 -8.11
CA SER B 60 -3.49 20.34 -7.82
C SER B 60 -4.68 20.50 -8.80
N ASN B 61 -4.77 19.67 -9.85
CA ASN B 61 -5.95 19.54 -10.71
C ASN B 61 -7.09 18.70 -10.09
N CYS B 62 -6.89 18.04 -8.95
CA CYS B 62 -7.95 17.42 -8.15
C CYS B 62 -8.08 18.19 -6.84
N GLY B 63 -9.29 18.61 -6.47
CA GLY B 63 -9.52 19.24 -5.19
C GLY B 63 -9.37 18.22 -4.05
N LEU B 64 -8.54 18.54 -3.05
CA LEU B 64 -8.26 17.63 -1.93
C LEU B 64 -9.51 17.41 -1.09
N GLU B 65 -10.35 18.45 -0.97
CA GLU B 65 -11.65 18.43 -0.29
C GLU B 65 -12.55 17.22 -0.63
N GLU B 66 -12.43 16.67 -1.84
CA GLU B 66 -13.22 15.53 -2.32
C GLU B 66 -12.68 14.21 -1.73
N LYS B 67 -11.40 14.18 -1.36
CA LYS B 67 -10.76 13.08 -0.67
C LYS B 67 -11.14 13.08 0.82
N ILE B 68 -11.31 14.28 1.42
CA ILE B 68 -11.92 14.50 2.75
C ILE B 68 -13.40 14.03 2.74
N ALA B 69 -14.10 14.27 1.63
CA ALA B 69 -15.47 13.80 1.44
C ALA B 69 -15.54 12.25 1.28
N ASN B 70 -14.63 11.66 0.50
CA ASN B 70 -14.62 10.23 0.14
C ASN B 70 -14.01 9.31 1.22
N LEU B 71 -13.28 9.84 2.21
CA LEU B 71 -12.91 9.05 3.40
C LEU B 71 -14.09 8.77 4.35
N GLY B 72 -15.16 9.57 4.27
CA GLY B 72 -16.47 9.26 4.86
C GLY B 72 -16.54 9.23 6.40
N SER B 73 -15.76 10.05 7.11
CA SER B 73 -15.61 9.98 8.58
C SER B 73 -16.94 10.09 9.33
N CYS B 74 -17.21 9.15 10.25
CA CYS B 74 -18.34 9.19 11.18
C CYS B 74 -18.09 10.09 12.41
N ASN B 75 -16.91 10.73 12.51
CA ASN B 75 -16.39 11.55 13.63
C ASN B 75 -16.20 10.81 14.97
N ASP B 76 -17.24 10.16 15.50
CA ASP B 76 -17.25 9.58 16.85
C ASP B 76 -16.32 8.36 16.97
N SER B 77 -16.19 7.54 15.92
CA SER B 77 -15.25 6.41 15.89
C SER B 77 -13.81 6.83 15.57
N LYS B 78 -13.56 8.12 15.32
CA LYS B 78 -12.31 8.71 14.77
C LYS B 78 -11.91 8.08 13.42
N LEU B 79 -10.82 8.55 12.81
CA LEU B 79 -10.28 7.97 11.57
C LEU B 79 -9.41 6.72 11.87
N GLU B 80 -8.86 6.11 10.84
CA GLU B 80 -7.97 4.94 10.88
C GLU B 80 -6.75 5.12 9.94
N PHE B 81 -5.73 4.27 10.04
CA PHE B 81 -4.67 4.13 9.01
C PHE B 81 -5.30 3.80 7.65
N ARG B 82 -6.33 2.94 7.65
CA ARG B 82 -7.30 2.70 6.56
C ARG B 82 -7.76 3.98 5.83
N SER B 83 -7.99 5.10 6.51
CA SER B 83 -8.44 6.35 5.86
C SER B 83 -7.43 6.92 4.84
N PHE B 84 -6.14 6.85 5.16
CA PHE B 84 -5.04 7.24 4.28
C PHE B 84 -4.71 6.11 3.28
N TRP B 85 -4.74 4.86 3.73
CA TRP B 85 -4.50 3.68 2.91
C TRP B 85 -5.50 3.53 1.74
N GLU B 86 -6.77 3.90 1.96
CA GLU B 86 -7.79 4.00 0.92
C GLU B 86 -7.57 5.18 -0.05
N LEU B 87 -6.76 6.18 0.30
CA LEU B 87 -6.25 7.17 -0.67
C LEU B 87 -5.07 6.61 -1.50
N ILE B 88 -4.16 5.85 -0.89
CA ILE B 88 -3.06 5.20 -1.64
C ILE B 88 -3.64 4.23 -2.70
N GLY B 89 -4.75 3.56 -2.36
CA GLY B 89 -5.52 2.75 -3.31
C GLY B 89 -5.92 3.51 -4.59
N GLU B 90 -6.20 4.82 -4.50
CA GLU B 90 -6.44 5.69 -5.64
C GLU B 90 -5.16 6.29 -6.27
N ALA B 91 -4.09 6.51 -5.50
CA ALA B 91 -2.75 6.71 -6.09
C ALA B 91 -2.38 5.58 -7.08
N ALA B 92 -2.67 4.32 -6.76
CA ALA B 92 -2.50 3.17 -7.66
C ALA B 92 -3.60 3.02 -8.74
N LYS B 93 -4.63 3.88 -8.75
CA LYS B 93 -5.53 4.11 -9.90
C LYS B 93 -5.13 5.35 -10.72
N SER B 94 -4.10 6.07 -10.27
CA SER B 94 -3.52 7.26 -10.92
C SER B 94 -2.20 6.96 -11.65
N VAL B 95 -1.57 5.82 -11.34
CA VAL B 95 -0.47 5.25 -12.14
C VAL B 95 -0.42 3.72 -12.01
N LYS B 96 -0.17 3.02 -13.13
CA LYS B 96 0.05 1.56 -13.22
C LYS B 96 1.12 1.25 -14.27
N LEU B 97 1.50 -0.03 -14.38
CA LEU B 97 2.43 -0.54 -15.40
C LEU B 97 1.69 -0.82 -16.73
N GLU B 98 1.14 0.22 -17.37
CA GLU B 98 0.49 0.22 -18.70
C GLU B 98 -0.79 -0.67 -18.85
N ARG B 99 -1.09 -1.53 -17.87
CA ARG B 99 -1.97 -2.71 -18.02
C ARG B 99 -3.50 -2.62 -17.77
N PRO B 100 -4.18 -1.48 -17.49
CA PRO B 100 -5.63 -1.45 -17.23
C PRO B 100 -6.51 -2.21 -18.25
N VAL B 101 -7.44 -3.02 -17.73
CA VAL B 101 -8.29 -3.94 -18.50
C VAL B 101 -9.63 -3.34 -18.95
N ARG B 102 -10.18 -3.87 -20.05
CA ARG B 102 -11.47 -3.46 -20.65
C ARG B 102 -12.31 -4.67 -21.07
N GLY B 103 -11.83 -5.46 -22.03
CA GLY B 103 -12.54 -6.64 -22.56
C GLY B 103 -12.44 -7.91 -21.70
N HIS B 104 -11.52 -7.94 -20.73
CA HIS B 104 -11.23 -9.05 -19.80
C HIS B 104 -10.93 -10.38 -20.53
N MET A 1 8.38 -20.28 -23.65
CA MET A 1 8.34 -18.80 -23.57
C MET A 1 9.57 -18.28 -22.85
N GLY A 2 10.32 -17.36 -23.46
CA GLY A 2 11.59 -16.86 -22.92
C GLY A 2 11.44 -15.95 -21.68
N GLN A 3 12.31 -16.19 -20.69
CA GLN A 3 12.41 -15.42 -19.46
C GLN A 3 13.30 -14.17 -19.67
N CYS A 4 12.86 -13.01 -19.19
CA CYS A 4 13.49 -11.69 -19.39
C CYS A 4 13.47 -10.86 -18.09
N ARG A 5 14.19 -9.74 -18.02
CA ARG A 5 14.10 -8.80 -16.88
C ARG A 5 14.13 -7.33 -17.30
N SER A 6 13.21 -6.53 -16.76
CA SER A 6 13.18 -5.07 -16.85
C SER A 6 12.63 -4.47 -15.55
N ALA A 7 13.29 -3.46 -15.01
CA ALA A 7 12.95 -2.83 -13.73
C ALA A 7 13.25 -1.32 -13.75
N ASN A 8 12.57 -0.58 -14.63
CA ASN A 8 12.59 0.88 -14.65
C ASN A 8 11.67 1.45 -13.54
N ALA A 9 11.95 2.68 -13.09
CA ALA A 9 11.03 3.52 -12.30
C ALA A 9 10.48 2.88 -11.00
N GLU A 10 11.34 2.18 -10.26
CA GLU A 10 11.06 1.54 -8.95
C GLU A 10 11.79 2.18 -7.75
N ASP A 11 12.78 3.03 -8.00
CA ASP A 11 13.47 3.84 -6.98
C ASP A 11 13.46 5.37 -7.25
N ALA A 12 12.78 5.81 -8.32
CA ALA A 12 12.65 7.20 -8.79
C ALA A 12 13.98 8.00 -8.85
N GLN A 13 13.89 9.33 -9.03
CA GLN A 13 15.01 10.28 -8.94
C GLN A 13 14.66 11.57 -8.17
N GLU A 14 13.42 12.06 -8.28
CA GLU A 14 13.00 13.37 -7.77
C GLU A 14 11.88 13.31 -6.70
N PHE A 15 11.31 12.12 -6.46
CA PHE A 15 10.10 11.90 -5.65
C PHE A 15 10.45 11.63 -4.16
N SER A 16 9.56 12.00 -3.24
CA SER A 16 9.70 11.67 -1.82
C SER A 16 9.72 10.15 -1.59
N ASP A 17 10.31 9.67 -0.50
CA ASP A 17 10.44 8.22 -0.24
C ASP A 17 9.09 7.49 -0.23
N VAL A 18 8.03 8.12 0.27
CA VAL A 18 6.65 7.60 0.23
C VAL A 18 6.05 7.61 -1.19
N GLU A 19 6.47 8.59 -2.00
CA GLU A 19 5.93 8.94 -3.32
C GLU A 19 6.51 8.05 -4.43
N ARG A 20 7.72 7.52 -4.22
CA ARG A 20 8.20 6.32 -4.93
C ARG A 20 7.67 5.02 -4.32
N ALA A 21 7.59 4.88 -2.99
CA ALA A 21 7.27 3.60 -2.34
C ALA A 21 5.93 2.98 -2.79
N ILE A 22 4.87 3.77 -3.01
CA ILE A 22 3.57 3.24 -3.48
C ILE A 22 3.75 2.60 -4.86
N GLU A 23 4.54 3.21 -5.76
CA GLU A 23 4.88 2.60 -7.04
C GLU A 23 5.84 1.42 -6.93
N THR A 24 6.81 1.47 -6.01
CA THR A 24 7.81 0.41 -5.81
C THR A 24 7.11 -0.92 -5.50
N LEU A 25 6.13 -0.90 -4.61
CA LEU A 25 5.43 -2.13 -4.22
C LEU A 25 4.31 -2.53 -5.20
N ILE A 26 3.67 -1.56 -5.87
CA ILE A 26 2.76 -1.81 -6.99
C ILE A 26 3.50 -2.47 -8.17
N LYS A 27 4.69 -2.00 -8.57
CA LYS A 27 5.49 -2.64 -9.62
C LYS A 27 5.83 -4.09 -9.31
N ASN A 28 5.91 -4.49 -8.03
CA ASN A 28 6.17 -5.88 -7.69
C ASN A 28 5.00 -6.84 -7.99
N PHE A 29 3.75 -6.36 -8.09
CA PHE A 29 2.66 -7.12 -8.73
C PHE A 29 3.04 -7.45 -10.18
N HIS A 30 3.46 -6.45 -10.95
CA HIS A 30 3.77 -6.56 -12.38
C HIS A 30 5.11 -7.28 -12.67
N GLN A 31 6.03 -7.36 -11.70
CA GLN A 31 7.22 -8.22 -11.77
C GLN A 31 6.88 -9.72 -11.58
N TYR A 32 5.98 -10.06 -10.64
CA TYR A 32 5.67 -11.46 -10.30
C TYR A 32 4.49 -12.08 -11.07
N SER A 33 3.58 -11.30 -11.64
CA SER A 33 2.43 -11.77 -12.42
C SER A 33 2.83 -12.26 -13.83
N VAL A 34 3.63 -13.31 -13.91
CA VAL A 34 4.00 -13.93 -15.20
C VAL A 34 3.04 -15.04 -15.60
N GLU A 35 2.46 -15.77 -14.65
CA GLU A 35 1.35 -16.69 -14.94
C GLU A 35 0.04 -15.92 -15.09
N GLY A 36 -0.19 -14.90 -14.25
CA GLY A 36 -1.33 -13.97 -14.30
C GLY A 36 -1.31 -12.91 -15.42
N GLY A 37 -0.40 -12.99 -16.39
CA GLY A 37 -0.43 -12.19 -17.63
C GLY A 37 -0.23 -10.68 -17.43
N LYS A 38 0.63 -10.29 -16.47
CA LYS A 38 0.99 -8.92 -16.03
C LYS A 38 -0.14 -8.00 -15.53
N GLU A 39 -1.39 -8.47 -15.62
CA GLU A 39 -2.61 -7.71 -15.34
C GLU A 39 -3.50 -8.36 -14.24
N THR A 40 -3.25 -9.64 -13.92
CA THR A 40 -3.89 -10.43 -12.85
C THR A 40 -2.83 -11.21 -12.06
N LEU A 41 -3.18 -11.98 -11.02
CA LEU A 41 -2.22 -12.61 -10.10
C LEU A 41 -2.71 -14.01 -9.70
N THR A 42 -1.92 -15.06 -9.92
CA THR A 42 -2.33 -16.44 -9.61
C THR A 42 -2.00 -16.86 -8.16
N PRO A 43 -2.87 -17.59 -7.44
CA PRO A 43 -2.62 -18.09 -6.09
C PRO A 43 -1.28 -18.83 -5.90
N SER A 44 -0.79 -19.59 -6.88
CA SER A 44 0.52 -20.26 -6.75
C SER A 44 1.73 -19.31 -6.86
N GLU A 45 1.64 -18.20 -7.59
CA GLU A 45 2.70 -17.16 -7.62
C GLU A 45 2.57 -16.15 -6.46
N LEU A 46 1.36 -16.00 -5.90
CA LEU A 46 1.10 -15.36 -4.60
C LEU A 46 1.82 -16.13 -3.46
N ARG A 47 1.69 -17.46 -3.44
CA ARG A 47 2.38 -18.36 -2.50
C ARG A 47 3.90 -18.42 -2.75
N ASP A 48 4.39 -17.94 -3.90
CA ASP A 48 5.82 -17.82 -4.23
C ASP A 48 6.43 -16.50 -3.73
N LEU A 49 5.92 -15.33 -4.18
CA LEU A 49 6.59 -14.04 -3.86
C LEU A 49 6.67 -13.74 -2.36
N VAL A 50 5.77 -14.34 -1.57
CA VAL A 50 5.71 -14.15 -0.12
C VAL A 50 6.90 -14.81 0.60
N THR A 51 7.29 -16.04 0.24
CA THR A 51 8.49 -16.69 0.81
C THR A 51 9.79 -16.13 0.22
N GLN A 52 9.75 -15.66 -1.04
CA GLN A 52 10.89 -15.02 -1.70
C GLN A 52 11.20 -13.61 -1.16
N GLN A 53 10.18 -12.78 -0.94
CA GLN A 53 10.35 -11.34 -0.70
C GLN A 53 9.87 -10.83 0.67
N LEU A 54 9.06 -11.59 1.43
CA LEU A 54 8.55 -11.17 2.75
C LEU A 54 9.03 -12.05 3.94
N PRO A 55 10.33 -12.35 4.16
CA PRO A 55 10.78 -13.18 5.28
C PRO A 55 10.69 -12.49 6.66
N HIS A 56 10.84 -11.16 6.71
CA HIS A 56 10.72 -10.37 7.94
C HIS A 56 9.27 -9.95 8.22
N LEU A 57 8.47 -9.72 7.17
CA LEU A 57 7.04 -9.41 7.27
C LEU A 57 6.21 -10.66 7.58
N MET A 58 6.59 -11.84 7.04
CA MET A 58 5.84 -13.09 7.16
C MET A 58 6.77 -14.27 7.53
N PRO A 59 6.44 -15.05 8.58
CA PRO A 59 7.24 -16.20 9.00
C PRO A 59 7.11 -17.40 8.04
N SER A 60 7.97 -18.39 8.24
CA SER A 60 7.90 -19.68 7.56
C SER A 60 6.70 -20.53 8.00
N ASN A 61 6.30 -21.47 7.12
CA ASN A 61 5.12 -22.34 7.19
C ASN A 61 3.75 -21.63 7.09
N CYS A 62 3.60 -20.46 7.75
CA CYS A 62 2.42 -19.60 7.71
C CYS A 62 2.57 -18.52 6.62
N GLY A 63 1.77 -17.46 6.68
CA GLY A 63 2.04 -16.19 5.99
C GLY A 63 1.62 -16.14 4.51
N LEU A 64 1.75 -17.25 3.77
CA LEU A 64 1.50 -17.31 2.34
C LEU A 64 0.13 -17.91 2.02
N GLU A 65 -0.13 -19.14 2.42
CA GLU A 65 -1.38 -19.83 2.06
C GLU A 65 -2.61 -19.33 2.80
N GLU A 66 -2.43 -18.56 3.88
CA GLU A 66 -3.49 -17.80 4.55
C GLU A 66 -4.11 -16.74 3.62
N LYS A 67 -3.34 -16.23 2.65
CA LYS A 67 -3.77 -15.24 1.66
C LYS A 67 -4.61 -15.89 0.56
N ILE A 68 -4.22 -17.10 0.14
CA ILE A 68 -5.01 -17.97 -0.74
C ILE A 68 -6.30 -18.41 -0.03
N ALA A 69 -6.25 -18.68 1.28
CA ALA A 69 -7.41 -18.99 2.11
C ALA A 69 -8.40 -17.80 2.23
N ASN A 70 -7.91 -16.56 2.24
CA ASN A 70 -8.76 -15.35 2.24
C ASN A 70 -9.41 -15.06 0.87
N LEU A 71 -8.91 -15.69 -0.20
CA LEU A 71 -9.38 -15.55 -1.59
C LEU A 71 -10.50 -16.52 -1.99
N GLY A 72 -10.75 -17.55 -1.19
CA GLY A 72 -11.85 -18.52 -1.38
C GLY A 72 -11.65 -19.48 -2.56
N SER A 73 -12.73 -19.74 -3.32
CA SER A 73 -12.77 -20.75 -4.40
C SER A 73 -13.53 -20.32 -5.67
N CYS A 74 -14.02 -19.07 -5.76
CA CYS A 74 -14.90 -18.59 -6.83
C CYS A 74 -14.31 -17.39 -7.61
N ASN A 75 -13.51 -16.55 -6.96
CA ASN A 75 -12.78 -15.40 -7.53
C ASN A 75 -11.24 -15.55 -7.39
N ASP A 76 -10.72 -16.80 -7.41
CA ASP A 76 -9.29 -17.11 -7.23
C ASP A 76 -8.60 -17.65 -8.51
N SER A 77 -9.31 -18.30 -9.44
CA SER A 77 -8.76 -18.78 -10.72
C SER A 77 -8.58 -17.69 -11.79
N LYS A 78 -8.94 -16.45 -11.44
CA LYS A 78 -8.68 -15.19 -12.14
C LYS A 78 -8.81 -14.04 -11.13
N LEU A 79 -7.89 -13.07 -11.17
CA LEU A 79 -7.80 -11.93 -10.23
C LEU A 79 -7.81 -10.57 -10.94
N GLU A 80 -7.78 -9.49 -10.18
CA GLU A 80 -7.44 -8.13 -10.65
C GLU A 80 -6.48 -7.46 -9.66
N PHE A 81 -5.80 -6.38 -10.09
CA PHE A 81 -4.83 -5.57 -9.35
C PHE A 81 -5.25 -5.25 -7.89
N ARG A 82 -6.52 -4.85 -7.69
CA ARG A 82 -7.04 -4.45 -6.37
C ARG A 82 -7.14 -5.62 -5.37
N SER A 83 -7.32 -6.85 -5.84
CA SER A 83 -7.41 -8.04 -4.96
C SER A 83 -6.06 -8.41 -4.34
N PHE A 84 -4.94 -8.19 -5.04
CA PHE A 84 -3.60 -8.23 -4.45
C PHE A 84 -3.38 -7.08 -3.45
N TRP A 85 -3.85 -5.87 -3.76
CA TRP A 85 -3.76 -4.70 -2.87
C TRP A 85 -4.50 -4.93 -1.52
N GLU A 86 -5.67 -5.57 -1.54
CA GLU A 86 -6.36 -6.01 -0.29
C GLU A 86 -5.48 -6.92 0.57
N LEU A 87 -4.62 -7.75 -0.06
CA LEU A 87 -3.73 -8.71 0.59
C LEU A 87 -2.40 -8.08 1.04
N ILE A 88 -1.98 -6.96 0.46
CA ILE A 88 -0.98 -6.07 1.09
C ILE A 88 -1.59 -5.40 2.34
N GLY A 89 -2.88 -5.04 2.29
CA GLY A 89 -3.64 -4.61 3.48
C GLY A 89 -3.62 -5.66 4.60
N GLU A 90 -3.65 -6.95 4.26
CA GLU A 90 -3.45 -8.06 5.18
C GLU A 90 -1.99 -8.18 5.66
N ALA A 91 -0.96 -7.83 4.85
CA ALA A 91 0.42 -7.68 5.37
C ALA A 91 0.50 -6.65 6.50
N ALA A 92 -0.20 -5.51 6.37
CA ALA A 92 -0.29 -4.52 7.45
C ALA A 92 -1.06 -5.00 8.70
N LYS A 93 -1.72 -6.18 8.69
CA LYS A 93 -2.22 -6.78 9.95
C LYS A 93 -1.08 -7.33 10.83
N SER A 94 0.16 -7.38 10.34
CA SER A 94 1.35 -7.71 11.13
C SER A 94 2.36 -6.55 11.28
N VAL A 95 1.96 -5.31 10.96
CA VAL A 95 2.71 -4.08 11.32
C VAL A 95 1.76 -2.87 11.49
N LYS A 96 1.42 -2.56 12.74
CA LYS A 96 0.61 -1.40 13.18
C LYS A 96 1.01 -0.91 14.59
N LEU A 97 0.47 0.21 15.04
CA LEU A 97 0.78 0.82 16.36
C LEU A 97 0.41 -0.12 17.52
N GLU A 98 1.25 -0.16 18.56
CA GLU A 98 1.13 -1.05 19.72
C GLU A 98 -0.07 -0.69 20.63
N ARG A 99 -1.26 -1.17 20.23
CA ARG A 99 -2.50 -1.28 21.02
C ARG A 99 -3.07 -2.71 20.85
N PRO A 100 -3.88 -3.22 21.80
CA PRO A 100 -4.48 -4.55 21.71
C PRO A 100 -5.35 -4.76 20.45
N VAL A 101 -5.31 -5.96 19.88
CA VAL A 101 -6.07 -6.35 18.69
C VAL A 101 -7.55 -6.63 19.01
N ARG A 102 -8.45 -6.25 18.11
CA ARG A 102 -9.90 -6.53 18.20
C ARG A 102 -10.23 -7.96 17.80
N GLY A 103 -11.27 -8.53 18.42
CA GLY A 103 -11.87 -9.82 18.08
C GLY A 103 -11.32 -11.01 18.85
N HIS A 104 -12.07 -11.47 19.85
CA HIS A 104 -11.86 -12.73 20.57
C HIS A 104 -12.55 -13.92 19.87
N MET B 1 1.94 22.89 19.42
CA MET B 1 0.86 21.91 19.66
C MET B 1 1.45 20.53 19.96
N GLY B 2 2.19 19.92 19.01
CA GLY B 2 2.62 18.52 19.13
C GLY B 2 3.73 18.09 18.16
N GLN B 3 4.19 16.84 18.32
CA GLN B 3 5.32 16.24 17.60
C GLN B 3 5.10 14.74 17.31
N CYS B 4 5.48 14.29 16.12
CA CYS B 4 5.49 12.89 15.66
C CYS B 4 6.75 12.63 14.83
N ARG B 5 7.89 12.44 15.50
CA ARG B 5 9.23 12.24 14.89
C ARG B 5 9.84 10.87 15.22
N SER B 6 8.99 9.87 15.40
CA SER B 6 9.29 8.44 15.58
C SER B 6 9.86 7.76 14.31
N ALA B 7 10.87 8.40 13.68
CA ALA B 7 11.38 8.10 12.35
C ALA B 7 12.82 7.55 12.38
N ASN B 8 12.99 6.31 11.89
CA ASN B 8 14.28 5.62 11.76
C ASN B 8 14.18 4.55 10.66
N ALA B 9 15.26 4.35 9.91
CA ALA B 9 15.37 3.30 8.88
C ALA B 9 14.14 3.22 7.96
N GLU B 10 13.59 4.37 7.57
CA GLU B 10 12.23 4.50 7.00
C GLU B 10 12.05 3.75 5.66
N ASP B 11 13.13 3.56 4.93
CA ASP B 11 13.26 2.67 3.76
C ASP B 11 14.37 1.60 3.91
N ALA B 12 15.03 1.54 5.07
CA ALA B 12 15.97 0.51 5.54
C ALA B 12 17.12 0.13 4.56
N GLN B 13 17.75 -1.04 4.77
CA GLN B 13 18.65 -1.70 3.81
C GLN B 13 18.52 -3.25 3.76
N GLU B 14 18.18 -3.90 4.88
CA GLU B 14 18.26 -5.36 5.05
C GLU B 14 17.12 -6.16 4.39
N PHE B 15 16.01 -5.46 4.17
CA PHE B 15 14.76 -5.98 3.59
C PHE B 15 14.77 -5.87 2.06
N SER B 16 13.97 -6.71 1.39
CA SER B 16 13.73 -6.60 -0.05
C SER B 16 13.08 -5.26 -0.41
N ASP B 17 13.24 -4.81 -1.66
CA ASP B 17 12.75 -3.51 -2.16
C ASP B 17 11.23 -3.30 -1.95
N VAL B 18 10.45 -4.40 -1.94
CA VAL B 18 9.00 -4.43 -1.65
C VAL B 18 8.69 -4.50 -0.15
N GLU B 19 9.50 -5.21 0.64
CA GLU B 19 9.28 -5.45 2.06
C GLU B 19 9.57 -4.19 2.90
N ARG B 20 10.57 -3.40 2.49
CA ARG B 20 10.73 -2.03 3.01
C ARG B 20 9.60 -1.10 2.57
N ALA B 21 9.13 -1.18 1.32
CA ALA B 21 8.17 -0.25 0.73
C ALA B 21 6.84 -0.16 1.50
N ILE B 22 6.19 -1.28 1.79
CA ILE B 22 4.91 -1.35 2.52
C ILE B 22 5.07 -0.66 3.88
N GLU B 23 6.18 -0.91 4.57
CA GLU B 23 6.46 -0.23 5.84
C GLU B 23 6.86 1.24 5.70
N THR B 24 7.43 1.64 4.55
CA THR B 24 7.66 3.06 4.21
C THR B 24 6.33 3.80 4.08
N LEU B 25 5.25 3.14 3.64
CA LEU B 25 3.92 3.73 3.62
C LEU B 25 3.38 3.87 5.06
N ILE B 26 3.50 2.79 5.84
CA ILE B 26 3.00 2.71 7.22
C ILE B 26 3.67 3.77 8.11
N LYS B 27 5.00 3.84 8.15
CA LYS B 27 5.74 4.87 8.92
C LYS B 27 5.20 6.28 8.65
N ASN B 28 4.85 6.57 7.40
CA ASN B 28 4.37 7.88 6.98
C ASN B 28 2.95 8.24 7.43
N PHE B 29 2.09 7.27 7.77
CA PHE B 29 0.83 7.54 8.50
C PHE B 29 1.12 8.13 9.89
N HIS B 30 1.98 7.47 10.66
CA HIS B 30 2.27 7.83 12.06
C HIS B 30 3.12 9.11 12.16
N GLN B 31 4.14 9.26 11.29
CA GLN B 31 4.98 10.45 11.25
C GLN B 31 4.23 11.76 10.92
N TYR B 32 3.07 11.72 10.25
CA TYR B 32 2.27 12.92 9.92
C TYR B 32 1.06 13.20 10.83
N SER B 33 0.53 12.20 11.52
CA SER B 33 -0.70 12.30 12.33
C SER B 33 -0.46 12.96 13.70
N VAL B 34 -0.15 14.26 13.69
CA VAL B 34 0.12 15.04 14.91
C VAL B 34 -1.18 15.35 15.66
N GLU B 35 -2.23 15.80 14.96
CA GLU B 35 -3.56 16.01 15.57
C GLU B 35 -4.29 14.67 15.78
N GLY B 36 -4.14 13.73 14.85
CA GLY B 36 -4.62 12.35 14.97
C GLY B 36 -3.93 11.50 16.06
N GLY B 37 -2.82 11.98 16.64
CA GLY B 37 -2.14 11.34 17.77
C GLY B 37 -1.52 9.98 17.45
N LYS B 38 -0.99 9.80 16.24
CA LYS B 38 -0.43 8.55 15.67
C LYS B 38 -1.39 7.35 15.56
N GLU B 39 -2.66 7.50 15.96
CA GLU B 39 -3.67 6.42 15.95
C GLU B 39 -4.82 6.71 14.97
N THR B 40 -5.09 7.98 14.65
CA THR B 40 -6.01 8.43 13.58
C THR B 40 -5.31 9.48 12.69
N LEU B 41 -5.99 10.04 11.68
CA LEU B 41 -5.41 10.97 10.69
C LEU B 41 -6.49 12.02 10.36
N THR B 42 -6.25 13.31 10.65
CA THR B 42 -7.30 14.34 10.47
C THR B 42 -7.37 14.89 9.03
N PRO B 43 -8.56 15.24 8.49
CA PRO B 43 -8.72 15.77 7.12
C PRO B 43 -7.85 16.99 6.75
N SER B 44 -7.46 17.83 7.72
CA SER B 44 -6.56 18.96 7.47
C SER B 44 -5.09 18.54 7.30
N GLU B 45 -4.59 17.61 8.12
CA GLU B 45 -3.22 17.07 7.98
C GLU B 45 -3.11 16.04 6.83
N LEU B 46 -4.25 15.47 6.40
CA LEU B 46 -4.39 14.77 5.13
C LEU B 46 -4.05 15.69 3.94
N ARG B 47 -4.60 16.91 3.86
CA ARG B 47 -4.21 17.86 2.79
C ARG B 47 -2.73 18.22 2.88
N ASP B 48 -2.22 18.43 4.10
CA ASP B 48 -0.82 18.77 4.38
C ASP B 48 0.16 17.72 3.83
N LEU B 49 0.04 16.44 4.21
CA LEU B 49 1.00 15.44 3.71
C LEU B 49 0.84 15.15 2.21
N VAL B 50 -0.33 15.38 1.62
CA VAL B 50 -0.52 15.14 0.19
C VAL B 50 0.14 16.25 -0.66
N THR B 51 0.15 17.51 -0.21
CA THR B 51 0.98 18.54 -0.87
C THR B 51 2.46 18.40 -0.51
N GLN B 52 2.80 18.15 0.76
CA GLN B 52 4.20 18.09 1.20
C GLN B 52 4.93 16.78 0.83
N GLN B 53 4.23 15.70 0.50
CA GLN B 53 4.84 14.43 0.05
C GLN B 53 4.33 13.84 -1.28
N LEU B 54 3.14 14.22 -1.81
CA LEU B 54 2.65 13.70 -3.11
C LEU B 54 2.40 14.80 -4.18
N PRO B 55 3.30 15.77 -4.43
CA PRO B 55 3.10 16.82 -5.43
C PRO B 55 3.23 16.32 -6.89
N HIS B 56 4.05 15.29 -7.14
CA HIS B 56 4.20 14.71 -8.49
C HIS B 56 3.01 13.79 -8.80
N LEU B 57 2.57 12.99 -7.83
CA LEU B 57 1.53 11.97 -8.02
C LEU B 57 0.08 12.51 -7.94
N MET B 58 -0.22 13.45 -7.02
CA MET B 58 -1.58 13.93 -6.74
C MET B 58 -1.71 15.44 -7.05
N PRO B 59 -2.58 15.86 -8.00
CA PRO B 59 -2.54 17.21 -8.57
C PRO B 59 -3.07 18.32 -7.64
N SER B 60 -2.49 19.51 -7.85
CA SER B 60 -2.74 20.78 -7.15
C SER B 60 -4.22 21.12 -7.01
N ASN B 61 -4.61 21.58 -5.83
CA ASN B 61 -5.96 22.04 -5.45
C ASN B 61 -7.11 21.02 -5.64
N CYS B 62 -6.80 19.78 -6.04
CA CYS B 62 -7.78 18.79 -6.49
C CYS B 62 -7.54 17.43 -5.82
N GLY B 63 -6.43 16.76 -6.17
CA GLY B 63 -6.07 15.42 -5.69
C GLY B 63 -5.82 15.30 -4.18
N LEU B 64 -5.71 16.43 -3.49
CA LEU B 64 -5.54 16.52 -2.04
C LEU B 64 -6.84 16.77 -1.27
N GLU B 65 -7.83 17.46 -1.84
CA GLU B 65 -9.16 17.64 -1.22
C GLU B 65 -10.16 16.53 -1.55
N GLU B 66 -10.06 15.89 -2.73
CA GLU B 66 -11.02 14.88 -3.17
C GLU B 66 -10.98 13.61 -2.30
N LYS B 67 -9.87 13.42 -1.58
CA LYS B 67 -9.68 12.41 -0.53
C LYS B 67 -10.62 12.64 0.65
N ILE B 68 -10.84 13.91 1.03
CA ILE B 68 -11.81 14.34 2.06
C ILE B 68 -13.24 14.24 1.53
N ALA B 69 -13.45 14.53 0.24
CA ALA B 69 -14.74 14.37 -0.43
C ALA B 69 -15.14 12.88 -0.65
N ASN B 70 -14.19 11.95 -0.64
CA ASN B 70 -14.46 10.50 -0.62
C ASN B 70 -14.73 9.97 0.81
N LEU B 71 -14.05 10.54 1.82
CA LEU B 71 -14.30 10.26 3.25
C LEU B 71 -15.70 10.73 3.71
N GLY B 72 -16.14 11.90 3.24
CA GLY B 72 -17.52 12.39 3.35
C GLY B 72 -17.96 12.87 4.75
N SER B 73 -19.14 13.50 4.81
CA SER B 73 -19.68 14.26 5.97
C SER B 73 -19.99 13.47 7.25
N CYS B 74 -19.57 12.21 7.36
CA CYS B 74 -19.53 11.45 8.60
C CYS B 74 -18.14 10.83 8.80
N ASN B 75 -17.67 10.04 7.83
CA ASN B 75 -16.45 9.24 7.99
C ASN B 75 -15.14 10.05 7.78
N ASP B 76 -15.22 11.36 7.51
CA ASP B 76 -14.11 12.32 7.69
C ASP B 76 -13.95 12.80 9.14
N SER B 77 -15.04 12.77 9.92
CA SER B 77 -15.11 13.31 11.28
C SER B 77 -14.58 12.35 12.36
N LYS B 78 -14.20 11.14 11.93
CA LYS B 78 -13.49 10.11 12.70
C LYS B 78 -12.77 9.15 11.76
N LEU B 79 -11.46 8.94 11.95
CA LEU B 79 -10.64 8.02 11.15
C LEU B 79 -10.00 6.90 11.99
N GLU B 80 -9.49 5.89 11.29
CA GLU B 80 -8.60 4.83 11.81
C GLU B 80 -7.49 4.54 10.78
N PHE B 81 -6.45 3.80 11.19
CA PHE B 81 -5.28 3.44 10.38
C PHE B 81 -5.63 2.88 8.99
N ARG B 82 -6.58 1.93 8.88
CA ARG B 82 -7.01 1.38 7.58
C ARG B 82 -7.62 2.44 6.66
N SER B 83 -8.28 3.47 7.18
CA SER B 83 -8.95 4.50 6.36
C SER B 83 -7.97 5.29 5.47
N PHE B 84 -6.73 5.51 5.94
CA PHE B 84 -5.64 6.06 5.13
C PHE B 84 -5.19 5.08 4.02
N TRP B 85 -5.10 3.77 4.32
CA TRP B 85 -4.72 2.73 3.34
C TRP B 85 -5.70 2.65 2.16
N GLU B 86 -7.01 2.80 2.41
CA GLU B 86 -8.02 2.91 1.34
C GLU B 86 -7.85 4.15 0.46
N LEU B 87 -7.21 5.20 0.99
CA LEU B 87 -6.90 6.45 0.28
C LEU B 87 -5.56 6.41 -0.47
N ILE B 88 -4.60 5.57 -0.03
CA ILE B 88 -3.50 5.11 -0.91
C ILE B 88 -4.07 4.26 -2.05
N GLY B 89 -5.10 3.46 -1.78
CA GLY B 89 -5.87 2.73 -2.80
C GLY B 89 -6.44 3.63 -3.91
N GLU B 90 -6.79 4.88 -3.59
CA GLU B 90 -7.18 5.91 -4.55
C GLU B 90 -5.96 6.59 -5.22
N ALA B 91 -4.80 6.72 -4.56
CA ALA B 91 -3.53 7.08 -5.24
C ALA B 91 -3.18 6.06 -6.35
N ALA B 92 -3.28 4.77 -6.07
CA ALA B 92 -3.01 3.70 -7.04
C ALA B 92 -3.99 3.70 -8.24
N LYS B 93 -5.24 4.14 -8.05
CA LYS B 93 -6.20 4.35 -9.16
C LYS B 93 -5.79 5.47 -10.14
N SER B 94 -4.73 6.23 -9.82
CA SER B 94 -4.08 7.22 -10.69
C SER B 94 -2.66 6.82 -11.17
N VAL B 95 -2.20 5.58 -10.91
CA VAL B 95 -0.89 5.09 -11.42
C VAL B 95 -0.86 3.58 -11.68
N LYS B 96 -1.00 3.20 -12.96
CA LYS B 96 -1.17 1.83 -13.48
C LYS B 96 -0.44 1.63 -14.82
N LEU B 97 -0.63 0.49 -15.49
CA LEU B 97 -0.02 0.15 -16.80
C LEU B 97 -0.53 1.03 -17.97
N GLU B 98 -0.05 0.75 -19.19
CA GLU B 98 -0.52 1.33 -20.47
C GLU B 98 -1.93 0.79 -20.90
N ARG B 99 -2.78 0.47 -19.91
CA ARG B 99 -3.97 -0.38 -20.08
C ARG B 99 -5.00 0.21 -21.05
N PRO B 100 -5.47 -0.56 -22.06
CA PRO B 100 -6.66 -0.23 -22.87
C PRO B 100 -7.94 -0.08 -22.02
N VAL B 101 -8.94 0.63 -22.56
CA VAL B 101 -10.18 0.97 -21.86
C VAL B 101 -11.04 -0.25 -21.51
N ARG B 102 -11.78 -0.15 -20.40
CA ARG B 102 -12.77 -1.15 -19.92
C ARG B 102 -14.11 -0.50 -19.59
N GLY B 103 -14.08 0.64 -18.89
CA GLY B 103 -15.26 1.38 -18.43
C GLY B 103 -14.92 2.42 -17.36
N HIS B 104 -15.34 2.16 -16.12
CA HIS B 104 -15.04 2.99 -14.93
C HIS B 104 -14.24 2.18 -13.91
N MET A 1 -7.40 5.33 -18.99
CA MET A 1 -7.51 5.52 -20.44
C MET A 1 -6.30 4.86 -21.11
N GLY A 2 -6.52 3.90 -22.02
CA GLY A 2 -5.43 3.09 -22.59
C GLY A 2 -4.45 3.87 -23.47
N GLN A 3 -4.92 4.94 -24.13
CA GLN A 3 -4.15 5.75 -25.09
C GLN A 3 -3.62 7.08 -24.52
N CYS A 4 -3.59 7.24 -23.19
CA CYS A 4 -3.03 8.41 -22.50
C CYS A 4 -1.83 7.98 -21.63
N ARG A 5 -0.77 8.81 -21.58
CA ARG A 5 0.52 8.50 -20.93
C ARG A 5 0.92 9.51 -19.85
N SER A 6 1.83 9.08 -18.98
CA SER A 6 2.55 9.87 -17.97
C SER A 6 4.03 9.49 -17.89
N ALA A 7 4.38 8.23 -18.17
CA ALA A 7 5.72 7.66 -18.27
C ALA A 7 6.67 7.80 -17.04
N ASN A 8 6.29 8.51 -15.97
CA ASN A 8 7.11 8.67 -14.77
C ASN A 8 7.49 7.31 -14.14
N ALA A 9 6.53 6.38 -14.07
CA ALA A 9 6.75 5.02 -13.58
C ALA A 9 7.52 4.11 -14.57
N GLU A 10 7.82 4.55 -15.79
CA GLU A 10 8.74 3.86 -16.72
C GLU A 10 10.21 4.32 -16.56
N ASP A 11 10.44 5.41 -15.82
CA ASP A 11 11.76 5.84 -15.32
C ASP A 11 11.97 5.47 -13.85
N ALA A 12 10.88 5.42 -13.07
CA ALA A 12 10.81 5.14 -11.63
C ALA A 12 11.51 6.17 -10.72
N GLN A 13 11.05 6.28 -9.46
CA GLN A 13 11.65 7.09 -8.39
C GLN A 13 11.76 8.60 -8.68
N GLU A 14 11.05 9.11 -9.70
CA GLU A 14 10.77 10.55 -9.83
C GLU A 14 9.84 11.05 -8.71
N PHE A 15 9.12 10.11 -8.10
CA PHE A 15 8.11 10.29 -7.05
C PHE A 15 8.70 10.68 -5.68
N SER A 16 7.90 11.32 -4.81
CA SER A 16 8.28 11.64 -3.43
C SER A 16 8.29 10.39 -2.51
N ASP A 17 8.81 10.48 -1.29
CA ASP A 17 9.27 9.30 -0.51
C ASP A 17 8.24 8.19 -0.28
N VAL A 18 6.97 8.54 -0.04
CA VAL A 18 5.87 7.55 0.10
C VAL A 18 5.28 7.15 -1.26
N GLU A 19 5.32 8.05 -2.23
CA GLU A 19 4.79 7.89 -3.58
C GLU A 19 5.68 6.92 -4.40
N ARG A 20 7.01 6.94 -4.23
CA ARG A 20 7.92 5.88 -4.70
C ARG A 20 7.75 4.57 -3.93
N ALA A 21 7.30 4.61 -2.67
CA ALA A 21 7.02 3.38 -1.93
C ALA A 21 5.76 2.69 -2.47
N ILE A 22 4.69 3.44 -2.80
CA ILE A 22 3.52 2.89 -3.50
C ILE A 22 3.94 2.32 -4.85
N GLU A 23 4.79 3.03 -5.62
CA GLU A 23 5.37 2.52 -6.85
C GLU A 23 6.11 1.19 -6.67
N THR A 24 7.04 1.16 -5.72
CA THR A 24 7.92 0.02 -5.45
C THR A 24 7.09 -1.22 -5.10
N LEU A 25 6.04 -1.02 -4.29
CA LEU A 25 5.23 -2.15 -3.83
C LEU A 25 4.16 -2.58 -4.82
N ILE A 26 3.62 -1.66 -5.63
CA ILE A 26 2.68 -2.01 -6.69
C ILE A 26 3.38 -2.66 -7.89
N LYS A 27 4.59 -2.19 -8.26
CA LYS A 27 5.45 -2.82 -9.29
C LYS A 27 5.68 -4.30 -9.02
N ASN A 28 5.79 -4.69 -7.76
CA ASN A 28 6.01 -6.06 -7.34
C ASN A 28 4.84 -7.02 -7.65
N PHE A 29 3.62 -6.53 -7.88
CA PHE A 29 2.55 -7.29 -8.55
C PHE A 29 2.88 -7.56 -10.04
N HIS A 30 3.13 -6.50 -10.81
CA HIS A 30 3.33 -6.57 -12.26
C HIS A 30 4.57 -7.42 -12.65
N GLN A 31 5.57 -7.47 -11.77
CA GLN A 31 6.78 -8.30 -11.90
C GLN A 31 6.57 -9.81 -11.64
N TYR A 32 5.46 -10.21 -10.99
CA TYR A 32 5.13 -11.61 -10.67
C TYR A 32 3.82 -12.14 -11.30
N SER A 33 3.06 -11.32 -12.02
CA SER A 33 1.81 -11.67 -12.75
C SER A 33 2.07 -12.57 -13.99
N VAL A 34 2.68 -13.74 -13.78
CA VAL A 34 3.35 -14.55 -14.83
C VAL A 34 2.56 -15.72 -15.45
N GLU A 35 1.65 -16.37 -14.71
CA GLU A 35 0.96 -17.60 -15.16
C GLU A 35 -0.50 -17.36 -15.59
N GLY A 36 -1.17 -16.43 -14.92
CA GLY A 36 -2.47 -15.88 -15.33
C GLY A 36 -2.32 -14.76 -16.36
N GLY A 37 -3.43 -14.10 -16.71
CA GLY A 37 -3.40 -12.84 -17.44
C GLY A 37 -2.69 -11.76 -16.61
N LYS A 38 -2.01 -10.81 -17.27
CA LYS A 38 -1.20 -9.76 -16.58
C LYS A 38 -2.01 -8.80 -15.71
N GLU A 39 -3.33 -8.80 -15.86
CA GLU A 39 -4.32 -8.19 -14.96
C GLU A 39 -4.55 -8.95 -13.63
N THR A 40 -3.89 -10.10 -13.40
CA THR A 40 -4.12 -11.05 -12.29
C THR A 40 -2.82 -11.55 -11.62
N LEU A 41 -2.95 -12.22 -10.47
CA LEU A 41 -2.05 -13.31 -10.04
C LEU A 41 -2.79 -14.67 -10.17
N THR A 42 -2.10 -15.78 -9.94
CA THR A 42 -2.70 -17.08 -9.59
C THR A 42 -2.13 -17.60 -8.25
N PRO A 43 -2.77 -18.60 -7.60
CA PRO A 43 -2.22 -19.33 -6.45
C PRO A 43 -0.75 -19.80 -6.59
N SER A 44 -0.28 -20.10 -7.80
CA SER A 44 1.10 -20.56 -8.06
C SER A 44 2.14 -19.47 -7.76
N GLU A 45 2.01 -18.29 -8.33
CA GLU A 45 2.91 -17.15 -8.09
C GLU A 45 2.69 -16.49 -6.72
N LEU A 46 1.51 -16.65 -6.09
CA LEU A 46 1.27 -16.22 -4.70
C LEU A 46 2.27 -16.90 -3.75
N ARG A 47 2.32 -18.24 -3.73
CA ARG A 47 3.24 -19.00 -2.86
C ARG A 47 4.71 -18.94 -3.30
N ASP A 48 5.00 -18.53 -4.54
CA ASP A 48 6.36 -18.30 -5.03
C ASP A 48 6.92 -16.90 -4.72
N LEU A 49 6.13 -15.82 -4.88
CA LEU A 49 6.65 -14.48 -4.58
C LEU A 49 6.78 -14.23 -3.08
N VAL A 50 5.92 -14.79 -2.24
CA VAL A 50 5.89 -14.48 -0.80
C VAL A 50 7.17 -14.89 -0.08
N THR A 51 7.77 -16.03 -0.44
CA THR A 51 9.10 -16.46 0.09
C THR A 51 10.26 -15.59 -0.42
N GLN A 52 10.14 -15.06 -1.64
CA GLN A 52 11.16 -14.24 -2.30
C GLN A 52 11.07 -12.74 -1.97
N GLN A 53 9.94 -12.27 -1.43
CA GLN A 53 9.67 -10.83 -1.16
C GLN A 53 9.29 -10.52 0.29
N LEU A 54 8.61 -11.42 1.02
CA LEU A 54 8.10 -11.19 2.38
C LEU A 54 8.67 -12.19 3.43
N PRO A 55 10.00 -12.39 3.52
CA PRO A 55 10.59 -13.43 4.37
C PRO A 55 10.51 -13.12 5.87
N HIS A 56 10.52 -11.85 6.27
CA HIS A 56 10.37 -11.42 7.66
C HIS A 56 8.90 -11.26 8.06
N LEU A 57 8.03 -10.86 7.12
CA LEU A 57 6.60 -10.65 7.34
C LEU A 57 5.81 -11.98 7.41
N MET A 58 6.08 -12.95 6.53
CA MET A 58 5.34 -14.22 6.44
C MET A 58 6.25 -15.45 6.64
N PRO A 59 5.94 -16.36 7.60
CA PRO A 59 6.77 -17.53 7.90
C PRO A 59 6.94 -18.57 6.80
N SER A 60 8.13 -19.16 6.81
CA SER A 60 8.56 -20.29 6.00
C SER A 60 7.59 -21.48 6.01
N ASN A 61 7.37 -22.07 4.83
CA ASN A 61 6.43 -23.15 4.49
C ASN A 61 4.93 -22.86 4.77
N CYS A 62 4.62 -22.02 5.75
CA CYS A 62 3.29 -21.87 6.36
C CYS A 62 2.54 -20.64 5.86
N GLY A 63 3.13 -19.45 6.04
CA GLY A 63 2.49 -18.15 5.80
C GLY A 63 2.21 -17.86 4.32
N LEU A 64 2.69 -18.73 3.42
CA LEU A 64 2.59 -18.62 1.97
C LEU A 64 1.53 -19.53 1.33
N GLU A 65 1.23 -20.72 1.87
CA GLU A 65 0.11 -21.55 1.38
C GLU A 65 -1.25 -21.24 2.03
N GLU A 66 -1.27 -20.83 3.30
CA GLU A 66 -2.52 -20.63 4.04
C GLU A 66 -3.40 -19.57 3.35
N LYS A 67 -2.75 -18.68 2.60
CA LYS A 67 -3.33 -17.60 1.84
C LYS A 67 -4.13 -18.09 0.64
N ILE A 68 -3.71 -19.21 0.02
CA ILE A 68 -4.44 -19.93 -1.04
C ILE A 68 -5.64 -20.67 -0.44
N ALA A 69 -5.45 -21.33 0.70
CA ALA A 69 -6.52 -22.06 1.38
C ALA A 69 -7.64 -21.14 1.92
N ASN A 70 -7.31 -19.90 2.27
CA ASN A 70 -8.24 -18.90 2.81
C ASN A 70 -8.99 -18.07 1.77
N LEU A 71 -8.39 -17.78 0.59
CA LEU A 71 -8.93 -16.78 -0.34
C LEU A 71 -10.27 -17.16 -1.02
N GLY A 72 -10.59 -18.45 -1.08
CA GLY A 72 -11.79 -19.00 -1.76
C GLY A 72 -11.44 -20.08 -2.78
N SER A 73 -12.33 -20.29 -3.75
CA SER A 73 -12.06 -21.18 -4.88
C SER A 73 -10.89 -20.67 -5.74
N CYS A 74 -10.21 -21.58 -6.45
CA CYS A 74 -9.20 -21.24 -7.45
C CYS A 74 -9.92 -20.90 -8.77
N ASN A 75 -10.63 -19.77 -8.75
CA ASN A 75 -11.42 -19.19 -9.84
C ASN A 75 -10.68 -19.29 -11.18
N ASP A 76 -11.35 -19.80 -12.21
CA ASP A 76 -10.79 -19.94 -13.57
C ASP A 76 -10.41 -18.59 -14.20
N SER A 77 -11.08 -17.50 -13.81
CA SER A 77 -10.72 -16.11 -14.20
C SER A 77 -9.57 -15.52 -13.36
N LYS A 78 -8.97 -16.31 -12.45
CA LYS A 78 -7.81 -15.97 -11.60
C LYS A 78 -8.05 -14.75 -10.70
N LEU A 79 -6.99 -14.17 -10.10
CA LEU A 79 -7.10 -13.01 -9.21
C LEU A 79 -7.28 -11.69 -10.00
N GLU A 80 -7.10 -10.55 -9.33
CA GLU A 80 -7.19 -9.19 -9.87
C GLU A 80 -6.11 -8.31 -9.21
N PHE A 81 -5.69 -7.22 -9.87
CA PHE A 81 -4.75 -6.22 -9.32
C PHE A 81 -5.17 -5.72 -7.92
N ARG A 82 -6.45 -5.37 -7.74
CA ARG A 82 -7.00 -4.95 -6.44
C ARG A 82 -6.91 -6.06 -5.37
N SER A 83 -6.93 -7.33 -5.78
CA SER A 83 -6.83 -8.47 -4.86
C SER A 83 -5.39 -8.73 -4.38
N PHE A 84 -4.37 -8.30 -5.13
CA PHE A 84 -3.00 -8.19 -4.59
C PHE A 84 -2.97 -7.16 -3.45
N TRP A 85 -3.51 -5.96 -3.71
CA TRP A 85 -3.59 -4.86 -2.75
C TRP A 85 -4.40 -5.22 -1.49
N GLU A 86 -5.51 -5.97 -1.62
CA GLU A 86 -6.29 -6.47 -0.48
C GLU A 86 -5.51 -7.48 0.39
N LEU A 87 -4.54 -8.22 -0.15
CA LEU A 87 -3.62 -9.05 0.64
C LEU A 87 -2.48 -8.24 1.30
N ILE A 88 -2.07 -7.10 0.73
CA ILE A 88 -1.30 -6.10 1.49
C ILE A 88 -2.15 -5.53 2.63
N GLY A 89 -3.46 -5.46 2.44
CA GLY A 89 -4.45 -5.18 3.49
C GLY A 89 -4.41 -6.19 4.65
N GLU A 90 -4.00 -7.44 4.41
CA GLU A 90 -3.64 -8.38 5.48
C GLU A 90 -2.24 -8.10 6.03
N ALA A 91 -1.21 -7.88 5.19
CA ALA A 91 0.14 -7.54 5.65
C ALA A 91 0.17 -6.34 6.62
N ALA A 92 -0.64 -5.31 6.36
CA ALA A 92 -0.78 -4.11 7.18
C ALA A 92 -1.42 -4.35 8.56
N LYS A 93 -1.92 -5.56 8.87
CA LYS A 93 -2.24 -5.94 10.27
C LYS A 93 -1.03 -6.53 11.01
N SER A 94 -0.01 -7.01 10.29
CA SER A 94 1.22 -7.61 10.82
C SER A 94 2.41 -6.63 10.93
N VAL A 95 2.33 -5.41 10.38
CA VAL A 95 3.35 -4.36 10.54
C VAL A 95 2.74 -2.96 10.64
N LYS A 96 2.78 -2.36 11.85
CA LYS A 96 2.36 -0.98 12.19
C LYS A 96 3.22 -0.35 13.30
N LEU A 97 3.07 0.95 13.54
CA LEU A 97 3.37 1.55 14.86
C LEU A 97 2.49 0.85 15.91
N GLU A 98 3.09 0.33 16.97
CA GLU A 98 2.47 -0.67 17.87
C GLU A 98 1.61 -0.02 18.97
N ARG A 99 0.63 0.80 18.58
CA ARG A 99 -0.27 1.53 19.49
C ARG A 99 -1.34 0.62 20.12
N PRO A 100 -1.81 0.89 21.35
CA PRO A 100 -2.87 0.11 22.01
C PRO A 100 -4.27 0.46 21.48
N VAL A 101 -4.94 -0.52 20.85
CA VAL A 101 -6.28 -0.38 20.26
C VAL A 101 -6.96 -1.74 19.97
N ARG A 102 -6.19 -2.79 19.67
CA ARG A 102 -6.60 -4.17 19.31
C ARG A 102 -7.49 -4.34 18.06
N GLY A 103 -8.19 -3.30 17.61
CA GLY A 103 -8.68 -3.16 16.23
C GLY A 103 -7.54 -2.79 15.27
N HIS A 104 -7.62 -3.22 14.01
CA HIS A 104 -6.56 -3.08 13.01
C HIS A 104 -7.06 -2.53 11.67
N MET B 1 -1.41 -11.61 22.60
CA MET B 1 -1.35 -11.69 24.08
C MET B 1 -0.87 -10.36 24.66
N GLY B 2 -1.60 -9.78 25.61
CA GLY B 2 -1.49 -8.38 26.02
C GLY B 2 -0.15 -7.91 26.63
N GLN B 3 0.74 -8.81 27.08
CA GLN B 3 2.08 -8.42 27.57
C GLN B 3 3.13 -8.19 26.48
N CYS B 4 2.91 -8.66 25.25
CA CYS B 4 3.94 -8.71 24.21
C CYS B 4 4.16 -7.37 23.51
N ARG B 5 5.42 -7.07 23.13
CA ARG B 5 5.85 -5.89 22.36
C ARG B 5 6.85 -6.35 21.30
N SER B 6 6.48 -6.24 20.02
CA SER B 6 7.21 -6.82 18.88
C SER B 6 7.95 -5.77 18.03
N ALA B 7 7.55 -4.50 18.12
CA ALA B 7 8.20 -3.33 17.51
C ALA B 7 8.48 -3.43 16.00
N ASN B 8 7.69 -4.19 15.23
CA ASN B 8 8.12 -4.66 13.91
C ASN B 8 8.36 -3.53 12.88
N ALA B 9 7.60 -2.43 12.95
CA ALA B 9 7.83 -1.25 12.10
C ALA B 9 8.76 -0.21 12.76
N GLU B 10 8.90 -0.25 14.08
CA GLU B 10 9.75 0.68 14.85
C GLU B 10 11.22 0.25 14.92
N ASP B 11 11.46 -1.04 14.69
CA ASP B 11 12.77 -1.67 14.55
C ASP B 11 13.11 -1.90 13.06
N ALA B 12 12.18 -2.47 12.29
CA ALA B 12 12.20 -2.58 10.82
C ALA B 12 13.55 -3.04 10.23
N GLN B 13 13.96 -2.46 9.09
CA GLN B 13 15.33 -2.30 8.58
C GLN B 13 16.00 -3.55 8.00
N GLU B 14 15.59 -4.75 8.39
CA GLU B 14 16.12 -6.01 7.82
C GLU B 14 15.52 -6.38 6.44
N PHE B 15 14.52 -5.60 6.01
CA PHE B 15 13.52 -5.95 5.00
C PHE B 15 13.96 -5.85 3.52
N SER B 16 13.26 -6.58 2.65
CA SER B 16 13.33 -6.45 1.18
C SER B 16 12.79 -5.10 0.66
N ASP B 17 12.98 -4.79 -0.63
CA ASP B 17 12.55 -3.52 -1.23
C ASP B 17 11.02 -3.29 -1.18
N VAL B 18 10.22 -4.34 -1.33
CA VAL B 18 8.76 -4.31 -1.13
C VAL B 18 8.36 -4.36 0.34
N GLU B 19 9.07 -5.13 1.16
CA GLU B 19 8.78 -5.31 2.59
C GLU B 19 9.11 -4.06 3.42
N ARG B 20 10.06 -3.21 2.98
CA ARG B 20 10.28 -1.84 3.50
C ARG B 20 9.30 -0.79 2.93
N ALA B 21 8.66 -1.06 1.81
CA ALA B 21 7.73 -0.13 1.17
C ALA B 21 6.43 0.00 1.96
N ILE B 22 5.80 -1.12 2.33
CA ILE B 22 4.56 -1.18 3.13
C ILE B 22 4.80 -0.48 4.48
N GLU B 23 5.96 -0.71 5.11
CA GLU B 23 6.45 0.00 6.28
C GLU B 23 6.58 1.53 6.10
N THR B 24 7.06 1.97 4.93
CA THR B 24 7.17 3.39 4.56
C THR B 24 5.80 4.05 4.46
N LEU B 25 4.76 3.31 4.02
CA LEU B 25 3.39 3.82 3.95
C LEU B 25 2.82 3.99 5.36
N ILE B 26 3.09 3.03 6.25
CA ILE B 26 2.80 3.12 7.69
C ILE B 26 3.44 4.39 8.24
N LYS B 27 4.78 4.51 8.16
CA LYS B 27 5.51 5.63 8.78
C LYS B 27 4.90 6.98 8.41
N ASN B 28 4.49 7.15 7.16
CA ASN B 28 3.94 8.41 6.69
C ASN B 28 2.53 8.77 7.16
N PHE B 29 1.73 7.81 7.62
CA PHE B 29 0.51 8.10 8.39
C PHE B 29 0.87 8.66 9.78
N HIS B 30 1.60 7.88 10.59
CA HIS B 30 1.84 8.21 12.00
C HIS B 30 2.77 9.43 12.20
N GLN B 31 3.64 9.72 11.23
CA GLN B 31 4.44 10.95 11.18
C GLN B 31 3.61 12.21 10.92
N TYR B 32 2.33 12.10 10.54
CA TYR B 32 1.48 13.25 10.21
C TYR B 32 0.27 13.48 11.13
N SER B 33 -0.26 12.45 11.79
CA SER B 33 -1.36 12.57 12.78
C SER B 33 -0.93 13.30 14.06
N VAL B 34 -0.88 14.63 14.04
CA VAL B 34 -0.58 15.49 15.21
C VAL B 34 -1.83 16.11 15.87
N GLU B 35 -2.80 16.54 15.07
CA GLU B 35 -4.06 17.15 15.55
C GLU B 35 -5.11 16.08 15.86
N GLY B 36 -5.17 15.02 15.06
CA GLY B 36 -5.85 13.77 15.43
C GLY B 36 -5.06 12.95 16.45
N GLY B 37 -5.73 12.01 17.12
CA GLY B 37 -5.06 10.98 17.93
C GLY B 37 -4.13 10.11 17.09
N LYS B 38 -3.06 9.58 17.69
CA LYS B 38 -1.90 8.93 17.00
C LYS B 38 -2.20 7.65 16.19
N GLU B 39 -3.44 7.15 16.27
CA GLU B 39 -3.99 6.02 15.51
C GLU B 39 -5.01 6.44 14.43
N THR B 40 -5.21 7.76 14.22
CA THR B 40 -6.27 8.37 13.39
C THR B 40 -5.69 9.44 12.45
N LEU B 41 -6.52 10.19 11.71
CA LEU B 41 -6.12 11.28 10.82
C LEU B 41 -7.13 12.44 10.89
N THR B 42 -6.75 13.64 10.44
CA THR B 42 -7.66 14.79 10.26
C THR B 42 -7.46 15.49 8.90
N PRO B 43 -8.47 16.20 8.37
CA PRO B 43 -8.30 17.11 7.22
C PRO B 43 -7.14 18.11 7.38
N SER B 44 -6.85 18.53 8.61
CA SER B 44 -5.82 19.53 8.96
C SER B 44 -4.40 19.08 8.58
N GLU B 45 -4.03 17.83 8.86
CA GLU B 45 -2.75 17.26 8.40
C GLU B 45 -2.83 16.65 6.99
N LEU B 46 -3.99 16.18 6.52
CA LEU B 46 -4.17 15.61 5.17
C LEU B 46 -3.69 16.59 4.08
N ARG B 47 -4.19 17.83 4.08
CA ARG B 47 -3.78 18.85 3.08
C ARG B 47 -2.39 19.44 3.30
N ASP B 48 -1.80 19.27 4.49
CA ASP B 48 -0.39 19.66 4.76
C ASP B 48 0.60 18.60 4.24
N LEU B 49 0.29 17.30 4.41
CA LEU B 49 1.17 16.20 4.00
C LEU B 49 1.20 16.00 2.48
N VAL B 50 0.05 16.11 1.81
CA VAL B 50 -0.11 15.68 0.40
C VAL B 50 0.72 16.51 -0.58
N THR B 51 0.90 17.80 -0.31
CA THR B 51 1.76 18.70 -1.12
C THR B 51 3.25 18.38 -1.01
N GLN B 52 3.68 17.68 0.06
CA GLN B 52 5.05 17.16 0.21
C GLN B 52 5.19 15.69 -0.27
N GLN B 53 4.19 14.84 0.01
CA GLN B 53 4.28 13.38 -0.13
C GLN B 53 3.67 12.80 -1.40
N LEU B 54 2.65 13.42 -2.02
CA LEU B 54 1.97 12.92 -3.22
C LEU B 54 1.89 14.00 -4.35
N PRO B 55 3.01 14.64 -4.75
CA PRO B 55 2.99 15.77 -5.69
C PRO B 55 2.63 15.41 -7.14
N HIS B 56 2.79 14.15 -7.56
CA HIS B 56 2.33 13.66 -8.87
C HIS B 56 0.87 13.17 -8.81
N LEU B 57 0.51 12.51 -7.71
CA LEU B 57 -0.77 11.81 -7.55
C LEU B 57 -1.96 12.74 -7.24
N MET B 58 -1.80 13.68 -6.30
CA MET B 58 -2.92 14.50 -5.78
C MET B 58 -2.51 15.99 -5.70
N PRO B 59 -2.56 16.74 -6.82
CA PRO B 59 -2.04 18.10 -6.89
C PRO B 59 -2.74 19.19 -6.06
N SER B 60 -2.04 20.31 -5.96
CA SER B 60 -2.46 21.56 -5.34
C SER B 60 -3.52 22.35 -6.11
N ASN B 61 -4.02 23.41 -5.47
CA ASN B 61 -5.07 24.34 -5.88
C ASN B 61 -6.46 23.72 -6.12
N CYS B 62 -6.56 22.38 -6.12
CA CYS B 62 -7.76 21.60 -6.41
C CYS B 62 -7.70 20.24 -5.70
N GLY B 63 -6.83 19.33 -6.18
CA GLY B 63 -6.89 17.90 -5.91
C GLY B 63 -6.77 17.48 -4.45
N LEU B 64 -5.93 18.14 -3.65
CA LEU B 64 -5.60 17.65 -2.32
C LEU B 64 -6.68 17.96 -1.28
N GLU B 65 -7.45 19.03 -1.50
CA GLU B 65 -8.67 19.34 -0.76
C GLU B 65 -9.91 18.62 -1.31
N GLU B 66 -9.87 18.14 -2.55
CA GLU B 66 -10.94 17.33 -3.14
C GLU B 66 -11.09 15.99 -2.38
N LYS B 67 -10.02 15.53 -1.72
CA LYS B 67 -10.00 14.38 -0.82
C LYS B 67 -10.69 14.66 0.52
N ILE B 68 -10.48 15.85 1.09
CA ILE B 68 -11.20 16.33 2.29
C ILE B 68 -12.69 16.44 1.97
N ALA B 69 -13.03 16.98 0.80
CA ALA B 69 -14.40 17.09 0.33
C ALA B 69 -15.08 15.70 0.12
N ASN B 70 -14.32 14.65 -0.27
CA ASN B 70 -14.86 13.30 -0.49
C ASN B 70 -14.99 12.44 0.78
N LEU B 71 -14.16 12.65 1.81
CA LEU B 71 -14.27 11.87 3.07
C LEU B 71 -15.41 12.32 4.00
N GLY B 72 -15.94 13.53 3.81
CA GLY B 72 -17.11 14.08 4.50
C GLY B 72 -16.88 14.51 5.96
N SER B 73 -17.94 14.51 6.76
CA SER B 73 -17.89 14.77 8.22
C SER B 73 -17.21 13.62 8.98
N CYS B 74 -16.65 13.90 10.15
CA CYS B 74 -16.00 12.87 10.98
C CYS B 74 -17.03 11.94 11.65
N ASN B 75 -16.71 10.64 11.78
CA ASN B 75 -17.49 9.69 12.58
C ASN B 75 -17.23 9.90 14.09
N ASP B 76 -18.18 9.53 14.94
CA ASP B 76 -18.01 9.58 16.41
C ASP B 76 -16.89 8.65 16.89
N SER B 77 -16.67 7.50 16.21
CA SER B 77 -15.55 6.57 16.49
C SER B 77 -14.19 7.06 15.95
N LYS B 78 -14.15 8.28 15.40
CA LYS B 78 -12.99 8.97 14.79
C LYS B 78 -12.45 8.25 13.54
N LEU B 79 -11.47 8.85 12.86
CA LEU B 79 -10.77 8.20 11.74
C LEU B 79 -9.86 7.05 12.20
N GLU B 80 -9.31 6.31 11.24
CA GLU B 80 -8.41 5.18 11.46
C GLU B 80 -7.22 5.20 10.50
N PHE B 81 -6.25 4.29 10.72
CA PHE B 81 -5.26 3.94 9.70
C PHE B 81 -5.94 3.48 8.40
N ARG B 82 -7.00 2.66 8.50
CA ARG B 82 -7.88 2.25 7.39
C ARG B 82 -8.28 3.43 6.51
N SER B 83 -8.66 4.58 7.07
CA SER B 83 -9.18 5.72 6.29
C SER B 83 -8.14 6.28 5.32
N PHE B 84 -6.88 6.44 5.77
CA PHE B 84 -5.76 6.87 4.92
C PHE B 84 -5.35 5.75 3.94
N TRP B 85 -5.37 4.49 4.39
CA TRP B 85 -5.02 3.33 3.57
C TRP B 85 -6.00 3.12 2.38
N GLU B 86 -7.31 3.29 2.56
CA GLU B 86 -8.29 3.27 1.46
C GLU B 86 -8.03 4.39 0.42
N LEU B 87 -7.40 5.49 0.83
CA LEU B 87 -7.00 6.60 -0.03
C LEU B 87 -5.66 6.33 -0.76
N ILE B 88 -4.77 5.48 -0.21
CA ILE B 88 -3.70 4.83 -1.00
C ILE B 88 -4.31 3.83 -2.00
N GLY B 89 -5.36 3.12 -1.57
CA GLY B 89 -6.18 2.27 -2.45
C GLY B 89 -6.84 3.03 -3.61
N GLU B 90 -6.98 4.36 -3.51
CA GLU B 90 -7.37 5.24 -4.61
C GLU B 90 -6.17 5.68 -5.47
N ALA B 91 -4.99 5.93 -4.89
CA ALA B 91 -3.76 6.20 -5.64
C ALA B 91 -3.45 5.09 -6.66
N ALA B 92 -3.60 3.81 -6.28
CA ALA B 92 -3.32 2.68 -7.16
C ALA B 92 -4.25 2.55 -8.39
N LYS B 93 -5.29 3.39 -8.54
CA LYS B 93 -6.07 3.48 -9.79
C LYS B 93 -5.43 4.43 -10.82
N SER B 94 -4.57 5.36 -10.39
CA SER B 94 -3.88 6.34 -11.24
C SER B 94 -2.35 6.20 -11.24
N VAL B 95 -1.73 5.47 -10.31
CA VAL B 95 -0.33 4.99 -10.41
C VAL B 95 -0.24 3.47 -10.52
N LYS B 96 0.16 3.01 -11.70
CA LYS B 96 0.43 1.62 -12.09
C LYS B 96 1.69 1.56 -12.96
N LEU B 97 2.11 0.34 -13.32
CA LEU B 97 3.03 0.08 -14.44
C LEU B 97 2.39 0.72 -15.71
N GLU B 98 3.07 1.70 -16.32
CA GLU B 98 2.47 2.72 -17.21
C GLU B 98 2.23 2.25 -18.67
N ARG B 99 1.64 1.06 -18.80
CA ARG B 99 1.29 0.38 -20.05
C ARG B 99 -0.17 -0.15 -19.97
N PRO B 100 -0.85 -0.39 -21.10
CA PRO B 100 -2.22 -0.92 -21.09
C PRO B 100 -2.29 -2.40 -20.65
N VAL B 101 -3.30 -2.77 -19.86
CA VAL B 101 -3.47 -4.13 -19.30
C VAL B 101 -4.92 -4.67 -19.35
N ARG B 102 -5.86 -3.91 -19.93
CA ARG B 102 -7.32 -4.11 -20.04
C ARG B 102 -8.14 -4.28 -18.75
N GLY B 103 -7.61 -4.92 -17.72
CA GLY B 103 -8.28 -5.16 -16.45
C GLY B 103 -8.38 -3.93 -15.55
N HIS B 104 -9.41 -3.88 -14.70
CA HIS B 104 -9.66 -2.83 -13.70
C HIS B 104 -10.05 -3.44 -12.34
N MET A 1 -1.00 2.37 -35.16
CA MET A 1 -0.22 1.11 -35.24
C MET A 1 0.14 0.67 -33.83
N GLY A 2 -0.39 -0.46 -33.38
CA GLY A 2 -0.14 -1.02 -32.05
C GLY A 2 -0.78 -0.20 -30.92
N GLN A 3 -0.09 -0.11 -29.77
CA GLN A 3 -0.51 0.69 -28.61
C GLN A 3 0.43 1.85 -28.33
N CYS A 4 -0.12 3.01 -27.95
CA CYS A 4 0.66 4.18 -27.55
C CYS A 4 0.80 4.23 -26.01
N ARG A 5 2.03 4.35 -25.51
CA ARG A 5 2.31 4.40 -24.06
C ARG A 5 2.16 5.81 -23.49
N SER A 6 1.73 5.90 -22.24
CA SER A 6 1.72 7.14 -21.45
C SER A 6 3.07 7.37 -20.76
N ALA A 7 3.66 6.28 -20.24
CA ALA A 7 5.04 6.10 -19.78
C ALA A 7 5.61 7.01 -18.66
N ASN A 8 5.11 8.23 -18.41
CA ASN A 8 5.69 9.18 -17.45
C ASN A 8 5.70 8.63 -16.02
N ALA A 9 4.63 7.93 -15.63
CA ALA A 9 4.53 7.24 -14.35
C ALA A 9 5.09 5.80 -14.35
N GLU A 10 5.33 5.19 -15.52
CA GLU A 10 5.89 3.82 -15.63
C GLU A 10 7.42 3.81 -15.50
N ASP A 11 8.03 4.90 -15.95
CA ASP A 11 9.44 5.28 -15.77
C ASP A 11 9.63 6.21 -14.54
N ALA A 12 8.69 6.22 -13.59
CA ALA A 12 8.67 7.13 -12.44
C ALA A 12 9.89 6.97 -11.52
N GLN A 13 10.57 8.08 -11.24
CA GLN A 13 11.71 8.18 -10.33
C GLN A 13 11.75 9.53 -9.58
N GLU A 14 11.20 10.62 -10.15
CA GLU A 14 11.21 11.98 -9.57
C GLU A 14 10.30 12.16 -8.33
N PHE A 15 9.51 11.15 -8.01
CA PHE A 15 8.51 11.16 -6.94
C PHE A 15 9.12 11.36 -5.54
N SER A 16 8.30 11.80 -4.58
CA SER A 16 8.69 11.86 -3.16
C SER A 16 8.98 10.44 -2.63
N ASP A 17 9.80 10.28 -1.58
CA ASP A 17 10.22 8.96 -1.09
C ASP A 17 9.05 8.03 -0.69
N VAL A 18 7.94 8.58 -0.19
CA VAL A 18 6.68 7.85 0.08
C VAL A 18 5.89 7.54 -1.20
N GLU A 19 5.99 8.41 -2.21
CA GLU A 19 5.26 8.36 -3.47
C GLU A 19 5.90 7.34 -4.43
N ARG A 20 7.24 7.25 -4.48
CA ARG A 20 7.96 6.13 -5.11
C ARG A 20 7.95 4.83 -4.28
N ALA A 21 7.66 4.89 -2.98
CA ALA A 21 7.37 3.68 -2.21
C ALA A 21 6.08 2.97 -2.70
N ILE A 22 5.00 3.72 -2.99
CA ILE A 22 3.74 3.15 -3.51
C ILE A 22 4.00 2.52 -4.88
N GLU A 23 4.75 3.22 -5.75
CA GLU A 23 5.18 2.76 -7.06
C GLU A 23 6.05 1.50 -7.00
N THR A 24 6.96 1.44 -6.04
CA THR A 24 7.91 0.33 -5.87
C THR A 24 7.18 -0.95 -5.46
N LEU A 25 6.15 -0.83 -4.61
CA LEU A 25 5.39 -1.99 -4.15
C LEU A 25 4.27 -2.41 -5.11
N ILE A 26 3.64 -1.48 -5.84
CA ILE A 26 2.68 -1.85 -6.89
C ILE A 26 3.38 -2.48 -8.10
N LYS A 27 4.61 -2.03 -8.44
CA LYS A 27 5.51 -2.72 -9.39
C LYS A 27 5.80 -4.18 -9.01
N ASN A 28 5.64 -4.58 -7.75
CA ASN A 28 5.80 -5.98 -7.37
C ASN A 28 4.64 -6.89 -7.83
N PHE A 29 3.47 -6.36 -8.20
CA PHE A 29 2.51 -7.10 -9.05
C PHE A 29 3.11 -7.31 -10.46
N HIS A 30 3.60 -6.22 -11.07
CA HIS A 30 4.10 -6.20 -12.46
C HIS A 30 5.25 -7.19 -12.65
N GLN A 31 6.18 -7.24 -11.71
CA GLN A 31 7.34 -8.15 -11.72
C GLN A 31 6.98 -9.64 -11.56
N TYR A 32 5.78 -9.98 -11.05
CA TYR A 32 5.46 -11.34 -10.62
C TYR A 32 4.37 -12.09 -11.38
N SER A 33 3.42 -11.46 -12.09
CA SER A 33 2.25 -12.17 -12.67
C SER A 33 2.50 -13.08 -13.90
N VAL A 34 3.71 -13.65 -14.03
CA VAL A 34 4.22 -14.29 -15.26
C VAL A 34 4.00 -15.81 -15.38
N GLU A 35 3.50 -16.50 -14.34
CA GLU A 35 3.08 -17.93 -14.44
C GLU A 35 1.88 -18.10 -15.39
N GLY A 36 1.02 -17.08 -15.49
CA GLY A 36 -0.20 -17.13 -16.29
C GLY A 36 -1.28 -16.11 -15.92
N GLY A 37 -1.11 -15.33 -14.83
CA GLY A 37 -2.07 -14.31 -14.43
C GLY A 37 -2.09 -13.12 -15.39
N LYS A 38 -0.92 -12.56 -15.71
CA LYS A 38 -0.67 -11.42 -16.61
C LYS A 38 -1.42 -10.15 -16.18
N GLU A 39 -2.67 -10.01 -16.63
CA GLU A 39 -3.63 -8.96 -16.25
C GLU A 39 -4.32 -9.23 -14.89
N THR A 40 -4.18 -10.45 -14.37
CA THR A 40 -4.58 -10.96 -13.04
C THR A 40 -3.38 -11.70 -12.42
N LEU A 41 -3.57 -12.56 -11.41
CA LEU A 41 -2.49 -13.12 -10.58
C LEU A 41 -2.83 -14.57 -10.17
N THR A 42 -1.89 -15.53 -10.28
CA THR A 42 -2.14 -16.94 -9.92
C THR A 42 -1.90 -17.26 -8.43
N PRO A 43 -2.62 -18.23 -7.84
CA PRO A 43 -2.25 -18.83 -6.55
C PRO A 43 -0.81 -19.39 -6.52
N SER A 44 -0.27 -19.79 -7.68
CA SER A 44 1.10 -20.31 -7.81
C SER A 44 2.16 -19.25 -7.48
N GLU A 45 2.09 -18.05 -8.08
CA GLU A 45 3.08 -16.99 -7.81
C GLU A 45 2.78 -16.18 -6.55
N LEU A 46 1.52 -16.18 -6.08
CA LEU A 46 1.12 -15.70 -4.75
C LEU A 46 1.97 -16.32 -3.64
N ARG A 47 2.21 -17.64 -3.63
CA ARG A 47 3.10 -18.26 -2.63
C ARG A 47 4.59 -18.04 -2.90
N ASP A 48 4.99 -17.86 -4.17
CA ASP A 48 6.39 -17.64 -4.56
C ASP A 48 6.93 -16.31 -4.04
N LEU A 49 6.28 -15.17 -4.32
CA LEU A 49 6.77 -13.88 -3.82
C LEU A 49 6.65 -13.75 -2.30
N VAL A 50 5.76 -14.51 -1.66
CA VAL A 50 5.62 -14.49 -0.19
C VAL A 50 6.77 -15.24 0.49
N THR A 51 7.19 -16.41 -0.02
CA THR A 51 8.37 -17.12 0.52
C THR A 51 9.70 -16.48 0.10
N GLN A 52 9.76 -15.77 -1.04
CA GLN A 52 10.97 -15.09 -1.51
C GLN A 52 11.12 -13.64 -1.00
N GLN A 53 10.03 -12.92 -0.71
CA GLN A 53 10.07 -11.49 -0.37
C GLN A 53 9.39 -11.08 0.96
N LEU A 54 8.56 -11.90 1.61
CA LEU A 54 7.99 -11.59 2.95
C LEU A 54 8.42 -12.59 4.06
N PRO A 55 9.70 -12.94 4.24
CA PRO A 55 10.11 -13.94 5.23
C PRO A 55 10.08 -13.42 6.68
N HIS A 56 10.07 -12.10 6.89
CA HIS A 56 9.85 -11.47 8.21
C HIS A 56 8.37 -11.25 8.49
N LEU A 57 7.66 -10.67 7.50
CA LEU A 57 6.29 -10.13 7.66
C LEU A 57 5.16 -11.15 7.38
N MET A 58 5.45 -12.26 6.69
CA MET A 58 4.50 -13.38 6.48
C MET A 58 5.26 -14.73 6.44
N PRO A 59 5.79 -15.20 7.59
CA PRO A 59 6.63 -16.39 7.64
C PRO A 59 5.88 -17.71 7.45
N SER A 60 6.62 -18.71 6.97
CA SER A 60 6.17 -20.10 6.78
C SER A 60 5.71 -20.78 8.07
N ASN A 61 6.13 -20.32 9.24
CA ASN A 61 5.72 -20.80 10.56
C ASN A 61 4.19 -20.74 10.78
N CYS A 62 3.49 -19.79 10.13
CA CYS A 62 2.03 -19.68 10.14
C CYS A 62 1.34 -20.60 9.12
N GLY A 63 2.08 -21.11 8.13
CA GLY A 63 1.57 -21.61 6.86
C GLY A 63 1.24 -20.46 5.91
N LEU A 64 1.84 -20.44 4.71
CA LEU A 64 1.61 -19.43 3.67
C LEU A 64 0.65 -19.89 2.57
N GLU A 65 0.42 -21.21 2.42
CA GLU A 65 -0.76 -21.69 1.68
C GLU A 65 -2.10 -21.29 2.34
N GLU A 66 -2.08 -20.89 3.61
CA GLU A 66 -3.24 -20.37 4.34
C GLU A 66 -3.76 -19.05 3.72
N LYS A 67 -2.93 -18.34 2.96
CA LYS A 67 -3.33 -17.18 2.18
C LYS A 67 -4.20 -17.55 0.96
N ILE A 68 -3.86 -18.63 0.25
CA ILE A 68 -4.69 -19.20 -0.81
C ILE A 68 -5.95 -19.89 -0.22
N ALA A 69 -5.88 -20.35 1.02
CA ALA A 69 -7.04 -20.83 1.78
C ALA A 69 -8.02 -19.69 2.18
N ASN A 70 -7.54 -18.45 2.32
CA ASN A 70 -8.38 -17.26 2.56
C ASN A 70 -9.07 -16.77 1.28
N LEU A 71 -8.32 -16.51 0.20
CA LEU A 71 -8.88 -16.03 -1.07
C LEU A 71 -9.69 -17.11 -1.84
N GLY A 72 -9.42 -18.38 -1.54
CA GLY A 72 -10.22 -19.52 -1.98
C GLY A 72 -10.17 -19.84 -3.47
N SER A 73 -10.87 -20.89 -3.85
CA SER A 73 -11.12 -21.26 -5.26
C SER A 73 -12.33 -20.53 -5.88
N CYS A 74 -12.84 -19.51 -5.18
CA CYS A 74 -13.89 -18.59 -5.61
C CYS A 74 -13.56 -17.89 -6.95
N ASN A 75 -14.60 -17.34 -7.60
CA ASN A 75 -14.57 -16.61 -8.88
C ASN A 75 -14.10 -17.44 -10.08
N ASP A 76 -14.92 -17.51 -11.13
CA ASP A 76 -14.58 -18.20 -12.37
C ASP A 76 -13.53 -17.44 -13.21
N SER A 77 -13.40 -16.12 -12.98
CA SER A 77 -12.36 -15.25 -13.57
C SER A 77 -11.12 -15.08 -12.67
N LYS A 78 -10.99 -15.89 -11.60
CA LYS A 78 -9.86 -15.94 -10.65
C LYS A 78 -9.60 -14.62 -9.89
N LEU A 79 -8.47 -13.91 -10.12
CA LEU A 79 -8.06 -12.73 -9.33
C LEU A 79 -8.27 -11.40 -10.08
N GLU A 80 -8.07 -10.28 -9.37
CA GLU A 80 -7.95 -8.93 -9.93
C GLU A 80 -6.76 -8.17 -9.31
N PHE A 81 -6.39 -7.03 -9.90
CA PHE A 81 -5.31 -6.16 -9.40
C PHE A 81 -5.61 -5.65 -7.97
N ARG A 82 -6.87 -5.27 -7.69
CA ARG A 82 -7.38 -4.95 -6.34
C ARG A 82 -7.22 -6.12 -5.35
N SER A 83 -7.31 -7.38 -5.80
CA SER A 83 -7.19 -8.56 -4.93
C SER A 83 -5.77 -8.78 -4.41
N PHE A 84 -4.74 -8.41 -5.18
CA PHE A 84 -3.35 -8.37 -4.71
C PHE A 84 -3.19 -7.27 -3.64
N TRP A 85 -3.67 -6.07 -3.94
CA TRP A 85 -3.60 -4.90 -3.05
C TRP A 85 -4.29 -5.15 -1.69
N GLU A 86 -5.45 -5.81 -1.68
CA GLU A 86 -6.16 -6.16 -0.44
C GLU A 86 -5.33 -7.05 0.51
N LEU A 87 -4.46 -7.93 -0.01
CA LEU A 87 -3.56 -8.70 0.83
C LEU A 87 -2.34 -7.91 1.34
N ILE A 88 -1.95 -6.83 0.65
CA ILE A 88 -1.03 -5.85 1.23
C ILE A 88 -1.71 -5.10 2.37
N GLY A 89 -3.01 -4.79 2.24
CA GLY A 89 -3.85 -4.30 3.35
C GLY A 89 -3.88 -5.28 4.55
N GLU A 90 -3.94 -6.58 4.30
CA GLU A 90 -3.84 -7.60 5.34
C GLU A 90 -2.41 -7.77 5.89
N ALA A 91 -1.36 -7.48 5.12
CA ALA A 91 -0.01 -7.28 5.67
C ALA A 91 0.03 -6.05 6.62
N ALA A 92 -0.59 -4.94 6.26
CA ALA A 92 -0.68 -3.73 7.08
C ALA A 92 -1.50 -3.93 8.37
N LYS A 93 -2.51 -4.83 8.39
CA LYS A 93 -3.16 -5.28 9.64
C LYS A 93 -2.18 -5.95 10.62
N SER A 94 -1.08 -6.55 10.12
CA SER A 94 -0.01 -7.16 10.92
C SER A 94 1.17 -6.22 11.25
N VAL A 95 1.15 -4.95 10.81
CA VAL A 95 2.09 -3.90 11.22
C VAL A 95 1.44 -2.51 11.16
N LYS A 96 1.02 -2.00 12.33
CA LYS A 96 0.13 -0.84 12.50
C LYS A 96 0.71 0.24 13.42
N LEU A 97 -0.08 1.26 13.74
CA LEU A 97 0.18 2.30 14.75
C LEU A 97 0.07 1.72 16.19
N GLU A 98 0.90 0.71 16.47
CA GLU A 98 0.91 -0.21 17.63
C GLU A 98 -0.44 -0.92 17.89
N ARG A 99 -1.42 -0.20 18.43
CA ARG A 99 -2.74 -0.67 18.89
C ARG A 99 -2.63 -1.89 19.83
N PRO A 100 -2.24 -1.70 21.11
CA PRO A 100 -2.09 -2.80 22.07
C PRO A 100 -3.40 -3.55 22.34
N VAL A 101 -4.54 -2.84 22.26
CA VAL A 101 -5.90 -3.36 22.45
C VAL A 101 -6.18 -4.61 21.60
N ARG A 102 -6.85 -5.61 22.20
CA ARG A 102 -7.11 -6.93 21.58
C ARG A 102 -8.40 -7.01 20.74
N GLY A 103 -9.24 -5.97 20.76
CA GLY A 103 -10.16 -5.62 19.67
C GLY A 103 -9.44 -4.82 18.57
N HIS A 104 -9.93 -4.86 17.32
CA HIS A 104 -9.20 -4.35 16.14
C HIS A 104 -9.91 -3.18 15.45
N MET B 1 8.39 5.42 31.42
CA MET B 1 7.00 5.70 30.99
C MET B 1 6.64 4.84 29.79
N GLY B 2 5.39 4.42 29.69
CA GLY B 2 4.89 3.54 28.63
C GLY B 2 5.30 2.07 28.76
N GLN B 3 4.79 1.26 27.84
CA GLN B 3 4.98 -0.19 27.76
C GLN B 3 6.23 -0.57 26.95
N CYS B 4 6.82 -1.74 27.23
CA CYS B 4 7.93 -2.32 26.46
C CYS B 4 7.49 -2.75 25.04
N ARG B 5 8.43 -2.70 24.08
CA ARG B 5 8.14 -2.83 22.64
C ARG B 5 9.04 -3.85 21.91
N SER B 6 8.46 -4.54 20.94
CA SER B 6 9.12 -5.55 20.10
C SER B 6 10.07 -4.92 19.06
N ALA B 7 9.66 -3.79 18.47
CA ALA B 7 10.48 -2.86 17.68
C ALA B 7 11.29 -3.41 16.48
N ASN B 8 10.95 -4.58 15.92
CA ASN B 8 11.62 -5.14 14.74
C ASN B 8 11.48 -4.24 13.49
N ALA B 9 10.36 -3.53 13.33
CA ALA B 9 10.16 -2.57 12.23
C ALA B 9 10.74 -1.17 12.52
N GLU B 10 11.43 -0.96 13.64
CA GLU B 10 12.18 0.28 13.91
C GLU B 10 13.61 0.26 13.34
N ASP B 11 14.07 -0.89 12.84
CA ASP B 11 15.32 -1.04 12.08
C ASP B 11 15.02 -1.29 10.58
N ALA B 12 14.16 -2.28 10.28
CA ALA B 12 13.51 -2.54 8.98
C ALA B 12 14.42 -2.55 7.72
N GLN B 13 15.71 -2.81 7.88
CA GLN B 13 16.75 -2.74 6.86
C GLN B 13 17.18 -4.15 6.42
N GLU B 14 16.90 -5.16 7.25
CA GLU B 14 16.99 -6.59 6.92
C GLU B 14 15.88 -7.09 5.97
N PHE B 15 14.85 -6.26 5.74
CA PHE B 15 13.69 -6.57 4.90
C PHE B 15 13.98 -6.45 3.38
N SER B 16 13.17 -7.11 2.55
CA SER B 16 13.21 -6.99 1.08
C SER B 16 12.78 -5.58 0.61
N ASP B 17 13.01 -5.23 -0.66
CA ASP B 17 12.62 -3.90 -1.17
C ASP B 17 11.10 -3.67 -1.09
N VAL B 18 10.28 -4.70 -1.36
CA VAL B 18 8.82 -4.70 -1.19
C VAL B 18 8.39 -4.70 0.28
N GLU B 19 9.08 -5.45 1.14
CA GLU B 19 8.76 -5.60 2.57
C GLU B 19 9.10 -4.33 3.38
N ARG B 20 10.13 -3.56 2.97
CA ARG B 20 10.42 -2.23 3.45
C ARG B 20 9.55 -1.15 2.78
N ALA B 21 9.03 -1.36 1.57
CA ALA B 21 8.16 -0.38 0.91
C ALA B 21 6.85 -0.16 1.68
N ILE B 22 6.14 -1.24 2.02
CA ILE B 22 4.88 -1.23 2.79
C ILE B 22 5.13 -0.56 4.15
N GLU B 23 6.25 -0.86 4.81
CA GLU B 23 6.71 -0.17 6.00
C GLU B 23 6.98 1.33 5.84
N THR B 24 7.47 1.71 4.67
CA THR B 24 7.72 3.11 4.30
C THR B 24 6.39 3.86 4.14
N LEU B 25 5.32 3.20 3.67
CA LEU B 25 3.97 3.77 3.68
C LEU B 25 3.48 3.92 5.12
N ILE B 26 3.68 2.86 5.93
CA ILE B 26 3.29 2.79 7.34
C ILE B 26 3.91 3.94 8.13
N LYS B 27 5.24 4.09 8.13
CA LYS B 27 5.92 5.18 8.84
C LYS B 27 5.46 6.58 8.41
N ASN B 28 4.90 6.73 7.21
CA ASN B 28 4.32 7.99 6.76
C ASN B 28 2.91 8.29 7.32
N PHE B 29 2.18 7.31 7.86
CA PHE B 29 1.11 7.61 8.83
C PHE B 29 1.72 8.07 10.17
N HIS B 30 2.71 7.33 10.69
CA HIS B 30 3.30 7.57 12.03
C HIS B 30 3.88 8.98 12.17
N GLN B 31 4.66 9.44 11.19
CA GLN B 31 5.34 10.73 11.21
C GLN B 31 4.40 11.94 10.94
N TYR B 32 3.14 11.71 10.54
CA TYR B 32 2.19 12.77 10.17
C TYR B 32 0.93 12.90 11.03
N SER B 33 0.63 11.99 11.97
CA SER B 33 -0.53 12.10 12.88
C SER B 33 -0.31 13.06 14.08
N VAL B 34 0.42 14.15 13.87
CA VAL B 34 1.04 14.97 14.91
C VAL B 34 0.06 15.92 15.63
N GLU B 35 -1.09 16.26 15.04
CA GLU B 35 -2.05 17.25 15.57
C GLU B 35 -2.66 16.90 16.96
N GLY B 36 -2.47 15.67 17.42
CA GLY B 36 -3.02 15.10 18.65
C GLY B 36 -3.92 13.90 18.39
N GLY B 37 -4.36 13.70 17.14
CA GLY B 37 -5.06 12.49 16.69
C GLY B 37 -4.26 11.21 16.93
N LYS B 38 -2.95 11.25 16.61
CA LYS B 38 -1.88 10.27 16.88
C LYS B 38 -2.13 8.84 16.40
N GLU B 39 -3.14 8.19 16.95
CA GLU B 39 -3.60 6.85 16.59
C GLU B 39 -4.55 6.84 15.38
N THR B 40 -5.07 8.02 14.98
CA THR B 40 -5.93 8.25 13.80
C THR B 40 -5.63 9.60 13.12
N LEU B 41 -5.99 9.75 11.85
CA LEU B 41 -5.64 10.88 10.96
C LEU B 41 -6.77 11.96 10.93
N THR B 42 -6.44 13.24 10.72
CA THR B 42 -7.41 14.35 10.59
C THR B 42 -7.30 15.18 9.30
N PRO B 43 -8.37 15.85 8.81
CA PRO B 43 -8.36 16.68 7.59
C PRO B 43 -7.25 17.75 7.50
N SER B 44 -6.90 18.38 8.62
CA SER B 44 -5.86 19.42 8.66
C SER B 44 -4.47 18.88 8.34
N GLU B 45 -4.09 17.71 8.85
CA GLU B 45 -2.81 17.08 8.52
C GLU B 45 -2.87 16.23 7.23
N LEU B 46 -4.06 15.78 6.83
CA LEU B 46 -4.36 15.23 5.49
C LEU B 46 -4.04 16.28 4.41
N ARG B 47 -4.57 17.52 4.50
CA ARG B 47 -4.23 18.57 3.52
C ARG B 47 -2.83 19.15 3.67
N ASP B 48 -2.17 18.94 4.80
CA ASP B 48 -0.75 19.25 4.99
C ASP B 48 0.16 18.24 4.25
N LEU B 49 0.03 16.93 4.53
CA LEU B 49 0.92 15.91 3.95
C LEU B 49 0.68 15.67 2.46
N VAL B 50 -0.55 15.77 1.96
CA VAL B 50 -0.85 15.43 0.57
C VAL B 50 -0.16 16.39 -0.40
N THR B 51 -0.20 17.71 -0.13
CA THR B 51 0.47 18.70 -1.00
C THR B 51 2.01 18.67 -0.87
N GLN B 52 2.54 18.24 0.28
CA GLN B 52 3.97 18.06 0.47
C GLN B 52 4.51 16.78 -0.17
N GLN B 53 3.79 15.66 -0.07
CA GLN B 53 4.31 14.32 -0.37
C GLN B 53 3.70 13.62 -1.59
N LEU B 54 2.54 14.07 -2.12
CA LEU B 54 1.94 13.52 -3.35
C LEU B 54 1.81 14.58 -4.48
N PRO B 55 2.89 15.31 -4.86
CA PRO B 55 2.81 16.34 -5.89
C PRO B 55 2.58 15.79 -7.31
N HIS B 56 3.01 14.56 -7.60
CA HIS B 56 2.78 13.87 -8.86
C HIS B 56 1.49 13.04 -8.86
N LEU B 57 1.12 12.46 -7.70
CA LEU B 57 -0.06 11.59 -7.56
C LEU B 57 -1.39 12.34 -7.34
N MET B 58 -1.36 13.59 -6.86
CA MET B 58 -2.55 14.42 -6.60
C MET B 58 -2.36 15.85 -7.15
N PRO B 59 -2.37 16.05 -8.49
CA PRO B 59 -1.98 17.31 -9.13
C PRO B 59 -2.99 18.46 -8.95
N SER B 60 -2.46 19.68 -9.09
CA SER B 60 -3.20 20.95 -9.14
C SER B 60 -4.26 21.00 -10.26
N ASN B 61 -4.10 20.18 -11.29
CA ASN B 61 -5.09 19.92 -12.33
C ASN B 61 -6.50 19.59 -11.76
N CYS B 62 -6.56 18.95 -10.58
CA CYS B 62 -7.81 18.63 -9.89
C CYS B 62 -7.98 19.39 -8.57
N GLY B 63 -6.91 19.52 -7.77
CA GLY B 63 -6.98 20.03 -6.40
C GLY B 63 -7.33 18.96 -5.36
N LEU B 64 -6.83 19.14 -4.14
CA LEU B 64 -6.73 18.12 -3.09
C LEU B 64 -7.73 18.23 -1.93
N GLU B 65 -8.40 19.37 -1.70
CA GLU B 65 -9.47 19.43 -0.69
C GLU B 65 -10.72 18.61 -1.06
N GLU B 66 -10.84 18.23 -2.33
CA GLU B 66 -11.85 17.30 -2.83
C GLU B 66 -11.66 15.89 -2.26
N LYS B 67 -10.45 15.55 -1.79
CA LYS B 67 -10.20 14.33 -1.01
C LYS B 67 -10.92 14.37 0.35
N ILE B 68 -10.78 15.47 1.09
CA ILE B 68 -11.44 15.68 2.39
C ILE B 68 -12.96 15.77 2.24
N ALA B 69 -13.45 16.34 1.13
CA ALA B 69 -14.86 16.35 0.78
C ALA B 69 -15.41 14.92 0.60
N ASN B 70 -14.63 14.04 -0.05
CA ASN B 70 -15.00 12.64 -0.33
C ASN B 70 -14.74 11.64 0.82
N LEU B 71 -13.89 11.92 1.82
CA LEU B 71 -13.81 11.12 3.05
C LEU B 71 -14.73 11.62 4.18
N GLY B 72 -15.20 12.87 4.09
CA GLY B 72 -16.28 13.41 4.90
C GLY B 72 -16.01 13.42 6.41
N SER B 73 -16.80 12.66 7.16
CA SER B 73 -16.95 12.75 8.62
C SER B 73 -16.72 11.42 9.37
N CYS B 74 -16.16 10.42 8.67
CA CYS B 74 -15.98 9.04 9.13
C CYS B 74 -15.29 8.92 10.50
N ASN B 75 -15.76 7.95 11.31
CA ASN B 75 -15.39 7.62 12.69
C ASN B 75 -15.48 8.80 13.70
N ASP B 76 -16.03 8.55 14.88
CA ASP B 76 -16.03 9.52 15.98
C ASP B 76 -14.60 9.81 16.46
N SER B 77 -13.74 8.79 16.53
CA SER B 77 -12.29 8.97 16.78
C SER B 77 -11.50 9.41 15.54
N LYS B 78 -12.16 9.75 14.43
CA LYS B 78 -11.58 10.13 13.13
C LYS B 78 -10.71 9.04 12.48
N LEU B 79 -10.01 9.39 11.41
CA LEU B 79 -9.68 8.46 10.32
C LEU B 79 -8.84 7.25 10.77
N GLU B 80 -9.41 6.05 10.61
CA GLU B 80 -8.69 4.79 10.86
C GLU B 80 -7.51 4.59 9.90
N PHE B 81 -6.53 3.80 10.35
CA PHE B 81 -5.31 3.48 9.63
C PHE B 81 -5.61 2.77 8.28
N ARG B 82 -6.58 1.85 8.28
CA ARG B 82 -7.15 1.22 7.07
C ARG B 82 -7.81 2.24 6.13
N SER B 83 -8.30 3.37 6.61
CA SER B 83 -8.99 4.39 5.80
C SER B 83 -8.01 5.38 5.12
N PHE B 84 -6.85 5.67 5.73
CA PHE B 84 -5.67 6.26 5.04
C PHE B 84 -5.20 5.31 3.92
N TRP B 85 -5.03 4.02 4.25
CA TRP B 85 -4.60 2.96 3.33
C TRP B 85 -5.53 2.80 2.12
N GLU B 86 -6.86 2.83 2.31
CA GLU B 86 -7.85 2.80 1.22
C GLU B 86 -7.74 4.01 0.26
N LEU B 87 -7.11 5.12 0.64
CA LEU B 87 -6.77 6.23 -0.26
C LEU B 87 -5.45 6.01 -1.02
N ILE B 88 -4.53 5.22 -0.47
CA ILE B 88 -3.38 4.70 -1.24
C ILE B 88 -3.87 3.70 -2.29
N GLY B 89 -4.89 2.90 -1.97
CA GLY B 89 -5.63 2.08 -2.94
C GLY B 89 -6.33 2.89 -4.05
N GLU B 90 -6.62 4.17 -3.81
CA GLU B 90 -7.10 5.12 -4.80
C GLU B 90 -5.96 5.80 -5.59
N ALA B 91 -4.79 6.04 -4.98
CA ALA B 91 -3.56 6.36 -5.73
C ALA B 91 -3.22 5.25 -6.76
N ALA B 92 -3.39 3.98 -6.39
CA ALA B 92 -3.23 2.82 -7.29
C ALA B 92 -4.29 2.74 -8.41
N LYS B 93 -5.30 3.61 -8.46
CA LYS B 93 -6.16 3.76 -9.65
C LYS B 93 -5.56 4.71 -10.70
N SER B 94 -4.65 5.61 -10.32
CA SER B 94 -3.97 6.53 -11.26
C SER B 94 -2.82 5.88 -12.04
N VAL B 95 -2.24 4.78 -11.55
CA VAL B 95 -1.11 4.06 -12.19
C VAL B 95 -1.29 2.54 -12.04
N LYS B 96 -1.30 1.81 -13.17
CA LYS B 96 -1.69 0.39 -13.26
C LYS B 96 -0.87 -0.41 -14.29
N LEU B 97 -1.18 -1.70 -14.42
CA LEU B 97 -0.62 -2.68 -15.38
C LEU B 97 -1.12 -2.40 -16.83
N GLU B 98 -0.88 -1.17 -17.32
CA GLU B 98 -1.19 -0.66 -18.68
C GLU B 98 -2.55 -1.12 -19.25
N ARG B 99 -3.59 -1.12 -18.41
CA ARG B 99 -4.99 -1.47 -18.73
C ARG B 99 -5.71 -0.31 -19.44
N PRO B 100 -6.72 -0.58 -20.29
CA PRO B 100 -7.74 0.41 -20.66
C PRO B 100 -8.76 0.56 -19.52
N VAL B 101 -8.78 1.72 -18.85
CA VAL B 101 -9.58 1.93 -17.61
C VAL B 101 -10.26 3.30 -17.54
N ARG B 102 -11.53 3.27 -17.14
CA ARG B 102 -12.51 4.38 -17.06
C ARG B 102 -13.34 4.22 -15.77
N GLY B 103 -14.15 5.21 -15.40
CA GLY B 103 -15.13 5.09 -14.30
C GLY B 103 -14.52 4.97 -12.89
N HIS B 104 -13.23 5.30 -12.73
CA HIS B 104 -12.51 5.40 -11.45
C HIS B 104 -12.67 4.16 -10.55
#